data_7APK
#
_entry.id   7APK
#
_cell.length_a   1.00
_cell.length_b   1.00
_cell.length_c   1.00
_cell.angle_alpha   90.00
_cell.angle_beta   90.00
_cell.angle_gamma   90.00
#
_symmetry.space_group_name_H-M   'P 1'
#
loop_
_entity.id
_entity.type
_entity.pdbx_description
1 polymer 'THO complex subunit 1'
2 polymer 'THO complex subunit 2'
3 polymer 'THO complex subunit 3'
4 polymer 'THO complex subunit 5 homolog'
5 polymer 'THO complex subunit 6 homolog'
6 polymer 'THO complex subunit 7 homolog'
7 polymer 'Spliceosome RNA helicase DDX39B'
8 polymer 'THOC2 anchor (putative)'
#
loop_
_entity_poly.entity_id
_entity_poly.type
_entity_poly.pdbx_seq_one_letter_code
_entity_poly.pdbx_strand_id
1 'polypeptide(L)'
;MGKPIPNPLLGLDSTGSGKPIPNPLLGLDSTGSGKPIPNPLLGLDSTLEVLFQGPSPTPPLFSLPEARTRFTKSTREALN
NKNIKPLLSTFSQVPGSENEKKCTLDQAFRGILEEEIINHSSCENVLAIISLAIGGVTEGICTASTPFVLLGDVLDCLPL
DQCDTIFTFVEKNVATWKSNTFYSAGKNYLLRMCNDLLRRLSKSQNTVFCGRIQLFLARLFPLSEKSGLNLQSQFNLENV
TVFNTNEQESTLGQKHTEDREEGMDVEEGEMGDEEAPTTCSIPIDYNLYRKFWSLQDYFRNPVQCYEKISWKTFLKYSEE
VLAVFKSYKLDDTQASRKKMEELKTGGEHVYFAKFLTSEKLMDLQLSDSNFRRHILLQYLILFQYLKGQVKFKSSNYVLT
DEQSLWIEDTTKSVYQLLSENPPDGERFSKMVEHILNTEENWNSWKNEGCPSFVKERTSDTKPTRIIRKRTAPEDFLGKG
PTKKILMGNEELTRLWNLCPDNMEACKSETREHMPTLEEFFEEAIEQADPENMVENEYKAVNNSNYGWRALRLLARRSPH
FFQPTNQQFKSLPEYLENMVIKLAKELPPPSEEIKTGEDEDEEDNDALLKENESPDVRRDKPVTGEQIEVFANKLGEQWK
ILAPYLEMKDSEIRQIECDSEDMKMRAKQLLVAWQDQEGVHATPENLINALNKSGLSDLAESLTNDNETNS
;
A,I,a,i
2 'polypeptide(L)'
;MKHHHHHHHHHHSAGLEVLFQGPMAAAAVVVPAEWIKNWEKSGRGEFLHLCRILSENKSHDSSTYRDFQQALYELSYHVI
KGNLKHEQASNVLSDISEFREDMPSILADVFCILDIETNCLEEKSKRDYFTQLVLACLYLVSDTVLKERLDPETLESLGL
IKQSQQFNQKSVKIKTKLFYKQQKFNLLREENEGYAKLIAELGQDLSGSITSDLILENIKSLIGCFNLDPNRVLDVILEV
FECRPEHDDFFISLLESYMSMCEPQTLCHILGFKFKFYQEPNGETPSSLYRVAAVLLQFNLIDLDDLYVHLLPADNCIMD
EHKREIAEAKQIVRKLTMVVLSSEKMDEREKEKEKEEEKVEKPPDNQKLGLLEALLKIGDWQHAQNIMDQMPPYYAASHK
LIALAICKLIHITIEPLYRRVGVPKGAKGSPVNALQNKRAPKQAESFEDLRRDVFNMFCYLGPHLSHDPILFAKVVRIGK
SFMKEFQSDGSKQEDKEKTEVILSCLLSITDQVLLPSLSLMDCNACMSEELWGMFKTFPYQHRYRLYGQWKNETYNSHPL
LVKVKAQTIDRAKYIMKRLTKENVKPSGRQIGKLSHSNPTILFDYILSQIQKYDNLITPVVDSLKYLTSLNYDVLAYCII
EALANPEKERMKHDDTTISSWLQSLASFCGAVFRKYPIDLAGLLQYVANQLKAGKSFDLLILKEVVQKMAGIEITEEMTM
EQLEAMTGGEQLKAEGGYFGQIRNTKKSSQRLKDALLDHDLALPLCLLMAQQRNGVIFQEGGEKHLKLVGKLYDQCHDTL
VQFGGFLASNLSTEDYIKRVPSIDVLCNEFHTPHDAAFFLSRPMYAHHISSKYDELKKSEKGSKQQHKVHKYITSCEMVM
APVHEAVVSLHVSKVWDDISPQFYATFWSLTMYDLAVPHTSYEREVNKLKVQMKAIDDNQEMPPNKKKKEKERCTALQDK
LLEEEKKQMEHVQRVLQRLKLEKDNWLLAKSTKNETITKFLQLCIFPRCIFSAIDAVYCARFVELVHQQKTPNFSTLLCY
DRVFSDIIYTVASCTENEASRYGRFLCCMLETVTRWHSDRATYEKECGNYPGFLTILRATGFDGGNKADQLDYENFRHVV
HKWHYKLTKASVHCLETGEYTHIRNILIVLTKILPWYPKVLNLGQALERRVHKICQEEKEKRPDLYALAMGYSGQLKSRK
SYMIPENEFHHKDPPPRNAVASVQNG
;
B,J,b,j
3 'polypeptide(L)'
;MKGSAWSHPQFEKGGGSGGGSGGSAWSHPQFEKTAGLEVLFQGPMAVPAAAMGPSALGQSGPGSMAPWCSVSSGPSRYVL
GMQELFRGHSKTREFLAHSAKVHSVAWSCDGRRLASGSFDKTASVFLLEKDRLVKENNYRGHGDSVDQLCWHPSNPDLFV
TASGDKTIRIWDVRTTKCIATVNTKGENINICWSPDGQTIAVGNKDDVVTFIDAKTHRSKAEEQFKFEVNEISWNNDNNM
FFLTNGNGCINILSYPELKPVQSINAHPSNCICIKFDPMGKYFATGSADALVSLWDVDELVCVRCFSRLDWPVRTLSFSH
DGKMLASASEDHFIDIAEVETGDKLWEVQCESPTFTVAWHPKRPLLAFACDDKDGKYDSSREAGTVKLFGLPNDS
;
C,K,c,k
4 'polypeptide(L)'
;MSSESSKKRKPKVIRSDGAPAEGKRNRSDTEQEGKYYSEEAEVDLRDPGRDYELYKYTCQELQRLMAEIQDLKSRGGKDV
AIEIEERRIQSCVHFMTLKKLNRLAHIRLKKGRDQTHEAKQKVDAYHLQLQNLLYEVMHLQKEITKCLEFKSKHEEIDLV
SLEEFYKEAPPDISKAEVTMGDPHQQTLARLDWELEQRKRLAEKYRECLSNKEKILKEIEVKKEYLSSLQPRLNSIMQAS
LPVQEYLFMPFDQAHKQYETARHLPPPLYVLFVQATAYGQACDKTLSVAIEGSVDEAKALFKPPEDSQDDESDSDAEEEQ
TTKRRRPTLGVQLDDKRKEMLKRHPLSVMLDLKCKDDSVLHLTFYYLMNLNIMTVKAKVTTAMELITPISAGDLLSPDSV
LSCLYPGDHGKKTPNPANQYQFDKVGILTLSDYVLELGHPYLWVQKLGGLHFPKEQPQQTVIADHSLSASHMETTMKLLK
TRVQSRLALHKQFASLEHGIVPVTSDCQYLFPAKVVSRLVKWVTIAHEDYMELHFTKDIVDAGLAGDTNLYYMALIERGT
AKLQAAVVLNPGYSSIPPIFQLCLNWKGEKTNSNDDNIRAMEGEVNVCYKELCGPWPSHQLLTNQLQRLCVLLDVYLETE
SHDDSVEGPKEFPQEKMCLRLFRGPSRMKPFKYNHPQGFFSHR
;
E,M,e,m
5 'polypeptide(L)'
;MERAVPLAVPLGQTEVFQALQRLHMTIFSQSVSPCGKFLAAGNNYGQIAIFSLSSALSSEAKEESKKPVVTFQAHDGPVY
SMVSTDRHLLSAGDGEVKAWLWAEMLKKGCKELWRRQPPYRTSLEVPEINALLLVPKENSLILAGGDCQLHTMDLETGTF
TRVLRGHTDYIHCLALRERSPEVLSGGEDGAVRLWDLRTAKEVQTIEVYKHEECSRPHNGRWIGCLATDSDWMVCGGGPA
LTLWHLRSSTPTTIFPIRAPQKHVTFYQDLILSAGQGRCVNQWQLSGELKAQVPGSSPGLLSLSLNQQPAAPECKVLTAA
GNSCRVDVFTNLGYRAFSLSF
;
F,N,f,n
6 'polypeptide(L)'
;MGAVTDDEVIRKRLLIDGDGAGDDRRINLLVKSFIKWCNSGSQEEGYSQYQRMLSTLSQCEFSMGKTLLVYDMNLREMEN
YEKIYKEIECSIAGAHEKIAECKKQILQAKRIRKNRQEYDALAKVIQHHPDRHETLKELEALGKELEHLSHIKESVEDKL
ELRRKQFHVLLSTIHELQQTLENDEKLSEVEEAQEASMETDPKP
;
G,O,g,o
7 'polypeptide(L)'
;GPMKGSAWSHPQFEKLEVLFQGPMAENDVDNELLDYEDDEVETAAGGDGAEAPAKKDVKGSYVSIHSSGFRDFLLKPELL
RAIVDCGFEHPSEVQHECIPQAILGMDVLCQAKSGMGKTAVFVLATLQQLEPVTGQVSVLVMCHTRELAFQISKEYERFS
KYMPNVKVAVFFGGLSIKKDEEVLKKNCPHIVVGTPGRILALARNKSLNLKHIKHFILDECDKMLEQLDMRRDVQEIFRM
TPHEKQVMMFSATLSKEIRPVCRKFMQDPMEIFVDDETKLTLHGLQQYYVKLKDNEKNRKLFDLLDVLEFNQVVIFVKSV
QRCIALAQLLVEQNFPAIAIHRGMPQEERLSRYQQFKDFQRRILVATNLFGRGMDIERVNIAFNYDMPEDSDTYLHRVAR
AGRFGTKGLAITFVSDENDAKILNDVQDRFEVNISELPDEIDISSYIEQTR
;
H,P,h,p
8 'polypeptide(L)'
;(UNK)(UNK)(UNK)(UNK)(UNK)(UNK)(UNK)(UNK)(UNK)(UNK)(UNK)(UNK)(UNK)(UNK)(UNK)(UNK)
(UNK)(UNK)(UNK)(UNK)(UNK)(UNK)(UNK)(UNK)(UNK)(UNK)(UNK)(UNK)(UNK)(UNK)(UNK)(UNK)
(UNK)(UNK)(UNK)(UNK)(UNK)
;
X,x
#
# COMPACT_ATOMS: atom_id res chain seq x y z
N LEU A 64 -186.87 -86.01 66.00
CA LEU A 64 -185.65 -85.19 66.00
C LEU A 64 -184.51 -85.71 66.91
N PRO A 65 -184.79 -86.28 68.10
CA PRO A 65 -183.76 -87.13 68.72
C PRO A 65 -183.66 -88.49 68.08
N GLU A 66 -184.68 -88.92 67.33
CA GLU A 66 -184.57 -90.15 66.54
C GLU A 66 -183.54 -89.98 65.43
N ALA A 67 -183.48 -88.78 64.84
CA ALA A 67 -182.41 -88.46 63.89
C ALA A 67 -181.05 -88.45 64.58
N ARG A 68 -181.01 -88.04 65.85
CA ARG A 68 -179.76 -88.06 66.62
C ARG A 68 -179.29 -89.49 66.86
N THR A 69 -180.21 -90.39 67.22
CA THR A 69 -179.85 -91.80 67.39
C THR A 69 -179.46 -92.44 66.07
N ARG A 70 -180.10 -92.05 64.96
CA ARG A 70 -179.71 -92.55 63.65
C ARG A 70 -178.33 -92.05 63.26
N PHE A 71 -177.98 -90.82 63.64
CA PHE A 71 -176.65 -90.29 63.38
C PHE A 71 -175.59 -91.02 64.21
N THR A 72 -175.91 -91.33 65.47
CA THR A 72 -174.97 -92.10 66.29
C THR A 72 -174.84 -93.54 65.80
N LYS A 73 -175.90 -94.10 65.19
CA LYS A 73 -175.77 -95.41 64.54
C LYS A 73 -174.91 -95.32 63.29
N SER A 74 -175.04 -94.23 62.53
CA SER A 74 -174.33 -94.12 61.26
C SER A 74 -172.84 -93.85 61.47
N THR A 75 -172.50 -93.04 62.48
CA THR A 75 -171.10 -92.67 62.69
C THR A 75 -170.28 -93.80 63.29
N ARG A 76 -170.88 -94.65 64.12
CA ARG A 76 -170.14 -95.76 64.72
C ARG A 76 -169.84 -96.85 63.72
N ASN A 83 -166.01 -97.32 57.23
CA ASN A 83 -166.65 -96.82 58.43
C ASN A 83 -167.05 -95.35 58.25
N ILE A 84 -166.08 -94.51 57.90
CA ILE A 84 -166.36 -93.09 57.71
C ILE A 84 -167.13 -92.83 56.44
N LYS A 85 -166.90 -93.64 55.40
CA LYS A 85 -167.65 -93.48 54.15
C LYS A 85 -169.11 -93.88 54.33
N PRO A 86 -169.37 -94.89 55.15
CA PRO A 86 -170.75 -95.26 55.45
C PRO A 86 -171.45 -94.20 56.30
N LEU A 87 -170.70 -93.55 57.19
CA LEU A 87 -171.26 -92.43 57.96
C LEU A 87 -171.56 -91.25 57.06
N LEU A 88 -170.69 -90.97 56.09
CA LEU A 88 -170.92 -89.88 55.15
C LEU A 88 -172.06 -90.20 54.19
N SER A 89 -172.27 -91.48 53.89
CA SER A 89 -173.39 -91.86 53.03
C SER A 89 -174.71 -91.77 53.78
N THR A 90 -174.76 -92.30 55.00
CA THR A 90 -175.99 -92.29 55.78
C THR A 90 -176.23 -90.97 56.51
N PHE A 91 -175.31 -90.01 56.41
CA PHE A 91 -175.52 -88.72 57.05
C PHE A 91 -176.55 -87.86 56.33
N SER A 92 -176.65 -87.98 55.01
CA SER A 92 -177.60 -87.19 54.24
C SER A 92 -179.02 -87.71 54.44
N GLU A 98 -180.62 -76.55 57.52
CA GLU A 98 -179.63 -77.63 57.45
C GLU A 98 -178.50 -77.40 58.45
N ASN A 99 -178.72 -76.48 59.39
CA ASN A 99 -177.71 -76.19 60.41
C ASN A 99 -177.96 -76.98 61.69
N GLU A 100 -179.23 -77.20 62.06
CA GLU A 100 -179.54 -77.93 63.29
C GLU A 100 -179.17 -79.40 63.18
N LYS A 101 -179.28 -79.97 61.97
CA LYS A 101 -178.82 -81.35 61.76
C LYS A 101 -177.32 -81.46 61.94
N LYS A 102 -176.57 -80.47 61.46
CA LYS A 102 -175.13 -80.44 61.70
C LYS A 102 -174.80 -80.21 63.16
N CYS A 103 -175.65 -79.48 63.89
CA CYS A 103 -175.46 -79.32 65.33
C CYS A 103 -175.67 -80.64 66.06
N THR A 104 -176.69 -81.41 65.65
CA THR A 104 -176.90 -82.73 66.23
C THR A 104 -175.75 -83.67 65.89
N LEU A 105 -175.20 -83.56 64.67
CA LEU A 105 -174.02 -84.33 64.30
C LEU A 105 -172.81 -83.97 65.16
N ASP A 106 -172.58 -82.68 65.37
CA ASP A 106 -171.44 -82.24 66.17
C ASP A 106 -171.59 -82.63 67.64
N GLN A 107 -172.81 -82.60 68.17
CA GLN A 107 -173.02 -83.07 69.53
C GLN A 107 -172.90 -84.59 69.64
N ALA A 108 -173.22 -85.31 68.56
CA ALA A 108 -172.96 -86.75 68.51
C ALA A 108 -171.46 -87.02 68.54
N PHE A 109 -170.68 -86.24 67.81
CA PHE A 109 -169.22 -86.34 67.92
C PHE A 109 -168.72 -85.97 69.31
N ARG A 110 -169.35 -85.01 69.96
CA ARG A 110 -169.02 -84.68 71.35
C ARG A 110 -169.24 -85.86 72.27
N GLY A 111 -170.40 -86.53 72.14
CA GLY A 111 -170.70 -87.67 72.98
C GLY A 111 -169.80 -88.86 72.72
N ILE A 112 -169.47 -89.11 71.45
CA ILE A 112 -168.59 -90.23 71.11
C ILE A 112 -167.17 -89.96 71.58
N LEU A 113 -166.68 -88.72 71.43
CA LEU A 113 -165.36 -88.39 71.95
C LEU A 113 -165.32 -88.41 73.46
N GLU A 114 -166.42 -88.06 74.14
CA GLU A 114 -166.44 -88.15 75.59
C GLU A 114 -166.42 -89.60 76.05
N GLU A 115 -167.13 -90.48 75.33
CA GLU A 115 -167.07 -91.90 75.64
C GLU A 115 -165.68 -92.48 75.35
N GLU A 116 -165.00 -91.99 74.32
CA GLU A 116 -163.65 -92.49 74.03
C GLU A 116 -162.63 -91.96 75.04
N ILE A 117 -162.86 -90.76 75.58
CA ILE A 117 -162.01 -90.28 76.67
C ILE A 117 -162.27 -91.09 77.94
N ILE A 118 -163.53 -91.47 78.19
CA ILE A 118 -163.83 -92.39 79.27
C ILE A 118 -163.22 -93.76 78.99
N ASN A 119 -163.46 -94.31 77.81
CA ASN A 119 -162.86 -95.58 77.43
C ASN A 119 -161.44 -95.38 76.92
N ASN A 125 -154.93 -91.81 70.34
CA ASN A 125 -155.07 -93.08 69.64
C ASN A 125 -156.32 -93.06 68.77
N VAL A 126 -157.45 -93.48 69.35
CA VAL A 126 -158.73 -93.44 68.66
C VAL A 126 -159.18 -91.99 68.50
N LEU A 127 -158.79 -91.12 69.46
CA LEU A 127 -159.11 -89.71 69.38
C LEU A 127 -158.46 -89.04 68.17
N ALA A 128 -157.23 -89.46 67.84
CA ALA A 128 -156.58 -88.99 66.64
C ALA A 128 -157.31 -89.44 65.38
N ILE A 129 -157.88 -90.65 65.42
CA ILE A 129 -158.64 -91.18 64.28
C ILE A 129 -159.92 -90.38 64.08
N ILE A 130 -160.61 -90.04 65.17
CA ILE A 130 -161.83 -89.25 65.05
C ILE A 130 -161.50 -87.82 64.62
N SER A 131 -160.36 -87.28 65.05
CA SER A 131 -159.95 -85.95 64.59
C SER A 131 -159.61 -85.96 63.10
N LEU A 132 -159.00 -87.04 62.61
CA LEU A 132 -158.80 -87.20 61.17
C LEU A 132 -160.14 -87.32 60.44
N ALA A 133 -161.12 -87.98 61.05
CA ALA A 133 -162.43 -88.10 60.45
C ALA A 133 -163.13 -86.75 60.35
N ILE A 134 -163.00 -85.93 61.39
CA ILE A 134 -163.61 -84.59 61.37
C ILE A 134 -162.88 -83.69 60.36
N GLY A 135 -161.55 -83.81 60.29
CA GLY A 135 -160.80 -83.05 59.30
C GLY A 135 -161.08 -83.49 57.88
N GLY A 136 -161.48 -84.75 57.69
CA GLY A 136 -161.91 -85.22 56.37
C GLY A 136 -163.31 -84.75 56.02
N VAL A 137 -164.23 -84.79 56.97
CA VAL A 137 -165.60 -84.38 56.71
C VAL A 137 -165.70 -82.86 56.65
N THR A 138 -165.30 -82.18 57.71
CA THR A 138 -165.38 -80.72 57.74
C THR A 138 -164.18 -80.10 57.01
N SER A 145 -164.14 -74.85 63.48
CA SER A 145 -165.05 -74.40 64.53
C SER A 145 -165.00 -75.32 65.74
N THR A 146 -166.00 -76.21 65.83
CA THR A 146 -166.07 -77.21 66.90
C THR A 146 -164.96 -78.27 67.02
N PRO A 147 -164.18 -78.67 65.99
CA PRO A 147 -163.04 -79.54 66.29
C PRO A 147 -161.96 -78.87 67.11
N PHE A 148 -161.85 -77.54 67.07
CA PHE A 148 -160.96 -76.83 67.98
C PHE A 148 -161.39 -77.03 69.43
N VAL A 149 -162.71 -76.97 69.68
CA VAL A 149 -163.25 -77.18 71.02
C VAL A 149 -163.04 -78.63 71.46
N LEU A 150 -163.22 -79.57 70.53
CA LEU A 150 -163.03 -80.98 70.85
C LEU A 150 -161.57 -81.30 71.17
N LEU A 151 -160.64 -80.75 70.38
CA LEU A 151 -159.22 -80.92 70.68
C LEU A 151 -158.82 -80.21 71.96
N GLY A 152 -159.46 -79.08 72.28
CA GLY A 152 -159.21 -78.44 73.56
C GLY A 152 -159.66 -79.28 74.73
N ASP A 153 -160.80 -79.94 74.59
CA ASP A 153 -161.28 -80.85 75.64
C ASP A 153 -160.35 -82.04 75.78
N VAL A 154 -159.85 -82.58 74.67
CA VAL A 154 -158.94 -83.71 74.71
C VAL A 154 -157.61 -83.32 75.36
N LEU A 155 -157.09 -82.13 75.03
CA LEU A 155 -155.85 -81.67 75.65
C LEU A 155 -156.06 -81.31 77.13
N ASP A 156 -157.27 -80.91 77.51
CA ASP A 156 -157.55 -80.71 78.92
C ASP A 156 -157.62 -82.02 79.68
N CYS A 157 -158.07 -83.09 79.02
CA CYS A 157 -158.18 -84.37 79.71
C CYS A 157 -156.83 -85.06 79.88
N LEU A 158 -156.08 -85.22 78.79
CA LEU A 158 -154.89 -86.05 78.80
C LEU A 158 -153.69 -85.25 79.31
N PRO A 159 -153.10 -85.63 80.46
CA PRO A 159 -152.08 -84.75 81.08
C PRO A 159 -150.74 -84.60 80.36
N LEU A 160 -149.97 -85.67 80.20
CA LEU A 160 -148.55 -85.52 79.93
C LEU A 160 -148.08 -86.18 78.64
N ASP A 161 -148.32 -87.49 78.46
CA ASP A 161 -147.71 -88.24 77.37
C ASP A 161 -148.57 -88.21 76.10
N GLN A 162 -149.84 -88.58 76.24
CA GLN A 162 -150.75 -88.56 75.11
C GLN A 162 -151.02 -87.13 74.65
N CYS A 163 -150.92 -86.16 75.56
CA CYS A 163 -150.93 -84.75 75.18
C CYS A 163 -149.75 -84.41 74.28
N ASP A 164 -148.57 -84.99 74.58
CA ASP A 164 -147.40 -84.76 73.74
C ASP A 164 -147.57 -85.40 72.37
N THR A 165 -148.13 -86.61 72.31
CA THR A 165 -148.33 -87.26 71.01
C THR A 165 -149.39 -86.53 70.17
N ILE A 166 -150.45 -86.03 70.82
CA ILE A 166 -151.46 -85.27 70.11
C ILE A 166 -150.92 -83.91 69.68
N PHE A 167 -149.98 -83.33 70.43
CA PHE A 167 -149.38 -82.08 69.98
C PHE A 167 -148.44 -82.30 68.80
N THR A 168 -147.74 -83.45 68.77
CA THR A 168 -147.00 -83.80 67.55
C THR A 168 -147.94 -84.03 66.38
N PHE A 169 -149.14 -84.57 66.64
CA PHE A 169 -150.16 -84.70 65.59
C PHE A 169 -150.64 -83.34 65.11
N VAL A 170 -150.73 -82.36 66.03
CA VAL A 170 -151.13 -81.00 65.64
C VAL A 170 -150.03 -80.34 64.82
N GLU A 171 -148.78 -80.59 65.18
CA GLU A 171 -147.64 -80.15 64.35
C GLU A 171 -147.67 -80.79 62.97
N LYS A 172 -148.12 -82.05 62.88
CA LYS A 172 -148.32 -82.68 61.59
C LYS A 172 -149.53 -82.12 60.84
N ASN A 173 -150.49 -81.54 61.56
CA ASN A 173 -151.68 -80.97 60.89
C ASN A 173 -151.34 -79.69 60.17
N VAL A 174 -150.41 -78.90 60.70
CA VAL A 174 -150.06 -77.63 60.09
C VAL A 174 -148.76 -77.74 59.32
N LYS A 187 -159.16 -70.37 65.43
CA LYS A 187 -158.64 -69.02 65.54
C LYS A 187 -158.09 -68.74 66.94
N ASN A 188 -158.95 -68.19 67.80
CA ASN A 188 -158.56 -67.88 69.17
C ASN A 188 -158.42 -69.13 70.02
N TYR A 189 -159.06 -70.23 69.61
CA TYR A 189 -159.04 -71.47 70.40
C TYR A 189 -157.66 -72.09 70.42
N LEU A 190 -156.88 -71.90 69.34
CA LEU A 190 -155.50 -72.35 69.32
C LEU A 190 -154.67 -71.61 70.36
N LEU A 191 -154.84 -70.29 70.46
CA LEU A 191 -154.15 -69.49 71.45
C LEU A 191 -154.58 -69.85 72.86
N ARG A 192 -155.87 -70.18 73.05
CA ARG A 192 -156.34 -70.60 74.36
C ARG A 192 -155.74 -71.95 74.77
N MET A 193 -155.66 -72.89 73.83
CA MET A 193 -155.04 -74.18 74.12
C MET A 193 -153.55 -74.03 74.43
N CYS A 194 -152.85 -73.16 73.70
CA CYS A 194 -151.43 -72.97 73.96
C CYS A 194 -151.19 -72.23 75.27
N ASN A 195 -152.06 -71.28 75.63
CA ASN A 195 -151.93 -70.62 76.92
C ASN A 195 -152.23 -71.59 78.06
N ASP A 196 -153.16 -72.52 77.86
CA ASP A 196 -153.44 -73.52 78.89
C ASP A 196 -152.27 -74.49 79.03
N LEU A 197 -151.61 -74.83 77.91
CA LEU A 197 -150.43 -75.68 77.98
C LEU A 197 -149.28 -74.96 78.67
N LEU A 198 -149.15 -73.65 78.47
CA LEU A 198 -148.12 -72.90 79.16
C LEU A 198 -148.41 -72.78 80.65
N ARG A 199 -149.68 -72.62 81.02
CA ARG A 199 -150.02 -72.45 82.44
C ARG A 199 -150.00 -73.77 83.20
N ARG A 200 -150.32 -74.89 82.55
CA ARG A 200 -150.35 -76.15 83.28
C ARG A 200 -148.96 -76.73 83.51
N LEU A 201 -148.03 -76.53 82.60
CA LEU A 201 -146.70 -77.09 82.76
C LEU A 201 -145.89 -76.27 83.74
N SER A 202 -145.02 -76.96 84.49
CA SER A 202 -144.23 -76.33 85.54
C SER A 202 -142.85 -75.90 85.07
N LYS A 203 -142.48 -76.24 83.82
CA LYS A 203 -141.19 -75.92 83.21
C LYS A 203 -140.00 -76.47 84.00
N SER A 204 -140.20 -77.60 84.67
CA SER A 204 -139.08 -78.27 85.35
C SER A 204 -138.27 -79.09 84.36
N GLN A 205 -138.95 -79.94 83.58
CA GLN A 205 -138.34 -80.69 82.50
C GLN A 205 -139.12 -80.60 81.20
N ASN A 206 -140.20 -79.82 81.17
CA ASN A 206 -141.05 -79.68 79.98
C ASN A 206 -140.81 -78.37 79.24
N THR A 207 -139.59 -77.81 79.34
CA THR A 207 -139.29 -76.57 78.65
C THR A 207 -139.11 -76.80 77.15
N VAL A 208 -138.68 -78.00 76.75
CA VAL A 208 -138.56 -78.33 75.33
C VAL A 208 -139.93 -78.34 74.67
N PHE A 209 -140.92 -78.88 75.36
CA PHE A 209 -142.29 -78.92 74.84
C PHE A 209 -142.88 -77.52 74.73
N CYS A 210 -142.58 -76.66 75.71
CA CYS A 210 -143.02 -75.26 75.64
C CYS A 210 -142.33 -74.50 74.52
N GLY A 211 -141.05 -74.81 74.26
CA GLY A 211 -140.38 -74.22 73.11
C GLY A 211 -140.99 -74.66 71.80
N ARG A 212 -141.40 -75.93 71.71
CA ARG A 212 -142.10 -76.40 70.52
C ARG A 212 -143.46 -75.73 70.37
N ILE A 213 -144.14 -75.46 71.48
CA ILE A 213 -145.40 -74.70 71.46
C ILE A 213 -145.17 -73.30 70.93
N GLN A 214 -144.12 -72.63 71.41
CA GLN A 214 -143.86 -71.26 70.97
C GLN A 214 -143.37 -71.21 69.53
N LEU A 215 -142.68 -72.25 69.06
CA LEU A 215 -142.35 -72.34 67.64
C LEU A 215 -143.59 -72.57 66.79
N PHE A 216 -144.55 -73.33 67.31
CA PHE A 216 -145.82 -73.50 66.62
C PHE A 216 -146.58 -72.18 66.55
N LEU A 217 -146.56 -71.40 67.63
CA LEU A 217 -147.19 -70.10 67.65
C LEU A 217 -146.50 -69.11 66.70
N ALA A 218 -145.18 -69.21 66.58
CA ALA A 218 -144.45 -68.39 65.62
C ALA A 218 -144.77 -68.81 64.19
N ARG A 219 -145.04 -70.11 63.97
CA ARG A 219 -145.48 -70.54 62.65
C ARG A 219 -146.90 -70.06 62.36
N LEU A 220 -147.73 -69.92 63.40
CA LEU A 220 -149.08 -69.39 63.21
C LEU A 220 -149.04 -67.92 62.81
N PHE A 221 -148.25 -67.11 63.51
CA PHE A 221 -148.20 -65.68 63.25
C PHE A 221 -146.84 -65.25 62.70
N SER A 281 -114.56 -75.67 108.09
CA SER A 281 -114.43 -76.05 106.69
C SER A 281 -113.74 -74.95 105.89
N ILE A 282 -114.13 -74.80 104.64
CA ILE A 282 -113.56 -73.77 103.76
C ILE A 282 -114.15 -72.42 104.16
N PRO A 283 -113.33 -71.39 104.35
CA PRO A 283 -113.86 -70.06 104.68
C PRO A 283 -114.60 -69.45 103.50
N ILE A 284 -115.89 -69.23 103.68
CA ILE A 284 -116.78 -68.77 102.62
C ILE A 284 -117.10 -67.29 102.85
N ASP A 285 -116.88 -66.48 101.83
CA ASP A 285 -117.26 -65.07 101.88
C ASP A 285 -118.75 -64.99 101.59
N TYR A 286 -119.57 -65.07 102.65
CA TYR A 286 -121.01 -65.01 102.48
C TYR A 286 -121.47 -63.60 102.12
N ASN A 287 -120.69 -62.58 102.50
CA ASN A 287 -121.03 -61.21 102.14
C ASN A 287 -120.92 -60.99 100.64
N LEU A 288 -119.97 -61.68 99.99
CA LEU A 288 -119.87 -61.63 98.53
C LEU A 288 -121.10 -62.25 97.88
N TYR A 289 -121.58 -63.37 98.44
CA TYR A 289 -122.81 -64.01 97.96
C TYR A 289 -124.00 -63.07 98.09
N ARG A 290 -124.13 -62.43 99.27
CA ARG A 290 -125.28 -61.57 99.53
C ARG A 290 -125.26 -60.32 98.65
N LYS A 291 -124.10 -59.69 98.48
CA LYS A 291 -124.00 -58.51 97.63
C LYS A 291 -124.20 -58.86 96.16
N PHE A 292 -123.62 -59.97 95.70
CA PHE A 292 -123.74 -60.36 94.30
C PHE A 292 -125.17 -60.73 93.94
N TRP A 293 -125.85 -61.49 94.79
CA TRP A 293 -127.21 -61.87 94.42
C TRP A 293 -128.22 -60.77 94.77
N SER A 294 -127.87 -59.81 95.63
CA SER A 294 -128.67 -58.60 95.73
C SER A 294 -128.58 -57.77 94.47
N LEU A 295 -127.38 -57.71 93.86
CA LEU A 295 -127.26 -57.10 92.54
C LEU A 295 -128.01 -57.88 91.48
N GLN A 296 -128.04 -59.21 91.60
CA GLN A 296 -128.83 -60.02 90.66
C GLN A 296 -130.32 -59.74 90.80
N ASP A 297 -130.79 -59.53 92.02
CA ASP A 297 -132.18 -59.12 92.23
C ASP A 297 -132.43 -57.70 91.73
N TYR A 298 -131.40 -56.84 91.77
CA TYR A 298 -131.51 -55.52 91.16
C TYR A 298 -131.64 -55.63 89.63
N PHE A 299 -130.93 -56.60 89.04
CA PHE A 299 -131.13 -56.89 87.62
C PHE A 299 -132.53 -57.42 87.35
N ARG A 300 -133.05 -58.25 88.26
CA ARG A 300 -134.39 -58.80 88.09
C ARG A 300 -135.47 -57.73 88.22
N ASN A 301 -135.19 -56.66 88.98
CA ASN A 301 -136.16 -55.60 89.25
C ASN A 301 -135.58 -54.27 88.81
N PRO A 302 -135.75 -53.89 87.54
CA PRO A 302 -135.38 -52.53 87.13
C PRO A 302 -136.34 -51.47 87.64
N VAL A 303 -137.54 -51.87 88.07
CA VAL A 303 -138.46 -50.95 88.70
C VAL A 303 -137.91 -50.47 90.04
N GLN A 304 -137.17 -51.34 90.74
CA GLN A 304 -136.45 -50.94 91.94
C GLN A 304 -135.27 -50.03 91.64
N CYS A 305 -134.82 -49.96 90.39
CA CYS A 305 -133.68 -49.13 90.01
C CYS A 305 -134.16 -47.74 89.55
N TYR A 306 -134.94 -47.11 90.42
CA TYR A 306 -135.37 -45.73 90.25
C TYR A 306 -135.26 -44.90 91.51
N GLU A 307 -135.08 -45.51 92.68
CA GLU A 307 -135.10 -44.80 93.95
C GLU A 307 -133.73 -44.18 94.23
N LYS A 308 -133.55 -43.73 95.47
CA LYS A 308 -132.28 -43.17 95.91
C LYS A 308 -131.45 -44.19 96.67
N ILE A 309 -132.03 -44.78 97.72
CA ILE A 309 -131.28 -45.64 98.64
C ILE A 309 -130.94 -46.96 97.94
N SER A 310 -131.89 -47.51 97.19
CA SER A 310 -131.63 -48.71 96.39
C SER A 310 -130.58 -48.44 95.32
N TRP A 311 -130.61 -47.23 94.74
CA TRP A 311 -129.56 -46.82 93.82
C TRP A 311 -128.21 -46.70 94.52
N LYS A 312 -128.20 -46.24 95.78
CA LYS A 312 -126.95 -46.12 96.53
C LYS A 312 -126.36 -47.50 96.83
N THR A 313 -127.20 -48.46 97.23
CA THR A 313 -126.73 -49.82 97.43
C THR A 313 -126.27 -50.45 96.12
N PHE A 314 -126.94 -50.12 95.02
CA PHE A 314 -126.52 -50.56 93.70
C PHE A 314 -125.14 -50.01 93.34
N LEU A 315 -124.92 -48.72 93.62
CA LEU A 315 -123.62 -48.08 93.39
C LEU A 315 -122.51 -48.77 94.18
N LYS A 316 -122.72 -48.94 95.50
CA LYS A 316 -121.70 -49.50 96.36
C LYS A 316 -121.39 -50.96 96.00
N TYR A 317 -122.44 -51.77 95.84
CA TYR A 317 -122.25 -53.18 95.57
C TYR A 317 -121.68 -53.41 94.17
N SER A 318 -122.14 -52.63 93.19
CA SER A 318 -121.64 -52.76 91.83
C SER A 318 -120.17 -52.36 91.73
N GLU A 319 -119.78 -51.29 92.43
CA GLU A 319 -118.38 -50.88 92.41
C GLU A 319 -117.49 -51.90 93.13
N GLU A 320 -118.00 -52.51 94.21
CA GLU A 320 -117.18 -53.54 94.89
C GLU A 320 -117.05 -54.80 94.04
N VAL A 321 -118.12 -55.23 93.38
CA VAL A 321 -118.06 -56.43 92.54
C VAL A 321 -117.18 -56.19 91.31
N LEU A 322 -117.28 -55.00 90.71
CA LEU A 322 -116.41 -54.70 89.58
C LEU A 322 -114.96 -54.50 90.01
N ALA A 323 -114.73 -54.07 91.25
CA ALA A 323 -113.37 -54.01 91.78
C ALA A 323 -112.79 -55.41 91.95
N VAL A 324 -113.61 -56.35 92.43
CA VAL A 324 -113.17 -57.75 92.54
C VAL A 324 -112.89 -58.33 91.17
N PHE A 325 -113.74 -58.02 90.19
CA PHE A 325 -113.56 -58.52 88.83
C PHE A 325 -112.33 -57.95 88.14
N LYS A 326 -112.02 -56.67 88.40
CA LYS A 326 -110.77 -56.11 87.88
C LYS A 326 -109.56 -56.66 88.63
N SER A 327 -109.71 -56.96 89.92
CA SER A 327 -108.57 -57.45 90.69
C SER A 327 -108.29 -58.93 90.44
N TYR A 328 -109.22 -59.67 89.85
CA TYR A 328 -108.99 -61.10 89.65
C TYR A 328 -108.00 -61.33 88.51
N LYS A 329 -108.35 -60.88 87.30
CA LYS A 329 -107.51 -60.91 86.09
C LYS A 329 -107.07 -62.33 85.75
N LEU A 330 -108.07 -63.11 85.31
CA LEU A 330 -107.86 -64.55 85.05
C LEU A 330 -106.83 -64.80 83.96
N ASP A 331 -106.92 -64.06 82.84
CA ASP A 331 -105.95 -64.07 81.74
C ASP A 331 -105.76 -65.47 81.14
N ASP A 332 -106.85 -66.02 80.61
CA ASP A 332 -106.80 -67.35 80.00
C ASP A 332 -106.56 -67.28 78.50
N VAL A 350 -126.45 -82.64 78.67
CA VAL A 350 -125.93 -82.02 79.89
C VAL A 350 -125.76 -80.52 79.67
N TYR A 351 -126.62 -79.74 80.34
CA TYR A 351 -126.57 -78.29 80.24
C TYR A 351 -127.18 -77.68 81.50
N PHE A 352 -126.59 -76.60 81.97
CA PHE A 352 -127.05 -75.91 83.17
C PHE A 352 -127.94 -74.75 82.75
N ALA A 353 -129.23 -74.85 83.06
CA ALA A 353 -130.21 -73.92 82.52
C ALA A 353 -130.15 -72.56 83.21
N LYS A 354 -130.40 -72.52 84.51
CA LYS A 354 -130.47 -71.27 85.24
C LYS A 354 -129.23 -71.06 86.10
N PHE A 355 -129.21 -69.93 86.79
CA PHE A 355 -128.07 -69.56 87.61
C PHE A 355 -128.02 -70.40 88.87
N LEU A 356 -126.80 -70.75 89.28
CA LEU A 356 -126.59 -71.66 90.41
C LEU A 356 -126.31 -70.84 91.67
N THR A 357 -127.31 -70.75 92.54
CA THR A 357 -127.18 -70.02 93.80
C THR A 357 -126.62 -70.97 94.86
N SER A 358 -125.31 -71.19 94.79
CA SER A 358 -124.63 -72.12 95.68
C SER A 358 -123.59 -71.36 96.48
N GLU A 359 -123.73 -71.38 97.80
CA GLU A 359 -122.75 -70.77 98.70
C GLU A 359 -121.54 -71.65 98.94
N LYS A 360 -121.55 -72.90 98.46
CA LYS A 360 -120.52 -73.86 98.84
C LYS A 360 -119.25 -73.69 98.01
N LEU A 361 -119.37 -73.82 96.69
CA LEU A 361 -118.18 -73.88 95.84
C LEU A 361 -117.63 -72.49 95.54
N MET A 362 -118.42 -71.67 94.83
CA MET A 362 -118.24 -70.23 94.62
C MET A 362 -117.03 -69.87 93.74
N ASP A 363 -116.21 -70.85 93.38
CA ASP A 363 -114.96 -70.58 92.69
C ASP A 363 -114.96 -71.02 91.23
N LEU A 364 -115.78 -72.02 90.87
CA LEU A 364 -115.84 -72.43 89.48
C LEU A 364 -116.58 -71.40 88.63
N GLN A 365 -117.48 -70.62 89.23
CA GLN A 365 -118.11 -69.53 88.49
C GLN A 365 -117.16 -68.36 88.32
N LEU A 366 -116.27 -68.14 89.29
CA LEU A 366 -115.28 -67.08 89.14
C LEU A 366 -114.19 -67.46 88.16
N SER A 367 -113.80 -68.74 88.12
CA SER A 367 -112.79 -69.19 87.18
C SER A 367 -113.31 -69.27 85.76
N ASP A 368 -114.61 -69.41 85.57
CA ASP A 368 -115.21 -69.41 84.24
C ASP A 368 -115.47 -67.98 83.80
N SER A 369 -114.82 -67.57 82.72
CA SER A 369 -115.01 -66.21 82.20
C SER A 369 -116.36 -66.03 81.52
N ASN A 370 -117.01 -67.12 81.12
CA ASN A 370 -118.30 -67.02 80.47
C ASN A 370 -119.39 -66.55 81.43
N PHE A 371 -119.28 -66.93 82.71
CA PHE A 371 -120.20 -66.43 83.71
C PHE A 371 -120.07 -64.92 83.88
N ARG A 372 -118.82 -64.42 83.87
CA ARG A 372 -118.61 -62.98 83.87
C ARG A 372 -119.08 -62.34 82.59
N ARG A 373 -119.05 -63.07 81.47
CA ARG A 373 -119.64 -62.55 80.24
C ARG A 373 -121.16 -62.40 80.36
N HIS A 374 -121.82 -63.38 80.99
CA HIS A 374 -123.24 -63.26 81.30
C HIS A 374 -123.52 -62.03 82.16
N ILE A 375 -122.71 -61.83 83.20
CA ILE A 375 -122.95 -60.73 84.14
C ILE A 375 -122.70 -59.38 83.46
N LEU A 376 -121.66 -59.28 82.64
CA LEU A 376 -121.36 -58.01 81.98
C LEU A 376 -122.32 -57.71 80.84
N LEU A 377 -122.81 -58.75 80.14
CA LEU A 377 -123.91 -58.55 79.21
C LEU A 377 -125.16 -58.04 79.91
N GLN A 378 -125.41 -58.55 81.11
CA GLN A 378 -126.58 -58.09 81.85
C GLN A 378 -126.40 -56.65 82.32
N TYR A 379 -125.17 -56.28 82.70
CA TYR A 379 -124.83 -54.88 82.95
C TYR A 379 -125.08 -54.00 81.73
N LEU A 380 -124.64 -54.45 80.56
CA LEU A 380 -124.80 -53.63 79.34
C LEU A 380 -126.26 -53.48 78.95
N ILE A 381 -127.07 -54.52 79.17
CA ILE A 381 -128.50 -54.42 78.87
C ILE A 381 -129.19 -53.48 79.86
N LEU A 382 -128.79 -53.53 81.14
CA LEU A 382 -129.33 -52.57 82.12
C LEU A 382 -128.92 -51.14 81.79
N PHE A 383 -127.68 -50.94 81.34
CA PHE A 383 -127.20 -49.60 81.03
C PHE A 383 -127.89 -49.05 79.78
N GLN A 384 -128.11 -49.91 78.78
CA GLN A 384 -128.80 -49.49 77.58
C GLN A 384 -130.28 -49.23 77.84
N TYR A 385 -130.88 -49.96 78.79
CA TYR A 385 -132.24 -49.65 79.19
C TYR A 385 -132.33 -48.33 79.93
N LEU A 386 -131.34 -48.04 80.79
CA LEU A 386 -131.36 -46.76 81.52
C LEU A 386 -131.10 -45.59 80.56
N LYS A 387 -130.29 -45.81 79.53
CA LYS A 387 -130.11 -44.77 78.52
C LYS A 387 -131.33 -44.67 77.61
N GLY A 388 -132.07 -45.76 77.45
CA GLY A 388 -133.24 -45.77 76.57
C GLY A 388 -134.42 -45.00 77.11
N ASN A 396 -142.15 -38.88 85.09
CA ASN A 396 -141.12 -39.37 86.00
C ASN A 396 -140.01 -40.09 85.22
N TYR A 397 -139.45 -41.12 85.87
CA TYR A 397 -138.45 -42.03 85.28
C TYR A 397 -137.18 -41.28 84.87
N VAL A 398 -136.82 -40.25 85.64
CA VAL A 398 -135.66 -39.44 85.35
C VAL A 398 -134.59 -39.70 86.41
N LEU A 399 -133.35 -39.42 86.06
CA LEU A 399 -132.21 -39.67 86.93
C LEU A 399 -131.32 -38.44 86.99
N THR A 400 -130.42 -38.44 87.96
CA THR A 400 -129.40 -37.41 88.07
C THR A 400 -128.42 -37.56 86.93
N ASP A 401 -127.98 -36.43 86.36
CA ASP A 401 -127.01 -36.47 85.27
C ASP A 401 -125.65 -36.98 85.73
N GLU A 402 -125.31 -36.76 87.00
CA GLU A 402 -124.09 -37.35 87.55
C GLU A 402 -124.17 -38.86 87.62
N GLN A 403 -125.37 -39.40 87.88
CA GLN A 403 -125.58 -40.84 87.80
C GLN A 403 -125.38 -41.35 86.38
N SER A 404 -125.81 -40.58 85.38
CA SER A 404 -125.62 -40.98 84.00
C SER A 404 -124.14 -40.92 83.61
N LEU A 405 -123.40 -39.95 84.15
CA LEU A 405 -121.96 -39.90 83.92
C LEU A 405 -121.25 -41.08 84.58
N TRP A 406 -121.72 -41.48 85.77
CA TRP A 406 -121.21 -42.68 86.41
C TRP A 406 -121.51 -43.93 85.58
N ILE A 407 -122.70 -43.98 84.99
CA ILE A 407 -123.09 -45.11 84.14
C ILE A 407 -122.20 -45.17 82.90
N GLU A 408 -121.90 -44.01 82.31
CA GLU A 408 -121.02 -43.98 81.14
C GLU A 408 -119.59 -44.37 81.48
N ASP A 409 -119.10 -43.95 82.66
CA ASP A 409 -117.74 -44.33 83.09
C ASP A 409 -117.65 -45.83 83.35
N THR A 410 -118.62 -46.38 84.08
CA THR A 410 -118.65 -47.81 84.32
C THR A 410 -118.90 -48.60 83.03
N THR A 411 -119.63 -48.02 82.08
CA THR A 411 -119.85 -48.67 80.79
C THR A 411 -118.55 -48.77 80.00
N LYS A 412 -117.75 -47.69 79.99
CA LYS A 412 -116.44 -47.75 79.37
C LYS A 412 -115.51 -48.73 80.09
N SER A 413 -115.61 -48.85 81.41
CA SER A 413 -114.83 -49.88 82.09
C SER A 413 -115.31 -51.29 81.75
N VAL A 414 -116.62 -51.47 81.48
CA VAL A 414 -117.14 -52.76 81.04
C VAL A 414 -116.63 -53.10 79.65
N TYR A 415 -116.58 -52.12 78.74
CA TYR A 415 -115.95 -52.33 77.45
C TYR A 415 -114.48 -52.65 77.57
N GLN A 416 -113.79 -52.06 78.56
CA GLN A 416 -112.40 -52.41 78.84
C GLN A 416 -112.26 -53.85 79.30
N LEU A 417 -113.13 -54.29 80.22
CA LEU A 417 -113.02 -55.64 80.75
C LEU A 417 -113.44 -56.69 79.72
N LEU A 418 -114.37 -56.34 78.83
CA LEU A 418 -114.75 -57.25 77.76
C LEU A 418 -113.76 -57.24 76.60
N SER A 419 -112.94 -56.18 76.48
CA SER A 419 -111.83 -56.21 75.55
C SER A 419 -110.67 -57.08 76.06
N GLU A 420 -110.67 -57.40 77.36
CA GLU A 420 -109.63 -58.22 77.96
C GLU A 420 -109.87 -59.72 77.78
N ASN A 421 -110.85 -60.12 76.99
CA ASN A 421 -111.10 -61.53 76.72
C ASN A 421 -109.99 -62.07 75.82
N PRO A 422 -109.28 -63.11 76.23
CA PRO A 422 -108.14 -63.58 75.43
C PRO A 422 -108.55 -64.28 74.13
N PRO A 423 -109.71 -65.03 74.06
CA PRO A 423 -110.28 -65.27 72.72
C PRO A 423 -111.15 -64.12 72.25
N ASP A 424 -110.62 -63.32 71.32
CA ASP A 424 -111.35 -62.30 70.55
C ASP A 424 -112.08 -61.29 71.43
N GLY A 425 -111.30 -60.53 72.21
CA GLY A 425 -111.89 -59.52 73.06
C GLY A 425 -112.45 -58.36 72.27
N GLU A 426 -111.65 -57.80 71.35
CA GLU A 426 -112.08 -56.66 70.56
C GLU A 426 -113.13 -57.05 69.53
N ARG A 427 -113.01 -58.26 68.96
CA ARG A 427 -113.99 -58.72 67.98
C ARG A 427 -115.36 -58.89 68.61
N PHE A 428 -115.43 -59.58 69.75
CA PHE A 428 -116.69 -59.74 70.46
C PHE A 428 -117.19 -58.42 71.02
N SER A 429 -116.29 -57.48 71.32
CA SER A 429 -116.71 -56.16 71.75
C SER A 429 -117.39 -55.40 70.63
N LYS A 430 -116.84 -55.46 69.41
CA LYS A 430 -117.52 -54.86 68.26
C LYS A 430 -118.83 -55.58 67.92
N MET A 431 -118.89 -56.89 68.19
CA MET A 431 -120.15 -57.62 68.05
C MET A 431 -121.20 -57.09 69.01
N VAL A 432 -120.80 -56.80 70.26
CA VAL A 432 -121.76 -56.24 71.22
C VAL A 432 -122.14 -54.83 70.88
N GLU A 433 -121.23 -54.06 70.27
CA GLU A 433 -121.56 -52.72 69.81
C GLU A 433 -122.60 -52.78 68.70
N HIS A 434 -122.42 -53.70 67.75
CA HIS A 434 -123.40 -53.88 66.68
C HIS A 434 -124.74 -54.37 67.21
N ILE A 435 -124.72 -55.25 68.21
CA ILE A 435 -125.96 -55.71 68.83
C ILE A 435 -126.66 -54.59 69.59
N LEU A 436 -125.90 -53.70 70.22
CA LEU A 436 -126.50 -52.57 70.92
C LEU A 436 -127.12 -51.58 69.95
N ASN A 437 -126.46 -51.36 68.80
CA ASN A 437 -127.02 -50.51 67.75
C ASN A 437 -128.30 -51.11 67.20
N THR A 438 -128.32 -52.44 67.00
CA THR A 438 -129.52 -53.07 66.49
C THR A 438 -130.65 -53.11 67.51
N GLU A 439 -130.31 -53.19 68.81
CA GLU A 439 -131.34 -53.07 69.84
C GLU A 439 -131.91 -51.66 69.87
N GLU A 440 -131.07 -50.65 69.65
CA GLU A 440 -131.57 -49.28 69.51
C GLU A 440 -132.47 -49.13 68.29
N ASN A 441 -132.16 -49.84 67.21
CA ASN A 441 -133.00 -49.83 66.01
C ASN A 441 -134.37 -50.44 66.31
N TRP A 442 -134.38 -51.62 66.94
CA TRP A 442 -135.63 -52.29 67.29
C TRP A 442 -136.44 -51.50 68.31
N ASN A 443 -135.80 -50.73 69.18
CA ASN A 443 -136.55 -49.89 70.11
C ASN A 443 -137.14 -48.68 69.40
N SER A 444 -136.33 -47.96 68.62
CA SER A 444 -136.80 -46.72 68.00
C SER A 444 -137.81 -46.96 66.88
N TRP A 445 -137.80 -48.12 66.24
CA TRP A 445 -138.84 -48.39 65.26
C TRP A 445 -140.15 -48.77 65.95
N LYS A 446 -140.08 -49.66 66.93
CA LYS A 446 -141.27 -50.03 67.69
C LYS A 446 -141.46 -49.10 68.88
N LEU B 188 -137.68 -57.76 75.43
CA LEU B 188 -136.27 -57.61 75.77
C LEU B 188 -136.11 -56.97 77.14
N ARG B 189 -137.00 -56.01 77.43
CA ARG B 189 -136.95 -55.24 78.66
C ARG B 189 -137.45 -56.00 79.88
N GLU B 190 -138.00 -57.20 79.69
CA GLU B 190 -138.44 -58.04 80.80
C GLU B 190 -137.52 -59.23 81.01
N GLU B 191 -137.12 -59.90 79.93
CA GLU B 191 -136.26 -61.08 79.99
C GLU B 191 -134.85 -60.65 79.59
N ASN B 192 -134.02 -60.31 80.57
CA ASN B 192 -132.65 -59.89 80.30
C ASN B 192 -131.68 -61.06 80.31
N GLU B 193 -131.89 -62.00 81.25
CA GLU B 193 -131.01 -63.15 81.36
C GLU B 193 -131.10 -64.07 80.15
N GLY B 194 -132.27 -64.14 79.51
CA GLY B 194 -132.42 -65.01 78.35
C GLY B 194 -131.60 -64.55 77.16
N TYR B 195 -131.70 -63.25 76.83
CA TYR B 195 -130.90 -62.73 75.73
C TYR B 195 -129.43 -62.65 76.10
N ALA B 196 -129.11 -62.45 77.38
CA ALA B 196 -127.73 -62.51 77.83
C ALA B 196 -127.14 -63.90 77.61
N LYS B 197 -127.92 -64.95 77.90
CA LYS B 197 -127.46 -66.31 77.68
C LYS B 197 -127.38 -66.64 76.20
N LEU B 198 -128.30 -66.11 75.38
CA LEU B 198 -128.23 -66.30 73.94
C LEU B 198 -126.96 -65.71 73.35
N ILE B 199 -126.62 -64.48 73.76
CA ILE B 199 -125.45 -63.82 73.22
C ILE B 199 -124.17 -64.45 73.74
N ALA B 200 -124.15 -64.85 75.01
CA ALA B 200 -122.96 -65.50 75.56
C ALA B 200 -122.78 -66.92 75.05
N GLU B 201 -123.86 -67.60 74.64
CA GLU B 201 -123.72 -68.93 74.06
C GLU B 201 -123.33 -68.84 72.58
N LEU B 202 -123.85 -67.84 71.87
CA LEU B 202 -123.36 -67.59 70.52
C LEU B 202 -122.01 -66.90 70.52
N GLY B 203 -121.56 -66.40 71.66
CA GLY B 203 -120.25 -65.80 71.81
C GLY B 203 -119.12 -66.76 72.08
N GLN B 204 -119.40 -68.06 72.12
CA GLN B 204 -118.35 -69.02 72.43
C GLN B 204 -117.49 -69.27 71.20
N ASP B 205 -116.34 -69.89 71.43
CA ASP B 205 -115.42 -70.21 70.36
C ASP B 205 -115.66 -71.62 69.85
N LEU B 206 -115.48 -71.80 68.55
CA LEU B 206 -115.70 -73.09 67.91
C LEU B 206 -114.39 -73.83 67.68
N THR B 211 -121.71 -80.44 66.94
CA THR B 211 -121.95 -79.54 68.06
C THR B 211 -123.09 -78.58 67.77
N SER B 212 -123.63 -78.66 66.53
CA SER B 212 -124.70 -77.77 66.13
C SER B 212 -126.01 -78.11 66.84
N ASP B 213 -126.30 -79.41 66.97
CA ASP B 213 -127.56 -79.83 67.55
C ASP B 213 -127.60 -79.59 69.05
N LEU B 214 -126.44 -79.62 69.71
CA LEU B 214 -126.37 -79.25 71.13
C LEU B 214 -126.70 -77.78 71.32
N ILE B 215 -126.24 -76.93 70.41
CA ILE B 215 -126.57 -75.51 70.48
C ILE B 215 -128.05 -75.29 70.14
N LEU B 216 -128.60 -76.13 69.25
CA LEU B 216 -130.04 -76.10 68.99
C LEU B 216 -130.84 -76.46 70.24
N GLU B 217 -130.39 -77.47 70.97
CA GLU B 217 -131.03 -77.84 72.24
C GLU B 217 -130.92 -76.73 73.26
N ASN B 218 -129.78 -76.01 73.27
CA ASN B 218 -129.61 -74.90 74.19
C ASN B 218 -130.54 -73.74 73.84
N ILE B 219 -130.71 -73.47 72.54
CA ILE B 219 -131.63 -72.42 72.09
C ILE B 219 -133.06 -72.78 72.44
N LYS B 220 -133.45 -74.04 72.23
CA LYS B 220 -134.80 -74.48 72.58
C LYS B 220 -135.03 -74.42 74.09
N SER B 221 -133.99 -74.72 74.88
CA SER B 221 -134.10 -74.63 76.32
C SER B 221 -134.27 -73.19 76.79
N LEU B 222 -133.54 -72.26 76.16
CA LEU B 222 -133.66 -70.85 76.55
C LEU B 222 -135.01 -70.28 76.14
N ILE B 223 -135.52 -70.68 74.98
CA ILE B 223 -136.85 -70.24 74.53
C ILE B 223 -137.92 -70.80 75.47
N GLY B 224 -137.79 -72.06 75.87
CA GLY B 224 -138.76 -72.65 76.77
C GLY B 224 -138.69 -72.12 78.18
N CYS B 225 -137.51 -71.69 78.62
CA CYS B 225 -137.40 -71.19 79.99
C CYS B 225 -137.81 -69.72 80.10
N PHE B 226 -137.35 -68.88 79.18
CA PHE B 226 -137.42 -67.44 79.40
C PHE B 226 -138.46 -66.72 78.56
N ASN B 227 -139.41 -67.48 77.97
CA ASN B 227 -140.54 -66.95 77.20
C ASN B 227 -140.07 -66.09 76.03
N LEU B 228 -139.01 -66.52 75.36
CA LEU B 228 -138.34 -65.72 74.37
C LEU B 228 -139.13 -65.70 73.06
N ASP B 229 -139.19 -64.52 72.44
CA ASP B 229 -139.81 -64.39 71.13
C ASP B 229 -138.93 -65.10 70.11
N PRO B 230 -139.46 -66.06 69.34
CA PRO B 230 -138.63 -66.78 68.37
C PRO B 230 -138.12 -65.91 67.23
N ASN B 231 -138.90 -64.89 66.86
CA ASN B 231 -138.45 -63.96 65.82
C ASN B 231 -137.26 -63.14 66.29
N ARG B 232 -137.24 -62.77 67.57
CA ARG B 232 -136.11 -62.00 68.08
C ARG B 232 -134.87 -62.87 68.24
N VAL B 233 -135.06 -64.15 68.58
CA VAL B 233 -133.95 -65.10 68.61
C VAL B 233 -133.38 -65.29 67.21
N LEU B 234 -134.26 -65.34 66.20
CA LEU B 234 -133.82 -65.43 64.81
C LEU B 234 -133.05 -64.17 64.39
N ASP B 235 -133.48 -63.00 64.88
CA ASP B 235 -132.77 -61.76 64.63
C ASP B 235 -131.36 -61.80 65.24
N VAL B 236 -131.25 -62.33 66.46
CA VAL B 236 -129.97 -62.44 67.13
C VAL B 236 -129.04 -63.38 66.37
N ILE B 237 -129.58 -64.51 65.87
CA ILE B 237 -128.77 -65.47 65.12
C ILE B 237 -128.31 -64.86 63.80
N LEU B 238 -129.19 -64.12 63.12
CA LEU B 238 -128.81 -63.47 61.86
C LEU B 238 -127.75 -62.38 62.08
N GLU B 239 -127.85 -61.63 63.18
CA GLU B 239 -126.85 -60.59 63.41
C GLU B 239 -125.53 -61.16 63.90
N VAL B 240 -125.56 -62.33 64.57
CA VAL B 240 -124.32 -63.05 64.85
C VAL B 240 -123.66 -63.51 63.56
N PHE B 241 -124.45 -64.05 62.62
CA PHE B 241 -123.89 -64.50 61.35
C PHE B 241 -123.41 -63.32 60.50
N GLU B 242 -124.01 -62.13 60.69
CA GLU B 242 -123.44 -60.93 60.09
C GLU B 242 -122.10 -60.59 60.72
N CYS B 243 -122.04 -60.62 62.05
CA CYS B 243 -120.80 -60.26 62.72
C CYS B 243 -119.75 -61.37 62.71
N ARG B 244 -120.13 -62.59 62.31
CA ARG B 244 -119.19 -63.72 62.20
C ARG B 244 -119.24 -64.27 60.78
N PRO B 245 -118.45 -63.72 59.85
CA PRO B 245 -118.34 -64.32 58.51
C PRO B 245 -117.37 -65.48 58.42
N GLU B 246 -116.75 -65.87 59.53
CA GLU B 246 -115.76 -66.94 59.50
C GLU B 246 -116.41 -68.30 59.40
N HIS B 247 -117.34 -68.60 60.31
CA HIS B 247 -117.98 -69.92 60.38
C HIS B 247 -119.30 -69.86 59.63
N ASP B 248 -119.22 -70.14 58.33
CA ASP B 248 -120.36 -69.96 57.45
C ASP B 248 -121.34 -71.14 57.53
N ASP B 249 -120.89 -72.33 57.13
CA ASP B 249 -121.78 -73.46 56.96
C ASP B 249 -122.34 -74.00 58.27
N PHE B 250 -121.65 -73.74 59.38
CA PHE B 250 -122.18 -74.10 60.69
C PHE B 250 -123.45 -73.32 61.00
N PHE B 251 -123.40 -71.99 60.83
CA PHE B 251 -124.59 -71.18 61.05
C PHE B 251 -125.62 -71.38 59.95
N ILE B 252 -125.17 -71.77 58.74
CA ILE B 252 -126.12 -72.12 57.68
C ILE B 252 -126.93 -73.35 58.07
N SER B 253 -126.25 -74.37 58.63
CA SER B 253 -126.94 -75.56 59.09
C SER B 253 -127.87 -75.26 60.27
N LEU B 254 -127.44 -74.35 61.16
CA LEU B 254 -128.30 -73.94 62.27
C LEU B 254 -129.55 -73.21 61.77
N LEU B 255 -129.39 -72.33 60.78
CA LEU B 255 -130.53 -71.63 60.22
C LEU B 255 -131.45 -72.56 59.44
N GLU B 256 -130.90 -73.57 58.77
CA GLU B 256 -131.74 -74.56 58.09
C GLU B 256 -132.54 -75.39 59.08
N SER B 257 -131.90 -75.86 60.16
CA SER B 257 -132.61 -76.63 61.16
C SER B 257 -133.60 -75.79 61.95
N TYR B 258 -133.37 -74.48 62.06
CA TYR B 258 -134.34 -73.60 62.70
C TYR B 258 -135.52 -73.31 61.78
N MET B 259 -135.26 -72.97 60.53
CA MET B 259 -136.30 -72.64 59.57
C MET B 259 -137.04 -73.86 59.03
N SER B 260 -136.58 -75.06 59.35
CA SER B 260 -137.38 -76.25 59.09
C SER B 260 -138.65 -76.28 59.94
N MET B 261 -138.67 -75.57 61.06
CA MET B 261 -139.81 -75.54 61.96
C MET B 261 -140.61 -74.24 61.86
N CYS B 262 -140.36 -73.40 60.87
CA CYS B 262 -141.03 -72.12 60.73
C CYS B 262 -141.49 -71.92 59.29
N GLU B 263 -142.11 -70.77 59.04
CA GLU B 263 -142.61 -70.32 57.75
C GLU B 263 -141.52 -69.59 56.97
N PRO B 264 -141.40 -69.87 55.67
CA PRO B 264 -140.25 -69.33 54.90
C PRO B 264 -140.30 -67.83 54.68
N GLN B 265 -141.46 -67.18 54.79
CA GLN B 265 -141.57 -65.76 54.53
C GLN B 265 -141.07 -64.90 55.67
N THR B 266 -140.79 -65.49 56.83
CA THR B 266 -140.36 -64.74 58.00
C THR B 266 -138.98 -64.13 57.80
N LEU B 267 -138.05 -64.89 57.20
CA LEU B 267 -136.74 -64.33 56.86
C LEU B 267 -136.86 -63.22 55.82
N CYS B 268 -137.81 -63.34 54.90
CA CYS B 268 -138.02 -62.29 53.90
C CYS B 268 -138.50 -61.00 54.55
N HIS B 269 -139.47 -61.10 55.48
CA HIS B 269 -139.93 -59.91 56.19
C HIS B 269 -138.87 -59.34 57.12
N ILE B 270 -138.03 -60.20 57.72
CA ILE B 270 -136.95 -59.72 58.58
C ILE B 270 -135.89 -58.99 57.77
N LEU B 271 -135.53 -59.53 56.60
CA LEU B 271 -134.54 -58.85 55.78
C LEU B 271 -135.09 -57.58 55.15
N GLY B 272 -136.38 -57.55 54.82
CA GLY B 272 -137.00 -56.29 54.40
C GLY B 272 -137.03 -55.26 55.52
N PHE B 273 -137.25 -55.72 56.75
CA PHE B 273 -137.23 -54.83 57.91
C PHE B 273 -135.83 -54.29 58.17
N LYS B 274 -134.81 -55.13 58.01
CA LYS B 274 -133.44 -54.68 58.22
C LYS B 274 -132.96 -53.78 57.09
N PHE B 275 -133.47 -53.99 55.88
CA PHE B 275 -133.12 -53.09 54.78
C PHE B 275 -133.85 -51.75 54.90
N LYS B 276 -135.05 -51.75 55.46
CA LYS B 276 -135.70 -50.48 55.79
C LYS B 276 -135.13 -49.83 57.04
N PHE B 277 -134.39 -50.58 57.85
CA PHE B 277 -133.79 -50.02 59.05
C PHE B 277 -132.62 -49.10 58.72
N TYR B 278 -131.87 -49.42 57.67
CA TYR B 278 -130.73 -48.59 57.28
C TYR B 278 -131.10 -47.69 56.11
N PRO B 286 -122.87 -50.24 55.49
CA PRO B 286 -123.00 -51.56 56.12
C PRO B 286 -123.07 -52.68 55.10
N SER B 287 -121.91 -53.20 54.70
CA SER B 287 -121.85 -54.26 53.70
C SER B 287 -122.14 -55.64 54.27
N SER B 288 -122.26 -55.76 55.59
CA SER B 288 -122.59 -57.04 56.20
C SER B 288 -124.02 -57.46 55.87
N LEU B 289 -124.91 -56.49 55.71
CA LEU B 289 -126.27 -56.77 55.25
C LEU B 289 -126.27 -57.37 53.85
N TYR B 290 -125.47 -56.79 52.96
CA TYR B 290 -125.34 -57.32 51.61
C TYR B 290 -124.66 -58.68 51.60
N ARG B 291 -123.73 -58.90 52.53
CA ARG B 291 -123.05 -60.19 52.62
C ARG B 291 -124.00 -61.29 53.10
N VAL B 292 -124.79 -61.02 54.14
CA VAL B 292 -125.71 -62.04 54.64
C VAL B 292 -126.85 -62.27 53.65
N ALA B 293 -127.24 -61.23 52.89
CA ALA B 293 -128.26 -61.43 51.86
C ALA B 293 -127.69 -62.22 50.68
N ALA B 294 -126.41 -62.05 50.37
CA ALA B 294 -125.80 -62.84 49.31
C ALA B 294 -125.59 -64.28 49.72
N VAL B 295 -125.33 -64.53 51.01
CA VAL B 295 -125.23 -65.91 51.49
C VAL B 295 -126.61 -66.57 51.48
N LEU B 296 -127.63 -65.88 51.96
CA LEU B 296 -128.96 -66.46 52.06
C LEU B 296 -129.70 -66.52 50.73
N LEU B 297 -129.13 -65.98 49.64
CA LEU B 297 -129.72 -66.13 48.32
C LEU B 297 -128.87 -66.96 47.38
N GLN B 298 -127.81 -67.61 47.88
CA GLN B 298 -126.99 -68.47 47.03
C GLN B 298 -127.24 -69.95 47.30
N PHE B 299 -127.07 -70.36 48.56
CA PHE B 299 -127.01 -71.78 48.90
C PHE B 299 -128.39 -72.39 49.07
N ASN B 300 -129.25 -71.74 49.85
CA ASN B 300 -130.56 -72.28 50.16
C ASN B 300 -131.51 -71.11 50.42
N LEU B 301 -132.80 -71.44 50.58
CA LEU B 301 -133.89 -70.50 50.95
C LEU B 301 -133.96 -69.30 50.01
N ILE B 302 -133.75 -69.57 48.72
CA ILE B 302 -133.64 -68.50 47.73
C ILE B 302 -135.00 -67.86 47.47
N ASP B 303 -135.04 -66.54 47.51
CA ASP B 303 -136.28 -65.76 47.45
C ASP B 303 -135.95 -64.43 46.79
N LEU B 304 -136.22 -64.31 45.50
CA LEU B 304 -135.89 -63.11 44.75
C LEU B 304 -137.05 -62.14 44.61
N ASP B 305 -138.28 -62.65 44.52
CA ASP B 305 -139.42 -61.78 44.22
C ASP B 305 -139.79 -60.92 45.43
N ASP B 306 -139.83 -61.53 46.62
CA ASP B 306 -140.26 -60.81 47.81
C ASP B 306 -139.25 -59.75 48.22
N LEU B 307 -137.96 -60.06 48.11
CA LEU B 307 -136.94 -59.07 48.41
C LEU B 307 -136.91 -57.95 47.37
N TYR B 308 -137.33 -58.25 46.14
CA TYR B 308 -137.45 -57.19 45.14
C TYR B 308 -138.66 -56.31 45.41
N VAL B 309 -139.71 -56.89 46.01
CA VAL B 309 -140.84 -56.09 46.47
C VAL B 309 -140.43 -55.19 47.63
N HIS B 310 -139.65 -55.74 48.58
CA HIS B 310 -139.18 -54.95 49.71
C HIS B 310 -138.15 -53.89 49.33
N LEU B 311 -137.56 -53.99 48.14
CA LEU B 311 -136.57 -53.01 47.71
C LEU B 311 -136.99 -52.33 46.42
N ILE B 318 -139.21 -46.58 43.41
CA ILE B 318 -137.82 -46.70 43.00
C ILE B 318 -137.72 -47.17 41.55
N MET B 319 -138.71 -47.92 41.10
CA MET B 319 -138.70 -48.44 39.74
C MET B 319 -139.02 -47.35 38.73
N ASP B 320 -140.08 -46.58 38.98
CA ASP B 320 -140.43 -45.48 38.10
C ASP B 320 -139.40 -44.36 38.16
N GLU B 321 -138.75 -44.18 39.32
CA GLU B 321 -137.65 -43.23 39.42
C GLU B 321 -136.45 -43.69 38.60
N HIS B 322 -136.18 -45.00 38.58
CA HIS B 322 -135.10 -45.52 37.76
C HIS B 322 -135.42 -45.40 36.28
N LYS B 323 -136.68 -45.60 35.90
CA LYS B 323 -137.08 -45.43 34.51
C LYS B 323 -136.99 -43.97 34.09
N ARG B 324 -137.36 -43.04 34.99
CA ARG B 324 -137.23 -41.62 34.69
C ARG B 324 -135.77 -41.19 34.61
N GLU B 325 -134.91 -41.79 35.44
CA GLU B 325 -133.48 -41.48 35.36
C GLU B 325 -132.87 -42.02 34.07
N ILE B 326 -133.31 -43.20 33.63
CA ILE B 326 -132.84 -43.73 32.36
C ILE B 326 -133.36 -42.93 31.18
N ALA B 327 -134.57 -42.38 31.28
CA ALA B 327 -135.09 -41.54 30.21
C ALA B 327 -134.40 -40.17 30.19
N GLU B 328 -134.06 -39.64 31.36
CA GLU B 328 -133.35 -38.36 31.42
C GLU B 328 -131.89 -38.50 31.04
N ALA B 329 -131.31 -39.69 31.19
CA ALA B 329 -129.93 -39.91 30.77
C ALA B 329 -129.81 -39.95 29.26
N LYS B 330 -130.78 -40.54 28.58
CA LYS B 330 -130.77 -40.61 27.12
C LYS B 330 -131.29 -39.31 26.51
N ASN B 366 -130.18 -48.13 45.23
CA ASN B 366 -128.87 -48.04 45.87
C ASN B 366 -128.46 -49.38 46.46
N GLN B 367 -129.43 -50.08 47.05
CA GLN B 367 -129.13 -51.34 47.73
C GLN B 367 -129.15 -52.53 46.78
N LYS B 368 -129.87 -52.41 45.66
CA LYS B 368 -129.83 -53.44 44.62
C LYS B 368 -128.43 -53.53 44.02
N LEU B 369 -127.76 -52.39 43.90
CA LEU B 369 -126.39 -52.36 43.39
C LEU B 369 -125.44 -53.04 44.35
N GLY B 370 -125.64 -52.84 45.66
CA GLY B 370 -124.85 -53.55 46.65
C GLY B 370 -125.13 -55.03 46.67
N LEU B 371 -126.36 -55.44 46.37
CA LEU B 371 -126.66 -56.87 46.23
C LEU B 371 -125.96 -57.46 45.01
N LEU B 372 -125.87 -56.69 43.93
CA LEU B 372 -125.12 -57.15 42.76
C LEU B 372 -123.62 -57.17 43.04
N GLU B 373 -123.14 -56.31 43.94
CA GLU B 373 -121.75 -56.38 44.35
C GLU B 373 -121.47 -57.63 45.18
N ALA B 374 -122.28 -57.87 46.21
CA ALA B 374 -122.00 -58.96 47.14
C ALA B 374 -122.36 -60.32 46.59
N LEU B 375 -123.36 -60.38 45.69
CA LEU B 375 -123.77 -61.66 45.12
C LEU B 375 -122.72 -62.21 44.16
N LEU B 376 -122.03 -61.33 43.44
CA LEU B 376 -120.98 -61.74 42.53
C LEU B 376 -119.63 -61.90 43.22
N LYS B 377 -119.55 -61.60 44.52
CA LYS B 377 -118.32 -61.73 45.27
C LYS B 377 -118.04 -63.20 45.57
N TRP B 381 -125.59 -66.47 40.94
CA TRP B 381 -125.17 -66.01 39.62
C TRP B 381 -126.36 -65.86 38.68
N GLN B 382 -127.24 -66.87 38.68
CA GLN B 382 -128.51 -66.75 37.98
C GLN B 382 -129.41 -65.73 38.64
N HIS B 383 -129.25 -65.55 39.96
CA HIS B 383 -130.01 -64.55 40.70
C HIS B 383 -129.63 -63.15 40.24
N ALA B 384 -128.34 -62.92 39.96
CA ALA B 384 -127.90 -61.64 39.43
C ALA B 384 -128.44 -61.40 38.03
N GLN B 385 -128.56 -62.46 37.23
CA GLN B 385 -129.18 -62.33 35.91
C GLN B 385 -130.66 -62.02 36.00
N ASN B 386 -131.33 -62.53 37.05
CA ASN B 386 -132.71 -62.15 37.29
C ASN B 386 -132.82 -60.71 37.77
N ILE B 387 -131.81 -60.22 38.49
CA ILE B 387 -131.78 -58.81 38.87
C ILE B 387 -131.57 -57.93 37.63
N MET B 388 -130.80 -58.41 36.66
CA MET B 388 -130.51 -57.63 35.45
C MET B 388 -131.77 -57.38 34.62
N ASP B 389 -132.75 -58.27 34.68
CA ASP B 389 -134.01 -58.04 33.99
C ASP B 389 -135.06 -57.59 35.00
N PRO B 392 -133.14 -50.72 33.77
CA PRO B 392 -132.39 -50.51 32.52
C PRO B 392 -131.41 -51.65 32.25
N PRO B 393 -131.11 -51.91 30.97
CA PRO B 393 -130.21 -53.03 30.67
C PRO B 393 -128.75 -52.77 31.02
N TYR B 394 -128.31 -51.51 30.95
CA TYR B 394 -126.91 -51.18 31.18
C TYR B 394 -126.72 -50.25 32.38
N TYR B 395 -127.68 -50.21 33.30
CA TYR B 395 -127.52 -49.36 34.47
C TYR B 395 -126.50 -49.94 35.44
N ALA B 396 -126.47 -51.26 35.56
CA ALA B 396 -125.49 -51.89 36.46
C ALA B 396 -124.08 -51.81 35.89
N ALA B 397 -123.94 -51.98 34.58
CA ALA B 397 -122.62 -51.86 33.97
C ALA B 397 -122.14 -50.42 33.91
N SER B 398 -123.04 -49.44 34.09
CA SER B 398 -122.64 -48.05 34.16
C SER B 398 -121.90 -47.72 35.45
N HIS B 399 -122.01 -48.57 36.48
CA HIS B 399 -121.25 -48.37 37.69
C HIS B 399 -119.92 -49.13 37.62
N LYS B 400 -118.91 -48.57 38.26
CA LYS B 400 -117.57 -49.16 38.19
C LYS B 400 -117.46 -50.43 39.00
N LEU B 401 -118.02 -50.43 40.22
CA LEU B 401 -117.80 -51.53 41.16
C LEU B 401 -118.50 -52.80 40.72
N ILE B 402 -119.61 -52.67 40.00
CA ILE B 402 -120.28 -53.85 39.44
C ILE B 402 -119.42 -54.45 38.32
N ALA B 403 -118.78 -53.59 37.51
CA ALA B 403 -117.86 -54.08 36.49
C ALA B 403 -116.64 -54.74 37.11
N LEU B 404 -116.17 -54.23 38.26
CA LEU B 404 -115.06 -54.89 38.96
C LEU B 404 -115.50 -56.23 39.55
N ALA B 405 -116.74 -56.33 40.00
CA ALA B 405 -117.24 -57.62 40.50
C ALA B 405 -117.33 -58.64 39.38
N ILE B 406 -117.86 -58.23 38.22
CA ILE B 406 -117.99 -59.13 37.08
C ILE B 406 -116.60 -59.50 36.55
N CYS B 407 -115.65 -58.57 36.58
CA CYS B 407 -114.34 -58.89 36.06
C CYS B 407 -113.55 -59.78 37.00
N LYS B 408 -113.73 -59.63 38.32
CA LYS B 408 -113.14 -60.58 39.24
C LYS B 408 -113.75 -61.97 39.07
N LEU B 409 -115.05 -62.05 38.80
CA LEU B 409 -115.69 -63.33 38.54
C LEU B 409 -115.14 -63.99 37.28
N ILE B 410 -115.01 -63.21 36.20
CA ILE B 410 -114.50 -63.75 34.93
C ILE B 410 -113.01 -64.09 35.05
N HIS B 411 -112.29 -63.35 35.90
CA HIS B 411 -110.89 -63.67 36.19
C HIS B 411 -110.76 -64.99 36.93
N ILE B 412 -111.69 -65.27 37.85
CA ILE B 412 -111.61 -66.53 38.60
C ILE B 412 -112.02 -67.71 37.71
N THR B 413 -113.05 -67.53 36.88
CA THR B 413 -113.63 -68.68 36.17
C THR B 413 -112.74 -69.16 35.03
N ILE B 414 -111.91 -68.29 34.45
CA ILE B 414 -111.16 -68.66 33.25
C ILE B 414 -109.67 -68.66 33.60
N GLU B 415 -109.34 -69.09 34.81
CA GLU B 415 -107.93 -69.30 35.15
C GLU B 415 -107.21 -70.36 34.30
N PRO B 416 -107.68 -71.62 34.17
CA PRO B 416 -106.80 -72.62 33.53
C PRO B 416 -106.68 -72.47 32.02
N LEU B 417 -107.68 -71.88 31.35
CA LEU B 417 -107.57 -71.69 29.92
C LEU B 417 -106.56 -70.60 29.58
N TYR B 418 -106.49 -69.55 30.40
CA TYR B 418 -105.44 -68.55 30.23
C TYR B 418 -104.09 -69.09 30.70
N ARG B 419 -104.09 -70.02 31.65
CA ARG B 419 -102.83 -70.66 32.03
C ARG B 419 -102.36 -71.63 30.95
N ARG B 420 -103.25 -72.09 30.07
CA ARG B 420 -102.79 -72.83 28.89
C ARG B 420 -102.13 -71.89 27.87
N VAL B 421 -102.76 -70.74 27.62
CA VAL B 421 -102.25 -69.79 26.63
C VAL B 421 -101.90 -68.46 27.28
N PHE B 447 -115.48 -77.52 26.57
CA PHE B 447 -115.64 -76.29 27.33
C PHE B 447 -116.88 -75.53 26.89
N GLU B 448 -117.78 -76.22 26.18
CA GLU B 448 -118.87 -75.56 25.48
C GLU B 448 -119.89 -74.95 26.44
N ASP B 449 -120.17 -75.62 27.55
CA ASP B 449 -121.01 -75.02 28.60
C ASP B 449 -120.30 -73.82 29.23
N LEU B 450 -118.99 -73.95 29.48
CA LEU B 450 -118.20 -72.85 30.02
C LEU B 450 -118.13 -71.69 29.03
N ARG B 451 -117.98 -72.01 27.74
CA ARG B 451 -117.93 -70.97 26.72
C ARG B 451 -119.26 -70.25 26.58
N ARG B 452 -120.38 -70.99 26.65
CA ARG B 452 -121.69 -70.37 26.60
C ARG B 452 -121.97 -69.52 27.84
N ASP B 453 -121.48 -69.95 29.02
CA ASP B 453 -121.66 -69.14 30.22
C ASP B 453 -120.84 -67.85 30.17
N VAL B 454 -119.61 -67.93 29.68
CA VAL B 454 -118.78 -66.73 29.53
C VAL B 454 -119.35 -65.81 28.45
N PHE B 455 -119.92 -66.38 27.38
CA PHE B 455 -120.56 -65.57 26.36
C PHE B 455 -121.81 -64.88 26.90
N ASN B 456 -122.56 -65.56 27.78
CA ASN B 456 -123.70 -64.91 28.43
C ASN B 456 -123.24 -63.82 29.39
N MET B 457 -122.11 -64.01 30.07
CA MET B 457 -121.60 -62.97 30.96
C MET B 457 -121.14 -61.74 30.18
N PHE B 458 -120.45 -61.94 29.05
CA PHE B 458 -120.05 -60.79 28.24
C PHE B 458 -121.21 -60.19 27.46
N CYS B 459 -122.29 -60.94 27.22
CA CYS B 459 -123.49 -60.34 26.66
C CYS B 459 -124.21 -59.50 27.70
N TYR B 460 -124.17 -59.92 28.96
CA TYR B 460 -124.79 -59.15 30.04
C TYR B 460 -123.90 -58.03 30.55
N LEU B 461 -122.62 -58.01 30.16
CA LEU B 461 -121.77 -56.89 30.54
C LEU B 461 -122.00 -55.69 29.62
N GLY B 462 -121.70 -55.87 28.34
CA GLY B 462 -121.85 -54.81 27.38
C GLY B 462 -120.54 -54.11 27.07
N PRO B 463 -120.61 -52.82 26.74
CA PRO B 463 -119.42 -52.09 26.30
C PRO B 463 -118.55 -51.55 27.43
N HIS B 464 -118.83 -51.89 28.69
CA HIS B 464 -118.11 -51.28 29.81
C HIS B 464 -116.91 -52.11 30.25
N LEU B 465 -116.06 -52.48 29.29
CA LEU B 465 -114.75 -53.03 29.58
C LEU B 465 -113.66 -51.97 29.52
N SER B 466 -114.03 -50.70 29.64
CA SER B 466 -113.09 -49.60 29.55
C SER B 466 -112.15 -49.55 30.74
N HIS B 467 -112.53 -50.14 31.87
CA HIS B 467 -111.72 -50.13 33.08
C HIS B 467 -110.78 -51.31 33.18
N ASP B 468 -110.96 -52.33 32.35
CA ASP B 468 -110.23 -53.59 32.48
C ASP B 468 -109.75 -54.07 31.11
N PRO B 469 -108.57 -53.63 30.67
CA PRO B 469 -107.99 -54.18 29.44
C PRO B 469 -107.44 -55.58 29.61
N ILE B 470 -107.31 -56.07 30.84
CA ILE B 470 -106.63 -57.33 31.08
C ILE B 470 -107.47 -58.51 30.58
N LEU B 471 -108.74 -58.56 30.95
CA LEU B 471 -109.61 -59.61 30.45
C LEU B 471 -109.92 -59.43 28.98
N PHE B 472 -109.86 -58.20 28.48
CA PHE B 472 -109.95 -57.95 27.05
C PHE B 472 -108.82 -58.64 26.30
N ALA B 473 -107.59 -58.45 26.78
CA ALA B 473 -106.44 -59.15 26.21
C ALA B 473 -106.52 -60.65 26.40
N LYS B 474 -107.11 -61.11 27.51
CA LYS B 474 -107.25 -62.55 27.74
C LYS B 474 -108.24 -63.18 26.78
N VAL B 475 -109.37 -62.51 26.52
CA VAL B 475 -110.33 -62.98 25.52
C VAL B 475 -109.69 -62.98 24.13
N VAL B 476 -108.85 -61.98 23.84
CA VAL B 476 -108.10 -61.94 22.59
C VAL B 476 -107.17 -63.15 22.46
N ARG B 477 -106.43 -63.46 23.53
CA ARG B 477 -105.47 -64.56 23.46
C ARG B 477 -106.16 -65.92 23.38
N ILE B 478 -107.31 -66.05 24.05
CA ILE B 478 -108.09 -67.29 23.96
C ILE B 478 -108.64 -67.48 22.55
N GLY B 479 -109.17 -66.41 21.94
CA GLY B 479 -109.62 -66.49 20.57
C GLY B 479 -108.51 -66.76 19.58
N LYS B 480 -107.32 -66.21 19.83
CA LYS B 480 -106.17 -66.45 18.95
C LYS B 480 -105.72 -67.90 19.05
N SER B 481 -105.68 -68.47 20.26
CA SER B 481 -105.30 -69.87 20.42
C SER B 481 -106.36 -70.79 19.80
N PHE B 482 -107.62 -70.42 19.89
CA PHE B 482 -108.68 -71.22 19.28
C PHE B 482 -108.62 -71.17 17.76
N MET B 483 -108.28 -70.01 17.19
CA MET B 483 -108.17 -69.93 15.74
C MET B 483 -106.88 -70.54 15.23
N LYS B 484 -105.81 -70.57 16.03
CA LYS B 484 -104.62 -71.33 15.65
C LYS B 484 -104.88 -72.82 15.73
N GLU B 485 -105.74 -73.26 16.66
CA GLU B 485 -106.18 -74.65 16.63
C GLU B 485 -107.21 -74.89 15.53
N PHE B 486 -107.86 -73.84 15.05
CA PHE B 486 -108.83 -73.97 13.95
C PHE B 486 -108.10 -74.06 12.61
N THR B 499 -118.36 -76.88 14.10
CA THR B 499 -117.96 -75.90 15.11
C THR B 499 -118.28 -74.49 14.66
N GLU B 500 -119.32 -74.36 13.83
CA GLU B 500 -119.74 -73.05 13.34
C GLU B 500 -120.53 -72.27 14.38
N VAL B 501 -121.10 -72.95 15.37
CA VAL B 501 -121.89 -72.27 16.39
C VAL B 501 -120.98 -71.48 17.32
N ILE B 502 -119.82 -72.06 17.68
CA ILE B 502 -118.83 -71.36 18.49
C ILE B 502 -118.29 -70.15 17.74
N LEU B 503 -118.10 -70.29 16.43
CA LEU B 503 -117.63 -69.17 15.62
C LEU B 503 -118.68 -68.07 15.48
N SER B 504 -119.96 -68.43 15.39
CA SER B 504 -121.01 -67.43 15.32
C SER B 504 -121.17 -66.70 16.65
N CYS B 505 -121.05 -67.42 17.76
CA CYS B 505 -121.05 -66.76 19.06
C CYS B 505 -119.79 -65.93 19.26
N LEU B 506 -118.69 -66.30 18.60
CA LEU B 506 -117.50 -65.47 18.62
C LEU B 506 -117.70 -64.20 17.80
N LEU B 507 -118.44 -64.28 16.70
CA LEU B 507 -118.84 -63.09 15.96
C LEU B 507 -119.72 -62.18 16.82
N SER B 508 -120.61 -62.77 17.60
CA SER B 508 -121.46 -61.99 18.49
C SER B 508 -120.66 -61.33 19.61
N ILE B 509 -119.68 -62.04 20.17
CA ILE B 509 -118.88 -61.41 21.22
C ILE B 509 -117.91 -60.38 20.65
N THR B 510 -117.50 -60.52 19.36
CA THR B 510 -116.74 -59.42 18.77
C THR B 510 -117.63 -58.22 18.50
N ASP B 511 -118.88 -58.46 18.12
CA ASP B 511 -119.88 -57.40 18.06
C ASP B 511 -120.05 -56.71 19.41
N GLN B 512 -119.98 -57.48 20.50
CA GLN B 512 -120.11 -56.92 21.83
C GLN B 512 -118.81 -56.36 22.41
N VAL B 513 -117.66 -56.66 21.80
CA VAL B 513 -116.38 -56.26 22.39
C VAL B 513 -115.63 -55.22 21.56
N LEU B 514 -116.08 -54.92 20.34
CA LEU B 514 -115.50 -53.78 19.64
C LEU B 514 -115.87 -52.46 20.29
N LEU B 515 -117.02 -52.39 20.94
CA LEU B 515 -117.50 -51.17 21.58
C LEU B 515 -116.71 -50.71 22.80
N PRO B 516 -116.08 -51.58 23.62
CA PRO B 516 -115.08 -51.06 24.56
C PRO B 516 -113.89 -50.39 23.91
N SER B 517 -113.42 -50.90 22.76
CA SER B 517 -112.36 -50.21 22.03
C SER B 517 -112.86 -48.89 21.46
N LEU B 518 -114.15 -48.80 21.14
CA LEU B 518 -114.77 -47.53 20.78
C LEU B 518 -114.82 -46.59 21.98
N SER B 519 -115.05 -47.12 23.18
CA SER B 519 -115.21 -46.28 24.36
C SER B 519 -113.87 -45.84 24.94
N LEU B 520 -112.83 -46.64 24.75
CA LEU B 520 -111.49 -46.30 25.24
C LEU B 520 -110.93 -45.14 24.44
N MET B 521 -110.90 -43.99 25.03
CA MET B 521 -110.19 -42.87 24.45
C MET B 521 -108.79 -42.74 25.03
N ASP B 522 -108.10 -43.87 25.11
CA ASP B 522 -106.75 -44.13 25.61
C ASP B 522 -106.38 -45.56 25.28
N CYS B 523 -105.11 -45.78 24.92
CA CYS B 523 -104.49 -47.10 24.79
C CYS B 523 -105.19 -47.95 23.72
N ASN B 524 -105.27 -47.38 22.52
CA ASN B 524 -105.78 -48.12 21.38
C ASN B 524 -104.80 -48.16 20.23
N ALA B 525 -103.63 -47.52 20.38
CA ALA B 525 -102.56 -47.69 19.40
C ALA B 525 -102.01 -49.11 19.42
N CYS B 526 -102.06 -49.76 20.57
CA CYS B 526 -101.52 -51.09 20.72
C CYS B 526 -102.59 -52.18 20.74
N MET B 527 -103.75 -51.92 21.35
CA MET B 527 -104.77 -52.97 21.51
C MET B 527 -105.47 -53.30 20.19
N SER B 528 -105.40 -52.37 19.22
CA SER B 528 -105.87 -52.67 17.87
C SER B 528 -105.06 -53.80 17.24
N GLU B 529 -103.79 -53.95 17.62
CA GLU B 529 -103.01 -55.05 17.10
C GLU B 529 -103.43 -56.37 17.72
N GLU B 530 -103.89 -56.36 18.97
CA GLU B 530 -104.51 -57.56 19.53
C GLU B 530 -105.84 -57.87 18.83
N LEU B 531 -106.59 -56.84 18.46
CA LEU B 531 -107.80 -57.10 17.68
C LEU B 531 -107.47 -57.64 16.28
N TRP B 532 -106.34 -57.24 15.71
CA TRP B 532 -105.93 -57.79 14.43
C TRP B 532 -105.42 -59.22 14.57
N GLY B 533 -104.75 -59.52 15.68
CA GLY B 533 -104.37 -60.89 15.98
C GLY B 533 -105.57 -61.78 16.21
N MET B 534 -106.66 -61.22 16.71
CA MET B 534 -107.95 -61.90 16.66
C MET B 534 -108.41 -62.09 15.22
N PHE B 535 -108.34 -61.02 14.41
CA PHE B 535 -108.99 -61.04 13.11
C PHE B 535 -108.22 -61.86 12.07
N LYS B 536 -106.91 -62.02 12.23
CA LYS B 536 -106.15 -62.83 11.28
C LYS B 536 -106.24 -64.31 11.64
N TYR B 540 -113.32 -64.04 6.46
CA TYR B 540 -112.74 -62.86 5.83
C TYR B 540 -113.77 -61.78 5.57
N GLN B 541 -114.86 -62.13 4.88
CA GLN B 541 -115.94 -61.19 4.67
C GLN B 541 -116.71 -60.91 5.95
N HIS B 542 -116.61 -61.80 6.94
CA HIS B 542 -117.22 -61.56 8.24
C HIS B 542 -116.53 -60.43 8.98
N ARG B 543 -115.23 -60.20 8.70
CA ARG B 543 -114.55 -59.01 9.20
C ARG B 543 -115.17 -57.74 8.63
N TYR B 544 -115.55 -57.79 7.34
CA TYR B 544 -116.23 -56.65 6.73
C TYR B 544 -117.64 -56.49 7.26
N ARG B 545 -118.29 -57.59 7.67
CA ARG B 545 -119.61 -57.46 8.28
C ARG B 545 -119.50 -56.88 9.69
N LEU B 546 -118.44 -57.24 10.43
CA LEU B 546 -118.18 -56.61 11.71
C LEU B 546 -117.84 -55.13 11.55
N TYR B 547 -117.21 -54.76 10.43
CA TYR B 547 -116.96 -53.34 10.17
C TYR B 547 -118.24 -52.64 9.73
N GLY B 548 -119.14 -53.34 9.05
CA GLY B 548 -120.44 -52.79 8.72
C GLY B 548 -121.37 -52.68 9.90
N GLN B 549 -121.07 -53.38 10.99
CA GLN B 549 -121.76 -53.15 12.25
C GLN B 549 -121.54 -51.74 12.80
N TRP B 550 -120.45 -51.07 12.41
CA TRP B 550 -120.15 -49.71 12.84
C TRP B 550 -120.98 -48.65 12.13
N LYS B 551 -121.92 -49.03 11.25
CA LYS B 551 -122.74 -48.04 10.57
C LYS B 551 -123.70 -47.35 11.54
N ASN B 552 -124.61 -48.12 12.12
CA ASN B 552 -125.56 -47.59 13.08
C ASN B 552 -125.79 -48.50 14.27
N GLU B 553 -125.17 -49.68 14.30
CA GLU B 553 -125.44 -50.64 15.38
C GLU B 553 -124.55 -50.39 16.58
N THR B 554 -123.25 -50.15 16.35
CA THR B 554 -122.35 -49.86 17.46
C THR B 554 -122.58 -48.47 18.02
N TYR B 555 -123.25 -47.59 17.29
CA TYR B 555 -123.56 -46.26 17.74
C TYR B 555 -125.04 -46.13 18.07
N ASN B 556 -125.39 -45.01 18.70
CA ASN B 556 -126.76 -44.58 19.00
C ASN B 556 -127.51 -45.57 19.90
N SER B 557 -126.80 -46.37 20.67
CA SER B 557 -127.39 -47.23 21.68
C SER B 557 -126.87 -46.91 23.07
N HIS B 558 -125.98 -45.92 23.20
CA HIS B 558 -125.41 -45.50 24.47
C HIS B 558 -125.21 -43.99 24.39
N PRO B 559 -125.42 -43.28 25.49
CA PRO B 559 -125.17 -41.82 25.47
C PRO B 559 -123.69 -41.49 25.37
N LEU B 560 -122.83 -42.27 26.01
CA LEU B 560 -121.40 -42.00 26.04
C LEU B 560 -120.76 -42.16 24.67
N LEU B 561 -121.26 -43.11 23.87
CA LEU B 561 -120.73 -43.28 22.52
C LEU B 561 -121.13 -42.12 21.62
N VAL B 562 -122.32 -41.55 21.83
CA VAL B 562 -122.72 -40.37 21.08
C VAL B 562 -121.88 -39.15 21.50
N LYS B 563 -121.53 -39.08 22.79
CA LYS B 563 -120.62 -38.03 23.25
C LYS B 563 -119.25 -38.16 22.64
N VAL B 564 -118.73 -39.39 22.58
CA VAL B 564 -117.43 -39.66 21.95
C VAL B 564 -117.48 -39.35 20.45
N LYS B 565 -118.62 -39.66 19.80
CA LYS B 565 -118.80 -39.37 18.39
C LYS B 565 -118.79 -37.86 18.13
N ALA B 566 -119.47 -37.09 18.98
CA ALA B 566 -119.47 -35.64 18.82
C ALA B 566 -118.09 -35.04 19.08
N GLN B 567 -117.38 -35.56 20.09
CA GLN B 567 -116.04 -35.07 20.38
C GLN B 567 -115.05 -35.39 19.27
N THR B 568 -115.17 -36.58 18.66
CA THR B 568 -114.23 -36.91 17.61
C THR B 568 -114.59 -36.22 16.29
N ILE B 569 -115.86 -35.89 16.06
CA ILE B 569 -116.21 -35.05 14.92
C ILE B 569 -115.66 -33.64 15.11
N ASP B 570 -115.73 -33.12 16.34
CA ASP B 570 -115.18 -31.81 16.66
C ASP B 570 -113.67 -31.77 16.43
N ARG B 571 -112.95 -32.74 17.00
CA ARG B 571 -111.50 -32.76 16.86
C ARG B 571 -111.07 -33.11 15.43
N ALA B 572 -111.89 -33.88 14.71
CA ALA B 572 -111.60 -34.19 13.32
C ALA B 572 -111.73 -32.96 12.45
N LYS B 573 -112.81 -32.18 12.65
CA LYS B 573 -112.97 -30.92 11.92
C LYS B 573 -111.88 -29.93 12.27
N TYR B 574 -111.45 -29.94 13.54
CA TYR B 574 -110.35 -29.08 13.97
C TYR B 574 -109.05 -29.42 13.27
N ILE B 575 -108.68 -30.70 13.23
CA ILE B 575 -107.42 -31.06 12.59
C ILE B 575 -107.51 -31.06 11.07
N MET B 576 -108.71 -31.16 10.49
CA MET B 576 -108.84 -30.96 9.06
C MET B 576 -108.75 -29.49 8.69
N LYS B 577 -109.04 -28.60 9.64
CA LYS B 577 -108.78 -27.19 9.41
C LYS B 577 -107.33 -26.79 9.71
N ARG B 578 -106.44 -27.75 9.92
CA ARG B 578 -105.04 -27.46 10.22
C ARG B 578 -104.06 -28.06 9.21
N LEU B 579 -104.51 -28.95 8.33
CA LEU B 579 -103.59 -29.68 7.47
C LEU B 579 -103.06 -28.78 6.36
N THR B 580 -101.74 -28.67 6.29
CA THR B 580 -101.05 -28.03 5.18
C THR B 580 -99.97 -28.99 4.68
N LYS B 581 -99.30 -28.58 3.60
CA LYS B 581 -98.13 -29.33 3.16
C LYS B 581 -96.89 -28.96 3.96
N GLU B 582 -96.93 -27.83 4.68
CA GLU B 582 -95.91 -27.53 5.67
C GLU B 582 -96.13 -28.36 6.94
N ASN B 583 -97.34 -28.87 7.15
CA ASN B 583 -97.70 -29.67 8.32
C ASN B 583 -97.14 -31.09 8.13
N VAL B 584 -95.81 -31.18 8.20
CA VAL B 584 -95.11 -32.43 7.87
C VAL B 584 -95.02 -33.21 9.17
N LYS B 585 -96.09 -33.96 9.45
CA LYS B 585 -96.24 -34.84 10.61
C LYS B 585 -95.89 -34.32 12.02
N PRO B 586 -96.45 -33.17 12.46
CA PRO B 586 -96.98 -33.15 13.83
C PRO B 586 -98.44 -33.55 13.82
N SER B 587 -99.10 -33.27 12.69
CA SER B 587 -100.53 -33.52 12.56
C SER B 587 -100.84 -34.97 12.29
N GLY B 588 -99.88 -35.71 11.71
CA GLY B 588 -100.03 -37.14 11.60
C GLY B 588 -100.14 -37.83 12.94
N ARG B 589 -99.44 -37.31 13.95
CA ARG B 589 -99.56 -37.81 15.31
C ARG B 589 -100.96 -37.58 15.85
N GLN B 590 -101.54 -36.40 15.57
CA GLN B 590 -102.86 -36.07 16.09
C GLN B 590 -103.95 -36.88 15.42
N ILE B 591 -103.87 -37.04 14.10
CA ILE B 591 -104.86 -37.84 13.40
C ILE B 591 -104.69 -39.31 13.73
N GLY B 592 -103.47 -39.75 14.07
CA GLY B 592 -103.30 -41.11 14.54
C GLY B 592 -103.90 -41.33 15.91
N LYS B 593 -103.71 -40.37 16.82
CA LYS B 593 -104.29 -40.44 18.16
C LYS B 593 -105.81 -40.45 18.11
N LEU B 594 -106.40 -39.72 17.15
CA LEU B 594 -107.85 -39.81 16.99
C LEU B 594 -108.26 -41.12 16.31
N SER B 595 -107.42 -41.65 15.44
CA SER B 595 -107.80 -42.83 14.67
C SER B 595 -107.56 -44.14 15.41
N HIS B 596 -106.83 -44.13 16.53
CA HIS B 596 -106.68 -45.36 17.30
C HIS B 596 -108.01 -45.80 17.89
N SER B 597 -108.79 -44.83 18.40
CA SER B 597 -110.01 -45.13 19.15
C SER B 597 -111.25 -45.11 18.28
N ASN B 598 -111.36 -44.16 17.37
CA ASN B 598 -112.57 -43.96 16.57
C ASN B 598 -112.19 -43.98 15.09
N PRO B 599 -111.95 -45.16 14.52
CA PRO B 599 -111.46 -45.19 13.14
C PRO B 599 -112.53 -44.89 12.09
N THR B 600 -113.75 -45.38 12.31
CA THR B 600 -114.77 -45.34 11.27
C THR B 600 -115.31 -43.94 11.04
N ILE B 601 -115.57 -43.20 12.12
CA ILE B 601 -116.08 -41.84 12.02
C ILE B 601 -115.06 -40.93 11.35
N LEU B 602 -113.80 -41.05 11.76
CA LEU B 602 -112.74 -40.21 11.19
C LEU B 602 -112.47 -40.55 9.74
N PHE B 603 -112.53 -41.84 9.37
CA PHE B 603 -112.32 -42.21 7.98
C PHE B 603 -113.48 -41.76 7.11
N ASP B 604 -114.70 -41.85 7.60
CA ASP B 604 -115.86 -41.34 6.86
C ASP B 604 -115.78 -39.83 6.71
N TYR B 605 -115.29 -39.14 7.73
CA TYR B 605 -115.18 -37.68 7.66
C TYR B 605 -114.10 -37.25 6.67
N ILE B 606 -112.94 -37.92 6.67
CA ILE B 606 -111.89 -37.51 5.74
C ILE B 606 -112.23 -37.92 4.32
N LEU B 607 -113.00 -39.00 4.14
CA LEU B 607 -113.44 -39.32 2.78
C LEU B 607 -114.51 -38.35 2.30
N SER B 608 -115.35 -37.83 3.21
CA SER B 608 -116.27 -36.76 2.83
C SER B 608 -115.50 -35.50 2.46
N GLN B 609 -114.40 -35.22 3.16
CA GLN B 609 -113.57 -34.06 2.83
C GLN B 609 -112.87 -34.22 1.49
N ILE B 610 -112.36 -35.42 1.19
CA ILE B 610 -111.70 -35.65 -0.10
C ILE B 610 -112.72 -35.61 -1.23
N GLN B 611 -113.93 -36.14 -1.00
CA GLN B 611 -114.96 -36.11 -2.01
C GLN B 611 -115.46 -34.70 -2.27
N LYS B 612 -115.53 -33.87 -1.24
CA LYS B 612 -116.14 -32.55 -1.39
C LYS B 612 -115.14 -31.42 -1.58
N TYR B 613 -113.86 -31.62 -1.28
CA TYR B 613 -112.93 -30.49 -1.25
C TYR B 613 -111.68 -30.76 -2.06
N ASP B 614 -111.82 -31.42 -3.22
CA ASP B 614 -111.06 -31.16 -4.44
C ASP B 614 -109.55 -31.36 -4.28
N ASN B 615 -109.17 -32.63 -4.11
CA ASN B 615 -107.76 -33.09 -4.15
C ASN B 615 -106.94 -32.47 -3.01
N LEU B 616 -107.30 -32.88 -1.79
CA LEU B 616 -106.52 -32.61 -0.60
C LEU B 616 -105.66 -33.82 -0.22
N ILE B 617 -105.23 -34.58 -1.23
CA ILE B 617 -104.92 -36.00 -1.04
C ILE B 617 -103.57 -36.22 -0.36
N THR B 618 -102.53 -35.57 -0.85
CA THR B 618 -101.19 -35.81 -0.32
C THR B 618 -100.95 -35.38 1.14
N PRO B 619 -101.52 -34.29 1.68
CA PRO B 619 -101.45 -34.12 3.14
C PRO B 619 -102.22 -35.18 3.90
N VAL B 620 -103.30 -35.73 3.33
CA VAL B 620 -104.04 -36.79 3.99
C VAL B 620 -103.20 -38.06 4.10
N VAL B 621 -102.50 -38.43 3.02
CA VAL B 621 -101.70 -39.64 3.12
C VAL B 621 -100.44 -39.41 3.96
N ASP B 622 -99.89 -38.20 3.96
CA ASP B 622 -98.78 -37.90 4.86
C ASP B 622 -99.23 -37.85 6.32
N SER B 623 -100.51 -37.59 6.57
CA SER B 623 -101.04 -37.66 7.93
C SER B 623 -101.32 -39.11 8.34
N LEU B 624 -101.84 -39.91 7.42
CA LEU B 624 -102.14 -41.32 7.68
C LEU B 624 -100.93 -42.24 7.55
N LYS B 625 -99.73 -41.67 7.37
CA LYS B 625 -98.49 -42.43 7.51
C LYS B 625 -98.40 -43.19 8.83
N TYR B 626 -98.82 -42.57 9.94
CA TYR B 626 -98.72 -43.17 11.26
C TYR B 626 -99.95 -43.99 11.67
N LEU B 627 -100.67 -44.54 10.71
CA LEU B 627 -101.88 -45.30 11.01
C LEU B 627 -101.53 -46.75 11.31
N THR B 628 -102.29 -47.37 12.22
CA THR B 628 -101.96 -48.70 12.72
C THR B 628 -102.29 -49.78 11.68
N SER B 629 -101.99 -51.03 12.05
CA SER B 629 -102.16 -52.15 11.14
C SER B 629 -103.62 -52.52 10.97
N LEU B 630 -104.35 -52.60 12.08
CA LEU B 630 -105.76 -53.00 12.04
C LEU B 630 -106.64 -51.94 11.41
N ASN B 631 -106.25 -50.67 11.49
CA ASN B 631 -107.06 -49.61 10.90
C ASN B 631 -106.98 -49.58 9.38
N TYR B 632 -106.05 -50.33 8.78
CA TYR B 632 -105.94 -50.37 7.32
C TYR B 632 -107.14 -51.08 6.69
N ASP B 633 -107.57 -52.19 7.27
CA ASP B 633 -108.77 -52.87 6.77
C ASP B 633 -110.02 -52.06 7.05
N VAL B 634 -110.03 -51.30 8.15
CA VAL B 634 -111.14 -50.40 8.43
C VAL B 634 -111.20 -49.30 7.39
N LEU B 635 -110.03 -48.77 6.99
CA LEU B 635 -109.97 -47.77 5.93
C LEU B 635 -110.40 -48.35 4.60
N ALA B 636 -110.06 -49.62 4.34
CA ALA B 636 -110.49 -50.27 3.11
C ALA B 636 -112.00 -50.46 3.06
N TYR B 637 -112.61 -50.87 4.19
CA TYR B 637 -114.06 -51.00 4.22
C TYR B 637 -114.74 -49.64 4.15
N CYS B 638 -114.11 -48.59 4.69
CA CYS B 638 -114.70 -47.26 4.57
C CYS B 638 -114.60 -46.75 3.13
N ILE B 639 -113.53 -47.12 2.42
CA ILE B 639 -113.45 -46.88 0.98
C ILE B 639 -114.60 -47.57 0.25
N ILE B 640 -114.84 -48.85 0.58
CA ILE B 640 -115.89 -49.63 -0.06
C ILE B 640 -117.26 -49.03 0.22
N GLU B 641 -117.47 -48.56 1.45
CA GLU B 641 -118.74 -47.94 1.82
C GLU B 641 -118.90 -46.58 1.14
N ALA B 642 -117.80 -45.84 0.95
CA ALA B 642 -117.86 -44.57 0.24
C ALA B 642 -118.11 -44.77 -1.25
N LEU B 643 -117.73 -45.93 -1.79
CA LEU B 643 -118.05 -46.23 -3.18
C LEU B 643 -119.52 -46.56 -3.40
N ALA B 644 -120.26 -46.82 -2.33
CA ALA B 644 -121.68 -47.14 -2.44
C ALA B 644 -122.58 -45.91 -2.50
N ASN B 645 -122.01 -44.72 -2.65
CA ASN B 645 -122.79 -43.48 -2.72
C ASN B 645 -123.48 -43.39 -4.07
N PRO B 646 -124.82 -43.33 -4.13
CA PRO B 646 -125.52 -43.18 -5.40
C PRO B 646 -125.41 -41.76 -5.96
N SER B 659 -118.38 -36.04 -11.82
CA SER B 659 -117.61 -37.28 -11.87
C SER B 659 -116.16 -37.02 -11.44
N SER B 660 -115.83 -35.76 -11.19
CA SER B 660 -114.46 -35.42 -10.79
C SER B 660 -114.15 -35.86 -9.37
N TRP B 661 -115.18 -35.91 -8.51
CA TRP B 661 -114.99 -36.41 -7.16
C TRP B 661 -114.68 -37.90 -7.16
N LEU B 662 -115.27 -38.65 -8.10
CA LEU B 662 -114.98 -40.07 -8.22
C LEU B 662 -113.58 -40.29 -8.76
N GLN B 663 -113.12 -39.42 -9.67
CA GLN B 663 -111.74 -39.48 -10.14
C GLN B 663 -110.74 -39.18 -9.03
N SER B 664 -111.06 -38.19 -8.19
CA SER B 664 -110.20 -37.86 -7.06
C SER B 664 -110.17 -38.99 -6.03
N LEU B 665 -111.32 -39.62 -5.79
CA LEU B 665 -111.37 -40.75 -4.87
C LEU B 665 -110.61 -41.95 -5.42
N ALA B 666 -110.68 -42.16 -6.74
CA ALA B 666 -109.94 -43.26 -7.35
C ALA B 666 -108.44 -43.02 -7.30
N SER B 667 -108.01 -41.76 -7.47
CA SER B 667 -106.59 -41.44 -7.35
C SER B 667 -106.11 -41.59 -5.91
N PHE B 668 -106.96 -41.22 -4.94
CA PHE B 668 -106.65 -41.44 -3.54
C PHE B 668 -106.52 -42.92 -3.21
N CYS B 669 -107.42 -43.74 -3.76
CA CYS B 669 -107.35 -45.18 -3.56
C CYS B 669 -106.11 -45.76 -4.19
N GLY B 670 -105.73 -45.26 -5.36
CA GLY B 670 -104.50 -45.72 -6.00
C GLY B 670 -103.26 -45.38 -5.20
N ALA B 671 -103.23 -44.17 -4.62
CA ALA B 671 -102.07 -43.77 -3.82
C ALA B 671 -101.97 -44.57 -2.53
N VAL B 672 -103.10 -44.74 -1.81
CA VAL B 672 -103.07 -45.47 -0.55
C VAL B 672 -102.77 -46.95 -0.79
N PHE B 673 -103.32 -47.52 -1.87
CA PHE B 673 -103.09 -48.93 -2.16
C PHE B 673 -101.69 -49.19 -2.69
N ARG B 674 -101.09 -48.24 -3.44
CA ARG B 674 -99.71 -48.43 -3.82
C ARG B 674 -98.76 -48.16 -2.67
N LYS B 675 -99.22 -47.48 -1.62
CA LYS B 675 -98.34 -47.19 -0.49
C LYS B 675 -98.38 -48.29 0.58
N TYR B 676 -99.50 -48.99 0.76
CA TYR B 676 -99.63 -49.84 1.94
C TYR B 676 -100.04 -51.26 1.57
N PRO B 677 -99.64 -52.26 2.39
CA PRO B 677 -100.14 -53.65 2.21
C PRO B 677 -101.51 -53.89 2.82
N ILE B 678 -102.54 -53.56 2.04
CA ILE B 678 -103.92 -53.65 2.52
C ILE B 678 -104.60 -54.95 2.08
N ASP B 679 -104.09 -55.60 1.02
CA ASP B 679 -104.61 -56.86 0.47
C ASP B 679 -106.07 -56.70 0.05
N LEU B 680 -106.24 -55.89 -0.99
CA LEU B 680 -107.52 -55.34 -1.42
C LEU B 680 -108.41 -56.31 -2.20
N ALA B 681 -108.62 -57.51 -1.64
CA ALA B 681 -109.49 -58.48 -2.28
C ALA B 681 -110.95 -58.05 -2.22
N GLY B 682 -111.32 -57.26 -1.20
CA GLY B 682 -112.67 -56.76 -1.11
C GLY B 682 -113.02 -55.77 -2.19
N LEU B 683 -112.05 -54.95 -2.60
CA LEU B 683 -112.24 -54.06 -3.73
C LEU B 683 -112.38 -54.85 -5.03
N LEU B 684 -111.68 -55.98 -5.12
CA LEU B 684 -111.81 -56.83 -6.30
C LEU B 684 -113.18 -57.49 -6.35
N GLN B 685 -113.70 -57.93 -5.20
CA GLN B 685 -115.05 -58.46 -5.13
C GLN B 685 -116.07 -57.38 -5.48
N TYR B 686 -115.82 -56.15 -5.03
CA TYR B 686 -116.73 -55.04 -5.31
C TYR B 686 -116.78 -54.69 -6.78
N VAL B 687 -115.62 -54.64 -7.43
CA VAL B 687 -115.61 -54.29 -8.86
C VAL B 687 -116.13 -55.46 -9.68
N ALA B 688 -115.94 -56.70 -9.22
CA ALA B 688 -116.54 -57.84 -9.92
C ALA B 688 -118.05 -57.84 -9.79
N ASN B 689 -118.56 -57.45 -8.63
CA ASN B 689 -120.01 -57.38 -8.45
C ASN B 689 -120.63 -56.24 -9.25
N GLN B 690 -119.93 -55.12 -9.39
CA GLN B 690 -120.48 -54.07 -10.24
C GLN B 690 -120.26 -54.33 -11.72
N LEU B 691 -119.33 -55.21 -12.09
CA LEU B 691 -119.30 -55.68 -13.47
C LEU B 691 -120.42 -56.67 -13.75
N LYS B 692 -120.80 -57.47 -12.75
CA LYS B 692 -121.93 -58.37 -12.95
C LYS B 692 -123.26 -57.65 -12.97
N ALA B 693 -123.33 -56.44 -12.40
CA ALA B 693 -124.55 -55.64 -12.45
C ALA B 693 -124.47 -54.58 -13.55
N SER B 696 -119.17 -50.04 -14.61
CA SER B 696 -118.96 -48.83 -15.38
C SER B 696 -117.63 -48.17 -15.00
N PHE B 697 -117.70 -47.13 -14.17
CA PHE B 697 -116.50 -46.40 -13.77
C PHE B 697 -115.66 -47.17 -12.75
N ASP B 698 -116.22 -48.22 -12.15
CA ASP B 698 -115.45 -49.08 -11.25
C ASP B 698 -114.35 -49.82 -12.01
N LEU B 699 -114.56 -50.12 -13.29
CA LEU B 699 -113.52 -50.70 -14.12
C LEU B 699 -112.36 -49.72 -14.30
N LEU B 700 -112.68 -48.43 -14.47
CA LEU B 700 -111.64 -47.41 -14.56
C LEU B 700 -110.92 -47.24 -13.23
N ILE B 701 -111.64 -47.38 -12.11
CA ILE B 701 -110.98 -47.32 -10.80
C ILE B 701 -110.05 -48.50 -10.60
N LEU B 702 -110.46 -49.69 -11.05
CA LEU B 702 -109.60 -50.87 -10.96
C LEU B 702 -108.40 -50.76 -11.89
N LYS B 703 -108.58 -50.14 -13.07
CA LYS B 703 -107.44 -49.90 -13.96
C LYS B 703 -106.46 -48.91 -13.35
N GLU B 704 -106.98 -47.89 -12.67
CA GLU B 704 -106.10 -46.94 -11.98
C GLU B 704 -105.37 -47.61 -10.82
N VAL B 705 -106.04 -48.53 -10.12
CA VAL B 705 -105.39 -49.24 -9.02
C VAL B 705 -104.32 -50.19 -9.55
N VAL B 706 -104.56 -50.81 -10.69
CA VAL B 706 -103.57 -51.72 -11.28
C VAL B 706 -102.39 -50.92 -11.83
N GLN B 707 -102.64 -49.72 -12.36
CA GLN B 707 -101.54 -48.87 -12.79
C GLN B 707 -100.77 -48.31 -11.60
N LYS B 708 -101.44 -48.14 -10.46
CA LYS B 708 -100.76 -47.72 -9.25
C LYS B 708 -99.85 -48.83 -8.72
N MET B 709 -100.35 -50.07 -8.70
CA MET B 709 -99.55 -51.19 -8.20
C MET B 709 -98.45 -51.59 -9.15
N ALA B 710 -98.53 -51.20 -10.43
CA ALA B 710 -97.51 -51.53 -11.40
C ALA B 710 -97.39 -50.43 -12.44
N THR B 719 -94.58 -42.19 -31.71
CA THR B 719 -95.14 -43.48 -32.08
C THR B 719 -94.06 -44.56 -32.10
N MET B 720 -92.80 -44.13 -32.13
CA MET B 720 -91.70 -45.09 -32.10
C MET B 720 -91.55 -45.74 -30.74
N GLU B 721 -91.91 -45.02 -29.67
CA GLU B 721 -91.88 -45.60 -28.33
C GLU B 721 -92.95 -46.67 -28.16
N GLN B 722 -94.12 -46.47 -28.78
CA GLN B 722 -95.16 -47.50 -28.73
C GLN B 722 -94.83 -48.65 -29.66
N LEU B 723 -94.12 -48.39 -30.77
CA LEU B 723 -93.71 -49.43 -31.68
C LEU B 723 -92.45 -50.17 -31.23
N GLU B 724 -91.79 -49.68 -30.17
CA GLU B 724 -90.62 -50.37 -29.66
C GLU B 724 -90.99 -51.70 -28.99
N ALA B 725 -92.21 -51.81 -28.48
CA ALA B 725 -92.66 -53.04 -27.85
C ALA B 725 -93.01 -54.10 -28.90
N GLY B 729 -100.62 -61.35 -36.09
CA GLY B 729 -100.53 -62.08 -34.85
C GLY B 729 -100.67 -63.58 -35.00
N GLU B 730 -100.64 -64.30 -33.88
CA GLU B 730 -100.76 -65.76 -33.93
C GLU B 730 -102.20 -66.18 -34.22
N GLN B 731 -103.18 -65.35 -33.87
CA GLN B 731 -104.57 -65.69 -34.12
C GLN B 731 -104.90 -65.69 -35.60
N LEU B 732 -104.39 -64.69 -36.33
CA LEU B 732 -104.65 -64.62 -37.77
C LEU B 732 -103.91 -65.73 -38.52
N LYS B 733 -102.70 -66.07 -38.08
CA LYS B 733 -101.97 -67.16 -38.70
C LYS B 733 -102.59 -68.51 -38.37
N ALA B 734 -103.19 -68.66 -37.20
CA ALA B 734 -103.88 -69.90 -36.87
C ALA B 734 -105.20 -70.00 -37.64
N GLU B 735 -105.87 -68.88 -37.85
CA GLU B 735 -107.11 -68.90 -38.62
C GLU B 735 -106.84 -69.09 -40.10
N GLY B 736 -105.65 -68.71 -40.57
CA GLY B 736 -105.30 -68.96 -41.97
C GLY B 736 -105.06 -70.44 -42.24
N GLY B 737 -104.37 -71.12 -41.33
CA GLY B 737 -104.10 -72.53 -41.47
C GLY B 737 -105.28 -73.40 -41.05
N LYS B 746 -117.69 -71.06 -33.68
CA LYS B 746 -117.65 -71.67 -35.00
C LYS B 746 -116.94 -73.01 -34.96
N LYS B 747 -117.11 -73.81 -36.02
CA LYS B 747 -116.46 -75.10 -36.08
C LYS B 747 -114.97 -74.96 -36.40
N SER B 748 -114.58 -73.85 -37.03
CA SER B 748 -113.16 -73.60 -37.30
C SER B 748 -112.39 -73.34 -36.02
N SER B 749 -113.04 -72.76 -35.02
CA SER B 749 -112.40 -72.59 -33.71
C SER B 749 -112.15 -73.94 -33.05
N GLN B 750 -113.09 -74.87 -33.19
CA GLN B 750 -112.89 -76.23 -32.68
C GLN B 750 -111.82 -76.97 -33.47
N ARG B 751 -111.71 -76.70 -34.77
CA ARG B 751 -110.67 -77.32 -35.57
C ARG B 751 -109.29 -76.77 -35.20
N LEU B 752 -109.21 -75.48 -34.88
CA LEU B 752 -107.95 -74.91 -34.41
C LEU B 752 -107.61 -75.37 -33.01
N LYS B 753 -108.62 -75.63 -32.18
CA LYS B 753 -108.37 -76.18 -30.86
C LYS B 753 -107.92 -77.64 -30.94
N ASP B 754 -108.41 -78.37 -31.94
CA ASP B 754 -107.92 -79.73 -32.17
C ASP B 754 -106.51 -79.71 -32.76
N ALA B 755 -106.21 -78.74 -33.62
CA ALA B 755 -104.87 -78.64 -34.19
C ALA B 755 -103.87 -78.07 -33.20
N LEU B 756 -104.20 -76.94 -32.57
CA LEU B 756 -103.31 -76.33 -31.60
C LEU B 756 -104.09 -75.58 -30.53
N LEU B 763 -98.92 -70.14 -25.91
CA LEU B 763 -98.86 -69.57 -24.57
C LEU B 763 -99.78 -68.36 -24.45
N PRO B 764 -99.24 -67.17 -24.74
CA PRO B 764 -100.09 -65.96 -24.67
C PRO B 764 -101.07 -65.83 -25.81
N LEU B 765 -100.92 -66.62 -26.88
CA LEU B 765 -101.86 -66.60 -27.99
C LEU B 765 -103.24 -67.11 -27.57
N CYS B 766 -103.32 -67.92 -26.52
CA CYS B 766 -104.61 -68.34 -25.98
C CYS B 766 -105.38 -67.14 -25.43
N LEU B 767 -104.71 -66.29 -24.66
CA LEU B 767 -105.34 -65.07 -24.18
C LEU B 767 -105.57 -64.06 -25.31
N LEU B 768 -104.71 -64.08 -26.33
CA LEU B 768 -104.89 -63.20 -27.48
C LEU B 768 -106.14 -63.57 -28.28
N MET B 769 -106.38 -64.87 -28.46
CA MET B 769 -107.61 -65.31 -29.12
C MET B 769 -108.81 -65.20 -28.18
N ALA B 770 -108.59 -65.26 -26.87
CA ALA B 770 -109.66 -65.03 -25.92
C ALA B 770 -110.09 -63.57 -25.91
N GLN B 771 -109.20 -62.67 -26.31
CA GLN B 771 -109.60 -61.28 -26.52
C GLN B 771 -110.58 -61.15 -27.68
N GLN B 772 -110.48 -62.04 -28.67
CA GLN B 772 -111.42 -62.03 -29.79
C GLN B 772 -112.76 -62.63 -29.37
N GLY B 775 -119.11 -66.07 -23.76
CA GLY B 775 -119.91 -66.90 -22.89
C GLY B 775 -119.39 -68.32 -22.75
N VAL B 776 -120.30 -69.29 -22.67
CA VAL B 776 -119.89 -70.67 -22.54
C VAL B 776 -119.40 -71.22 -23.88
N ILE B 777 -119.80 -70.60 -24.99
CA ILE B 777 -119.30 -71.02 -26.30
C ILE B 777 -117.85 -70.59 -26.47
N PHE B 778 -117.45 -69.50 -25.82
CA PHE B 778 -116.06 -69.05 -25.86
C PHE B 778 -115.18 -69.77 -24.84
N GLN B 779 -115.74 -70.69 -24.06
CA GLN B 779 -114.96 -71.38 -23.03
C GLN B 779 -114.01 -72.41 -23.64
N GLU B 780 -114.26 -72.83 -24.87
CA GLU B 780 -113.40 -73.82 -25.52
C GLU B 780 -112.07 -73.20 -25.95
N LEU B 786 -95.00 -61.61 -15.72
CA LEU B 786 -96.15 -60.87 -15.20
C LEU B 786 -96.96 -60.26 -16.33
N LYS B 787 -97.31 -61.09 -17.32
CA LYS B 787 -98.08 -60.62 -18.46
C LYS B 787 -99.57 -60.54 -18.18
N LEU B 788 -100.04 -61.11 -17.05
CA LEU B 788 -101.44 -61.07 -16.73
C LEU B 788 -101.92 -59.66 -16.41
N VAL B 789 -101.04 -58.83 -15.84
CA VAL B 789 -101.38 -57.45 -15.55
C VAL B 789 -101.58 -56.66 -16.83
N GLY B 790 -100.70 -56.86 -17.81
CA GLY B 790 -100.87 -56.20 -19.10
C GLY B 790 -102.06 -56.73 -19.89
N LYS B 791 -102.35 -58.03 -19.74
CA LYS B 791 -103.53 -58.60 -20.39
C LYS B 791 -104.82 -58.03 -19.80
N LEU B 792 -104.85 -57.82 -18.49
CA LEU B 792 -105.99 -57.15 -17.88
C LEU B 792 -106.04 -55.67 -18.26
N TYR B 793 -104.87 -55.04 -18.42
CA TYR B 793 -104.82 -53.61 -18.71
C TYR B 793 -105.30 -53.31 -20.13
N ASP B 794 -105.02 -54.22 -21.08
CA ASP B 794 -105.49 -54.02 -22.45
C ASP B 794 -107.01 -54.14 -22.52
N GLN B 795 -107.58 -55.12 -21.81
CA GLN B 795 -109.03 -55.26 -21.77
C GLN B 795 -109.70 -54.10 -21.04
N CYS B 796 -109.05 -53.59 -19.98
CA CYS B 796 -109.57 -52.43 -19.28
C CYS B 796 -109.50 -51.18 -20.14
N HIS B 797 -108.46 -51.05 -20.96
CA HIS B 797 -108.36 -49.92 -21.87
C HIS B 797 -109.42 -49.99 -22.96
N ASP B 798 -109.70 -51.20 -23.46
CA ASP B 798 -110.76 -51.37 -24.45
C ASP B 798 -112.13 -51.08 -23.85
N THR B 799 -112.35 -51.50 -22.60
CA THR B 799 -113.62 -51.22 -21.93
C THR B 799 -113.77 -49.74 -21.62
N LEU B 800 -112.68 -49.07 -21.25
CA LEU B 800 -112.75 -47.63 -21.00
C LEU B 800 -112.95 -46.85 -22.29
N VAL B 801 -112.40 -47.35 -23.41
CA VAL B 801 -112.64 -46.70 -24.69
C VAL B 801 -114.09 -46.87 -25.12
N GLN B 802 -114.67 -48.05 -24.86
CA GLN B 802 -116.08 -48.25 -25.15
C GLN B 802 -116.96 -47.39 -24.25
N PHE B 803 -116.57 -47.21 -22.98
CA PHE B 803 -117.33 -46.36 -22.08
C PHE B 803 -117.23 -44.89 -22.47
N GLY B 804 -116.06 -44.47 -22.97
CA GLY B 804 -115.93 -43.11 -23.44
C GLY B 804 -116.71 -42.86 -24.73
N GLY B 805 -116.74 -43.85 -25.63
CA GLY B 805 -117.58 -43.73 -26.80
C GLY B 805 -119.05 -43.75 -26.49
N PHE B 806 -119.45 -44.43 -25.43
CA PHE B 806 -120.85 -44.39 -25.00
C PHE B 806 -121.18 -43.06 -24.33
N LEU B 807 -120.23 -42.50 -23.57
CA LEU B 807 -120.47 -41.24 -22.88
C LEU B 807 -120.41 -40.05 -23.83
N ALA B 808 -119.72 -40.18 -24.97
CA ALA B 808 -119.63 -39.09 -25.92
C ALA B 808 -120.97 -38.86 -26.64
N SER B 809 -121.65 -39.94 -27.02
CA SER B 809 -122.92 -39.83 -27.71
C SER B 809 -124.05 -39.48 -26.73
N GLU B 877 -122.92 -51.53 -25.22
CA GLU B 877 -122.51 -52.18 -23.99
C GLU B 877 -122.15 -53.64 -24.22
N MET B 878 -121.84 -53.97 -25.48
CA MET B 878 -121.52 -55.35 -25.83
C MET B 878 -120.13 -55.74 -25.34
N VAL B 879 -119.22 -54.77 -25.20
CA VAL B 879 -117.85 -55.07 -24.79
C VAL B 879 -117.72 -55.31 -23.29
N MET B 880 -118.75 -54.98 -22.50
CA MET B 880 -118.66 -55.17 -21.06
C MET B 880 -118.77 -56.63 -20.67
N ALA B 881 -119.40 -57.45 -21.52
CA ALA B 881 -119.58 -58.87 -21.25
C ALA B 881 -118.24 -59.60 -21.36
N PRO B 882 -117.38 -59.20 -22.31
CA PRO B 882 -116.08 -59.88 -22.41
C PRO B 882 -115.11 -59.50 -21.31
N VAL B 883 -115.05 -58.21 -20.97
CA VAL B 883 -114.05 -57.73 -20.01
C VAL B 883 -114.33 -58.25 -18.61
N HIS B 884 -115.62 -58.41 -18.27
CA HIS B 884 -115.98 -59.07 -17.02
C HIS B 884 -115.53 -60.53 -17.02
N GLU B 885 -115.55 -61.18 -18.18
CA GLU B 885 -114.94 -62.50 -18.32
C GLU B 885 -113.44 -62.45 -18.06
N ALA B 886 -112.79 -61.34 -18.46
CA ALA B 886 -111.39 -61.14 -18.10
C ALA B 886 -111.23 -60.97 -16.59
N VAL B 887 -112.25 -60.42 -15.93
CA VAL B 887 -112.24 -60.40 -14.47
C VAL B 887 -112.62 -61.77 -13.92
N VAL B 888 -113.38 -62.54 -14.70
CA VAL B 888 -113.81 -63.86 -14.22
C VAL B 888 -112.68 -64.86 -14.33
N SER B 889 -111.82 -64.73 -15.33
CA SER B 889 -110.66 -65.62 -15.45
C SER B 889 -109.59 -65.27 -14.42
N LEU B 890 -109.60 -64.05 -13.90
CA LEU B 890 -108.63 -63.64 -12.90
C LEU B 890 -108.92 -64.27 -11.55
N VAL B 895 -106.56 -66.28 -5.63
CA VAL B 895 -105.25 -65.89 -5.10
C VAL B 895 -104.61 -64.83 -5.99
N TRP B 896 -105.43 -64.14 -6.78
CA TRP B 896 -104.92 -63.05 -7.61
C TRP B 896 -104.57 -61.83 -6.78
N ASP B 897 -105.24 -61.64 -5.64
CA ASP B 897 -104.91 -60.53 -4.75
C ASP B 897 -103.57 -60.74 -4.05
N ASP B 898 -103.20 -62.01 -3.82
CA ASP B 898 -101.87 -62.29 -3.29
C ASP B 898 -100.79 -62.08 -4.34
N ILE B 899 -101.13 -62.24 -5.62
CA ILE B 899 -100.18 -61.96 -6.68
C ILE B 899 -100.05 -60.45 -6.91
N SER B 900 -101.14 -59.71 -6.71
CA SER B 900 -101.12 -58.26 -6.87
C SER B 900 -100.34 -57.61 -5.74
N PRO B 901 -100.46 -58.14 -4.51
CA PRO B 901 -99.66 -57.57 -3.41
C PRO B 901 -98.18 -57.88 -3.52
N GLN B 902 -97.84 -59.08 -4.01
CA GLN B 902 -96.44 -59.40 -4.28
C GLN B 902 -95.89 -58.57 -5.42
N PHE B 903 -96.73 -58.23 -6.41
CA PHE B 903 -96.29 -57.35 -7.49
C PHE B 903 -96.11 -55.91 -7.00
N TYR B 904 -96.95 -55.47 -6.06
CA TYR B 904 -96.76 -54.15 -5.48
C TYR B 904 -95.53 -54.09 -4.58
N ALA B 905 -95.23 -55.19 -3.88
CA ALA B 905 -94.03 -55.23 -3.06
C ALA B 905 -92.77 -55.33 -3.92
N THR B 906 -92.88 -55.96 -5.10
CA THR B 906 -91.73 -56.06 -6.00
C THR B 906 -91.46 -54.74 -6.71
N PHE B 907 -92.52 -54.03 -7.12
CA PHE B 907 -92.38 -52.76 -7.81
C PHE B 907 -92.20 -51.62 -6.82
N MET B 912 -87.68 -48.46 -17.62
CA MET B 912 -89.09 -48.26 -17.97
C MET B 912 -89.38 -48.79 -19.36
N TYR B 913 -89.29 -47.90 -20.36
CA TYR B 913 -89.55 -48.32 -21.74
C TYR B 913 -88.41 -49.16 -22.29
N ASP B 914 -87.21 -49.01 -21.74
CA ASP B 914 -86.07 -49.82 -22.17
C ASP B 914 -86.13 -51.24 -21.64
N LEU B 915 -87.00 -51.52 -20.65
CA LEU B 915 -87.09 -52.86 -20.09
C LEU B 915 -87.74 -53.84 -21.05
N ALA B 916 -88.63 -53.35 -21.92
CA ALA B 916 -89.31 -54.23 -22.86
C ALA B 916 -88.36 -54.69 -23.96
N VAL B 917 -87.82 -53.74 -24.71
CA VAL B 917 -86.87 -53.95 -25.83
C VAL B 917 -87.40 -54.90 -26.90
N HIS B 919 -83.00 -55.54 -35.34
CA HIS B 919 -83.76 -54.62 -34.50
C HIS B 919 -83.06 -53.28 -34.37
N THR B 920 -83.60 -52.27 -35.04
CA THR B 920 -83.02 -50.93 -34.95
C THR B 920 -83.29 -50.28 -33.61
N SER B 921 -84.40 -50.64 -32.97
CA SER B 921 -84.71 -50.09 -31.65
C SER B 921 -83.75 -50.63 -30.59
N TYR B 922 -83.35 -51.89 -30.73
CA TYR B 922 -82.36 -52.46 -29.82
C TYR B 922 -81.00 -51.81 -30.00
N GLU B 923 -80.64 -51.50 -31.26
CA GLU B 923 -79.39 -50.80 -31.53
C GLU B 923 -79.43 -49.37 -30.99
N ARG B 924 -80.60 -48.71 -31.09
CA ARG B 924 -80.74 -47.37 -30.52
C ARG B 924 -80.67 -47.40 -29.01
N GLU B 925 -81.23 -48.44 -28.39
CA GLU B 925 -81.16 -48.58 -26.93
C GLU B 925 -79.73 -48.87 -26.48
N VAL B 926 -78.99 -49.68 -27.23
CA VAL B 926 -77.60 -49.96 -26.89
C VAL B 926 -76.73 -48.72 -27.11
N ASN B 927 -77.05 -47.90 -28.11
CA ASN B 927 -76.29 -46.67 -28.33
C ASN B 927 -76.61 -45.63 -27.25
N LYS B 928 -77.86 -45.59 -26.78
CA LYS B 928 -78.21 -44.69 -25.69
C LYS B 928 -77.61 -45.15 -24.37
N LEU B 929 -77.49 -46.47 -24.17
CA LEU B 929 -76.84 -46.97 -22.98
C LEU B 929 -75.33 -46.83 -23.06
N LYS B 930 -74.78 -46.75 -24.28
CA LYS B 930 -73.35 -46.52 -24.43
C LYS B 930 -72.98 -45.08 -24.06
N VAL B 931 -73.75 -44.11 -24.55
CA VAL B 931 -73.50 -42.71 -24.24
C VAL B 931 -74.25 -42.32 -22.97
N GLU B 950 -72.27 -48.42 -14.99
CA GLU B 950 -72.91 -48.18 -16.26
C GLU B 950 -72.57 -49.29 -17.26
N LYS B 951 -71.43 -49.95 -17.03
CA LYS B 951 -71.03 -51.04 -17.91
C LYS B 951 -71.87 -52.29 -17.68
N GLU B 952 -72.41 -52.46 -16.46
CA GLU B 952 -73.26 -53.60 -16.18
C GLU B 952 -74.59 -53.51 -16.92
N ARG B 953 -75.17 -52.30 -16.97
CA ARG B 953 -76.41 -52.10 -17.70
C ARG B 953 -76.18 -52.24 -19.20
N CYS B 954 -75.01 -51.81 -19.69
CA CYS B 954 -74.70 -51.95 -21.11
C CYS B 954 -74.47 -53.42 -21.47
N THR B 955 -73.86 -54.20 -20.57
CA THR B 955 -73.69 -55.63 -20.80
C THR B 955 -75.02 -56.36 -20.74
N ALA B 956 -75.92 -55.95 -19.84
CA ALA B 956 -77.25 -56.55 -19.78
C ALA B 956 -78.06 -56.22 -21.02
N LEU B 957 -77.94 -54.99 -21.53
CA LEU B 957 -78.63 -54.61 -22.76
C LEU B 957 -78.05 -55.33 -23.96
N GLN B 958 -76.73 -55.57 -23.97
CA GLN B 958 -76.11 -56.32 -25.06
C GLN B 958 -76.54 -57.78 -25.04
N ASP B 959 -76.66 -58.37 -23.85
CA ASP B 959 -77.15 -59.73 -23.73
C ASP B 959 -78.61 -59.84 -24.14
N LYS B 960 -79.42 -58.84 -23.78
CA LYS B 960 -80.82 -58.83 -24.18
C LYS B 960 -80.96 -58.64 -25.69
N LEU B 961 -80.09 -57.82 -26.29
CA LEU B 961 -80.15 -57.62 -27.74
C LEU B 961 -79.68 -58.85 -28.50
N LEU B 962 -78.68 -59.56 -27.96
CA LEU B 962 -78.22 -60.80 -28.59
C LEU B 962 -79.27 -61.89 -28.48
N GLU B 963 -79.94 -61.97 -27.33
CA GLU B 963 -81.04 -62.92 -27.18
C GLU B 963 -82.23 -62.55 -28.07
N GLU B 964 -82.46 -61.25 -28.26
CA GLU B 964 -83.53 -60.81 -29.17
C GLU B 964 -83.18 -61.13 -30.62
N GLU B 965 -81.90 -61.04 -30.98
CA GLU B 965 -81.48 -61.41 -32.33
C GLU B 965 -81.58 -62.91 -32.56
N LYS B 966 -81.23 -63.71 -31.54
CA LYS B 966 -81.37 -65.17 -31.66
C LYS B 966 -82.82 -65.58 -31.72
N LYS B 967 -83.68 -64.97 -30.91
CA LYS B 967 -85.11 -65.26 -30.97
C LYS B 967 -85.74 -64.74 -32.26
N GLN B 968 -85.19 -63.68 -32.84
CA GLN B 968 -85.68 -63.19 -34.12
C GLN B 968 -85.29 -64.14 -35.24
N MET B 969 -84.09 -64.72 -35.16
CA MET B 969 -83.69 -65.75 -36.12
C MET B 969 -84.57 -66.99 -35.97
N GLU B 970 -84.90 -67.36 -34.74
CA GLU B 970 -85.78 -68.50 -34.50
C GLU B 970 -87.20 -68.22 -35.01
N HIS B 971 -87.69 -67.00 -34.83
CA HIS B 971 -89.00 -66.64 -35.34
C HIS B 971 -89.01 -66.54 -36.86
N VAL B 972 -87.88 -66.15 -37.46
CA VAL B 972 -87.78 -66.15 -38.92
C VAL B 972 -87.77 -67.57 -39.45
N GLN B 973 -87.12 -68.49 -38.73
CA GLN B 973 -87.17 -69.90 -39.11
C GLN B 973 -88.58 -70.46 -38.95
N ARG B 974 -89.29 -70.04 -37.91
CA ARG B 974 -90.67 -70.49 -37.73
C ARG B 974 -91.59 -69.91 -38.80
N VAL B 975 -91.34 -68.68 -39.24
CA VAL B 975 -92.14 -68.07 -40.30
C VAL B 975 -91.85 -68.74 -41.63
N LEU B 976 -90.59 -69.14 -41.85
CA LEU B 976 -90.25 -69.89 -43.06
C LEU B 976 -90.89 -71.28 -43.04
N GLN B 977 -90.97 -71.89 -41.86
CA GLN B 977 -91.64 -73.18 -41.76
C GLN B 977 -93.14 -73.06 -41.97
N ARG B 978 -93.74 -71.95 -41.49
CA ARG B 978 -95.16 -71.72 -41.72
C ARG B 978 -95.45 -71.41 -43.19
N LEU B 979 -94.52 -70.72 -43.87
CA LEU B 979 -94.69 -70.49 -45.29
C LEU B 979 -94.49 -71.76 -46.10
N LYS B 980 -93.61 -72.65 -45.64
CA LYS B 980 -93.46 -73.94 -46.29
C LYS B 980 -94.66 -74.84 -46.03
N LEU B 981 -95.36 -74.62 -44.91
CA LEU B 981 -96.55 -75.41 -44.61
C LEU B 981 -97.71 -75.02 -45.51
N GLU B 982 -97.91 -73.74 -45.74
CA GLU B 982 -99.00 -73.27 -46.59
C GLU B 982 -98.62 -73.32 -48.06
N ASN B 994 -112.69 -66.81 -53.40
CA ASN B 994 -112.18 -65.63 -54.09
C ASN B 994 -112.56 -64.35 -53.34
N GLU B 995 -113.70 -63.78 -53.71
CA GLU B 995 -114.17 -62.57 -53.03
C GLU B 995 -114.65 -62.86 -51.62
N THR B 996 -115.19 -64.05 -51.38
CA THR B 996 -115.62 -64.42 -50.04
C THR B 996 -114.42 -64.62 -49.12
N ILE B 997 -113.31 -65.13 -49.65
CA ILE B 997 -112.10 -65.30 -48.87
C ILE B 997 -111.51 -63.93 -48.53
N THR B 998 -111.59 -62.98 -49.46
CA THR B 998 -111.12 -61.62 -49.19
C THR B 998 -112.01 -60.92 -48.18
N LYS B 999 -113.32 -61.18 -48.23
CA LYS B 999 -114.23 -60.60 -47.24
C LYS B 999 -114.00 -61.20 -45.86
N PHE B 1000 -113.68 -62.50 -45.80
CA PHE B 1000 -113.35 -63.13 -44.53
C PHE B 1000 -112.04 -62.61 -43.98
N LEU B 1001 -111.06 -62.35 -44.85
CA LEU B 1001 -109.79 -61.79 -44.43
C LEU B 1001 -109.98 -60.36 -43.91
N GLN B 1002 -110.84 -59.58 -44.57
CA GLN B 1002 -111.13 -58.23 -44.10
C GLN B 1002 -111.87 -58.24 -42.77
N LEU B 1003 -112.78 -59.20 -42.59
CA LEU B 1003 -113.49 -59.34 -41.33
C LEU B 1003 -112.56 -59.78 -40.19
N CYS B 1004 -111.58 -60.63 -40.50
CA CYS B 1004 -110.61 -61.02 -39.49
C CYS B 1004 -109.61 -59.90 -39.20
N ILE B 1005 -109.35 -59.04 -40.19
CA ILE B 1005 -108.35 -57.98 -39.99
C ILE B 1005 -108.95 -56.79 -39.26
N PHE B 1006 -110.22 -56.46 -39.52
CA PHE B 1006 -110.86 -55.31 -38.93
C PHE B 1006 -111.13 -55.53 -37.44
N PRO B 1007 -111.52 -56.75 -37.06
CA PRO B 1007 -111.74 -57.01 -35.63
C PRO B 1007 -110.46 -57.02 -34.82
N ARG B 1008 -109.37 -57.54 -35.39
CA ARG B 1008 -108.08 -57.49 -34.70
C ARG B 1008 -107.53 -56.06 -34.63
N CYS B 1009 -107.88 -55.22 -35.61
CA CYS B 1009 -107.43 -53.84 -35.57
C CYS B 1009 -108.20 -53.04 -34.53
N ILE B 1010 -109.53 -53.15 -34.52
CA ILE B 1010 -110.33 -52.37 -33.58
C ILE B 1010 -110.45 -53.00 -32.20
N PHE B 1011 -109.92 -54.21 -32.01
CA PHE B 1011 -110.04 -54.90 -30.73
C PHE B 1011 -108.74 -54.98 -29.94
N SER B 1012 -107.67 -54.36 -30.42
CA SER B 1012 -106.39 -54.47 -29.76
C SER B 1012 -105.64 -53.15 -29.91
N ALA B 1013 -104.35 -53.18 -29.57
CA ALA B 1013 -103.46 -52.03 -29.65
C ALA B 1013 -102.93 -51.85 -31.07
N ILE B 1014 -101.87 -51.04 -31.21
CA ILE B 1014 -101.29 -50.73 -32.51
C ILE B 1014 -100.48 -51.91 -33.06
N ASP B 1015 -100.29 -52.95 -32.24
CA ASP B 1015 -99.59 -54.15 -32.68
C ASP B 1015 -100.36 -54.92 -33.75
N ALA B 1016 -101.64 -54.64 -33.94
CA ALA B 1016 -102.38 -55.18 -35.09
C ALA B 1016 -101.87 -54.63 -36.42
N VAL B 1017 -101.16 -53.50 -36.36
CA VAL B 1017 -100.59 -52.85 -37.58
C VAL B 1017 -99.45 -53.73 -38.11
N TYR B 1018 -98.52 -54.11 -37.23
CA TYR B 1018 -97.36 -54.96 -37.62
C TYR B 1018 -97.88 -56.31 -38.14
N CYS B 1019 -98.89 -56.87 -37.47
CA CYS B 1019 -99.47 -58.17 -37.88
C CYS B 1019 -100.08 -58.01 -39.28
N ALA B 1020 -100.78 -56.89 -39.52
CA ALA B 1020 -101.40 -56.62 -40.83
C ALA B 1020 -100.31 -56.53 -41.90
N ARG B 1021 -99.20 -55.86 -41.58
CA ARG B 1021 -98.07 -55.72 -42.54
C ARG B 1021 -97.51 -57.11 -42.86
N PHE B 1022 -97.38 -57.96 -41.84
CA PHE B 1022 -96.86 -59.34 -42.02
C PHE B 1022 -97.81 -60.12 -42.94
N VAL B 1023 -99.12 -59.95 -42.73
CA VAL B 1023 -100.15 -60.64 -43.55
C VAL B 1023 -100.01 -60.17 -45.01
N GLU B 1024 -99.79 -58.86 -45.20
CA GLU B 1024 -99.63 -58.27 -46.56
C GLU B 1024 -98.39 -58.88 -47.22
N LEU B 1025 -97.30 -59.01 -46.45
CA LEU B 1025 -96.03 -59.60 -46.97
C LEU B 1025 -96.29 -61.06 -47.38
N VAL B 1026 -97.05 -61.79 -46.57
CA VAL B 1026 -97.36 -63.23 -46.87
C VAL B 1026 -98.18 -63.28 -48.17
N HIS B 1027 -99.13 -62.35 -48.33
CA HIS B 1027 -99.98 -62.28 -49.55
C HIS B 1027 -99.10 -62.00 -50.77
N GLN B 1028 -98.11 -61.11 -50.62
CA GLN B 1028 -97.21 -60.75 -51.73
C GLN B 1028 -96.45 -62.00 -52.19
N LEU B 1037 -102.16 -58.27 -52.99
CA LEU B 1037 -102.44 -57.95 -54.38
C LEU B 1037 -103.52 -56.88 -54.49
N LEU B 1038 -104.73 -57.29 -54.86
CA LEU B 1038 -105.82 -56.35 -55.02
C LEU B 1038 -106.53 -56.02 -53.72
N CYS B 1039 -106.21 -56.74 -52.64
CA CYS B 1039 -106.90 -56.50 -51.37
C CYS B 1039 -106.47 -55.20 -50.71
N TYR B 1040 -105.21 -54.79 -50.92
CA TYR B 1040 -104.72 -53.55 -50.33
C TYR B 1040 -105.40 -52.34 -50.98
N ASP B 1041 -105.69 -52.42 -52.27
CA ASP B 1041 -106.44 -51.36 -52.93
C ASP B 1041 -107.94 -51.50 -52.66
N ARG B 1042 -108.42 -52.73 -52.44
CA ARG B 1042 -109.83 -52.93 -52.15
C ARG B 1042 -110.19 -52.46 -50.74
N VAL B 1043 -109.22 -52.43 -49.84
CA VAL B 1043 -109.47 -51.88 -48.51
C VAL B 1043 -109.62 -50.37 -48.58
N PHE B 1044 -108.81 -49.72 -49.40
CA PHE B 1044 -108.88 -48.28 -49.58
C PHE B 1044 -109.85 -47.92 -50.71
N ILE B 1047 -113.92 -46.93 -47.66
CA ILE B 1047 -113.76 -47.22 -46.24
C ILE B 1047 -114.52 -46.21 -45.39
N ILE B 1048 -115.62 -45.70 -45.95
CA ILE B 1048 -116.42 -44.70 -45.25
C ILE B 1048 -117.23 -45.35 -44.13
N TYR B 1049 -118.03 -46.35 -44.48
CA TYR B 1049 -118.81 -47.07 -43.47
C TYR B 1049 -117.94 -47.93 -42.57
N THR B 1050 -116.74 -48.32 -43.04
CA THR B 1050 -115.82 -49.04 -42.18
C THR B 1050 -115.26 -48.14 -41.10
N VAL B 1051 -114.96 -46.89 -41.43
CA VAL B 1051 -114.46 -45.94 -40.45
C VAL B 1051 -115.59 -45.20 -39.73
N ALA B 1052 -116.84 -45.45 -40.11
CA ALA B 1052 -117.97 -44.77 -39.48
C ALA B 1052 -118.20 -45.22 -38.04
N SER B 1053 -117.84 -46.46 -37.70
CA SER B 1053 -118.05 -46.97 -36.35
C SER B 1053 -117.03 -46.40 -35.39
N ASN B 1057 -112.82 -45.08 -31.11
CA ASN B 1057 -112.10 -43.82 -31.03
C ASN B 1057 -110.59 -44.07 -30.98
N GLU B 1058 -110.10 -44.47 -29.80
CA GLU B 1058 -108.67 -44.73 -29.65
C GLU B 1058 -108.28 -46.01 -30.38
N ALA B 1059 -109.08 -47.07 -30.25
CA ALA B 1059 -108.84 -48.26 -31.07
C ALA B 1059 -109.14 -47.99 -32.53
N SER B 1060 -110.09 -47.09 -32.82
CA SER B 1060 -110.31 -46.66 -34.18
C SER B 1060 -109.11 -45.86 -34.70
N ARG B 1061 -108.47 -45.09 -33.83
CA ARG B 1061 -107.24 -44.40 -34.22
C ARG B 1061 -106.11 -45.39 -34.46
N TYR B 1062 -106.07 -46.47 -33.69
CA TYR B 1062 -105.06 -47.51 -33.91
C TYR B 1062 -105.29 -48.23 -35.23
N GLY B 1063 -106.56 -48.52 -35.55
CA GLY B 1063 -106.87 -49.11 -36.84
C GLY B 1063 -106.59 -48.18 -38.00
N ARG B 1064 -106.81 -46.87 -37.80
CA ARG B 1064 -106.48 -45.90 -38.83
C ARG B 1064 -104.97 -45.79 -39.02
N PHE B 1065 -104.20 -45.89 -37.94
CA PHE B 1065 -102.75 -45.88 -38.05
C PHE B 1065 -102.24 -47.14 -38.75
N LEU B 1066 -102.90 -48.27 -38.50
CA LEU B 1066 -102.56 -49.51 -39.21
C LEU B 1066 -102.88 -49.40 -40.69
N CYS B 1067 -104.02 -48.78 -41.02
CA CYS B 1067 -104.38 -48.56 -42.42
C CYS B 1067 -103.40 -47.60 -43.09
N CYS B 1068 -102.95 -46.58 -42.36
CA CYS B 1068 -101.98 -45.64 -42.92
C CYS B 1068 -100.62 -46.28 -43.13
N MET B 1069 -100.21 -47.16 -42.21
CA MET B 1069 -98.96 -47.89 -42.37
C MET B 1069 -99.03 -48.86 -43.55
N LEU B 1070 -100.18 -49.52 -43.72
CA LEU B 1070 -100.35 -50.41 -44.86
C LEU B 1070 -100.38 -49.65 -46.17
N GLU B 1071 -100.99 -48.46 -46.17
CA GLU B 1071 -101.02 -47.63 -47.36
C GLU B 1071 -99.64 -47.10 -47.72
N THR B 1072 -98.85 -46.72 -46.73
CA THR B 1072 -97.48 -46.26 -46.99
C THR B 1072 -96.60 -47.41 -47.47
N VAL B 1073 -96.81 -48.62 -46.92
CA VAL B 1073 -96.04 -49.77 -47.38
C VAL B 1073 -96.44 -50.18 -48.78
N THR B 1074 -97.71 -49.99 -49.15
CA THR B 1074 -98.14 -50.29 -50.51
C THR B 1074 -97.68 -49.23 -51.50
N ARG B 1075 -97.60 -47.97 -51.06
CA ARG B 1075 -97.13 -46.91 -51.95
C ARG B 1075 -95.63 -47.00 -52.17
N TRP B 1076 -94.87 -47.31 -51.12
CA TRP B 1076 -93.43 -47.48 -51.29
C TRP B 1076 -93.08 -48.78 -52.00
N HIS B 1077 -93.95 -49.78 -51.90
CA HIS B 1077 -93.71 -51.07 -52.56
C HIS B 1077 -95.00 -51.64 -53.13
N GLN B 1110 -98.21 -51.22 -68.84
CA GLN B 1110 -98.67 -50.02 -68.18
C GLN B 1110 -99.17 -50.32 -66.77
N LEU B 1111 -98.47 -51.25 -66.10
CA LEU B 1111 -98.87 -51.63 -64.75
C LEU B 1111 -98.54 -50.54 -63.74
N ASP B 1112 -97.42 -49.84 -63.94
CA ASP B 1112 -97.03 -48.78 -63.01
C ASP B 1112 -97.93 -47.56 -63.16
N TYR B 1113 -98.31 -47.22 -64.39
CA TYR B 1113 -99.22 -46.11 -64.62
C TYR B 1113 -100.62 -46.41 -64.11
N GLU B 1114 -101.07 -47.66 -64.28
CA GLU B 1114 -102.36 -48.07 -63.73
C GLU B 1114 -102.34 -48.10 -62.22
N ASN B 1115 -101.21 -48.47 -61.61
CA ASN B 1115 -101.10 -48.46 -60.16
C ASN B 1115 -101.08 -47.04 -59.61
N PHE B 1116 -100.44 -46.12 -60.33
CA PHE B 1116 -100.45 -44.71 -59.93
C PHE B 1116 -101.83 -44.11 -60.07
N ARG B 1117 -102.55 -44.47 -61.15
CA ARG B 1117 -103.92 -44.00 -61.33
C ARG B 1117 -104.84 -44.58 -60.27
N HIS B 1118 -104.62 -45.84 -59.87
CA HIS B 1118 -105.39 -46.44 -58.80
C HIS B 1118 -105.08 -45.80 -57.44
N VAL B 1119 -103.83 -45.39 -57.23
CA VAL B 1119 -103.47 -44.69 -56.00
C VAL B 1119 -104.12 -43.32 -55.95
N VAL B 1120 -104.17 -42.64 -57.10
CA VAL B 1120 -104.83 -41.33 -57.16
C VAL B 1120 -106.33 -41.48 -56.97
N HIS B 1121 -106.92 -42.56 -57.50
CA HIS B 1121 -108.34 -42.81 -57.30
C HIS B 1121 -108.64 -43.17 -55.85
N LYS B 1122 -107.72 -43.88 -55.20
CA LYS B 1122 -107.88 -44.19 -53.78
C LYS B 1122 -107.78 -42.95 -52.92
N TRP B 1123 -106.87 -42.03 -53.28
CA TRP B 1123 -106.77 -40.76 -52.56
C TRP B 1123 -108.00 -39.90 -52.76
N HIS B 1124 -108.56 -39.91 -53.99
CA HIS B 1124 -109.79 -39.16 -54.26
C HIS B 1124 -110.98 -39.75 -53.51
N TYR B 1125 -111.07 -41.08 -53.45
CA TYR B 1125 -112.16 -41.72 -52.72
C TYR B 1125 -112.02 -41.51 -51.23
N LYS B 1126 -110.79 -41.49 -50.71
CA LYS B 1126 -110.56 -41.20 -49.30
C LYS B 1126 -110.91 -39.75 -48.97
N LEU B 1127 -110.63 -38.83 -49.88
CA LEU B 1127 -111.00 -37.44 -49.67
C LEU B 1127 -112.52 -37.26 -49.71
N THR B 1128 -113.20 -37.97 -50.62
CA THR B 1128 -114.66 -37.90 -50.67
C THR B 1128 -115.28 -38.52 -49.43
N LYS B 1129 -114.68 -39.59 -48.91
CA LYS B 1129 -115.17 -40.22 -47.68
C LYS B 1129 -114.94 -39.31 -46.47
N ALA B 1130 -113.82 -38.60 -46.45
CA ALA B 1130 -113.55 -37.65 -45.37
C ALA B 1130 -114.51 -36.47 -45.43
N SER B 1131 -114.86 -36.03 -46.64
CA SER B 1131 -115.83 -34.95 -46.79
C SER B 1131 -117.23 -35.41 -46.37
N VAL B 1132 -117.59 -36.66 -46.68
CA VAL B 1132 -118.89 -37.18 -46.28
C VAL B 1132 -118.94 -37.41 -44.76
N HIS B 1133 -117.81 -37.76 -44.15
CA HIS B 1133 -117.76 -37.93 -42.71
C HIS B 1133 -117.79 -36.59 -41.98
N CYS B 1134 -117.17 -35.57 -42.55
CA CYS B 1134 -117.25 -34.23 -41.99
C CYS B 1134 -118.62 -33.62 -42.21
N LEU B 1135 -119.33 -34.04 -43.25
CA LEU B 1135 -120.67 -33.54 -43.48
C LEU B 1135 -121.69 -34.11 -42.50
N GLU B 1136 -121.41 -35.27 -41.90
CA GLU B 1136 -122.32 -35.88 -40.95
C GLU B 1136 -122.31 -35.17 -39.61
N TYR B 1140 -118.74 -38.93 -35.77
CA TYR B 1140 -118.33 -38.64 -37.14
C TYR B 1140 -117.22 -37.60 -37.17
N THR B 1141 -117.05 -36.92 -36.04
CA THR B 1141 -116.04 -35.86 -35.96
C THR B 1141 -114.70 -36.39 -35.49
N HIS B 1142 -114.70 -37.16 -34.39
CA HIS B 1142 -113.44 -37.67 -33.82
C HIS B 1142 -112.80 -38.71 -34.72
N ILE B 1143 -113.61 -39.51 -35.40
CA ILE B 1143 -113.08 -40.49 -36.34
C ILE B 1143 -112.46 -39.78 -37.55
N ARG B 1144 -113.08 -38.69 -38.00
CA ARG B 1144 -112.51 -37.89 -39.07
C ARG B 1144 -111.22 -37.20 -38.63
N ASN B 1145 -111.14 -36.80 -37.36
CA ASN B 1145 -109.91 -36.18 -36.87
C ASN B 1145 -108.78 -37.18 -36.74
N ILE B 1146 -109.09 -38.40 -36.29
CA ILE B 1146 -108.08 -39.45 -36.20
C ILE B 1146 -107.62 -39.87 -37.59
N LEU B 1147 -108.54 -39.91 -38.55
CA LEU B 1147 -108.17 -40.18 -39.94
C LEU B 1147 -107.35 -39.06 -40.54
N ILE B 1148 -107.60 -37.82 -40.12
CA ILE B 1148 -106.80 -36.69 -40.57
C ILE B 1148 -105.40 -36.75 -39.99
N VAL B 1149 -105.27 -37.20 -38.75
CA VAL B 1149 -103.96 -37.37 -38.14
C VAL B 1149 -103.18 -38.48 -38.83
N LEU B 1150 -103.86 -39.58 -39.16
CA LEU B 1150 -103.20 -40.68 -39.87
C LEU B 1150 -102.84 -40.29 -41.30
N THR B 1151 -103.66 -39.46 -41.95
CA THR B 1151 -103.36 -39.02 -43.31
C THR B 1151 -102.26 -37.96 -43.32
N LYS B 1152 -102.13 -37.19 -42.23
CA LYS B 1152 -100.98 -36.30 -42.10
C LYS B 1152 -99.71 -37.09 -41.79
N ILE B 1153 -99.86 -38.24 -41.12
CA ILE B 1153 -98.70 -39.09 -40.86
C ILE B 1153 -98.21 -39.74 -42.15
N LEU B 1154 -99.08 -40.50 -42.82
CA LEU B 1154 -98.68 -41.25 -44.00
C LEU B 1154 -98.52 -40.36 -45.22
N PRO B 1155 -99.58 -39.66 -45.65
CA PRO B 1155 -99.53 -38.79 -46.83
C PRO B 1155 -99.27 -37.34 -46.48
N VAL B 1160 -101.86 -32.89 -55.88
CA VAL B 1160 -102.11 -32.45 -54.52
C VAL B 1160 -102.90 -31.15 -54.51
N LEU B 1161 -103.24 -30.67 -55.71
CA LEU B 1161 -104.00 -29.43 -55.83
C LEU B 1161 -105.46 -29.64 -55.42
N ASN B 1162 -106.08 -30.71 -55.92
CA ASN B 1162 -107.42 -31.06 -55.47
C ASN B 1162 -107.41 -31.50 -54.01
N LEU B 1163 -106.34 -32.15 -53.57
CA LEU B 1163 -106.19 -32.49 -52.16
C LEU B 1163 -106.03 -31.23 -51.31
N GLY B 1164 -105.33 -30.22 -51.84
CA GLY B 1164 -105.22 -28.96 -51.13
C GLY B 1164 -106.55 -28.22 -51.05
N GLN B 1165 -107.36 -28.31 -52.12
CA GLN B 1165 -108.68 -27.70 -52.11
C GLN B 1165 -109.61 -28.42 -51.13
N ALA B 1166 -109.49 -29.75 -51.04
CA ALA B 1166 -110.27 -30.51 -50.07
C ALA B 1166 -109.84 -30.18 -48.64
N LEU B 1167 -108.54 -30.00 -48.42
CA LEU B 1167 -108.06 -29.60 -47.10
C LEU B 1167 -108.52 -28.20 -46.73
N GLU B 1168 -108.58 -27.30 -47.71
CA GLU B 1168 -109.07 -25.95 -47.46
C GLU B 1168 -110.57 -25.95 -47.15
N ARG B 1169 -111.34 -26.79 -47.86
CA ARG B 1169 -112.77 -26.90 -47.56
C ARG B 1169 -113.01 -27.53 -46.20
N ARG B 1170 -112.17 -28.51 -45.82
CA ARG B 1170 -112.28 -29.11 -44.50
C ARG B 1170 -111.90 -28.13 -43.40
N VAL B 1171 -110.89 -27.29 -43.65
CA VAL B 1171 -110.50 -26.28 -42.67
C VAL B 1171 -111.57 -25.20 -42.55
N HIS B 1172 -112.24 -24.87 -43.66
CA HIS B 1172 -113.34 -23.91 -43.61
C HIS B 1172 -114.54 -24.49 -42.86
N LYS B 1173 -114.80 -25.78 -43.03
CA LYS B 1173 -115.89 -26.42 -42.28
C LYS B 1173 -115.53 -26.57 -40.80
N ILE B 1174 -114.25 -26.74 -40.49
CA ILE B 1174 -113.83 -26.82 -39.09
C ILE B 1174 -113.89 -25.46 -38.43
N CYS B 1175 -113.51 -24.41 -39.15
CA CYS B 1175 -113.64 -23.05 -38.62
C CYS B 1175 -115.10 -22.61 -38.54
N GLN B 1176 -115.97 -23.18 -39.37
CA GLN B 1176 -117.40 -22.87 -39.29
C GLN B 1176 -118.07 -23.54 -38.10
N GLU B 1177 -117.42 -24.55 -37.50
CA GLU B 1177 -117.98 -25.23 -36.34
C GLU B 1177 -117.68 -24.46 -35.06
N PRO B 1183 -113.32 -26.33 -28.45
CA PRO B 1183 -113.81 -27.68 -28.19
C PRO B 1183 -113.07 -28.74 -29.01
N ASP B 1184 -113.77 -29.84 -29.32
CA ASP B 1184 -113.18 -30.88 -30.16
C ASP B 1184 -113.02 -30.41 -31.59
N LEU B 1185 -113.92 -29.54 -32.05
CA LEU B 1185 -113.76 -28.92 -33.37
C LEU B 1185 -112.54 -28.02 -33.41
N TYR B 1186 -112.20 -27.39 -32.28
CA TYR B 1186 -110.98 -26.57 -32.22
C TYR B 1186 -109.73 -27.44 -32.29
N ALA B 1187 -109.75 -28.61 -31.65
CA ALA B 1187 -108.60 -29.52 -31.74
C ALA B 1187 -108.48 -30.11 -33.14
N LEU B 1188 -109.62 -30.39 -33.79
CA LEU B 1188 -109.58 -30.87 -35.16
C LEU B 1188 -109.08 -29.80 -36.12
N ALA B 1189 -109.47 -28.53 -35.88
CA ALA B 1189 -108.97 -27.44 -36.70
C ALA B 1189 -107.48 -27.19 -36.47
N MET B 1190 -107.00 -27.39 -35.23
CA MET B 1190 -105.58 -27.27 -34.95
C MET B 1190 -104.78 -28.37 -35.64
N GLY B 1191 -105.32 -29.60 -35.64
CA GLY B 1191 -104.68 -30.67 -36.39
C GLY B 1191 -104.69 -30.44 -37.88
N TYR B 1192 -105.78 -29.85 -38.39
CA TYR B 1192 -105.87 -29.54 -39.82
C TYR B 1192 -104.89 -28.43 -40.20
N SER B 1193 -104.70 -27.45 -39.30
CA SER B 1193 -103.73 -26.39 -39.56
C SER B 1193 -102.30 -26.93 -39.50
N GLY B 1194 -102.03 -27.84 -38.57
CA GLY B 1194 -100.72 -28.49 -38.52
C GLY B 1194 -100.45 -29.37 -39.72
N GLN B 1195 -101.49 -29.98 -40.28
CA GLN B 1195 -101.33 -30.75 -41.50
C GLN B 1195 -101.14 -29.85 -42.72
N LEU B 1196 -101.86 -28.73 -42.78
CA LEU B 1196 -101.72 -27.80 -43.88
C LEU B 1196 -100.39 -27.04 -43.83
N LYS B 1197 -99.78 -26.95 -42.66
CA LYS B 1197 -98.44 -26.36 -42.56
C LYS B 1197 -97.39 -27.23 -43.24
N SER B 1198 -97.61 -28.53 -43.27
CA SER B 1198 -96.69 -29.45 -43.94
C SER B 1198 -96.83 -29.34 -45.46
N SER C 70 -108.88 -38.08 45.11
CA SER C 70 -108.26 -38.42 46.39
C SER C 70 -106.78 -38.09 46.38
N VAL C 71 -106.02 -38.88 45.61
CA VAL C 71 -104.58 -38.63 45.51
C VAL C 71 -104.28 -37.41 44.66
N SER C 72 -105.22 -37.01 43.80
CA SER C 72 -104.99 -35.87 42.92
C SER C 72 -104.97 -34.56 43.71
N SER C 73 -105.91 -34.39 44.64
CA SER C 73 -105.98 -33.16 45.42
C SER C 73 -104.80 -33.05 46.38
N GLY C 74 -104.43 -34.16 47.03
CA GLY C 74 -103.27 -34.15 47.91
C GLY C 74 -101.97 -33.94 47.14
N PRO C 75 -101.90 -34.49 45.92
CA PRO C 75 -100.74 -34.29 45.07
C PRO C 75 -100.63 -32.84 44.62
N SER C 76 -101.76 -32.21 44.30
CA SER C 76 -101.74 -30.80 43.91
C SER C 76 -101.39 -29.90 45.09
N ARG C 77 -101.86 -30.26 46.30
CA ARG C 77 -101.53 -29.48 47.49
C ARG C 77 -100.05 -29.58 47.82
N TYR C 78 -99.50 -30.80 47.76
CA TYR C 78 -98.07 -30.97 47.99
C TYR C 78 -97.24 -30.32 46.89
N VAL C 79 -97.78 -30.29 45.67
CA VAL C 79 -97.11 -29.62 44.56
C VAL C 79 -97.02 -28.12 44.79
N LEU C 80 -98.13 -27.51 45.21
CA LEU C 80 -98.14 -26.08 45.50
C LEU C 80 -97.24 -25.75 46.69
N GLY C 81 -97.23 -26.61 47.71
CA GLY C 81 -96.41 -26.37 48.89
C GLY C 81 -94.92 -26.48 48.57
N MET C 82 -94.53 -27.52 47.83
CA MET C 82 -93.11 -27.69 47.52
C MET C 82 -92.66 -26.70 46.43
N GLN C 83 -93.59 -26.22 45.61
CA GLN C 83 -93.23 -25.19 44.63
C GLN C 83 -93.07 -23.83 45.31
N GLU C 84 -93.86 -23.59 46.36
CA GLU C 84 -93.62 -22.41 47.19
C GLU C 84 -92.33 -22.54 47.98
N LEU C 85 -91.96 -23.77 48.33
CA LEU C 85 -90.67 -24.01 48.96
C LEU C 85 -89.53 -23.83 47.97
N PHE C 86 -89.76 -24.15 46.71
CA PHE C 86 -88.75 -24.01 45.67
C PHE C 86 -88.57 -22.55 45.27
N THR C 92 -83.72 -25.51 42.70
CA THR C 92 -82.68 -24.58 42.29
C THR C 92 -82.43 -24.67 40.79
N ARG C 93 -81.33 -24.06 40.35
CA ARG C 93 -81.00 -23.98 38.93
C ARG C 93 -79.49 -23.83 38.80
N GLU C 94 -78.82 -24.93 38.45
CA GLU C 94 -77.39 -24.88 38.15
C GLU C 94 -77.22 -24.60 36.66
N PHE C 95 -77.39 -23.32 36.32
CA PHE C 95 -77.32 -22.88 34.93
C PHE C 95 -75.89 -22.95 34.41
N LEU C 96 -75.69 -23.82 33.41
CA LEU C 96 -74.40 -24.06 32.74
C LEU C 96 -73.34 -24.49 33.76
N ALA C 97 -73.61 -25.59 34.46
CA ALA C 97 -72.62 -26.15 35.37
C ALA C 97 -71.45 -26.74 34.60
N HIS C 98 -71.74 -27.53 33.57
CA HIS C 98 -70.76 -27.92 32.58
C HIS C 98 -70.65 -26.83 31.52
N SER C 99 -69.60 -26.92 30.70
CA SER C 99 -69.39 -25.91 29.67
C SER C 99 -70.22 -26.20 28.43
N ALA C 100 -70.81 -27.39 28.32
CA ALA C 100 -71.48 -27.78 27.09
C ALA C 100 -72.82 -28.46 27.34
N LYS C 101 -73.36 -29.10 26.29
CA LYS C 101 -74.65 -29.75 26.35
C LYS C 101 -74.64 -30.96 27.30
N VAL C 102 -75.45 -30.87 28.34
CA VAL C 102 -75.55 -31.95 29.33
C VAL C 102 -76.43 -33.06 28.75
N HIS C 103 -75.89 -34.27 28.67
CA HIS C 103 -76.60 -35.35 28.00
C HIS C 103 -77.54 -36.11 28.92
N SER C 104 -77.16 -36.32 30.17
CA SER C 104 -77.97 -37.13 31.07
C SER C 104 -77.67 -36.74 32.51
N VAL C 105 -78.62 -37.06 33.40
CA VAL C 105 -78.42 -36.96 34.83
C VAL C 105 -79.03 -38.20 35.46
N ALA C 106 -78.41 -38.70 36.53
CA ALA C 106 -78.89 -39.86 37.26
C ALA C 106 -78.82 -39.55 38.75
N TRP C 107 -79.72 -40.15 39.53
CA TRP C 107 -79.85 -39.80 40.93
C TRP C 107 -80.40 -40.98 41.71
N SER C 108 -79.54 -41.57 42.53
CA SER C 108 -79.80 -42.75 43.36
C SER C 108 -79.14 -42.44 44.70
N CYS C 109 -78.79 -43.50 45.46
CA CYS C 109 -78.20 -43.38 46.80
C CYS C 109 -79.18 -42.69 47.75
N ASP C 110 -80.09 -43.49 48.34
CA ASP C 110 -81.40 -43.11 48.91
C ASP C 110 -81.44 -41.79 49.70
N GLY C 111 -80.29 -41.28 50.17
CA GLY C 111 -80.19 -39.90 50.59
C GLY C 111 -80.14 -38.99 49.37
N ARG C 112 -79.14 -38.11 49.31
CA ARG C 112 -79.05 -37.18 48.19
C ARG C 112 -77.62 -37.08 47.67
N ARG C 113 -77.34 -37.76 46.56
CA ARG C 113 -76.09 -37.66 45.83
C ARG C 113 -76.37 -37.71 44.34
N LEU C 114 -76.09 -36.63 43.62
CA LEU C 114 -76.39 -36.53 42.20
C LEU C 114 -75.09 -36.57 41.40
N ALA C 115 -75.22 -36.88 40.10
CA ALA C 115 -74.12 -36.74 39.16
C ALA C 115 -74.67 -36.56 37.76
N SER C 116 -73.91 -35.87 36.92
CA SER C 116 -74.35 -35.52 35.58
C SER C 116 -73.16 -35.54 34.61
N GLY C 117 -73.46 -35.86 33.36
CA GLY C 117 -72.45 -35.93 32.32
C GLY C 117 -72.87 -35.09 31.12
N SER C 118 -71.87 -34.60 30.37
CA SER C 118 -72.12 -33.61 29.35
C SER C 118 -71.26 -33.84 28.12
N PHE C 119 -71.37 -32.92 27.18
CA PHE C 119 -70.64 -33.01 25.91
C PHE C 119 -69.18 -32.64 26.07
N ASP C 120 -68.83 -31.91 27.13
CA ASP C 120 -67.48 -31.37 27.29
C ASP C 120 -66.55 -32.32 28.03
N LYS C 121 -66.76 -33.64 27.91
CA LYS C 121 -66.02 -34.74 28.53
C LYS C 121 -65.78 -34.57 30.03
N THR C 122 -66.69 -33.91 30.72
CA THR C 122 -66.63 -33.72 32.17
C THR C 122 -67.75 -34.50 32.84
N ALA C 123 -67.50 -34.90 34.08
CA ALA C 123 -68.53 -35.46 34.94
C ALA C 123 -68.61 -34.63 36.20
N SER C 124 -69.81 -34.44 36.73
CA SER C 124 -69.97 -33.60 37.92
C SER C 124 -70.79 -34.33 38.97
N VAL C 125 -70.31 -34.30 40.21
CA VAL C 125 -70.95 -34.98 41.32
C VAL C 125 -71.36 -33.93 42.35
N PHE C 126 -72.65 -33.89 42.67
CA PHE C 126 -73.24 -32.92 43.57
C PHE C 126 -73.78 -33.58 44.83
N LEU C 127 -73.79 -32.79 45.90
CA LEU C 127 -74.45 -33.15 47.15
C LEU C 127 -75.65 -32.24 47.32
N LEU C 128 -76.74 -32.77 47.86
CA LEU C 128 -77.91 -31.96 48.18
C LEU C 128 -78.19 -32.03 49.68
N GLU C 129 -77.85 -30.95 50.36
CA GLU C 129 -78.21 -30.68 51.74
C GLU C 129 -79.56 -29.97 51.75
N LYS C 130 -79.79 -29.20 52.81
CA LYS C 130 -80.82 -28.13 52.90
C LYS C 130 -80.85 -27.42 51.53
N ASP C 131 -82.02 -27.25 50.94
CA ASP C 131 -82.22 -27.39 49.49
C ASP C 131 -81.58 -26.27 48.67
N ARG C 132 -80.25 -26.23 48.69
CA ARG C 132 -79.44 -25.46 47.74
C ARG C 132 -78.27 -26.35 47.34
N LEU C 133 -78.08 -26.51 46.04
CA LEU C 133 -77.10 -27.46 45.53
C LEU C 133 -75.66 -27.00 45.78
N VAL C 134 -74.84 -27.92 46.24
CA VAL C 134 -73.41 -27.71 46.41
C VAL C 134 -72.66 -28.69 45.54
N LYS C 135 -71.39 -28.39 45.27
CA LYS C 135 -70.58 -29.18 44.36
C LYS C 135 -69.60 -30.02 45.17
N GLU C 136 -69.54 -31.32 44.86
CA GLU C 136 -68.54 -32.21 45.45
C GLU C 136 -67.36 -32.44 44.51
N ASN C 137 -67.62 -32.93 43.29
CA ASN C 137 -66.54 -33.42 42.44
C ASN C 137 -66.75 -32.99 41.00
N ASN C 138 -65.64 -32.90 40.28
CA ASN C 138 -65.64 -32.66 38.83
C ASN C 138 -64.55 -33.52 38.24
N TYR C 139 -64.94 -34.61 37.58
CA TYR C 139 -64.02 -35.61 37.07
C TYR C 139 -63.72 -35.39 35.60
N ARG C 140 -62.43 -35.46 35.27
CA ARG C 140 -61.91 -35.46 33.91
C ARG C 140 -61.35 -36.84 33.59
N GLY C 141 -60.73 -36.96 32.42
CA GLY C 141 -60.06 -38.18 31.99
C GLY C 141 -60.69 -38.80 30.76
N HIS C 142 -61.85 -38.31 30.35
CA HIS C 142 -62.52 -38.83 29.16
C HIS C 142 -61.82 -38.34 27.90
N GLY C 143 -62.12 -38.98 26.78
CA GLY C 143 -61.66 -38.54 25.49
C GLY C 143 -62.75 -38.08 24.55
N ASP C 144 -64.02 -38.23 24.95
CA ASP C 144 -65.13 -37.84 24.10
C ASP C 144 -66.30 -37.51 25.03
N SER C 145 -67.43 -37.15 24.43
CA SER C 145 -68.60 -36.70 25.18
C SER C 145 -69.20 -37.82 26.01
N VAL C 146 -69.73 -37.45 27.17
CA VAL C 146 -70.40 -38.40 28.06
C VAL C 146 -71.78 -38.67 27.50
N ASP C 147 -72.08 -39.94 27.20
CA ASP C 147 -73.34 -40.29 26.57
C ASP C 147 -74.38 -40.78 27.56
N GLN C 148 -73.97 -41.49 28.60
CA GLN C 148 -74.91 -42.05 29.56
C GLN C 148 -74.24 -42.14 30.92
N LEU C 149 -74.99 -41.74 31.95
CA LEU C 149 -74.50 -41.78 33.32
C LEU C 149 -75.53 -42.48 34.18
N CYS C 150 -75.05 -43.25 35.16
CA CYS C 150 -75.91 -44.05 36.01
C CYS C 150 -75.21 -44.38 37.33
N TRP C 151 -75.90 -44.06 38.43
CA TRP C 151 -75.49 -44.43 39.77
C TRP C 151 -75.82 -45.89 40.06
N HIS C 152 -75.00 -46.53 40.87
CA HIS C 152 -75.22 -47.93 41.17
C HIS C 152 -76.34 -48.06 42.20
N PRO C 153 -77.29 -48.99 41.98
CA PRO C 153 -78.45 -49.08 42.89
C PRO C 153 -78.19 -49.84 44.18
N SER C 154 -77.40 -50.91 44.17
CA SER C 154 -77.34 -51.85 45.28
C SER C 154 -76.08 -51.70 46.12
N ASN C 155 -74.92 -51.65 45.47
CA ASN C 155 -73.65 -51.47 46.14
C ASN C 155 -73.55 -50.07 46.75
N PRO C 156 -72.60 -49.84 47.65
CA PRO C 156 -72.28 -48.46 48.05
C PRO C 156 -71.78 -47.62 46.88
N ASP C 157 -71.71 -46.32 47.15
CA ASP C 157 -71.82 -45.28 46.14
C ASP C 157 -70.71 -45.31 45.09
N LEU C 158 -71.09 -45.75 43.89
CA LEU C 158 -70.20 -45.86 42.73
C LEU C 158 -71.03 -45.58 41.49
N PHE C 159 -70.36 -45.29 40.39
CA PHE C 159 -71.06 -45.05 39.15
C PHE C 159 -70.19 -45.43 37.98
N VAL C 160 -70.82 -45.52 36.81
CA VAL C 160 -70.17 -45.90 35.56
C VAL C 160 -70.54 -44.86 34.51
N THR C 161 -69.53 -44.37 33.80
CA THR C 161 -69.71 -43.39 32.75
C THR C 161 -69.43 -44.02 31.39
N ALA C 162 -70.28 -43.67 30.42
CA ALA C 162 -70.17 -44.11 29.04
C ALA C 162 -69.74 -42.92 28.18
N SER C 163 -68.84 -43.18 27.23
CA SER C 163 -68.34 -42.13 26.37
C SER C 163 -67.99 -42.70 25.00
N GLY C 164 -67.95 -41.83 24.00
CA GLY C 164 -67.62 -42.20 22.64
C GLY C 164 -66.16 -42.34 22.33
N ASP C 165 -65.29 -42.36 23.35
CA ASP C 165 -63.86 -42.50 23.16
C ASP C 165 -63.40 -43.95 23.20
N LYS C 166 -64.28 -44.88 22.78
CA LYS C 166 -64.12 -46.34 22.72
C LYS C 166 -64.01 -47.01 24.09
N THR C 167 -64.09 -46.26 25.19
CA THR C 167 -63.88 -46.80 26.53
C THR C 167 -65.07 -46.52 27.42
N ILE C 168 -65.24 -47.38 28.42
CA ILE C 168 -66.20 -47.20 29.49
C ILE C 168 -65.41 -47.04 30.78
N ARG C 169 -65.90 -46.22 31.71
CA ARG C 169 -65.14 -45.89 32.90
C ARG C 169 -65.98 -46.10 34.15
N ILE C 170 -65.60 -47.09 34.95
CA ILE C 170 -66.19 -47.32 36.26
C ILE C 170 -65.38 -46.51 37.27
N TRP C 171 -66.08 -45.64 38.01
CA TRP C 171 -65.42 -44.64 38.84
C TRP C 171 -65.60 -44.94 40.32
N ASP C 172 -64.71 -44.37 41.13
CA ASP C 172 -64.83 -44.42 42.58
C ASP C 172 -65.27 -43.05 43.08
N VAL C 173 -66.27 -43.03 43.95
CA VAL C 173 -66.70 -41.79 44.57
C VAL C 173 -65.82 -41.47 45.77
N ARG C 174 -65.43 -42.49 46.53
CA ARG C 174 -64.75 -42.26 47.79
C ARG C 174 -63.30 -41.80 47.59
N THR C 175 -62.57 -42.48 46.71
CA THR C 175 -61.17 -42.14 46.48
C THR C 175 -60.96 -41.20 45.30
N THR C 176 -62.03 -40.86 44.58
CA THR C 176 -62.06 -39.94 43.44
C THR C 176 -61.06 -40.36 42.35
N LYS C 177 -61.19 -41.62 41.93
CA LYS C 177 -60.37 -42.15 40.86
C LYS C 177 -61.21 -43.09 40.01
N CYS C 178 -60.67 -43.43 38.84
CA CYS C 178 -61.31 -44.41 37.96
C CYS C 178 -60.94 -45.80 38.43
N ILE C 179 -61.96 -46.59 38.78
CA ILE C 179 -61.71 -47.97 39.17
C ILE C 179 -61.28 -48.80 37.97
N ALA C 180 -62.03 -48.69 36.87
CA ALA C 180 -61.68 -49.50 35.71
C ALA C 180 -62.01 -48.74 34.43
N THR C 181 -61.00 -48.58 33.58
CA THR C 181 -61.20 -48.02 32.25
C THR C 181 -61.10 -49.18 31.27
N VAL C 182 -62.24 -49.62 30.77
CA VAL C 182 -62.33 -50.81 29.95
C VAL C 182 -62.56 -50.41 28.50
N ASN C 183 -61.62 -50.76 27.63
CA ASN C 183 -61.77 -50.54 26.21
C ASN C 183 -62.72 -51.58 25.64
N THR C 184 -63.96 -51.18 25.38
CA THR C 184 -64.91 -52.09 24.75
C THR C 184 -64.96 -51.96 23.24
N LYS C 185 -65.44 -50.82 22.75
CA LYS C 185 -65.56 -50.39 21.36
C LYS C 185 -66.07 -48.95 21.39
N GLY C 186 -66.09 -48.27 20.24
CA GLY C 186 -66.72 -46.96 20.13
C GLY C 186 -68.24 -47.00 20.14
N GLU C 187 -68.82 -48.20 20.28
CA GLU C 187 -70.24 -48.43 20.32
C GLU C 187 -70.90 -48.02 21.64
N ASN C 188 -70.15 -47.41 22.56
CA ASN C 188 -70.62 -47.14 23.91
C ASN C 188 -71.68 -46.04 23.88
N ILE C 189 -72.95 -46.40 24.05
CA ILE C 189 -74.06 -45.45 23.95
C ILE C 189 -74.84 -45.38 25.25
N ASN C 190 -75.49 -46.48 25.65
CA ASN C 190 -76.37 -46.48 26.80
C ASN C 190 -76.08 -47.67 27.70
N ILE C 191 -75.91 -47.41 29.00
CA ILE C 191 -75.44 -48.40 29.95
C ILE C 191 -76.42 -48.53 31.10
N CYS C 192 -76.49 -49.72 31.68
CA CYS C 192 -77.45 -50.02 32.74
C CYS C 192 -76.98 -51.25 33.50
N TRP C 193 -77.58 -51.47 34.68
CA TRP C 193 -77.29 -52.64 35.50
C TRP C 193 -78.49 -53.59 35.56
N SER C 194 -78.17 -54.87 35.72
CA SER C 194 -79.11 -55.80 36.32
C SER C 194 -79.36 -55.39 37.75
N PRO C 195 -80.58 -55.63 38.28
CA PRO C 195 -80.92 -55.11 39.63
C PRO C 195 -80.15 -55.76 40.77
N ASP C 196 -79.43 -56.85 40.52
CA ASP C 196 -78.51 -57.37 41.54
C ASP C 196 -77.26 -56.50 41.62
N GLY C 197 -77.00 -55.70 40.59
CA GLY C 197 -75.79 -54.89 40.53
C GLY C 197 -74.56 -55.64 40.10
N GLN C 198 -74.71 -56.87 39.60
CA GLN C 198 -73.55 -57.70 39.29
C GLN C 198 -72.99 -57.38 37.91
N THR C 199 -73.85 -57.17 36.92
CA THR C 199 -73.43 -56.99 35.54
C THR C 199 -73.89 -55.65 35.00
N ILE C 200 -73.27 -55.23 33.90
CA ILE C 200 -73.57 -53.99 33.21
C ILE C 200 -73.84 -54.33 31.75
N ALA C 201 -75.00 -53.90 31.26
CA ALA C 201 -75.35 -54.02 29.86
C ALA C 201 -75.10 -52.71 29.15
N VAL C 202 -74.54 -52.79 27.95
CA VAL C 202 -74.29 -51.61 27.11
C VAL C 202 -74.79 -51.88 25.69
N GLY C 203 -75.60 -50.96 25.17
CA GLY C 203 -76.10 -51.04 23.82
C GLY C 203 -75.43 -50.03 22.90
N ASN C 204 -75.87 -50.02 21.64
CA ASN C 204 -75.15 -49.28 20.62
C ASN C 204 -76.09 -48.81 19.52
N LYS C 205 -75.51 -48.46 18.38
CA LYS C 205 -76.21 -48.25 17.12
C LYS C 205 -76.20 -49.47 16.22
N ASP C 206 -75.23 -50.38 16.43
CA ASP C 206 -75.02 -51.53 15.56
C ASP C 206 -75.51 -52.83 16.19
N ASP C 207 -76.49 -52.74 17.08
CA ASP C 207 -77.31 -53.85 17.59
C ASP C 207 -76.53 -54.81 18.50
N VAL C 208 -75.24 -54.60 18.72
CA VAL C 208 -74.42 -55.47 19.54
C VAL C 208 -74.50 -54.99 20.98
N VAL C 209 -75.14 -55.79 21.82
CA VAL C 209 -75.30 -55.49 23.23
C VAL C 209 -74.29 -56.33 24.01
N THR C 210 -73.50 -55.66 24.84
CA THR C 210 -72.41 -56.32 25.55
C THR C 210 -72.70 -56.35 27.04
N PHE C 211 -72.57 -57.53 27.63
CA PHE C 211 -72.75 -57.77 29.06
C PHE C 211 -71.37 -57.93 29.68
N ILE C 212 -71.02 -57.03 30.59
CA ILE C 212 -69.72 -57.00 31.24
C ILE C 212 -69.94 -57.07 32.74
N ASP C 213 -69.24 -57.98 33.43
CA ASP C 213 -69.42 -58.09 34.87
C ASP C 213 -68.81 -56.87 35.56
N ALA C 214 -69.58 -56.27 36.48
CA ALA C 214 -69.11 -55.06 37.15
C ALA C 214 -68.05 -55.38 38.20
N LYS C 215 -68.01 -56.61 38.70
CA LYS C 215 -67.03 -56.96 39.73
C LYS C 215 -65.80 -57.61 39.13
N THR C 216 -65.99 -58.47 38.13
CA THR C 216 -64.87 -59.12 37.46
C THR C 216 -64.13 -58.13 36.56
N HIS C 217 -64.83 -57.08 36.11
CA HIS C 217 -64.34 -56.08 35.16
C HIS C 217 -63.91 -56.74 33.84
N ARG C 218 -64.64 -57.77 33.44
CA ARG C 218 -64.31 -58.53 32.24
C ARG C 218 -65.58 -58.71 31.42
N SER C 219 -65.44 -58.61 30.10
CA SER C 219 -66.58 -58.80 29.20
C SER C 219 -67.06 -60.25 29.24
N LYS C 220 -68.37 -60.42 29.33
CA LYS C 220 -68.95 -61.75 29.49
C LYS C 220 -69.77 -62.20 28.29
N ALA C 221 -70.59 -61.32 27.71
CA ALA C 221 -71.49 -61.75 26.65
C ALA C 221 -71.59 -60.68 25.58
N GLU C 222 -71.86 -61.13 24.35
CA GLU C 222 -72.09 -60.24 23.22
C GLU C 222 -73.26 -60.78 22.42
N GLU C 223 -74.32 -59.98 22.31
CA GLU C 223 -75.52 -60.36 21.57
C GLU C 223 -75.72 -59.39 20.40
N GLN C 224 -76.53 -59.79 19.43
CA GLN C 224 -76.83 -58.93 18.30
C GLN C 224 -78.30 -59.09 17.92
N PHE C 225 -79.04 -57.98 17.95
CA PHE C 225 -80.46 -58.00 17.63
C PHE C 225 -80.72 -57.90 16.12
N LYS C 226 -79.78 -57.32 15.37
CA LYS C 226 -79.68 -57.27 13.92
C LYS C 226 -80.73 -56.38 13.24
N PHE C 227 -81.60 -55.70 13.99
CA PHE C 227 -82.54 -54.78 13.35
C PHE C 227 -82.34 -53.34 13.79
N GLU C 228 -82.50 -53.03 15.07
CA GLU C 228 -82.41 -51.67 15.63
C GLU C 228 -82.48 -51.79 17.16
N VAL C 229 -81.77 -50.90 17.84
CA VAL C 229 -81.86 -50.81 19.29
C VAL C 229 -81.73 -49.35 19.70
N ASN C 230 -82.55 -48.93 20.66
CA ASN C 230 -82.53 -47.56 21.18
C ASN C 230 -82.35 -47.50 22.69
N GLU C 231 -82.93 -48.43 23.43
CA GLU C 231 -82.85 -48.43 24.88
C GLU C 231 -83.07 -49.84 25.40
N ILE C 232 -82.23 -50.26 26.35
CA ILE C 232 -82.31 -51.58 26.94
C ILE C 232 -82.53 -51.42 28.44
N SER C 233 -83.12 -52.45 29.06
CA SER C 233 -83.41 -52.39 30.48
C SER C 233 -83.50 -53.79 31.05
N TRP C 234 -83.60 -53.85 32.39
CA TRP C 234 -83.53 -55.07 33.16
C TRP C 234 -84.76 -55.19 34.05
N ASN C 235 -85.43 -56.34 33.99
CA ASN C 235 -86.53 -56.62 34.89
C ASN C 235 -86.00 -56.85 36.30
N ASN C 236 -86.85 -56.54 37.30
CA ASN C 236 -86.43 -56.54 38.71
C ASN C 236 -86.10 -57.93 39.24
N ASP C 237 -86.57 -58.99 38.59
CA ASP C 237 -86.23 -60.34 39.02
C ASP C 237 -84.85 -60.79 38.56
N ASN C 238 -84.16 -59.96 37.76
CA ASN C 238 -82.89 -60.28 37.10
C ASN C 238 -83.02 -61.56 36.27
N ASN C 239 -84.13 -61.68 35.57
CA ASN C 239 -84.40 -62.81 34.70
C ASN C 239 -84.79 -62.40 33.30
N MET C 240 -85.53 -61.31 33.15
CA MET C 240 -85.94 -60.81 31.86
C MET C 240 -85.13 -59.57 31.49
N PHE C 241 -84.83 -59.45 30.20
CA PHE C 241 -84.05 -58.35 29.67
C PHE C 241 -84.82 -57.76 28.50
N PHE C 242 -85.12 -56.47 28.58
CA PHE C 242 -86.01 -55.84 27.62
C PHE C 242 -85.24 -54.92 26.70
N LEU C 243 -85.65 -54.88 25.43
CA LEU C 243 -85.05 -53.94 24.48
C LEU C 243 -86.11 -53.50 23.48
N THR C 244 -85.77 -52.51 22.68
CA THR C 244 -86.67 -51.94 21.69
C THR C 244 -86.02 -51.91 20.32
N ASN C 245 -86.78 -51.43 19.33
CA ASN C 245 -86.26 -51.30 17.98
C ASN C 245 -86.90 -50.16 17.19
N GLY C 246 -86.73 -50.20 15.87
CA GLY C 246 -87.24 -49.20 14.95
C GLY C 246 -88.61 -49.49 14.39
N ASN C 247 -89.21 -50.62 14.76
CA ASN C 247 -90.55 -50.98 14.30
C ASN C 247 -91.57 -50.78 15.41
N GLY C 248 -91.16 -50.22 16.56
CA GLY C 248 -92.03 -50.11 17.69
C GLY C 248 -92.22 -51.38 18.47
N CYS C 249 -91.51 -52.44 18.12
CA CYS C 249 -91.59 -53.70 18.83
C CYS C 249 -90.76 -53.60 20.12
N ILE C 250 -91.09 -54.46 21.07
CA ILE C 250 -90.28 -54.66 22.26
C ILE C 250 -89.90 -56.14 22.33
N ASN C 251 -88.62 -56.40 22.52
CA ASN C 251 -88.09 -57.75 22.62
C ASN C 251 -87.79 -58.08 24.08
N ILE C 252 -88.09 -59.31 24.45
CA ILE C 252 -87.97 -59.82 25.81
C ILE C 252 -87.10 -61.06 25.73
N LEU C 253 -86.00 -61.05 26.48
CA LEU C 253 -85.03 -62.13 26.48
C LEU C 253 -84.90 -62.70 27.90
N SER C 254 -84.52 -63.98 27.97
CA SER C 254 -84.18 -64.60 29.24
C SER C 254 -82.68 -64.47 29.45
N TYR C 255 -82.29 -63.81 30.55
CA TYR C 255 -80.87 -63.50 30.74
C TYR C 255 -79.99 -64.72 31.02
N PRO C 256 -80.34 -65.69 31.89
CA PRO C 256 -79.48 -66.88 31.98
C PRO C 256 -79.56 -67.79 30.77
N GLU C 257 -80.56 -67.61 29.90
CA GLU C 257 -80.64 -68.38 28.67
C GLU C 257 -80.02 -67.67 27.48
N LEU C 258 -80.01 -66.33 27.51
CA LEU C 258 -79.53 -65.45 26.43
C LEU C 258 -80.26 -65.74 25.12
N LYS C 259 -81.56 -66.01 25.22
CA LYS C 259 -82.38 -66.35 24.07
C LYS C 259 -83.52 -65.36 23.92
N PRO C 260 -83.86 -64.97 22.70
CA PRO C 260 -85.03 -64.10 22.49
C PRO C 260 -86.33 -64.86 22.77
N VAL C 261 -87.03 -64.45 23.82
CA VAL C 261 -88.22 -65.16 24.28
C VAL C 261 -89.48 -64.65 23.59
N GLN C 262 -89.69 -63.34 23.57
CA GLN C 262 -90.96 -62.84 23.07
C GLN C 262 -90.77 -61.48 22.41
N SER C 263 -91.60 -61.17 21.43
CA SER C 263 -91.55 -59.89 20.74
C SER C 263 -92.96 -59.36 20.53
N ILE C 264 -93.20 -58.12 20.96
CA ILE C 264 -94.51 -57.50 20.89
C ILE C 264 -94.44 -56.35 19.90
N ASN C 265 -95.39 -56.31 18.97
CA ASN C 265 -95.32 -55.43 17.79
C ASN C 265 -95.95 -54.07 18.05
N ALA C 266 -95.99 -53.61 19.30
CA ALA C 266 -96.93 -52.63 19.83
C ALA C 266 -97.03 -51.28 19.10
N HIS C 267 -95.98 -50.51 19.12
CA HIS C 267 -96.16 -49.16 18.62
C HIS C 267 -95.92 -49.09 17.12
N PRO C 268 -96.60 -48.19 16.41
CA PRO C 268 -96.29 -48.03 14.98
C PRO C 268 -94.96 -47.35 14.71
N SER C 269 -94.64 -46.30 15.45
CA SER C 269 -93.33 -45.67 15.38
C SER C 269 -92.42 -46.28 16.44
N ASN C 270 -91.13 -45.98 16.32
CA ASN C 270 -90.14 -46.59 17.21
C ASN C 270 -90.25 -46.05 18.63
N CYS C 271 -89.86 -46.90 19.59
CA CYS C 271 -89.86 -46.53 21.00
C CYS C 271 -88.48 -46.01 21.39
N ILE C 272 -88.46 -44.89 22.10
CA ILE C 272 -87.22 -44.21 22.43
C ILE C 272 -86.73 -44.63 23.81
N CYS C 273 -87.55 -44.42 24.83
CA CYS C 273 -87.11 -44.61 26.21
C CYS C 273 -88.07 -45.52 26.96
N ILE C 274 -87.51 -46.42 27.78
CA ILE C 274 -88.26 -47.29 28.66
C ILE C 274 -87.64 -47.21 30.05
N LYS C 275 -88.45 -47.48 31.07
CA LYS C 275 -87.98 -47.41 32.46
C LYS C 275 -88.95 -48.17 33.35
N PHE C 276 -88.39 -48.88 34.34
CA PHE C 276 -89.18 -49.55 35.36
C PHE C 276 -89.45 -48.65 36.55
N ASP C 277 -90.25 -49.16 37.47
CA ASP C 277 -90.64 -48.56 38.73
C ASP C 277 -89.95 -49.25 39.90
N PRO C 278 -89.79 -48.54 41.03
CA PRO C 278 -89.31 -49.21 42.25
C PRO C 278 -90.32 -50.20 42.83
N MET C 279 -91.60 -50.09 42.48
CA MET C 279 -92.61 -51.00 42.97
C MET C 279 -92.71 -52.29 42.17
N GLY C 280 -92.23 -52.30 40.92
CA GLY C 280 -92.29 -53.49 40.11
C GLY C 280 -93.65 -53.83 39.55
N LYS C 281 -94.60 -52.89 39.64
CA LYS C 281 -95.97 -53.15 39.21
C LYS C 281 -96.23 -52.79 37.76
N TYR C 282 -95.64 -51.71 37.26
CA TYR C 282 -95.95 -51.20 35.93
C TYR C 282 -94.65 -50.91 35.18
N PHE C 283 -94.80 -50.61 33.89
CA PHE C 283 -93.65 -50.43 33.01
C PHE C 283 -94.09 -49.63 31.79
N ALA C 284 -93.50 -48.45 31.58
CA ALA C 284 -93.93 -47.58 30.50
C ALA C 284 -92.93 -47.58 29.36
N THR C 285 -93.46 -47.56 28.14
CA THR C 285 -92.65 -47.43 26.93
C THR C 285 -93.10 -46.16 26.23
N GLY C 286 -92.15 -45.27 25.94
CA GLY C 286 -92.48 -44.04 25.27
C GLY C 286 -92.06 -44.06 23.81
N SER C 287 -93.02 -44.00 22.90
CA SER C 287 -92.77 -44.10 21.48
C SER C 287 -92.60 -42.71 20.87
N ALA C 288 -92.36 -42.69 19.56
CA ALA C 288 -92.22 -41.43 18.83
C ALA C 288 -93.57 -40.89 18.37
N ASP C 289 -94.67 -41.58 18.64
CA ASP C 289 -96.00 -41.12 18.28
C ASP C 289 -96.64 -40.33 19.43
N ALA C 290 -95.81 -39.75 20.31
CA ALA C 290 -96.22 -38.96 21.49
C ALA C 290 -97.15 -39.74 22.42
N LEU C 291 -96.95 -41.05 22.52
CA LEU C 291 -97.80 -41.91 23.35
C LEU C 291 -96.93 -42.70 24.32
N VAL C 292 -97.11 -42.46 25.60
CA VAL C 292 -96.44 -43.21 26.66
C VAL C 292 -97.40 -44.33 27.05
N SER C 293 -97.07 -45.55 26.64
CA SER C 293 -97.93 -46.70 26.93
C SER C 293 -97.45 -47.37 28.21
N LEU C 294 -98.30 -47.33 29.23
CA LEU C 294 -98.02 -47.94 30.52
C LEU C 294 -98.60 -49.35 30.54
N TRP C 295 -97.77 -50.34 30.83
CA TRP C 295 -98.12 -51.74 30.77
C TRP C 295 -97.95 -52.37 32.14
N ASP C 296 -98.49 -53.57 32.29
CA ASP C 296 -98.29 -54.37 33.49
C ASP C 296 -97.01 -55.18 33.34
N VAL C 297 -96.33 -55.39 34.47
CA VAL C 297 -95.08 -56.14 34.47
C VAL C 297 -95.34 -57.63 34.38
N ASP C 298 -96.18 -58.15 35.28
CA ASP C 298 -96.36 -59.60 35.38
C ASP C 298 -97.18 -60.16 34.23
N GLU C 299 -98.35 -59.57 33.97
CA GLU C 299 -99.22 -60.08 32.93
C GLU C 299 -98.75 -59.72 31.53
N LEU C 300 -97.87 -58.72 31.41
CA LEU C 300 -97.37 -58.19 30.13
C LEU C 300 -98.52 -57.75 29.22
N VAL C 301 -99.50 -57.07 29.81
CA VAL C 301 -100.63 -56.53 29.07
C VAL C 301 -100.56 -55.02 29.11
N CYS C 302 -101.20 -54.40 28.11
CA CYS C 302 -101.14 -52.95 27.93
C CYS C 302 -102.23 -52.31 28.79
N VAL C 303 -101.82 -51.66 29.88
CA VAL C 303 -102.80 -51.13 30.83
C VAL C 303 -103.45 -49.86 30.29
N ARG C 304 -102.65 -48.83 30.00
CA ARG C 304 -103.20 -47.55 29.59
C ARG C 304 -102.14 -46.81 28.76
N CYS C 305 -102.48 -45.60 28.33
CA CYS C 305 -101.52 -44.75 27.66
C CYS C 305 -101.69 -43.33 28.17
N PHE C 306 -100.81 -42.44 27.71
CA PHE C 306 -100.82 -41.04 28.12
C PHE C 306 -100.70 -40.16 26.88
N SER C 307 -101.85 -39.64 26.43
CA SER C 307 -101.91 -38.80 25.23
C SER C 307 -101.89 -37.32 25.65
N ARG C 308 -100.75 -36.91 26.18
CA ARG C 308 -100.58 -35.53 26.64
C ARG C 308 -99.61 -34.72 25.82
N LEU C 309 -98.73 -35.35 25.06
CA LEU C 309 -97.65 -34.66 24.37
C LEU C 309 -98.00 -34.46 22.90
N ASP C 310 -97.20 -33.60 22.25
CA ASP C 310 -97.36 -33.31 20.83
C ASP C 310 -96.12 -33.57 20.01
N TRP C 311 -95.10 -34.21 20.58
CA TRP C 311 -93.81 -34.47 19.98
C TRP C 311 -93.28 -35.77 20.56
N PRO C 312 -92.28 -36.41 19.93
CA PRO C 312 -91.73 -37.65 20.49
C PRO C 312 -91.10 -37.46 21.86
N VAL C 313 -91.35 -38.43 22.73
CA VAL C 313 -90.97 -38.35 24.13
C VAL C 313 -89.48 -38.63 24.27
N ARG C 314 -88.77 -37.72 24.93
CA ARG C 314 -87.32 -37.87 25.09
C ARG C 314 -86.95 -38.69 26.31
N THR C 315 -87.67 -38.55 27.42
CA THR C 315 -87.30 -39.22 28.65
C THR C 315 -88.54 -39.64 29.42
N LEU C 316 -88.38 -40.67 30.24
CA LEU C 316 -89.40 -41.15 31.14
C LEU C 316 -88.80 -41.37 32.51
N SER C 317 -89.60 -41.13 33.54
CA SER C 317 -89.11 -41.31 34.90
C SER C 317 -90.30 -41.57 35.82
N PHE C 318 -90.06 -42.37 36.86
CA PHE C 318 -91.10 -42.80 37.76
C PHE C 318 -90.84 -42.29 39.18
N SER C 319 -91.91 -41.94 39.86
CA SER C 319 -91.82 -41.58 41.27
C SER C 319 -91.62 -42.84 42.11
N HIS C 320 -90.99 -42.65 43.27
CA HIS C 320 -90.65 -43.78 44.13
C HIS C 320 -91.83 -44.32 44.92
N ASP C 321 -92.98 -43.64 44.92
CA ASP C 321 -94.17 -44.27 45.46
C ASP C 321 -94.86 -45.15 44.42
N GLY C 322 -94.49 -45.03 43.16
CA GLY C 322 -95.10 -45.77 42.09
C GLY C 322 -96.40 -45.19 41.58
N LYS C 323 -96.84 -44.04 42.11
CA LYS C 323 -98.12 -43.46 41.78
C LYS C 323 -98.05 -42.38 40.72
N MET C 324 -96.93 -41.68 40.61
CA MET C 324 -96.80 -40.59 39.66
C MET C 324 -95.64 -40.85 38.72
N LEU C 325 -95.64 -40.12 37.60
CA LEU C 325 -94.59 -40.26 36.60
C LEU C 325 -94.40 -38.91 35.91
N ALA C 326 -93.21 -38.73 35.35
CA ALA C 326 -92.85 -37.50 34.67
C ALA C 326 -92.32 -37.82 33.28
N SER C 327 -92.78 -37.05 32.30
CA SER C 327 -92.36 -37.23 30.91
C SER C 327 -92.07 -35.87 30.30
N ALA C 328 -91.08 -35.85 29.42
CA ALA C 328 -90.66 -34.63 28.75
C ALA C 328 -90.42 -34.91 27.26
N SER C 329 -90.57 -33.86 26.45
CA SER C 329 -90.41 -33.98 25.01
C SER C 329 -89.94 -32.65 24.45
N GLU C 330 -90.10 -32.49 23.13
CA GLU C 330 -89.61 -31.31 22.43
C GLU C 330 -90.40 -30.05 22.77
N ASP C 331 -91.67 -30.19 23.17
CA ASP C 331 -92.57 -29.07 23.38
C ASP C 331 -92.41 -28.40 24.75
N HIS C 332 -91.27 -28.59 25.42
CA HIS C 332 -90.84 -27.92 26.65
C HIS C 332 -91.70 -28.24 27.86
N PHE C 333 -92.59 -29.22 27.76
CA PHE C 333 -93.64 -29.42 28.76
C PHE C 333 -93.39 -30.68 29.56
N ILE C 334 -92.87 -30.51 30.77
CA ILE C 334 -92.69 -31.61 31.70
C ILE C 334 -94.04 -31.90 32.30
N ASP C 335 -94.56 -33.10 32.01
CA ASP C 335 -95.88 -33.53 32.45
C ASP C 335 -95.73 -34.56 33.55
N ILE C 336 -96.39 -34.32 34.67
CA ILE C 336 -96.44 -35.25 35.79
C ILE C 336 -97.85 -35.79 35.88
N ALA C 337 -98.00 -37.08 35.60
CA ALA C 337 -99.29 -37.72 35.54
C ALA C 337 -99.37 -38.82 36.60
N GLU C 338 -100.59 -39.29 36.85
CA GLU C 338 -100.80 -40.30 37.88
C GLU C 338 -100.91 -41.68 37.24
N VAL C 339 -100.30 -42.67 37.89
CA VAL C 339 -100.32 -44.04 37.38
C VAL C 339 -101.72 -44.65 37.55
N GLU C 340 -102.27 -44.55 38.76
CA GLU C 340 -103.53 -45.22 39.07
C GLU C 340 -104.72 -44.56 38.38
N THR C 341 -104.72 -43.24 38.27
CA THR C 341 -105.81 -42.55 37.60
C THR C 341 -105.62 -42.52 36.09
N GLY C 342 -104.44 -42.13 35.63
CA GLY C 342 -104.20 -41.97 34.21
C GLY C 342 -104.52 -40.57 33.71
N ASP C 343 -104.27 -39.57 34.54
CA ASP C 343 -104.54 -38.18 34.18
C ASP C 343 -103.38 -37.32 34.64
N LYS C 344 -103.19 -36.20 33.95
CA LYS C 344 -102.07 -35.32 34.26
C LYS C 344 -102.33 -34.56 35.55
N LEU C 345 -101.35 -34.56 36.45
CA LEU C 345 -101.46 -33.84 37.71
C LEU C 345 -100.77 -32.49 37.70
N TRP C 346 -99.69 -32.36 36.93
CA TRP C 346 -98.91 -31.13 36.93
C TRP C 346 -98.25 -30.96 35.57
N GLU C 347 -98.03 -29.70 35.19
CA GLU C 347 -97.30 -29.38 33.98
C GLU C 347 -96.40 -28.18 34.26
N VAL C 348 -95.14 -28.27 33.84
CA VAL C 348 -94.24 -27.14 34.00
C VAL C 348 -93.47 -26.95 32.70
N GLN C 349 -93.06 -25.71 32.43
CA GLN C 349 -92.36 -25.38 31.20
C GLN C 349 -91.08 -24.61 31.52
N CYS C 350 -90.18 -24.58 30.55
CA CYS C 350 -88.92 -23.87 30.66
C CYS C 350 -88.45 -23.47 29.26
N GLU C 351 -87.19 -23.04 29.16
CA GLU C 351 -86.70 -22.42 27.94
C GLU C 351 -86.34 -23.44 26.87
N SER C 352 -85.92 -24.64 27.26
CA SER C 352 -85.32 -25.59 26.34
C SER C 352 -85.97 -26.94 26.57
N PRO C 353 -85.96 -27.84 25.55
CA PRO C 353 -86.56 -29.17 25.73
C PRO C 353 -85.82 -30.01 26.77
N THR C 354 -86.54 -30.45 27.79
CA THR C 354 -85.96 -31.23 28.87
C THR C 354 -85.62 -32.62 28.37
N PHE C 355 -84.38 -33.05 28.61
CA PHE C 355 -83.89 -34.30 28.07
C PHE C 355 -83.77 -35.42 29.09
N THR C 356 -83.75 -35.12 30.38
CA THR C 356 -83.71 -36.18 31.38
C THR C 356 -84.31 -35.71 32.70
N VAL C 357 -85.03 -36.62 33.36
CA VAL C 357 -85.76 -36.36 34.60
C VAL C 357 -85.41 -37.45 35.60
N ALA C 358 -85.13 -37.06 36.86
CA ALA C 358 -84.76 -37.99 37.92
C ALA C 358 -85.49 -37.63 39.21
N TRP C 359 -85.74 -38.66 40.01
CA TRP C 359 -86.41 -38.57 41.31
C TRP C 359 -85.43 -39.04 42.38
N HIS C 360 -85.93 -39.20 43.60
CA HIS C 360 -85.15 -39.65 44.73
C HIS C 360 -86.11 -40.20 45.78
N PRO C 361 -85.70 -41.21 46.56
CA PRO C 361 -86.70 -41.99 47.34
C PRO C 361 -87.42 -41.24 48.45
N LYS C 362 -86.86 -40.12 48.93
CA LYS C 362 -87.59 -39.32 49.91
C LYS C 362 -88.74 -38.59 49.24
N ARG C 363 -88.53 -38.12 48.01
CA ARG C 363 -89.51 -37.60 47.07
C ARG C 363 -90.35 -36.42 47.57
N PRO C 364 -89.75 -35.24 47.85
CA PRO C 364 -90.46 -34.00 47.54
C PRO C 364 -89.98 -33.32 46.25
N LEU C 365 -88.91 -33.80 45.63
CA LEU C 365 -88.17 -33.03 44.64
C LEU C 365 -88.09 -33.75 43.31
N LEU C 366 -87.82 -33.00 42.25
CA LEU C 366 -87.62 -33.52 40.91
C LEU C 366 -86.39 -32.85 40.31
N ALA C 367 -85.36 -33.63 40.01
CA ALA C 367 -84.21 -33.11 39.28
C ALA C 367 -84.48 -33.29 37.79
N PHE C 368 -84.04 -32.32 36.99
CA PHE C 368 -84.11 -32.50 35.54
C PHE C 368 -83.04 -31.68 34.86
N ALA C 369 -82.52 -32.24 33.77
CA ALA C 369 -81.57 -31.53 32.92
C ALA C 369 -82.14 -31.43 31.52
N CYS C 370 -81.90 -30.28 30.90
CA CYS C 370 -82.56 -29.89 29.66
C CYS C 370 -81.51 -29.57 28.61
N ASP C 371 -82.00 -29.09 27.47
CA ASP C 371 -81.13 -28.70 26.36
C ASP C 371 -80.43 -27.38 26.66
N THR C 385 -77.35 -27.76 32.12
CA THR C 385 -78.15 -27.04 33.12
C THR C 385 -79.01 -27.99 33.93
N VAL C 386 -78.71 -28.09 35.22
CA VAL C 386 -79.41 -28.98 36.14
C VAL C 386 -80.33 -28.14 37.00
N LYS C 387 -81.62 -28.45 36.98
CA LYS C 387 -82.63 -27.70 37.69
C LYS C 387 -83.40 -28.62 38.62
N LEU C 388 -83.57 -28.18 39.87
CA LEU C 388 -84.42 -28.86 40.83
C LEU C 388 -85.77 -28.16 40.89
N PHE C 389 -86.83 -28.94 41.01
CA PHE C 389 -88.18 -28.43 41.09
C PHE C 389 -88.87 -29.04 42.30
N GLY C 390 -89.46 -28.19 43.14
CA GLY C 390 -90.25 -28.67 44.25
C GLY C 390 -91.65 -29.03 43.78
N LEU C 391 -92.01 -30.29 43.95
CA LEU C 391 -93.31 -30.77 43.48
C LEU C 391 -94.10 -31.43 44.61
N ALA D 41 -165.02 -76.01 100.74
CA ALA D 41 -164.88 -76.64 102.04
C ALA D 41 -165.93 -77.72 102.25
N GLU D 42 -167.19 -77.29 102.44
CA GLU D 42 -168.28 -78.25 102.62
C GLU D 42 -168.68 -78.91 101.32
N VAL D 43 -168.71 -78.12 100.23
CA VAL D 43 -169.04 -78.69 98.91
C VAL D 43 -167.90 -79.55 98.41
N ASP D 44 -166.66 -79.24 98.79
CA ASP D 44 -165.53 -80.09 98.43
C ASP D 44 -165.53 -81.38 99.23
N LEU D 45 -166.03 -81.34 100.47
CA LEU D 45 -166.14 -82.55 101.26
C LEU D 45 -167.31 -83.42 100.82
N ARG D 46 -168.39 -82.81 100.35
CA ARG D 46 -169.53 -83.59 99.87
C ARG D 46 -169.24 -84.21 98.50
N ASP D 47 -168.36 -83.60 97.72
CA ASP D 47 -168.01 -84.14 96.42
C ASP D 47 -166.85 -85.12 96.51
N TYR D 55 -172.30 -85.59 93.94
CA TYR D 55 -171.71 -84.74 92.90
C TYR D 55 -172.38 -85.01 91.55
N LYS D 56 -172.07 -86.15 90.95
CA LYS D 56 -172.68 -86.52 89.68
C LYS D 56 -174.11 -87.00 89.88
N TYR D 57 -174.48 -87.37 91.11
CA TYR D 57 -175.86 -87.75 91.39
C TYR D 57 -176.81 -86.58 91.26
N THR D 58 -176.35 -85.36 91.58
CA THR D 58 -177.16 -84.17 91.34
C THR D 58 -177.36 -83.92 89.85
N CYS D 59 -176.33 -84.22 89.04
CA CYS D 59 -176.48 -84.10 87.60
C CYS D 59 -177.43 -85.16 87.04
N GLN D 60 -177.42 -86.36 87.62
CA GLN D 60 -178.35 -87.40 87.21
C GLN D 60 -179.78 -87.04 87.62
N GLU D 61 -179.96 -86.43 88.79
CA GLU D 61 -181.28 -85.97 89.21
C GLU D 61 -181.77 -84.83 88.35
N LEU D 62 -180.86 -83.95 87.91
CA LEU D 62 -181.23 -82.88 86.99
C LEU D 62 -181.60 -83.42 85.62
N GLN D 63 -180.92 -84.48 85.18
CA GLN D 63 -181.27 -85.12 83.92
C GLN D 63 -182.62 -85.84 84.00
N ARG D 64 -182.91 -86.46 85.15
CA ARG D 64 -184.21 -87.09 85.33
C ARG D 64 -185.33 -86.06 85.43
N LEU D 65 -185.05 -84.92 86.06
CA LEU D 65 -186.02 -83.83 86.09
C LEU D 65 -186.22 -83.23 84.71
N MET D 66 -185.17 -83.17 83.89
CA MET D 66 -185.30 -82.70 82.53
C MET D 66 -186.13 -83.67 81.68
N ALA D 67 -185.94 -84.97 81.90
CA ALA D 67 -186.75 -85.97 81.21
C ALA D 67 -188.21 -85.89 81.64
N GLU D 68 -188.46 -85.65 82.92
CA GLU D 68 -189.84 -85.50 83.40
C GLU D 68 -190.48 -84.23 82.87
N ILE D 69 -189.70 -83.15 82.74
CA ILE D 69 -190.23 -81.91 82.19
C ILE D 69 -190.50 -82.04 80.71
N GLN D 70 -189.65 -82.79 79.98
CA GLN D 70 -189.92 -83.03 78.57
C GLN D 70 -191.11 -83.96 78.37
N ASP D 71 -191.34 -84.87 79.32
CA ASP D 71 -192.55 -85.70 79.25
C ASP D 71 -193.80 -84.89 79.56
N LEU D 72 -193.69 -83.94 80.50
CA LEU D 72 -194.83 -83.08 80.81
C LEU D 72 -195.11 -82.10 79.68
N LYS D 73 -194.07 -81.66 78.97
CA LYS D 73 -194.28 -80.78 77.82
C LYS D 73 -194.66 -81.57 76.57
N SER D 74 -194.30 -82.85 76.52
CA SER D 74 -194.55 -83.79 75.40
C SER D 74 -194.06 -83.26 74.06
N ALA D 81 -194.16 -76.75 85.42
CA ALA D 81 -194.39 -75.40 85.97
C ALA D 81 -193.27 -75.01 86.93
N ILE D 82 -193.50 -75.27 88.22
CA ILE D 82 -192.48 -74.96 89.23
C ILE D 82 -191.32 -75.94 89.17
N GLU D 83 -191.55 -77.12 88.60
CA GLU D 83 -190.47 -78.09 88.45
C GLU D 83 -189.42 -77.62 87.45
N ILE D 84 -189.84 -76.88 86.42
CA ILE D 84 -188.88 -76.34 85.45
C ILE D 84 -188.02 -75.26 86.10
N GLU D 85 -188.63 -74.42 86.95
CA GLU D 85 -187.88 -73.39 87.65
C GLU D 85 -186.93 -74.00 88.68
N GLU D 86 -187.37 -75.05 89.37
CA GLU D 86 -186.50 -75.73 90.33
C GLU D 86 -185.35 -76.43 89.63
N ARG D 87 -185.60 -77.03 88.47
CA ARG D 87 -184.54 -77.68 87.71
C ARG D 87 -183.56 -76.66 87.14
N ARG D 88 -184.05 -75.49 86.73
CA ARG D 88 -183.16 -74.45 86.23
C ARG D 88 -182.28 -73.88 87.34
N ILE D 89 -182.87 -73.69 88.54
CA ILE D 89 -182.10 -73.20 89.68
C ILE D 89 -181.07 -74.23 90.11
N GLN D 90 -181.44 -75.52 90.08
CA GLN D 90 -180.50 -76.58 90.40
C GLN D 90 -179.39 -76.69 89.36
N SER D 91 -179.71 -76.43 88.08
CA SER D 91 -178.69 -76.46 87.03
C SER D 91 -177.71 -75.29 87.19
N CYS D 92 -178.23 -74.11 87.56
CA CYS D 92 -177.35 -72.97 87.80
C CYS D 92 -176.47 -73.19 89.02
N VAL D 93 -177.02 -73.78 90.07
CA VAL D 93 -176.24 -74.09 91.27
C VAL D 93 -175.20 -75.16 90.98
N HIS D 94 -175.54 -76.14 90.14
CA HIS D 94 -174.59 -77.18 89.78
C HIS D 94 -173.47 -76.63 88.89
N PHE D 95 -173.80 -75.68 88.01
CA PHE D 95 -172.77 -75.05 87.19
C PHE D 95 -171.83 -74.20 88.03
N MET D 96 -172.38 -73.47 89.02
CA MET D 96 -171.54 -72.67 89.91
C MET D 96 -170.67 -73.56 90.78
N THR D 97 -171.21 -74.68 91.26
CA THR D 97 -170.42 -75.60 92.06
C THR D 97 -169.35 -76.30 91.23
N LEU D 98 -169.64 -76.59 89.96
CA LEU D 98 -168.64 -77.18 89.07
C LEU D 98 -167.51 -76.20 88.78
N LYS D 99 -167.85 -74.93 88.55
CA LYS D 99 -166.82 -73.92 88.32
C LYS D 99 -165.98 -73.69 89.56
N LYS D 100 -166.61 -73.72 90.75
CA LYS D 100 -165.86 -73.53 92.00
C LYS D 100 -164.96 -74.72 92.28
N LEU D 101 -165.43 -75.95 92.03
CA LEU D 101 -164.61 -77.13 92.22
C LEU D 101 -163.47 -77.18 91.22
N ASN D 102 -163.71 -76.71 89.99
CA ASN D 102 -162.65 -76.65 89.00
C ASN D 102 -161.58 -75.63 89.39
N ARG D 103 -162.01 -74.48 89.92
CA ARG D 103 -161.06 -73.47 90.36
C ARG D 103 -160.24 -73.94 91.56
N LEU D 104 -160.88 -74.65 92.49
CA LEU D 104 -160.18 -75.18 93.65
C LEU D 104 -159.19 -76.27 93.26
N ALA D 105 -159.58 -77.16 92.33
CA ALA D 105 -158.69 -78.20 91.86
C ALA D 105 -157.52 -77.61 91.06
N HIS D 106 -157.77 -76.56 90.29
CA HIS D 106 -156.70 -75.92 89.53
C HIS D 106 -155.74 -75.20 90.46
N ILE D 107 -156.24 -74.59 91.54
CA ILE D 107 -155.39 -73.92 92.50
C ILE D 107 -154.54 -74.93 93.27
N ARG D 108 -155.13 -76.08 93.64
CA ARG D 108 -154.38 -77.12 94.33
C ARG D 108 -153.33 -77.74 93.42
N LEU D 109 -153.66 -77.94 92.13
CA LEU D 109 -152.70 -78.46 91.17
C LEU D 109 -151.58 -77.47 90.91
N LYS D 110 -151.89 -76.17 90.90
CA LYS D 110 -150.86 -75.16 90.70
C LYS D 110 -149.93 -75.07 91.91
N LYS D 111 -150.49 -75.22 93.12
CA LYS D 111 -149.66 -75.24 94.32
C LYS D 111 -148.75 -76.45 94.35
N GLY D 112 -149.28 -77.62 93.98
CA GLY D 112 -148.46 -78.82 93.88
C GLY D 112 -147.39 -78.72 92.80
N ARG D 113 -147.73 -78.10 91.68
CA ARG D 113 -146.77 -77.92 90.60
C ARG D 113 -145.66 -76.95 90.99
N ASP D 114 -146.02 -75.88 91.73
CA ASP D 114 -145.00 -74.94 92.19
C ASP D 114 -144.09 -75.57 93.24
N GLN D 115 -144.65 -76.39 94.14
CA GLN D 115 -143.82 -77.08 95.13
C GLN D 115 -142.92 -78.11 94.47
N THR D 116 -143.45 -78.85 93.48
CA THR D 116 -142.63 -79.81 92.76
C THR D 116 -141.57 -79.12 91.90
N HIS D 117 -141.87 -77.94 91.37
CA HIS D 117 -140.89 -77.18 90.61
C HIS D 117 -139.77 -76.65 91.51
N GLU D 118 -140.12 -76.23 92.74
CA GLU D 118 -139.11 -75.81 93.70
C GLU D 118 -138.23 -76.97 94.13
N ALA D 119 -138.84 -78.15 94.37
CA ALA D 119 -138.06 -79.32 94.74
C ALA D 119 -137.17 -79.80 93.60
N LYS D 120 -137.69 -79.74 92.36
CA LYS D 120 -136.89 -80.12 91.20
C LYS D 120 -135.77 -79.12 90.93
N GLN D 121 -136.01 -77.84 91.22
CA GLN D 121 -134.94 -76.85 91.07
C GLN D 121 -133.86 -77.05 92.12
N LYS D 122 -134.24 -77.41 93.35
CA LYS D 122 -133.25 -77.68 94.38
C LYS D 122 -132.44 -78.93 94.07
N VAL D 123 -133.12 -79.97 93.58
CA VAL D 123 -132.43 -81.21 93.21
C VAL D 123 -131.56 -81.00 91.99
N ASP D 124 -131.98 -80.15 91.05
CA ASP D 124 -131.17 -79.84 89.89
C ASP D 124 -129.97 -78.99 90.26
N ALA D 125 -130.11 -78.11 91.26
CA ALA D 125 -128.96 -77.35 91.75
C ALA D 125 -127.96 -78.25 92.45
N TYR D 126 -128.45 -79.21 93.24
CA TYR D 126 -127.56 -80.16 93.89
C TYR D 126 -126.85 -81.06 92.88
N HIS D 127 -127.59 -81.52 91.85
CA HIS D 127 -126.99 -82.33 90.81
C HIS D 127 -126.01 -81.54 89.95
N LEU D 128 -126.28 -80.24 89.75
CA LEU D 128 -125.37 -79.41 88.99
C LEU D 128 -124.09 -79.14 89.77
N GLN D 129 -124.22 -78.97 91.10
CA GLN D 129 -123.03 -78.83 91.94
C GLN D 129 -122.21 -80.11 91.96
N LEU D 130 -122.89 -81.27 91.98
CA LEU D 130 -122.19 -82.55 91.93
C LEU D 130 -121.52 -82.76 90.56
N GLN D 131 -122.16 -82.32 89.49
CA GLN D 131 -121.57 -82.45 88.16
C GLN D 131 -120.40 -81.51 87.97
N ASN D 132 -120.46 -80.32 88.56
CA ASN D 132 -119.33 -79.40 88.53
C ASN D 132 -118.17 -79.92 89.38
N LEU D 133 -118.47 -80.56 90.51
CA LEU D 133 -117.42 -81.17 91.31
C LEU D 133 -116.79 -82.37 90.63
N LEU D 134 -117.58 -83.12 89.86
CA LEU D 134 -117.01 -84.23 89.08
C LEU D 134 -116.22 -83.73 87.88
N TYR D 135 -116.64 -82.62 87.28
CA TYR D 135 -115.89 -82.07 86.16
C TYR D 135 -114.62 -81.37 86.62
N GLU D 136 -114.59 -80.90 87.87
CA GLU D 136 -113.36 -80.30 88.40
C GLU D 136 -112.30 -81.36 88.67
N VAL D 137 -112.71 -82.60 88.93
CA VAL D 137 -111.77 -83.67 89.19
C VAL D 137 -111.90 -84.76 88.13
N ALA D 189 -81.39 -89.12 88.98
CA ALA D 189 -80.11 -88.42 88.96
C ALA D 189 -79.25 -88.89 87.80
N ARG D 190 -79.64 -90.01 87.18
CA ARG D 190 -78.88 -90.54 86.05
C ARG D 190 -79.16 -89.76 84.78
N LEU D 191 -80.40 -89.27 84.63
CA LEU D 191 -80.76 -88.49 83.44
C LEU D 191 -80.09 -87.13 83.46
N ASP D 192 -79.97 -86.51 84.64
CA ASP D 192 -79.26 -85.25 84.75
C ASP D 192 -77.77 -85.43 84.51
N TRP D 193 -77.21 -86.57 84.94
CA TRP D 193 -75.82 -86.87 84.65
C TRP D 193 -75.59 -87.12 83.16
N GLU D 194 -76.57 -87.74 82.49
CA GLU D 194 -76.47 -87.94 81.06
C GLU D 194 -76.58 -86.63 80.30
N LEU D 195 -77.44 -85.72 80.78
CA LEU D 195 -77.55 -84.40 80.16
C LEU D 195 -76.29 -83.57 80.39
N GLU D 196 -75.67 -83.70 81.56
CA GLU D 196 -74.41 -83.00 81.83
C GLU D 196 -73.28 -83.57 80.98
N GLN D 197 -73.28 -84.88 80.76
CA GLN D 197 -72.27 -85.50 79.90
C GLN D 197 -72.48 -85.09 78.45
N ARG D 198 -73.73 -84.95 78.02
CA ARG D 198 -74.01 -84.49 76.66
C ARG D 198 -73.61 -83.03 76.49
N LYS D 199 -73.82 -82.20 77.52
CA LYS D 199 -73.40 -80.81 77.46
C LYS D 199 -71.88 -80.69 77.46
N ARG D 200 -71.19 -81.55 78.21
CA ARG D 200 -69.73 -81.55 78.20
C ARG D 200 -69.18 -82.03 76.86
N LEU D 201 -69.86 -83.00 76.24
CA LEU D 201 -69.45 -83.46 74.91
C LEU D 201 -69.69 -82.39 73.86
N ALA D 202 -70.78 -81.63 73.99
CA ALA D 202 -71.04 -80.53 73.07
C ALA D 202 -70.03 -79.40 73.26
N GLU D 203 -69.61 -79.15 74.51
CA GLU D 203 -68.58 -78.15 74.77
C GLU D 203 -67.23 -78.58 74.23
N LYS D 204 -66.92 -79.88 74.32
CA LYS D 204 -65.68 -80.40 73.76
C LYS D 204 -65.70 -80.37 72.24
N TYR D 205 -66.87 -80.61 71.64
CA TYR D 205 -67.00 -80.49 70.19
C TYR D 205 -66.88 -79.04 69.73
N ARG D 206 -67.41 -78.11 70.52
CA ARG D 206 -67.26 -76.69 70.20
C ARG D 206 -65.81 -76.24 70.34
N GLU D 207 -65.10 -76.77 71.33
CA GLU D 207 -63.68 -76.44 71.49
C GLU D 207 -62.85 -77.04 70.36
N CYS D 208 -63.22 -78.24 69.90
CA CYS D 208 -62.53 -78.84 68.77
C CYS D 208 -62.81 -78.08 67.47
N LEU D 209 -64.03 -77.59 67.32
CA LEU D 209 -64.37 -76.77 66.16
C LEU D 209 -63.64 -75.42 66.20
N SER D 210 -63.48 -74.86 67.39
CA SER D 210 -62.72 -73.62 67.53
C SER D 210 -61.25 -73.84 67.25
N ASN D 211 -60.70 -74.99 67.65
CA ASN D 211 -59.31 -75.31 67.34
C ASN D 211 -59.12 -75.55 65.85
N LYS D 212 -60.10 -76.18 65.19
CA LYS D 212 -60.02 -76.38 63.75
C LYS D 212 -60.15 -75.05 63.00
N GLU D 213 -60.98 -74.13 63.53
CA GLU D 213 -61.09 -72.80 62.92
C GLU D 213 -59.82 -72.00 63.12
N LYS D 214 -59.15 -72.17 64.28
CA LYS D 214 -57.88 -71.50 64.51
C LYS D 214 -56.78 -72.06 63.61
N ILE D 215 -56.81 -73.38 63.36
CA ILE D 215 -55.83 -73.99 62.46
C ILE D 215 -56.07 -73.54 61.02
N LEU D 216 -57.35 -73.39 60.63
CA LEU D 216 -57.67 -72.90 59.30
C LEU D 216 -57.29 -71.43 59.15
N LYS D 217 -57.47 -70.64 60.22
CA LYS D 217 -57.04 -69.24 60.18
C LYS D 217 -55.53 -69.12 60.11
N GLU D 218 -54.81 -70.02 60.78
CA GLU D 218 -53.35 -70.02 60.72
C GLU D 218 -52.86 -70.43 59.33
N ILE D 219 -53.55 -71.39 58.71
CA ILE D 219 -53.18 -71.81 57.35
C ILE D 219 -53.48 -70.71 56.35
N GLU D 220 -54.60 -70.00 56.53
CA GLU D 220 -54.93 -68.88 55.65
C GLU D 220 -53.97 -67.72 55.86
N VAL D 221 -53.53 -67.50 57.09
CA VAL D 221 -52.57 -66.45 57.38
C VAL D 221 -51.21 -66.79 56.77
N LYS D 222 -50.84 -68.07 56.78
CA LYS D 222 -49.58 -68.49 56.16
C LYS D 222 -49.64 -68.36 54.64
N LYS D 223 -50.80 -68.71 54.06
CA LYS D 223 -50.96 -68.57 52.61
C LYS D 223 -50.95 -67.11 52.18
N GLU D 224 -51.62 -66.24 52.94
CA GLU D 224 -51.63 -64.82 52.63
C GLU D 224 -50.26 -64.20 52.87
N TYR D 225 -49.52 -64.69 53.86
CA TYR D 225 -48.17 -64.20 54.12
C TYR D 225 -47.22 -64.59 53.00
N LEU D 226 -47.37 -65.81 52.48
CA LEU D 226 -46.55 -66.22 51.33
C LEU D 226 -46.92 -65.43 50.08
N SER D 227 -48.22 -65.20 49.85
CA SER D 227 -48.66 -64.46 48.67
C SER D 227 -48.26 -62.99 48.75
N SER D 228 -48.16 -62.44 49.96
CA SER D 228 -47.71 -61.06 50.10
C SER D 228 -46.20 -60.96 50.06
N LEU D 229 -45.50 -61.98 50.56
CA LEU D 229 -44.05 -61.95 50.61
C LEU D 229 -43.43 -62.27 49.26
N GLN D 230 -44.20 -62.89 48.36
CA GLN D 230 -43.74 -63.12 46.99
C GLN D 230 -43.56 -61.77 46.28
N PRO D 231 -44.60 -60.93 46.26
CA PRO D 231 -44.44 -59.60 45.65
C PRO D 231 -43.54 -58.68 46.45
N ARG D 232 -43.46 -58.88 47.77
CA ARG D 232 -42.53 -58.12 48.59
C ARG D 232 -41.08 -58.48 48.28
N LEU D 233 -40.79 -59.77 48.07
CA LEU D 233 -39.45 -60.16 47.67
C LEU D 233 -39.14 -59.71 46.25
N ASN D 234 -40.16 -59.67 45.39
CA ASN D 234 -39.96 -59.14 44.04
C ASN D 234 -39.62 -57.66 44.06
N SER D 235 -40.31 -56.89 44.90
CA SER D 235 -40.02 -55.46 45.03
C SER D 235 -38.68 -55.24 45.71
N ILE D 236 -38.30 -56.11 46.65
CA ILE D 236 -37.01 -55.98 47.32
C ILE D 236 -35.87 -56.30 46.35
N MET D 237 -36.08 -57.28 45.46
CA MET D 237 -35.08 -57.59 44.46
C MET D 237 -35.00 -56.49 43.40
N GLN D 238 -36.13 -55.87 43.07
CA GLN D 238 -36.11 -54.76 42.12
C GLN D 238 -35.44 -53.53 42.72
N ALA D 239 -35.57 -53.34 44.04
CA ALA D 239 -34.87 -52.25 44.69
C ALA D 239 -33.38 -52.54 44.85
N SER D 240 -33.03 -53.81 45.06
CA SER D 240 -31.63 -54.18 45.22
C SER D 240 -30.89 -54.14 43.89
N LEU D 241 -31.59 -54.45 42.79
CA LEU D 241 -30.96 -54.39 41.47
C LEU D 241 -30.62 -52.97 41.06
N PRO D 242 -31.39 -51.94 41.44
CA PRO D 242 -30.94 -50.57 41.15
C PRO D 242 -29.75 -50.15 41.99
N VAL D 243 -29.66 -50.62 43.23
CA VAL D 243 -28.51 -50.32 44.06
C VAL D 243 -27.30 -51.12 43.59
N GLN D 244 -27.52 -52.28 43.00
CA GLN D 244 -26.42 -53.07 42.46
C GLN D 244 -25.92 -52.48 41.15
N GLU D 245 -26.83 -51.96 40.32
CA GLU D 245 -26.43 -51.31 39.08
C GLU D 245 -25.78 -49.96 39.37
N TYR D 246 -26.17 -49.32 40.47
CA TYR D 246 -25.52 -48.06 40.85
C TYR D 246 -24.14 -48.31 41.42
N LEU D 247 -23.93 -49.46 42.06
CA LEU D 247 -22.63 -49.80 42.62
C LEU D 247 -21.73 -50.44 41.57
N ASP D 252 -32.25 -57.58 34.22
CA ASP D 252 -32.51 -56.23 34.68
C ASP D 252 -33.48 -55.52 33.73
N GLN D 253 -33.01 -54.46 33.08
CA GLN D 253 -33.85 -53.72 32.14
C GLN D 253 -34.02 -54.47 30.83
N ALA D 254 -33.10 -55.39 30.53
CA ALA D 254 -33.20 -56.16 29.29
C ALA D 254 -34.38 -57.12 29.32
N HIS D 255 -34.72 -57.64 30.50
CA HIS D 255 -35.89 -58.49 30.62
C HIS D 255 -37.19 -57.72 30.42
N LYS D 256 -37.24 -56.48 30.94
CA LYS D 256 -38.40 -55.63 30.70
C LYS D 256 -38.50 -55.23 29.24
N GLN D 257 -37.36 -54.98 28.59
CA GLN D 257 -37.37 -54.68 27.17
C GLN D 257 -37.78 -55.90 26.34
N TYR D 258 -37.46 -57.11 26.80
CA TYR D 258 -37.89 -58.30 26.07
C TYR D 258 -39.39 -58.53 26.25
N GLU D 259 -39.91 -58.26 27.46
CA GLU D 259 -41.35 -58.37 27.68
C GLU D 259 -42.11 -57.31 26.92
N THR D 260 -41.49 -56.16 26.66
CA THR D 260 -42.12 -55.16 25.81
C THR D 260 -42.01 -55.55 24.34
N ALA D 261 -40.84 -56.06 23.92
CA ALA D 261 -40.57 -56.42 22.53
C ALA D 261 -41.29 -57.69 22.09
N ARG D 262 -41.90 -58.41 23.03
CA ARG D 262 -42.81 -59.50 22.68
C ARG D 262 -43.96 -59.02 21.79
N HIS D 263 -44.44 -57.80 22.01
CA HIS D 263 -45.60 -57.28 21.30
C HIS D 263 -45.25 -56.49 20.05
N LEU D 264 -43.98 -56.43 19.66
CA LEU D 264 -43.59 -55.66 18.49
C LEU D 264 -44.03 -56.36 17.20
N PRO D 265 -44.22 -55.61 16.12
CA PRO D 265 -44.39 -56.22 14.80
C PRO D 265 -43.10 -56.91 14.38
N PRO D 266 -43.17 -57.86 13.44
CA PRO D 266 -41.98 -58.66 13.07
C PRO D 266 -40.86 -57.86 12.43
N PRO D 267 -41.10 -56.87 11.52
CA PRO D 267 -39.94 -56.06 11.08
C PRO D 267 -39.36 -55.21 12.19
N LEU D 268 -40.21 -54.70 13.09
CA LEU D 268 -39.73 -53.93 14.23
C LEU D 268 -39.00 -54.81 15.23
N TYR D 269 -39.44 -56.06 15.38
CA TYR D 269 -38.74 -56.98 16.28
C TYR D 269 -37.38 -57.37 15.71
N VAL D 270 -37.30 -57.57 14.40
CA VAL D 270 -36.02 -57.88 13.75
C VAL D 270 -35.07 -56.69 13.87
N LEU D 271 -35.59 -55.47 13.70
CA LEU D 271 -34.77 -54.28 13.87
C LEU D 271 -34.28 -54.15 15.31
N PHE D 272 -35.13 -54.46 16.28
CA PHE D 272 -34.74 -54.37 17.69
C PHE D 272 -33.64 -55.37 18.01
N VAL D 273 -33.80 -56.62 17.55
CA VAL D 273 -32.82 -57.67 17.84
C VAL D 273 -31.48 -57.37 17.18
N GLN D 274 -31.51 -56.97 15.90
CA GLN D 274 -30.26 -56.68 15.19
C GLN D 274 -29.59 -55.41 15.72
N ALA D 275 -30.38 -54.44 16.18
CA ALA D 275 -29.79 -53.23 16.74
C ALA D 275 -29.13 -53.50 18.08
N THR D 276 -29.76 -54.31 18.93
CA THR D 276 -29.13 -54.71 20.18
C THR D 276 -27.88 -55.54 19.94
N ALA D 277 -27.91 -56.41 18.92
CA ALA D 277 -26.75 -57.24 18.62
C ALA D 277 -25.59 -56.40 18.10
N TYR D 278 -25.88 -55.42 17.26
CA TYR D 278 -24.81 -54.55 16.75
C TYR D 278 -24.33 -53.58 17.82
N GLY D 279 -25.19 -53.23 18.78
CA GLY D 279 -24.75 -52.38 19.87
C GLY D 279 -23.90 -53.09 20.88
N GLN D 280 -24.18 -54.37 21.12
CA GLN D 280 -23.33 -55.14 22.04
C GLN D 280 -22.09 -55.71 21.35
N ALA D 281 -22.10 -55.83 20.03
CA ALA D 281 -20.97 -56.44 19.34
C ALA D 281 -19.82 -55.46 19.17
N CYS D 282 -20.05 -54.35 18.46
CA CYS D 282 -18.98 -53.45 18.09
C CYS D 282 -19.13 -52.07 18.72
N ASP D 283 -20.24 -51.38 18.50
CA ASP D 283 -20.38 -49.98 18.84
C ASP D 283 -21.21 -49.85 20.12
N LYS D 284 -20.53 -49.56 21.23
CA LYS D 284 -21.22 -49.32 22.49
C LYS D 284 -21.82 -47.93 22.59
N THR D 285 -21.57 -47.07 21.62
CA THR D 285 -22.17 -45.73 21.60
C THR D 285 -23.48 -45.75 20.85
N LEU D 286 -24.41 -46.60 21.28
CA LEU D 286 -25.69 -46.79 20.62
C LEU D 286 -26.67 -47.18 21.69
N SER D 287 -27.90 -46.66 21.61
CA SER D 287 -28.93 -47.05 22.58
C SER D 287 -30.25 -47.20 21.87
N VAL D 288 -30.99 -48.27 22.19
CA VAL D 288 -32.30 -48.51 21.63
C VAL D 288 -33.32 -48.55 22.76
N ALA D 289 -34.57 -48.28 22.40
CA ALA D 289 -35.68 -48.33 23.34
C ALA D 289 -36.96 -48.50 22.54
N ILE D 290 -38.03 -48.86 23.24
CA ILE D 290 -39.34 -49.05 22.64
C ILE D 290 -40.30 -48.05 23.25
N GLU D 291 -40.98 -47.28 22.41
CA GLU D 291 -41.93 -46.27 22.86
C GLU D 291 -43.31 -46.64 22.36
N GLY D 292 -44.26 -46.69 23.28
CA GLY D 292 -45.64 -47.02 22.94
C GLY D 292 -46.40 -47.48 24.17
N SER D 293 -47.57 -48.05 23.91
CA SER D 293 -48.46 -48.53 24.97
C SER D 293 -48.76 -50.00 24.70
N VAL D 294 -48.59 -50.84 25.72
CA VAL D 294 -48.82 -52.27 25.55
C VAL D 294 -50.30 -52.63 25.48
N ASP D 295 -51.17 -51.75 25.97
CA ASP D 295 -52.61 -52.02 25.94
C ASP D 295 -53.14 -51.96 24.51
N GLU D 296 -52.70 -50.97 23.75
CA GLU D 296 -53.02 -50.94 22.32
C GLU D 296 -52.24 -51.97 21.54
N ALA D 297 -51.09 -52.43 22.08
CA ALA D 297 -50.32 -53.47 21.41
C ALA D 297 -50.96 -54.83 21.56
N LYS D 298 -51.75 -55.02 22.64
CA LYS D 298 -52.45 -56.29 22.83
C LYS D 298 -53.56 -56.45 21.80
N ALA D 299 -54.38 -55.42 21.64
CA ALA D 299 -55.45 -55.32 20.63
C ALA D 299 -56.47 -56.47 20.67
N LEU D 333 -64.64 -39.69 2.85
CA LEU D 333 -63.81 -40.88 2.74
C LEU D 333 -62.44 -40.65 3.35
N ASP D 334 -62.33 -39.58 4.15
CA ASP D 334 -61.06 -39.27 4.80
C ASP D 334 -60.75 -40.25 5.94
N ASP D 335 -61.79 -40.89 6.49
CA ASP D 335 -61.58 -41.90 7.51
C ASP D 335 -60.88 -43.12 6.93
N LYS D 336 -61.16 -43.45 5.66
CA LYS D 336 -60.45 -44.53 4.99
C LYS D 336 -58.98 -44.16 4.77
N ARG D 337 -58.71 -42.88 4.50
CA ARG D 337 -57.33 -42.44 4.33
C ARG D 337 -56.59 -42.43 5.66
N LYS D 338 -57.28 -42.14 6.76
CA LYS D 338 -56.64 -42.14 8.07
C LYS D 338 -56.39 -43.57 8.56
N GLU D 339 -57.35 -44.46 8.34
CA GLU D 339 -57.16 -45.84 8.78
C GLU D 339 -56.26 -46.62 7.84
N MET D 340 -56.10 -46.16 6.60
CA MET D 340 -55.09 -46.74 5.72
C MET D 340 -53.69 -46.35 6.16
N LEU D 341 -53.52 -45.09 6.56
CA LEU D 341 -52.23 -44.59 7.04
C LEU D 341 -52.19 -44.67 8.56
N LYS D 342 -52.37 -45.90 9.05
CA LYS D 342 -52.51 -46.17 10.47
C LYS D 342 -51.15 -46.55 11.03
N ARG D 343 -50.64 -45.71 11.93
CA ARG D 343 -49.38 -46.01 12.61
C ARG D 343 -49.60 -47.04 13.70
N HIS D 344 -48.67 -47.99 13.80
CA HIS D 344 -48.67 -48.96 14.87
C HIS D 344 -48.35 -48.27 16.19
N PRO D 345 -49.02 -48.65 17.29
CA PRO D 345 -48.80 -47.94 18.56
C PRO D 345 -47.43 -48.15 19.15
N LEU D 346 -46.75 -49.24 18.82
CA LEU D 346 -45.37 -49.46 19.23
C LEU D 346 -44.43 -48.94 18.16
N SER D 347 -43.42 -48.18 18.59
CA SER D 347 -42.40 -47.64 17.73
C SER D 347 -41.05 -47.89 18.38
N VAL D 348 -39.98 -47.95 17.59
CA VAL D 348 -38.66 -48.16 18.17
C VAL D 348 -37.89 -46.85 18.04
N MET D 349 -36.95 -46.62 18.95
CA MET D 349 -36.22 -45.37 19.00
C MET D 349 -34.77 -45.69 19.32
N LEU D 350 -33.88 -45.38 18.39
CA LEU D 350 -32.47 -45.63 18.59
C LEU D 350 -31.70 -44.33 18.39
N ASP D 351 -30.73 -44.09 19.26
CA ASP D 351 -29.91 -42.91 19.15
C ASP D 351 -28.42 -43.25 19.17
N LEU D 352 -27.67 -42.50 18.37
CA LEU D 352 -26.22 -42.59 18.29
C LEU D 352 -25.62 -41.32 18.86
N LYS D 353 -24.49 -41.44 19.54
CA LYS D 353 -23.67 -40.29 19.87
C LYS D 353 -22.40 -40.34 19.02
N CYS D 354 -22.01 -39.19 18.48
CA CYS D 354 -20.80 -39.10 17.68
C CYS D 354 -19.73 -38.38 18.46
N LYS D 355 -18.54 -38.27 17.85
CA LYS D 355 -17.42 -37.62 18.52
C LYS D 355 -17.41 -36.12 18.27
N ASP D 356 -18.54 -35.50 18.58
CA ASP D 356 -18.76 -34.08 18.45
C ASP D 356 -19.84 -33.71 19.46
N ASP D 357 -19.82 -34.38 20.61
CA ASP D 357 -20.80 -34.17 21.68
C ASP D 357 -22.19 -33.92 21.11
N SER D 358 -22.56 -34.68 20.10
CA SER D 358 -23.86 -34.56 19.46
C SER D 358 -24.47 -35.94 19.29
N VAL D 359 -25.79 -35.98 19.18
CA VAL D 359 -26.54 -37.22 19.06
C VAL D 359 -27.53 -37.11 17.92
N LEU D 360 -27.81 -38.26 17.33
CA LEU D 360 -28.84 -38.44 16.32
C LEU D 360 -29.90 -39.38 16.86
N HIS D 361 -31.15 -38.94 16.82
CA HIS D 361 -32.28 -39.71 17.30
C HIS D 361 -33.08 -40.17 16.10
N LEU D 362 -33.30 -41.48 15.97
CA LEU D 362 -34.17 -42.04 14.96
C LEU D 362 -35.35 -42.72 15.64
N THR D 363 -36.54 -42.47 15.14
CA THR D 363 -37.73 -43.18 15.56
C THR D 363 -38.30 -43.90 14.35
N PHE D 364 -38.33 -45.23 14.41
CA PHE D 364 -38.93 -46.03 13.35
C PHE D 364 -40.38 -46.32 13.71
N TYR D 365 -41.26 -46.03 12.76
CA TYR D 365 -42.69 -46.25 12.85
C TYR D 365 -43.07 -47.31 11.82
N TYR D 366 -44.21 -47.96 12.02
CA TYR D 366 -44.65 -49.03 11.13
C TYR D 366 -46.07 -48.77 10.66
N LEU D 367 -46.36 -49.20 9.43
CA LEU D 367 -47.69 -49.08 8.84
C LEU D 367 -48.17 -50.48 8.51
N MET D 368 -49.12 -51.01 9.29
CA MET D 368 -49.51 -52.39 9.11
C MET D 368 -50.43 -52.58 7.91
N ASN D 369 -51.07 -51.51 7.44
CA ASN D 369 -51.92 -51.61 6.27
C ASN D 369 -51.11 -51.55 4.98
N LEU D 370 -49.86 -51.08 5.04
CA LEU D 370 -49.05 -50.90 3.85
C LEU D 370 -47.83 -51.81 3.82
N ASN D 371 -47.50 -52.44 4.96
CA ASN D 371 -46.29 -53.25 5.16
C ASN D 371 -45.04 -52.44 4.84
N ILE D 372 -45.00 -51.21 5.37
CA ILE D 372 -43.91 -50.27 5.14
C ILE D 372 -43.58 -49.58 6.46
N MET D 373 -42.30 -49.54 6.80
CA MET D 373 -41.84 -48.85 7.99
C MET D 373 -41.07 -47.60 7.60
N THR D 374 -41.26 -46.53 8.36
CA THR D 374 -40.69 -45.22 8.09
C THR D 374 -39.86 -44.75 9.28
N VAL D 375 -39.26 -43.57 9.12
CA VAL D 375 -38.30 -43.03 10.07
C VAL D 375 -38.52 -41.53 10.21
N LYS D 376 -38.51 -41.05 11.47
CA LYS D 376 -38.29 -39.65 11.76
C LYS D 376 -36.92 -39.48 12.40
N ALA D 377 -36.28 -38.34 12.14
CA ALA D 377 -34.92 -38.10 12.57
C ALA D 377 -34.82 -36.77 13.30
N LYS D 378 -33.80 -36.65 14.14
CA LYS D 378 -33.60 -35.44 14.92
C LYS D 378 -32.13 -35.35 15.33
N VAL D 379 -31.43 -34.31 14.88
CA VAL D 379 -30.04 -34.10 15.23
C VAL D 379 -29.98 -33.05 16.33
N THR D 380 -29.43 -33.41 17.49
CA THR D 380 -29.30 -32.45 18.58
C THR D 380 -27.88 -32.46 19.13
N THR D 381 -27.33 -31.28 19.34
CA THR D 381 -25.99 -31.11 19.89
C THR D 381 -26.07 -30.71 21.36
N ALA D 382 -24.91 -30.76 22.02
CA ALA D 382 -24.85 -30.35 23.43
C ALA D 382 -24.89 -28.85 23.57
N MET D 383 -24.33 -28.11 22.62
CA MET D 383 -24.30 -26.65 22.69
C MET D 383 -25.64 -26.05 22.29
N GLU D 384 -25.69 -24.72 22.29
CA GLU D 384 -26.88 -24.01 21.85
C GLU D 384 -27.08 -24.07 20.35
N LEU D 385 -26.00 -24.30 19.59
CA LEU D 385 -26.00 -24.44 18.13
C LEU D 385 -26.57 -23.18 17.46
N ILE D 386 -25.78 -22.11 17.59
CA ILE D 386 -26.14 -20.84 16.96
C ILE D 386 -26.02 -21.02 15.45
N THR D 387 -27.16 -21.07 14.78
CA THR D 387 -27.14 -21.40 13.36
C THR D 387 -26.98 -20.15 12.52
N PRO D 388 -26.28 -20.23 11.39
CA PRO D 388 -26.22 -19.11 10.45
C PRO D 388 -27.46 -19.10 9.56
N ILE D 389 -27.49 -18.13 8.66
CA ILE D 389 -28.65 -17.97 7.80
C ILE D 389 -28.65 -19.00 6.68
N SER D 390 -27.49 -19.22 6.05
CA SER D 390 -27.43 -20.07 4.87
C SER D 390 -27.30 -21.55 5.21
N ALA D 391 -27.28 -21.89 6.50
CA ALA D 391 -27.31 -23.29 6.91
C ALA D 391 -28.61 -23.96 6.47
N GLY D 392 -29.72 -23.52 7.06
CA GLY D 392 -31.05 -23.88 6.59
C GLY D 392 -31.38 -25.35 6.60
N ASP D 393 -31.35 -25.95 5.42
CA ASP D 393 -31.72 -27.34 5.22
C ASP D 393 -30.58 -28.32 5.44
N LEU D 394 -29.52 -27.92 6.15
CA LEU D 394 -28.48 -28.87 6.51
C LEU D 394 -29.00 -29.87 7.54
N LEU D 395 -29.50 -29.36 8.67
CA LEU D 395 -29.98 -30.19 9.76
C LEU D 395 -31.49 -30.11 9.94
N SER D 396 -32.19 -29.61 8.94
CA SER D 396 -33.65 -29.57 9.00
C SER D 396 -34.18 -30.98 8.85
N PRO D 397 -34.99 -31.49 9.79
CA PRO D 397 -35.30 -32.93 9.82
C PRO D 397 -36.16 -33.44 8.67
N ASP D 398 -36.58 -32.59 7.75
CA ASP D 398 -37.31 -33.07 6.58
C ASP D 398 -36.37 -33.74 5.58
N SER D 399 -35.13 -33.24 5.47
CA SER D 399 -34.25 -33.69 4.40
C SER D 399 -32.80 -33.87 4.86
N VAL D 400 -32.57 -34.51 6.01
CA VAL D 400 -31.21 -34.80 6.43
C VAL D 400 -30.72 -36.08 5.78
N LEU D 401 -31.50 -37.15 5.89
CA LEU D 401 -31.09 -38.48 5.46
C LEU D 401 -31.64 -38.83 4.09
N SER D 402 -31.73 -37.85 3.19
CA SER D 402 -32.52 -38.03 1.97
C SER D 402 -31.81 -38.94 0.97
N CYS D 403 -30.50 -38.86 0.89
CA CYS D 403 -29.74 -39.56 -0.16
C CYS D 403 -28.52 -40.24 0.43
N LEU D 404 -28.73 -41.08 1.45
CA LEU D 404 -27.64 -41.91 1.97
C LEU D 404 -27.08 -42.84 0.90
N TYR D 405 -27.92 -43.69 0.38
CA TYR D 405 -27.62 -44.36 -0.86
C TYR D 405 -27.86 -43.40 -2.02
N PRO D 406 -27.21 -43.60 -3.19
CA PRO D 406 -27.44 -42.68 -4.31
C PRO D 406 -28.87 -42.69 -4.82
N GLY D 407 -29.58 -41.60 -4.56
CA GLY D 407 -30.99 -41.50 -4.86
C GLY D 407 -31.89 -41.68 -3.66
N ASP D 408 -32.96 -42.46 -3.89
CA ASP D 408 -34.02 -42.91 -2.98
C ASP D 408 -35.00 -41.84 -2.56
N HIS D 409 -34.63 -40.56 -2.68
CA HIS D 409 -35.50 -39.39 -2.75
C HIS D 409 -36.40 -39.13 -1.54
N GLY D 410 -36.53 -40.07 -0.62
CA GLY D 410 -37.51 -40.01 0.46
C GLY D 410 -38.98 -39.91 0.10
N LYS D 411 -39.33 -40.01 -1.19
CA LYS D 411 -40.66 -39.65 -1.66
C LYS D 411 -41.56 -40.85 -1.95
N LYS D 412 -41.14 -41.72 -2.85
CA LYS D 412 -42.02 -42.75 -3.38
C LYS D 412 -42.00 -44.01 -2.55
N THR D 413 -43.13 -44.72 -2.54
CA THR D 413 -43.25 -46.00 -1.85
C THR D 413 -42.50 -47.08 -2.62
N PRO D 414 -41.83 -47.99 -1.93
CA PRO D 414 -40.98 -48.97 -2.62
C PRO D 414 -41.71 -50.07 -3.38
N ASN D 415 -42.71 -50.70 -2.77
CA ASN D 415 -43.38 -51.82 -3.41
C ASN D 415 -44.52 -51.34 -4.30
N PRO D 416 -44.63 -51.85 -5.53
CA PRO D 416 -45.71 -51.39 -6.42
C PRO D 416 -47.09 -51.93 -6.04
N ALA D 417 -47.15 -52.94 -5.18
CA ALA D 417 -48.43 -53.43 -4.69
C ALA D 417 -49.14 -52.36 -3.86
N ASN D 418 -48.37 -51.61 -3.08
CA ASN D 418 -48.96 -50.48 -2.37
C ASN D 418 -49.36 -49.36 -3.33
N GLN D 419 -48.65 -49.21 -4.45
CA GLN D 419 -49.05 -48.23 -5.44
C GLN D 419 -50.37 -48.60 -6.09
N TYR D 420 -50.58 -49.90 -6.33
CA TYR D 420 -51.87 -50.35 -6.86
C TYR D 420 -52.97 -50.26 -5.81
N GLN D 421 -52.61 -50.46 -4.53
CA GLN D 421 -53.61 -50.35 -3.46
C GLN D 421 -54.02 -48.90 -3.23
N PHE D 422 -53.08 -47.97 -3.35
CA PHE D 422 -53.41 -46.56 -3.23
C PHE D 422 -54.08 -46.04 -4.49
N ASP D 423 -53.85 -46.70 -5.63
CA ASP D 423 -54.59 -46.38 -6.84
C ASP D 423 -56.06 -46.78 -6.69
N LYS D 424 -56.34 -47.80 -5.89
CA LYS D 424 -57.72 -48.18 -5.59
C LYS D 424 -58.43 -47.15 -4.72
N VAL D 425 -57.68 -46.34 -3.97
CA VAL D 425 -58.26 -45.25 -3.19
C VAL D 425 -57.66 -43.92 -3.64
N LEU D 430 -49.37 -37.08 -1.36
CA LEU D 430 -48.95 -38.02 -0.33
C LEU D 430 -47.82 -37.43 0.51
N SER D 431 -47.20 -36.38 -0.03
CA SER D 431 -45.97 -35.84 0.58
C SER D 431 -46.28 -35.13 1.89
N ASP D 432 -47.51 -34.63 2.06
CA ASP D 432 -47.92 -34.12 3.36
C ASP D 432 -47.97 -35.23 4.40
N TYR D 433 -48.42 -36.42 3.99
CA TYR D 433 -48.39 -37.56 4.90
C TYR D 433 -46.97 -38.07 5.09
N VAL D 434 -46.09 -37.80 4.13
CA VAL D 434 -44.67 -38.11 4.31
C VAL D 434 -44.05 -37.20 5.36
N LEU D 435 -44.41 -35.91 5.32
CA LEU D 435 -43.92 -34.99 6.35
C LEU D 435 -44.58 -35.25 7.70
N GLU D 436 -45.78 -35.83 7.69
CA GLU D 436 -46.48 -36.13 8.94
C GLU D 436 -45.96 -37.41 9.59
N LEU D 437 -45.65 -38.43 8.78
CA LEU D 437 -45.32 -39.75 9.28
C LEU D 437 -43.82 -40.05 9.25
N GLY D 438 -43.14 -39.71 8.16
CA GLY D 438 -41.74 -40.00 7.99
C GLY D 438 -41.45 -40.40 6.56
N HIS D 439 -40.23 -40.82 6.31
CA HIS D 439 -39.83 -41.13 4.96
C HIS D 439 -39.67 -42.63 4.76
N PRO D 440 -40.36 -43.21 3.79
CA PRO D 440 -40.18 -44.65 3.49
C PRO D 440 -38.98 -44.92 2.57
N TYR D 441 -37.80 -44.98 3.15
CA TYR D 441 -36.59 -45.23 2.36
C TYR D 441 -36.47 -46.71 2.01
N LEU D 442 -35.43 -47.03 1.25
CA LEU D 442 -35.14 -48.42 0.95
C LEU D 442 -34.25 -49.04 2.02
N TRP D 443 -33.30 -48.26 2.55
CA TRP D 443 -32.37 -48.80 3.53
C TRP D 443 -33.05 -49.08 4.86
N VAL D 444 -34.09 -48.31 5.19
CA VAL D 444 -34.86 -48.56 6.40
C VAL D 444 -35.58 -49.90 6.31
N GLN D 445 -36.13 -50.19 5.14
CA GLN D 445 -36.85 -51.44 4.95
C GLN D 445 -35.89 -52.62 4.81
N LYS D 446 -34.66 -52.37 4.36
CA LYS D 446 -33.66 -53.44 4.41
C LYS D 446 -33.21 -53.69 5.84
N LEU D 447 -33.24 -52.65 6.68
CA LEU D 447 -32.99 -52.86 8.12
C LEU D 447 -34.12 -53.66 8.75
N GLY D 448 -35.35 -53.43 8.30
CA GLY D 448 -36.47 -54.18 8.84
C GLY D 448 -36.52 -55.62 8.34
N GLY D 449 -35.91 -55.90 7.20
CA GLY D 449 -35.89 -57.22 6.62
C GLY D 449 -36.77 -57.38 5.40
N LEU D 450 -37.47 -56.33 5.00
CA LEU D 450 -38.39 -56.43 3.87
C LEU D 450 -37.63 -56.42 2.56
N HIS D 451 -37.85 -57.44 1.74
CA HIS D 451 -37.21 -57.57 0.43
C HIS D 451 -38.23 -57.29 -0.65
N PHE D 452 -38.07 -56.16 -1.33
CA PHE D 452 -39.00 -55.76 -2.37
C PHE D 452 -38.30 -55.80 -3.72
N PRO D 453 -38.70 -56.70 -4.64
CA PRO D 453 -38.06 -56.81 -5.94
C PRO D 453 -38.41 -55.66 -6.88
N ILE D 462 -41.94 -60.66 4.62
CA ILE D 462 -41.39 -61.53 5.66
C ILE D 462 -39.98 -61.10 6.01
N ALA D 463 -39.77 -60.76 7.28
CA ALA D 463 -38.51 -60.18 7.72
C ALA D 463 -37.43 -61.25 7.85
N ASP D 464 -36.20 -60.89 7.50
CA ASP D 464 -35.06 -61.79 7.54
C ASP D 464 -33.91 -61.14 8.29
N HIS D 465 -33.30 -61.87 9.22
CA HIS D 465 -32.14 -61.36 9.93
C HIS D 465 -30.90 -61.34 9.06
N SER D 466 -30.78 -62.32 8.16
CA SER D 466 -29.61 -62.40 7.28
C SER D 466 -29.62 -61.26 6.27
N LEU D 467 -30.81 -60.79 5.88
CA LEU D 467 -30.89 -59.61 5.03
C LEU D 467 -30.54 -58.35 5.82
N SER D 468 -30.83 -58.35 7.12
CA SER D 468 -30.53 -57.19 7.95
C SER D 468 -29.06 -57.10 8.35
N ALA D 469 -28.32 -58.21 8.25
CA ALA D 469 -27.03 -58.36 8.91
C ALA D 469 -25.98 -57.36 8.41
N SER D 470 -25.59 -57.45 7.14
CA SER D 470 -24.52 -56.59 6.63
C SER D 470 -25.00 -55.17 6.42
N HIS D 471 -26.26 -55.02 6.00
CA HIS D 471 -26.87 -53.72 5.78
C HIS D 471 -26.92 -52.90 7.06
N MET D 472 -27.02 -53.56 8.21
CA MET D 472 -26.95 -52.88 9.51
C MET D 472 -25.66 -52.10 9.66
N GLU D 473 -24.52 -52.79 9.56
CA GLU D 473 -23.22 -52.14 9.81
C GLU D 473 -22.92 -51.09 8.75
N THR D 474 -23.26 -51.36 7.48
CA THR D 474 -22.99 -50.39 6.44
C THR D 474 -23.82 -49.11 6.63
N THR D 475 -25.11 -49.26 6.95
CA THR D 475 -25.93 -48.07 7.15
C THR D 475 -25.57 -47.31 8.42
N MET D 476 -25.12 -48.00 9.48
CA MET D 476 -24.72 -47.26 10.68
C MET D 476 -23.44 -46.47 10.44
N LYS D 477 -22.50 -47.04 9.67
CA LYS D 477 -21.32 -46.28 9.27
C LYS D 477 -21.68 -45.08 8.40
N LEU D 478 -22.67 -45.25 7.50
CA LEU D 478 -23.06 -44.13 6.65
C LEU D 478 -23.77 -43.03 7.44
N LEU D 479 -24.54 -43.40 8.46
CA LEU D 479 -25.17 -42.39 9.31
C LEU D 479 -24.13 -41.64 10.13
N LYS D 480 -23.13 -42.35 10.65
CA LYS D 480 -22.06 -41.73 11.42
C LYS D 480 -21.24 -40.77 10.56
N THR D 481 -21.06 -41.08 9.27
CA THR D 481 -20.39 -40.12 8.40
C THR D 481 -21.28 -38.95 8.03
N ARG D 482 -22.58 -39.20 7.81
CA ARG D 482 -23.50 -38.15 7.35
C ARG D 482 -23.67 -37.05 8.39
N VAL D 483 -23.82 -37.44 9.67
CA VAL D 483 -24.05 -36.42 10.70
C VAL D 483 -22.79 -35.58 10.92
N GLN D 484 -21.61 -36.21 10.90
CA GLN D 484 -20.36 -35.47 11.03
C GLN D 484 -20.14 -34.54 9.85
N SER D 485 -20.53 -34.97 8.65
CA SER D 485 -20.38 -34.14 7.47
C SER D 485 -21.29 -32.92 7.54
N ARG D 486 -22.53 -33.10 8.02
CA ARG D 486 -23.44 -31.97 8.10
C ARG D 486 -23.01 -30.99 9.19
N LEU D 487 -22.47 -31.48 10.30
CA LEU D 487 -21.99 -30.56 11.34
C LEU D 487 -20.75 -29.80 10.87
N ALA D 488 -19.88 -30.46 10.09
CA ALA D 488 -18.72 -29.77 9.56
C ALA D 488 -19.12 -28.73 8.52
N LEU D 489 -20.12 -29.03 7.69
CA LEU D 489 -20.64 -28.02 6.77
C LEU D 489 -21.30 -26.87 7.50
N HIS D 490 -21.92 -27.15 8.66
CA HIS D 490 -22.51 -26.10 9.47
C HIS D 490 -21.45 -25.15 10.00
N LYS D 491 -20.34 -25.70 10.50
CA LYS D 491 -19.24 -24.87 10.98
C LYS D 491 -18.62 -24.06 9.86
N GLN D 492 -18.45 -24.68 8.68
CA GLN D 492 -17.88 -23.99 7.54
C GLN D 492 -18.79 -22.88 7.03
N PHE D 493 -20.10 -23.09 7.05
CA PHE D 493 -21.01 -22.04 6.58
C PHE D 493 -21.08 -20.89 7.57
N ALA D 494 -21.01 -21.20 8.87
CA ALA D 494 -20.93 -20.16 9.89
C ALA D 494 -19.67 -19.33 9.74
N SER D 495 -18.58 -19.94 9.28
CA SER D 495 -17.39 -19.14 9.00
C SER D 495 -17.49 -18.41 7.66
N LEU D 496 -18.12 -19.00 6.65
CA LEU D 496 -18.11 -18.42 5.31
C LEU D 496 -19.08 -17.26 5.19
N GLU D 497 -20.05 -17.14 6.09
CA GLU D 497 -20.92 -15.96 6.03
C GLU D 497 -20.20 -14.69 6.46
N HIS D 498 -19.08 -14.81 7.16
CA HIS D 498 -18.29 -13.65 7.56
C HIS D 498 -17.20 -13.30 6.55
N GLY D 499 -17.27 -13.83 5.33
CA GLY D 499 -16.30 -13.50 4.32
C GLY D 499 -14.94 -14.15 4.47
N ILE D 500 -14.80 -15.09 5.40
CA ILE D 500 -13.53 -15.74 5.69
C ILE D 500 -13.65 -17.21 5.26
N VAL D 501 -12.68 -17.66 4.47
CA VAL D 501 -12.60 -19.06 4.05
C VAL D 501 -11.83 -19.83 5.11
N PRO D 502 -12.46 -20.74 5.85
CA PRO D 502 -11.74 -21.48 6.90
C PRO D 502 -10.88 -22.58 6.33
N VAL D 503 -9.56 -22.36 6.35
CA VAL D 503 -8.59 -23.34 5.91
C VAL D 503 -7.90 -23.90 7.13
N THR D 504 -7.55 -25.19 7.07
CA THR D 504 -6.93 -25.83 8.21
C THR D 504 -5.41 -25.71 8.13
N SER D 505 -4.74 -26.19 9.18
CA SER D 505 -3.29 -26.18 9.20
C SER D 505 -2.71 -27.25 8.29
N ASP D 506 -3.52 -28.24 7.91
CA ASP D 506 -3.02 -29.34 7.09
C ASP D 506 -3.00 -28.96 5.62
N CYS D 507 -3.97 -28.17 5.17
CA CYS D 507 -4.15 -27.91 3.75
C CYS D 507 -3.32 -26.78 3.21
N GLN D 508 -2.42 -26.19 4.02
CA GLN D 508 -1.72 -24.97 3.63
C GLN D 508 -0.75 -25.19 2.48
N TYR D 509 -0.31 -26.42 2.24
CA TYR D 509 0.55 -26.68 1.09
C TYR D 509 -0.22 -26.70 -0.22
N LEU D 510 -1.55 -26.75 -0.18
CA LEU D 510 -2.32 -26.79 -1.42
C LEU D 510 -2.36 -25.45 -2.12
N PHE D 511 -2.13 -24.36 -1.40
CA PHE D 511 -2.35 -23.03 -1.91
C PHE D 511 -1.10 -22.18 -1.76
N PRO D 512 -0.96 -21.11 -2.54
CA PRO D 512 0.11 -20.14 -2.26
C PRO D 512 -0.21 -19.34 -1.01
N ALA D 513 0.81 -18.59 -0.57
CA ALA D 513 0.69 -17.84 0.68
C ALA D 513 -0.18 -16.61 0.50
N LYS D 514 0.23 -15.69 -0.38
CA LYS D 514 -0.50 -14.45 -0.62
C LYS D 514 -1.70 -14.72 -1.50
N VAL D 515 -2.84 -14.17 -1.11
CA VAL D 515 -4.06 -14.20 -1.92
C VAL D 515 -4.69 -12.80 -1.83
N VAL D 516 -5.25 -12.35 -2.95
CA VAL D 516 -5.79 -11.00 -3.04
C VAL D 516 -7.32 -11.04 -3.14
N SER D 517 -7.87 -11.97 -3.90
CA SER D 517 -9.30 -12.09 -4.11
C SER D 517 -9.95 -12.66 -2.85
N ARG D 518 -11.10 -12.10 -2.50
CA ARG D 518 -11.80 -12.46 -1.28
C ARG D 518 -13.27 -12.75 -1.57
N LEU D 519 -13.90 -13.46 -0.65
CA LEU D 519 -15.30 -13.83 -0.74
C LEU D 519 -16.13 -12.76 -0.03
N VAL D 520 -17.08 -12.17 -0.74
CA VAL D 520 -17.86 -11.09 -0.14
C VAL D 520 -19.32 -11.50 0.06
N LYS D 521 -19.81 -12.49 -0.67
CA LYS D 521 -21.20 -12.93 -0.53
C LYS D 521 -21.27 -14.44 -0.63
N TRP D 522 -22.06 -15.04 0.26
CA TRP D 522 -22.34 -16.48 0.28
C TRP D 522 -23.81 -16.65 0.64
N VAL D 523 -24.67 -16.72 -0.37
CA VAL D 523 -26.08 -16.82 -0.11
C VAL D 523 -26.76 -18.01 -0.76
N THR D 524 -27.41 -18.83 0.04
CA THR D 524 -28.11 -19.99 -0.47
C THR D 524 -29.26 -19.49 -1.34
N ILE D 525 -29.48 -20.16 -2.47
CA ILE D 525 -30.56 -19.78 -3.36
C ILE D 525 -31.48 -20.98 -3.55
N ALA D 526 -32.56 -20.79 -4.31
CA ALA D 526 -33.51 -21.87 -4.52
C ALA D 526 -33.29 -22.52 -5.87
N HIS D 527 -33.88 -23.71 -6.03
CA HIS D 527 -33.76 -24.46 -7.27
C HIS D 527 -34.16 -23.62 -8.49
N GLU D 528 -35.39 -23.14 -8.50
CA GLU D 528 -35.89 -22.35 -9.62
C GLU D 528 -35.01 -21.12 -9.84
N ASP D 529 -34.47 -20.56 -8.76
CA ASP D 529 -33.53 -19.44 -8.89
C ASP D 529 -32.23 -19.91 -9.54
N TYR D 530 -31.85 -21.16 -9.32
CA TYR D 530 -30.68 -21.73 -10.00
C TYR D 530 -30.95 -21.92 -11.48
N MET D 531 -32.14 -22.43 -11.81
CA MET D 531 -32.45 -22.68 -13.22
C MET D 531 -32.78 -21.40 -13.98
N GLU D 532 -33.08 -20.30 -13.29
CA GLU D 532 -33.24 -19.01 -13.97
C GLU D 532 -31.92 -18.40 -14.40
N LEU D 533 -30.79 -18.89 -13.88
CA LEU D 533 -29.50 -18.35 -14.28
C LEU D 533 -29.17 -18.77 -15.70
N HIS D 534 -28.57 -17.85 -16.46
CA HIS D 534 -28.31 -18.09 -17.86
C HIS D 534 -27.10 -19.00 -18.09
N PHE D 535 -26.15 -19.00 -17.15
CA PHE D 535 -24.87 -19.67 -17.36
C PHE D 535 -24.82 -21.05 -16.72
N THR D 536 -25.96 -21.62 -16.35
CA THR D 536 -26.00 -22.94 -15.74
C THR D 536 -26.89 -23.89 -16.53
N LYS D 537 -26.84 -23.82 -17.86
CA LYS D 537 -27.69 -24.69 -18.67
C LYS D 537 -27.12 -26.09 -18.76
N ASP D 538 -25.79 -26.21 -18.64
CA ASP D 538 -25.13 -27.49 -18.87
C ASP D 538 -25.31 -28.44 -17.71
N ILE D 539 -25.33 -27.90 -16.48
CA ILE D 539 -25.59 -28.71 -15.29
C ILE D 539 -27.01 -29.26 -15.33
N VAL D 540 -27.97 -28.42 -15.72
CA VAL D 540 -29.37 -28.84 -15.80
C VAL D 540 -29.56 -29.86 -16.92
N ASP D 541 -28.94 -29.62 -18.08
CA ASP D 541 -29.09 -30.53 -19.20
C ASP D 541 -28.30 -31.83 -18.99
N ALA D 542 -27.30 -31.83 -18.13
CA ALA D 542 -26.57 -33.06 -17.84
C ALA D 542 -27.30 -33.97 -16.87
N GLY D 543 -28.25 -33.42 -16.11
CA GLY D 543 -28.96 -34.20 -15.12
C GLY D 543 -28.42 -34.10 -13.72
N LEU D 544 -27.67 -33.05 -13.40
CA LEU D 544 -27.06 -32.88 -12.09
C LEU D 544 -27.81 -31.89 -11.22
N ALA D 545 -28.71 -31.10 -11.79
CA ALA D 545 -29.51 -30.14 -11.03
C ALA D 545 -30.88 -30.74 -10.73
N GLY D 546 -30.88 -31.75 -9.88
CA GLY D 546 -32.10 -32.36 -9.43
C GLY D 546 -32.80 -31.53 -8.37
N ASP D 547 -33.92 -32.04 -7.89
CA ASP D 547 -34.69 -31.34 -6.87
C ASP D 547 -34.01 -31.43 -5.51
N THR D 548 -33.43 -32.58 -5.18
CA THR D 548 -32.87 -32.83 -3.86
C THR D 548 -31.41 -32.37 -3.79
N ASN D 549 -31.22 -31.07 -3.97
CA ASN D 549 -29.88 -30.49 -3.89
C ASN D 549 -29.95 -29.19 -3.10
N LEU D 550 -28.78 -28.70 -2.71
CA LEU D 550 -28.65 -27.41 -2.06
C LEU D 550 -27.89 -26.49 -3.01
N TYR D 551 -28.47 -25.33 -3.31
CA TYR D 551 -27.97 -24.42 -4.31
C TYR D 551 -27.50 -23.13 -3.68
N TYR D 552 -26.25 -22.77 -3.94
CA TYR D 552 -25.60 -21.65 -3.28
C TYR D 552 -25.03 -20.69 -4.31
N MET D 553 -24.80 -19.45 -3.89
CA MET D 553 -24.19 -18.43 -4.73
C MET D 553 -23.04 -17.81 -3.96
N ALA D 554 -21.84 -17.96 -4.48
CA ALA D 554 -20.67 -17.27 -3.96
C ALA D 554 -20.31 -16.13 -4.90
N LEU D 555 -19.80 -15.05 -4.34
CA LEU D 555 -19.43 -13.90 -5.15
C LEU D 555 -18.04 -13.46 -4.73
N ILE D 556 -17.09 -13.53 -5.64
CA ILE D 556 -15.69 -13.26 -5.34
C ILE D 556 -15.20 -12.08 -6.15
N GLU D 557 -14.54 -11.14 -5.48
CA GLU D 557 -14.17 -9.88 -6.12
C GLU D 557 -12.69 -9.59 -5.99
N ARG D 558 -12.18 -8.89 -7.01
CA ARG D 558 -11.03 -8.00 -6.89
C ARG D 558 -11.45 -6.64 -7.42
N GLY D 559 -10.48 -5.75 -7.65
CA GLY D 559 -10.75 -4.41 -8.12
C GLY D 559 -11.50 -4.35 -9.43
N THR D 560 -12.78 -3.98 -9.35
CA THR D 560 -13.77 -4.00 -10.42
C THR D 560 -13.92 -5.36 -11.10
N ALA D 561 -13.66 -6.45 -10.38
CA ALA D 561 -13.73 -7.79 -10.94
C ALA D 561 -14.66 -8.62 -10.08
N LYS D 562 -15.80 -9.00 -10.64
CA LYS D 562 -16.81 -9.76 -9.94
C LYS D 562 -16.99 -11.13 -10.58
N LEU D 563 -17.04 -12.17 -9.75
CA LEU D 563 -17.13 -13.55 -10.22
C LEU D 563 -18.25 -14.23 -9.46
N GLN D 564 -19.31 -14.59 -10.18
CA GLN D 564 -20.43 -15.31 -9.59
C GLN D 564 -20.22 -16.80 -9.78
N ALA D 565 -20.22 -17.55 -8.68
CA ALA D 565 -20.00 -18.99 -8.69
C ALA D 565 -21.22 -19.67 -8.09
N ALA D 566 -22.00 -20.32 -8.94
CA ALA D 566 -23.16 -21.08 -8.50
C ALA D 566 -22.73 -22.48 -8.13
N VAL D 567 -23.17 -22.95 -6.96
CA VAL D 567 -22.66 -24.15 -6.32
C VAL D 567 -23.81 -25.13 -6.14
N VAL D 568 -23.62 -26.38 -6.55
CA VAL D 568 -24.58 -27.44 -6.33
C VAL D 568 -23.96 -28.46 -5.38
N LEU D 569 -24.65 -28.72 -4.27
CA LEU D 569 -24.35 -29.82 -3.34
C LEU D 569 -25.44 -30.87 -3.43
N ASN D 570 -25.07 -32.11 -3.66
CA ASN D 570 -26.04 -33.16 -3.35
C ASN D 570 -25.79 -33.67 -1.94
N PRO D 571 -26.77 -34.31 -1.29
CA PRO D 571 -26.60 -34.62 0.15
C PRO D 571 -25.53 -35.65 0.47
N GLY D 572 -24.99 -36.34 -0.51
CA GLY D 572 -23.84 -37.19 -0.25
C GLY D 572 -22.53 -36.41 -0.31
N TYR D 573 -22.38 -35.39 0.52
CA TYR D 573 -21.16 -34.61 0.55
C TYR D 573 -20.02 -35.43 1.15
N SER D 574 -18.79 -35.09 0.72
CA SER D 574 -17.49 -35.71 1.00
C SER D 574 -17.34 -37.05 0.31
N SER D 575 -18.35 -37.46 -0.45
CA SER D 575 -18.27 -38.58 -1.35
C SER D 575 -18.60 -38.20 -2.77
N ILE D 576 -19.42 -37.17 -2.98
CA ILE D 576 -19.67 -36.58 -4.28
C ILE D 576 -19.43 -35.08 -4.14
N PRO D 577 -18.56 -34.48 -4.95
CA PRO D 577 -18.15 -33.09 -4.72
C PRO D 577 -19.22 -32.12 -5.19
N PRO D 578 -19.24 -30.91 -4.65
CA PRO D 578 -20.06 -29.85 -5.22
C PRO D 578 -19.57 -29.46 -6.60
N ILE D 579 -20.51 -29.10 -7.47
CA ILE D 579 -20.22 -28.70 -8.85
C ILE D 579 -20.37 -27.19 -8.95
N PHE D 580 -19.48 -26.53 -9.67
CA PHE D 580 -19.47 -25.08 -9.74
C PHE D 580 -19.75 -24.63 -11.17
N GLN D 581 -20.39 -23.47 -11.29
CA GLN D 581 -20.50 -22.75 -12.56
C GLN D 581 -20.04 -21.33 -12.32
N LEU D 582 -19.29 -20.78 -13.28
CA LEU D 582 -18.61 -19.51 -13.10
C LEU D 582 -19.05 -18.51 -14.16
N CYS D 583 -19.26 -17.27 -13.74
CA CYS D 583 -19.56 -16.17 -14.64
C CYS D 583 -18.77 -14.97 -14.17
N LEU D 584 -17.83 -14.49 -14.99
CA LEU D 584 -16.99 -13.36 -14.64
C LEU D 584 -17.53 -12.10 -15.31
N ASN D 585 -18.08 -11.20 -14.52
CA ASN D 585 -18.56 -9.91 -15.01
C ASN D 585 -17.48 -8.85 -14.76
N TRP D 586 -16.39 -8.97 -15.50
CA TRP D 586 -15.27 -8.04 -15.38
C TRP D 586 -15.24 -7.00 -16.50
N LYS D 587 -15.17 -7.46 -17.75
CA LYS D 587 -15.27 -6.59 -18.91
C LYS D 587 -16.26 -7.26 -19.86
N GLY D 588 -17.40 -6.62 -20.07
CA GLY D 588 -18.48 -7.26 -20.79
C GLY D 588 -19.08 -8.36 -19.93
N GLU D 589 -19.10 -9.59 -20.45
CA GLU D 589 -19.55 -10.72 -19.66
C GLU D 589 -18.80 -11.95 -20.15
N LYS D 590 -17.68 -12.26 -19.51
CA LYS D 590 -16.84 -13.38 -19.88
C LYS D 590 -17.37 -14.63 -19.19
N THR D 591 -18.07 -15.47 -19.94
CA THR D 591 -18.75 -16.63 -19.38
C THR D 591 -18.15 -17.92 -19.94
N ASN D 592 -18.80 -19.04 -19.62
CA ASN D 592 -18.29 -20.35 -19.99
C ASN D 592 -18.40 -20.60 -21.50
N SER D 593 -19.33 -19.93 -22.17
CA SER D 593 -19.54 -20.21 -23.59
C SER D 593 -18.63 -19.38 -24.48
N ASN D 594 -18.10 -18.26 -24.00
CA ASN D 594 -17.32 -17.36 -24.84
C ASN D 594 -15.87 -17.24 -24.37
N ASP D 595 -15.46 -18.07 -23.42
CA ASP D 595 -14.09 -18.03 -22.93
C ASP D 595 -13.70 -19.44 -22.52
N ASP D 596 -12.44 -19.79 -22.75
CA ASP D 596 -11.96 -21.13 -22.49
C ASP D 596 -11.19 -21.23 -21.19
N ASN D 597 -10.72 -20.09 -20.68
CA ASN D 597 -10.03 -20.13 -19.39
C ASN D 597 -11.03 -20.23 -18.24
N ILE D 598 -12.26 -19.75 -18.45
CA ILE D 598 -13.34 -20.00 -17.50
C ILE D 598 -13.61 -21.49 -17.40
N ARG D 599 -13.66 -22.16 -18.56
CA ARG D 599 -13.85 -23.60 -18.62
C ARG D 599 -12.65 -24.34 -18.02
N ALA D 600 -11.45 -23.75 -18.14
CA ALA D 600 -10.28 -24.35 -17.53
C ALA D 600 -10.32 -24.26 -16.02
N MET D 601 -10.81 -23.14 -15.48
CA MET D 601 -10.95 -23.02 -14.03
C MET D 601 -12.04 -23.96 -13.51
N GLU D 602 -13.11 -24.13 -14.28
CA GLU D 602 -14.14 -25.10 -13.91
C GLU D 602 -13.60 -26.52 -13.95
N GLY D 603 -12.68 -26.80 -14.88
CA GLY D 603 -12.04 -28.10 -14.89
C GLY D 603 -11.07 -28.30 -13.73
N GLU D 604 -10.41 -27.22 -13.31
CA GLU D 604 -9.51 -27.32 -12.18
C GLU D 604 -10.26 -27.52 -10.87
N VAL D 605 -11.46 -26.99 -10.77
CA VAL D 605 -12.22 -27.16 -9.53
C VAL D 605 -13.03 -28.44 -9.54
N ASN D 606 -13.80 -28.69 -10.59
CA ASN D 606 -14.77 -29.79 -10.60
C ASN D 606 -14.13 -31.14 -10.85
N VAL D 607 -13.30 -31.26 -11.89
CA VAL D 607 -12.79 -32.57 -12.29
C VAL D 607 -11.62 -33.01 -11.42
N CYS D 608 -10.76 -32.09 -11.01
CA CYS D 608 -9.57 -32.40 -10.24
C CYS D 608 -9.79 -32.24 -8.74
N TYR D 609 -10.96 -32.64 -8.24
CA TYR D 609 -11.31 -32.36 -6.85
C TYR D 609 -10.58 -33.27 -5.88
N LYS D 610 -10.08 -34.42 -6.33
CA LYS D 610 -9.42 -35.35 -5.42
C LYS D 610 -8.05 -34.88 -4.97
N GLU D 611 -7.49 -33.86 -5.62
CA GLU D 611 -6.29 -33.25 -5.08
C GLU D 611 -6.60 -32.42 -3.85
N LEU D 612 -7.85 -31.99 -3.69
CA LEU D 612 -8.24 -31.09 -2.62
C LEU D 612 -8.74 -31.80 -1.39
N CYS D 613 -9.11 -33.08 -1.50
CA CYS D 613 -9.56 -33.82 -0.33
C CYS D 613 -8.35 -34.23 0.51
N GLY D 614 -8.46 -34.03 1.82
CA GLY D 614 -7.33 -34.22 2.71
C GLY D 614 -7.28 -35.60 3.34
N PRO D 615 -7.47 -35.65 4.67
CA PRO D 615 -7.45 -36.95 5.38
C PRO D 615 -8.70 -37.78 5.15
N TRP D 616 -8.85 -38.87 5.90
CA TRP D 616 -10.03 -39.72 5.77
C TRP D 616 -11.33 -39.01 6.18
N PRO D 617 -11.39 -38.22 7.30
CA PRO D 617 -12.61 -37.40 7.40
C PRO D 617 -12.51 -36.11 6.60
N SER D 618 -12.54 -36.26 5.27
CA SER D 618 -12.33 -35.13 4.37
C SER D 618 -13.63 -34.35 4.22
N HIS D 619 -13.94 -33.56 5.23
CA HIS D 619 -15.11 -32.71 5.20
C HIS D 619 -14.74 -31.27 4.90
N GLN D 620 -13.48 -31.02 4.54
CA GLN D 620 -12.97 -29.69 4.24
C GLN D 620 -12.87 -29.44 2.75
N LEU D 621 -13.68 -30.13 1.93
CA LEU D 621 -13.48 -30.09 0.49
C LEU D 621 -14.02 -28.80 -0.12
N LEU D 622 -15.13 -28.29 0.42
CA LEU D 622 -15.74 -27.09 -0.16
C LEU D 622 -14.89 -25.86 0.06
N THR D 623 -14.27 -25.75 1.25
CA THR D 623 -13.40 -24.61 1.51
C THR D 623 -12.14 -24.67 0.66
N ASN D 624 -11.63 -25.89 0.41
CA ASN D 624 -10.45 -26.04 -0.44
C ASN D 624 -10.77 -25.68 -1.88
N GLN D 625 -11.98 -26.03 -2.35
CA GLN D 625 -12.40 -25.61 -3.69
C GLN D 625 -12.56 -24.09 -3.78
N LEU D 626 -13.10 -23.45 -2.74
CA LEU D 626 -13.27 -22.00 -2.78
C LEU D 626 -11.93 -21.28 -2.73
N GLN D 627 -10.99 -21.79 -1.94
CA GLN D 627 -9.66 -21.18 -1.87
C GLN D 627 -8.90 -21.35 -3.18
N ARG D 628 -8.99 -22.54 -3.79
CA ARG D 628 -8.35 -22.75 -5.09
C ARG D 628 -8.99 -21.85 -6.14
N LEU D 629 -10.30 -21.63 -6.07
CA LEU D 629 -10.94 -20.78 -7.08
C LEU D 629 -10.56 -19.32 -6.89
N CYS D 630 -10.31 -18.91 -5.64
CA CYS D 630 -9.75 -17.57 -5.40
C CYS D 630 -8.36 -17.45 -6.02
N VAL D 631 -7.53 -18.48 -5.84
CA VAL D 631 -6.19 -18.49 -6.44
C VAL D 631 -6.26 -18.45 -7.97
N LEU D 632 -7.22 -19.17 -8.55
CA LEU D 632 -7.38 -19.18 -9.99
C LEU D 632 -7.87 -17.83 -10.52
N LEU D 633 -8.70 -17.13 -9.75
CA LEU D 633 -9.10 -15.78 -10.15
C LEU D 633 -7.90 -14.83 -10.13
N ASP D 634 -7.03 -14.99 -9.13
CA ASP D 634 -5.80 -14.20 -9.08
C ASP D 634 -4.92 -14.47 -10.30
N VAL D 635 -4.82 -15.73 -10.70
CA VAL D 635 -3.99 -16.09 -11.86
C VAL D 635 -4.60 -15.55 -13.15
N TYR D 636 -5.92 -15.69 -13.29
CA TYR D 636 -6.60 -15.22 -14.49
C TYR D 636 -6.52 -13.71 -14.64
N LEU D 637 -6.47 -12.98 -13.52
CA LEU D 637 -6.42 -11.53 -13.65
C LEU D 637 -4.99 -11.02 -13.80
N GLU D 638 -4.02 -11.67 -13.15
CA GLU D 638 -2.65 -11.16 -13.23
C GLU D 638 -1.97 -11.58 -14.53
N THR D 639 -2.17 -12.83 -14.96
CA THR D 639 -1.48 -13.33 -16.14
C THR D 639 -2.14 -12.96 -17.45
N GLU D 640 -3.16 -12.11 -17.45
CA GLU D 640 -3.75 -11.67 -18.70
C GLU D 640 -2.91 -10.60 -19.34
N SER D 641 -2.66 -10.75 -20.64
CA SER D 641 -1.87 -9.79 -21.39
C SER D 641 -2.69 -8.55 -21.70
N HIS D 642 -2.00 -7.42 -21.83
CA HIS D 642 -2.67 -6.15 -22.10
C HIS D 642 -3.05 -6.03 -23.57
N LYS D 650 -3.21 -1.63 -17.35
CA LYS D 650 -2.74 -2.72 -16.49
C LYS D 650 -3.19 -2.50 -15.05
N GLU D 651 -4.39 -2.97 -14.73
CA GLU D 651 -4.94 -2.78 -13.40
C GLU D 651 -4.39 -3.78 -12.40
N PHE D 652 -3.84 -4.91 -12.86
CA PHE D 652 -3.37 -5.96 -11.97
C PHE D 652 -1.94 -6.32 -12.37
N PRO D 653 -0.95 -6.08 -11.52
CA PRO D 653 0.43 -6.43 -11.88
C PRO D 653 0.67 -7.93 -11.71
N GLN D 654 1.43 -8.49 -12.64
CA GLN D 654 1.74 -9.91 -12.64
C GLN D 654 2.93 -10.17 -11.72
N GLU D 655 2.64 -10.79 -10.57
CA GLU D 655 3.67 -11.20 -9.62
C GLU D 655 3.92 -12.70 -9.62
N LYS D 656 3.44 -13.41 -10.64
CA LYS D 656 3.59 -14.86 -10.67
C LYS D 656 4.87 -15.27 -11.38
N MET D 657 5.38 -16.45 -11.01
CA MET D 657 6.63 -16.94 -11.60
C MET D 657 6.37 -18.03 -12.63
N CYS D 658 5.35 -17.85 -13.48
CA CYS D 658 4.83 -18.87 -14.38
C CYS D 658 5.83 -19.37 -15.43
N LEU D 659 6.71 -18.48 -15.91
CA LEU D 659 7.85 -18.71 -16.80
C LEU D 659 7.43 -19.02 -18.25
N ARG D 660 6.14 -19.23 -18.48
CA ARG D 660 5.57 -19.31 -19.82
C ARG D 660 4.10 -18.98 -19.70
N LEU D 661 3.60 -18.12 -20.59
CA LEU D 661 2.29 -17.52 -20.35
C LEU D 661 1.18 -18.30 -21.05
N PHE D 662 1.45 -18.84 -22.23
CA PHE D 662 0.45 -19.57 -22.98
C PHE D 662 1.07 -20.83 -23.57
N ARG D 663 0.27 -21.88 -23.74
CA ARG D 663 0.68 -23.05 -24.49
C ARG D 663 -0.56 -23.75 -25.02
N GLY D 664 -0.35 -24.56 -26.06
CA GLY D 664 -1.41 -25.34 -26.64
C GLY D 664 -2.19 -24.56 -27.68
N PRO D 665 -3.09 -25.25 -28.39
CA PRO D 665 -3.91 -24.56 -29.39
C PRO D 665 -4.92 -23.60 -28.79
N SER D 666 -5.40 -23.86 -27.59
CA SER D 666 -6.39 -23.00 -26.96
C SER D 666 -5.77 -21.84 -26.17
N ARG D 667 -4.45 -21.73 -26.18
CA ARG D 667 -3.69 -20.65 -25.52
C ARG D 667 -3.97 -20.63 -24.02
N MET D 668 -3.58 -21.71 -23.37
CA MET D 668 -3.99 -21.99 -22.00
C MET D 668 -3.11 -21.27 -20.99
N LYS D 669 -3.73 -20.73 -19.95
CA LYS D 669 -3.03 -20.07 -18.86
C LYS D 669 -2.59 -21.10 -17.81
N PRO D 670 -1.49 -20.84 -17.09
CA PRO D 670 -1.00 -21.83 -16.11
C PRO D 670 -1.81 -21.81 -14.82
N PHE D 671 -2.51 -22.99 -14.53
CA PHE D 671 -3.41 -23.08 -13.39
C PHE D 671 -3.02 -24.13 -12.37
N LYS D 672 -1.95 -24.88 -12.58
CA LYS D 672 -1.48 -25.86 -11.62
C LYS D 672 -0.44 -25.23 -10.72
N TYR D 673 -0.57 -25.45 -9.42
CA TYR D 673 0.35 -24.91 -8.44
C TYR D 673 1.39 -25.97 -8.07
N ASN D 674 2.63 -25.54 -7.85
CA ASN D 674 3.72 -26.42 -7.44
C ASN D 674 4.26 -25.89 -6.12
N HIS D 675 4.11 -26.70 -5.07
CA HIS D 675 4.38 -26.24 -3.71
C HIS D 675 5.85 -26.25 -3.29
N PRO D 676 6.65 -27.32 -3.50
CA PRO D 676 8.03 -27.28 -2.97
C PRO D 676 8.92 -26.26 -3.67
N GLN D 677 8.58 -25.83 -4.88
CA GLN D 677 9.23 -24.69 -5.49
C GLN D 677 8.32 -23.49 -5.60
N GLY D 678 7.01 -23.67 -5.48
CA GLY D 678 6.06 -22.58 -5.41
C GLY D 678 5.88 -21.78 -6.69
N PHE D 679 5.40 -22.42 -7.74
CA PHE D 679 5.22 -21.72 -9.01
C PHE D 679 4.11 -22.37 -9.81
N PHE D 680 3.60 -21.65 -10.80
CA PHE D 680 2.45 -22.08 -11.57
C PHE D 680 2.88 -22.68 -12.91
N SER D 681 2.45 -23.90 -13.16
CA SER D 681 2.62 -24.58 -14.43
C SER D 681 1.26 -24.82 -15.06
N HIS D 682 1.27 -25.39 -16.24
CA HIS D 682 0.03 -25.75 -16.90
C HIS D 682 -0.40 -27.16 -16.51
N ARG D 683 -1.69 -27.43 -16.68
CA ARG D 683 -2.25 -28.73 -16.34
C ARG D 683 -1.80 -29.79 -17.33
N VAL E 5 -36.26 -33.28 -19.75
CA VAL E 5 -34.99 -32.95 -20.36
C VAL E 5 -33.76 -33.64 -19.69
N PRO E 6 -33.65 -33.68 -18.31
CA PRO E 6 -32.62 -34.56 -17.74
C PRO E 6 -33.00 -36.03 -17.82
N LEU E 7 -32.69 -36.65 -18.97
CA LEU E 7 -33.06 -38.03 -19.21
C LEU E 7 -32.31 -38.99 -18.28
N ALA E 8 -30.98 -38.98 -18.37
CA ALA E 8 -30.14 -39.86 -17.56
C ALA E 8 -29.57 -39.09 -16.37
N VAL E 9 -30.00 -39.48 -15.19
CA VAL E 9 -29.44 -38.96 -13.93
C VAL E 9 -28.44 -39.97 -13.43
N PRO E 10 -27.19 -39.58 -13.12
CA PRO E 10 -26.15 -40.58 -12.83
C PRO E 10 -26.35 -41.37 -11.54
N LEU E 11 -26.51 -40.70 -10.39
CA LEU E 11 -26.76 -41.31 -9.09
C LEU E 11 -25.67 -42.31 -8.71
N GLY E 12 -24.48 -41.77 -8.48
CA GLY E 12 -23.34 -42.59 -8.09
C GLY E 12 -22.03 -41.86 -8.32
N GLN E 13 -21.05 -42.06 -7.44
CA GLN E 13 -19.81 -41.29 -7.45
C GLN E 13 -19.02 -41.47 -8.74
N THR E 14 -18.93 -42.72 -9.22
CA THR E 14 -18.23 -42.98 -10.47
C THR E 14 -18.96 -42.39 -11.66
N GLU E 15 -20.29 -42.49 -11.68
CA GLU E 15 -21.02 -41.97 -12.83
C GLU E 15 -21.15 -40.45 -12.79
N VAL E 16 -21.18 -39.86 -11.59
CA VAL E 16 -21.10 -38.40 -11.49
C VAL E 16 -19.73 -37.91 -11.95
N PHE E 17 -18.68 -38.65 -11.63
CA PHE E 17 -17.35 -38.26 -12.08
C PHE E 17 -17.19 -38.41 -13.59
N GLN E 18 -17.82 -39.43 -14.16
CA GLN E 18 -17.79 -39.58 -15.62
C GLN E 18 -18.60 -38.49 -16.32
N ALA E 19 -19.72 -38.10 -15.72
CA ALA E 19 -20.50 -36.99 -16.28
C ALA E 19 -19.75 -35.67 -16.17
N LEU E 20 -18.94 -35.52 -15.12
CA LEU E 20 -18.15 -34.31 -14.98
C LEU E 20 -16.99 -34.28 -15.97
N GLN E 21 -16.40 -35.45 -16.26
CA GLN E 21 -15.35 -35.48 -17.27
C GLN E 21 -15.91 -35.26 -18.67
N ARG E 22 -17.10 -35.78 -18.94
CA ARG E 22 -17.72 -35.52 -20.25
C ARG E 22 -18.15 -34.07 -20.38
N LEU E 23 -18.56 -33.46 -19.28
CA LEU E 23 -19.00 -32.07 -19.31
C LEU E 23 -17.82 -31.13 -19.50
N HIS E 24 -16.63 -31.52 -19.07
CA HIS E 24 -15.42 -30.70 -19.19
C HIS E 24 -14.43 -31.27 -20.19
N MET E 25 -14.91 -31.76 -21.33
CA MET E 25 -14.04 -32.39 -22.31
C MET E 25 -13.82 -31.47 -23.51
N THR E 26 -12.59 -31.44 -23.99
CA THR E 26 -12.22 -30.72 -25.19
C THR E 26 -11.56 -31.68 -26.15
N ILE E 27 -12.01 -31.69 -27.41
CA ILE E 27 -11.50 -32.60 -28.42
C ILE E 27 -10.62 -31.79 -29.37
N PHE E 28 -9.31 -32.03 -29.30
CA PHE E 28 -8.34 -31.22 -30.03
C PHE E 28 -8.11 -31.68 -31.47
N SER E 29 -7.92 -32.98 -31.68
CA SER E 29 -7.42 -33.47 -32.95
C SER E 29 -8.38 -34.45 -33.57
N GLN E 30 -8.28 -34.60 -34.89
CA GLN E 30 -9.02 -35.59 -35.64
C GLN E 30 -8.13 -36.20 -36.70
N SER E 31 -8.33 -37.48 -36.95
CA SER E 31 -7.61 -38.17 -38.02
C SER E 31 -8.56 -39.16 -38.67
N VAL E 32 -8.27 -39.53 -39.90
CA VAL E 32 -9.09 -40.48 -40.64
C VAL E 32 -8.23 -41.70 -40.94
N SER E 33 -8.88 -42.86 -41.07
CA SER E 33 -8.18 -44.10 -41.39
C SER E 33 -7.67 -44.06 -42.85
N PRO E 34 -6.80 -45.01 -43.24
CA PRO E 34 -6.49 -45.14 -44.68
C PRO E 34 -7.69 -45.43 -45.55
N CYS E 35 -8.63 -46.25 -45.07
CA CYS E 35 -9.95 -46.34 -45.67
C CYS E 35 -10.83 -45.24 -45.06
N GLY E 36 -12.01 -45.07 -45.62
CA GLY E 36 -12.89 -44.05 -45.07
C GLY E 36 -13.60 -44.48 -43.80
N LYS E 37 -13.45 -45.73 -43.42
CA LYS E 37 -14.43 -46.36 -42.54
C LYS E 37 -14.27 -45.94 -41.08
N PHE E 38 -13.10 -45.45 -40.70
CA PHE E 38 -12.84 -45.15 -39.31
C PHE E 38 -12.38 -43.72 -39.10
N LEU E 39 -12.69 -43.19 -37.92
CA LEU E 39 -12.30 -41.87 -37.48
C LEU E 39 -11.56 -42.01 -36.16
N ALA E 40 -10.63 -41.10 -35.89
CA ALA E 40 -9.90 -41.09 -34.64
C ALA E 40 -9.97 -39.70 -34.04
N ALA E 41 -10.31 -39.64 -32.75
CA ALA E 41 -10.47 -38.36 -32.06
C ALA E 41 -9.56 -38.31 -30.86
N GLY E 42 -8.80 -37.22 -30.74
CA GLY E 42 -7.91 -37.00 -29.63
C GLY E 42 -8.63 -36.24 -28.52
N ASN E 43 -8.10 -36.34 -27.31
CA ASN E 43 -8.86 -35.93 -26.14
C ASN E 43 -8.06 -34.93 -25.30
N ASN E 44 -8.81 -34.21 -24.47
CA ASN E 44 -8.23 -33.35 -23.45
C ASN E 44 -7.41 -34.15 -22.45
N TYR E 45 -7.86 -35.36 -22.13
CA TYR E 45 -7.26 -36.15 -21.06
C TYR E 45 -6.19 -37.11 -21.57
N GLY E 46 -5.83 -37.00 -22.84
CA GLY E 46 -4.83 -37.88 -23.41
C GLY E 46 -5.38 -39.18 -23.95
N GLN E 47 -6.69 -39.23 -24.17
CA GLN E 47 -7.34 -40.45 -24.61
C GLN E 47 -7.51 -40.39 -26.11
N ILE E 48 -7.84 -41.53 -26.70
CA ILE E 48 -8.14 -41.60 -28.13
C ILE E 48 -9.38 -42.45 -28.32
N ALA E 49 -10.38 -41.88 -29.00
CA ALA E 49 -11.56 -42.63 -29.38
C ALA E 49 -11.48 -43.01 -30.86
N ILE E 50 -12.06 -44.16 -31.19
CA ILE E 50 -12.10 -44.65 -32.55
C ILE E 50 -13.56 -44.83 -32.93
N PHE E 51 -13.97 -44.15 -33.99
CA PHE E 51 -15.36 -44.06 -34.41
C PHE E 51 -15.56 -44.86 -35.69
N SER E 52 -16.44 -45.84 -35.63
CA SER E 52 -16.83 -46.60 -36.82
C SER E 52 -17.73 -45.70 -37.65
N LEU E 53 -17.13 -44.99 -38.61
CA LEU E 53 -17.85 -43.96 -39.33
C LEU E 53 -18.78 -44.56 -40.37
N SER E 54 -18.36 -45.66 -40.99
CA SER E 54 -19.22 -46.35 -41.96
C SER E 54 -20.40 -47.02 -41.26
N SER E 55 -20.18 -47.49 -40.02
CA SER E 55 -21.28 -48.08 -39.27
C SER E 55 -22.25 -47.01 -38.78
N ALA E 56 -21.74 -45.80 -38.53
CA ALA E 56 -22.63 -44.71 -38.15
C ALA E 56 -23.43 -44.21 -39.34
N LEU E 57 -22.81 -44.18 -40.51
CA LEU E 57 -23.48 -43.70 -41.72
C LEU E 57 -24.31 -44.77 -42.42
N SER E 58 -24.39 -45.98 -41.85
CA SER E 58 -25.13 -47.06 -42.50
C SER E 58 -26.64 -46.87 -42.33
N SER E 59 -27.39 -47.65 -43.11
CA SER E 59 -28.84 -47.64 -42.97
C SER E 59 -29.27 -48.32 -41.68
N GLU E 60 -28.64 -49.44 -41.35
CA GLU E 60 -28.81 -50.03 -40.03
C GLU E 60 -27.88 -49.33 -39.05
N ALA E 61 -28.46 -48.47 -38.21
CA ALA E 61 -27.66 -47.71 -37.26
C ALA E 61 -28.42 -47.62 -35.95
N LYS E 62 -27.73 -47.96 -34.87
CA LYS E 62 -28.31 -47.93 -33.54
C LYS E 62 -27.82 -46.70 -32.80
N GLU E 63 -28.46 -46.41 -31.67
CA GLU E 63 -28.04 -45.28 -30.85
C GLU E 63 -26.70 -45.56 -30.18
N GLU E 64 -26.36 -46.82 -29.96
CA GLU E 64 -25.05 -47.20 -29.44
C GLU E 64 -24.00 -47.33 -30.53
N SER E 65 -24.36 -47.08 -31.79
CA SER E 65 -23.36 -47.04 -32.85
C SER E 65 -22.65 -45.70 -32.91
N LYS E 66 -23.20 -44.68 -32.29
CA LYS E 66 -22.56 -43.37 -32.18
C LYS E 66 -21.71 -43.27 -30.91
N LYS E 67 -20.88 -44.29 -30.68
CA LYS E 67 -20.04 -44.42 -29.51
C LYS E 67 -18.69 -44.91 -29.98
N PRO E 68 -17.62 -44.69 -29.22
CA PRO E 68 -16.32 -45.25 -29.61
C PRO E 68 -16.32 -46.77 -29.53
N VAL E 69 -15.91 -47.42 -30.62
CA VAL E 69 -15.78 -48.87 -30.58
C VAL E 69 -14.57 -49.27 -29.77
N VAL E 70 -13.49 -48.48 -29.82
CA VAL E 70 -12.32 -48.64 -28.98
C VAL E 70 -11.89 -47.25 -28.54
N THR E 71 -11.88 -47.01 -27.23
CA THR E 71 -11.25 -45.83 -26.67
C THR E 71 -10.16 -46.29 -25.72
N PHE E 72 -9.04 -45.57 -25.71
CA PHE E 72 -7.92 -46.03 -24.91
C PHE E 72 -7.05 -44.84 -24.49
N GLN E 73 -6.51 -44.95 -23.28
CA GLN E 73 -5.54 -43.98 -22.79
C GLN E 73 -4.24 -44.13 -23.58
N ALA E 74 -3.76 -43.03 -24.15
CA ALA E 74 -2.62 -43.08 -25.03
C ALA E 74 -1.49 -42.12 -24.68
N HIS E 75 -1.76 -41.03 -23.99
CA HIS E 75 -0.72 -40.09 -23.62
C HIS E 75 -0.99 -39.60 -22.21
N ASP E 76 0.07 -39.11 -21.56
CA ASP E 76 -0.09 -38.55 -20.23
C ASP E 76 -0.73 -37.18 -20.27
N GLY E 77 -0.24 -36.29 -21.12
CA GLY E 77 -0.84 -34.99 -21.31
C GLY E 77 -1.83 -35.03 -22.44
N PRO E 78 -2.36 -33.88 -22.84
CA PRO E 78 -3.39 -33.85 -23.88
C PRO E 78 -2.85 -34.20 -25.26
N VAL E 79 -3.72 -34.76 -26.09
CA VAL E 79 -3.38 -35.11 -27.47
C VAL E 79 -3.66 -33.89 -28.34
N TYR E 80 -2.63 -33.14 -28.68
CA TYR E 80 -2.80 -31.93 -29.47
C TYR E 80 -2.80 -32.16 -30.97
N SER E 81 -2.28 -33.29 -31.45
CA SER E 81 -2.21 -33.50 -32.89
C SER E 81 -2.19 -34.98 -33.22
N MET E 82 -2.93 -35.31 -34.28
CA MET E 82 -2.85 -36.60 -34.94
C MET E 82 -2.50 -36.38 -36.40
N VAL E 83 -1.96 -37.43 -37.02
CA VAL E 83 -1.85 -37.51 -38.47
C VAL E 83 -1.85 -38.98 -38.83
N SER E 84 -2.23 -39.30 -40.07
CA SER E 84 -2.33 -40.68 -40.50
C SER E 84 -1.54 -40.89 -41.78
N THR E 85 -1.02 -42.10 -41.94
CA THR E 85 -0.21 -42.51 -43.07
C THR E 85 -0.94 -43.62 -43.81
N ASP E 86 -0.22 -44.29 -44.71
CA ASP E 86 -0.77 -45.44 -45.42
C ASP E 86 -1.08 -46.58 -44.46
N ARG E 87 -0.36 -46.68 -43.35
CA ARG E 87 -0.54 -47.77 -42.40
C ARG E 87 -0.62 -47.35 -40.95
N HIS E 88 -0.10 -46.18 -40.58
CA HIS E 88 0.07 -45.83 -39.18
C HIS E 88 -0.85 -44.68 -38.78
N LEU E 89 -0.97 -44.50 -37.47
CA LEU E 89 -1.58 -43.33 -36.86
C LEU E 89 -0.54 -42.73 -35.92
N LEU E 90 -0.03 -41.57 -36.29
CA LEU E 90 0.94 -40.86 -35.47
C LEU E 90 0.20 -39.89 -34.57
N SER E 91 0.53 -39.92 -33.28
CA SER E 91 -0.16 -39.09 -32.30
C SER E 91 0.86 -38.40 -31.42
N ALA E 92 0.81 -37.07 -31.38
CA ALA E 92 1.73 -36.28 -30.57
C ALA E 92 1.03 -35.91 -29.27
N GLY E 93 1.60 -36.33 -28.16
CA GLY E 93 0.94 -36.15 -26.88
C GLY E 93 1.60 -35.16 -25.95
N ASP E 94 2.26 -35.68 -24.92
CA ASP E 94 2.90 -34.87 -23.89
C ASP E 94 4.02 -34.04 -24.47
N GLY E 95 5.06 -34.70 -24.96
CA GLY E 95 6.13 -34.01 -25.66
C GLY E 95 6.73 -34.90 -26.73
N GLU E 96 6.09 -36.04 -26.96
CA GLU E 96 6.65 -37.08 -27.80
C GLU E 96 5.57 -37.65 -28.70
N VAL E 97 6.00 -38.30 -29.76
CA VAL E 97 5.10 -38.86 -30.76
C VAL E 97 5.08 -40.37 -30.61
N LYS E 98 3.88 -40.93 -30.47
CA LYS E 98 3.68 -42.37 -30.49
C LYS E 98 3.09 -42.76 -31.83
N ALA E 99 3.22 -44.03 -32.17
CA ALA E 99 2.68 -44.57 -33.41
C ALA E 99 1.82 -45.79 -33.10
N TRP E 100 0.69 -45.89 -33.79
CA TRP E 100 -0.28 -46.93 -33.54
C TRP E 100 -0.66 -47.55 -34.88
N LEU E 101 -1.01 -48.83 -34.85
CA LEU E 101 -1.41 -49.54 -36.06
C LEU E 101 -2.93 -49.57 -36.15
N TRP E 102 -3.46 -49.27 -37.34
CA TRP E 102 -4.90 -49.29 -37.54
C TRP E 102 -5.46 -50.69 -37.46
N ALA E 103 -4.66 -51.69 -37.80
CA ALA E 103 -5.11 -53.08 -37.70
C ALA E 103 -5.16 -53.54 -36.25
N GLU E 104 -4.25 -53.03 -35.41
CA GLU E 104 -4.16 -53.53 -34.05
C GLU E 104 -4.91 -52.67 -33.04
N MET E 105 -5.23 -51.43 -33.39
CA MET E 105 -5.97 -50.58 -32.44
C MET E 105 -7.43 -50.99 -32.33
N LEU E 106 -7.95 -51.72 -33.31
CA LEU E 106 -9.30 -52.27 -33.17
C LEU E 106 -9.31 -53.50 -32.27
N LYS E 107 -8.20 -54.19 -32.13
CA LYS E 107 -8.12 -55.41 -31.34
C LYS E 107 -7.91 -55.09 -29.87
N LYS E 108 -7.62 -56.10 -29.07
CA LYS E 108 -7.50 -55.96 -27.63
C LYS E 108 -6.08 -55.63 -27.19
N GLY E 109 -5.08 -55.77 -28.06
CA GLY E 109 -3.71 -55.53 -27.69
C GLY E 109 -3.40 -54.07 -27.44
N CYS E 110 -3.49 -53.26 -28.51
CA CYS E 110 -3.27 -51.81 -28.50
C CYS E 110 -1.89 -51.44 -27.97
N LYS E 111 -0.88 -52.00 -28.63
CA LYS E 111 0.51 -51.65 -28.34
C LYS E 111 0.99 -50.58 -29.31
N GLU E 112 2.07 -49.92 -28.93
CA GLU E 112 2.67 -48.85 -29.74
C GLU E 112 3.79 -49.44 -30.57
N LEU E 113 4.08 -48.79 -31.70
CA LEU E 113 5.24 -49.19 -32.50
C LEU E 113 6.51 -48.57 -31.96
N TRP E 114 6.56 -47.24 -31.88
CA TRP E 114 7.75 -46.58 -31.39
C TRP E 114 7.37 -45.46 -30.43
N ARG E 115 8.39 -44.70 -30.02
CA ARG E 115 8.24 -43.54 -29.15
C ARG E 115 9.44 -42.64 -29.38
N ARG E 116 9.25 -41.57 -30.13
CA ARG E 116 10.33 -40.65 -30.50
C ARG E 116 10.14 -39.31 -29.81
N GLN E 117 11.23 -38.78 -29.27
CA GLN E 117 11.22 -37.48 -28.61
C GLN E 117 12.35 -36.62 -29.18
N PRO E 118 12.04 -35.45 -29.73
CA PRO E 118 13.06 -34.61 -30.33
C PRO E 118 13.96 -33.98 -29.28
N PRO E 119 15.19 -33.61 -29.63
CA PRO E 119 16.06 -32.96 -28.66
C PRO E 119 15.64 -31.53 -28.38
N TYR E 120 15.81 -31.12 -27.13
CA TYR E 120 15.27 -29.87 -26.61
C TYR E 120 16.39 -29.00 -26.07
N ARG E 121 16.01 -27.85 -25.54
CA ARG E 121 16.93 -26.94 -24.85
C ARG E 121 17.08 -27.27 -23.37
N THR E 122 16.55 -28.43 -22.94
CA THR E 122 16.59 -28.94 -21.57
C THR E 122 15.97 -27.98 -20.55
N SER E 123 15.03 -27.15 -20.97
CA SER E 123 14.29 -26.33 -20.02
C SER E 123 13.27 -27.21 -19.29
N LEU E 124 12.86 -26.74 -18.12
CA LEU E 124 11.99 -27.54 -17.25
C LEU E 124 10.52 -27.22 -17.50
N GLU E 125 10.10 -27.47 -18.74
CA GLU E 125 8.69 -27.33 -19.10
C GLU E 125 8.11 -28.49 -19.90
N VAL E 126 8.95 -29.26 -20.61
CA VAL E 126 8.58 -30.35 -21.53
C VAL E 126 7.57 -29.80 -22.54
N PRO E 127 8.03 -29.07 -23.56
CA PRO E 127 7.11 -28.31 -24.42
C PRO E 127 6.22 -29.20 -25.28
N GLU E 128 5.14 -28.60 -25.78
CA GLU E 128 4.12 -29.31 -26.50
C GLU E 128 4.48 -29.47 -27.97
N ILE E 129 3.64 -30.21 -28.70
CA ILE E 129 3.76 -30.39 -30.15
C ILE E 129 2.40 -30.05 -30.72
N ASN E 130 2.28 -28.85 -31.28
CA ASN E 130 0.97 -28.34 -31.69
C ASN E 130 0.57 -28.85 -33.07
N ALA E 131 1.51 -28.94 -34.00
CA ALA E 131 1.18 -29.28 -35.37
C ALA E 131 2.07 -30.42 -35.87
N LEU E 132 1.44 -31.40 -36.51
CA LEU E 132 2.13 -32.48 -37.20
C LEU E 132 1.90 -32.31 -38.69
N LEU E 133 2.99 -32.20 -39.45
CA LEU E 133 2.91 -32.17 -40.91
C LEU E 133 3.52 -33.43 -41.47
N LEU E 134 2.74 -34.16 -42.26
CA LEU E 134 3.20 -35.36 -42.92
C LEU E 134 3.58 -35.01 -44.34
N VAL E 135 4.85 -35.17 -44.67
CA VAL E 135 5.41 -34.70 -45.93
C VAL E 135 5.48 -35.88 -46.89
N PRO E 136 4.85 -35.80 -48.07
CA PRO E 136 5.10 -36.82 -49.10
C PRO E 136 6.41 -36.56 -49.84
N LYS E 137 6.69 -37.37 -50.87
CA LYS E 137 7.86 -37.33 -51.77
C LYS E 137 9.15 -37.78 -51.05
N GLU E 138 9.06 -37.96 -49.73
CA GLU E 138 10.14 -38.42 -48.87
C GLU E 138 9.50 -38.77 -47.53
N ASN E 139 9.88 -39.91 -46.96
CA ASN E 139 9.28 -40.31 -45.69
C ASN E 139 9.77 -39.42 -44.56
N SER E 140 8.97 -38.41 -44.20
CA SER E 140 9.41 -37.44 -43.22
C SER E 140 8.21 -36.96 -42.44
N LEU E 141 8.51 -36.27 -41.34
CA LEU E 141 7.49 -35.76 -40.43
C LEU E 141 8.04 -34.52 -39.76
N ILE E 142 7.29 -33.42 -39.80
CA ILE E 142 7.73 -32.16 -39.24
C ILE E 142 7.03 -31.92 -37.91
N LEU E 143 7.83 -31.71 -36.87
CA LEU E 143 7.36 -31.43 -35.53
C LEU E 143 7.49 -29.94 -35.27
N ALA E 144 6.49 -29.36 -34.61
CA ALA E 144 6.46 -27.95 -34.29
C ALA E 144 5.70 -27.76 -33.00
N GLY E 145 6.20 -26.92 -32.12
CA GLY E 145 5.53 -26.67 -30.86
C GLY E 145 6.16 -25.61 -30.01
N GLY E 146 6.19 -25.86 -28.70
CA GLY E 146 6.67 -24.89 -27.73
C GLY E 146 8.17 -24.73 -27.70
N ASP E 147 8.91 -25.50 -28.49
CA ASP E 147 10.35 -25.32 -28.62
C ASP E 147 10.68 -24.19 -29.58
N CYS E 148 9.68 -23.63 -30.27
CA CYS E 148 9.81 -22.53 -31.23
C CYS E 148 10.71 -22.91 -32.41
N GLN E 149 10.80 -24.20 -32.71
CA GLN E 149 11.73 -24.73 -33.70
C GLN E 149 11.04 -25.83 -34.48
N LEU E 150 11.39 -25.94 -35.76
CA LEU E 150 10.83 -26.97 -36.62
C LEU E 150 11.80 -28.12 -36.70
N HIS E 151 11.36 -29.30 -36.27
CA HIS E 151 12.20 -30.49 -36.33
C HIS E 151 11.73 -31.39 -37.47
N THR E 152 12.68 -31.99 -38.20
CA THR E 152 12.33 -32.94 -39.25
C THR E 152 12.80 -34.32 -38.83
N MET E 153 11.91 -35.30 -38.94
CA MET E 153 12.19 -36.67 -38.53
C MET E 153 11.97 -37.62 -39.70
N ASP E 154 12.88 -38.56 -39.89
CA ASP E 154 12.69 -39.65 -40.84
C ASP E 154 11.67 -40.63 -40.26
N LEU E 155 10.81 -41.16 -41.14
CA LEU E 155 9.79 -42.09 -40.67
C LEU E 155 10.34 -43.51 -40.51
N GLU E 156 11.37 -43.86 -41.29
CA GLU E 156 11.92 -45.21 -41.20
C GLU E 156 12.78 -45.38 -39.96
N THR E 157 13.74 -44.50 -39.76
CA THR E 157 14.58 -44.51 -38.58
C THR E 157 14.34 -43.23 -37.77
N GLY E 158 14.34 -43.37 -36.45
CA GLY E 158 14.06 -42.25 -35.58
C GLY E 158 15.23 -41.31 -35.40
N THR E 159 15.67 -40.67 -36.49
CA THR E 159 16.74 -39.69 -36.44
C THR E 159 16.19 -38.34 -36.87
N PHE E 160 16.66 -37.28 -36.23
CA PHE E 160 16.17 -35.95 -36.50
C PHE E 160 17.22 -35.19 -37.31
N THR E 161 16.82 -34.76 -38.53
CA THR E 161 17.77 -34.25 -39.49
C THR E 161 17.92 -32.73 -39.43
N ARG E 162 16.84 -32.00 -39.68
CA ARG E 162 16.89 -30.55 -39.74
C ARG E 162 16.21 -29.92 -38.54
N VAL E 163 16.80 -28.83 -38.06
CA VAL E 163 16.23 -27.97 -37.04
C VAL E 163 16.18 -26.55 -37.60
N LEU E 164 14.99 -25.97 -37.63
CA LEU E 164 14.75 -24.67 -38.24
C LEU E 164 14.35 -23.67 -37.16
N ARG E 165 15.04 -22.53 -37.13
CA ARG E 165 14.91 -21.54 -36.06
C ARG E 165 14.57 -20.17 -36.65
N GLY E 166 13.29 -19.87 -36.79
CA GLY E 166 12.91 -18.55 -37.26
C GLY E 166 11.93 -17.80 -36.39
N HIS E 167 11.11 -18.53 -35.64
CA HIS E 167 10.06 -17.89 -34.88
C HIS E 167 10.57 -17.36 -33.54
N THR E 168 9.80 -16.45 -32.96
CA THR E 168 10.09 -15.93 -31.64
C THR E 168 9.27 -16.63 -30.56
N ASP E 169 7.97 -16.76 -30.76
CA ASP E 169 7.10 -17.52 -29.88
C ASP E 169 6.69 -18.83 -30.58
N TYR E 170 5.84 -19.59 -29.91
CA TYR E 170 5.59 -20.96 -30.35
C TYR E 170 4.69 -20.99 -31.58
N ILE E 171 4.61 -22.15 -32.19
CA ILE E 171 3.99 -22.35 -33.49
C ILE E 171 2.63 -23.00 -33.31
N HIS E 172 1.65 -22.60 -34.12
CA HIS E 172 0.33 -23.20 -34.06
C HIS E 172 0.04 -24.15 -35.21
N CYS E 173 0.55 -23.90 -36.40
CA CYS E 173 0.09 -24.65 -37.56
C CYS E 173 1.17 -24.67 -38.62
N LEU E 174 1.07 -25.67 -39.50
CA LEU E 174 2.01 -25.90 -40.58
C LEU E 174 1.23 -26.05 -41.88
N ALA E 175 1.93 -26.00 -43.00
CA ALA E 175 1.25 -26.11 -44.28
C ALA E 175 2.21 -26.71 -45.30
N LEU E 176 1.68 -26.97 -46.50
CA LEU E 176 2.40 -27.65 -47.56
C LEU E 176 1.79 -27.26 -48.90
N ARG E 177 2.62 -26.90 -49.87
CA ARG E 177 2.06 -26.52 -51.16
C ARG E 177 2.81 -27.01 -52.39
N GLU E 178 3.86 -27.82 -52.23
CA GLU E 178 4.53 -28.57 -53.31
C GLU E 178 5.10 -27.64 -54.39
N ARG E 179 6.02 -26.80 -53.97
CA ARG E 179 6.79 -25.89 -54.83
C ARG E 179 8.18 -25.78 -54.23
N SER E 180 8.90 -24.71 -54.59
CA SER E 180 10.25 -24.53 -54.07
C SER E 180 10.29 -24.20 -52.58
N PRO E 181 9.50 -23.21 -52.03
CA PRO E 181 9.52 -23.05 -50.56
C PRO E 181 8.86 -24.20 -49.82
N GLU E 182 7.61 -24.50 -50.18
CA GLU E 182 6.87 -25.73 -49.91
C GLU E 182 6.43 -25.90 -48.45
N VAL E 183 6.92 -25.09 -47.53
CA VAL E 183 6.54 -25.22 -46.12
C VAL E 183 6.21 -23.84 -45.56
N LEU E 184 4.97 -23.65 -45.15
CA LEU E 184 4.55 -22.48 -44.38
C LEU E 184 4.48 -22.84 -42.91
N SER E 185 4.74 -21.86 -42.06
CA SER E 185 4.59 -22.07 -40.62
C SER E 185 4.14 -20.77 -39.97
N GLY E 186 3.07 -20.85 -39.19
CA GLY E 186 2.53 -19.69 -38.52
C GLY E 186 2.53 -19.87 -37.01
N GLY E 187 2.80 -18.79 -36.30
CA GLY E 187 2.97 -18.91 -34.87
C GLY E 187 2.38 -17.80 -34.02
N GLU E 188 2.66 -17.89 -32.72
CA GLU E 188 2.22 -16.91 -31.74
C GLU E 188 2.91 -15.57 -31.90
N ASP E 189 4.08 -15.52 -32.55
CA ASP E 189 4.77 -14.26 -32.76
C ASP E 189 4.08 -13.37 -33.79
N GLY E 190 3.25 -13.94 -34.67
CA GLY E 190 2.50 -13.16 -35.61
C GLY E 190 3.12 -13.02 -36.98
N ALA E 191 3.77 -14.07 -37.48
CA ALA E 191 4.40 -14.02 -38.78
C ALA E 191 4.38 -15.39 -39.43
N VAL E 192 3.93 -15.43 -40.68
CA VAL E 192 3.95 -16.63 -41.50
C VAL E 192 5.32 -16.72 -42.16
N ARG E 193 6.03 -17.81 -41.92
CA ARG E 193 7.40 -17.96 -42.42
C ARG E 193 7.45 -19.11 -43.42
N LEU E 194 8.32 -18.96 -44.41
CA LEU E 194 8.48 -19.93 -45.48
C LEU E 194 9.81 -20.64 -45.30
N TRP E 195 9.81 -21.97 -45.44
CA TRP E 195 10.95 -22.79 -45.07
C TRP E 195 11.30 -23.73 -46.21
N ASP E 196 12.30 -23.36 -47.00
CA ASP E 196 12.80 -24.21 -48.07
C ASP E 196 13.51 -25.41 -47.46
N LEU E 197 13.08 -26.61 -47.85
CA LEU E 197 13.59 -27.82 -47.22
C LEU E 197 14.98 -28.19 -47.70
N ARG E 198 15.37 -27.73 -48.90
CA ARG E 198 16.67 -28.09 -49.44
C ARG E 198 17.78 -27.30 -48.74
N THR E 199 17.68 -25.97 -48.75
CA THR E 199 18.68 -25.15 -48.11
C THR E 199 18.54 -25.09 -46.60
N ALA E 200 17.39 -25.54 -46.06
CA ALA E 200 17.05 -25.50 -44.64
C ALA E 200 17.17 -24.07 -44.07
N LYS E 201 16.63 -23.12 -44.82
CA LYS E 201 16.69 -21.72 -44.46
C LYS E 201 15.30 -21.11 -44.59
N GLU E 202 15.17 -19.89 -44.07
CA GLU E 202 13.94 -19.11 -44.18
C GLU E 202 14.07 -18.19 -45.40
N VAL E 203 13.08 -18.24 -46.29
CA VAL E 203 13.19 -17.49 -47.54
C VAL E 203 12.23 -16.31 -47.60
N GLN E 204 11.16 -16.31 -46.82
CA GLN E 204 10.17 -15.24 -46.89
C GLN E 204 9.40 -15.19 -45.57
N THR E 205 9.07 -13.97 -45.15
CA THR E 205 8.35 -13.73 -43.91
C THR E 205 7.23 -12.74 -44.18
N ILE E 206 6.01 -13.09 -43.77
CA ILE E 206 4.84 -12.25 -43.95
C ILE E 206 4.32 -11.92 -42.57
N GLU E 207 4.48 -10.68 -42.14
CA GLU E 207 3.94 -10.22 -40.86
C GLU E 207 2.55 -9.67 -41.09
N VAL E 208 1.55 -10.32 -40.50
CA VAL E 208 0.17 -9.98 -40.79
C VAL E 208 -0.31 -8.83 -39.91
N TYR E 209 0.25 -8.67 -38.71
CA TYR E 209 -0.19 -7.60 -37.82
C TYR E 209 0.36 -6.25 -38.24
N LYS E 210 1.44 -6.24 -39.03
CA LYS E 210 2.05 -4.99 -39.46
C LYS E 210 1.15 -4.27 -40.46
N HIS E 211 0.42 -5.01 -41.28
CA HIS E 211 -0.51 -4.42 -42.23
C HIS E 211 -1.73 -3.88 -41.51
N GLU E 212 -2.06 -2.61 -41.79
CA GLU E 212 -3.14 -1.94 -41.07
C GLU E 212 -4.51 -2.40 -41.51
N GLU E 213 -4.61 -3.09 -42.65
CA GLU E 213 -5.91 -3.60 -43.10
C GLU E 213 -6.37 -4.80 -42.27
N CYS E 214 -5.46 -5.40 -41.50
CA CYS E 214 -5.69 -6.69 -40.90
C CYS E 214 -5.55 -6.68 -39.38
N SER E 215 -5.03 -5.59 -38.81
CA SER E 215 -4.36 -5.57 -37.50
C SER E 215 -5.19 -6.07 -36.33
N ARG E 216 -6.26 -5.34 -35.97
CA ARG E 216 -7.18 -5.62 -34.86
C ARG E 216 -6.41 -5.84 -33.56
N PRO E 217 -5.91 -4.76 -32.92
CA PRO E 217 -5.03 -4.95 -31.77
C PRO E 217 -5.74 -5.39 -30.49
N HIS E 218 -7.06 -5.55 -30.52
CA HIS E 218 -7.78 -5.97 -29.32
C HIS E 218 -7.56 -7.43 -29.03
N ASN E 219 -7.66 -8.29 -30.04
CA ASN E 219 -7.45 -9.72 -29.86
C ASN E 219 -5.98 -10.09 -29.75
N GLY E 220 -5.08 -9.29 -30.31
CA GLY E 220 -3.67 -9.58 -30.25
C GLY E 220 -3.14 -10.09 -31.56
N ARG E 221 -1.89 -10.53 -31.51
CA ARG E 221 -1.17 -11.04 -32.67
C ARG E 221 -0.84 -12.51 -32.45
N TRP E 222 -1.63 -13.39 -33.05
CA TRP E 222 -1.35 -14.81 -33.06
C TRP E 222 -2.04 -15.42 -34.27
N ILE E 223 -1.33 -16.29 -34.96
CA ILE E 223 -1.80 -16.91 -36.19
C ILE E 223 -2.17 -18.35 -35.84
N GLY E 224 -3.45 -18.68 -35.98
CA GLY E 224 -3.92 -19.98 -35.56
C GLY E 224 -4.06 -20.98 -36.69
N CYS E 225 -4.26 -20.48 -37.91
CA CYS E 225 -4.61 -21.34 -39.03
C CYS E 225 -3.95 -20.86 -40.31
N LEU E 226 -3.58 -21.81 -41.16
CA LEU E 226 -3.06 -21.56 -42.49
C LEU E 226 -3.70 -22.52 -43.47
N ALA E 227 -3.65 -22.16 -44.75
CA ALA E 227 -4.15 -23.00 -45.82
C ALA E 227 -3.47 -22.59 -47.11
N THR E 228 -3.31 -23.56 -48.03
CA THR E 228 -2.61 -23.33 -49.28
C THR E 228 -3.47 -23.75 -50.46
N ASP E 229 -3.40 -22.96 -51.53
CA ASP E 229 -3.90 -23.36 -52.85
C ASP E 229 -2.77 -23.37 -53.87
N SER E 230 -1.52 -23.48 -53.40
CA SER E 230 -0.25 -23.49 -54.12
C SER E 230 0.09 -22.14 -54.77
N ASP E 231 -0.81 -21.15 -54.66
CA ASP E 231 -0.53 -19.81 -55.15
C ASP E 231 -1.05 -18.79 -54.14
N TRP E 232 -2.00 -19.21 -53.31
CA TRP E 232 -2.71 -18.36 -52.38
C TRP E 232 -2.46 -18.81 -50.95
N MET E 233 -2.99 -18.05 -50.00
CA MET E 233 -2.87 -18.40 -48.59
C MET E 233 -4.03 -17.78 -47.83
N VAL E 234 -4.57 -18.50 -46.86
CA VAL E 234 -5.57 -17.95 -45.95
C VAL E 234 -4.97 -17.96 -44.56
N CYS E 235 -4.86 -16.76 -43.97
CA CYS E 235 -4.22 -16.61 -42.67
C CYS E 235 -5.22 -16.02 -41.71
N GLY E 236 -5.37 -16.65 -40.55
CA GLY E 236 -6.36 -16.20 -39.59
C GLY E 236 -5.91 -16.47 -38.18
N GLY E 237 -6.69 -15.99 -37.22
CA GLY E 237 -6.35 -16.17 -35.82
C GLY E 237 -6.70 -14.94 -35.02
N GLY E 238 -5.68 -14.36 -34.38
CA GLY E 238 -5.79 -13.08 -33.74
C GLY E 238 -6.25 -11.94 -34.63
N PRO E 239 -5.41 -11.53 -35.63
CA PRO E 239 -5.74 -10.33 -36.42
C PRO E 239 -7.02 -10.35 -37.24
N ALA E 240 -7.12 -11.21 -38.25
CA ALA E 240 -8.25 -11.21 -39.19
C ALA E 240 -8.11 -12.43 -40.09
N LEU E 241 -9.21 -12.79 -40.75
CA LEU E 241 -9.22 -13.87 -41.72
C LEU E 241 -8.93 -13.25 -43.09
N THR E 242 -7.69 -13.41 -43.56
CA THR E 242 -7.18 -12.66 -44.68
C THR E 242 -6.75 -13.61 -45.79
N LEU E 243 -6.93 -13.17 -47.03
CA LEU E 243 -6.48 -13.91 -48.21
C LEU E 243 -5.25 -13.23 -48.78
N TRP E 244 -4.10 -13.89 -48.67
CA TRP E 244 -2.83 -13.40 -49.15
C TRP E 244 -2.49 -14.05 -50.48
N HIS E 245 -1.88 -13.27 -51.36
CA HIS E 245 -1.30 -13.77 -52.60
C HIS E 245 0.18 -14.01 -52.40
N LEU E 246 0.59 -15.26 -52.50
CA LEU E 246 2.01 -15.59 -52.38
C LEU E 246 2.75 -15.15 -53.63
N ARG E 247 4.07 -14.91 -53.46
CA ARG E 247 5.05 -14.30 -54.37
C ARG E 247 4.84 -12.79 -54.48
N SER E 248 3.73 -12.29 -53.96
CA SER E 248 3.49 -10.86 -53.84
C SER E 248 3.41 -10.39 -52.40
N SER E 249 2.93 -11.25 -51.48
CA SER E 249 2.71 -10.94 -50.06
C SER E 249 1.82 -9.72 -49.88
N THR E 250 0.68 -9.72 -50.59
CA THR E 250 -0.26 -8.62 -50.55
C THR E 250 -1.59 -9.10 -49.98
N PRO E 251 -2.19 -8.37 -49.04
CA PRO E 251 -3.52 -8.75 -48.54
C PRO E 251 -4.59 -8.41 -49.58
N THR E 252 -5.18 -9.45 -50.17
CA THR E 252 -6.14 -9.23 -51.24
C THR E 252 -7.53 -8.93 -50.71
N THR E 253 -8.13 -9.85 -49.95
CA THR E 253 -9.43 -9.62 -49.38
C THR E 253 -9.47 -10.06 -47.92
N ILE E 254 -10.44 -9.48 -47.20
CA ILE E 254 -10.64 -9.72 -45.78
C ILE E 254 -12.02 -10.32 -45.62
N PHE E 255 -12.14 -11.32 -44.74
CA PHE E 255 -13.43 -11.95 -44.50
C PHE E 255 -14.03 -11.34 -43.23
N PRO E 256 -15.15 -10.62 -43.34
CA PRO E 256 -15.69 -9.81 -42.22
C PRO E 256 -16.38 -10.61 -41.12
N ILE E 257 -15.60 -11.07 -40.15
CA ILE E 257 -16.13 -11.81 -39.02
C ILE E 257 -15.44 -11.35 -37.75
N ARG E 258 -16.19 -11.36 -36.65
CA ARG E 258 -15.71 -10.87 -35.36
C ARG E 258 -14.95 -11.91 -34.56
N ALA E 259 -15.44 -13.15 -34.56
CA ALA E 259 -14.84 -14.17 -33.71
C ALA E 259 -13.50 -14.63 -34.29
N PRO E 260 -12.51 -14.92 -33.45
CA PRO E 260 -11.25 -15.45 -33.96
C PRO E 260 -11.42 -16.88 -34.45
N GLN E 261 -10.71 -17.20 -35.53
CA GLN E 261 -10.89 -18.46 -36.24
C GLN E 261 -9.72 -19.39 -35.97
N LYS E 262 -10.01 -20.57 -35.44
CA LYS E 262 -8.98 -21.51 -35.02
C LYS E 262 -8.56 -22.48 -36.12
N HIS E 263 -9.32 -22.56 -37.21
CA HIS E 263 -9.03 -23.53 -38.26
C HIS E 263 -9.62 -23.03 -39.56
N VAL E 264 -8.93 -23.32 -40.68
CA VAL E 264 -9.40 -22.92 -42.00
C VAL E 264 -8.92 -23.97 -42.99
N THR E 265 -9.66 -24.11 -44.09
CA THR E 265 -9.28 -25.03 -45.16
C THR E 265 -9.92 -24.60 -46.46
N PHE E 266 -9.40 -25.15 -47.55
CA PHE E 266 -9.98 -24.95 -48.88
C PHE E 266 -10.92 -26.10 -49.20
N TYR E 267 -12.13 -25.74 -49.61
CA TYR E 267 -13.06 -26.71 -50.18
C TYR E 267 -12.86 -26.67 -51.70
N GLN E 268 -13.82 -27.18 -52.47
CA GLN E 268 -13.75 -27.16 -53.92
C GLN E 268 -13.64 -25.74 -54.46
N ASP E 269 -14.58 -24.87 -54.10
CA ASP E 269 -14.41 -23.45 -54.35
C ASP E 269 -14.94 -22.60 -53.20
N LEU E 270 -14.91 -23.12 -51.98
CA LEU E 270 -15.35 -22.38 -50.80
C LEU E 270 -14.18 -22.26 -49.83
N ILE E 271 -14.43 -21.54 -48.74
CA ILE E 271 -13.52 -21.45 -47.61
C ILE E 271 -14.29 -21.86 -46.38
N LEU E 272 -13.84 -22.92 -45.72
CA LEU E 272 -14.47 -23.38 -44.49
C LEU E 272 -13.70 -22.84 -43.30
N SER E 273 -14.43 -22.41 -42.27
CA SER E 273 -13.81 -21.83 -41.10
C SER E 273 -14.58 -22.20 -39.85
N ALA E 274 -13.89 -22.18 -38.72
CA ALA E 274 -14.49 -22.48 -37.43
C ALA E 274 -13.61 -21.85 -36.35
N GLY E 275 -14.24 -21.37 -35.29
CA GLY E 275 -13.51 -20.70 -34.23
C GLY E 275 -14.29 -20.66 -32.94
N GLN E 276 -14.22 -19.51 -32.28
CA GLN E 276 -14.84 -19.35 -30.96
C GLN E 276 -16.35 -19.26 -31.03
N GLY E 277 -16.93 -19.05 -32.21
CA GLY E 277 -18.36 -19.10 -32.36
C GLY E 277 -18.88 -20.53 -32.37
N ARG E 278 -20.19 -20.65 -32.55
CA ARG E 278 -20.84 -21.95 -32.57
C ARG E 278 -20.90 -22.58 -33.96
N CYS E 279 -20.95 -21.78 -35.00
CA CYS E 279 -21.27 -22.25 -36.34
C CYS E 279 -20.02 -22.43 -37.20
N VAL E 280 -20.16 -23.28 -38.22
CA VAL E 280 -19.19 -23.45 -39.29
C VAL E 280 -19.47 -22.40 -40.36
N ASN E 281 -18.43 -21.70 -40.77
CA ASN E 281 -18.53 -20.53 -41.64
C ASN E 281 -18.11 -20.91 -43.05
N GLN E 282 -18.99 -20.72 -44.02
CA GLN E 282 -18.71 -21.01 -45.42
C GLN E 282 -18.60 -19.70 -46.18
N TRP E 283 -17.40 -19.40 -46.64
CA TRP E 283 -17.09 -18.18 -47.36
C TRP E 283 -16.92 -18.47 -48.83
N GLN E 284 -17.18 -17.46 -49.65
CA GLN E 284 -16.77 -17.47 -51.04
C GLN E 284 -15.41 -16.81 -51.16
N LEU E 285 -14.69 -17.14 -52.24
CA LEU E 285 -13.32 -16.67 -52.39
C LEU E 285 -13.25 -15.17 -52.68
N SER E 286 -14.35 -14.57 -53.13
CA SER E 286 -14.40 -13.13 -53.28
C SER E 286 -14.43 -12.43 -51.93
N GLY E 287 -15.08 -13.04 -50.94
CA GLY E 287 -15.14 -12.45 -49.61
C GLY E 287 -16.56 -12.28 -49.12
N GLU E 288 -17.49 -13.01 -49.71
CA GLU E 288 -18.90 -12.95 -49.35
C GLU E 288 -19.25 -14.13 -48.48
N LEU E 289 -19.91 -13.87 -47.35
CA LEU E 289 -20.33 -14.93 -46.44
C LEU E 289 -21.46 -15.73 -47.09
N LYS E 290 -21.15 -16.95 -47.52
CA LYS E 290 -22.15 -17.75 -48.20
C LYS E 290 -23.09 -18.41 -47.20
N ALA E 291 -22.56 -18.95 -46.11
CA ALA E 291 -23.41 -19.68 -45.16
C ALA E 291 -22.80 -19.71 -43.77
N GLN E 292 -23.66 -19.95 -42.79
CA GLN E 292 -23.26 -20.26 -41.42
C GLN E 292 -24.13 -21.40 -40.93
N VAL E 293 -23.52 -22.56 -40.70
CA VAL E 293 -24.25 -23.76 -40.31
C VAL E 293 -23.99 -24.00 -38.82
N PRO E 294 -25.01 -23.97 -37.98
CA PRO E 294 -24.76 -24.11 -36.53
C PRO E 294 -24.39 -25.53 -36.14
N GLY E 295 -23.39 -25.63 -35.28
CA GLY E 295 -22.97 -26.89 -34.70
C GLY E 295 -23.47 -27.05 -33.28
N SER E 296 -23.11 -28.18 -32.68
CA SER E 296 -23.54 -28.50 -31.32
C SER E 296 -22.56 -28.02 -30.26
N SER E 297 -21.36 -27.66 -30.63
CA SER E 297 -20.37 -27.21 -29.67
C SER E 297 -20.41 -25.69 -29.54
N PRO E 298 -20.10 -25.15 -28.36
CA PRO E 298 -20.00 -23.70 -28.23
C PRO E 298 -18.83 -23.12 -28.99
N GLY E 299 -17.75 -23.89 -29.17
CA GLY E 299 -16.66 -23.47 -30.02
C GLY E 299 -16.05 -24.69 -30.68
N LEU E 300 -15.47 -24.46 -31.85
CA LEU E 300 -14.88 -25.53 -32.63
C LEU E 300 -13.39 -25.31 -32.77
N LEU E 301 -12.64 -26.42 -32.80
CA LEU E 301 -11.19 -26.38 -32.93
C LEU E 301 -10.66 -27.15 -34.12
N SER E 302 -11.46 -27.98 -34.77
CA SER E 302 -10.94 -28.84 -35.81
C SER E 302 -12.03 -29.19 -36.81
N LEU E 303 -11.68 -29.08 -38.09
CA LEU E 303 -12.50 -29.55 -39.19
C LEU E 303 -11.75 -30.65 -39.93
N SER E 304 -12.49 -31.55 -40.57
CA SER E 304 -11.86 -32.61 -41.35
C SER E 304 -12.79 -33.02 -42.48
N LEU E 305 -12.32 -32.84 -43.71
CA LEU E 305 -12.95 -33.40 -44.90
C LEU E 305 -12.43 -34.83 -45.06
N ASN E 306 -13.35 -35.80 -45.13
CA ASN E 306 -12.96 -37.20 -45.24
C ASN E 306 -13.02 -37.60 -46.70
N GLN E 307 -12.07 -37.05 -47.46
CA GLN E 307 -11.96 -37.29 -48.90
C GLN E 307 -10.95 -38.41 -49.11
N GLN E 308 -11.41 -39.65 -49.04
CA GLN E 308 -10.55 -40.82 -49.17
C GLN E 308 -11.07 -41.70 -50.29
N PRO E 309 -10.20 -42.29 -51.11
CA PRO E 309 -10.65 -43.27 -52.10
C PRO E 309 -11.04 -44.58 -51.43
N ALA E 310 -11.67 -45.45 -52.22
CA ALA E 310 -12.20 -46.77 -51.88
C ALA E 310 -13.30 -46.74 -50.81
N ALA E 311 -13.81 -45.56 -50.44
CA ALA E 311 -14.98 -45.43 -49.58
C ALA E 311 -15.67 -44.11 -49.88
N PRO E 312 -16.48 -44.05 -50.94
CA PRO E 312 -17.18 -42.79 -51.24
C PRO E 312 -18.31 -42.50 -50.29
N GLU E 313 -18.82 -43.53 -49.60
CA GLU E 313 -19.93 -43.32 -48.68
C GLU E 313 -19.48 -42.62 -47.40
N CYS E 314 -18.19 -42.64 -47.11
CA CYS E 314 -17.65 -41.92 -45.96
C CYS E 314 -17.02 -40.59 -46.41
N LYS E 315 -17.85 -39.76 -47.05
CA LYS E 315 -17.44 -38.43 -47.51
C LYS E 315 -18.28 -37.42 -46.75
N VAL E 316 -17.82 -37.04 -45.55
CA VAL E 316 -18.52 -36.12 -44.68
C VAL E 316 -17.53 -35.07 -44.18
N LEU E 317 -18.07 -34.03 -43.56
CA LEU E 317 -17.27 -33.03 -42.85
C LEU E 317 -17.46 -33.24 -41.37
N THR E 318 -16.38 -33.46 -40.65
CA THR E 318 -16.45 -33.68 -39.20
C THR E 318 -15.87 -32.48 -38.48
N ALA E 319 -16.55 -32.04 -37.43
CA ALA E 319 -16.16 -30.86 -36.67
C ALA E 319 -16.09 -31.19 -35.19
N ALA E 320 -15.11 -30.60 -34.51
CA ALA E 320 -14.91 -30.85 -33.09
C ALA E 320 -14.32 -29.63 -32.41
N GLY E 321 -14.53 -29.53 -31.10
CA GLY E 321 -14.06 -28.40 -30.35
C GLY E 321 -14.34 -28.54 -28.86
N ASN E 322 -14.82 -27.47 -28.24
CA ASN E 322 -15.04 -27.43 -26.78
C ASN E 322 -16.33 -28.16 -26.42
N SER E 323 -16.31 -29.48 -26.60
CA SER E 323 -17.39 -30.37 -26.18
C SER E 323 -16.85 -31.78 -26.15
N CYS E 324 -17.70 -32.71 -25.76
CA CYS E 324 -17.38 -34.13 -25.79
C CYS E 324 -17.98 -34.83 -26.99
N ARG E 325 -18.26 -34.12 -28.07
CA ARG E 325 -18.98 -34.68 -29.19
C ARG E 325 -18.48 -34.11 -30.50
N VAL E 326 -18.69 -34.86 -31.58
CA VAL E 326 -18.21 -34.52 -32.91
C VAL E 326 -19.40 -34.39 -33.84
N ASP E 327 -19.52 -33.24 -34.49
CA ASP E 327 -20.62 -33.02 -35.43
C ASP E 327 -20.25 -33.58 -36.79
N VAL E 328 -21.16 -34.37 -37.38
CA VAL E 328 -20.94 -34.97 -38.68
C VAL E 328 -21.90 -34.33 -39.68
N PHE E 329 -21.35 -33.76 -40.75
CA PHE E 329 -22.12 -33.09 -41.78
C PHE E 329 -22.10 -33.98 -43.01
N THR E 330 -23.24 -34.57 -43.34
CA THR E 330 -23.43 -35.32 -44.58
C THR E 330 -23.80 -34.38 -45.72
N ASN E 331 -24.22 -33.17 -45.34
CA ASN E 331 -24.51 -32.11 -46.28
C ASN E 331 -24.03 -30.82 -45.63
N LEU E 332 -23.82 -29.78 -46.42
CA LEU E 332 -23.18 -28.56 -45.93
C LEU E 332 -24.20 -27.50 -45.53
N GLY E 333 -25.40 -27.89 -45.13
CA GLY E 333 -26.40 -26.94 -44.71
C GLY E 333 -26.99 -27.25 -43.37
N TYR E 334 -26.73 -28.46 -42.87
CA TYR E 334 -27.32 -28.93 -41.62
C TYR E 334 -26.47 -30.08 -41.12
N ARG E 335 -26.47 -30.28 -39.80
CA ARG E 335 -25.77 -31.42 -39.23
C ARG E 335 -26.68 -32.63 -39.26
N ALA E 336 -26.12 -33.78 -39.62
CA ALA E 336 -26.90 -35.00 -39.64
C ALA E 336 -27.01 -35.58 -38.23
N PHE E 337 -25.89 -35.76 -37.56
CA PHE E 337 -25.86 -36.34 -36.21
C PHE E 337 -24.55 -35.95 -35.56
N SER E 338 -24.34 -36.46 -34.34
CA SER E 338 -23.15 -36.15 -33.57
C SER E 338 -22.73 -37.39 -32.82
N LEU E 339 -21.42 -37.63 -32.81
CA LEU E 339 -20.82 -38.79 -32.17
C LEU E 339 -20.35 -38.38 -30.78
N SER E 340 -20.91 -39.02 -29.75
CA SER E 340 -20.44 -38.80 -28.40
C SER E 340 -19.09 -39.46 -28.21
N PHE E 341 -18.28 -38.88 -27.33
CA PHE E 341 -16.95 -39.42 -27.11
C PHE E 341 -17.06 -40.67 -26.25
N ALA F 21 -163.22 -70.91 82.13
CA ALA F 21 -163.27 -69.70 81.33
C ALA F 21 -164.44 -69.73 80.35
N GLY F 22 -164.25 -70.42 79.23
CA GLY F 22 -165.32 -70.56 78.25
C GLY F 22 -166.43 -71.47 78.73
N ASP F 23 -166.13 -72.39 79.66
CA ASP F 23 -167.16 -73.26 80.21
C ASP F 23 -168.14 -72.49 81.08
N ASP F 24 -167.68 -71.45 81.77
CA ASP F 24 -168.59 -70.62 82.55
C ASP F 24 -169.52 -69.83 81.65
N ARG F 25 -169.01 -69.32 80.53
CA ARG F 25 -169.86 -68.64 79.55
C ARG F 25 -170.84 -69.59 78.89
N ARG F 26 -170.41 -70.84 78.66
CA ARG F 26 -171.32 -71.84 78.10
C ARG F 26 -172.40 -72.23 79.09
N ILE F 27 -172.06 -72.29 80.38
CA ILE F 27 -173.05 -72.60 81.41
C ILE F 27 -174.04 -71.45 81.58
N ASN F 28 -173.54 -70.21 81.49
CA ASN F 28 -174.43 -69.06 81.56
C ASN F 28 -175.34 -68.99 80.34
N LEU F 29 -174.82 -69.35 79.16
CA LEU F 29 -175.65 -69.39 77.96
C LEU F 29 -176.69 -70.50 78.03
N LEU F 30 -176.32 -71.63 78.64
CA LEU F 30 -177.28 -72.72 78.81
C LEU F 30 -178.37 -72.35 79.80
N VAL F 31 -178.01 -71.63 80.87
CA VAL F 31 -179.00 -71.17 81.83
C VAL F 31 -179.91 -70.12 81.20
N LYS F 32 -179.35 -69.26 80.35
CA LYS F 32 -180.17 -68.25 79.66
C LYS F 32 -181.10 -68.90 78.64
N SER F 33 -180.63 -69.94 77.96
CA SER F 33 -181.48 -70.66 77.01
C SER F 33 -182.57 -71.43 77.73
N PHE F 34 -182.28 -71.97 78.91
CA PHE F 34 -183.30 -72.64 79.71
C PHE F 34 -184.34 -71.65 80.24
N ILE F 35 -183.90 -70.45 80.60
CA ILE F 35 -184.83 -69.43 81.07
C ILE F 35 -185.69 -68.91 79.92
N LYS F 36 -185.12 -68.84 78.71
CA LYS F 36 -185.90 -68.42 77.55
C LYS F 36 -186.86 -69.51 77.11
N TRP F 37 -186.49 -70.78 77.27
CA TRP F 37 -187.39 -71.86 76.93
C TRP F 37 -188.51 -72.00 77.95
N CYS F 38 -188.22 -71.73 79.22
CA CYS F 38 -189.27 -71.72 80.23
C CYS F 38 -190.19 -70.52 80.06
N ASN F 39 -189.70 -69.44 79.47
CA ASN F 39 -190.51 -68.27 79.19
C ASN F 39 -191.41 -68.51 77.98
N GLU F 44 -194.79 -77.86 67.43
CA GLU F 44 -193.57 -77.75 66.63
C GLU F 44 -192.55 -76.86 67.32
N GLU F 45 -193.00 -75.71 67.81
CA GLU F 45 -192.11 -74.81 68.54
C GLU F 45 -191.76 -75.39 69.91
N GLY F 46 -192.73 -76.04 70.56
CA GLY F 46 -192.44 -76.69 71.83
C GLY F 46 -191.54 -77.91 71.68
N TYR F 47 -191.71 -78.65 70.57
CA TYR F 47 -190.83 -79.79 70.31
C TYR F 47 -189.43 -79.35 69.95
N SER F 48 -189.30 -78.25 69.19
CA SER F 48 -187.99 -77.71 68.87
C SER F 48 -187.31 -77.15 70.12
N GLN F 49 -188.09 -76.52 71.00
CA GLN F 49 -187.54 -76.04 72.27
C GLN F 49 -187.14 -77.19 73.18
N TYR F 50 -187.88 -78.30 73.16
CA TYR F 50 -187.51 -79.47 73.95
C TYR F 50 -186.25 -80.13 73.41
N GLN F 51 -186.10 -80.15 72.08
CA GLN F 51 -184.87 -80.67 71.49
C GLN F 51 -183.67 -79.79 71.81
N ARG F 52 -183.87 -78.46 71.80
CA ARG F 52 -182.79 -77.55 72.17
C ARG F 52 -182.44 -77.66 73.65
N MET F 53 -183.44 -77.92 74.49
CA MET F 53 -183.18 -78.09 75.92
C MET F 53 -182.46 -79.41 76.19
N LEU F 54 -182.79 -80.46 75.44
CA LEU F 54 -182.05 -81.71 75.55
C LEU F 54 -180.63 -81.56 75.04
N SER F 55 -180.42 -80.73 74.01
CA SER F 55 -179.07 -80.45 73.53
C SER F 55 -178.26 -79.67 74.57
N THR F 56 -178.90 -78.71 75.23
CA THR F 56 -178.24 -77.98 76.31
C THR F 56 -177.94 -78.87 77.50
N LEU F 57 -178.83 -79.83 77.79
CA LEU F 57 -178.57 -80.79 78.86
C LEU F 57 -177.43 -81.73 78.51
N SER F 58 -177.32 -82.10 77.24
CA SER F 58 -176.19 -82.92 76.80
C SER F 58 -174.88 -82.14 76.86
N GLN F 59 -174.92 -80.85 76.51
CA GLN F 59 -173.72 -80.01 76.63
C GLN F 59 -173.34 -79.81 78.10
N CYS F 60 -174.32 -79.69 78.99
CA CYS F 60 -174.04 -79.58 80.41
C CYS F 60 -173.50 -80.88 80.98
N GLU F 61 -173.98 -82.02 80.48
CA GLU F 61 -173.42 -83.31 80.89
C GLU F 61 -171.99 -83.48 80.40
N PHE F 62 -171.70 -82.98 79.20
CA PHE F 62 -170.33 -82.99 78.70
C PHE F 62 -169.43 -82.08 79.52
N SER F 63 -169.95 -80.94 79.97
CA SER F 63 -169.18 -80.05 80.83
C SER F 63 -168.95 -80.67 82.20
N MET F 64 -169.93 -81.40 82.73
CA MET F 64 -169.77 -82.08 84.01
C MET F 64 -168.76 -83.23 83.91
N GLY F 65 -168.79 -83.95 82.78
CA GLY F 65 -167.77 -84.96 82.54
C GLY F 65 -166.39 -84.38 82.37
N LYS F 66 -166.29 -83.21 81.75
CA LYS F 66 -165.00 -82.52 81.64
C LYS F 66 -164.50 -82.07 83.00
N THR F 67 -165.41 -81.64 83.87
CA THR F 67 -165.03 -81.25 85.22
C THR F 67 -164.57 -82.45 86.04
N LEU F 68 -165.23 -83.59 85.87
CA LEU F 68 -164.81 -84.81 86.55
C LEU F 68 -163.45 -85.30 86.04
N LEU F 69 -163.22 -85.18 84.72
CA LEU F 69 -161.92 -85.52 84.16
C LEU F 69 -160.84 -84.55 84.63
N VAL F 70 -161.19 -83.28 84.84
CA VAL F 70 -160.24 -82.32 85.36
C VAL F 70 -159.89 -82.63 86.80
N TYR F 71 -160.87 -83.08 87.59
CA TYR F 71 -160.59 -83.48 88.97
C TYR F 71 -159.72 -84.73 89.02
N ASP F 72 -159.97 -85.68 88.11
CA ASP F 72 -159.13 -86.87 88.03
C ASP F 72 -157.72 -86.52 87.57
N MET F 73 -157.60 -85.55 86.66
CA MET F 73 -156.29 -85.08 86.23
C MET F 73 -155.56 -84.34 87.35
N ASN F 74 -156.29 -83.63 88.21
CA ASN F 74 -155.67 -82.97 89.36
C ASN F 74 -155.17 -83.99 90.37
N LEU F 75 -155.95 -85.06 90.59
CA LEU F 75 -155.49 -86.13 91.49
C LEU F 75 -154.29 -86.86 90.91
N ARG F 76 -154.29 -87.11 89.60
CA ARG F 76 -153.14 -87.74 88.96
C ARG F 76 -151.92 -86.84 88.95
N GLU F 77 -152.13 -85.51 88.86
CA GLU F 77 -151.01 -84.58 88.93
C GLU F 77 -150.44 -84.51 90.34
N MET F 78 -151.30 -84.63 91.36
CA MET F 78 -150.80 -84.70 92.73
C MET F 78 -150.02 -85.99 92.96
N GLU F 79 -150.48 -87.11 92.38
CA GLU F 79 -149.74 -88.36 92.49
C GLU F 79 -148.41 -88.29 91.74
N ASN F 80 -148.39 -87.64 90.57
CA ASN F 80 -147.14 -87.45 89.84
C ASN F 80 -146.20 -86.51 90.57
N TYR F 81 -146.74 -85.53 91.31
CA TYR F 81 -145.90 -84.65 92.11
C TYR F 81 -145.30 -85.39 93.31
N GLU F 82 -146.06 -86.31 93.90
CA GLU F 82 -145.52 -87.15 94.96
C GLU F 82 -144.45 -88.09 94.42
N LYS F 83 -144.65 -88.61 93.20
CA LYS F 83 -143.64 -89.45 92.56
C LYS F 83 -142.39 -88.64 92.22
N ILE F 84 -142.57 -87.37 91.84
CA ILE F 84 -141.43 -86.50 91.57
C ILE F 84 -140.70 -86.15 92.85
N TYR F 85 -141.42 -86.04 93.97
CA TYR F 85 -140.76 -85.81 95.26
C TYR F 85 -139.96 -87.03 95.71
N LYS F 86 -140.50 -88.22 95.47
CA LYS F 86 -139.75 -89.45 95.77
C LYS F 86 -138.53 -89.58 94.86
N GLU F 87 -138.67 -89.19 93.60
CA GLU F 87 -137.52 -89.18 92.69
C GLU F 87 -136.52 -88.11 93.08
N ILE F 88 -136.97 -87.01 93.70
CA ILE F 88 -136.05 -85.99 94.19
C ILE F 88 -135.30 -86.47 95.41
N GLU F 89 -135.95 -87.27 96.25
CA GLU F 89 -135.26 -87.91 97.37
C GLU F 89 -134.22 -88.91 96.87
N CYS F 90 -134.58 -89.69 95.86
CA CYS F 90 -133.62 -90.63 95.25
C CYS F 90 -132.48 -89.89 94.56
N SER F 91 -132.76 -88.72 93.97
CA SER F 91 -131.71 -87.93 93.37
C SER F 91 -130.83 -87.27 94.41
N ILE F 92 -131.38 -86.98 95.60
CA ILE F 92 -130.55 -86.47 96.69
C ILE F 92 -129.62 -87.58 97.20
N ALA F 93 -130.13 -88.82 97.26
CA ALA F 93 -129.28 -89.95 97.61
C ALA F 93 -128.20 -90.18 96.56
N GLY F 94 -128.55 -90.06 95.28
CA GLY F 94 -127.56 -90.12 94.22
C GLY F 94 -126.57 -88.97 94.25
N ALA F 95 -127.00 -87.81 94.73
CA ALA F 95 -126.09 -86.67 94.87
C ALA F 95 -125.12 -86.90 96.02
N HIS F 96 -125.57 -87.56 97.09
CA HIS F 96 -124.66 -87.93 98.17
C HIS F 96 -123.65 -88.98 97.71
N GLU F 97 -124.11 -89.95 96.91
CA GLU F 97 -123.20 -90.95 96.33
C GLU F 97 -122.21 -90.31 95.37
N LYS F 98 -122.67 -89.33 94.59
CA LYS F 98 -121.78 -88.59 93.70
C LYS F 98 -120.84 -87.69 94.48
N ILE F 99 -121.23 -87.25 95.68
CA ILE F 99 -120.31 -86.48 96.52
C ILE F 99 -119.22 -87.38 97.07
N ALA F 100 -119.55 -88.62 97.41
CA ALA F 100 -118.53 -89.59 97.82
C ALA F 100 -117.60 -89.94 96.66
N GLU F 101 -118.17 -90.11 95.46
CA GLU F 101 -117.36 -90.36 94.26
C GLU F 101 -116.53 -89.13 93.90
N CYS F 102 -117.01 -87.93 94.21
CA CYS F 102 -116.23 -86.72 93.97
C CYS F 102 -115.11 -86.56 94.98
N LYS F 103 -115.30 -87.03 96.21
CA LYS F 103 -114.19 -87.07 97.16
C LYS F 103 -113.12 -88.07 96.73
N LYS F 104 -113.55 -89.22 96.20
CA LYS F 104 -112.59 -90.18 95.65
C LYS F 104 -111.89 -89.62 94.42
N GLN F 105 -112.62 -88.89 93.58
CA GLN F 105 -112.01 -88.24 92.42
C GLN F 105 -111.11 -87.09 92.83
N ILE F 106 -111.37 -86.47 93.98
CA ILE F 106 -110.48 -85.42 94.48
C ILE F 106 -109.18 -86.02 95.01
N LEU F 107 -109.26 -87.21 95.63
CA LEU F 107 -108.04 -87.93 96.00
C LEU F 107 -107.26 -88.35 94.77
N GLN F 108 -107.95 -88.82 93.74
CA GLN F 108 -107.29 -89.15 92.47
C GLN F 108 -106.72 -87.91 91.79
N ALA F 109 -107.37 -86.76 91.94
CA ALA F 109 -106.85 -85.51 91.38
C ALA F 109 -105.66 -85.00 92.17
N LYS F 110 -105.60 -85.28 93.46
CA LYS F 110 -104.40 -84.95 94.25
C LYS F 110 -103.23 -85.83 93.82
N ARG F 111 -103.49 -87.11 93.57
CA ARG F 111 -102.44 -87.98 93.02
C ARG F 111 -102.02 -87.53 91.63
N ILE F 112 -102.98 -87.06 90.81
CA ILE F 112 -102.66 -86.55 89.49
C ILE F 112 -101.93 -85.22 89.57
N ARG F 113 -102.15 -84.45 90.64
CA ARG F 113 -101.41 -83.20 90.84
C ARG F 113 -99.98 -83.49 91.25
N LYS F 114 -99.77 -84.54 92.06
CA LYS F 114 -98.41 -84.99 92.37
C LYS F 114 -97.71 -85.49 91.11
N ASN F 115 -98.45 -86.20 90.25
CA ASN F 115 -97.90 -86.64 88.98
C ASN F 115 -97.60 -85.46 88.05
N ARG F 116 -98.42 -84.41 88.10
CA ARG F 116 -98.16 -83.21 87.31
C ARG F 116 -96.97 -82.44 87.83
N GLN F 117 -96.74 -82.45 89.14
CA GLN F 117 -95.53 -81.85 89.70
C GLN F 117 -94.29 -82.64 89.29
N GLU F 118 -94.39 -83.96 89.26
CA GLU F 118 -93.29 -84.79 88.76
C GLU F 118 -93.05 -84.55 87.27
N TYR F 119 -94.12 -84.35 86.50
CA TYR F 119 -93.98 -84.05 85.07
C TYR F 119 -93.39 -82.66 84.85
N ASP F 120 -93.69 -81.70 85.73
CA ASP F 120 -93.07 -80.38 85.64
C ASP F 120 -91.61 -80.44 86.01
N ALA F 121 -91.24 -81.31 86.97
CA ALA F 121 -89.84 -81.54 87.28
C ALA F 121 -89.10 -82.17 86.10
N LEU F 122 -89.76 -83.11 85.42
CA LEU F 122 -89.17 -83.73 84.23
C LEU F 122 -89.04 -82.72 83.09
N ALA F 123 -90.00 -81.83 82.95
CA ALA F 123 -89.91 -80.79 81.92
C ALA F 123 -88.82 -79.77 82.23
N LYS F 124 -88.63 -79.44 83.51
CA LYS F 124 -87.54 -78.55 83.89
C LYS F 124 -86.18 -79.21 83.72
N VAL F 125 -86.10 -80.53 83.92
CA VAL F 125 -84.85 -81.23 83.66
C VAL F 125 -84.60 -81.36 82.16
N ILE F 126 -85.67 -81.45 81.37
CA ILE F 126 -85.51 -81.56 79.92
C ILE F 126 -85.17 -80.21 79.30
N GLN F 127 -85.58 -79.12 79.94
CA GLN F 127 -85.25 -77.79 79.43
C GLN F 127 -83.76 -77.48 79.60
N HIS F 128 -83.11 -78.12 80.57
CA HIS F 128 -81.68 -77.93 80.78
C HIS F 128 -80.86 -78.82 79.85
N HIS F 133 -80.57 -86.97 69.87
CA HIS F 133 -80.50 -87.29 68.45
C HIS F 133 -79.88 -86.13 67.66
N GLU F 134 -80.29 -84.91 68.00
CA GLU F 134 -79.74 -83.74 67.32
C GLU F 134 -78.31 -83.46 67.76
N THR F 135 -77.98 -83.80 69.01
CA THR F 135 -76.61 -83.60 69.50
C THR F 135 -75.63 -84.54 68.82
N LEU F 136 -76.07 -85.76 68.52
CA LEU F 136 -75.20 -86.71 67.81
C LEU F 136 -74.98 -86.27 66.36
N LYS F 137 -76.03 -85.70 65.74
CA LYS F 137 -75.87 -85.18 64.38
C LYS F 137 -74.99 -83.94 64.36
N GLU F 138 -75.08 -83.10 65.40
CA GLU F 138 -74.19 -81.95 65.50
C GLU F 138 -72.75 -82.37 65.74
N LEU F 139 -72.54 -83.44 66.52
CA LEU F 139 -71.19 -83.94 66.74
C LEU F 139 -70.64 -84.59 65.47
N GLU F 140 -71.50 -85.22 64.68
CA GLU F 140 -71.07 -85.80 63.41
C GLU F 140 -70.71 -84.71 62.40
N ALA F 141 -71.49 -83.61 62.39
CA ALA F 141 -71.17 -82.49 61.52
C ALA F 141 -69.88 -81.80 61.96
N LEU F 142 -69.64 -81.72 63.28
CA LEU F 142 -68.40 -81.15 63.78
C LEU F 142 -67.21 -82.05 63.45
N GLY F 143 -67.41 -83.37 63.47
CA GLY F 143 -66.34 -84.28 63.08
C GLY F 143 -66.04 -84.21 61.59
N LYS F 144 -67.07 -84.03 60.76
CA LYS F 144 -66.85 -83.84 59.33
C LYS F 144 -66.14 -82.53 59.05
N GLU F 145 -66.48 -81.48 59.80
CA GLU F 145 -65.78 -80.19 59.66
C GLU F 145 -64.34 -80.29 60.13
N LEU F 146 -64.08 -81.09 61.18
CA LEU F 146 -62.72 -81.29 61.64
C LEU F 146 -61.91 -82.10 60.63
N GLU F 147 -62.55 -83.07 59.96
CA GLU F 147 -61.87 -83.83 58.93
C GLU F 147 -61.55 -82.96 57.71
N HIS F 148 -62.47 -82.06 57.35
CA HIS F 148 -62.22 -81.13 56.25
C HIS F 148 -61.12 -80.15 56.61
N LEU F 149 -61.07 -79.71 57.86
CA LEU F 149 -60.01 -78.81 58.32
C LEU F 149 -58.66 -79.53 58.35
N SER F 150 -58.66 -80.81 58.71
CA SER F 150 -57.43 -81.58 58.69
C SER F 150 -56.94 -81.82 57.27
N HIS F 151 -57.86 -82.03 56.33
CA HIS F 151 -57.47 -82.16 54.92
C HIS F 151 -56.93 -80.85 54.37
N ILE F 152 -57.53 -79.72 54.79
CA ILE F 152 -57.05 -78.41 54.36
C ILE F 152 -55.67 -78.12 54.94
N LYS F 153 -55.45 -78.52 56.19
CA LYS F 153 -54.14 -78.33 56.82
C LYS F 153 -53.09 -79.22 56.18
N GLU F 154 -53.47 -80.44 55.78
CA GLU F 154 -52.54 -81.33 55.10
C GLU F 154 -52.18 -80.80 53.71
N SER F 155 -53.16 -80.25 52.99
CA SER F 155 -52.88 -79.66 51.68
C SER F 155 -52.02 -78.41 51.82
N VAL F 156 -52.26 -77.62 52.88
CA VAL F 156 -51.47 -76.41 53.11
C VAL F 156 -50.03 -76.78 53.46
N GLU F 157 -49.84 -77.85 54.24
CA GLU F 157 -48.49 -78.30 54.56
C GLU F 157 -47.78 -78.88 53.34
N ASP F 158 -48.53 -79.59 52.48
CA ASP F 158 -47.96 -80.14 51.26
C ASP F 158 -47.55 -79.05 50.27
N LYS F 159 -48.30 -77.96 50.19
CA LYS F 159 -47.88 -76.83 49.36
C LYS F 159 -46.72 -76.07 50.01
N LEU F 160 -46.76 -75.94 51.34
CA LEU F 160 -45.74 -75.17 52.05
C LEU F 160 -44.40 -75.89 52.06
N GLU F 161 -44.41 -77.22 51.87
CA GLU F 161 -43.16 -77.96 51.74
C GLU F 161 -42.38 -77.55 50.49
N LEU F 162 -43.04 -77.55 49.34
CA LEU F 162 -42.38 -77.15 48.10
C LEU F 162 -42.09 -75.65 48.08
N ARG F 163 -42.99 -74.86 48.69
CA ARG F 163 -42.75 -73.43 48.80
C ARG F 163 -41.54 -73.13 49.69
N ARG F 164 -41.39 -73.89 50.78
CA ARG F 164 -40.24 -73.70 51.66
C ARG F 164 -38.98 -74.24 51.02
N LYS F 165 -39.09 -75.23 50.14
CA LYS F 165 -37.91 -75.73 49.41
C LYS F 165 -37.39 -74.67 48.44
N GLN F 166 -38.29 -74.09 47.64
CA GLN F 166 -37.87 -73.06 46.68
C GLN F 166 -37.41 -71.79 47.40
N PHE F 167 -38.13 -71.38 48.44
CA PHE F 167 -37.72 -70.21 49.21
C PHE F 167 -36.47 -70.48 50.03
N HIS F 168 -36.20 -71.75 50.34
CA HIS F 168 -34.97 -72.09 51.04
C HIS F 168 -33.77 -72.06 50.11
N VAL F 169 -33.96 -72.44 48.85
CA VAL F 169 -32.91 -72.26 47.85
C VAL F 169 -32.61 -70.77 47.65
N LEU F 170 -33.67 -69.97 47.52
CA LEU F 170 -33.51 -68.52 47.36
C LEU F 170 -32.90 -67.88 48.60
N LEU F 171 -33.27 -68.35 49.78
CA LEU F 171 -32.73 -67.80 51.01
C LEU F 171 -31.31 -68.29 51.27
N SER F 172 -30.95 -69.45 50.73
CA SER F 172 -29.56 -69.90 50.80
C SER F 172 -28.68 -69.03 49.91
N THR F 173 -29.17 -68.67 48.73
CA THR F 173 -28.46 -67.71 47.88
C THR F 173 -28.35 -66.35 48.55
N ILE F 174 -29.44 -65.91 49.21
CA ILE F 174 -29.45 -64.61 49.87
C ILE F 174 -28.54 -64.62 51.09
N HIS F 175 -28.45 -65.74 51.79
CA HIS F 175 -27.58 -65.84 52.97
C HIS F 175 -26.12 -65.92 52.56
N GLU F 176 -25.84 -66.56 51.42
CA GLU F 176 -24.49 -66.53 50.88
C GLU F 176 -24.09 -65.13 50.46
N LEU F 177 -25.04 -64.37 49.88
CA LEU F 177 -24.75 -62.98 49.54
C LEU F 177 -24.60 -62.11 50.79
N GLN F 178 -25.32 -62.44 51.86
CA GLN F 178 -25.21 -61.67 53.08
C GLN F 178 -23.91 -61.97 53.82
N GLN F 179 -23.47 -63.22 53.79
CA GLN F 179 -22.18 -63.56 54.38
C GLN F 179 -21.03 -63.02 53.53
N THR F 180 -21.25 -62.90 52.22
CA THR F 180 -20.25 -62.27 51.36
C THR F 180 -20.18 -60.77 51.62
N LEU F 181 -21.32 -60.14 51.87
CA LEU F 181 -21.36 -58.71 52.14
C LEU F 181 -22.56 -58.33 53.01
N LYS G 279 -113.88 -9.49 -18.33
CA LYS G 279 -114.48 -8.77 -17.21
C LYS G 279 -115.02 -9.74 -16.16
N LEU G 280 -114.73 -9.44 -14.90
CA LEU G 280 -115.12 -10.32 -13.80
C LEU G 280 -116.62 -10.24 -13.53
N THR G 281 -117.22 -11.39 -13.24
CA THR G 281 -118.65 -11.49 -12.95
C THR G 281 -118.85 -12.07 -11.55
N LEU G 282 -120.08 -11.89 -11.04
CA LEU G 282 -120.45 -12.37 -9.72
C LEU G 282 -121.47 -13.51 -9.77
N HIS G 283 -121.66 -14.12 -10.94
CA HIS G 283 -122.64 -15.17 -11.10
C HIS G 283 -122.13 -16.45 -10.45
N GLY G 284 -122.95 -17.03 -9.58
CA GLY G 284 -122.58 -18.23 -8.85
C GLY G 284 -121.97 -17.99 -7.49
N LEU G 285 -122.18 -16.81 -6.89
CA LEU G 285 -121.58 -16.46 -5.62
C LEU G 285 -122.66 -16.09 -4.62
N GLN G 286 -122.39 -16.38 -3.36
CA GLN G 286 -123.27 -16.04 -2.24
C GLN G 286 -122.62 -14.93 -1.42
N GLN G 287 -123.32 -13.81 -1.27
CA GLN G 287 -122.79 -12.64 -0.57
C GLN G 287 -123.74 -12.27 0.55
N TYR G 288 -123.18 -12.05 1.74
CA TYR G 288 -123.97 -11.72 2.92
C TYR G 288 -123.25 -10.66 3.73
N TYR G 289 -123.92 -10.17 4.77
CA TYR G 289 -123.36 -9.15 5.64
C TYR G 289 -123.81 -9.39 7.07
N VAL G 290 -122.98 -8.95 8.02
CA VAL G 290 -123.29 -9.02 9.45
C VAL G 290 -123.06 -7.63 10.03
N LYS G 291 -124.08 -7.08 10.69
CA LYS G 291 -123.96 -5.81 11.40
C LYS G 291 -123.50 -6.11 12.82
N LEU G 292 -122.30 -5.64 13.16
CA LEU G 292 -121.71 -5.93 14.47
C LEU G 292 -120.70 -4.83 14.79
N LYS G 293 -120.17 -4.88 16.02
CA LYS G 293 -119.19 -3.91 16.45
C LYS G 293 -117.83 -4.20 15.81
N ASP G 294 -116.92 -3.23 15.95
CA ASP G 294 -115.61 -3.34 15.32
C ASP G 294 -114.73 -4.36 16.02
N ASN G 295 -114.62 -4.25 17.35
CA ASN G 295 -113.74 -5.13 18.11
C ASN G 295 -114.29 -6.55 18.26
N GLU G 296 -115.58 -6.76 18.02
CA GLU G 296 -116.18 -8.08 18.13
C GLU G 296 -116.10 -8.87 16.83
N LYS G 297 -115.36 -8.36 15.83
CA LYS G 297 -115.25 -9.07 14.57
C LYS G 297 -114.28 -10.24 14.67
N ASN G 298 -113.37 -10.18 15.64
CA ASN G 298 -112.40 -11.26 15.81
C ASN G 298 -113.06 -12.50 16.41
N ARG G 299 -113.88 -12.30 17.44
CA ARG G 299 -114.59 -13.43 18.06
C ARG G 299 -115.65 -13.99 17.11
N LYS G 300 -116.34 -13.11 16.37
CA LYS G 300 -117.32 -13.56 15.40
C LYS G 300 -116.65 -14.29 14.24
N LEU G 301 -115.47 -13.83 13.83
CA LEU G 301 -114.72 -14.50 12.78
C LEU G 301 -114.21 -15.85 13.25
N PHE G 302 -113.83 -15.95 14.52
CA PHE G 302 -113.43 -17.25 15.08
C PHE G 302 -114.61 -18.20 15.18
N ASP G 303 -115.80 -17.66 15.50
CA ASP G 303 -117.01 -18.49 15.51
C ASP G 303 -117.35 -18.98 14.11
N LEU G 304 -117.08 -18.15 13.09
CA LEU G 304 -117.26 -18.59 11.71
C LEU G 304 -116.21 -19.62 11.31
N LEU G 305 -114.98 -19.49 11.82
CA LEU G 305 -113.96 -20.49 11.58
C LEU G 305 -114.23 -21.80 12.31
N ASP G 306 -115.02 -21.78 13.37
CA ASP G 306 -115.36 -23.00 14.08
C ASP G 306 -116.52 -23.76 13.44
N VAL G 307 -117.28 -23.12 12.54
CA VAL G 307 -118.49 -23.70 11.96
C VAL G 307 -118.30 -23.97 10.47
N LEU G 308 -117.84 -22.96 9.72
CA LEU G 308 -117.73 -23.07 8.28
C LEU G 308 -116.50 -23.89 7.90
N GLU G 309 -116.72 -24.93 7.08
CA GLU G 309 -115.63 -25.73 6.56
C GLU G 309 -114.99 -25.03 5.37
N PHE G 310 -113.67 -24.89 5.40
CA PHE G 310 -112.96 -24.09 4.42
C PHE G 310 -111.64 -24.75 4.06
N ASN G 311 -111.19 -24.50 2.83
CA ASN G 311 -109.86 -24.91 2.40
C ASN G 311 -108.84 -23.80 2.59
N GLN G 312 -109.06 -22.68 1.89
CA GLN G 312 -108.22 -21.49 1.97
C GLN G 312 -109.11 -20.27 2.03
N VAL G 313 -108.76 -19.33 2.90
CA VAL G 313 -109.56 -18.14 3.15
C VAL G 313 -108.67 -16.91 3.04
N VAL G 314 -109.06 -15.97 2.19
CA VAL G 314 -108.40 -14.68 2.07
C VAL G 314 -109.22 -13.66 2.84
N ILE G 315 -108.58 -12.92 3.74
CA ILE G 315 -109.22 -11.93 4.58
C ILE G 315 -108.63 -10.57 4.24
N PHE G 316 -109.51 -9.61 3.93
CA PHE G 316 -109.09 -8.29 3.45
C PHE G 316 -109.11 -7.28 4.59
N VAL G 317 -107.95 -6.69 4.86
CA VAL G 317 -107.84 -5.61 5.84
C VAL G 317 -107.38 -4.35 5.12
N LYS G 318 -107.26 -3.24 5.86
CA LYS G 318 -107.06 -1.94 5.24
C LYS G 318 -105.66 -1.36 5.41
N SER G 319 -104.89 -1.83 6.40
CA SER G 319 -103.58 -1.23 6.68
C SER G 319 -102.59 -2.33 7.01
N VAL G 320 -101.36 -1.91 7.33
CA VAL G 320 -100.26 -2.84 7.57
C VAL G 320 -100.29 -3.35 9.01
N GLN G 321 -100.52 -2.46 9.97
CA GLN G 321 -100.48 -2.84 11.38
C GLN G 321 -101.65 -3.75 11.74
N ARG G 322 -102.83 -3.49 11.16
CA ARG G 322 -103.96 -4.40 11.33
C ARG G 322 -103.69 -5.76 10.71
N CYS G 323 -102.98 -5.78 9.57
CA CYS G 323 -102.62 -7.02 8.91
C CYS G 323 -101.67 -7.86 9.77
N ILE G 324 -100.64 -7.22 10.32
CA ILE G 324 -99.66 -7.93 11.14
C ILE G 324 -100.28 -8.37 12.47
N ALA G 325 -101.18 -7.54 13.03
CA ALA G 325 -101.85 -7.92 14.28
C ALA G 325 -102.81 -9.08 14.06
N LEU G 326 -103.52 -9.10 12.93
CA LEU G 326 -104.43 -10.20 12.64
C LEU G 326 -103.65 -11.49 12.33
N ALA G 327 -102.50 -11.37 11.67
CA ALA G 327 -101.65 -12.53 11.44
C ALA G 327 -101.10 -13.08 12.75
N GLN G 328 -100.73 -12.19 13.67
CA GLN G 328 -100.26 -12.63 14.99
C GLN G 328 -101.39 -13.30 15.76
N LEU G 329 -102.61 -12.77 15.68
CA LEU G 329 -103.75 -13.36 16.37
C LEU G 329 -104.10 -14.73 15.80
N LEU G 330 -103.94 -14.92 14.48
CA LEU G 330 -104.24 -16.23 13.90
C LEU G 330 -103.14 -17.25 14.19
N VAL G 331 -101.87 -16.84 14.11
CA VAL G 331 -100.77 -17.78 14.33
C VAL G 331 -100.70 -18.19 15.80
N GLU G 332 -100.91 -17.24 16.71
CA GLU G 332 -100.90 -17.56 18.14
C GLU G 332 -102.12 -18.38 18.56
N GLN G 333 -103.20 -18.36 17.77
CA GLN G 333 -104.32 -19.28 17.98
C GLN G 333 -104.22 -20.50 17.05
N ASN G 334 -103.01 -20.84 16.63
CA ASN G 334 -102.66 -22.06 15.90
C ASN G 334 -103.30 -22.16 14.52
N PHE G 335 -103.82 -21.07 13.98
CA PHE G 335 -104.29 -21.07 12.59
C PHE G 335 -103.10 -20.79 11.67
N PRO G 336 -102.79 -21.67 10.72
CA PRO G 336 -101.69 -21.39 9.78
C PRO G 336 -102.05 -20.29 8.80
N ALA G 337 -101.48 -19.11 8.99
CA ALA G 337 -101.84 -17.95 8.20
C ALA G 337 -100.59 -17.20 7.75
N ILE G 338 -100.68 -16.62 6.55
CA ILE G 338 -99.61 -15.82 5.98
C ILE G 338 -100.17 -14.45 5.64
N ALA G 339 -99.38 -13.41 5.87
CA ALA G 339 -99.82 -12.03 5.72
C ALA G 339 -99.08 -11.37 4.56
N ILE G 340 -99.82 -10.75 3.67
CA ILE G 340 -99.26 -9.94 2.58
C ILE G 340 -99.88 -8.56 2.69
N HIS G 341 -99.06 -7.55 2.98
CA HIS G 341 -99.53 -6.18 3.08
C HIS G 341 -98.83 -5.31 2.04
N ARG G 342 -99.35 -4.08 1.90
CA ARG G 342 -98.90 -3.19 0.84
C ARG G 342 -97.52 -2.59 1.10
N GLY G 343 -97.01 -2.69 2.32
CA GLY G 343 -95.67 -2.20 2.62
C GLY G 343 -94.61 -3.27 2.46
N MET G 344 -94.64 -3.97 1.33
CA MET G 344 -93.75 -5.08 1.03
C MET G 344 -93.13 -4.92 -0.34
N PRO G 345 -91.97 -5.51 -0.57
CA PRO G 345 -91.44 -5.56 -1.94
C PRO G 345 -92.29 -6.45 -2.83
N GLN G 346 -92.18 -6.20 -4.14
CA GLN G 346 -93.00 -6.90 -5.11
C GLN G 346 -92.60 -8.36 -5.23
N GLU G 347 -91.30 -8.65 -5.20
CA GLU G 347 -90.84 -10.03 -5.31
C GLU G 347 -91.16 -10.83 -4.06
N GLU G 348 -91.24 -10.19 -2.89
CA GLU G 348 -91.64 -10.90 -1.69
C GLU G 348 -93.13 -11.22 -1.71
N ARG G 349 -93.93 -10.30 -2.25
CA ARG G 349 -95.36 -10.56 -2.46
C ARG G 349 -95.56 -11.70 -3.45
N LEU G 350 -94.78 -11.73 -4.53
CA LEU G 350 -94.89 -12.82 -5.49
C LEU G 350 -94.40 -14.15 -4.91
N SER G 351 -93.37 -14.12 -4.05
CA SER G 351 -92.88 -15.35 -3.44
C SER G 351 -93.88 -15.90 -2.44
N ARG G 352 -94.50 -15.04 -1.63
CA ARG G 352 -95.53 -15.50 -0.72
C ARG G 352 -96.79 -15.95 -1.46
N TYR G 353 -97.10 -15.33 -2.59
CA TYR G 353 -98.24 -15.77 -3.38
C TYR G 353 -97.95 -17.12 -4.05
N GLN G 354 -96.70 -17.36 -4.43
CA GLN G 354 -96.31 -18.66 -4.97
C GLN G 354 -96.31 -19.74 -3.90
N GLN G 355 -95.90 -19.41 -2.68
CA GLN G 355 -96.03 -20.35 -1.57
C GLN G 355 -97.49 -20.62 -1.22
N PHE G 356 -98.35 -19.61 -1.38
CA PHE G 356 -99.78 -19.80 -1.17
C PHE G 356 -100.41 -20.63 -2.29
N LYS G 357 -99.82 -20.61 -3.49
CA LYS G 357 -100.25 -21.52 -4.54
C LYS G 357 -99.97 -22.98 -4.20
N ASP G 358 -98.88 -23.25 -3.47
CA ASP G 358 -98.42 -24.61 -3.24
C ASP G 358 -98.96 -25.21 -1.94
N PHE G 359 -100.01 -24.60 -1.38
CA PHE G 359 -100.73 -25.07 -0.19
C PHE G 359 -99.79 -25.22 1.01
N GLN G 360 -99.13 -24.12 1.37
CA GLN G 360 -98.24 -24.16 2.52
C GLN G 360 -98.91 -23.58 3.75
N ARG G 361 -99.78 -22.59 3.57
CA ARG G 361 -100.62 -22.07 4.64
C ARG G 361 -102.02 -21.83 4.09
N ARG G 362 -103.03 -22.05 4.94
CA ARG G 362 -104.41 -21.97 4.49
C ARG G 362 -104.88 -20.53 4.36
N ILE G 363 -104.68 -19.71 5.40
CA ILE G 363 -105.30 -18.40 5.51
C ILE G 363 -104.33 -17.34 5.00
N LEU G 364 -104.84 -16.41 4.19
CA LEU G 364 -104.06 -15.30 3.65
C LEU G 364 -104.70 -13.99 4.08
N VAL G 365 -104.00 -13.23 4.92
CA VAL G 365 -104.45 -11.90 5.31
C VAL G 365 -103.82 -10.92 4.33
N ALA G 366 -104.63 -10.41 3.41
CA ALA G 366 -104.14 -9.60 2.30
C ALA G 366 -104.78 -8.22 2.33
N THR G 367 -103.95 -7.18 2.31
CA THR G 367 -104.48 -5.83 2.15
C THR G 367 -104.92 -5.57 0.72
N ASN G 368 -104.11 -6.00 -0.24
CA ASN G 368 -104.41 -5.79 -1.65
C ASN G 368 -103.76 -6.88 -2.48
N LEU G 369 -104.20 -6.98 -3.73
CA LEU G 369 -103.64 -7.97 -4.66
C LEU G 369 -103.17 -7.29 -5.94
N PHE G 370 -102.80 -8.09 -6.93
CA PHE G 370 -102.38 -7.58 -8.24
C PHE G 370 -103.47 -7.76 -9.28
N GLY G 371 -104.74 -7.83 -8.85
CA GLY G 371 -105.82 -7.98 -9.79
C GLY G 371 -105.97 -9.40 -10.30
N ARG G 372 -106.42 -9.49 -11.56
CA ARG G 372 -106.63 -10.76 -12.30
C ARG G 372 -107.61 -11.69 -11.60
N GLY G 373 -108.55 -11.13 -10.84
CA GLY G 373 -109.49 -11.91 -10.05
C GLY G 373 -108.78 -12.69 -8.95
N MET G 374 -109.32 -13.86 -8.66
CA MET G 374 -108.66 -14.84 -7.80
C MET G 374 -108.48 -16.12 -8.63
N ASP G 375 -107.31 -16.27 -9.22
CA ASP G 375 -107.02 -17.37 -10.13
C ASP G 375 -106.65 -18.67 -9.43
N ILE G 376 -106.73 -18.73 -8.11
CA ILE G 376 -106.47 -19.95 -7.37
C ILE G 376 -107.80 -20.55 -6.95
N GLU G 377 -108.10 -21.75 -7.46
CA GLU G 377 -109.39 -22.37 -7.25
C GLU G 377 -109.58 -22.88 -5.83
N ARG G 378 -108.49 -23.01 -5.06
CA ARG G 378 -108.58 -23.58 -3.73
C ARG G 378 -109.25 -22.64 -2.74
N VAL G 379 -109.13 -21.33 -2.95
CA VAL G 379 -109.78 -20.34 -2.10
C VAL G 379 -111.28 -20.39 -2.34
N ASN G 380 -112.05 -20.52 -1.28
CA ASN G 380 -113.50 -20.61 -1.36
C ASN G 380 -114.24 -19.50 -0.62
N ILE G 381 -113.81 -19.19 0.60
CA ILE G 381 -114.51 -18.23 1.46
C ILE G 381 -113.62 -17.00 1.61
N ALA G 382 -114.18 -15.82 1.32
CA ALA G 382 -113.44 -14.57 1.38
C ALA G 382 -114.13 -13.61 2.33
N PHE G 383 -113.40 -13.14 3.33
CA PHE G 383 -113.92 -12.19 4.31
C PHE G 383 -113.41 -10.79 4.02
N ASN G 384 -114.33 -9.85 3.90
CA ASN G 384 -114.01 -8.43 3.89
C ASN G 384 -114.08 -7.95 5.33
N TYR G 385 -112.95 -8.07 6.02
CA TYR G 385 -112.82 -7.58 7.39
C TYR G 385 -112.92 -6.06 7.45
N ASP G 386 -112.40 -5.38 6.43
CA ASP G 386 -112.52 -3.94 6.30
C ASP G 386 -113.18 -3.62 4.97
N MET G 387 -113.82 -2.45 4.91
CA MET G 387 -114.66 -2.14 3.77
C MET G 387 -113.80 -1.70 2.58
N PRO G 388 -114.07 -2.19 1.38
CA PRO G 388 -113.31 -1.75 0.20
C PRO G 388 -113.68 -0.32 -0.20
N GLU G 389 -112.96 0.17 -1.21
CA GLU G 389 -113.09 1.57 -1.62
C GLU G 389 -114.42 1.80 -2.32
N ASP G 390 -114.65 1.11 -3.44
CA ASP G 390 -115.85 1.29 -4.24
C ASP G 390 -116.35 -0.09 -4.67
N SER G 391 -117.29 -0.11 -5.61
CA SER G 391 -117.75 -1.36 -6.17
C SER G 391 -116.68 -2.05 -7.02
N ASP G 392 -115.73 -1.29 -7.55
CA ASP G 392 -114.67 -1.89 -8.36
C ASP G 392 -113.65 -2.62 -7.50
N THR G 393 -113.27 -2.04 -6.36
CA THR G 393 -112.40 -2.75 -5.43
C THR G 393 -113.10 -3.94 -4.79
N TYR G 394 -114.41 -3.83 -4.54
CA TYR G 394 -115.19 -4.98 -4.10
C TYR G 394 -115.24 -6.06 -5.18
N LEU G 395 -115.30 -5.66 -6.45
CA LEU G 395 -115.27 -6.62 -7.55
C LEU G 395 -113.92 -7.32 -7.64
N HIS G 396 -112.83 -6.56 -7.42
CA HIS G 396 -111.51 -7.16 -7.44
C HIS G 396 -111.27 -8.06 -6.23
N ARG G 397 -111.92 -7.76 -5.10
CA ARG G 397 -111.77 -8.61 -3.92
C ARG G 397 -112.62 -9.88 -4.01
N VAL G 398 -113.83 -9.78 -4.53
CA VAL G 398 -114.81 -10.86 -4.45
C VAL G 398 -114.83 -11.73 -5.71
N ALA G 399 -114.94 -11.10 -6.87
CA ALA G 399 -115.14 -11.86 -8.11
C ALA G 399 -113.85 -12.57 -8.53
N ARG G 400 -114.03 -13.73 -9.15
CA ARG G 400 -112.95 -14.67 -9.39
C ARG G 400 -112.71 -14.86 -10.88
N ALA G 401 -111.52 -15.34 -11.22
CA ALA G 401 -111.13 -15.62 -12.60
C ALA G 401 -110.50 -17.00 -12.69
N GLY G 402 -111.16 -17.99 -12.10
CA GLY G 402 -110.65 -19.34 -12.09
C GLY G 402 -110.93 -20.07 -13.39
N ARG G 403 -110.56 -21.35 -13.41
CA ARG G 403 -110.75 -22.21 -14.58
C ARG G 403 -111.87 -23.23 -14.39
N PHE G 404 -111.99 -23.83 -13.21
CA PHE G 404 -113.02 -24.82 -12.97
C PHE G 404 -113.88 -24.46 -11.77
N GLY G 405 -113.28 -23.85 -10.75
CA GLY G 405 -114.02 -23.45 -9.58
C GLY G 405 -114.71 -22.11 -9.76
N THR G 406 -116.04 -22.14 -9.94
CA THR G 406 -116.81 -20.93 -10.18
C THR G 406 -117.70 -20.53 -9.01
N LYS G 407 -117.89 -21.41 -8.03
CA LYS G 407 -118.68 -21.10 -6.86
C LYS G 407 -117.77 -20.63 -5.71
N GLY G 408 -118.36 -19.93 -4.76
CA GLY G 408 -117.61 -19.42 -3.63
C GLY G 408 -118.50 -18.60 -2.73
N LEU G 409 -117.99 -18.32 -1.53
CA LEU G 409 -118.69 -17.55 -0.52
C LEU G 409 -117.88 -16.31 -0.18
N ALA G 410 -118.58 -15.18 -0.02
CA ALA G 410 -117.95 -13.92 0.35
C ALA G 410 -118.80 -13.24 1.40
N ILE G 411 -118.16 -12.85 2.52
CA ILE G 411 -118.86 -12.25 3.65
C ILE G 411 -118.17 -10.93 3.98
N THR G 412 -118.92 -9.84 3.97
CA THR G 412 -118.41 -8.51 4.25
C THR G 412 -118.91 -8.05 5.62
N PHE G 413 -117.99 -7.60 6.48
CA PHE G 413 -118.36 -7.17 7.81
C PHE G 413 -118.89 -5.74 7.79
N VAL G 414 -120.06 -5.52 8.40
CA VAL G 414 -120.69 -4.22 8.48
C VAL G 414 -120.58 -3.73 9.92
N SER G 415 -120.08 -2.51 10.10
CA SER G 415 -119.88 -1.95 11.43
C SER G 415 -120.69 -0.68 11.67
N ASP G 416 -120.86 0.17 10.65
CA ASP G 416 -121.53 1.45 10.82
C ASP G 416 -122.51 1.65 9.68
N GLU G 417 -123.04 2.87 9.59
CA GLU G 417 -123.99 3.19 8.52
C GLU G 417 -123.28 3.34 7.18
N ASN G 418 -122.01 3.73 7.18
CA ASN G 418 -121.27 3.92 5.93
C ASN G 418 -121.00 2.59 5.23
N ASP G 419 -120.80 1.52 5.99
CA ASP G 419 -120.68 0.19 5.41
C ASP G 419 -121.99 -0.22 4.73
N ALA G 420 -123.12 0.11 5.34
CA ALA G 420 -124.42 -0.18 4.72
C ALA G 420 -124.66 0.69 3.50
N LYS G 421 -124.16 1.93 3.49
CA LYS G 421 -124.30 2.80 2.33
C LYS G 421 -123.48 2.30 1.16
N ILE G 422 -122.24 1.89 1.40
CA ILE G 422 -121.42 1.33 0.32
C ILE G 422 -121.95 -0.04 -0.10
N LEU G 423 -122.57 -0.78 0.83
CA LEU G 423 -123.20 -2.05 0.48
C LEU G 423 -124.40 -1.86 -0.43
N ASN G 424 -125.25 -0.87 -0.14
CA ASN G 424 -126.36 -0.55 -1.03
C ASN G 424 -125.85 0.03 -2.34
N ASP G 425 -124.71 0.72 -2.32
CA ASP G 425 -124.09 1.19 -3.56
C ASP G 425 -123.67 0.02 -4.44
N VAL G 426 -123.08 -1.02 -3.84
CA VAL G 426 -122.68 -2.21 -4.59
C VAL G 426 -123.92 -2.96 -5.09
N GLN G 427 -124.97 -3.01 -4.28
CA GLN G 427 -126.24 -3.61 -4.71
C GLN G 427 -126.86 -2.85 -5.88
N ASP G 428 -126.68 -1.53 -5.93
CA ASP G 428 -127.19 -0.74 -7.04
C ASP G 428 -126.33 -0.91 -8.29
N ARG G 429 -125.02 -1.02 -8.12
CA ARG G 429 -124.12 -1.17 -9.27
C ARG G 429 -124.27 -2.54 -9.92
N PHE G 430 -124.18 -3.60 -9.14
CA PHE G 430 -124.02 -4.95 -9.66
C PHE G 430 -125.33 -5.74 -9.70
N GLU G 431 -126.40 -5.20 -9.11
CA GLU G 431 -127.77 -5.74 -9.19
C GLU G 431 -127.86 -7.16 -8.62
N VAL G 432 -127.30 -7.36 -7.43
CA VAL G 432 -127.34 -8.65 -6.76
C VAL G 432 -128.02 -8.48 -5.41
N ASN G 433 -128.39 -9.61 -4.81
CA ASN G 433 -129.04 -9.63 -3.51
C ASN G 433 -128.06 -10.01 -2.42
N ILE G 434 -127.91 -9.13 -1.43
CA ILE G 434 -127.01 -9.33 -0.30
C ILE G 434 -127.86 -9.22 0.95
N SER G 435 -128.19 -10.34 1.56
CA SER G 435 -129.07 -10.40 2.72
C SER G 435 -128.25 -10.75 3.97
N GLU G 436 -128.96 -10.95 5.08
CA GLU G 436 -128.30 -11.28 6.34
C GLU G 436 -127.74 -12.70 6.28
N LEU G 437 -126.55 -12.87 6.86
CA LEU G 437 -125.93 -14.17 6.94
C LEU G 437 -126.70 -15.08 7.90
N PRO G 438 -127.23 -16.20 7.45
CA PRO G 438 -128.01 -17.07 8.34
C PRO G 438 -127.11 -17.89 9.26
N ASP G 439 -127.76 -18.61 10.16
CA ASP G 439 -127.05 -19.49 11.09
C ASP G 439 -126.85 -20.90 10.54
N GLU G 440 -127.52 -21.24 9.44
CA GLU G 440 -127.32 -22.53 8.78
C GLU G 440 -127.12 -22.28 7.29
N ILE G 441 -126.00 -22.77 6.76
CA ILE G 441 -125.61 -22.55 5.36
C ILE G 441 -125.47 -23.91 4.70
N ASP G 442 -126.11 -24.07 3.53
CA ASP G 442 -126.03 -25.31 2.78
C ASP G 442 -124.62 -25.50 2.23
N ILE G 443 -124.17 -26.76 2.19
CA ILE G 443 -122.79 -27.04 1.83
C ILE G 443 -122.62 -27.18 0.31
N SER G 444 -123.63 -27.66 -0.41
CA SER G 444 -123.51 -27.89 -1.84
C SER G 444 -123.89 -26.68 -2.69
N SER G 445 -124.24 -25.57 -2.06
CA SER G 445 -124.65 -24.38 -2.82
C SER G 445 -123.47 -23.59 -3.34
N TYR G 446 -122.34 -23.61 -2.64
CA TYR G 446 -121.18 -22.82 -3.04
C TYR G 446 -119.90 -23.65 -3.11
N ILE G 447 -119.99 -24.97 -2.99
CA ILE G 447 -118.84 -25.86 -3.03
C ILE G 447 -119.07 -26.86 -4.15
N GLU G 448 -118.12 -26.94 -5.08
CA GLU G 448 -118.22 -27.84 -6.22
C GLU G 448 -117.47 -29.14 -5.96
N LEU H 64 135.10 -21.97 35.45
CA LEU H 64 133.78 -21.42 35.16
C LEU H 64 132.66 -22.47 34.91
N PRO H 65 132.91 -23.59 34.21
CA PRO H 65 131.94 -24.70 34.31
C PRO H 65 132.03 -25.43 35.64
N GLU H 66 133.18 -25.35 36.32
CA GLU H 66 133.29 -25.90 37.66
C GLU H 66 132.34 -25.18 38.62
N ALA H 67 132.15 -23.87 38.42
CA ALA H 67 131.22 -23.10 39.23
C ALA H 67 129.78 -23.55 39.00
N ARG H 68 129.38 -23.74 37.74
CA ARG H 68 127.98 -24.09 37.48
C ARG H 68 127.70 -25.54 37.89
N THR H 69 128.69 -26.42 37.78
CA THR H 69 128.51 -27.76 38.32
C THR H 69 128.48 -27.75 39.84
N ARG H 70 129.20 -26.82 40.47
CA ARG H 70 129.11 -26.66 41.92
C ARG H 70 127.72 -26.18 42.33
N PHE H 71 127.13 -25.28 41.56
CA PHE H 71 125.78 -24.82 41.88
C PHE H 71 124.74 -25.92 41.66
N THR H 72 124.90 -26.72 40.60
CA THR H 72 123.95 -27.82 40.37
C THR H 72 124.12 -28.92 41.41
N LYS H 73 125.33 -29.09 41.95
CA LYS H 73 125.50 -30.01 43.07
C LYS H 73 124.94 -29.42 44.36
N SER H 74 124.91 -28.08 44.46
CA SER H 74 124.29 -27.45 45.62
C SER H 74 122.79 -27.63 45.61
N THR H 75 122.18 -27.58 44.41
CA THR H 75 120.73 -27.78 44.30
C THR H 75 120.35 -29.22 44.63
N ARG H 76 121.00 -30.19 44.01
CA ARG H 76 120.68 -31.59 44.23
C ARG H 76 121.19 -32.07 45.58
N ASN H 83 117.27 -29.69 51.15
CA ASN H 83 117.53 -29.40 49.75
C ASN H 83 117.67 -27.90 49.53
N ILE H 84 116.90 -27.12 50.29
CA ILE H 84 116.95 -25.67 50.16
C ILE H 84 118.07 -25.06 51.01
N LYS H 85 118.30 -25.63 52.21
CA LYS H 85 119.31 -25.09 53.10
C LYS H 85 120.72 -25.37 52.58
N PRO H 86 120.94 -26.57 52.04
CA PRO H 86 122.24 -26.90 51.47
C PRO H 86 122.53 -26.08 50.22
N LEU H 87 121.49 -25.80 49.43
CA LEU H 87 121.66 -24.95 48.25
C LEU H 87 121.95 -23.51 48.64
N LEU H 88 121.26 -23.01 49.67
CA LEU H 88 121.52 -21.64 50.14
C LEU H 88 122.88 -21.52 50.81
N SER H 89 123.39 -22.62 51.38
CA SER H 89 124.72 -22.58 51.99
C SER H 89 125.81 -22.66 50.93
N THR H 90 125.75 -23.66 50.05
CA THR H 90 126.80 -23.85 49.06
C THR H 90 126.68 -22.92 47.87
N PHE H 91 125.62 -22.11 47.80
CA PHE H 91 125.52 -21.10 46.75
C PHE H 91 126.45 -19.94 47.02
N SER H 92 126.85 -19.74 48.27
CA SER H 92 127.76 -18.64 48.62
C SER H 92 129.20 -19.00 48.25
N GLU H 98 129.15 -10.07 42.15
CA GLU H 98 128.19 -11.10 42.53
C GLU H 98 127.09 -11.23 41.48
N ASN H 99 127.19 -10.42 40.43
CA ASN H 99 126.21 -10.48 39.35
C ASN H 99 126.40 -11.73 38.49
N GLU H 100 127.66 -12.08 38.22
CA GLU H 100 127.94 -13.29 37.45
C GLU H 100 127.58 -14.55 38.21
N LYS H 101 127.64 -14.51 39.54
CA LYS H 101 127.20 -15.64 40.36
C LYS H 101 125.71 -15.86 40.22
N LYS H 102 124.93 -14.76 40.24
CA LYS H 102 123.48 -14.88 40.04
C LYS H 102 123.14 -15.29 38.62
N CYS H 103 123.96 -14.89 37.63
CA CYS H 103 123.74 -15.35 36.26
C CYS H 103 123.98 -16.85 36.13
N THR H 104 125.03 -17.35 36.78
CA THR H 104 125.28 -18.79 36.77
C THR H 104 124.20 -19.55 37.54
N LEU H 105 123.66 -18.93 38.61
CA LEU H 105 122.51 -19.49 39.31
C LEU H 105 121.29 -19.62 38.39
N ASP H 106 121.02 -18.56 37.63
CA ASP H 106 119.86 -18.57 36.72
C ASP H 106 120.05 -19.62 35.62
N GLN H 107 121.26 -19.73 35.09
CA GLN H 107 121.52 -20.75 34.07
C GLN H 107 121.45 -22.16 34.64
N ALA H 108 121.81 -22.31 35.92
CA ALA H 108 121.67 -23.60 36.59
C ALA H 108 120.21 -23.98 36.75
N PHE H 109 119.37 -23.02 37.15
CA PHE H 109 117.93 -23.30 37.25
C PHE H 109 117.33 -23.59 35.88
N ARG H 110 117.83 -22.93 34.82
CA ARG H 110 117.39 -23.24 33.47
C ARG H 110 117.72 -24.69 33.09
N GLY H 111 118.95 -25.12 33.38
CA GLY H 111 119.33 -26.49 33.08
C GLY H 111 118.56 -27.52 33.87
N ILE H 112 118.31 -27.25 35.15
CA ILE H 112 117.58 -28.19 36.00
C ILE H 112 116.11 -28.29 35.58
N LEU H 113 115.49 -27.15 35.24
CA LEU H 113 114.12 -27.18 34.77
C LEU H 113 114.01 -27.85 33.40
N GLU H 114 115.04 -27.70 32.56
CA GLU H 114 115.06 -28.41 31.28
C GLU H 114 115.13 -29.93 31.51
N GLU H 115 115.97 -30.36 32.44
CA GLU H 115 116.10 -31.79 32.75
C GLU H 115 114.82 -32.34 33.35
N GLU H 116 114.08 -31.53 34.11
CA GLU H 116 112.84 -32.01 34.69
C GLU H 116 111.69 -31.97 33.70
N ILE H 117 111.74 -31.09 32.70
CA ILE H 117 110.76 -31.14 31.62
C ILE H 117 111.00 -32.36 30.73
N ILE H 118 112.26 -32.74 30.52
CA ILE H 118 112.58 -33.98 29.79
C ILE H 118 112.02 -35.20 30.52
N ASN H 119 112.13 -35.20 31.84
CA ASN H 119 111.53 -36.27 32.65
C ASN H 119 110.00 -36.17 32.66
N GLU H 124 106.18 -32.04 36.44
CA GLU H 124 104.89 -31.59 36.95
C GLU H 124 105.02 -31.02 38.37
N ASN H 125 105.00 -31.93 39.35
CA ASN H 125 105.09 -31.50 40.74
C ASN H 125 106.50 -31.05 41.09
N VAL H 126 107.51 -31.72 40.52
CA VAL H 126 108.91 -31.35 40.77
C VAL H 126 109.21 -29.99 40.15
N LEU H 127 108.55 -29.66 39.04
CA LEU H 127 108.62 -28.32 38.47
C LEU H 127 108.08 -27.28 39.45
N ALA H 128 106.99 -27.61 40.15
CA ALA H 128 106.44 -26.72 41.17
C ALA H 128 107.39 -26.60 42.35
N ILE H 129 108.11 -27.68 42.68
CA ILE H 129 109.07 -27.64 43.77
C ILE H 129 110.24 -26.71 43.42
N ILE H 130 110.72 -26.80 42.18
CA ILE H 130 111.82 -25.94 41.75
C ILE H 130 111.36 -24.49 41.68
N SER H 131 110.11 -24.25 41.25
CA SER H 131 109.60 -22.87 41.20
C SER H 131 109.40 -22.30 42.60
N LEU H 132 108.99 -23.13 43.56
CA LEU H 132 108.93 -22.69 44.96
C LEU H 132 110.33 -22.37 45.49
N ALA H 133 111.34 -23.15 45.09
CA ALA H 133 112.71 -22.87 45.52
C ALA H 133 113.21 -21.55 44.92
N ILE H 134 112.84 -21.27 43.67
CA ILE H 134 113.24 -20.02 43.02
C ILE H 134 112.54 -18.83 43.68
N GLY H 135 111.26 -19.01 44.04
CA GLY H 135 110.56 -17.97 44.79
C GLY H 135 111.13 -17.79 46.19
N GLY H 136 111.69 -18.85 46.77
CA GLY H 136 112.37 -18.71 48.04
C GLY H 136 113.69 -17.97 47.93
N VAL H 137 114.39 -18.17 46.81
CA VAL H 137 115.63 -17.43 46.57
C VAL H 137 115.32 -15.97 46.27
N THR H 138 114.48 -15.72 45.27
CA THR H 138 114.10 -14.36 44.90
C THR H 138 113.11 -13.78 45.89
N SER H 145 114.41 -11.24 37.48
CA SER H 145 113.34 -11.56 36.54
C SER H 145 113.38 -13.03 36.13
N THR H 146 114.14 -13.82 36.88
CA THR H 146 114.28 -15.23 36.54
C THR H 146 113.03 -16.11 36.70
N PRO H 147 112.16 -15.98 37.74
CA PRO H 147 111.03 -16.93 37.77
C PRO H 147 109.97 -16.65 36.73
N PHE H 148 109.86 -15.40 36.26
CA PHE H 148 108.98 -15.08 35.14
C PHE H 148 109.41 -15.82 33.89
N VAL H 149 110.71 -15.76 33.57
CA VAL H 149 111.25 -16.42 32.38
C VAL H 149 111.13 -17.93 32.51
N LEU H 150 111.36 -18.46 33.71
CA LEU H 150 111.31 -19.91 33.88
C LEU H 150 109.88 -20.44 33.83
N LEU H 151 108.91 -19.71 34.39
CA LEU H 151 107.51 -20.09 34.23
C LEU H 151 107.08 -19.96 32.78
N GLY H 152 107.61 -18.97 32.05
CA GLY H 152 107.34 -18.88 30.62
C GLY H 152 107.86 -20.07 29.84
N ASP H 153 109.06 -20.54 30.19
CA ASP H 153 109.63 -21.69 29.52
C ASP H 153 108.84 -22.96 29.83
N VAL H 154 108.44 -23.14 31.08
CA VAL H 154 107.72 -24.37 31.46
C VAL H 154 106.31 -24.37 30.87
N LEU H 155 105.67 -23.19 30.79
CA LEU H 155 104.38 -23.11 30.13
C LEU H 155 104.50 -23.26 28.61
N ASP H 156 105.65 -22.90 28.03
CA ASP H 156 105.82 -23.11 26.60
C ASP H 156 106.23 -24.55 26.29
N CYS H 157 106.61 -25.33 27.30
CA CYS H 157 107.02 -26.71 27.02
C CYS H 157 105.95 -27.75 27.33
N LEU H 158 104.82 -27.40 27.95
CA LEU H 158 103.89 -28.47 28.34
C LEU H 158 102.58 -28.33 27.59
N PRO H 159 101.93 -29.44 27.17
CA PRO H 159 100.79 -29.31 26.23
C PRO H 159 99.52 -28.63 26.73
N LEU H 160 98.72 -29.32 27.56
CA LEU H 160 97.43 -28.72 27.93
C LEU H 160 97.15 -28.72 29.43
N ASP H 161 97.15 -29.91 30.03
CA ASP H 161 96.66 -30.11 31.39
C ASP H 161 97.68 -29.66 32.44
N GLN H 162 98.95 -29.90 32.15
CA GLN H 162 100.01 -29.48 33.05
C GLN H 162 100.10 -27.96 33.12
N CYS H 163 99.78 -27.28 32.01
CA CYS H 163 99.66 -25.82 32.04
C CYS H 163 98.51 -25.38 32.92
N ASP H 164 97.43 -26.16 32.98
CA ASP H 164 96.32 -25.84 33.88
C ASP H 164 96.73 -26.00 35.33
N THR H 165 97.51 -27.04 35.64
CA THR H 165 98.02 -27.21 37.00
C THR H 165 98.99 -26.09 37.39
N ILE H 166 99.84 -25.66 36.46
CA ILE H 166 100.74 -24.55 36.71
C ILE H 166 99.96 -23.26 36.88
N PHE H 167 98.84 -23.11 36.16
CA PHE H 167 98.05 -21.90 36.29
C PHE H 167 97.30 -21.87 37.63
N THR H 168 96.89 -23.03 38.13
CA THR H 168 96.39 -23.11 39.51
C THR H 168 97.47 -22.74 40.51
N PHE H 169 98.72 -23.17 40.23
CA PHE H 169 99.84 -22.80 41.11
C PHE H 169 100.11 -21.30 41.08
N VAL H 170 99.92 -20.66 39.91
CA VAL H 170 100.13 -19.23 39.81
C VAL H 170 99.01 -18.47 40.53
N GLU H 171 97.78 -18.99 40.44
CA GLU H 171 96.65 -18.38 41.17
C GLU H 171 96.80 -18.55 42.68
N LYS H 172 97.41 -19.65 43.12
CA LYS H 172 97.64 -19.82 44.55
C LYS H 172 98.79 -18.95 45.06
N ASN H 173 99.92 -18.96 44.37
CA ASN H 173 101.11 -18.23 44.81
C ASN H 173 101.21 -16.88 44.14
N VAL H 174 100.34 -15.95 44.52
CA VAL H 174 100.35 -14.61 43.92
C VAL H 174 101.48 -13.79 44.52
N ALA H 175 101.40 -13.52 45.83
CA ALA H 175 102.38 -12.75 46.62
C ALA H 175 102.63 -11.35 46.07
N THR H 176 101.62 -10.78 45.39
CA THR H 176 101.58 -9.46 44.73
C THR H 176 102.60 -9.29 43.59
N TRP H 177 103.38 -10.33 43.29
CA TRP H 177 104.37 -10.39 42.20
C TRP H 177 105.35 -9.21 42.15
N LYS H 187 105.55 -8.71 35.48
CA LYS H 187 104.81 -7.59 34.88
C LYS H 187 104.55 -7.83 33.39
N ASN H 188 105.56 -7.52 32.57
CA ASN H 188 105.42 -7.69 31.13
C ASN H 188 105.48 -9.16 30.74
N TYR H 189 106.26 -9.96 31.47
CA TYR H 189 106.38 -11.38 31.14
C TYR H 189 105.12 -12.14 31.52
N LEU H 190 104.40 -11.67 32.55
CA LEU H 190 103.08 -12.23 32.86
C LEU H 190 102.10 -11.98 31.71
N LEU H 191 102.15 -10.77 31.13
CA LEU H 191 101.32 -10.45 29.97
C LEU H 191 101.70 -11.30 28.77
N ARG H 192 103.00 -11.55 28.59
CA ARG H 192 103.43 -12.37 27.45
C ARG H 192 103.01 -13.83 27.63
N MET H 193 103.09 -14.35 28.85
CA MET H 193 102.62 -15.71 29.12
C MET H 193 101.12 -15.84 28.90
N CYS H 194 100.35 -14.84 29.37
CA CYS H 194 98.90 -14.92 29.21
C CYS H 194 98.49 -14.74 27.76
N ASN H 195 99.21 -13.90 27.00
CA ASN H 195 98.89 -13.72 25.58
C ASN H 195 99.22 -14.97 24.79
N ASP H 196 100.33 -15.63 25.11
CA ASP H 196 100.68 -16.86 24.41
C ASP H 196 99.74 -18.00 24.77
N LEU H 197 99.24 -18.02 26.02
CA LEU H 197 98.24 -19.00 26.39
C LEU H 197 96.93 -18.76 25.65
N LEU H 198 96.48 -17.49 25.58
CA LEU H 198 95.24 -17.19 24.89
C LEU H 198 95.35 -17.41 23.39
N ARG H 199 96.55 -17.30 22.84
CA ARG H 199 96.74 -17.64 21.43
C ARG H 199 96.77 -19.15 21.24
N ARG H 200 97.23 -19.89 22.25
CA ARG H 200 97.42 -21.33 22.05
C ARG H 200 96.13 -22.12 22.29
N LEU H 201 95.15 -21.55 23.00
CA LEU H 201 93.96 -22.31 23.36
C LEU H 201 92.98 -22.45 22.19
N SER H 202 91.86 -23.13 22.46
CA SER H 202 90.97 -23.60 21.42
C SER H 202 89.59 -22.93 21.45
N LYS H 203 89.16 -22.45 22.62
CA LYS H 203 87.85 -21.85 22.89
C LYS H 203 86.67 -22.77 22.58
N SER H 204 86.85 -24.08 22.63
CA SER H 204 85.73 -25.01 22.58
C SER H 204 85.70 -25.92 23.79
N GLN H 205 86.87 -26.39 24.22
CA GLN H 205 86.99 -27.18 25.44
C GLN H 205 87.75 -26.44 26.52
N ASN H 206 88.18 -25.21 26.28
CA ASN H 206 88.98 -24.45 27.24
C ASN H 206 88.42 -23.05 27.47
N THR H 207 87.11 -22.88 27.34
CA THR H 207 86.49 -21.58 27.56
C THR H 207 86.56 -21.18 29.02
N VAL H 208 86.45 -22.15 29.92
CA VAL H 208 86.60 -21.90 31.35
C VAL H 208 88.02 -21.44 31.66
N PHE H 209 89.00 -22.04 30.99
CA PHE H 209 90.39 -21.66 31.22
C PHE H 209 90.69 -20.30 30.61
N CYS H 210 90.03 -19.96 29.50
CA CYS H 210 90.11 -18.60 28.97
C CYS H 210 89.54 -17.58 29.94
N GLY H 211 88.42 -17.92 30.58
CA GLY H 211 87.85 -17.05 31.59
C GLY H 211 88.75 -16.88 32.79
N ARG H 212 89.44 -17.97 33.19
CA ARG H 212 90.37 -17.89 34.30
C ARG H 212 91.59 -17.03 33.98
N ILE H 213 92.08 -17.12 32.73
CA ILE H 213 93.19 -16.26 32.29
C ILE H 213 92.77 -14.79 32.29
N GLN H 214 91.55 -14.50 31.84
CA GLN H 214 91.09 -13.12 31.83
C GLN H 214 90.83 -12.61 33.25
N LEU H 215 90.39 -13.49 34.17
CA LEU H 215 90.26 -13.11 35.56
C LEU H 215 91.62 -12.81 36.18
N PHE H 216 92.65 -13.57 35.80
CA PHE H 216 94.00 -13.32 36.30
C PHE H 216 94.54 -11.98 35.79
N LEU H 217 94.31 -11.70 34.51
CA LEU H 217 94.75 -10.43 33.93
C LEU H 217 93.98 -9.25 34.51
N ALA H 218 92.72 -9.46 34.90
CA ALA H 218 91.98 -8.39 35.55
C ALA H 218 92.40 -8.22 37.00
N ARG H 219 92.82 -9.31 37.65
CA ARG H 219 93.28 -9.24 39.03
C ARG H 219 94.62 -8.53 39.12
N LEU H 220 95.47 -8.68 38.10
CA LEU H 220 96.75 -7.97 38.11
C LEU H 220 96.56 -6.47 37.92
N PHE H 221 95.71 -6.07 36.97
CA PHE H 221 95.57 -4.66 36.66
C PHE H 221 94.33 -4.06 37.31
N SER H 281 63.23 -34.98 4.14
CA SER H 281 63.80 -34.17 5.20
C SER H 281 62.72 -33.35 5.91
N ILE H 282 63.14 -32.59 6.91
CA ILE H 282 62.20 -31.74 7.65
C ILE H 282 62.03 -30.43 6.88
N PRO H 283 60.79 -29.96 6.67
CA PRO H 283 60.60 -28.70 5.96
C PRO H 283 61.07 -27.51 6.78
N ILE H 284 61.80 -26.60 6.13
CA ILE H 284 62.50 -25.52 6.80
C ILE H 284 62.09 -24.18 6.18
N ASP H 285 61.69 -23.26 7.05
CA ASP H 285 61.44 -21.87 6.65
C ASP H 285 62.79 -21.18 6.54
N TYR H 286 63.27 -21.00 5.32
CA TYR H 286 64.58 -20.38 5.12
C TYR H 286 64.51 -18.86 5.24
N ASN H 287 63.34 -18.28 4.97
CA ASN H 287 63.21 -16.82 4.97
C ASN H 287 63.34 -16.26 6.38
N LEU H 288 62.71 -16.93 7.36
CA LEU H 288 62.83 -16.51 8.75
C LEU H 288 64.25 -16.71 9.26
N TYR H 289 64.92 -17.77 8.80
CA TYR H 289 66.33 -18.02 9.10
C TYR H 289 67.20 -16.86 8.63
N ARG H 290 67.06 -16.48 7.36
CA ARG H 290 67.94 -15.45 6.79
C ARG H 290 67.68 -14.09 7.41
N LYS H 291 66.40 -13.75 7.63
CA LYS H 291 66.08 -12.46 8.24
C LYS H 291 66.51 -12.41 9.70
N PHE H 292 66.40 -13.53 10.42
CA PHE H 292 66.75 -13.57 11.83
C PHE H 292 68.25 -13.43 12.02
N TRP H 293 69.05 -14.16 11.24
CA TRP H 293 70.49 -14.02 11.45
C TRP H 293 71.07 -12.77 10.78
N SER H 294 70.35 -12.16 9.83
CA SER H 294 70.74 -10.82 9.40
C SER H 294 70.49 -9.80 10.50
N LEU H 295 69.42 -9.97 11.28
CA LEU H 295 69.23 -9.15 12.47
C LEU H 295 70.33 -9.40 13.49
N GLN H 296 70.80 -10.65 13.60
CA GLN H 296 71.93 -10.94 14.49
C GLN H 296 73.20 -10.21 14.04
N ASP H 297 73.44 -10.17 12.73
CA ASP H 297 74.57 -9.41 12.20
C ASP H 297 74.40 -7.91 12.44
N TYR H 298 73.16 -7.42 12.45
CA TYR H 298 72.93 -6.01 12.81
C TYR H 298 73.18 -5.78 14.30
N PHE H 299 72.91 -6.78 15.14
CA PHE H 299 73.21 -6.64 16.56
C PHE H 299 74.72 -6.63 16.80
N ARG H 300 75.48 -7.39 16.00
CA ARG H 300 76.92 -7.46 16.24
C ARG H 300 77.63 -6.17 15.84
N ASN H 301 77.04 -5.38 14.93
CA ASN H 301 77.60 -4.09 14.51
C ASN H 301 76.52 -3.03 14.66
N PRO H 302 76.47 -2.33 15.81
CA PRO H 302 75.43 -1.31 16.01
C PRO H 302 75.68 -0.02 15.26
N VAL H 303 76.86 0.15 14.65
CA VAL H 303 77.18 1.34 13.87
C VAL H 303 76.37 1.38 12.58
N GLN H 304 75.96 0.21 12.09
CA GLN H 304 75.29 0.13 10.78
C GLN H 304 73.87 0.67 10.82
N CYS H 305 73.31 0.91 12.01
CA CYS H 305 71.94 1.39 12.14
C CYS H 305 71.89 2.91 12.17
N TYR H 306 72.54 3.51 11.17
CA TYR H 306 72.46 4.96 10.97
C TYR H 306 72.26 5.36 9.51
N GLU H 307 72.47 4.47 8.55
CA GLU H 307 72.18 4.74 7.15
C GLU H 307 70.68 4.63 6.88
N LYS H 308 70.31 4.75 5.61
CA LYS H 308 68.90 4.68 5.26
C LYS H 308 68.47 3.24 4.95
N ILE H 309 69.18 2.58 4.02
CA ILE H 309 68.74 1.30 3.51
C ILE H 309 68.91 0.20 4.56
N SER H 310 70.02 0.23 5.29
CA SER H 310 70.26 -0.73 6.37
C SER H 310 69.22 -0.56 7.47
N TRP H 311 68.86 0.69 7.78
CA TRP H 311 67.83 0.91 8.79
C TRP H 311 66.46 0.44 8.32
N LYS H 312 66.16 0.60 7.02
CA LYS H 312 64.88 0.13 6.50
C LYS H 312 64.79 -1.39 6.54
N THR H 313 65.88 -2.08 6.21
CA THR H 313 65.92 -3.52 6.34
C THR H 313 65.81 -3.95 7.79
N PHE H 314 66.41 -3.17 8.71
CA PHE H 314 66.29 -3.45 10.13
C PHE H 314 64.85 -3.30 10.61
N LEU H 315 64.16 -2.26 10.13
CA LEU H 315 62.74 -2.05 10.46
C LEU H 315 61.89 -3.23 10.00
N LYS H 316 62.03 -3.61 8.73
CA LYS H 316 61.23 -4.68 8.16
C LYS H 316 61.48 -6.00 8.86
N TYR H 317 62.76 -6.35 9.05
CA TYR H 317 63.11 -7.64 9.62
C TYR H 317 62.75 -7.72 11.09
N SER H 318 62.98 -6.64 11.85
CA SER H 318 62.67 -6.65 13.28
C SER H 318 61.17 -6.67 13.52
N GLU H 319 60.40 -5.96 12.69
CA GLU H 319 58.95 -6.00 12.87
C GLU H 319 58.39 -7.36 12.49
N GLU H 320 58.97 -8.02 11.47
CA GLU H 320 58.52 -9.36 11.11
C GLU H 320 58.85 -10.39 12.19
N VAL H 321 60.05 -10.28 12.78
CA VAL H 321 60.45 -11.22 13.83
C VAL H 321 59.63 -11.00 15.11
N LEU H 322 59.38 -9.74 15.46
CA LEU H 322 58.52 -9.48 16.62
C LEU H 322 57.08 -9.88 16.35
N ALA H 323 56.63 -9.83 15.09
CA ALA H 323 55.32 -10.35 14.74
C ALA H 323 55.24 -11.86 14.95
N VAL H 324 56.29 -12.57 14.55
CA VAL H 324 56.37 -14.01 14.78
C VAL H 324 56.37 -14.33 16.28
N PHE H 325 57.10 -13.53 17.06
CA PHE H 325 57.16 -13.73 18.51
C PHE H 325 55.81 -13.46 19.16
N LYS H 326 55.08 -12.46 18.67
CA LYS H 326 53.75 -12.19 19.21
C LYS H 326 52.77 -13.29 18.82
N SER H 327 52.91 -13.82 17.61
CA SER H 327 51.90 -14.74 17.09
C SER H 327 52.16 -16.20 17.47
N TYR H 328 53.33 -16.54 18.00
CA TYR H 328 53.57 -17.94 18.34
C TYR H 328 52.86 -18.31 19.63
N LYS H 329 53.07 -17.52 20.69
CA LYS H 329 52.36 -17.61 21.97
C LYS H 329 52.55 -18.97 22.64
N LEU H 330 53.77 -19.12 23.20
CA LEU H 330 54.20 -20.34 23.88
C LEU H 330 53.20 -20.85 24.92
N ASP H 331 52.98 -20.04 25.96
CA ASP H 331 52.09 -20.34 27.10
C ASP H 331 52.48 -21.66 27.76
N ASP H 332 53.67 -21.67 28.37
CA ASP H 332 54.15 -22.82 29.10
C ASP H 332 54.14 -22.51 30.60
N LYS H 339 54.47 -25.96 33.67
CA LYS H 339 55.13 -26.83 34.64
C LYS H 339 56.03 -27.84 33.94
N MET H 340 56.51 -27.48 32.75
CA MET H 340 57.39 -28.37 32.00
C MET H 340 58.80 -28.35 32.56
N GLU H 341 59.26 -27.18 33.00
CA GLU H 341 60.61 -27.05 33.52
C GLU H 341 60.77 -27.64 34.92
N GLU H 342 59.66 -27.95 35.60
CA GLU H 342 59.73 -28.59 36.91
C GLU H 342 60.20 -30.04 36.79
N LEU H 343 59.89 -30.70 35.68
CA LEU H 343 60.34 -32.07 35.48
C LEU H 343 61.81 -32.10 35.06
N VAL H 350 76.75 -29.35 30.96
CA VAL H 350 76.99 -28.89 29.61
C VAL H 350 76.27 -27.57 29.36
N TYR H 351 77.04 -26.54 29.00
CA TYR H 351 76.51 -25.20 28.79
C TYR H 351 76.73 -24.80 27.34
N PHE H 352 75.69 -24.26 26.71
CA PHE H 352 75.74 -23.80 25.32
C PHE H 352 76.07 -22.31 25.35
N ALA H 353 77.28 -21.97 24.94
CA ALA H 353 77.78 -20.61 25.12
C ALA H 353 77.34 -19.68 23.99
N LYS H 354 77.58 -20.08 22.74
CA LYS H 354 77.22 -19.23 21.62
C LYS H 354 75.88 -19.66 21.03
N PHE H 355 75.37 -18.83 20.12
CA PHE H 355 74.18 -19.19 19.36
C PHE H 355 74.49 -20.28 18.36
N LEU H 356 73.51 -21.14 18.11
CA LEU H 356 73.67 -22.25 17.18
C LEU H 356 72.99 -21.89 15.87
N THR H 357 73.76 -21.30 14.95
CA THR H 357 73.23 -20.82 13.68
C THR H 357 73.12 -22.03 12.75
N SER H 358 72.05 -22.80 12.92
CA SER H 358 71.81 -23.99 12.14
C SER H 358 70.48 -23.86 11.44
N GLU H 359 70.46 -24.22 10.15
CA GLU H 359 69.22 -24.18 9.37
C GLU H 359 68.22 -25.21 9.85
N LYS H 360 68.71 -26.37 10.31
CA LYS H 360 67.83 -27.49 10.58
C LYS H 360 67.07 -27.38 11.88
N LEU H 361 67.55 -26.59 12.83
CA LEU H 361 66.82 -26.56 14.11
C LEU H 361 65.65 -25.59 14.07
N MET H 362 65.91 -24.30 14.26
CA MET H 362 65.04 -23.15 13.96
C MET H 362 63.62 -23.16 14.56
N ASP H 363 63.22 -24.25 15.16
CA ASP H 363 61.88 -24.41 15.71
C ASP H 363 61.92 -24.92 17.14
N LEU H 364 62.95 -25.69 17.48
CA LEU H 364 63.19 -26.05 18.86
C LEU H 364 63.64 -24.84 19.67
N GLN H 365 64.20 -23.85 19.00
CA GLN H 365 64.59 -22.61 19.66
C GLN H 365 63.40 -21.66 19.83
N LEU H 366 62.47 -21.67 18.86
CA LEU H 366 61.29 -20.83 18.99
C LEU H 366 60.32 -21.38 20.02
N SER H 367 60.38 -22.69 20.29
CA SER H 367 59.55 -23.27 21.33
C SER H 367 60.09 -23.01 22.72
N ASP H 368 61.34 -22.60 22.83
CA ASP H 368 61.95 -22.29 24.11
C ASP H 368 61.66 -20.85 24.51
N SER H 369 61.76 -20.58 25.81
CA SER H 369 61.57 -19.23 26.32
C SER H 369 62.87 -18.51 26.58
N ASN H 370 63.95 -19.26 26.87
CA ASN H 370 65.24 -18.65 27.13
C ASN H 370 65.80 -18.00 25.88
N PHE H 371 65.56 -18.61 24.71
CA PHE H 371 66.00 -18.04 23.45
C PHE H 371 65.29 -16.72 23.16
N ARG H 372 63.99 -16.68 23.45
CA ARG H 372 63.22 -15.45 23.32
C ARG H 372 63.71 -14.38 24.28
N ARG H 373 64.07 -14.79 25.51
CA ARG H 373 64.62 -13.84 26.47
C ARG H 373 65.94 -13.26 25.98
N HIS H 374 66.78 -14.10 25.37
CA HIS H 374 68.07 -13.61 24.86
C HIS H 374 67.87 -12.63 23.72
N ILE H 375 66.94 -12.92 22.82
CA ILE H 375 66.73 -12.01 21.67
C ILE H 375 66.09 -10.71 22.12
N LEU H 376 65.13 -10.76 23.05
CA LEU H 376 64.50 -9.52 23.49
C LEU H 376 65.43 -8.68 24.36
N LEU H 377 66.27 -9.32 25.18
CA LEU H 377 67.32 -8.59 25.89
C LEU H 377 68.32 -7.97 24.94
N GLN H 378 68.61 -8.63 23.83
CA GLN H 378 69.57 -8.08 22.88
C GLN H 378 68.98 -6.87 22.16
N TYR H 379 67.68 -6.91 21.85
CA TYR H 379 66.96 -5.73 21.38
C TYR H 379 67.01 -4.58 22.38
N LEU H 380 66.81 -4.88 23.66
CA LEU H 380 66.79 -3.81 24.67
C LEU H 380 68.17 -3.21 24.88
N ILE H 381 69.23 -4.02 24.78
CA ILE H 381 70.58 -3.50 24.89
C ILE H 381 70.92 -2.63 23.69
N LEU H 382 70.48 -3.04 22.49
CA LEU H 382 70.69 -2.21 21.31
C LEU H 382 69.93 -0.89 21.40
N PHE H 383 68.70 -0.92 21.91
CA PHE H 383 67.91 0.31 22.01
C PHE H 383 68.43 1.23 23.10
N GLN H 384 68.98 0.66 24.18
CA GLN H 384 69.61 1.49 25.20
C GLN H 384 70.93 2.07 24.69
N TYR H 385 71.60 1.36 23.78
CA TYR H 385 72.83 1.89 23.21
C TYR H 385 72.55 3.02 22.23
N LEU H 386 71.45 2.90 21.47
CA LEU H 386 71.14 3.94 20.49
C LEU H 386 70.65 5.23 21.14
N LYS H 387 70.17 5.15 22.38
CA LYS H 387 69.77 6.36 23.09
C LYS H 387 70.97 7.09 23.69
N GLY H 388 72.16 6.51 23.65
CA GLY H 388 73.35 7.16 24.15
C GLY H 388 74.32 7.55 23.05
N ASN H 396 77.58 14.09 13.78
CA ASN H 396 76.87 12.98 13.16
C ASN H 396 76.00 12.25 14.17
N TYR H 397 75.57 11.04 13.78
CA TYR H 397 74.82 10.11 14.63
C TYR H 397 73.52 10.72 15.14
N VAL H 398 72.73 11.27 14.22
CA VAL H 398 71.44 11.85 14.53
C VAL H 398 70.36 10.82 14.24
N LEU H 399 69.18 11.05 14.78
CA LEU H 399 68.04 10.16 14.61
C LEU H 399 66.82 10.94 14.15
N THR H 400 66.07 10.34 13.23
CA THR H 400 64.78 10.87 12.84
C THR H 400 63.79 10.73 14.00
N ASP H 401 62.91 11.70 14.15
CA ASP H 401 61.88 11.65 15.20
C ASP H 401 60.94 10.48 14.98
N GLU H 402 60.68 10.12 13.72
CA GLU H 402 59.89 8.93 13.41
C GLU H 402 60.60 7.67 13.87
N GLN H 403 61.93 7.64 13.73
CA GLN H 403 62.71 6.52 14.24
C GLN H 403 62.64 6.45 15.77
N SER H 404 62.61 7.60 16.44
CA SER H 404 62.52 7.61 17.89
C SER H 404 61.15 7.14 18.37
N LEU H 405 60.09 7.52 17.64
CA LEU H 405 58.76 7.03 17.95
C LEU H 405 58.66 5.53 17.72
N TRP H 406 59.33 5.03 16.68
CA TRP H 406 59.37 3.60 16.43
C TRP H 406 60.13 2.86 17.53
N ILE H 407 61.22 3.47 18.02
CA ILE H 407 61.99 2.86 19.10
C ILE H 407 61.15 2.80 20.38
N GLU H 408 60.39 3.85 20.66
CA GLU H 408 59.56 3.86 21.86
C GLU H 408 58.41 2.86 21.77
N ASP H 409 57.80 2.74 20.57
CA ASP H 409 56.73 1.76 20.37
C ASP H 409 57.25 0.33 20.49
N THR H 410 58.39 0.05 19.85
CA THR H 410 58.95 -1.29 19.94
C THR H 410 59.47 -1.60 21.33
N THR H 411 59.95 -0.59 22.07
CA THR H 411 60.40 -0.81 23.44
C THR H 411 59.22 -1.18 24.34
N LYS H 412 58.10 -0.45 24.19
CA LYS H 412 56.92 -0.78 24.97
C LYS H 412 56.32 -2.12 24.55
N SER H 413 56.56 -2.55 23.31
CA SER H 413 56.11 -3.89 22.93
C SER H 413 57.01 -4.98 23.49
N VAL H 414 58.33 -4.75 23.49
CA VAL H 414 59.27 -5.75 23.96
C VAL H 414 59.16 -5.96 25.48
N TYR H 415 58.85 -4.89 26.22
CA TYR H 415 58.57 -5.08 27.65
C TYR H 415 57.31 -5.89 27.89
N GLN H 416 56.29 -5.74 27.03
CA GLN H 416 55.11 -6.56 27.14
C GLN H 416 55.40 -8.02 26.77
N LEU H 417 56.29 -8.23 25.81
CA LEU H 417 56.66 -9.59 25.41
C LEU H 417 57.47 -10.27 26.51
N LEU H 418 58.34 -9.52 27.19
CA LEU H 418 59.06 -10.10 28.32
C LEU H 418 58.15 -10.34 29.51
N SER H 419 57.06 -9.57 29.63
CA SER H 419 56.08 -9.87 30.66
C SER H 419 55.28 -11.12 30.33
N GLU H 420 55.23 -11.53 29.06
CA GLU H 420 54.48 -12.71 28.65
C GLU H 420 55.30 -13.98 28.65
N ASN H 421 56.56 -13.93 29.08
CA ASN H 421 57.29 -15.16 29.34
C ASN H 421 56.73 -15.83 30.59
N PRO H 422 56.54 -17.14 30.56
CA PRO H 422 55.75 -17.81 31.62
C PRO H 422 56.46 -17.87 32.97
N PRO H 423 57.81 -18.14 33.09
CA PRO H 423 58.38 -17.98 34.43
C PRO H 423 58.71 -16.54 34.79
N ASP H 424 57.82 -15.93 35.60
CA ASP H 424 58.05 -14.66 36.30
C ASP H 424 58.47 -13.52 35.38
N GLY H 425 57.56 -13.16 34.48
CA GLY H 425 57.88 -12.14 33.49
C GLY H 425 57.93 -10.73 34.07
N GLU H 426 57.10 -10.48 35.09
CA GLU H 426 57.03 -9.13 35.66
C GLU H 426 58.26 -8.81 36.49
N ARG H 427 58.69 -9.75 37.32
CA ARG H 427 59.90 -9.56 38.12
C ARG H 427 61.13 -9.42 37.24
N PHE H 428 61.19 -10.22 36.17
CA PHE H 428 62.32 -10.15 35.25
C PHE H 428 62.30 -8.82 34.48
N SER H 429 61.11 -8.33 34.14
CA SER H 429 61.01 -7.04 33.45
C SER H 429 61.42 -5.90 34.37
N LYS H 430 61.07 -5.98 35.65
CA LYS H 430 61.51 -4.97 36.62
C LYS H 430 63.02 -4.99 36.80
N MET H 431 63.60 -6.20 36.84
CA MET H 431 65.06 -6.34 36.90
C MET H 431 65.73 -5.72 35.68
N VAL H 432 65.16 -5.95 34.49
CA VAL H 432 65.71 -5.39 33.26
C VAL H 432 65.63 -3.87 33.28
N GLU H 433 64.52 -3.32 33.77
CA GLU H 433 64.36 -1.87 33.86
C GLU H 433 65.40 -1.25 34.80
N HIS H 434 65.59 -1.84 35.98
CA HIS H 434 66.54 -1.28 36.93
C HIS H 434 67.98 -1.43 36.44
N ILE H 435 68.30 -2.56 35.81
CA ILE H 435 69.65 -2.78 35.30
C ILE H 435 69.96 -1.84 34.14
N LEU H 436 68.98 -1.58 33.26
CA LEU H 436 69.22 -0.65 32.16
C LEU H 436 69.33 0.79 32.65
N ASN H 437 68.59 1.15 33.71
CA ASN H 437 68.77 2.48 34.30
C ASN H 437 70.16 2.64 34.89
N THR H 438 70.65 1.61 35.58
CA THR H 438 72.01 1.67 36.10
C THR H 438 73.06 1.60 35.00
N GLU H 439 72.73 0.99 33.86
CA GLU H 439 73.64 1.03 32.71
C GLU H 439 73.71 2.41 32.11
N GLU H 440 72.59 3.15 32.10
CA GLU H 440 72.62 4.56 31.70
C GLU H 440 73.48 5.38 32.66
N ASN H 441 73.37 5.09 33.96
CA ASN H 441 74.18 5.79 34.95
C ASN H 441 75.66 5.44 34.82
N TRP H 442 75.97 4.19 34.45
CA TRP H 442 77.35 3.79 34.24
C TRP H 442 77.92 4.39 32.97
N ASN H 443 77.10 4.48 31.91
CA ASN H 443 77.56 5.03 30.64
C ASN H 443 77.71 6.55 30.73
N SER H 444 77.00 7.19 31.67
CA SER H 444 77.18 8.62 31.88
C SER H 444 78.56 8.95 32.45
N TRP H 445 79.18 8.00 33.14
CA TRP H 445 80.51 8.24 33.73
C TRP H 445 81.59 8.20 32.67
N LYS H 446 81.72 7.07 31.97
CA LYS H 446 82.76 6.89 30.97
C LYS H 446 82.51 7.73 29.71
N LEU I 187 81.24 -0.71 25.81
CA LEU I 187 81.35 -1.88 26.66
C LEU I 187 80.11 -2.77 26.53
N LEU I 188 78.98 -2.16 26.19
CA LEU I 188 77.75 -2.93 25.98
C LEU I 188 77.58 -3.28 24.51
N ARG I 189 78.03 -2.39 23.61
CA ARG I 189 77.98 -2.70 22.19
C ARG I 189 79.08 -3.68 21.79
N GLU I 190 80.07 -3.87 22.65
CA GLU I 190 81.14 -4.84 22.34
C GLU I 190 80.63 -6.26 22.45
N GLU I 191 79.77 -6.53 23.44
CA GLU I 191 79.20 -7.86 23.64
C GLU I 191 77.73 -7.72 23.99
N ASN I 192 76.87 -7.74 22.97
CA ASN I 192 75.43 -7.82 23.23
C ASN I 192 75.08 -9.20 23.78
N GLU I 193 75.60 -10.25 23.14
CA GLU I 193 75.26 -11.61 23.51
C GLU I 193 75.79 -11.97 24.89
N GLY I 194 76.96 -11.44 25.24
CA GLY I 194 77.59 -11.73 26.52
C GLY I 194 76.81 -11.24 27.70
N TYR I 195 76.49 -9.95 27.72
CA TYR I 195 75.71 -9.41 28.81
C TYR I 195 74.26 -9.88 28.76
N ALA I 196 73.75 -10.18 27.56
CA ALA I 196 72.41 -10.73 27.45
C ALA I 196 72.32 -12.11 28.09
N LYS I 197 73.31 -12.97 27.82
CA LYS I 197 73.31 -14.30 28.43
C LYS I 197 73.68 -14.24 29.90
N LEU I 198 74.43 -13.22 30.32
CA LEU I 198 74.73 -13.05 31.75
C LEU I 198 73.46 -12.68 32.53
N ILE I 199 72.68 -11.74 32.00
CA ILE I 199 71.43 -11.35 32.64
C ILE I 199 70.42 -12.49 32.61
N ALA I 200 70.37 -13.23 31.50
CA ALA I 200 69.44 -14.35 31.41
C ALA I 200 69.86 -15.51 32.30
N GLU I 201 71.16 -15.63 32.59
CA GLU I 201 71.61 -16.68 33.48
C GLU I 201 71.36 -16.29 34.94
N LEU I 202 71.55 -15.02 35.28
CA LEU I 202 71.32 -14.60 36.66
C LEU I 202 69.84 -14.47 36.98
N GLY I 203 69.00 -14.24 35.97
CA GLY I 203 67.58 -14.07 36.21
C GLY I 203 66.75 -15.33 36.11
N GLN I 204 67.39 -16.50 36.08
CA GLN I 204 66.64 -17.75 35.96
C GLN I 204 66.03 -18.13 37.31
N ASP I 205 65.12 -19.09 37.27
CA ASP I 205 64.53 -19.61 38.49
C ASP I 205 65.55 -20.46 39.25
N LEU I 206 65.43 -20.46 40.57
CA LEU I 206 66.38 -21.17 41.42
C LEU I 206 65.72 -22.33 42.15
N THR I 211 73.68 -25.11 43.81
CA THR I 211 73.84 -24.96 42.37
C THR I 211 74.59 -23.68 42.03
N SER I 212 75.29 -23.12 43.02
CA SER I 212 76.01 -21.87 42.81
C SER I 212 77.31 -22.11 42.04
N ASP I 213 77.94 -23.27 42.23
CA ASP I 213 79.22 -23.53 41.58
C ASP I 213 79.05 -23.73 40.09
N LEU I 214 77.97 -24.38 39.67
CA LEU I 214 77.70 -24.57 38.25
C LEU I 214 77.41 -23.23 37.57
N ILE I 215 76.70 -22.34 38.26
CA ILE I 215 76.39 -21.03 37.70
C ILE I 215 77.66 -20.17 37.64
N LEU I 216 78.57 -20.34 38.60
CA LEU I 216 79.83 -19.60 38.53
C LEU I 216 80.72 -20.15 37.43
N GLU I 217 80.66 -21.46 37.16
CA GLU I 217 81.35 -22.02 36.00
C GLU I 217 80.77 -21.49 34.70
N ASN I 218 79.44 -21.28 34.67
CA ASN I 218 78.81 -20.68 33.50
C ASN I 218 79.26 -19.23 33.33
N ILE I 219 79.44 -18.51 34.43
CA ILE I 219 79.95 -17.13 34.38
C ILE I 219 81.38 -17.12 33.85
N LYS I 220 82.20 -18.08 34.29
CA LYS I 220 83.56 -18.24 33.76
C LYS I 220 83.55 -18.51 32.26
N SER I 221 82.63 -19.36 31.80
CA SER I 221 82.55 -19.68 30.38
C SER I 221 82.10 -18.46 29.57
N LEU I 222 81.19 -17.65 30.13
CA LEU I 222 80.74 -16.45 29.43
C LEU I 222 81.85 -15.41 29.35
N ILE I 223 82.64 -15.26 30.42
CA ILE I 223 83.78 -14.35 30.39
C ILE I 223 84.82 -14.83 29.38
N GLY I 224 85.04 -16.15 29.32
CA GLY I 224 86.00 -16.68 28.37
C GLY I 224 85.55 -16.55 26.92
N CYS I 225 84.25 -16.67 26.68
CA CYS I 225 83.77 -16.62 25.29
C CYS I 225 83.60 -15.20 24.79
N PHE I 226 83.13 -14.28 25.65
CA PHE I 226 82.76 -12.96 25.17
C PHE I 226 83.64 -11.84 25.68
N ASN I 227 84.74 -12.17 26.39
CA ASN I 227 85.77 -11.22 26.82
C ASN I 227 85.18 -10.13 27.72
N LEU I 228 84.46 -10.56 28.75
CA LEU I 228 83.72 -9.64 29.60
C LEU I 228 84.61 -9.06 30.69
N ASP I 229 84.38 -7.81 31.02
CA ASP I 229 85.11 -7.17 32.13
C ASP I 229 84.59 -7.74 33.44
N PRO I 230 85.45 -8.33 34.27
CA PRO I 230 84.96 -9.03 35.48
C PRO I 230 84.40 -8.11 36.54
N ASN I 231 84.91 -6.88 36.63
CA ASN I 231 84.30 -5.90 37.56
C ASN I 231 82.91 -5.51 37.07
N ARG I 232 82.72 -5.46 35.75
CA ARG I 232 81.41 -5.17 35.19
C ARG I 232 80.45 -6.32 35.42
N VAL I 233 80.94 -7.55 35.34
CA VAL I 233 80.14 -8.72 35.69
C VAL I 233 79.76 -8.69 37.16
N LEU I 234 80.68 -8.22 38.02
CA LEU I 234 80.39 -8.10 39.43
C LEU I 234 79.36 -7.02 39.70
N ASP I 235 79.38 -5.95 38.90
CA ASP I 235 78.31 -4.94 38.93
C ASP I 235 76.96 -5.56 38.63
N VAL I 236 76.90 -6.38 37.57
CA VAL I 236 75.65 -7.03 37.17
C VAL I 236 75.16 -7.98 38.27
N ILE I 237 76.08 -8.71 38.90
CA ILE I 237 75.71 -9.66 39.96
C ILE I 237 75.18 -8.91 41.18
N LEU I 238 75.82 -7.79 41.54
CA LEU I 238 75.35 -7.02 42.70
C LEU I 238 74.01 -6.34 42.42
N GLU I 239 73.76 -5.96 41.17
CA GLU I 239 72.46 -5.35 40.88
C GLU I 239 71.35 -6.41 40.79
N VAL I 240 71.70 -7.63 40.39
CA VAL I 240 70.72 -8.72 40.45
C VAL I 240 70.41 -9.06 41.91
N PHE I 241 71.43 -9.07 42.78
CA PHE I 241 71.18 -9.30 44.20
C PHE I 241 70.44 -8.12 44.84
N GLU I 242 70.58 -6.92 44.27
CA GLU I 242 69.72 -5.80 44.66
C GLU I 242 68.27 -6.08 44.29
N CYS I 243 68.02 -6.50 43.06
CA CYS I 243 66.65 -6.68 42.61
C CYS I 243 66.08 -8.06 42.92
N ARG I 244 66.83 -8.93 43.59
CA ARG I 244 66.32 -10.22 44.07
C ARG I 244 66.65 -10.37 45.54
N PRO I 245 65.85 -9.76 46.43
CA PRO I 245 66.16 -9.84 47.87
C PRO I 245 65.77 -11.16 48.51
N GLU I 246 65.13 -12.07 47.77
CA GLU I 246 64.59 -13.28 48.38
C GLU I 246 65.71 -14.28 48.68
N HIS I 247 66.48 -14.65 47.66
CA HIS I 247 67.55 -15.63 47.81
C HIS I 247 68.77 -14.90 48.36
N ASP I 248 69.09 -15.16 49.62
CA ASP I 248 70.20 -14.47 50.26
C ASP I 248 71.50 -15.28 50.22
N ASP I 249 71.49 -16.46 50.84
CA ASP I 249 72.73 -17.22 51.07
C ASP I 249 73.26 -17.81 49.78
N PHE I 250 72.38 -18.01 48.80
CA PHE I 250 72.81 -18.46 47.47
C PHE I 250 73.72 -17.44 46.80
N PHE I 251 73.26 -16.19 46.73
CA PHE I 251 74.08 -15.13 46.16
C PHE I 251 75.27 -14.79 47.06
N ILE I 252 75.15 -15.01 48.37
CA ILE I 252 76.30 -14.81 49.26
C ILE I 252 77.41 -15.81 48.96
N SER I 253 77.06 -17.09 48.81
CA SER I 253 78.06 -18.10 48.46
C SER I 253 78.61 -17.88 47.06
N LEU I 254 77.77 -17.39 46.14
CA LEU I 254 78.24 -17.06 44.80
C LEU I 254 79.23 -15.91 44.82
N LEU I 255 78.95 -14.87 45.62
CA LEU I 255 79.87 -13.74 45.72
C LEU I 255 81.16 -14.13 46.44
N GLU I 256 81.09 -15.05 47.40
CA GLU I 256 82.30 -15.51 48.06
C GLU I 256 83.18 -16.32 47.09
N SER I 257 82.56 -17.23 46.33
CA SER I 257 83.33 -18.03 45.40
C SER I 257 83.81 -17.20 44.21
N TYR I 258 83.15 -16.09 43.92
CA TYR I 258 83.62 -15.21 42.86
C TYR I 258 84.71 -14.27 43.35
N MET I 259 84.60 -13.75 44.57
CA MET I 259 85.57 -12.82 45.12
C MET I 259 86.77 -13.52 45.74
N SER I 260 86.78 -14.86 45.78
CA SER I 260 88.00 -15.57 46.08
C SER I 260 89.06 -15.38 45.00
N MET I 261 88.64 -15.06 43.78
CA MET I 261 89.54 -14.87 42.65
C MET I 261 89.72 -13.40 42.27
N CYS I 262 89.33 -12.47 43.12
CA CYS I 262 89.42 -11.04 42.83
C CYS I 262 90.06 -10.31 43.99
N GLU I 263 90.27 -9.00 43.81
CA GLU I 263 90.85 -8.08 44.77
C GLU I 263 89.79 -7.58 45.74
N PRO I 264 90.12 -7.50 47.04
CA PRO I 264 89.07 -7.20 48.04
C PRO I 264 88.55 -5.77 48.00
N GLN I 265 89.29 -4.83 47.40
CA GLN I 265 88.85 -3.45 47.34
C GLN I 265 87.82 -3.20 46.24
N THR I 266 87.57 -4.17 45.38
CA THR I 266 86.71 -3.96 44.22
C THR I 266 85.26 -3.77 44.64
N LEU I 267 84.77 -4.57 45.60
CA LEU I 267 83.43 -4.40 46.13
C LEU I 267 83.26 -3.05 46.81
N CYS I 268 84.31 -2.59 47.50
CA CYS I 268 84.27 -1.30 48.16
C CYS I 268 84.19 -0.16 47.15
N HIS I 269 84.97 -0.24 46.07
CA HIS I 269 84.91 0.80 45.04
C HIS I 269 83.58 0.76 44.28
N ILE I 270 83.01 -0.43 44.09
CA ILE I 270 81.72 -0.54 43.41
C ILE I 270 80.61 0.08 44.26
N LEU I 271 80.57 -0.24 45.55
CA LEU I 271 79.56 0.34 46.43
C LEU I 271 79.78 1.84 46.62
N GLY I 272 81.04 2.29 46.57
CA GLY I 272 81.30 3.72 46.61
C GLY I 272 80.81 4.45 45.38
N PHE I 273 80.99 3.83 44.20
CA PHE I 273 80.50 4.45 42.98
C PHE I 273 78.97 4.43 42.93
N LYS I 274 78.35 3.40 43.50
CA LYS I 274 76.88 3.36 43.57
C LYS I 274 76.35 4.42 44.53
N PHE I 275 77.02 4.61 45.65
CA PHE I 275 76.56 5.60 46.62
C PHE I 275 76.84 7.02 46.15
N LYS I 276 77.88 7.22 45.34
CA LYS I 276 78.15 8.56 44.82
C LYS I 276 77.32 8.85 43.57
N PHE I 277 76.90 7.81 42.84
CA PHE I 277 76.11 8.03 41.64
C PHE I 277 74.67 8.37 41.94
N TYR I 278 74.13 7.80 43.02
CA TYR I 278 72.75 8.08 43.40
C TYR I 278 72.65 9.42 44.12
N PRO I 286 67.71 4.66 48.07
CA PRO I 286 66.94 3.40 48.01
C PRO I 286 67.27 2.47 49.17
N SER I 287 66.24 1.84 49.74
CA SER I 287 66.43 0.93 50.85
C SER I 287 67.07 -0.39 50.42
N SER I 288 66.95 -0.75 49.13
CA SER I 288 67.54 -1.99 48.66
C SER I 288 69.05 -1.91 48.64
N LEU I 289 69.61 -0.73 48.31
CA LEU I 289 71.06 -0.54 48.37
C LEU I 289 71.58 -0.68 49.79
N TYR I 290 70.86 -0.10 50.75
CA TYR I 290 71.24 -0.21 52.16
C TYR I 290 71.12 -1.64 52.66
N ARG I 291 70.10 -2.37 52.18
CA ARG I 291 69.92 -3.76 52.56
C ARG I 291 71.05 -4.64 52.02
N VAL I 292 71.41 -4.44 50.75
CA VAL I 292 72.50 -5.20 50.15
C VAL I 292 73.82 -4.86 50.82
N ALA I 293 74.02 -3.59 51.18
CA ALA I 293 75.22 -3.19 51.90
C ALA I 293 75.29 -3.84 53.28
N ALA I 294 74.17 -3.92 53.99
CA ALA I 294 74.16 -4.55 55.30
C ALA I 294 74.38 -6.06 55.20
N VAL I 295 73.86 -6.69 54.16
CA VAL I 295 74.06 -8.13 53.98
C VAL I 295 75.51 -8.43 53.61
N LEU I 296 76.13 -7.58 52.78
CA LEU I 296 77.54 -7.77 52.46
C LEU I 296 78.44 -7.49 53.65
N LEU I 297 78.07 -6.54 54.51
CA LEU I 297 78.83 -6.27 55.72
C LEU I 297 78.51 -7.25 56.84
N GLN I 298 77.51 -8.12 56.67
CA GLN I 298 77.07 -8.98 57.75
C GLN I 298 78.07 -10.11 58.02
N PHE I 299 78.31 -10.97 57.03
CA PHE I 299 78.96 -12.24 57.33
C PHE I 299 80.48 -12.12 57.44
N ASN I 300 81.17 -11.95 56.31
CA ASN I 300 82.63 -12.00 56.31
C ASN I 300 83.32 -11.07 55.33
N LEU I 301 82.59 -10.26 54.56
CA LEU I 301 83.14 -9.82 53.28
C LEU I 301 83.91 -8.50 53.39
N ILE I 302 83.23 -7.43 53.80
CA ILE I 302 83.76 -6.08 53.68
C ILE I 302 83.92 -5.48 55.07
N ASP I 303 85.04 -4.79 55.30
CA ASP I 303 85.23 -4.02 56.51
C ASP I 303 84.55 -2.66 56.38
N LEU I 304 84.08 -2.14 57.52
CA LEU I 304 83.26 -0.93 57.48
C LEU I 304 84.09 0.33 57.44
N ASP I 305 85.41 0.25 57.64
CA ASP I 305 86.24 1.44 57.56
C ASP I 305 86.31 1.95 56.12
N ASP I 306 86.40 1.03 55.16
CA ASP I 306 86.47 1.40 53.75
C ASP I 306 85.17 2.05 53.28
N LEU I 307 84.02 1.40 53.56
CA LEU I 307 82.74 1.99 53.16
C LEU I 307 82.39 3.21 54.00
N TYR I 308 82.96 3.34 55.19
CA TYR I 308 82.85 4.59 55.94
C TYR I 308 83.60 5.72 55.25
N VAL I 309 84.74 5.40 54.63
CA VAL I 309 85.46 6.39 53.83
C VAL I 309 84.68 6.73 52.56
N HIS I 310 84.08 5.73 51.91
CA HIS I 310 83.45 5.94 50.60
C HIS I 310 82.18 6.79 50.66
N LEU I 311 81.60 6.99 51.85
CA LEU I 311 80.40 7.80 51.95
C LEU I 311 80.73 9.30 51.85
N ILE I 318 81.59 16.17 55.54
CA ILE I 318 80.39 15.65 56.18
C ILE I 318 80.56 15.58 57.69
N MET I 319 81.76 15.23 58.14
CA MET I 319 82.03 15.14 59.57
C MET I 319 82.11 16.53 60.20
N ASP I 320 82.73 17.47 59.48
CA ASP I 320 82.79 18.86 59.97
C ASP I 320 81.41 19.51 59.94
N GLU I 321 80.59 19.19 58.94
CA GLU I 321 79.23 19.70 58.89
C GLU I 321 78.38 19.11 60.02
N HIS I 322 78.60 17.84 60.34
CA HIS I 322 77.88 17.22 61.45
C HIS I 322 78.32 17.79 62.79
N LYS I 323 79.61 18.10 62.92
CA LYS I 323 80.12 18.73 64.14
C LYS I 323 79.58 20.17 64.28
N ARG I 324 79.47 20.88 63.16
CA ARG I 324 78.88 22.22 63.19
C ARG I 324 77.40 22.19 63.51
N GLU I 325 76.68 21.17 63.01
CA GLU I 325 75.26 21.03 63.34
C GLU I 325 75.07 20.65 64.81
N ILE I 326 75.96 19.81 65.34
CA ILE I 326 75.90 19.47 66.77
C ILE I 326 76.26 20.66 67.65
N ALA I 327 77.17 21.52 67.18
CA ALA I 327 77.50 22.72 67.95
C ALA I 327 76.36 23.76 67.88
N GLU I 328 75.71 23.88 66.73
CA GLU I 328 74.59 24.80 66.59
C GLU I 328 73.34 24.31 67.28
N ALA I 329 73.19 22.98 67.46
CA ALA I 329 72.03 22.46 68.18
C ALA I 329 72.14 22.72 69.67
N LYS I 330 73.36 22.70 70.22
CA LYS I 330 73.57 22.95 71.64
C LYS I 330 73.67 24.45 71.92
N ASN I 366 73.35 11.47 56.00
CA ASN I 366 72.08 10.96 55.48
C ASN I 366 72.15 9.46 55.24
N GLN I 367 73.20 9.03 54.53
CA GLN I 367 73.38 7.64 54.18
C GLN I 367 73.91 6.79 55.34
N LYS I 368 74.64 7.42 56.27
CA LYS I 368 75.07 6.73 57.48
C LYS I 368 73.88 6.33 58.34
N LEU I 369 72.86 7.19 58.38
CA LEU I 369 71.65 6.89 59.12
C LEU I 369 70.89 5.72 58.48
N GLY I 370 70.86 5.67 57.14
CA GLY I 370 70.24 4.55 56.47
C GLY I 370 71.00 3.25 56.64
N LEU I 371 72.33 3.32 56.73
CA LEU I 371 73.09 2.11 57.02
C LEU I 371 72.89 1.65 58.45
N LEU I 372 72.69 2.60 59.38
CA LEU I 372 72.32 2.22 60.74
C LEU I 372 70.92 1.61 60.80
N GLU I 373 70.02 2.05 59.92
CA GLU I 373 68.69 1.45 59.84
C GLU I 373 68.78 0.02 59.31
N ALA I 374 69.51 -0.17 58.21
CA ALA I 374 69.52 -1.46 57.53
C ALA I 374 70.40 -2.49 58.24
N LEU I 375 71.46 -2.05 58.93
CA LEU I 375 72.35 -2.98 59.60
C LEU I 375 71.70 -3.63 60.81
N LEU I 376 70.90 -2.87 61.55
CA LEU I 376 70.22 -3.39 62.73
C LEU I 376 68.94 -4.14 62.38
N LYS I 377 68.53 -4.15 61.12
CA LYS I 377 67.31 -4.83 60.72
C LYS I 377 67.52 -6.33 60.64
N TRP I 381 76.32 -5.96 64.40
CA TRP I 381 75.86 -5.40 65.67
C TRP I 381 76.98 -4.61 66.36
N GLN I 382 78.17 -5.19 66.43
CA GLN I 382 79.33 -4.44 66.91
C GLN I 382 79.74 -3.39 65.89
N HIS I 383 79.46 -3.62 64.61
CA HIS I 383 79.82 -2.68 63.57
C HIS I 383 78.99 -1.40 63.65
N ALA I 384 77.73 -1.52 64.06
CA ALA I 384 76.91 -0.33 64.31
C ALA I 384 77.46 0.47 65.48
N GLN I 385 77.99 -0.22 66.50
CA GLN I 385 78.65 0.45 67.60
C GLN I 385 79.94 1.12 67.15
N ASN I 386 80.61 0.56 66.13
CA ASN I 386 81.76 1.23 65.54
C ASN I 386 81.34 2.46 64.75
N ILE I 387 80.15 2.42 64.14
CA ILE I 387 79.61 3.61 63.48
C ILE I 387 79.26 4.68 64.51
N MET I 388 78.83 4.27 65.71
CA MET I 388 78.48 5.22 66.77
C MET I 388 79.68 6.05 67.22
N ASP I 389 80.89 5.51 67.11
CA ASP I 389 82.09 6.29 67.37
C ASP I 389 82.56 6.93 66.07
N PRO I 392 78.54 12.80 66.68
CA PRO I 392 77.93 13.07 67.99
C PRO I 392 77.46 11.79 68.67
N PRO I 393 77.42 11.76 70.00
CA PRO I 393 77.03 10.52 70.69
C PRO I 393 75.55 10.22 70.59
N TYR I 394 74.69 11.24 70.51
CA TYR I 394 73.25 11.04 70.50
C TYR I 394 72.60 11.54 69.22
N TYR I 395 73.35 11.64 68.14
CA TYR I 395 72.76 12.07 66.88
C TYR I 395 71.91 10.98 66.27
N ALA I 396 72.33 9.73 66.40
CA ALA I 396 71.55 8.62 65.86
C ALA I 396 70.28 8.39 66.66
N ALA I 397 70.36 8.51 67.99
CA ALA I 397 69.18 8.35 68.82
C ALA I 397 68.22 9.53 68.69
N SER I 398 68.69 10.66 68.16
CA SER I 398 67.82 11.79 67.90
C SER I 398 66.85 11.53 66.76
N HIS I 399 67.13 10.55 65.91
CA HIS I 399 66.20 10.19 64.85
C HIS I 399 65.26 9.08 65.34
N LYS I 400 64.04 9.11 64.82
CA LYS I 400 63.02 8.16 65.26
C LYS I 400 63.27 6.77 64.74
N LEU I 401 63.63 6.64 63.46
CA LEU I 401 63.71 5.33 62.81
C LEU I 401 64.86 4.50 63.34
N ILE I 402 65.94 5.15 63.78
CA ILE I 402 67.04 4.43 64.42
C ILE I 402 66.60 3.88 65.77
N ALA I 403 65.81 4.65 66.51
CA ALA I 403 65.26 4.17 67.77
C ALA I 403 64.29 3.02 67.55
N LEU I 404 63.53 3.06 66.45
CA LEU I 404 62.66 1.93 66.12
C LEU I 404 63.45 0.70 65.72
N ALA I 405 64.60 0.89 65.05
CA ALA I 405 65.45 -0.25 64.71
C ALA I 405 66.03 -0.88 65.97
N ILE I 406 66.53 -0.05 66.89
CA ILE I 406 67.11 -0.55 68.14
C ILE I 406 66.02 -1.20 69.00
N CYS I 407 64.81 -0.66 68.98
CA CYS I 407 63.76 -1.24 69.81
C CYS I 407 63.24 -2.55 69.23
N LYS I 408 63.19 -2.67 67.90
CA LYS I 408 62.86 -3.97 67.30
C LYS I 408 63.95 -5.01 67.62
N LEU I 409 65.22 -4.58 67.62
CA LEU I 409 66.30 -5.49 68.00
C LEU I 409 66.18 -5.96 69.44
N ILE I 410 65.92 -5.02 70.36
CA ILE I 410 65.79 -5.36 71.78
C ILE I 410 64.52 -6.19 72.02
N HIS I 411 63.48 -5.95 71.21
CA HIS I 411 62.27 -6.75 71.28
C HIS I 411 62.52 -8.19 70.84
N ILE I 412 63.37 -8.38 69.83
CA ILE I 412 63.66 -9.73 69.36
C ILE I 412 64.56 -10.46 70.35
N THR I 413 65.57 -9.77 70.91
CA THR I 413 66.59 -10.46 71.69
C THR I 413 66.08 -10.90 73.06
N ILE I 414 65.07 -10.22 73.62
CA ILE I 414 64.66 -10.50 74.99
C ILE I 414 63.24 -11.07 74.96
N GLU I 415 62.94 -11.87 73.95
CA GLU I 415 61.67 -12.60 73.94
C GLU I 415 61.49 -13.58 75.10
N PRO I 416 62.39 -14.55 75.37
CA PRO I 416 62.01 -15.60 76.35
C PRO I 416 62.03 -15.13 77.79
N LEU I 417 62.83 -14.10 78.13
CA LEU I 417 62.83 -13.60 79.49
C LEU I 417 61.55 -12.84 79.81
N TYR I 418 61.01 -12.11 78.83
CA TYR I 418 59.70 -11.49 79.02
C TYR I 418 58.59 -12.53 78.94
N ARG I 419 58.80 -13.62 78.20
CA ARG I 419 57.82 -14.70 78.23
C ARG I 419 57.85 -15.48 79.53
N ARG I 420 58.95 -15.40 80.29
CA ARG I 420 58.94 -15.92 81.66
C ARG I 420 58.13 -15.02 82.58
N VAL I 421 58.33 -13.71 82.50
CA VAL I 421 57.63 -12.76 83.36
C VAL I 421 56.77 -11.81 82.56
N PHE I 447 72.65 -15.58 82.22
CA PHE I 447 72.27 -14.59 81.22
C PHE I 447 73.20 -13.39 81.25
N GLU I 448 74.37 -13.56 81.89
CA GLU I 448 75.23 -12.42 82.21
C GLU I 448 75.83 -11.78 80.97
N ASP I 449 76.19 -12.58 79.98
CA ASP I 449 76.61 -12.02 78.70
C ASP I 449 75.46 -11.31 77.99
N LEU I 450 74.27 -11.91 78.05
CA LEU I 450 73.08 -11.28 77.47
C LEU I 450 72.71 -10.01 78.23
N ARG I 451 72.85 -10.03 79.56
CA ARG I 451 72.55 -8.84 80.35
C ARG I 451 73.55 -7.72 80.08
N ARG I 452 74.84 -8.06 79.93
CA ARG I 452 75.84 -7.05 79.59
C ARG I 452 75.64 -6.49 78.18
N ASP I 453 75.20 -7.33 77.24
CA ASP I 453 74.93 -6.84 75.88
C ASP I 453 73.71 -5.91 75.85
N VAL I 454 72.66 -6.25 76.59
CA VAL I 454 71.49 -5.38 76.67
C VAL I 454 71.82 -4.09 77.42
N PHE I 455 72.68 -4.17 78.45
CA PHE I 455 73.11 -2.97 79.15
C PHE I 455 73.95 -2.08 78.24
N ASN I 456 74.78 -2.67 77.37
CA ASN I 456 75.52 -1.89 76.40
C ASN I 456 74.60 -1.25 75.36
N MET I 457 73.53 -1.96 74.97
CA MET I 457 72.57 -1.39 74.03
C MET I 457 71.80 -0.22 74.63
N PHE I 458 71.38 -0.35 75.89
CA PHE I 458 70.70 0.77 76.53
C PHE I 458 71.65 1.89 76.93
N CYS I 459 72.94 1.60 77.10
CA CYS I 459 73.91 2.67 77.27
C CYS I 459 74.15 3.42 75.97
N TYR I 460 74.11 2.71 74.85
CA TYR I 460 74.28 3.34 73.55
C TYR I 460 72.99 3.96 73.02
N LEU I 461 71.85 3.67 73.64
CA LEU I 461 70.61 4.32 73.23
C LEU I 461 70.51 5.71 73.85
N GLY I 462 70.45 5.78 75.18
CA GLY I 462 70.33 7.04 75.86
C GLY I 462 68.91 7.34 76.29
N PRO I 463 68.55 8.62 76.35
CA PRO I 463 67.23 9.01 76.87
C PRO I 463 66.10 8.94 75.86
N HIS I 464 66.33 8.42 74.66
CA HIS I 464 65.31 8.46 73.62
C HIS I 464 64.45 7.20 73.58
N LEU I 465 63.91 6.84 74.75
CA LEU I 465 62.85 5.84 74.84
C LEU I 465 61.48 6.48 74.91
N SER I 466 61.36 7.73 74.48
CA SER I 466 60.08 8.45 74.55
C SER I 466 59.05 7.90 73.58
N HIS I 467 59.49 7.21 72.54
CA HIS I 467 58.57 6.67 71.54
C HIS I 467 58.12 5.26 71.86
N ASP I 468 58.76 4.58 72.81
CA ASP I 468 58.51 3.16 73.07
C ASP I 468 58.41 2.92 74.57
N PRO I 469 57.21 3.03 75.14
CA PRO I 469 57.03 2.67 76.55
C PRO I 469 56.99 1.16 76.77
N ILE I 470 56.91 0.37 75.70
CA ILE I 470 56.69 -1.07 75.84
C ILE I 470 57.94 -1.74 76.38
N LEU I 471 59.10 -1.48 75.77
CA LEU I 471 60.34 -2.03 76.28
C LEU I 471 60.73 -1.41 77.61
N PHE I 472 60.31 -0.17 77.86
CA PHE I 472 60.49 0.44 79.17
C PHE I 472 59.77 -0.37 80.25
N ALA I 473 58.51 -0.72 80.00
CA ALA I 473 57.76 -1.58 80.90
C ALA I 473 58.35 -2.97 80.99
N LYS I 474 58.92 -3.48 79.89
CA LYS I 474 59.53 -4.81 79.93
C LYS I 474 60.80 -4.83 80.77
N VAL I 475 61.63 -3.80 80.67
CA VAL I 475 62.82 -3.66 81.51
C VAL I 475 62.40 -3.53 82.98
N VAL I 476 61.30 -2.81 83.24
CA VAL I 476 60.75 -2.71 84.58
C VAL I 476 60.33 -4.07 85.12
N ARG I 477 59.62 -4.86 84.30
CA ARG I 477 59.13 -6.16 84.78
C ARG I 477 60.27 -7.16 84.96
N ILE I 478 61.30 -7.09 84.12
CA ILE I 478 62.47 -7.94 84.28
C ILE I 478 63.23 -7.59 85.56
N GLY I 479 63.41 -6.29 85.84
CA GLY I 479 64.03 -5.88 87.09
C GLY I 479 63.22 -6.24 88.31
N LYS I 480 61.88 -6.18 88.20
CA LYS I 480 61.02 -6.55 89.31
C LYS I 480 61.09 -8.05 89.60
N SER I 481 61.12 -8.87 88.54
CA SER I 481 61.25 -10.31 88.73
C SER I 481 62.63 -10.67 89.29
N PHE I 482 63.67 -9.95 88.88
CA PHE I 482 65.00 -10.18 89.40
C PHE I 482 65.11 -9.78 90.86
N MET I 483 64.45 -8.70 91.26
CA MET I 483 64.49 -8.30 92.66
C MET I 483 63.59 -9.15 93.54
N LYS I 484 62.52 -9.70 92.98
CA LYS I 484 61.74 -10.68 93.73
C LYS I 484 62.50 -11.99 93.88
N GLU I 485 63.33 -12.35 92.91
CA GLU I 485 64.24 -13.47 93.11
C GLU I 485 65.42 -13.10 94.00
N PHE I 486 65.71 -11.80 94.14
CA PHE I 486 66.78 -11.35 95.02
C PHE I 486 66.29 -11.33 96.47
N THR I 499 76.62 -10.99 93.51
CA THR I 499 75.78 -10.47 92.43
C THR I 499 75.63 -8.96 92.53
N GLU I 500 76.64 -8.30 93.11
CA GLU I 500 76.62 -6.86 93.24
C GLU I 500 76.95 -6.14 91.93
N VAL I 501 77.61 -6.83 90.99
CA VAL I 501 77.97 -6.21 89.72
C VAL I 501 76.73 -6.00 88.87
N ILE I 502 75.82 -6.98 88.87
CA ILE I 502 74.56 -6.87 88.14
C ILE I 502 73.70 -5.76 88.75
N LEU I 503 73.74 -5.61 90.07
CA LEU I 503 73.00 -4.54 90.73
C LEU I 503 73.61 -3.17 90.45
N SER I 504 74.93 -3.08 90.34
CA SER I 504 75.56 -1.79 90.01
C SER I 504 75.28 -1.40 88.57
N CYS I 505 75.28 -2.38 87.66
CA CYS I 505 74.89 -2.10 86.28
C CYS I 505 73.40 -1.79 86.19
N LEU I 506 72.60 -2.32 87.11
CA LEU I 506 71.19 -1.95 87.18
C LEU I 506 71.02 -0.51 87.67
N LEU I 507 71.88 -0.09 88.60
CA LEU I 507 71.91 1.32 89.01
C LEU I 507 72.29 2.22 87.85
N SER I 508 73.25 1.77 87.02
CA SER I 508 73.64 2.54 85.84
C SER I 508 72.53 2.60 84.81
N ILE I 509 71.79 1.51 84.61
CA ILE I 509 70.70 1.56 83.64
C ILE I 509 69.51 2.33 84.18
N THR I 510 69.33 2.40 85.53
CA THR I 510 68.31 3.30 86.04
C THR I 510 68.73 4.76 85.89
N ASP I 511 70.03 5.03 86.04
CA ASP I 511 70.58 6.35 85.71
C ASP I 511 70.33 6.69 84.24
N GLN I 512 70.40 5.70 83.37
CA GLN I 512 70.16 5.92 81.95
C GLN I 512 68.69 5.87 81.55
N VAL I 513 67.80 5.38 82.41
CA VAL I 513 66.40 5.19 82.03
C VAL I 513 65.44 6.11 82.78
N LEU I 514 65.90 6.83 83.80
CA LEU I 514 65.04 7.86 84.39
C LEU I 514 64.83 9.02 83.43
N LEU I 515 65.79 9.29 82.56
CA LEU I 515 65.72 10.40 81.63
C LEU I 515 64.67 10.26 80.52
N PRO I 516 64.30 9.06 80.03
CA PRO I 516 63.07 8.99 79.22
C PRO I 516 61.82 9.38 79.97
N SER I 517 61.71 9.04 81.26
CA SER I 517 60.57 9.53 82.04
C SER I 517 60.62 11.03 82.25
N LEU I 518 61.83 11.60 82.27
CA LEU I 518 61.99 13.05 82.25
C LEU I 518 61.56 13.64 80.90
N SER I 519 61.81 12.92 79.81
CA SER I 519 61.51 13.45 78.49
C SER I 519 60.04 13.28 78.12
N LEU I 520 59.38 12.27 78.67
CA LEU I 520 57.96 12.03 78.38
C LEU I 520 57.12 13.11 79.05
N MET I 521 56.62 14.00 78.28
CA MET I 521 55.63 14.95 78.76
C MET I 521 54.21 14.47 78.45
N ASP I 522 53.98 13.19 78.74
CA ASP I 522 52.76 12.41 78.58
C ASP I 522 52.97 11.05 79.23
N CYS I 523 51.92 10.55 79.88
CA CYS I 523 51.82 9.16 80.39
C CYS I 523 52.91 8.88 81.43
N ASN I 524 52.93 9.71 82.46
CA ASN I 524 53.80 9.49 83.59
C ASN I 524 53.05 9.43 84.91
N ALA I 525 51.72 9.59 84.88
CA ALA I 525 50.92 9.34 86.06
C ALA I 525 50.91 7.86 86.42
N CYS I 526 51.04 7.00 85.42
CA CYS I 526 51.00 5.56 85.64
C CYS I 526 52.39 4.91 85.62
N MET I 527 53.29 5.37 84.75
CA MET I 527 54.58 4.70 84.59
C MET I 527 55.51 4.95 85.78
N SER I 528 55.24 6.01 86.55
CA SER I 528 55.95 6.22 87.81
C SER I 528 55.68 5.10 88.79
N GLU I 529 54.51 4.46 88.71
CA GLU I 529 54.24 3.31 89.58
C GLU I 529 55.03 2.09 89.15
N GLU I 530 55.29 1.94 87.85
CA GLU I 530 56.23 0.91 87.42
C GLU I 530 57.64 1.22 87.88
N LEU I 531 58.03 2.50 87.89
CA LEU I 531 59.34 2.85 88.45
C LEU I 531 59.40 2.59 89.96
N TRP I 532 58.27 2.72 90.65
CA TRP I 532 58.26 2.42 92.08
C TRP I 532 58.28 0.91 92.31
N GLY I 533 57.63 0.15 91.43
CA GLY I 533 57.73 -1.30 91.49
C GLY I 533 59.13 -1.80 91.19
N MET I 534 59.88 -1.05 90.38
CA MET I 534 61.33 -1.25 90.32
C MET I 534 61.99 -0.92 91.63
N PHE I 535 61.64 0.23 92.22
CA PHE I 535 62.41 0.74 93.34
C PHE I 535 62.13 0.01 94.65
N LYS I 536 60.95 -0.60 94.79
CA LYS I 536 60.65 -1.35 96.01
C LYS I 536 61.21 -2.76 95.93
N TYR I 540 68.31 1.03 99.44
CA TYR I 540 67.43 2.07 99.93
C TYR I 540 68.03 3.47 99.77
N GLN I 541 69.25 3.65 100.27
CA GLN I 541 69.95 4.93 100.08
C GLN I 541 70.39 5.11 98.64
N HIS I 542 70.50 4.02 97.90
CA HIS I 542 70.82 4.10 96.47
C HIS I 542 69.68 4.75 95.69
N ARG I 543 68.44 4.60 96.17
CA ARG I 543 67.31 5.35 95.61
C ARG I 543 67.52 6.85 95.78
N TYR I 544 68.03 7.24 96.96
CA TYR I 544 68.33 8.65 97.19
C TYR I 544 69.52 9.12 96.37
N ARG I 545 70.46 8.22 96.05
CA ARG I 545 71.55 8.62 95.17
C ARG I 545 71.08 8.76 93.73
N LEU I 546 70.14 7.91 93.30
CA LEU I 546 69.50 8.09 92.00
C LEU I 546 68.69 9.37 91.94
N TYR I 547 68.11 9.78 93.08
CA TYR I 547 67.41 11.05 93.11
C TYR I 547 68.38 12.23 93.14
N GLY I 548 69.56 12.04 93.74
CA GLY I 548 70.61 13.04 93.70
C GLY I 548 71.29 13.15 92.36
N GLN I 549 71.12 12.14 91.50
CA GLN I 549 71.52 12.27 90.10
C GLN I 549 70.75 13.35 89.36
N TRP I 550 69.53 13.69 89.83
CA TRP I 550 68.73 14.74 89.22
C TRP I 550 69.21 16.15 89.53
N LYS I 551 70.32 16.33 90.26
CA LYS I 551 70.82 17.67 90.56
C LYS I 551 71.33 18.35 89.30
N ASN I 552 72.39 17.81 88.71
CA ASN I 552 72.95 18.36 87.49
C ASN I 552 73.34 17.29 86.47
N GLU I 553 73.18 16.01 86.80
CA GLU I 553 73.65 14.96 85.89
C GLU I 553 72.58 14.60 84.86
N THR I 554 71.33 14.47 85.31
CA THR I 554 70.24 14.18 84.37
C THR I 554 69.90 15.38 83.51
N TYR I 555 70.30 16.58 83.92
CA TYR I 555 70.05 17.79 83.17
C TYR I 555 71.33 18.29 82.53
N ASN I 556 71.18 19.27 81.64
CA ASN I 556 72.26 20.03 81.00
C ASN I 556 73.19 19.15 80.17
N SER I 557 72.72 17.99 79.72
CA SER I 557 73.45 17.15 78.79
C SER I 557 72.69 16.93 77.49
N HIS I 558 71.50 17.51 77.36
CA HIS I 558 70.67 17.41 76.19
C HIS I 558 69.95 18.74 76.02
N PRO I 559 69.75 19.19 74.78
CA PRO I 559 69.00 20.44 74.58
C PRO I 559 67.53 20.30 74.90
N LEU I 560 66.92 19.15 74.61
CA LEU I 560 65.50 18.94 74.81
C LEU I 560 65.15 18.92 76.29
N LEU I 561 66.04 18.42 77.15
CA LEU I 561 65.78 18.42 78.57
C LEU I 561 65.84 19.83 79.15
N VAL I 562 66.71 20.68 78.59
CA VAL I 562 66.76 22.08 79.01
C VAL I 562 65.50 22.82 78.55
N LYS I 563 64.99 22.45 77.36
CA LYS I 563 63.71 23.01 76.90
C LYS I 563 62.55 22.60 77.79
N VAL I 564 62.52 21.32 78.19
CA VAL I 564 61.49 20.81 79.11
C VAL I 564 61.62 21.49 80.48
N LYS I 565 62.86 21.72 80.93
CA LYS I 565 63.10 22.40 82.19
C LYS I 565 62.58 23.84 82.16
N ALA I 566 62.83 24.56 81.06
CA ALA I 566 62.34 25.92 80.93
C ALA I 566 60.81 25.96 80.85
N GLN I 567 60.22 25.01 80.13
CA GLN I 567 58.76 24.96 80.02
C GLN I 567 58.10 24.62 81.35
N THR I 568 58.70 23.72 82.13
CA THR I 568 58.08 23.38 83.40
C THR I 568 58.34 24.44 84.46
N ILE I 569 59.43 25.22 84.36
CA ILE I 569 59.58 26.37 85.23
C ILE I 569 58.55 27.45 84.89
N ASP I 570 58.28 27.64 83.59
CA ASP I 570 57.27 28.58 83.16
C ASP I 570 55.87 28.18 83.66
N ARG I 571 55.49 26.92 83.45
CA ARG I 571 54.16 26.49 83.88
C ARG I 571 54.07 26.38 85.40
N ALA I 572 55.20 26.12 86.08
CA ALA I 572 55.21 26.09 87.52
C ALA I 572 55.01 27.47 88.11
N LYS I 573 55.69 28.47 87.56
CA LYS I 573 55.49 29.85 87.98
C LYS I 573 54.07 30.32 87.68
N TYR I 574 53.52 29.87 86.55
CA TYR I 574 52.14 30.20 86.18
C TYR I 574 51.14 29.65 87.19
N ILE I 575 51.27 28.36 87.54
CA ILE I 575 50.31 27.79 88.48
C ILE I 575 50.58 28.19 89.92
N MET I 576 51.81 28.63 90.25
CA MET I 576 52.03 29.21 91.57
C MET I 576 51.46 30.61 91.66
N LYS I 577 51.29 31.29 90.53
CA LYS I 577 50.57 32.56 90.53
C LYS I 577 49.06 32.38 90.46
N ARG I 578 48.55 31.15 90.61
CA ARG I 578 47.11 30.90 90.56
C ARG I 578 46.55 30.29 91.83
N LEU I 579 47.38 29.84 92.76
CA LEU I 579 46.91 29.09 93.91
C LEU I 579 46.23 30.01 94.92
N THR I 580 44.97 29.71 95.23
CA THR I 580 44.24 30.34 96.30
C THR I 580 43.65 29.26 97.19
N LYS I 581 43.02 29.67 98.29
CA LYS I 581 42.25 28.73 99.08
C LYS I 581 40.87 28.47 98.49
N GLU I 582 40.41 29.34 97.59
CA GLU I 582 39.24 29.04 96.77
C GLU I 582 39.58 28.04 95.68
N ASN I 583 40.87 27.91 95.33
CA ASN I 583 41.34 27.00 94.28
C ASN I 583 41.35 25.58 94.84
N VAL I 584 40.15 25.05 95.06
CA VAL I 584 39.98 23.77 95.75
C VAL I 584 40.02 22.70 94.66
N LYS I 585 41.25 22.28 94.32
CA LYS I 585 41.56 21.24 93.34
C LYS I 585 40.86 21.26 91.96
N PRO I 586 40.92 22.38 91.22
CA PRO I 586 41.24 22.24 89.79
C PRO I 586 42.73 22.33 89.58
N SER I 587 43.39 23.08 90.48
CA SER I 587 44.82 23.35 90.37
C SER I 587 45.66 22.17 90.84
N GLY I 588 45.11 21.34 91.72
CA GLY I 588 45.77 20.10 92.08
C GLY I 588 45.96 19.18 90.88
N ARG I 589 44.99 19.19 89.97
CA ARG I 589 45.11 18.44 88.73
C ARG I 589 46.26 18.95 87.88
N GLN I 590 46.41 20.28 87.81
CA GLN I 590 47.44 20.88 86.98
C GLN I 590 48.83 20.65 87.56
N ILE I 591 48.97 20.81 88.88
CA ILE I 591 50.27 20.57 89.50
C ILE I 591 50.59 19.08 89.50
N GLY I 592 49.58 18.22 89.50
CA GLY I 592 49.84 16.79 89.34
C GLY I 592 50.32 16.45 87.94
N LYS I 593 49.68 17.04 86.92
CA LYS I 593 50.09 16.82 85.54
C LYS I 593 51.50 17.33 85.27
N LEU I 594 51.90 18.42 85.94
CA LEU I 594 53.30 18.84 85.82
C LEU I 594 54.22 17.95 86.64
N SER I 595 53.75 17.40 87.76
CA SER I 595 54.61 16.63 88.63
C SER I 595 54.76 15.18 88.23
N HIS I 596 53.94 14.68 87.28
CA HIS I 596 54.16 13.31 86.82
C HIS I 596 55.47 13.19 86.06
N SER I 597 55.78 14.19 85.22
CA SER I 597 56.92 14.13 84.32
C SER I 597 58.18 14.75 84.90
N ASN I 598 58.06 15.90 85.58
CA ASN I 598 59.20 16.66 86.06
C ASN I 598 59.03 16.88 87.56
N PRO I 599 59.30 15.87 88.39
CA PRO I 599 59.02 16.03 89.82
C PRO I 599 60.04 16.91 90.55
N THR I 600 61.32 16.79 90.19
CA THR I 600 62.38 17.41 90.98
C THR I 600 62.41 18.92 90.83
N ILE I 601 62.25 19.41 89.59
CA ILE I 601 62.25 20.85 89.33
C ILE I 601 61.07 21.51 90.01
N LEU I 602 59.89 20.90 89.90
CA LEU I 602 58.68 21.47 90.49
C LEU I 602 58.73 21.43 92.01
N PHE I 603 59.28 20.36 92.59
CA PHE I 603 59.40 20.29 94.04
C PHE I 603 60.40 21.30 94.56
N ASP I 604 61.52 21.48 93.86
CA ASP I 604 62.51 22.50 94.23
C ASP I 604 61.90 23.90 94.12
N TYR I 605 61.08 24.12 93.10
CA TYR I 605 60.46 25.43 92.92
C TYR I 605 59.44 25.74 94.00
N ILE I 606 58.60 24.75 94.36
CA ILE I 606 57.60 25.02 95.39
C ILE I 606 58.24 25.10 96.76
N LEU I 607 59.36 24.41 96.99
CA LEU I 607 60.05 24.59 98.26
C LEU I 607 60.75 25.94 98.33
N SER I 608 61.23 26.45 97.19
CA SER I 608 61.74 27.82 97.16
C SER I 608 60.63 28.83 97.43
N GLN I 609 59.42 28.55 96.93
CA GLN I 609 58.27 29.42 97.19
C GLN I 609 57.86 29.39 98.66
N ILE I 610 57.84 28.21 99.27
CA ILE I 610 57.47 28.10 100.68
C ILE I 610 58.54 28.74 101.57
N GLN I 611 59.82 28.58 101.20
CA GLN I 611 60.89 29.18 101.96
C GLN I 611 60.89 30.71 101.84
N LYS I 612 60.53 31.23 100.67
CA LYS I 612 60.64 32.67 100.45
C LYS I 612 59.33 33.43 100.62
N TYR I 613 58.18 32.76 100.62
CA TYR I 613 56.91 33.50 100.57
C TYR I 613 55.94 33.06 101.66
N ASP I 614 56.46 32.78 102.85
CA ASP I 614 55.81 33.07 104.14
C ASP I 614 54.46 32.36 104.32
N ASN I 615 54.54 31.03 104.48
CA ASN I 615 53.42 30.18 104.88
C ASN I 615 52.29 30.20 103.83
N LEU I 616 52.62 29.64 102.68
CA LEU I 616 51.65 29.34 101.63
C LEU I 616 51.25 27.87 101.67
N ILE I 617 51.24 27.27 102.87
CA ILE I 617 51.44 25.84 103.02
C ILE I 617 50.19 25.04 102.67
N THR I 618 49.04 25.42 103.24
CA THR I 618 47.82 24.65 103.04
C THR I 618 47.27 24.60 101.61
N PRO I 619 47.35 25.65 100.76
CA PRO I 619 47.04 25.42 99.34
C PRO I 619 48.04 24.50 98.65
N VAL I 620 49.30 24.49 99.10
CA VAL I 620 50.29 23.59 98.50
C VAL I 620 49.96 22.14 98.82
N VAL I 621 49.56 21.85 100.06
CA VAL I 621 49.25 20.45 100.36
C VAL I 621 47.90 20.05 99.76
N ASP I 622 46.95 20.99 99.64
CA ASP I 622 45.71 20.67 98.93
C ASP I 622 45.93 20.51 97.43
N SER I 623 46.99 21.10 96.89
CA SER I 623 47.34 20.86 95.50
C SER I 623 48.06 19.53 95.32
N LEU I 624 48.94 19.18 96.25
CA LEU I 624 49.70 17.92 96.21
C LEU I 624 48.92 16.74 96.76
N LYS I 625 47.63 16.92 97.05
CA LYS I 625 46.73 15.79 97.31
C LYS I 625 46.76 14.74 96.20
N TYR I 626 46.79 15.16 94.94
CA TYR I 626 46.75 14.25 93.80
C TYR I 626 48.12 13.80 93.31
N LEU I 627 49.12 13.77 94.20
CA LEU I 627 50.46 13.38 93.81
C LEU I 627 50.62 11.86 93.86
N THR I 628 51.43 11.32 92.96
CA THR I 628 51.55 9.88 92.80
C THR I 628 52.36 9.24 93.92
N SER I 629 52.48 7.92 93.87
CA SER I 629 53.15 7.17 94.93
C SER I 629 54.66 7.35 94.87
N LEU I 630 55.23 7.23 93.66
CA LEU I 630 56.68 7.33 93.50
C LEU I 630 57.19 8.74 93.73
N ASN I 631 56.37 9.75 93.49
CA ASN I 631 56.82 11.12 93.70
C ASN I 631 56.91 11.50 95.16
N TYR I 632 56.41 10.66 96.07
CA TYR I 632 56.49 10.96 97.50
C TYR I 632 57.93 10.85 98.00
N ASP I 633 58.65 9.82 97.57
CA ASP I 633 60.06 9.70 97.93
C ASP I 633 60.91 10.78 97.26
N VAL I 634 60.51 11.21 96.06
CA VAL I 634 61.18 12.33 95.39
C VAL I 634 60.97 13.61 96.17
N LEU I 635 59.75 13.82 96.69
CA LEU I 635 59.47 14.96 97.53
C LEU I 635 60.24 14.90 98.83
N ALA I 636 60.40 13.70 99.40
CA ALA I 636 61.19 13.54 100.62
C ALA I 636 62.66 13.86 100.39
N TYR I 637 63.22 13.40 99.27
CA TYR I 637 64.61 13.75 98.96
C TYR I 637 64.76 15.22 98.64
N CYS I 638 63.73 15.85 98.06
CA CYS I 638 63.83 17.28 97.81
C CYS I 638 63.73 18.07 99.10
N ILE I 639 62.96 17.57 100.07
CA ILE I 639 62.97 18.12 101.43
C ILE I 639 64.38 18.03 102.03
N ILE I 640 65.01 16.86 101.91
CA ILE I 640 66.35 16.64 102.46
C ILE I 640 67.37 17.56 101.79
N GLU I 641 67.24 17.76 100.48
CA GLU I 641 68.15 18.64 99.76
C GLU I 641 67.89 20.11 100.12
N ALA I 642 66.63 20.46 100.38
CA ALA I 642 66.32 21.83 100.81
C ALA I 642 66.82 22.10 102.23
N LEU I 643 66.95 21.04 103.05
CA LEU I 643 67.51 21.22 104.38
C LEU I 643 69.02 21.45 104.36
N ALA I 644 69.68 21.18 103.23
CA ALA I 644 71.11 21.36 103.10
C ALA I 644 71.51 22.79 102.75
N ASN I 645 70.58 23.73 102.78
CA ASN I 645 70.86 25.13 102.45
C ASN I 645 71.64 25.78 103.60
N PRO I 646 72.87 26.26 103.38
CA PRO I 646 73.61 26.95 104.43
C PRO I 646 73.08 28.35 104.72
N SER I 659 65.25 32.78 110.68
CA SER I 659 64.97 31.42 111.12
C SER I 659 63.50 31.06 110.95
N SER I 660 62.71 32.06 110.53
CA SER I 660 61.27 31.84 110.37
C SER I 660 60.98 30.98 109.15
N TRP I 661 61.82 31.06 108.12
CA TRP I 661 61.66 30.19 106.95
C TRP I 661 61.91 28.74 107.30
N LEU I 662 62.84 28.48 108.22
CA LEU I 662 63.09 27.11 108.67
C LEU I 662 61.94 26.60 109.52
N GLN I 663 61.31 27.46 110.31
CA GLN I 663 60.12 27.09 111.06
C GLN I 663 58.96 26.77 110.13
N SER I 664 58.80 27.57 109.07
CA SER I 664 57.74 27.32 108.09
C SER I 664 57.98 26.03 107.33
N LEU I 665 59.24 25.76 106.98
CA LEU I 665 59.59 24.51 106.30
C LEU I 665 59.37 23.31 107.22
N ALA I 666 59.68 23.46 108.51
CA ALA I 666 59.46 22.36 109.46
C ALA I 666 57.98 22.10 109.65
N SER I 667 57.15 23.15 109.67
CA SER I 667 55.71 22.95 109.78
C SER I 667 55.14 22.31 108.52
N PHE I 668 55.67 22.68 107.36
CA PHE I 668 55.29 22.04 106.10
C PHE I 668 55.67 20.56 106.10
N CYS I 669 56.86 20.23 106.59
CA CYS I 669 57.29 18.84 106.68
C CYS I 669 56.42 18.06 107.65
N GLY I 670 56.03 18.70 108.77
CA GLY I 670 55.14 18.04 109.71
C GLY I 670 53.77 17.76 109.12
N ALA I 671 53.24 18.70 108.34
CA ALA I 671 51.92 18.51 107.73
C ALA I 671 51.95 17.42 106.67
N VAL I 672 52.97 17.45 105.79
CA VAL I 672 53.05 16.46 104.71
C VAL I 672 53.34 15.08 105.28
N PHE I 673 54.18 15.00 106.32
CA PHE I 673 54.50 13.72 106.92
C PHE I 673 53.36 13.15 107.75
N ARG I 674 52.57 14.00 108.42
CA ARG I 674 51.40 13.49 109.10
C ARG I 674 50.28 13.16 108.13
N LYS I 675 50.34 13.66 106.90
CA LYS I 675 49.29 13.36 105.94
C LYS I 675 49.57 12.11 105.11
N TYR I 676 50.83 11.79 104.83
CA TYR I 676 51.12 10.75 103.85
C TYR I 676 52.06 9.68 104.38
N PRO I 677 51.94 8.44 103.86
CA PRO I 677 52.91 7.36 104.21
C PRO I 677 54.20 7.44 103.38
N ILE I 678 55.13 8.26 103.87
CA ILE I 678 56.38 8.50 103.15
C ILE I 678 57.53 7.64 103.68
N ASP I 679 57.42 7.14 104.92
CA ASP I 679 58.42 6.29 105.59
C ASP I 679 59.77 7.01 105.67
N LEU I 680 59.76 8.06 106.48
CA LEU I 680 60.81 9.07 106.52
C LEU I 680 62.08 8.66 107.27
N ALA I 681 62.63 7.51 106.93
CA ALA I 681 63.86 7.05 107.56
C ALA I 681 65.05 7.89 107.11
N GLY I 682 64.98 8.49 105.92
CA GLY I 682 66.05 9.35 105.46
C GLY I 682 66.14 10.64 106.25
N LEU I 683 65.00 11.18 106.67
CA LEU I 683 65.01 12.34 107.56
C LEU I 683 65.57 11.97 108.91
N LEU I 684 65.34 10.74 109.37
CA LEU I 684 65.91 10.29 110.64
C LEU I 684 67.42 10.14 110.54
N GLN I 685 67.91 9.62 109.41
CA GLN I 685 69.36 9.55 109.17
C GLN I 685 69.95 10.95 109.08
N TYR I 686 69.22 11.89 108.48
CA TYR I 686 69.71 13.26 108.35
C TYR I 686 69.81 13.96 109.70
N VAL I 687 68.79 13.81 110.55
CA VAL I 687 68.84 14.47 111.84
C VAL I 687 69.83 13.76 112.76
N ALA I 688 70.05 12.46 112.58
CA ALA I 688 71.09 11.77 113.36
C ALA I 688 72.48 12.23 112.93
N ASN I 689 72.68 12.47 111.64
CA ASN I 689 73.97 12.95 111.16
C ASN I 689 74.23 14.38 111.58
N GLN I 690 73.20 15.23 111.65
CA GLN I 690 73.43 16.57 112.15
C GLN I 690 73.51 16.62 113.68
N LEU I 691 73.00 15.61 114.38
CA LEU I 691 73.31 15.52 115.80
C LEU I 691 74.74 15.04 116.04
N LYS I 692 75.26 14.19 115.16
CA LYS I 692 76.64 13.76 115.28
C LYS I 692 77.62 14.87 114.90
N ALA I 693 77.19 15.84 114.10
CA ALA I 693 78.04 16.98 113.75
C ALA I 693 77.72 18.19 114.62
N SER I 696 71.33 20.91 115.85
CA SER I 696 70.78 22.15 116.41
C SER I 696 69.27 22.22 116.19
N PHE I 697 68.87 23.00 115.19
CA PHE I 697 67.44 23.17 114.89
C PHE I 697 66.82 21.95 114.24
N ASP I 698 67.64 21.02 113.73
CA ASP I 698 67.12 19.77 113.20
C ASP I 698 66.46 18.93 114.28
N LEU I 699 66.93 19.03 115.53
CA LEU I 699 66.26 18.37 116.64
C LEU I 699 64.87 18.95 116.87
N LEU I 700 64.72 20.27 116.71
CA LEU I 700 63.40 20.89 116.82
C LEU I 700 62.51 20.49 115.66
N ILE I 701 63.08 20.31 114.46
CA ILE I 701 62.30 19.84 113.32
C ILE I 701 61.83 18.41 113.55
N LEU I 702 62.69 17.57 114.13
CA LEU I 702 62.31 16.20 114.43
C LEU I 702 61.27 16.13 115.55
N LYS I 703 61.36 17.04 116.52
CA LYS I 703 60.33 17.12 117.56
C LYS I 703 59.00 17.57 116.99
N GLU I 704 59.02 18.50 116.04
CA GLU I 704 57.79 18.92 115.36
C GLU I 704 57.22 17.79 114.53
N VAL I 705 58.07 16.99 113.89
CA VAL I 705 57.59 15.86 113.10
C VAL I 705 56.99 14.77 114.00
N VAL I 706 57.59 14.56 115.17
CA VAL I 706 57.07 13.56 116.11
C VAL I 706 55.76 14.04 116.73
N GLN I 707 55.63 15.36 116.96
CA GLN I 707 54.36 15.90 117.43
C GLN I 707 53.30 15.86 116.33
N LYS I 708 53.72 15.95 115.08
CA LYS I 708 52.79 15.81 113.96
C LYS I 708 52.28 14.38 113.84
N MET I 709 53.18 13.40 113.96
CA MET I 709 52.79 12.01 113.85
C MET I 709 52.02 11.51 115.07
N ALA I 710 52.12 12.21 116.20
CA ALA I 710 51.40 11.82 117.40
C ALA I 710 51.02 13.05 118.23
N THR I 719 47.86 24.45 135.75
CA THR I 719 48.88 23.54 136.24
C THR I 719 48.28 22.21 136.68
N MET I 720 46.95 22.21 136.87
CA MET I 720 46.27 20.98 137.26
C MET I 720 46.21 19.99 136.09
N GLU I 721 46.15 20.51 134.85
CA GLU I 721 46.16 19.63 133.69
C GLU I 721 47.51 18.96 133.51
N GLN I 722 48.60 19.66 133.83
CA GLN I 722 49.92 19.05 133.78
C GLN I 722 50.14 18.10 134.96
N LEU I 723 49.53 18.40 136.10
CA LEU I 723 49.64 17.54 137.26
C LEU I 723 48.68 16.35 137.23
N GLU I 724 47.76 16.32 136.25
CA GLU I 724 46.86 15.19 136.12
C GLU I 724 47.60 13.93 135.65
N ALA I 725 48.70 14.08 134.94
CA ALA I 725 49.49 12.95 134.48
C ALA I 725 50.31 12.37 135.62
N GLY I 729 60.84 9.94 142.37
CA GLY I 729 60.85 8.94 141.33
C GLY I 729 61.55 7.65 141.74
N GLU I 730 61.63 6.71 140.80
CA GLU I 730 62.27 5.43 141.10
C GLU I 730 63.79 5.57 141.17
N GLN I 731 64.36 6.56 140.49
CA GLN I 731 65.80 6.75 140.50
C GLN I 731 66.29 7.23 141.86
N LEU I 732 65.56 8.16 142.48
CA LEU I 732 65.94 8.66 143.80
C LEU I 732 65.75 7.59 144.87
N LYS I 733 64.70 6.79 144.75
CA LYS I 733 64.48 5.70 145.71
C LYS I 733 65.51 4.59 145.53
N ALA I 734 65.96 4.36 144.31
CA ALA I 734 67.01 3.37 144.08
C ALA I 734 68.35 3.87 144.58
N GLU I 735 68.61 5.17 144.43
CA GLU I 735 69.85 5.74 144.93
C GLU I 735 69.86 5.84 146.45
N GLY I 736 68.67 5.93 147.07
CA GLY I 736 68.62 5.93 148.52
C GLY I 736 68.94 4.57 149.11
N GLY I 737 68.44 3.51 148.50
CA GLY I 737 68.72 2.16 148.97
C GLY I 737 70.07 1.64 148.50
N LYS I 746 79.82 5.93 138.45
CA LYS I 746 80.15 5.69 139.85
C LYS I 746 79.97 4.22 140.21
N LYS I 747 80.55 3.81 141.34
CA LYS I 747 80.41 2.43 141.79
C LYS I 747 79.03 2.16 142.36
N SER I 748 78.35 3.21 142.83
CA SER I 748 76.98 3.05 143.34
C SER I 748 76.00 2.72 142.21
N SER I 749 76.27 3.22 141.00
CA SER I 749 75.47 2.84 139.85
C SER I 749 75.64 1.36 139.52
N GLN I 750 76.87 0.85 139.64
CA GLN I 750 77.10 -0.58 139.44
C GLN I 750 76.46 -1.41 140.56
N ARG I 751 76.43 -0.87 141.78
CA ARG I 751 75.77 -1.57 142.88
C ARG I 751 74.26 -1.61 142.69
N LEU I 752 73.69 -0.53 142.16
CA LEU I 752 72.26 -0.52 141.86
C LEU I 752 71.94 -1.41 140.66
N LYS I 753 72.86 -1.52 139.71
CA LYS I 753 72.67 -2.44 138.59
C LYS I 753 72.78 -3.89 139.04
N ASP I 754 73.61 -4.16 140.04
CA ASP I 754 73.68 -5.50 140.62
C ASP I 754 72.45 -5.79 141.47
N ALA I 755 71.92 -4.78 142.16
CA ALA I 755 70.72 -4.98 142.97
C ALA I 755 69.47 -5.02 142.10
N LEU I 756 69.29 -4.04 141.22
CA LEU I 756 68.12 -4.01 140.35
C LEU I 756 68.45 -3.33 139.02
N LEU I 763 61.15 -1.16 134.60
CA LEU I 763 60.72 -0.99 133.21
C LEU I 763 61.13 0.38 132.68
N PRO I 764 60.25 1.37 132.84
CA PRO I 764 60.58 2.73 132.37
C PRO I 764 61.58 3.45 133.26
N LEU I 765 61.86 2.94 134.46
CA LEU I 765 62.87 3.53 135.32
C LEU I 765 64.27 3.41 134.75
N CYS I 766 64.50 2.43 133.87
CA CYS I 766 65.79 2.33 133.18
C CYS I 766 66.00 3.54 132.27
N LEU I 767 64.97 3.91 131.50
CA LEU I 767 65.07 5.11 130.68
C LEU I 767 65.06 6.38 131.53
N LEU I 768 64.40 6.34 132.69
CA LEU I 768 64.39 7.49 133.58
C LEU I 768 65.78 7.75 134.17
N MET I 769 66.49 6.69 134.56
CA MET I 769 67.87 6.83 135.01
C MET I 769 68.82 7.09 133.86
N ALA I 770 68.47 6.64 132.65
CA ALA I 770 69.26 6.96 131.47
C ALA I 770 69.14 8.42 131.10
N GLN I 771 68.04 9.07 131.50
CA GLN I 771 67.95 10.52 131.36
C GLN I 771 68.95 11.24 132.25
N GLN I 772 69.30 10.65 133.39
CA GLN I 772 70.30 11.22 134.28
C GLN I 772 71.71 11.00 133.71
N GLY I 775 78.12 8.50 127.69
CA GLY I 775 79.06 7.78 126.86
C GLY I 775 79.06 6.28 127.09
N VAL I 776 80.23 5.67 127.02
CA VAL I 776 80.34 4.23 127.25
C VAL I 776 80.25 3.90 128.73
N ILE I 777 80.53 4.88 129.60
CA ILE I 777 80.38 4.66 131.04
C ILE I 777 78.90 4.64 131.41
N PHE I 778 78.06 5.33 130.66
CA PHE I 778 76.62 5.31 130.90
C PHE I 778 75.94 4.13 130.23
N GLN I 779 76.70 3.27 129.54
CA GLN I 779 76.09 2.13 128.84
C GLN I 779 75.65 1.03 129.80
N GLU I 780 76.18 1.04 131.02
CA GLU I 780 75.82 0.02 132.01
C GLU I 780 74.43 0.26 132.57
N LEU I 786 53.22 2.88 123.97
CA LEU I 786 53.95 3.79 123.10
C LEU I 786 54.61 4.89 123.91
N LYS I 787 55.36 4.49 124.95
CA LYS I 787 56.05 5.44 125.81
C LYS I 787 57.37 5.92 125.22
N LEU I 788 57.86 5.27 124.15
CA LEU I 788 59.12 5.68 123.54
C LEU I 788 59.01 7.05 122.88
N VAL I 789 57.83 7.37 122.34
CA VAL I 789 57.61 8.68 121.74
C VAL I 789 57.67 9.78 122.79
N GLY I 790 57.05 9.56 123.94
CA GLY I 790 57.14 10.53 125.01
C GLY I 790 58.52 10.62 125.63
N LYS I 791 59.24 9.50 125.68
CA LYS I 791 60.61 9.51 126.18
C LYS I 791 61.53 10.29 125.25
N LEU I 792 61.32 10.18 123.93
CA LEU I 792 62.07 11.01 123.00
C LEU I 792 61.62 12.46 123.07
N TYR I 793 60.34 12.71 123.33
CA TYR I 793 59.82 14.07 123.36
C TYR I 793 60.34 14.84 124.57
N ASP I 794 60.50 14.17 125.70
CA ASP I 794 61.04 14.84 126.88
C ASP I 794 62.51 15.23 126.68
N GLN I 795 63.30 14.34 126.06
CA GLN I 795 64.69 14.66 125.76
C GLN I 795 64.79 15.76 124.71
N CYS I 796 63.88 15.74 123.73
CA CYS I 796 63.86 16.81 122.73
C CYS I 796 63.46 18.14 123.33
N HIS I 797 62.55 18.13 124.31
CA HIS I 797 62.16 19.36 124.99
C HIS I 797 63.31 19.90 125.83
N ASP I 798 64.06 19.01 126.49
CA ASP I 798 65.23 19.45 127.25
C ASP I 798 66.32 20.00 126.35
N THR I 799 66.51 19.37 125.18
CA THR I 799 67.52 19.86 124.23
C THR I 799 67.08 21.19 123.61
N LEU I 800 65.79 21.37 123.36
CA LEU I 800 65.30 22.64 122.83
C LEU I 800 65.38 23.74 123.89
N VAL I 801 65.18 23.39 125.16
CA VAL I 801 65.32 24.38 126.23
C VAL I 801 66.79 24.78 126.38
N GLN I 802 67.71 23.83 126.24
CA GLN I 802 69.13 24.17 126.26
C GLN I 802 69.52 25.02 125.06
N PHE I 803 68.93 24.74 123.89
CA PHE I 803 69.23 25.53 122.70
C PHE I 803 68.66 26.94 122.83
N GLY I 804 67.49 27.08 123.46
CA GLY I 804 66.93 28.40 123.69
C GLY I 804 67.72 29.20 124.71
N GLY I 805 68.22 28.52 125.75
CA GLY I 805 69.09 29.19 126.70
C GLY I 805 70.43 29.58 126.11
N PHE I 806 70.92 28.80 125.14
CA PHE I 806 72.13 29.19 124.43
C PHE I 806 71.88 30.34 123.47
N LEU I 807 70.72 30.36 122.82
CA LEU I 807 70.40 31.43 121.87
C LEU I 807 70.03 32.73 122.58
N ALA I 808 69.59 32.66 123.84
CA ALA I 808 69.23 33.88 124.55
C ALA I 808 70.47 34.68 124.93
N SER I 809 71.53 34.01 125.36
CA SER I 809 72.76 34.69 125.75
C SER I 809 73.56 35.14 124.53
N GLU I 877 76.64 23.37 125.58
CA GLU I 877 76.33 22.34 124.60
C GLU I 877 76.55 20.95 125.18
N MET I 878 76.55 20.87 126.51
CA MET I 878 76.78 19.58 127.16
C MET I 878 75.57 18.66 127.05
N VAL I 879 74.37 19.22 126.92
CA VAL I 879 73.16 18.40 126.85
C VAL I 879 72.94 17.78 125.49
N MET I 880 73.67 18.21 124.47
CA MET I 880 73.49 17.66 123.13
C MET I 880 74.06 16.25 123.01
N ALA I 881 75.04 15.92 123.85
CA ALA I 881 75.67 14.61 123.83
C ALA I 881 74.71 13.55 124.34
N PRO I 882 73.89 13.86 125.35
CA PRO I 882 72.94 12.85 125.84
C PRO I 882 71.78 12.62 124.91
N VAL I 883 71.20 13.69 124.35
CA VAL I 883 69.99 13.58 123.54
C VAL I 883 70.28 12.85 122.23
N HIS I 884 71.48 13.03 121.67
CA HIS I 884 71.89 12.23 120.52
C HIS I 884 71.98 10.75 120.88
N GLU I 885 72.39 10.45 122.13
CA GLU I 885 72.31 9.08 122.63
C GLU I 885 70.87 8.59 122.67
N ALA I 886 69.93 9.48 122.98
CA ALA I 886 68.52 9.14 122.87
C ALA I 886 68.12 8.87 121.43
N VAL I 887 68.78 9.53 120.47
CA VAL I 887 68.59 9.18 119.08
C VAL I 887 69.36 7.91 118.73
N VAL I 888 70.44 7.64 119.47
CA VAL I 888 71.25 6.47 119.18
C VAL I 888 70.57 5.21 119.69
N SER I 889 69.85 5.31 120.81
CA SER I 889 69.12 4.15 121.31
C SER I 889 67.87 3.87 120.48
N LEU I 890 67.38 4.86 119.75
CA LEU I 890 66.21 4.68 118.91
C LEU I 890 66.54 3.86 117.67
N VAL I 895 64.34 -0.19 112.84
CA VAL I 895 62.94 -0.39 112.51
C VAL I 895 62.06 0.60 113.30
N TRP I 896 62.68 1.69 113.75
CA TRP I 896 61.92 2.72 114.45
C TRP I 896 61.04 3.52 113.49
N ASP I 897 61.46 3.63 112.23
CA ASP I 897 60.65 4.33 111.24
C ASP I 897 59.40 3.52 110.88
N ASP I 898 59.48 2.19 110.97
CA ASP I 898 58.28 1.38 110.77
C ASP I 898 57.34 1.48 111.96
N ILE I 899 57.87 1.77 113.15
CA ILE I 899 57.01 1.98 114.31
C ILE I 899 56.39 3.37 114.27
N SER I 900 57.10 4.35 113.73
CA SER I 900 56.59 5.71 113.61
C SER I 900 55.51 5.77 112.54
N PRO I 901 55.65 5.02 111.44
CA PRO I 901 54.57 5.02 110.43
C PRO I 901 53.33 4.28 110.90
N GLN I 902 53.50 3.20 111.67
CA GLN I 902 52.35 2.53 112.26
C GLN I 902 51.68 3.40 113.32
N PHE I 903 52.46 4.21 114.03
CA PHE I 903 51.87 5.15 114.99
C PHE I 903 51.13 6.28 114.28
N TYR I 904 51.64 6.72 113.13
CA TYR I 904 50.92 7.73 112.36
C TYR I 904 49.65 7.17 111.73
N ALA I 905 49.68 5.90 111.33
CA ALA I 905 48.47 5.26 110.80
C ALA I 905 47.46 4.98 111.90
N THR I 906 47.92 4.73 113.12
CA THR I 906 47.01 4.50 114.23
C THR I 906 46.38 5.80 114.73
N PHE I 907 47.16 6.88 114.76
CA PHE I 907 46.65 8.17 115.22
C PHE I 907 45.95 8.91 114.09
N MET I 912 41.99 13.02 124.78
CA MET I 912 43.24 13.75 124.80
C MET I 912 43.88 13.70 126.18
N TYR I 913 43.61 14.72 126.98
CA TYR I 913 44.16 14.77 128.34
C TYR I 913 43.48 13.77 129.25
N ASP I 914 42.24 13.38 128.94
CA ASP I 914 41.53 12.39 129.74
C ASP I 914 42.03 10.98 129.48
N LEU I 915 42.81 10.76 128.42
CA LEU I 915 43.30 9.42 128.10
C LEU I 915 44.38 8.98 129.08
N ALA I 916 45.13 9.92 129.65
CA ALA I 916 46.19 9.56 130.58
C ALA I 916 45.63 9.11 131.92
N VAL I 917 44.85 10.00 132.57
CA VAL I 917 44.19 9.77 133.87
C VAL I 917 45.16 9.33 134.97
N HIS I 919 42.35 9.43 144.09
CA HIS I 919 42.63 10.30 142.96
C HIS I 919 41.48 11.27 142.72
N THR I 920 41.70 12.54 143.06
CA THR I 920 40.67 13.56 142.84
C THR I 920 40.53 13.91 141.37
N SER I 921 41.61 13.78 140.60
CA SER I 921 41.54 14.05 139.17
C SER I 921 40.71 12.99 138.45
N TYR I 922 40.81 11.74 138.90
CA TYR I 922 39.98 10.67 138.33
C TYR I 922 38.51 10.88 138.67
N GLU I 923 38.23 11.36 139.88
CA GLU I 923 36.85 11.67 140.25
C GLU I 923 36.31 12.86 139.46
N ARG I 924 37.16 13.86 139.19
CA ARG I 924 36.75 14.99 138.37
C ARG I 924 36.51 14.57 136.92
N GLU I 925 37.32 13.64 136.42
CA GLU I 925 37.12 13.13 135.07
C GLU I 925 35.85 12.30 134.96
N VAL I 926 35.56 11.51 136.00
CA VAL I 926 34.32 10.72 136.00
C VAL I 926 33.10 11.62 136.15
N ASN I 927 33.22 12.73 136.89
CA ASN I 927 32.12 13.66 137.02
C ASN I 927 31.90 14.45 135.73
N LYS I 928 32.98 14.76 135.02
CA LYS I 928 32.85 15.44 133.73
C LYS I 928 32.30 14.49 132.67
N LEU I 929 32.64 13.21 132.74
CA LEU I 929 32.06 12.23 131.83
C LEU I 929 30.62 11.91 132.19
N LYS I 930 30.24 12.11 133.45
CA LYS I 930 28.85 11.91 133.83
C LYS I 930 27.96 13.00 133.27
N VAL I 931 28.37 14.26 133.42
CA VAL I 931 27.61 15.38 132.90
C VAL I 931 28.01 15.66 131.46
N GLU I 950 27.37 7.48 125.33
CA GLU I 950 28.03 8.22 126.40
C GLU I 950 28.24 7.34 127.62
N LYS I 951 27.40 6.31 127.77
CA LYS I 951 27.52 5.40 128.89
C LYS I 951 28.72 4.48 128.74
N GLU I 952 29.13 4.19 127.49
CA GLU I 952 30.28 3.35 127.27
C GLU I 952 31.57 4.04 127.69
N ARG I 953 31.69 5.35 127.39
CA ARG I 953 32.85 6.11 127.81
C ARG I 953 32.87 6.28 129.33
N CYS I 954 31.69 6.43 129.95
CA CYS I 954 31.63 6.53 131.40
C CYS I 954 32.00 5.22 132.08
N THR I 955 31.59 4.09 131.48
CA THR I 955 31.97 2.78 132.01
C THR I 955 33.46 2.51 131.83
N ALA I 956 34.04 2.96 130.70
CA ALA I 956 35.47 2.82 130.48
C ALA I 956 36.25 3.69 131.45
N LEU I 957 35.77 4.90 131.73
CA LEU I 957 36.43 5.77 132.70
C LEU I 957 36.29 5.23 134.11
N GLN I 958 35.16 4.58 134.43
CA GLN I 958 34.98 3.97 135.74
C GLN I 958 35.90 2.76 135.91
N ASP I 959 36.08 1.98 134.85
CA ASP I 959 37.01 0.85 134.91
C ASP I 959 38.44 1.33 135.02
N LYS I 960 38.80 2.40 134.33
CA LYS I 960 40.14 2.96 134.43
C LYS I 960 40.38 3.56 135.81
N LEU I 961 39.37 4.18 136.42
CA LEU I 961 39.52 4.74 137.75
C LEU I 961 39.62 3.65 138.80
N LEU I 962 38.87 2.55 138.63
CA LEU I 962 38.98 1.44 139.57
C LEU I 962 40.32 0.74 139.45
N GLU I 963 40.83 0.59 138.22
CA GLU I 963 42.18 0.04 138.04
C GLU I 963 43.24 0.98 138.59
N GLU I 964 43.03 2.29 138.48
CA GLU I 964 43.97 3.25 139.06
C GLU I 964 43.94 3.20 140.59
N GLU I 965 42.76 2.98 141.17
CA GLU I 965 42.67 2.84 142.62
C GLU I 965 43.33 1.55 143.10
N LYS I 966 43.16 0.45 142.34
CA LYS I 966 43.82 -0.80 142.71
C LYS I 966 45.34 -0.71 142.56
N LYS I 967 45.81 -0.06 141.48
CA LYS I 967 47.24 0.14 141.31
C LYS I 967 47.80 1.13 142.33
N GLN I 968 46.99 2.08 142.78
CA GLN I 968 47.43 2.98 143.83
C GLN I 968 47.53 2.28 145.17
N MET I 969 46.62 1.33 145.44
CA MET I 969 46.74 0.51 146.64
C MET I 969 47.97 -0.39 146.56
N GLU I 970 48.27 -0.92 145.37
CA GLU I 970 49.46 -1.74 145.18
C GLU I 970 50.73 -0.90 145.33
N HIS I 971 50.72 0.32 144.83
CA HIS I 971 51.88 1.21 144.99
C HIS I 971 52.03 1.67 146.42
N VAL I 972 50.93 1.81 147.16
CA VAL I 972 51.01 2.15 148.57
C VAL I 972 51.58 0.98 149.36
N GLN I 973 51.21 -0.25 148.98
CA GLN I 973 51.81 -1.44 149.59
C GLN I 973 53.30 -1.54 149.28
N ARG I 974 53.68 -1.19 148.05
CA ARG I 974 55.09 -1.19 147.67
C ARG I 974 55.87 -0.11 148.41
N VAL I 975 55.25 1.05 148.64
CA VAL I 975 55.90 2.12 149.39
C VAL I 975 56.04 1.75 150.86
N LEU I 976 55.05 1.03 151.41
CA LEU I 976 55.14 0.54 152.77
C LEU I 976 56.23 -0.53 152.89
N GLN I 977 56.39 -1.36 151.86
CA GLN I 977 57.46 -2.36 151.86
C GLN I 977 58.82 -1.70 151.75
N ARG I 978 58.92 -0.62 150.96
CA ARG I 978 60.19 0.10 150.85
C ARG I 978 60.52 0.85 152.14
N LEU I 979 59.51 1.35 152.85
CA LEU I 979 59.74 1.97 154.15
C LEU I 979 60.12 0.94 155.19
N LYS I 980 59.56 -0.27 155.10
CA LYS I 980 59.96 -1.34 156.00
C LYS I 980 61.36 -1.85 155.67
N LEU I 981 61.80 -1.70 154.42
CA LEU I 981 63.14 -2.11 154.04
C LEU I 981 64.19 -1.16 154.60
N GLU I 982 63.94 0.13 154.54
CA GLU I 982 64.89 1.12 155.05
C GLU I 982 64.74 1.31 156.55
N ASN I 994 76.10 13.09 157.61
CA ASN I 994 75.29 14.18 158.16
C ASN I 994 75.09 15.28 157.12
N GLU I 995 75.98 16.26 157.13
CA GLU I 995 75.90 17.35 156.16
C GLU I 995 76.28 16.89 154.76
N THR I 996 77.18 15.92 154.65
CA THR I 996 77.54 15.38 153.34
C THR I 996 76.40 14.59 152.73
N ILE I 997 75.62 13.89 153.58
CA ILE I 997 74.44 13.18 153.10
C ILE I 997 73.37 14.15 152.62
N THR I 998 73.22 15.28 153.32
CA THR I 998 72.27 16.29 152.91
C THR I 998 72.71 16.97 151.62
N LYS I 999 74.03 17.16 151.45
CA LYS I 999 74.54 17.74 150.21
C LYS I 999 74.36 16.77 149.04
N PHE I 1000 74.54 15.47 149.30
CA PHE I 1000 74.31 14.47 148.25
C PHE I 1000 72.83 14.39 147.90
N LEU I 1001 71.94 14.53 148.89
CA LEU I 1001 70.51 14.54 148.62
C LEU I 1001 70.11 15.78 147.82
N GLN I 1002 70.72 16.93 148.13
CA GLN I 1002 70.44 18.14 147.37
C GLN I 1002 70.97 18.04 145.95
N LEU I 1003 72.13 17.40 145.76
CA LEU I 1003 72.67 17.19 144.43
C LEU I 1003 71.84 16.22 143.62
N CYS I 1004 71.27 15.20 144.28
CA CYS I 1004 70.38 14.28 143.56
C CYS I 1004 69.02 14.92 143.28
N ILE I 1005 68.59 15.87 144.12
CA ILE I 1005 67.27 16.46 143.93
C ILE I 1005 67.31 17.57 142.88
N PHE I 1006 68.40 18.33 142.82
CA PHE I 1006 68.50 19.45 141.88
C PHE I 1006 68.65 18.96 140.46
N PRO I 1007 69.41 17.87 140.24
CA PRO I 1007 69.52 17.35 138.87
C PRO I 1007 68.24 16.75 138.36
N ARG I 1008 67.48 16.06 139.22
CA ARG I 1008 66.19 15.52 138.81
C ARG I 1008 65.18 16.63 138.58
N CYS I 1009 65.30 17.75 139.29
CA CYS I 1009 64.39 18.86 139.08
C CYS I 1009 64.69 19.58 137.77
N ILE I 1010 65.96 19.90 137.51
CA ILE I 1010 66.31 20.64 136.31
C ILE I 1010 66.47 19.76 135.08
N PHE I 1011 66.39 18.44 135.23
CA PHE I 1011 66.60 17.53 134.11
C PHE I 1011 65.32 16.85 133.62
N SER I 1012 64.17 17.19 134.19
CA SER I 1012 62.93 16.51 133.83
C SER I 1012 61.79 17.52 133.87
N ALA I 1013 60.57 17.00 133.81
CA ALA I 1013 59.34 17.79 133.85
C ALA I 1013 58.95 18.13 135.28
N ILE I 1014 57.72 18.57 135.48
CA ILE I 1014 57.22 18.99 136.79
C ILE I 1014 56.96 17.79 137.70
N ASP I 1015 57.06 16.57 137.15
CA ASP I 1015 56.90 15.35 137.93
C ASP I 1015 58.01 15.16 138.96
N ALA I 1016 59.13 15.87 138.82
CA ALA I 1016 60.13 15.91 139.88
C ALA I 1016 59.63 16.56 141.16
N VAL I 1017 58.57 17.36 141.03
CA VAL I 1017 57.95 18.07 142.20
C VAL I 1017 57.28 17.04 143.11
N TYR I 1018 56.45 16.16 142.52
CA TYR I 1018 55.73 15.12 143.28
C TYR I 1018 56.74 14.18 143.94
N CYS I 1019 57.80 13.82 143.20
CA CYS I 1019 58.86 12.93 143.72
C CYS I 1019 59.54 13.61 144.91
N ALA I 1020 59.80 14.92 144.79
CA ALA I 1020 60.45 15.69 145.88
C ALA I 1020 59.55 15.69 147.11
N ARG I 1021 58.24 15.86 146.90
CA ARG I 1021 57.25 15.87 148.01
C ARG I 1021 57.27 14.50 148.70
N PHE I 1022 57.34 13.42 147.90
CA PHE I 1022 57.37 12.05 148.44
C PHE I 1022 58.63 11.86 149.28
N VAL I 1023 59.76 12.39 148.79
CA VAL I 1023 61.07 12.29 149.51
C VAL I 1023 60.95 13.04 150.84
N GLU I 1024 60.30 14.21 150.82
CA GLU I 1024 60.12 15.02 152.05
C GLU I 1024 59.26 14.23 153.05
N LEU I 1025 58.21 13.57 152.55
CA LEU I 1025 57.30 12.76 153.41
C LEU I 1025 58.11 11.62 154.04
N VAL I 1026 58.98 10.98 153.25
CA VAL I 1026 59.83 9.85 153.73
C VAL I 1026 60.76 10.39 154.83
N HIS I 1027 61.32 11.57 154.62
CA HIS I 1027 62.24 12.21 155.61
C HIS I 1027 61.47 12.48 156.91
N GLN I 1028 60.22 12.95 156.80
CA GLN I 1028 59.39 13.26 157.98
C GLN I 1028 59.19 11.99 158.81
N LEU I 1037 63.25 17.42 157.72
CA LEU I 1037 63.56 18.16 158.95
C LEU I 1037 64.19 19.50 158.64
N LEU I 1038 65.50 19.61 158.82
CA LEU I 1038 66.20 20.86 158.57
C LEU I 1038 66.56 21.07 157.12
N CYS I 1039 66.40 20.04 156.27
CA CYS I 1039 66.80 20.16 154.87
C CYS I 1039 65.86 21.05 154.08
N TYR I 1040 64.57 21.08 154.45
CA TYR I 1040 63.60 21.92 153.76
C TYR I 1040 63.88 23.39 154.01
N ASP I 1041 64.34 23.73 155.21
CA ASP I 1041 64.74 25.10 155.49
C ASP I 1041 66.14 25.39 154.96
N ARG I 1042 67.00 24.36 154.88
CA ARG I 1042 68.34 24.56 154.35
C ARG I 1042 68.33 24.76 152.85
N VAL I 1043 67.31 24.25 152.17
CA VAL I 1043 67.18 24.50 150.74
C VAL I 1043 66.79 25.96 150.49
N PHE I 1044 65.90 26.49 151.33
CA PHE I 1044 65.48 27.88 151.20
C PHE I 1044 66.38 28.79 152.02
N ILE I 1047 69.41 30.25 148.08
CA ILE I 1047 69.20 29.57 146.81
C ILE I 1047 69.45 30.54 145.66
N ILE I 1048 70.34 31.50 145.87
CA ILE I 1048 70.64 32.49 144.84
C ILE I 1048 71.48 31.88 143.73
N TYR I 1049 72.63 31.30 144.09
CA TYR I 1049 73.48 30.65 143.11
C TYR I 1049 72.87 29.36 142.58
N THR I 1050 71.97 28.74 143.34
CA THR I 1050 71.26 27.56 142.85
C THR I 1050 70.29 27.95 141.73
N VAL I 1051 69.59 29.08 141.89
CA VAL I 1051 68.68 29.55 140.86
C VAL I 1051 69.38 30.41 139.81
N ALA I 1052 70.68 30.67 139.96
CA ALA I 1052 71.39 31.50 139.01
C ALA I 1052 71.60 30.80 137.66
N SER I 1053 71.66 29.48 137.65
CA SER I 1053 71.88 28.74 136.40
C SER I 1053 70.60 28.69 135.57
N ASN I 1057 65.71 27.50 132.05
CA ASN I 1057 64.58 28.39 131.88
C ASN I 1057 63.27 27.67 132.19
N GLU I 1058 62.81 26.87 131.22
CA GLU I 1058 61.56 26.12 131.42
C GLU I 1058 61.73 25.01 132.44
N ALA I 1059 62.84 24.27 132.36
CA ALA I 1059 63.16 23.31 133.41
C ALA I 1059 63.52 24.01 134.72
N SER I 1060 64.11 25.20 134.61
CA SER I 1060 64.32 26.01 135.81
C SER I 1060 62.99 26.49 136.39
N ARG I 1061 62.01 26.77 135.54
CA ARG I 1061 60.67 27.10 136.03
C ARG I 1061 60.01 25.90 136.67
N TYR I 1062 60.26 24.70 136.14
CA TYR I 1062 59.73 23.48 136.76
C TYR I 1062 60.37 23.22 138.12
N GLY I 1063 61.68 23.44 138.23
CA GLY I 1063 62.34 23.32 139.52
C GLY I 1063 61.89 24.38 140.51
N ARG I 1064 61.61 25.59 140.03
CA ARG I 1064 61.08 26.63 140.90
C ARG I 1064 59.67 26.30 141.37
N PHE I 1065 58.86 25.69 140.50
CA PHE I 1065 57.53 25.26 140.90
C PHE I 1065 57.58 24.11 141.90
N LEU I 1066 58.57 23.23 141.75
CA LEU I 1066 58.79 22.16 142.73
C LEU I 1066 59.22 22.73 144.07
N CYS I 1067 60.10 23.75 144.05
CA CYS I 1067 60.52 24.40 145.28
C CYS I 1067 59.36 25.15 145.94
N CYS I 1068 58.49 25.75 145.14
CA CYS I 1068 57.32 26.44 145.68
C CYS I 1068 56.32 25.46 146.28
N MET I 1069 56.14 24.29 145.64
CA MET I 1069 55.26 23.27 146.20
C MET I 1069 55.81 22.70 147.49
N LEU I 1070 57.14 22.50 147.55
CA LEU I 1070 57.77 22.02 148.78
C LEU I 1070 57.68 23.06 149.88
N GLU I 1071 57.81 24.34 149.54
CA GLU I 1071 57.70 25.41 150.53
C GLU I 1071 56.27 25.54 151.05
N THR I 1072 55.28 25.38 150.18
CA THR I 1072 53.89 25.43 150.62
C THR I 1072 53.54 24.22 151.47
N VAL I 1073 54.10 23.05 151.14
CA VAL I 1073 53.85 21.86 151.95
C VAL I 1073 54.54 21.96 153.29
N THR I 1074 55.69 22.63 153.36
CA THR I 1074 56.37 22.83 154.63
C THR I 1074 55.68 23.90 155.47
N ARG I 1075 55.10 24.91 154.84
CA ARG I 1075 54.40 25.95 155.58
C ARG I 1075 53.06 25.44 156.11
N TRP I 1076 52.34 24.65 155.32
CA TRP I 1076 51.09 24.08 155.80
C TRP I 1076 51.33 22.97 156.80
N HIS I 1077 52.48 22.29 156.72
CA HIS I 1077 52.79 21.21 157.63
C HIS I 1077 54.26 21.24 158.03
N GLN I 1110 59.02 26.52 172.42
CA GLN I 1110 58.95 27.61 171.46
C GLN I 1110 59.33 27.15 170.06
N LEU I 1111 58.93 25.91 169.73
CA LEU I 1111 59.28 25.35 168.43
C LEU I 1111 58.46 26.01 167.32
N ASP I 1112 57.19 26.33 167.59
CA ASP I 1112 56.34 26.94 166.58
C ASP I 1112 56.76 28.39 166.31
N TYR I 1113 57.13 29.12 167.36
CA TYR I 1113 57.61 30.49 167.18
C TYR I 1113 58.95 30.53 166.47
N GLU I 1114 59.83 29.57 166.78
CA GLU I 1114 61.11 29.48 166.08
C GLU I 1114 60.92 29.07 164.62
N ASN I 1115 59.92 28.21 164.34
CA ASN I 1115 59.65 27.83 162.96
C ASN I 1115 59.05 29.00 162.18
N PHE I 1116 58.21 29.81 162.82
CA PHE I 1116 57.67 30.99 162.15
C PHE I 1116 58.76 32.03 161.91
N ARG I 1117 59.68 32.19 162.87
CA ARG I 1117 60.80 33.10 162.68
C ARG I 1117 61.74 32.61 161.58
N HIS I 1118 61.93 31.29 161.48
CA HIS I 1118 62.73 30.72 160.41
C HIS I 1118 62.04 30.88 159.06
N VAL I 1119 60.72 30.79 159.03
CA VAL I 1119 59.97 31.01 157.78
C VAL I 1119 60.07 32.47 157.35
N VAL I 1120 60.02 33.39 158.31
CA VAL I 1120 60.17 34.80 157.99
C VAL I 1120 61.60 35.10 157.53
N HIS I 1121 62.59 34.43 158.13
CA HIS I 1121 63.98 34.60 157.70
C HIS I 1121 64.20 34.02 156.31
N LYS I 1122 63.52 32.91 156.00
CA LYS I 1122 63.61 32.33 154.67
C LYS I 1122 62.96 33.23 153.62
N TRP I 1123 61.84 33.86 153.97
CA TRP I 1123 61.20 34.81 153.07
C TRP I 1123 62.07 36.05 152.85
N HIS I 1124 62.73 36.51 153.91
CA HIS I 1124 63.63 37.66 153.79
C HIS I 1124 64.86 37.33 152.94
N TYR I 1125 65.41 36.12 153.12
CA TYR I 1125 66.55 35.70 152.32
C TYR I 1125 66.17 35.48 150.86
N LYS I 1126 64.95 34.98 150.62
CA LYS I 1126 64.47 34.82 149.25
C LYS I 1126 64.24 36.17 148.59
N LEU I 1127 63.76 37.15 149.36
CA LEU I 1127 63.58 38.50 148.81
C LEU I 1127 64.93 39.16 148.51
N THR I 1128 65.92 38.95 149.38
CA THR I 1128 67.26 39.48 149.12
C THR I 1128 67.90 38.81 147.92
N LYS I 1129 67.66 37.50 147.74
CA LYS I 1129 68.19 36.79 146.59
C LYS I 1129 67.51 37.25 145.31
N ALA I 1130 66.19 37.53 145.37
CA ALA I 1130 65.49 38.05 144.20
C ALA I 1130 65.96 39.45 143.85
N SER I 1131 66.27 40.27 144.86
CA SER I 1131 66.81 41.60 144.60
C SER I 1131 68.21 41.52 144.00
N VAL I 1132 69.02 40.57 144.46
CA VAL I 1132 70.37 40.40 143.91
C VAL I 1132 70.31 39.85 142.50
N HIS I 1133 69.31 39.01 142.20
CA HIS I 1133 69.16 38.48 140.85
C HIS I 1133 68.62 39.53 139.89
N CYS I 1134 67.74 40.42 140.39
CA CYS I 1134 67.27 41.52 139.56
C CYS I 1134 68.35 42.59 139.38
N LEU I 1135 69.29 42.67 140.33
CA LEU I 1135 70.38 43.62 140.19
C LEU I 1135 71.40 43.18 139.14
N GLU I 1136 71.48 41.88 138.84
CA GLU I 1136 72.43 41.37 137.86
C GLU I 1136 72.00 41.70 136.43
N TYR I 1140 69.57 36.17 134.17
CA TYR I 1140 69.25 36.64 135.52
C TYR I 1140 67.86 37.24 135.57
N THR I 1141 67.30 37.53 134.39
CA THR I 1141 65.99 38.16 134.32
C THR I 1141 64.88 37.13 134.24
N HIS I 1142 65.02 36.15 133.32
CA HIS I 1142 63.97 35.16 133.13
C HIS I 1142 63.86 34.21 134.32
N ILE I 1143 64.98 33.90 134.96
CA ILE I 1143 64.96 33.07 136.16
C ILE I 1143 64.26 33.81 137.30
N ARG I 1144 64.51 35.13 137.41
CA ARG I 1144 63.83 35.94 138.40
C ARG I 1144 62.33 36.05 138.11
N ASN I 1145 61.95 36.08 136.84
CA ASN I 1145 60.53 36.13 136.49
C ASN I 1145 59.84 34.81 136.77
N ILE I 1146 60.51 33.69 136.52
CA ILE I 1146 59.93 32.38 136.84
C ILE I 1146 59.82 32.20 138.34
N LEU I 1147 60.82 32.70 139.09
CA LEU I 1147 60.74 32.67 140.54
C LEU I 1147 59.65 33.59 141.06
N ILE I 1148 59.39 34.70 140.38
CA ILE I 1148 58.30 35.59 140.76
C ILE I 1148 56.96 34.94 140.51
N VAL I 1149 56.85 34.18 139.42
CA VAL I 1149 55.61 33.45 139.14
C VAL I 1149 55.38 32.35 140.16
N LEU I 1150 56.44 31.64 140.55
CA LEU I 1150 56.31 30.61 141.57
C LEU I 1150 56.00 31.20 142.94
N THR I 1151 56.55 32.38 143.25
CA THR I 1151 56.28 33.03 144.53
C THR I 1151 54.89 33.64 144.55
N LYS I 1152 54.36 34.03 143.40
CA LYS I 1152 52.96 34.45 143.34
C LYS I 1152 52.04 33.25 143.43
N ILE I 1153 52.49 32.08 142.99
CA ILE I 1153 51.69 30.87 143.12
C ILE I 1153 51.64 30.43 144.59
N LEU I 1154 52.79 30.18 145.20
CA LEU I 1154 52.84 29.65 146.56
C LEU I 1154 52.52 30.72 147.59
N PRO I 1155 53.31 31.81 147.66
CA PRO I 1155 53.09 32.88 148.65
C PRO I 1155 52.28 34.04 148.07
N VAL I 1160 54.26 41.26 155.75
CA VAL I 1160 54.16 41.40 154.30
C VAL I 1160 54.43 42.84 153.90
N LEU I 1161 54.72 43.68 154.89
CA LEU I 1161 55.00 45.10 154.61
C LEU I 1161 56.36 45.27 153.97
N ASN I 1162 57.38 44.62 154.53
CA ASN I 1162 58.70 44.61 153.89
C ASN I 1162 58.68 43.84 152.58
N LEU I 1163 57.85 42.79 152.50
CA LEU I 1163 57.66 42.09 151.23
C LEU I 1163 56.96 42.98 150.21
N GLY I 1164 56.01 43.81 150.66
CA GLY I 1164 55.38 44.76 149.76
C GLY I 1164 56.34 45.84 149.30
N GLN I 1165 57.24 46.28 150.17
CA GLN I 1165 58.25 47.26 149.77
C GLN I 1165 59.25 46.65 148.79
N ALA I 1166 59.61 45.38 148.98
CA ALA I 1166 60.47 44.69 148.03
C ALA I 1166 59.79 44.50 146.68
N LEU I 1167 58.48 44.20 146.69
CA LEU I 1167 57.73 44.08 145.45
C LEU I 1167 57.62 45.42 144.74
N GLU I 1168 57.47 46.51 145.50
CA GLU I 1168 57.41 47.84 144.89
C GLU I 1168 58.76 48.24 144.29
N ARG I 1169 59.86 47.89 144.98
CA ARG I 1169 61.19 48.17 144.43
C ARG I 1169 61.47 47.33 143.19
N ARG I 1170 60.99 46.08 143.18
CA ARG I 1170 61.15 45.23 142.00
C ARG I 1170 60.31 45.73 140.84
N VAL I 1171 59.11 46.25 141.12
CA VAL I 1171 58.26 46.81 140.07
C VAL I 1171 58.85 48.11 139.54
N HIS I 1172 59.50 48.90 140.40
CA HIS I 1172 60.17 50.11 139.95
C HIS I 1172 61.39 49.79 139.10
N LYS I 1173 62.12 48.72 139.46
CA LYS I 1173 63.25 48.30 138.64
C LYS I 1173 62.79 47.69 137.32
N ILE I 1174 61.63 47.05 137.31
CA ILE I 1174 61.09 46.49 136.07
C ILE I 1174 60.59 47.59 135.15
N CYS I 1175 59.95 48.62 135.72
CA CYS I 1175 59.53 49.77 134.93
C CYS I 1175 60.70 50.62 134.48
N GLN I 1176 61.82 50.57 135.21
CA GLN I 1176 63.01 51.30 134.79
C GLN I 1176 63.73 50.60 133.64
N GLU I 1177 63.42 49.32 133.39
CA GLU I 1177 64.03 48.59 132.29
C GLU I 1177 63.33 48.88 130.97
N PRO I 1183 59.13 44.14 125.86
CA PRO I 1183 60.04 43.00 125.75
C PRO I 1183 59.84 42.00 126.88
N ASP I 1184 60.91 41.30 127.25
CA ASP I 1184 60.85 40.36 128.38
C ASP I 1184 60.71 41.10 129.70
N LEU I 1185 61.29 42.30 129.79
CA LEU I 1185 61.07 43.14 130.97
C LEU I 1185 59.62 43.58 131.09
N TYR I 1186 58.95 43.77 129.96
CA TYR I 1186 57.52 44.11 129.98
C TYR I 1186 56.69 42.93 130.47
N ALA I 1187 57.04 41.71 130.07
CA ALA I 1187 56.32 40.54 130.56
C ALA I 1187 56.58 40.31 132.04
N LEU I 1188 57.82 40.57 132.48
CA LEU I 1188 58.13 40.46 133.91
C LEU I 1188 57.41 41.52 134.73
N ALA I 1189 57.28 42.74 134.17
CA ALA I 1189 56.53 43.78 134.86
C ALA I 1189 55.03 43.47 134.89
N MET I 1190 54.51 42.83 133.83
CA MET I 1190 53.11 42.42 133.83
C MET I 1190 52.86 41.33 134.86
N GLY I 1191 53.78 40.37 134.98
CA GLY I 1191 53.67 39.37 136.03
C GLY I 1191 53.78 39.95 137.42
N TYR I 1192 54.65 40.97 137.58
CA TYR I 1192 54.78 41.64 138.88
C TYR I 1192 53.53 42.43 139.22
N SER I 1193 52.90 43.05 138.23
CA SER I 1193 51.65 43.76 138.46
C SER I 1193 50.51 42.81 138.80
N GLY I 1194 50.47 41.65 138.13
CA GLY I 1194 49.49 40.63 138.46
C GLY I 1194 49.70 40.03 139.83
N GLN I 1195 50.96 39.96 140.28
CA GLN I 1195 51.23 39.49 141.64
C GLN I 1195 50.88 40.56 142.68
N LEU I 1196 51.16 41.83 142.37
CA LEU I 1196 50.82 42.91 143.29
C LEU I 1196 49.32 43.15 143.36
N LYS I 1197 48.57 42.75 142.33
CA LYS I 1197 47.11 42.85 142.40
C LYS I 1197 46.53 41.88 143.43
N SER I 1198 47.21 40.76 143.66
CA SER I 1198 46.77 39.81 144.66
C SER I 1198 47.05 40.31 146.08
N SER J 70 50.16 13.79 58.26
CA SER J 70 49.56 12.98 57.22
C SER J 70 48.07 12.80 57.46
N VAL J 71 47.73 12.03 58.50
CA VAL J 71 46.33 11.82 58.84
C VAL J 71 45.72 13.05 59.49
N SER J 72 46.55 13.93 60.06
CA SER J 72 46.05 15.12 60.72
C SER J 72 45.46 16.11 59.73
N SER J 73 46.15 16.33 58.61
CA SER J 73 45.68 17.29 57.61
C SER J 73 44.43 16.79 56.91
N GLY J 74 44.40 15.49 56.57
CA GLY J 74 43.21 14.91 55.95
C GLY J 74 42.04 14.87 56.92
N PRO J 75 42.32 14.64 58.21
CA PRO J 75 41.27 14.67 59.22
C PRO J 75 40.71 16.08 59.40
N SER J 76 41.57 17.09 59.36
CA SER J 76 41.10 18.47 59.47
C SER J 76 40.31 18.89 58.23
N ARG J 77 40.73 18.41 57.06
CA ARG J 77 39.99 18.73 55.83
C ARG J 77 38.62 18.07 55.82
N TYR J 78 38.55 16.80 56.22
CA TYR J 78 37.25 16.13 56.32
C TYR J 78 36.40 16.73 57.42
N VAL J 79 37.03 17.24 58.49
CA VAL J 79 36.32 17.90 59.56
C VAL J 79 35.67 19.19 59.07
N LEU J 80 36.43 20.00 58.32
CA LEU J 80 35.89 21.24 57.77
C LEU J 80 34.79 20.96 56.75
N GLY J 81 34.96 19.91 55.94
CA GLY J 81 33.96 19.58 54.91
C GLY J 81 32.67 19.09 55.54
N MET J 82 32.76 18.20 56.53
CA MET J 82 31.55 17.67 57.15
C MET J 82 30.92 18.68 58.09
N GLN J 83 31.70 19.63 58.62
CA GLN J 83 31.12 20.70 59.43
C GLN J 83 30.42 21.72 58.56
N GLU J 84 30.92 21.93 57.33
CA GLU J 84 30.18 22.73 56.37
C GLU J 84 28.94 22.00 55.90
N LEU J 85 29.00 20.67 55.87
CA LEU J 85 27.80 19.89 55.55
C LEU J 85 26.80 19.93 56.70
N PHE J 86 27.29 20.03 57.94
CA PHE J 86 26.42 20.09 59.11
C PHE J 86 25.79 21.47 59.25
N THR J 92 22.68 17.83 63.26
CA THR J 92 21.43 18.45 63.69
C THR J 92 21.41 18.67 65.19
N ARG J 93 20.23 18.98 65.72
CA ARG J 93 20.08 19.30 67.14
C ARG J 93 18.64 18.99 67.53
N GLU J 94 18.45 17.85 68.21
CA GLU J 94 17.15 17.51 68.79
C GLU J 94 17.08 18.09 70.20
N PHE J 95 16.82 19.39 70.25
CA PHE J 95 16.77 20.10 71.51
C PHE J 95 15.54 19.71 72.30
N LEU J 96 15.78 19.11 73.48
CA LEU J 96 14.75 18.65 74.42
C LEU J 96 13.80 17.66 73.74
N ALA J 97 14.36 16.56 73.23
CA ALA J 97 13.53 15.52 72.65
C ALA J 97 12.75 14.78 73.74
N HIS J 98 13.43 14.43 74.82
CA HIS J 98 12.78 13.99 76.04
C HIS J 98 12.42 15.21 76.87
N SER J 99 11.59 14.99 77.90
CA SER J 99 11.16 16.10 78.74
C SER J 99 12.18 16.41 79.82
N ALA J 100 13.16 15.54 80.03
CA ALA J 100 14.08 15.70 81.15
C ALA J 100 15.53 15.45 80.77
N LYS J 101 16.38 15.30 81.78
CA LYS J 101 17.81 15.09 81.59
C LYS J 101 18.11 13.76 80.92
N VAL J 102 18.70 13.83 79.73
CA VAL J 102 19.06 12.64 78.97
C VAL J 102 20.33 12.05 79.56
N HIS J 103 20.28 10.79 79.97
CA HIS J 103 21.41 10.19 80.68
C HIS J 103 22.45 9.57 79.75
N SER J 104 22.01 8.94 78.66
CA SER J 104 22.93 8.24 77.78
C SER J 104 22.35 8.15 76.39
N VAL J 105 23.22 7.93 75.41
CA VAL J 105 22.83 7.62 74.05
C VAL J 105 23.76 6.52 73.55
N ALA J 106 23.23 5.60 72.74
CA ALA J 106 24.00 4.51 72.17
C ALA J 106 23.64 4.40 70.70
N TRP J 107 24.59 3.96 69.89
CA TRP J 107 24.41 3.96 68.44
C TRP J 107 25.25 2.87 67.80
N SER J 108 24.56 1.85 67.30
CA SER J 108 25.12 0.65 66.69
C SER J 108 24.24 0.39 65.47
N CYS J 109 24.20 -0.88 64.99
CA CYS J 109 23.44 -1.28 63.81
C CYS J 109 23.99 -0.57 62.57
N ASP J 110 25.05 -1.15 61.97
CA ASP J 110 26.05 -0.54 61.08
C ASP J 110 25.51 0.48 60.07
N GLY J 111 24.22 0.47 59.76
CA GLY J 111 23.57 1.60 59.11
C GLY J 111 23.35 2.72 60.11
N ARG J 112 22.12 3.21 60.20
CA ARG J 112 21.83 4.32 61.12
C ARG J 112 20.55 4.07 61.89
N ARG J 113 20.67 3.64 63.15
CA ARG J 113 19.56 3.51 64.08
C ARG J 113 20.03 3.93 65.47
N LEU J 114 19.47 5.01 66.01
CA LEU J 114 19.88 5.54 67.29
C LEU J 114 18.80 5.28 68.34
N ALA J 115 19.18 5.36 69.61
CA ALA J 115 18.23 5.37 70.71
C ALA J 115 18.85 6.06 71.91
N SER J 116 18.00 6.65 72.74
CA SER J 116 18.45 7.44 73.88
C SER J 116 17.48 7.28 75.05
N GLY J 117 18.02 7.39 76.26
CA GLY J 117 17.24 7.28 77.48
C GLY J 117 17.47 8.47 78.39
N SER J 118 16.47 8.77 79.21
CA SER J 118 16.48 10.03 79.95
C SER J 118 15.91 9.83 81.36
N PHE J 119 15.80 10.95 82.07
CA PHE J 119 15.32 10.96 83.44
C PHE J 119 13.81 10.77 83.51
N ASP J 120 13.10 11.06 82.43
CA ASP J 120 11.64 11.09 82.44
C ASP J 120 11.02 9.74 82.10
N LYS J 121 11.70 8.63 82.42
CA LYS J 121 11.34 7.22 82.19
C LYS J 121 10.86 6.94 80.76
N THR J 122 11.38 7.67 79.78
CA THR J 122 11.09 7.46 78.37
C THR J 122 12.32 6.94 77.64
N ALA J 123 12.08 6.19 76.58
CA ALA J 123 13.13 5.80 75.65
C ALA J 123 12.74 6.27 74.26
N SER J 124 13.72 6.69 73.48
CA SER J 124 13.42 7.22 72.15
C SER J 124 14.32 6.56 71.11
N VAL J 125 13.71 6.12 70.02
CA VAL J 125 14.41 5.43 68.94
C VAL J 125 14.28 6.28 67.68
N PHE J 126 15.42 6.63 67.09
CA PHE J 126 15.52 7.50 65.93
C PHE J 126 16.09 6.75 64.74
N LEU J 127 15.69 7.21 63.56
CA LEU J 127 16.28 6.79 62.29
C LEU J 127 17.04 7.97 61.71
N LEU J 128 18.17 7.69 61.07
CA LEU J 128 18.94 8.72 60.38
C LEU J 128 19.02 8.38 58.90
N GLU J 129 18.24 9.09 58.10
CA GLU J 129 18.31 9.10 56.66
C GLU J 129 19.29 10.18 56.24
N LYS J 130 19.11 10.71 55.03
CA LYS J 130 19.67 11.99 54.54
C LYS J 130 19.61 12.99 55.70
N ASP J 131 20.71 13.67 56.01
CA ASP J 131 21.12 13.95 57.38
C ASP J 131 20.24 14.98 58.09
N ARG J 132 18.98 14.59 58.34
CA ARG J 132 18.07 15.26 59.26
C ARG J 132 17.36 14.19 60.05
N LEU J 133 17.40 14.29 61.38
CA LEU J 133 16.89 13.23 62.24
C LEU J 133 15.37 13.13 62.20
N VAL J 134 14.88 11.91 62.09
CA VAL J 134 13.46 11.61 62.17
C VAL J 134 13.23 10.69 63.36
N LYS J 135 11.98 10.63 63.80
CA LYS J 135 11.61 9.86 64.99
C LYS J 135 10.91 8.57 64.57
N GLU J 136 11.35 7.45 65.14
CA GLU J 136 10.68 6.18 64.94
C GLU J 136 9.78 5.82 66.12
N ASN J 137 10.35 5.75 67.32
CA ASN J 137 9.63 5.17 68.45
C ASN J 137 9.86 5.99 69.73
N ASN J 138 8.88 5.89 70.62
CA ASN J 138 8.96 6.47 71.96
C ASN J 138 8.34 5.47 72.92
N TYR J 139 9.17 4.77 73.68
CA TYR J 139 8.74 3.68 74.54
C TYR J 139 8.57 4.16 75.97
N ARG J 140 7.44 3.76 76.57
CA ARG J 140 7.11 3.93 77.97
C ARG J 140 7.13 2.57 78.66
N GLY J 141 6.74 2.55 79.93
CA GLY J 141 6.62 1.32 80.71
C GLY J 141 7.57 1.26 81.88
N HIS J 142 8.53 2.19 81.95
CA HIS J 142 9.47 2.22 83.06
C HIS J 142 8.81 2.75 84.31
N GLY J 143 9.45 2.53 85.45
CA GLY J 143 9.03 3.11 86.71
C GLY J 143 9.99 4.12 87.29
N ASP J 144 11.16 4.29 86.69
CA ASP J 144 12.17 5.21 87.21
C ASP J 144 13.01 5.66 86.02
N SER J 145 14.01 6.50 86.29
CA SER J 145 14.83 7.10 85.25
C SER J 145 15.70 6.06 84.55
N VAL J 146 15.91 6.28 83.25
CA VAL J 146 16.75 5.40 82.45
C VAL J 146 18.20 5.73 82.75
N ASP J 147 18.96 4.75 83.22
CA ASP J 147 20.33 4.98 83.66
C ASP J 147 21.35 4.63 82.58
N GLN J 148 21.09 3.58 81.79
CA GLN J 148 22.05 3.14 80.80
C GLN J 148 21.29 2.51 79.64
N LEU J 149 21.72 2.86 78.42
CA LEU J 149 21.11 2.33 77.21
C LEU J 149 22.21 1.80 76.29
N CYS J 150 21.91 0.70 75.60
CA CYS J 150 22.89 0.04 74.76
C CYS J 150 22.21 -0.81 73.70
N TRP J 151 22.59 -0.58 72.45
CA TRP J 151 22.17 -1.38 71.30
C TRP J 151 22.97 -2.67 71.24
N HIS J 152 22.32 -3.72 70.75
CA HIS J 152 23.00 -5.01 70.67
C HIS J 152 23.97 -5.03 69.49
N PRO J 153 25.20 -5.51 69.69
CA PRO J 153 26.19 -5.45 68.60
C PRO J 153 26.07 -6.55 67.55
N SER J 154 25.72 -7.78 67.93
CA SER J 154 25.85 -8.93 67.05
C SER J 154 24.54 -9.41 66.47
N ASN J 155 23.52 -9.58 67.32
CA ASN J 155 22.20 -9.99 66.89
C ASN J 155 21.54 -8.88 66.06
N PRO J 156 20.46 -9.20 65.34
CA PRO J 156 19.63 -8.15 64.76
C PRO J 156 19.01 -7.24 65.82
N ASP J 157 18.44 -6.13 65.33
CA ASP J 157 18.29 -4.90 66.08
C ASP J 157 17.41 -5.03 67.32
N LEU J 158 18.06 -5.01 68.49
CA LEU J 158 17.42 -5.10 69.79
C LEU J 158 18.25 -4.28 70.76
N PHE J 159 17.65 -3.96 71.91
CA PHE J 159 18.38 -3.21 72.91
C PHE J 159 17.85 -3.54 74.30
N VAL J 160 18.61 -3.13 75.31
CA VAL J 160 18.29 -3.38 76.71
C VAL J 160 18.39 -2.07 77.45
N THR J 161 17.37 -1.76 78.24
CA THR J 161 17.32 -0.54 79.04
C THR J 161 17.45 -0.87 80.51
N ALA J 162 18.23 -0.04 81.20
CA ALA J 162 18.46 -0.13 82.63
C ALA J 162 17.74 1.02 83.32
N SER J 163 17.12 0.73 84.46
CA SER J 163 16.39 1.76 85.19
C SER J 163 16.44 1.45 86.69
N GLY J 164 16.21 2.49 87.49
CA GLY J 164 16.21 2.37 88.93
C GLY J 164 14.94 1.85 89.56
N ASP J 165 14.02 1.32 88.75
CA ASP J 165 12.76 0.77 89.24
C ASP J 165 12.85 -0.71 89.58
N LYS J 166 14.05 -1.18 89.96
CA LYS J 166 14.43 -2.55 90.34
C LYS J 166 14.40 -3.53 89.18
N THR J 167 14.07 -3.09 87.96
CA THR J 167 13.90 -3.99 86.83
C THR J 167 14.80 -3.57 85.67
N ILE J 168 15.14 -4.55 84.84
CA ILE J 168 15.84 -4.34 83.58
C ILE J 168 14.88 -4.77 82.47
N ARG J 169 14.94 -4.09 81.32
CA ARG J 169 13.96 -4.33 80.27
C ARG J 169 14.65 -4.56 78.94
N ILE J 170 14.56 -5.78 78.44
CA ILE J 170 15.04 -6.13 77.10
C ILE J 170 13.88 -5.90 76.15
N TRP J 171 14.10 -5.06 75.12
CA TRP J 171 13.05 -4.55 74.26
C TRP J 171 13.13 -5.15 72.87
N ASP J 172 12.01 -5.11 72.16
CA ASP J 172 11.96 -5.48 70.75
C ASP J 172 11.82 -4.20 69.93
N VAL J 173 12.63 -4.08 68.88
CA VAL J 173 12.50 -2.95 67.97
C VAL J 173 11.43 -3.24 66.93
N ARG J 174 11.34 -4.49 66.47
CA ARG J 174 10.46 -4.82 65.34
C ARG J 174 8.99 -4.81 65.75
N THR J 175 8.65 -5.45 66.87
CA THR J 175 7.27 -5.52 67.30
C THR J 175 6.89 -4.44 68.31
N THR J 176 7.85 -3.61 68.71
CA THR J 176 7.69 -2.47 69.63
C THR J 176 7.05 -2.90 70.96
N LYS J 177 7.67 -3.91 71.57
CA LYS J 177 7.23 -4.40 72.87
C LYS J 177 8.45 -4.78 73.70
N CYS J 178 8.21 -4.98 74.99
CA CYS J 178 9.25 -5.45 75.89
C CYS J 178 9.37 -6.96 75.78
N ILE J 179 10.54 -7.44 75.39
CA ILE J 179 10.76 -8.89 75.33
C ILE J 179 10.80 -9.48 76.73
N ALA J 180 11.59 -8.87 77.61
CA ALA J 180 11.70 -9.43 78.95
C ALA J 180 11.89 -8.32 79.96
N THR J 181 11.01 -8.28 80.95
CA THR J 181 11.16 -7.38 82.09
C THR J 181 11.60 -8.22 83.28
N VAL J 182 12.88 -8.14 83.60
CA VAL J 182 13.48 -9.00 84.61
C VAL J 182 13.73 -8.20 85.87
N ASN J 183 13.10 -8.60 86.96
CA ASN J 183 13.33 -8.00 88.26
C ASN J 183 14.65 -8.51 88.81
N THR J 184 15.69 -7.68 88.75
CA THR J 184 16.97 -8.06 89.32
C THR J 184 17.16 -7.55 90.74
N LYS J 185 17.25 -6.23 90.90
CA LYS J 185 17.39 -5.45 92.13
C LYS J 185 17.34 -3.98 91.72
N GLY J 186 17.25 -3.07 92.69
CA GLY J 186 17.39 -1.65 92.42
C GLY J 186 18.81 -1.20 92.13
N GLU J 187 19.74 -2.15 92.10
CA GLU J 187 21.15 -1.91 91.81
C GLU J 187 21.44 -1.66 90.33
N ASN J 188 20.42 -1.55 89.49
CA ASN J 188 20.59 -1.50 88.04
C ASN J 188 21.18 -0.14 87.66
N ILE J 189 22.47 -0.12 87.31
CA ILE J 189 23.16 1.14 87.00
C ILE J 189 23.71 1.14 85.57
N ASN J 190 24.65 0.25 85.27
CA ASN J 190 25.33 0.24 83.98
C ASN J 190 25.37 -1.16 83.40
N ILE J 191 24.96 -1.30 82.15
CA ILE J 191 24.76 -2.59 81.51
C ILE J 191 25.57 -2.68 80.23
N CYS J 192 25.99 -3.90 79.89
CA CYS J 192 26.85 -4.13 78.73
C CYS J 192 26.76 -5.58 78.32
N TRP J 193 27.26 -5.89 77.11
CA TRP J 193 27.32 -7.25 76.60
C TRP J 193 28.75 -7.75 76.50
N SER J 194 28.89 -9.06 76.64
CA SER J 194 30.02 -9.76 76.06
C SER J 194 29.93 -9.65 74.54
N PRO J 195 31.07 -9.62 73.84
CA PRO J 195 31.03 -9.38 72.39
C PRO J 195 30.42 -10.49 71.56
N ASP J 196 30.17 -11.67 72.15
CA ASP J 196 29.37 -12.67 71.46
C ASP J 196 27.89 -12.31 71.47
N GLY J 197 27.50 -11.40 72.35
CA GLY J 197 26.11 -11.04 72.50
C GLY J 197 25.28 -12.01 73.31
N GLN J 198 25.91 -12.96 73.98
CA GLN J 198 25.18 -14.01 74.68
C GLN J 198 24.72 -13.56 76.06
N THR J 199 25.57 -12.84 76.79
CA THR J 199 25.28 -12.48 78.17
C THR J 199 25.30 -10.97 78.34
N ILE J 200 24.70 -10.52 79.44
CA ILE J 200 24.62 -9.11 79.81
C ILE J 200 25.19 -8.98 81.22
N ALA J 201 26.15 -8.10 81.38
CA ALA J 201 26.70 -7.74 82.68
C ALA J 201 26.07 -6.45 83.16
N VAL J 202 25.73 -6.40 84.45
CA VAL J 202 25.20 -5.20 85.07
C VAL J 202 25.92 -4.94 86.39
N GLY J 203 26.40 -3.70 86.56
CA GLY J 203 27.06 -3.28 87.77
C GLY J 203 26.20 -2.34 88.59
N ASN J 204 26.76 -1.89 89.71
CA ASN J 204 25.95 -1.18 90.70
C ASN J 204 26.79 -0.19 91.49
N LYS J 205 26.26 0.23 92.63
CA LYS J 205 27.00 0.96 93.65
C LYS J 205 27.53 0.05 94.75
N ASP J 206 26.95 -1.13 94.91
CA ASP J 206 27.27 -2.03 96.02
C ASP J 206 28.09 -3.23 95.56
N ASP J 207 28.87 -3.05 94.48
CA ASP J 207 29.95 -3.93 94.04
C ASP J 207 29.47 -5.28 93.50
N VAL J 208 28.17 -5.55 93.53
CA VAL J 208 27.62 -6.82 93.06
C VAL J 208 27.35 -6.71 91.57
N VAL J 209 28.11 -7.44 90.79
CA VAL J 209 28.00 -7.47 89.34
C VAL J 209 27.26 -8.74 88.96
N THR J 210 26.19 -8.60 88.19
CA THR J 210 25.33 -9.72 87.85
C THR J 210 25.43 -10.02 86.36
N PHE J 211 25.65 -11.29 86.04
CA PHE J 211 25.72 -11.81 84.68
C PHE J 211 24.43 -12.55 84.39
N ILE J 212 23.67 -12.06 83.41
CA ILE J 212 22.37 -12.61 83.04
C ILE J 212 22.42 -12.97 81.57
N ASP J 213 22.02 -14.19 81.23
CA ASP J 213 22.04 -14.60 79.83
C ASP J 213 20.96 -13.85 79.06
N ALA J 214 21.34 -13.29 77.91
CA ALA J 214 20.39 -12.50 77.12
C ALA J 214 19.39 -13.38 76.38
N LYS J 215 19.73 -14.64 76.16
CA LYS J 215 18.83 -15.53 75.41
C LYS J 215 17.99 -16.38 76.37
N THR J 216 18.60 -16.86 77.46
CA THR J 216 17.87 -17.63 78.45
C THR J 216 16.95 -16.76 79.27
N HIS J 217 17.27 -15.45 79.37
CA HIS J 217 16.59 -14.46 80.19
C HIS J 217 16.58 -14.87 81.66
N ARG J 218 17.67 -15.49 82.11
CA ARG J 218 17.80 -15.99 83.46
C ARG J 218 19.13 -15.54 84.03
N SER J 219 19.14 -15.17 85.31
CA SER J 219 20.37 -14.76 85.97
C SER J 219 21.31 -15.94 86.12
N LYS J 220 22.59 -15.70 85.80
CA LYS J 220 23.58 -16.77 85.78
C LYS J 220 24.64 -16.62 86.85
N ALA J 221 25.16 -15.41 87.08
CA ALA J 221 26.28 -15.26 88.00
C ALA J 221 26.13 -13.98 88.81
N GLU J 222 26.68 -14.00 90.02
CA GLU J 222 26.71 -12.83 90.89
C GLU J 222 28.09 -12.75 91.53
N GLU J 223 28.81 -11.65 91.29
CA GLU J 223 30.14 -11.43 91.81
C GLU J 223 30.12 -10.20 92.71
N GLN J 224 31.13 -10.07 93.55
CA GLN J 224 31.25 -8.91 94.43
C GLN J 224 32.70 -8.49 94.52
N PHE J 225 32.99 -7.24 94.12
CA PHE J 225 34.36 -6.72 94.17
C PHE J 225 34.74 -6.18 95.54
N LYS J 226 33.75 -5.77 96.34
CA LYS J 226 33.83 -5.38 97.74
C LYS J 226 34.57 -4.07 98.01
N PHE J 227 35.05 -3.36 97.00
CA PHE J 227 35.66 -2.05 97.25
C PHE J 227 34.91 -0.90 96.59
N GLU J 228 34.78 -0.90 95.26
CA GLU J 228 34.14 0.17 94.49
C GLU J 228 34.06 -0.27 93.03
N VAL J 229 33.00 0.14 92.35
CA VAL J 229 32.87 -0.11 90.92
C VAL J 229 32.18 1.09 90.28
N ASN J 230 32.67 1.49 89.10
CA ASN J 230 32.11 2.61 88.36
C ASN J 230 31.72 2.23 86.93
N GLU J 231 32.51 1.38 86.28
CA GLU J 231 32.25 1.00 84.89
C GLU J 231 32.90 -0.34 84.63
N ILE J 232 32.16 -1.23 83.96
CA ILE J 232 32.63 -2.56 83.62
C ILE J 232 32.59 -2.72 82.10
N SER J 233 33.43 -3.61 81.59
CA SER J 233 33.50 -3.82 80.15
C SER J 233 34.01 -5.23 79.85
N TRP J 234 33.95 -5.56 78.56
CA TRP J 234 34.24 -6.91 78.06
C TRP J 234 35.31 -6.84 76.98
N ASN J 235 36.35 -7.65 77.12
CA ASN J 235 37.35 -7.79 76.08
C ASN J 235 36.77 -8.52 74.88
N ASN J 236 37.32 -8.21 73.70
CA ASN J 236 36.77 -8.68 72.42
C ASN J 236 36.89 -10.19 72.23
N ASP J 237 37.77 -10.85 72.97
CA ASP J 237 37.90 -12.30 72.88
C ASP J 237 36.84 -13.05 73.69
N ASN J 238 36.00 -12.31 74.43
CA ASN J 238 35.01 -12.85 75.39
C ASN J 238 35.70 -13.77 76.41
N ASN J 239 36.86 -13.35 76.88
CA ASN J 239 37.62 -14.09 77.87
C ASN J 239 38.00 -13.23 79.07
N MET J 240 38.32 -11.96 78.84
CA MET J 240 38.67 -11.05 79.92
C MET J 240 37.54 -10.09 80.20
N PHE J 241 37.37 -9.76 81.47
CA PHE J 241 36.31 -8.87 81.93
C PHE J 241 36.96 -7.80 82.79
N PHE J 242 36.77 -6.54 82.42
CA PHE J 242 37.50 -5.44 83.04
C PHE J 242 36.56 -4.62 83.91
N LEU J 243 37.08 -4.14 85.03
CA LEU J 243 36.32 -3.24 85.88
C LEU J 243 37.26 -2.25 86.54
N THR J 244 36.69 -1.25 87.19
CA THR J 244 37.45 -0.20 87.85
C THR J 244 37.00 -0.03 89.30
N ASN J 245 37.65 0.89 90.00
CA ASN J 245 37.29 1.17 91.39
C ASN J 245 37.57 2.61 91.80
N GLY J 246 37.59 2.86 93.11
CA GLY J 246 37.82 4.15 93.70
C GLY J 246 39.26 4.47 94.02
N ASN J 247 40.17 3.53 93.77
CA ASN J 247 41.59 3.75 94.00
C ASN J 247 42.34 3.98 92.69
N GLY J 248 41.61 4.08 91.58
CA GLY J 248 42.25 4.18 90.27
C GLY J 248 42.78 2.88 89.72
N CYS J 249 42.54 1.77 90.42
CA CYS J 249 42.97 0.48 89.95
C CYS J 249 42.01 -0.02 88.87
N ILE J 250 42.51 -0.94 88.05
CA ILE J 250 41.68 -1.67 87.10
C ILE J 250 41.85 -3.16 87.40
N ASN J 251 40.73 -3.86 87.51
CA ASN J 251 40.72 -5.29 87.77
C ASN J 251 40.38 -6.03 86.50
N ILE J 252 41.04 -7.17 86.32
CA ILE J 252 40.95 -8.01 85.13
C ILE J 252 40.59 -9.40 85.62
N LEU J 253 39.48 -9.93 85.12
CA LEU J 253 38.96 -11.23 85.51
C LEU J 253 38.87 -12.14 84.29
N SER J 254 38.98 -13.44 84.53
CA SER J 254 38.73 -14.45 83.50
C SER J 254 37.26 -14.85 83.57
N TYR J 255 36.53 -14.64 82.48
CA TYR J 255 35.09 -14.87 82.51
C TYR J 255 34.67 -16.33 82.66
N PRO J 256 35.23 -17.31 81.93
CA PRO J 256 34.85 -18.70 82.24
C PRO J 256 35.40 -19.21 83.57
N GLU J 257 36.37 -18.52 84.17
CA GLU J 257 36.87 -18.89 85.48
C GLU J 257 36.18 -18.14 86.61
N LEU J 258 35.69 -16.93 86.32
CA LEU J 258 35.07 -16.02 87.31
C LEU J 258 36.02 -15.72 88.47
N LYS J 259 37.30 -15.58 88.16
CA LYS J 259 38.32 -15.34 89.17
C LYS J 259 39.04 -14.02 88.88
N PRO J 260 39.37 -13.26 89.92
CA PRO J 260 40.18 -12.04 89.72
C PRO J 260 41.61 -12.39 89.34
N VAL J 261 41.98 -12.05 88.12
CA VAL J 261 43.28 -12.43 87.57
C VAL J 261 44.35 -11.39 87.89
N GLN J 262 44.08 -10.11 87.60
CA GLN J 262 45.14 -9.13 87.73
C GLN J 262 44.55 -7.79 88.15
N SER J 263 45.34 -6.99 88.87
CA SER J 263 44.91 -5.67 89.31
C SER J 263 46.05 -4.68 89.12
N ILE J 264 45.79 -3.59 88.41
CA ILE J 264 46.78 -2.58 88.10
C ILE J 264 46.43 -1.30 88.86
N ASN J 265 47.41 -0.73 89.56
CA ASN J 265 47.18 0.34 90.52
C ASN J 265 47.24 1.72 89.89
N ALA J 266 46.95 1.85 88.60
CA ALA J 266 47.41 2.92 87.72
C ALA J 266 47.12 4.35 88.15
N HIS J 267 45.86 4.73 88.18
CA HIS J 267 45.62 6.14 88.37
C HIS J 267 45.54 6.50 89.86
N PRO J 268 45.94 7.72 90.23
CA PRO J 268 45.78 8.13 91.64
C PRO J 268 44.33 8.36 92.03
N SER J 269 43.56 9.06 91.19
CA SER J 269 42.14 9.22 91.40
C SER J 269 41.38 8.12 90.69
N ASN J 270 40.10 8.00 91.00
CA ASN J 270 39.29 6.92 90.46
C ASN J 270 39.02 7.08 88.96
N CYS J 271 38.85 5.96 88.28
CA CYS J 271 38.54 5.95 86.86
C CYS J 271 37.04 5.89 86.66
N ILE J 272 36.52 6.72 85.77
CA ILE J 272 35.10 6.87 85.57
C ILE J 272 34.62 5.99 84.43
N CYS J 273 35.17 6.18 83.24
CA CYS J 273 34.67 5.52 82.04
C CYS J 273 35.80 4.81 81.30
N ILE J 274 35.49 3.61 80.80
CA ILE J 274 36.39 2.84 79.96
C ILE J 274 35.62 2.38 78.74
N LYS J 275 36.34 2.13 77.64
CA LYS J 275 35.71 1.70 76.39
C LYS J 275 36.76 1.09 75.48
N PHE J 276 36.39 0.02 74.78
CA PHE J 276 37.22 -0.59 73.76
C PHE J 276 37.01 0.03 72.40
N ASP J 277 37.82 -0.41 71.45
CA ASP J 277 37.80 -0.04 70.05
C ASP J 277 37.27 -1.18 69.19
N PRO J 278 36.73 -0.87 68.00
CA PRO J 278 36.39 -1.94 67.05
C PRO J 278 37.59 -2.66 66.48
N MET J 279 38.77 -2.07 66.55
CA MET J 279 39.99 -2.71 66.03
C MET J 279 40.63 -3.65 67.04
N GLY J 280 40.34 -3.50 68.33
CA GLY J 280 40.92 -4.38 69.32
C GLY J 280 42.37 -4.10 69.65
N LYS J 281 42.90 -2.97 69.20
CA LYS J 281 44.33 -2.66 69.38
C LYS J 281 44.61 -1.89 70.65
N TYR J 282 43.74 -0.96 71.05
CA TYR J 282 44.01 -0.07 72.16
C TYR J 282 42.80 -0.04 73.09
N PHE J 283 42.99 0.60 74.25
CA PHE J 283 41.96 0.62 75.30
C PHE J 283 42.24 1.79 76.22
N ALA J 284 41.30 2.73 76.33
CA ALA J 284 41.52 3.94 77.11
C ALA J 284 40.73 3.91 78.40
N THR J 285 41.36 4.38 79.47
CA THR J 285 40.72 4.55 80.77
C THR J 285 40.77 6.03 81.12
N GLY J 286 39.60 6.61 81.42
CA GLY J 286 39.55 8.01 81.76
C GLY J 286 39.35 8.21 83.25
N SER J 287 40.34 8.80 83.92
CA SER J 287 40.31 8.97 85.36
C SER J 287 39.74 10.34 85.71
N ALA J 288 39.66 10.61 87.01
CA ALA J 288 39.18 11.89 87.50
C ALA J 288 40.29 12.94 87.57
N ASP J 289 41.52 12.59 87.23
CA ASP J 289 42.63 13.53 87.21
C ASP J 289 42.80 14.17 85.84
N ALA J 290 41.72 14.21 85.04
CA ALA J 290 41.67 14.77 83.68
C ALA J 290 42.69 14.14 82.75
N LEU J 291 42.96 12.84 82.92
CA LEU J 291 43.94 12.13 82.13
C LEU J 291 43.31 10.89 81.53
N VAL J 292 43.24 10.85 80.20
CA VAL J 292 42.76 9.69 79.48
C VAL J 292 43.98 8.88 79.11
N SER J 293 44.18 7.76 79.79
CA SER J 293 45.35 6.90 79.57
C SER J 293 44.99 5.82 78.56
N LEU J 294 45.63 5.88 77.40
CA LEU J 294 45.44 4.91 76.33
C LEU J 294 46.48 3.81 76.47
N TRP J 295 46.01 2.56 76.55
CA TRP J 295 46.85 1.40 76.79
C TRP J 295 46.74 0.43 75.62
N ASP J 296 47.67 -0.53 75.60
CA ASP J 296 47.62 -1.61 74.65
C ASP J 296 46.74 -2.74 75.20
N VAL J 297 46.05 -3.42 74.29
CA VAL J 297 45.15 -4.50 74.69
C VAL J 297 45.94 -5.77 75.00
N ASP J 298 46.79 -6.20 74.07
CA ASP J 298 47.46 -7.48 74.20
C ASP J 298 48.57 -7.45 75.25
N GLU J 299 49.46 -6.47 75.15
CA GLU J 299 50.59 -6.41 76.08
C GLU J 299 50.19 -5.87 77.45
N LEU J 300 49.04 -5.21 77.55
CA LEU J 300 48.54 -4.57 78.78
C LEU J 300 49.55 -3.57 79.34
N VAL J 301 50.14 -2.79 78.44
CA VAL J 301 51.09 -1.75 78.84
C VAL J 301 50.49 -0.39 78.52
N CYS J 302 50.98 0.61 79.23
CA CYS J 302 50.43 1.97 79.14
C CYS J 302 51.10 2.69 77.98
N VAL J 303 50.36 2.88 76.89
CA VAL J 303 50.95 3.45 75.69
C VAL J 303 51.18 4.95 75.84
N ARG J 304 50.10 5.70 76.07
CA ARG J 304 50.20 7.16 76.13
C ARG J 304 49.07 7.70 76.98
N CYS J 305 48.99 9.02 77.10
CA CYS J 305 47.87 9.66 77.77
C CYS J 305 47.47 10.89 76.98
N PHE J 306 46.39 11.52 77.43
CA PHE J 306 45.85 12.71 76.77
C PHE J 306 45.59 13.79 77.83
N SER J 307 46.52 14.74 77.93
CA SER J 307 46.41 15.83 78.90
C SER J 307 45.82 17.06 78.23
N ARG J 308 44.55 16.95 77.87
CA ARG J 308 43.85 18.03 77.20
C ARG J 308 42.76 18.68 78.04
N LEU J 309 42.26 18.00 79.06
CA LEU J 309 41.10 18.46 79.81
C LEU J 309 41.53 19.12 81.11
N ASP J 310 40.57 19.81 81.74
CA ASP J 310 40.79 20.47 83.01
C ASP J 310 39.83 20.04 84.10
N TRP J 311 39.05 18.99 83.86
CA TRP J 311 38.02 18.49 84.76
C TRP J 311 37.92 16.97 84.56
N PRO J 312 37.29 16.24 85.49
CA PRO J 312 37.16 14.78 85.29
C PRO J 312 36.35 14.41 84.06
N VAL J 313 36.83 13.40 83.36
CA VAL J 313 36.26 13.01 82.07
C VAL J 313 34.97 12.24 82.30
N ARG J 314 33.89 12.67 81.63
CA ARG J 314 32.60 12.05 81.80
C ARG J 314 32.39 10.87 80.86
N THR J 315 32.87 10.96 79.62
CA THR J 315 32.62 9.92 78.64
C THR J 315 33.82 9.75 77.73
N LEU J 316 33.94 8.54 77.18
CA LEU J 316 34.96 8.21 76.19
C LEU J 316 34.30 7.47 75.04
N SER J 317 34.82 7.70 73.84
CA SER J 317 34.26 7.04 72.66
C SER J 317 35.36 6.95 71.59
N PHE J 318 35.29 5.89 70.80
CA PHE J 318 36.29 5.61 69.79
C PHE J 318 35.69 5.63 68.39
N SER J 319 36.48 6.14 67.44
CA SER J 319 36.09 6.09 66.05
C SER J 319 36.25 4.67 65.52
N HIS J 320 35.46 4.34 64.50
CA HIS J 320 35.44 2.99 63.96
C HIS J 320 36.63 2.68 63.05
N ASP J 321 37.45 3.67 62.69
CA ASP J 321 38.71 3.35 62.06
C ASP J 321 39.80 3.02 63.08
N GLY J 322 39.55 3.32 64.35
CA GLY J 322 40.53 3.10 65.39
C GLY J 322 41.59 4.17 65.50
N LYS J 323 41.52 5.22 64.69
CA LYS J 323 42.54 6.26 64.65
C LYS J 323 42.21 7.49 65.48
N MET J 324 40.94 7.80 65.68
CA MET J 324 40.55 8.99 66.41
C MET J 324 39.67 8.60 67.60
N LEU J 325 39.55 9.55 68.53
CA LEU J 325 38.76 9.35 69.73
C LEU J 325 38.18 10.67 70.17
N ALA J 326 37.08 10.60 70.92
CA ALA J 326 36.40 11.78 71.41
C ALA J 326 36.20 11.66 72.92
N SER J 327 36.46 12.75 73.61
CA SER J 327 36.32 12.80 75.06
C SER J 327 35.63 14.10 75.46
N ALA J 328 34.82 14.02 76.50
CA ALA J 328 34.07 15.17 77.01
C ALA J 328 34.14 15.21 78.53
N SER J 329 33.99 16.41 79.07
CA SER J 329 34.08 16.62 80.51
C SER J 329 33.23 17.81 80.90
N GLU J 330 33.49 18.34 82.10
CA GLU J 330 32.70 19.43 82.65
C GLU J 330 32.95 20.75 81.93
N ASP J 331 34.12 20.93 81.32
CA ASP J 331 34.52 22.19 80.72
C ASP J 331 33.96 22.42 79.31
N HIS J 332 32.89 21.72 78.93
CA HIS J 332 32.11 21.88 77.70
C HIS J 332 32.88 21.57 76.44
N PHE J 333 34.06 20.97 76.53
CA PHE J 333 34.98 20.89 75.40
C PHE J 333 35.09 19.44 74.92
N ILE J 334 34.41 19.15 73.83
CA ILE J 334 34.51 17.84 73.18
C ILE J 334 35.81 17.86 72.38
N ASP J 335 36.74 17.01 72.79
CA ASP J 335 38.06 16.93 72.19
C ASP J 335 38.16 15.66 71.35
N ILE J 336 38.54 15.82 70.09
CA ILE J 336 38.78 14.70 69.19
C ILE J 336 40.26 14.65 68.92
N ALA J 337 40.90 13.59 69.40
CA ALA J 337 42.35 13.42 69.33
C ALA J 337 42.68 12.19 68.50
N GLU J 338 43.93 12.08 68.10
CA GLU J 338 44.36 10.97 67.27
C GLU J 338 45.05 9.90 68.11
N VAL J 339 44.75 8.65 67.80
CA VAL J 339 45.32 7.52 68.54
C VAL J 339 46.81 7.36 68.21
N GLU J 340 47.14 7.34 66.92
CA GLU J 340 48.50 7.05 66.49
C GLU J 340 49.45 8.21 66.80
N THR J 341 49.00 9.44 66.65
CA THR J 341 49.85 10.59 66.94
C THR J 341 49.84 10.93 68.43
N GLY J 342 48.67 11.01 69.04
CA GLY J 342 48.57 11.44 70.42
C GLY J 342 48.41 12.93 70.57
N ASP J 343 47.73 13.58 69.63
CA ASP J 343 47.54 15.02 69.66
C ASP J 343 46.09 15.32 69.29
N LYS J 344 45.60 16.45 69.78
CA LYS J 344 44.21 16.83 69.54
C LYS J 344 44.02 17.29 68.10
N LEU J 345 43.00 16.75 67.44
CA LEU J 345 42.69 17.12 66.07
C LEU J 345 41.57 18.15 65.97
N TRP J 346 40.61 18.10 66.89
CA TRP J 346 39.46 18.99 66.81
C TRP J 346 38.95 19.27 68.21
N GLU J 347 38.35 20.45 68.39
CA GLU J 347 37.70 20.81 69.64
C GLU J 347 36.41 21.54 69.33
N VAL J 348 35.33 21.16 70.00
CA VAL J 348 34.07 21.87 69.81
C VAL J 348 33.45 22.11 71.18
N GLN J 349 32.66 23.17 71.29
CA GLN J 349 32.04 23.57 72.55
C GLN J 349 30.55 23.78 72.35
N CYS J 350 29.82 23.76 73.47
CA CYS J 350 28.39 23.98 73.47
C CYS J 350 27.99 24.53 74.83
N GLU J 351 26.67 24.55 75.09
CA GLU J 351 26.15 25.27 76.25
C GLU J 351 26.31 24.48 77.55
N SER J 352 26.30 23.16 77.49
CA SER J 352 26.19 22.32 78.67
C SER J 352 27.26 21.24 78.58
N PRO J 353 27.69 20.67 79.73
CA PRO J 353 28.70 19.60 79.67
C PRO J 353 28.19 18.34 79.00
N THR J 354 28.89 17.91 77.95
CA THR J 354 28.50 16.74 77.16
C THR J 354 28.74 15.48 77.99
N PHE J 355 27.71 14.63 78.09
CA PHE J 355 27.77 13.47 78.96
C PHE J 355 27.94 12.16 78.21
N THR J 356 27.65 12.10 76.91
CA THR J 356 27.87 10.87 76.16
C THR J 356 28.10 11.17 74.68
N VAL J 357 29.00 10.41 74.07
CA VAL J 357 29.43 10.57 72.68
C VAL J 357 29.37 9.21 71.99
N ALA J 358 28.83 9.18 70.77
CA ALA J 358 28.69 7.95 70.02
C ALA J 358 29.08 8.19 68.55
N TRP J 359 29.57 7.12 67.92
CA TRP J 359 30.00 7.10 66.53
C TRP J 359 29.13 6.09 65.77
N HIS J 360 29.51 5.80 64.55
CA HIS J 360 28.80 4.85 63.69
C HIS J 360 29.76 4.42 62.60
N PRO J 361 29.64 3.16 62.12
CA PRO J 361 30.75 2.57 61.32
C PRO J 361 31.00 3.22 59.97
N LYS J 362 30.04 3.94 59.41
CA LYS J 362 30.31 4.66 58.17
C LYS J 362 31.19 5.87 58.43
N ARG J 363 30.98 6.53 59.57
CA ARG J 363 31.82 7.55 60.19
C ARG J 363 32.11 8.78 59.31
N PRO J 364 31.11 9.60 58.94
CA PRO J 364 31.35 11.05 58.86
C PRO J 364 30.83 11.82 60.06
N LEU J 365 30.07 11.19 60.96
CA LEU J 365 29.24 11.91 61.92
C LEU J 365 29.60 11.55 63.36
N LEU J 366 29.19 12.41 64.29
CA LEU J 366 29.37 12.20 65.71
C LEU J 366 28.06 12.57 66.40
N ALA J 367 27.42 11.60 67.05
CA ALA J 367 26.27 11.89 67.89
C ALA J 367 26.76 12.18 69.30
N PHE J 368 26.11 13.12 69.97
CA PHE J 368 26.42 13.34 71.37
C PHE J 368 25.21 13.91 72.09
N ALA J 369 25.07 13.52 73.35
CA ALA J 369 24.05 14.06 74.22
C ALA J 369 24.71 14.69 75.44
N CYS J 370 24.15 15.81 75.86
CA CYS J 370 24.77 16.67 76.85
C CYS J 370 23.81 16.90 78.01
N ASP J 371 24.23 17.77 78.92
CA ASP J 371 23.44 18.13 80.09
C ASP J 371 22.28 19.05 79.69
N THR J 385 18.88 16.36 75.12
CA THR J 385 19.24 17.02 73.87
C THR J 385 20.28 16.23 73.11
N VAL J 386 19.88 15.72 71.94
CA VAL J 386 20.73 14.90 71.08
C VAL J 386 21.18 15.75 69.91
N LYS J 387 22.49 15.89 69.74
CA LYS J 387 23.06 16.73 68.71
C LYS J 387 23.99 15.90 67.82
N LEU J 388 23.84 16.04 66.51
CA LEU J 388 24.75 15.47 65.55
C LEU J 388 25.74 16.52 65.08
N PHE J 389 26.99 16.11 64.91
CA PHE J 389 28.04 17.00 64.46
C PHE J 389 28.75 16.35 63.28
N GLY J 390 28.88 17.10 62.19
CA GLY J 390 29.66 16.65 61.05
C GLY J 390 31.13 16.89 61.29
N LEU J 391 31.91 15.81 61.30
CA LEU J 391 33.34 15.91 61.57
C LEU J 391 34.15 15.27 60.45
N ASP K 47 116.03 -35.07 11.55
CA ASP K 47 116.93 -35.50 12.63
C ASP K 47 117.10 -34.40 13.67
N PRO K 48 116.14 -34.27 14.60
CA PRO K 48 116.22 -33.20 15.61
C PRO K 48 117.31 -33.40 16.65
N GLY K 49 117.43 -34.63 17.17
CA GLY K 49 118.46 -34.91 18.17
C GLY K 49 119.85 -34.87 17.58
N ARG K 50 120.01 -35.34 16.34
CA ARG K 50 121.29 -35.21 15.65
C ARG K 50 121.61 -33.75 15.39
N ASP K 51 120.59 -32.93 15.14
CA ASP K 51 120.79 -31.50 14.95
C ASP K 51 121.25 -30.84 16.24
N TYR K 52 120.69 -31.24 17.37
CA TYR K 52 121.13 -30.70 18.65
C TYR K 52 122.53 -31.17 19.01
N GLU K 53 122.88 -32.41 18.63
CA GLU K 53 124.24 -32.90 18.86
C GLU K 53 125.26 -32.16 18.02
N LEU K 54 124.93 -31.87 16.76
CA LEU K 54 125.82 -31.07 15.92
C LEU K 54 125.92 -29.64 16.42
N TYR K 55 124.82 -29.12 16.97
CA TYR K 55 124.82 -27.80 17.60
C TYR K 55 125.79 -27.76 18.78
N LYS K 56 125.70 -28.74 19.67
CA LYS K 56 126.57 -28.79 20.84
C LYS K 56 128.01 -29.08 20.45
N TYR K 57 128.23 -29.82 19.36
CA TYR K 57 129.58 -30.09 18.89
C TYR K 57 130.24 -28.84 18.33
N THR K 58 129.47 -28.04 17.56
CA THR K 58 130.00 -26.75 17.10
C THR K 58 130.21 -25.78 18.25
N CYS K 59 129.38 -25.87 19.29
CA CYS K 59 129.61 -25.06 20.49
C CYS K 59 130.90 -25.47 21.20
N GLN K 60 131.19 -26.78 21.22
CA GLN K 60 132.46 -27.25 21.77
C GLN K 60 133.64 -26.78 20.93
N GLU K 61 133.48 -26.75 19.60
CA GLU K 61 134.50 -26.21 18.72
C GLU K 61 134.76 -24.74 19.01
N LEU K 62 133.70 -23.96 19.18
CA LEU K 62 133.85 -22.53 19.46
C LEU K 62 134.45 -22.30 20.84
N GLN K 63 134.14 -23.18 21.80
CA GLN K 63 134.74 -23.09 23.13
C GLN K 63 136.23 -23.40 23.07
N ARG K 64 136.62 -24.39 22.27
CA ARG K 64 138.04 -24.69 22.07
C ARG K 64 138.77 -23.54 21.41
N LEU K 65 138.13 -22.88 20.44
CA LEU K 65 138.77 -21.75 19.76
C LEU K 65 138.91 -20.54 20.68
N MET K 66 137.90 -20.25 21.50
CA MET K 66 138.03 -19.11 22.41
C MET K 66 138.99 -19.43 23.56
N ALA K 67 139.11 -20.71 23.93
CA ALA K 67 140.15 -21.09 24.90
C ALA K 67 141.53 -20.95 24.29
N GLU K 68 141.67 -21.24 22.99
CA GLU K 68 142.93 -21.04 22.30
C GLU K 68 143.31 -19.56 22.23
N ILE K 69 142.31 -18.69 21.99
CA ILE K 69 142.58 -17.26 21.96
C ILE K 69 142.92 -16.73 23.35
N GLN K 70 142.23 -17.24 24.38
CA GLN K 70 142.50 -16.78 25.74
C GLN K 70 143.86 -17.28 26.25
N ASP K 71 144.28 -18.46 25.79
CA ASP K 71 145.60 -18.96 26.17
C ASP K 71 146.71 -18.27 25.39
N LEU K 72 146.42 -17.88 24.13
CA LEU K 72 147.42 -17.19 23.34
C LEU K 72 147.59 -15.75 23.79
N LYS K 73 146.54 -15.16 24.37
CA LYS K 73 146.61 -13.78 24.85
C LYS K 73 147.39 -13.69 26.16
N VAL K 80 151.72 -14.92 15.36
CA VAL K 80 150.51 -15.03 16.17
C VAL K 80 149.31 -14.49 15.42
N ALA K 81 149.53 -13.57 14.49
CA ALA K 81 148.43 -13.02 13.69
C ALA K 81 147.84 -14.06 12.76
N ILE K 82 148.66 -14.98 12.25
CA ILE K 82 148.16 -16.04 11.38
C ILE K 82 147.29 -17.03 12.16
N GLU K 83 147.71 -17.36 13.39
CA GLU K 83 146.91 -18.25 14.24
C GLU K 83 145.62 -17.56 14.66
N ILE K 84 145.68 -16.25 14.93
CA ILE K 84 144.48 -15.50 15.27
C ILE K 84 143.52 -15.42 14.09
N GLU K 85 144.04 -15.27 12.87
CA GLU K 85 143.20 -15.24 11.69
C GLU K 85 142.58 -16.61 11.39
N GLU K 86 143.34 -17.68 11.62
CA GLU K 86 142.81 -19.02 11.41
C GLU K 86 141.71 -19.34 12.43
N ARG K 87 141.93 -18.96 13.69
CA ARG K 87 140.91 -19.15 14.72
C ARG K 87 139.68 -18.30 14.44
N ARG K 88 139.88 -17.09 13.92
CA ARG K 88 138.76 -16.22 13.57
C ARG K 88 137.96 -16.79 12.41
N ILE K 89 138.65 -17.37 11.42
CA ILE K 89 137.95 -17.95 10.28
C ILE K 89 137.17 -19.20 10.66
N GLN K 90 137.77 -20.07 11.48
CA GLN K 90 137.05 -21.27 11.94
C GLN K 90 135.89 -20.90 12.86
N SER K 91 136.07 -19.85 13.68
CA SER K 91 134.96 -19.39 14.53
C SER K 91 133.85 -18.77 13.70
N CYS K 92 134.20 -18.06 12.62
CA CYS K 92 133.18 -17.48 11.76
C CYS K 92 132.41 -18.55 11.00
N VAL K 93 133.10 -19.63 10.60
CA VAL K 93 132.41 -20.79 10.04
C VAL K 93 131.47 -21.41 11.06
N HIS K 94 131.90 -21.46 12.33
CA HIS K 94 131.05 -21.96 13.40
C HIS K 94 129.81 -21.08 13.60
N PHE K 95 129.99 -19.76 13.57
CA PHE K 95 128.86 -18.83 13.72
C PHE K 95 127.87 -18.95 12.55
N MET K 96 128.39 -19.14 11.33
CA MET K 96 127.49 -19.34 10.19
C MET K 96 126.72 -20.64 10.29
N THR K 97 127.36 -21.72 10.76
CA THR K 97 126.62 -22.97 10.99
C THR K 97 125.57 -22.81 12.08
N LEU K 98 125.89 -22.06 13.14
CA LEU K 98 124.91 -21.84 14.21
C LEU K 98 123.72 -21.03 13.73
N LYS K 99 123.96 -20.05 12.85
CA LYS K 99 122.85 -19.25 12.32
C LYS K 99 121.98 -20.07 11.38
N LYS K 100 122.60 -20.95 10.59
CA LYS K 100 121.82 -21.85 9.72
C LYS K 100 120.97 -22.82 10.53
N LEU K 101 121.55 -23.36 11.61
CA LEU K 101 120.80 -24.25 12.51
C LEU K 101 119.66 -23.51 13.22
N ASN K 102 119.87 -22.23 13.58
CA ASN K 102 118.79 -21.44 14.17
C ASN K 102 117.65 -21.21 13.17
N ARG K 103 118.00 -20.92 11.92
CA ARG K 103 117.00 -20.76 10.87
C ARG K 103 116.17 -22.04 10.68
N LEU K 104 116.87 -23.19 10.64
CA LEU K 104 116.17 -24.47 10.50
C LEU K 104 115.26 -24.75 11.68
N ALA K 105 115.70 -24.40 12.90
CA ALA K 105 114.90 -24.65 14.10
C ALA K 105 113.64 -23.79 14.10
N HIS K 106 113.76 -22.51 13.72
CA HIS K 106 112.58 -21.65 13.69
C HIS K 106 111.61 -22.04 12.57
N ILE K 107 112.13 -22.49 11.42
CA ILE K 107 111.23 -22.95 10.35
C ILE K 107 110.47 -24.20 10.77
N ARG K 108 111.16 -25.14 11.44
CA ARG K 108 110.50 -26.36 11.92
C ARG K 108 109.46 -26.04 13.00
N LEU K 109 109.76 -25.05 13.86
CA LEU K 109 108.82 -24.67 14.91
C LEU K 109 107.56 -24.01 14.34
N LYS K 110 107.74 -23.14 13.33
CA LYS K 110 106.58 -22.50 12.71
C LYS K 110 105.72 -23.52 11.95
N LYS K 111 106.36 -24.50 11.30
CA LYS K 111 105.64 -25.56 10.63
C LYS K 111 104.82 -26.39 11.60
N GLY K 112 105.42 -26.74 12.74
CA GLY K 112 104.69 -27.50 13.76
C GLY K 112 103.55 -26.71 14.37
N ARG K 113 103.73 -25.41 14.55
CA ARG K 113 102.68 -24.57 15.14
C ARG K 113 101.46 -24.46 14.21
N ASP K 114 101.71 -24.24 12.92
CA ASP K 114 100.61 -24.19 11.95
C ASP K 114 99.93 -25.55 11.82
N GLN K 115 100.72 -26.62 11.91
CA GLN K 115 100.18 -27.97 11.79
C GLN K 115 99.30 -28.32 12.99
N THR K 116 99.61 -27.77 14.16
CA THR K 116 98.69 -27.91 15.29
C THR K 116 97.43 -27.07 15.10
N HIS K 117 97.59 -25.87 14.55
CA HIS K 117 96.48 -24.92 14.49
C HIS K 117 95.37 -25.38 13.56
N GLU K 118 95.74 -26.03 12.45
CA GLU K 118 94.73 -26.52 11.50
C GLU K 118 93.88 -27.64 12.12
N ALA K 119 94.54 -28.55 12.84
CA ALA K 119 93.82 -29.63 13.51
C ALA K 119 92.94 -29.10 14.64
N LYS K 120 93.40 -28.05 15.32
CA LYS K 120 92.58 -27.41 16.35
C LYS K 120 91.32 -26.81 15.76
N GLN K 121 91.43 -26.17 14.59
CA GLN K 121 90.26 -25.62 13.91
C GLN K 121 89.26 -26.71 13.51
N LYS K 122 89.77 -27.85 13.01
CA LYS K 122 88.88 -28.94 12.62
C LYS K 122 88.17 -29.57 13.81
N VAL K 123 88.89 -29.72 14.93
CA VAL K 123 88.28 -30.23 16.16
C VAL K 123 87.21 -29.27 16.67
N ASP K 124 87.43 -27.96 16.53
CA ASP K 124 86.43 -26.98 16.95
C ASP K 124 85.16 -27.08 16.11
N ALA K 125 85.31 -27.24 14.78
CA ALA K 125 84.12 -27.35 13.92
C ALA K 125 83.32 -28.62 14.19
N TYR K 126 84.02 -29.73 14.41
CA TYR K 126 83.33 -30.99 14.65
C TYR K 126 82.66 -31.00 16.02
N HIS K 127 83.28 -30.33 17.00
CA HIS K 127 82.66 -30.14 18.31
C HIS K 127 81.44 -29.23 18.23
N LEU K 128 81.46 -28.27 17.30
CA LEU K 128 80.28 -27.41 17.10
C LEU K 128 79.09 -28.21 16.58
N GLN K 129 79.36 -29.14 15.64
CA GLN K 129 78.28 -30.02 15.17
C GLN K 129 77.76 -30.92 16.30
N LEU K 130 78.66 -31.39 17.16
CA LEU K 130 78.25 -32.19 18.32
C LEU K 130 77.40 -31.36 19.28
N GLN K 131 77.69 -30.07 19.43
CA GLN K 131 76.89 -29.22 20.31
C GLN K 131 75.49 -29.00 19.74
N ASN K 132 75.39 -28.84 18.41
CA ASN K 132 74.08 -28.77 17.75
C ASN K 132 73.25 -30.02 18.02
N LEU K 133 73.87 -31.19 17.87
CA LEU K 133 73.12 -32.44 18.05
C LEU K 133 72.74 -32.65 19.51
N LEU K 134 73.59 -32.22 20.46
CA LEU K 134 73.24 -32.35 21.87
C LEU K 134 72.10 -31.42 22.26
N TYR K 135 72.06 -30.21 21.67
CA TYR K 135 70.93 -29.33 21.94
C TYR K 135 69.63 -29.91 21.41
N GLU K 136 69.69 -30.57 20.24
CA GLU K 136 68.51 -31.23 19.70
C GLU K 136 68.04 -32.37 20.61
N VAL K 137 68.99 -33.18 21.12
CA VAL K 137 68.66 -34.28 22.03
C VAL K 137 68.02 -33.75 23.31
N MET K 138 68.59 -32.69 23.88
CA MET K 138 68.08 -32.13 25.13
C MET K 138 66.69 -31.54 24.95
N HIS K 139 66.43 -30.91 23.80
CA HIS K 139 65.10 -30.35 23.57
C HIS K 139 64.07 -31.44 23.38
N LEU K 140 64.43 -32.52 22.67
CA LEU K 140 63.48 -33.62 22.47
C LEU K 140 63.19 -34.33 23.80
N GLN K 141 64.20 -34.43 24.68
CA GLN K 141 63.98 -35.06 25.97
C GLN K 141 63.11 -34.19 26.87
N LYS K 142 63.32 -32.87 26.85
CA LYS K 142 62.44 -31.98 27.60
C LYS K 142 61.02 -31.99 27.06
N GLU K 143 60.87 -32.15 25.73
CA GLU K 143 59.54 -32.19 25.15
C GLU K 143 58.80 -33.47 25.50
N ILE K 144 59.51 -34.60 25.56
CA ILE K 144 58.82 -35.83 25.92
C ILE K 144 58.51 -35.87 27.41
N THR K 145 59.36 -35.27 28.26
CA THR K 145 59.01 -35.18 29.67
C THR K 145 57.85 -34.20 29.89
N LYS K 146 57.69 -33.22 29.01
CA LYS K 146 56.50 -32.40 29.04
C LYS K 146 55.26 -33.19 28.62
N CYS K 147 55.38 -34.00 27.58
CA CYS K 147 54.22 -34.69 27.02
C CYS K 147 53.86 -35.98 27.73
N LEU K 148 54.64 -36.43 28.71
CA LEU K 148 54.28 -37.62 29.48
C LEU K 148 53.47 -37.31 30.74
N GLU K 149 52.70 -36.22 30.74
CA GLU K 149 51.83 -35.87 31.86
C GLU K 149 50.38 -35.89 31.37
N PHE K 150 49.53 -36.63 32.07
CA PHE K 150 48.14 -36.82 31.67
C PHE K 150 47.23 -36.68 32.88
N LYS K 151 45.92 -36.69 32.61
CA LYS K 151 44.92 -36.57 33.66
C LYS K 151 43.90 -37.70 33.57
N ASP K 158 34.28 -47.24 37.86
CA ASP K 158 33.75 -48.60 37.95
C ASP K 158 34.19 -49.43 36.76
N LEU K 159 33.88 -50.72 36.79
CA LEU K 159 34.26 -51.64 35.73
C LEU K 159 33.26 -52.79 35.66
N VAL K 160 33.38 -53.60 34.62
CA VAL K 160 32.56 -54.78 34.40
C VAL K 160 33.50 -55.99 34.40
N SER K 161 33.02 -57.11 34.92
CA SER K 161 33.71 -58.38 34.74
C SER K 161 33.79 -58.72 33.25
N LEU K 162 34.91 -59.32 32.87
CA LEU K 162 35.27 -59.43 31.46
C LEU K 162 34.40 -60.46 30.74
N GLU K 163 34.18 -61.61 31.37
CA GLU K 163 33.37 -62.65 30.72
C GLU K 163 31.89 -62.26 30.68
N GLU K 164 31.41 -61.56 31.72
CA GLU K 164 30.04 -61.06 31.71
C GLU K 164 29.84 -60.02 30.62
N PHE K 165 30.80 -59.10 30.48
CA PHE K 165 30.78 -58.14 29.39
C PHE K 165 30.84 -58.82 28.03
N TYR K 166 31.65 -59.87 27.92
CA TYR K 166 31.85 -60.51 26.62
C TYR K 166 30.67 -61.38 26.23
N LYS K 167 29.90 -61.86 27.21
CA LYS K 167 28.79 -62.76 26.94
C LYS K 167 27.42 -62.09 27.02
N GLU K 168 27.33 -60.87 27.55
CA GLU K 168 26.03 -60.19 27.63
C GLU K 168 25.81 -59.17 26.52
N ALA K 169 26.87 -58.55 26.01
CA ALA K 169 26.71 -57.46 25.07
C ALA K 169 26.36 -57.99 23.68
N PRO K 170 25.52 -57.30 22.92
CA PRO K 170 25.27 -57.67 21.52
C PRO K 170 26.53 -57.51 20.68
N PRO K 171 26.65 -58.24 19.58
CA PRO K 171 27.93 -58.20 18.82
C PRO K 171 28.19 -56.89 18.11
N ASP K 172 27.19 -56.01 17.99
CA ASP K 172 27.44 -54.65 17.54
C ASP K 172 28.26 -53.88 18.58
N ILE K 173 27.92 -54.05 19.86
CA ILE K 173 28.66 -53.38 20.93
C ILE K 173 29.77 -54.25 21.51
N SER K 174 29.79 -55.55 21.18
CA SER K 174 30.84 -56.42 21.70
C SER K 174 32.14 -56.19 20.95
N LYS K 175 32.05 -55.94 19.64
CA LYS K 175 33.17 -55.61 18.75
C LYS K 175 34.22 -56.72 18.75
N ALA K 176 33.82 -57.85 18.14
CA ALA K 176 34.66 -59.05 18.09
C ALA K 176 36.00 -58.85 17.37
N GLU K 177 36.15 -57.77 16.60
CA GLU K 177 37.46 -57.43 16.05
C GLU K 177 38.42 -56.90 17.11
N VAL K 178 37.90 -56.43 18.25
CA VAL K 178 38.77 -55.96 19.32
C VAL K 178 39.31 -57.10 20.17
N THR K 179 38.83 -58.32 19.96
CA THR K 179 39.32 -59.47 20.71
C THR K 179 40.67 -59.94 20.17
N ASP K 182 42.97 -55.29 20.29
CA ASP K 182 43.56 -54.19 21.03
C ASP K 182 42.84 -53.95 22.35
N PRO K 183 43.59 -53.62 23.40
CA PRO K 183 42.94 -53.25 24.66
C PRO K 183 42.25 -51.90 24.62
N HIS K 184 42.63 -51.03 23.67
CA HIS K 184 42.05 -49.70 23.57
C HIS K 184 40.57 -49.76 23.16
N GLN K 185 40.29 -50.44 22.06
CA GLN K 185 38.91 -50.61 21.62
C GLN K 185 38.12 -51.48 22.59
N GLN K 186 38.80 -52.37 23.32
CA GLN K 186 38.16 -53.16 24.36
C GLN K 186 37.67 -52.27 25.50
N THR K 187 38.51 -51.33 25.95
CA THR K 187 38.08 -50.42 27.00
C THR K 187 37.02 -49.46 26.51
N LEU K 188 37.08 -49.05 25.24
CA LEU K 188 36.03 -48.21 24.68
C LEU K 188 34.70 -48.95 24.59
N ALA K 189 34.76 -50.26 24.30
CA ALA K 189 33.56 -51.07 24.27
C ALA K 189 32.98 -51.25 25.67
N ARG K 190 33.86 -51.39 26.67
CA ARG K 190 33.41 -51.42 28.06
C ARG K 190 32.74 -50.11 28.45
N LEU K 191 33.31 -48.98 28.03
CA LEU K 191 32.78 -47.67 28.42
C LEU K 191 31.41 -47.41 27.79
N ASP K 192 31.26 -47.65 26.48
CA ASP K 192 29.96 -47.33 25.89
C ASP K 192 28.94 -48.41 26.21
N TRP K 193 29.38 -49.63 26.58
CA TRP K 193 28.43 -50.60 27.11
C TRP K 193 27.92 -50.19 28.49
N GLU K 194 28.80 -49.61 29.33
CA GLU K 194 28.34 -49.08 30.61
C GLU K 194 27.40 -47.89 30.41
N LEU K 195 27.65 -47.08 29.38
CA LEU K 195 26.78 -45.94 29.11
C LEU K 195 25.40 -46.39 28.64
N GLU K 196 25.36 -47.34 27.69
CA GLU K 196 24.07 -47.86 27.22
C GLU K 196 23.35 -48.64 28.32
N GLN K 197 24.10 -49.28 29.22
CA GLN K 197 23.49 -49.99 30.33
C GLN K 197 22.88 -49.02 31.33
N ARG K 198 23.54 -47.90 31.59
CA ARG K 198 22.95 -46.90 32.48
C ARG K 198 21.73 -46.25 31.85
N LYS K 199 21.74 -46.08 30.52
CA LYS K 199 20.54 -45.63 29.81
C LYS K 199 19.39 -46.61 29.97
N ARG K 200 19.66 -47.91 29.80
CA ARG K 200 18.63 -48.93 29.92
C ARG K 200 18.08 -49.01 31.33
N LEU K 201 18.96 -48.93 32.33
CA LEU K 201 18.50 -48.99 33.72
C LEU K 201 17.72 -47.75 34.12
N ALA K 202 18.11 -46.57 33.60
CA ALA K 202 17.35 -45.36 33.90
C ALA K 202 15.97 -45.39 33.26
N GLU K 203 15.89 -45.84 32.00
CA GLU K 203 14.60 -45.92 31.34
C GLU K 203 13.71 -46.98 31.97
N LYS K 204 14.28 -48.12 32.35
CA LYS K 204 13.49 -49.17 33.00
C LYS K 204 13.07 -48.76 34.40
N TYR K 205 13.88 -47.93 35.08
CA TYR K 205 13.46 -47.42 36.38
C TYR K 205 12.33 -46.42 36.24
N ARG K 206 12.35 -45.60 35.19
CA ARG K 206 11.23 -44.70 34.93
C ARG K 206 9.96 -45.49 34.58
N GLU K 207 10.12 -46.59 33.84
CA GLU K 207 8.99 -47.46 33.54
C GLU K 207 8.45 -48.13 34.79
N CYS K 208 9.34 -48.50 35.72
CA CYS K 208 8.88 -49.08 36.98
C CYS K 208 8.22 -48.05 37.87
N LEU K 209 8.66 -46.79 37.82
CA LEU K 209 7.97 -45.72 38.54
C LEU K 209 6.56 -45.50 37.97
N SER K 210 6.44 -45.53 36.64
CA SER K 210 5.12 -45.39 36.02
C SER K 210 4.23 -46.58 36.34
N ASN K 211 4.81 -47.78 36.40
CA ASN K 211 4.03 -48.96 36.75
C ASN K 211 3.62 -48.96 38.22
N LYS K 212 4.47 -48.42 39.09
CA LYS K 212 4.10 -48.29 40.50
C LYS K 212 3.03 -47.24 40.70
N GLU K 213 3.07 -46.16 39.91
CA GLU K 213 2.00 -45.16 39.95
C GLU K 213 0.69 -45.75 39.42
N LYS K 214 0.77 -46.60 38.39
CA LYS K 214 -0.43 -47.27 37.89
C LYS K 214 -0.98 -48.27 38.90
N ILE K 215 -0.07 -49.05 39.57
CA ILE K 215 -0.55 -49.97 40.60
C ILE K 215 -1.22 -49.20 41.72
N LEU K 216 -0.70 -48.03 42.06
CA LEU K 216 -1.30 -47.20 43.11
C LEU K 216 -2.64 -46.63 42.65
N LYS K 217 -2.75 -46.27 41.37
CA LYS K 217 -4.02 -45.80 40.83
C LYS K 217 -5.06 -46.92 40.78
N GLU K 218 -4.61 -48.12 40.43
CA GLU K 218 -5.50 -49.25 40.38
C GLU K 218 -5.99 -49.49 41.80
N ILE K 219 -5.06 -49.52 42.74
CA ILE K 219 -5.38 -49.79 44.13
C ILE K 219 -6.32 -48.75 44.74
N GLU K 220 -6.04 -47.47 44.51
CA GLU K 220 -6.88 -46.41 45.04
C GLU K 220 -8.31 -46.56 44.52
N VAL K 221 -8.42 -46.63 43.19
CA VAL K 221 -9.71 -46.80 42.53
C VAL K 221 -10.34 -48.12 42.94
N LYS K 222 -9.53 -49.17 43.02
CA LYS K 222 -10.01 -50.48 43.42
C LYS K 222 -10.55 -50.43 44.85
N LYS K 223 -9.84 -49.71 45.73
CA LYS K 223 -10.28 -49.57 47.12
C LYS K 223 -11.61 -48.84 47.17
N GLU K 224 -11.75 -47.80 46.34
CA GLU K 224 -13.00 -47.04 46.30
C GLU K 224 -14.15 -47.94 45.84
N TYR K 225 -13.87 -48.78 44.84
CA TYR K 225 -14.87 -49.70 44.31
C TYR K 225 -15.28 -50.69 45.39
N LEU K 226 -14.30 -51.16 46.17
CA LEU K 226 -14.57 -52.10 47.25
C LEU K 226 -15.46 -51.44 48.30
N SER K 227 -15.17 -50.18 48.60
CA SER K 227 -15.97 -49.44 49.56
C SER K 227 -17.40 -49.31 49.08
N SER K 228 -17.55 -49.04 47.78
CA SER K 228 -18.89 -48.91 47.18
C SER K 228 -19.64 -50.24 47.28
N LEU K 229 -18.91 -51.33 47.04
CA LEU K 229 -19.48 -52.67 47.10
C LEU K 229 -19.94 -52.97 48.52
N GLN K 230 -19.16 -52.55 49.52
CA GLN K 230 -19.53 -52.78 50.90
C GLN K 230 -20.82 -52.03 51.21
N PRO K 231 -20.95 -50.79 50.71
CA PRO K 231 -22.15 -50.00 50.94
C PRO K 231 -23.35 -50.69 50.29
N ARG K 232 -23.15 -51.23 49.09
CA ARG K 232 -24.21 -51.92 48.38
C ARG K 232 -24.66 -53.15 49.17
N LEU K 233 -23.70 -53.86 49.73
CA LEU K 233 -23.99 -55.05 50.53
C LEU K 233 -24.79 -54.66 51.76
N ASN K 234 -24.42 -53.54 52.38
CA ASN K 234 -25.13 -53.05 53.55
C ASN K 234 -26.57 -52.71 53.19
N SER K 235 -26.75 -52.08 52.03
CA SER K 235 -28.07 -51.72 51.56
C SER K 235 -28.91 -52.97 51.35
N ILE K 236 -28.30 -54.00 50.77
CA ILE K 236 -28.97 -55.26 50.52
C ILE K 236 -29.40 -55.90 51.84
N MET K 237 -28.52 -55.84 52.83
CA MET K 237 -28.81 -56.38 54.15
C MET K 237 -30.00 -55.64 54.77
N GLN K 238 -30.02 -54.32 54.60
CA GLN K 238 -31.10 -53.51 55.13
C GLN K 238 -32.42 -53.90 54.46
N ALA K 239 -32.36 -54.13 53.15
CA ALA K 239 -33.55 -54.54 52.39
C ALA K 239 -34.06 -55.89 52.88
N SER K 240 -33.12 -56.79 53.17
CA SER K 240 -33.47 -58.13 53.64
C SER K 240 -34.38 -58.06 54.87
N VAL K 243 -41.81 -65.89 56.08
CA VAL K 243 -40.87 -64.87 55.65
C VAL K 243 -39.47 -65.46 55.52
N GLN K 244 -38.47 -64.73 55.98
CA GLN K 244 -37.10 -65.22 55.93
C GLN K 244 -36.87 -66.31 56.97
N GLU K 245 -37.57 -66.24 58.10
CA GLU K 245 -37.44 -67.26 59.12
C GLU K 245 -38.16 -68.54 58.73
N TYR K 246 -39.28 -68.40 58.00
CA TYR K 246 -40.01 -69.59 57.56
C TYR K 246 -39.28 -70.30 56.44
N LEU K 247 -38.52 -69.55 55.63
CA LEU K 247 -37.77 -70.18 54.55
C LEU K 247 -36.50 -70.84 55.07
N PHE K 248 -35.95 -70.31 56.16
CA PHE K 248 -34.72 -70.85 56.73
C PHE K 248 -34.97 -72.19 57.44
N GLN K 257 -15.71 -76.98 47.94
CA GLN K 257 -16.57 -76.68 46.80
C GLN K 257 -16.65 -75.19 46.52
N TYR K 258 -16.58 -74.39 47.58
CA TYR K 258 -16.74 -72.95 47.43
C TYR K 258 -15.46 -72.30 46.93
N GLU K 259 -14.30 -72.75 47.43
CA GLU K 259 -13.03 -72.16 47.08
C GLU K 259 -12.67 -72.43 45.62
N THR K 260 -13.12 -73.57 45.09
CA THR K 260 -12.92 -73.83 43.66
C THR K 260 -13.92 -73.04 42.84
N ALA K 261 -15.10 -72.77 43.41
CA ALA K 261 -16.12 -72.02 42.67
C ALA K 261 -15.90 -70.52 42.77
N ARG K 262 -14.87 -70.10 43.51
CA ARG K 262 -14.48 -68.69 43.56
C ARG K 262 -14.00 -68.18 42.20
N HIS K 263 -13.44 -69.06 41.36
CA HIS K 263 -12.84 -68.66 40.11
C HIS K 263 -13.67 -68.99 38.88
N LEU K 264 -14.93 -69.38 39.04
CA LEU K 264 -15.74 -69.77 37.89
C LEU K 264 -16.21 -68.54 37.12
N PRO K 265 -16.49 -68.69 35.83
CA PRO K 265 -17.23 -67.66 35.10
C PRO K 265 -18.64 -67.51 35.64
N PRO K 266 -19.26 -66.34 35.48
CA PRO K 266 -20.59 -66.09 36.07
C PRO K 266 -21.70 -67.00 35.54
N PRO K 267 -21.78 -67.36 34.23
CA PRO K 267 -22.75 -68.40 33.88
C PRO K 267 -22.40 -69.76 34.48
N LEU K 268 -21.11 -70.06 34.55
CA LEU K 268 -20.67 -71.30 35.21
C LEU K 268 -20.92 -71.24 36.71
N TYR K 269 -20.85 -70.06 37.31
CA TYR K 269 -21.14 -69.93 38.74
C TYR K 269 -22.62 -70.13 39.02
N VAL K 270 -23.48 -69.56 38.16
CA VAL K 270 -24.93 -69.78 38.27
C VAL K 270 -25.26 -71.25 38.07
N LEU K 271 -24.60 -71.90 37.10
CA LEU K 271 -24.84 -73.31 36.85
C LEU K 271 -24.38 -74.18 38.02
N PHE K 272 -23.27 -73.80 38.66
CA PHE K 272 -22.76 -74.57 39.79
C PHE K 272 -23.68 -74.45 40.98
N VAL K 273 -24.18 -73.23 41.25
CA VAL K 273 -25.10 -73.02 42.37
C VAL K 273 -26.42 -73.76 42.15
N GLN K 274 -26.94 -73.70 40.92
CA GLN K 274 -28.19 -74.40 40.62
C GLN K 274 -28.00 -75.91 40.62
N ALA K 275 -26.82 -76.38 40.21
CA ALA K 275 -26.56 -77.82 40.19
C ALA K 275 -26.43 -78.38 41.60
N THR K 276 -25.73 -77.67 42.48
CA THR K 276 -25.63 -78.11 43.87
C THR K 276 -26.98 -78.00 44.58
N ALA K 277 -27.78 -76.98 44.23
CA ALA K 277 -29.09 -76.84 44.85
C ALA K 277 -30.05 -77.95 44.40
N TYR K 278 -29.97 -78.34 43.12
CA TYR K 278 -30.81 -79.43 42.66
C TYR K 278 -30.32 -80.78 43.15
N GLY K 279 -29.00 -80.91 43.37
CA GLY K 279 -28.47 -82.16 43.90
C GLY K 279 -28.78 -82.35 45.38
N GLN K 280 -28.85 -81.25 46.13
CA GLN K 280 -29.21 -81.35 47.55
C GLN K 280 -30.71 -81.28 47.78
N ALA K 281 -31.48 -80.76 46.83
CA ALA K 281 -32.89 -80.50 47.07
C ALA K 281 -33.76 -81.74 46.85
N CYS K 282 -33.77 -82.25 45.61
CA CYS K 282 -34.71 -83.30 45.23
C CYS K 282 -34.05 -84.63 44.97
N ASP K 283 -33.07 -84.69 44.07
CA ASP K 283 -32.47 -85.95 43.64
C ASP K 283 -31.00 -85.95 44.07
N LYS K 284 -30.61 -86.97 44.82
CA LYS K 284 -29.23 -87.12 45.27
C LYS K 284 -28.37 -87.90 44.28
N THR K 285 -28.93 -88.39 43.18
CA THR K 285 -28.16 -89.12 42.20
C THR K 285 -27.59 -88.16 41.15
N LEU K 286 -26.75 -87.23 41.59
CA LEU K 286 -26.16 -86.21 40.73
C LEU K 286 -24.84 -85.81 41.35
N SER K 287 -23.79 -85.71 40.54
CA SER K 287 -22.51 -85.24 41.04
C SER K 287 -21.94 -84.18 40.10
N VAL K 288 -21.26 -83.19 40.67
CA VAL K 288 -20.63 -82.12 39.91
C VAL K 288 -19.16 -82.02 40.30
N ALA K 289 -18.36 -81.54 39.36
CA ALA K 289 -16.93 -81.34 39.59
C ALA K 289 -16.45 -80.23 38.68
N ILE K 290 -15.41 -79.54 39.12
CA ILE K 290 -14.83 -78.43 38.37
C ILE K 290 -13.47 -78.87 37.85
N GLU K 291 -13.34 -78.93 36.54
CA GLU K 291 -12.13 -79.42 35.89
C GLU K 291 -11.46 -78.29 35.13
N GLY K 292 -10.19 -78.07 35.43
CA GLY K 292 -9.44 -77.04 34.73
C GLY K 292 -8.15 -76.72 35.47
N SER K 293 -7.56 -75.59 35.11
CA SER K 293 -6.32 -75.12 35.70
C SER K 293 -6.59 -73.78 36.37
N VAL K 294 -6.46 -73.75 37.71
CA VAL K 294 -6.66 -72.50 38.44
C VAL K 294 -5.48 -71.55 38.28
N ASP K 295 -4.31 -72.05 37.88
CA ASP K 295 -3.17 -71.19 37.63
C ASP K 295 -3.40 -70.31 36.42
N GLU K 296 -4.06 -70.84 35.39
CA GLU K 296 -4.49 -70.01 34.27
C GLU K 296 -5.70 -69.17 34.62
N ALA K 297 -6.47 -69.57 35.64
CA ALA K 297 -7.65 -68.81 36.02
C ALA K 297 -7.27 -67.60 36.87
N LYS K 298 -6.11 -67.64 37.52
CA LYS K 298 -5.65 -66.51 38.31
C LYS K 298 -5.29 -65.32 37.42
N ALA K 299 -4.47 -65.58 36.39
CA ALA K 299 -4.04 -64.61 35.37
C ALA K 299 -3.39 -63.35 35.94
N ASP K 334 -6.67 -68.40 11.24
CA ASP K 334 -5.54 -67.55 11.58
C ASP K 334 -5.43 -67.37 13.09
N ASP K 335 -4.62 -66.40 13.51
CA ASP K 335 -4.47 -66.11 14.93
C ASP K 335 -5.71 -65.40 15.47
N LYS K 336 -6.42 -64.69 14.60
CA LYS K 336 -7.65 -64.02 15.03
C LYS K 336 -8.74 -65.02 15.36
N ARG K 337 -8.79 -66.15 14.63
CA ARG K 337 -9.75 -67.19 14.96
C ARG K 337 -9.37 -67.89 16.27
N LYS K 338 -8.07 -68.02 16.54
CA LYS K 338 -7.61 -68.59 17.80
C LYS K 338 -7.96 -67.69 18.98
N GLU K 339 -7.85 -66.38 18.78
CA GLU K 339 -8.23 -65.44 19.84
C GLU K 339 -9.75 -65.34 19.95
N MET K 340 -10.46 -65.67 18.88
CA MET K 340 -11.91 -65.55 18.87
C MET K 340 -12.58 -66.73 19.55
N LEU K 341 -12.10 -67.94 19.27
CA LEU K 341 -12.64 -69.13 19.94
C LEU K 341 -12.32 -69.08 21.44
N LYS K 342 -11.03 -69.25 21.78
CA LYS K 342 -10.46 -69.06 23.12
C LYS K 342 -11.26 -69.80 24.20
N ARG K 343 -11.17 -71.12 24.18
CA ARG K 343 -11.87 -71.94 25.16
C ARG K 343 -11.36 -71.65 26.57
N HIS K 344 -12.30 -71.42 27.48
CA HIS K 344 -11.96 -71.10 28.86
C HIS K 344 -11.34 -72.33 29.55
N PRO K 345 -10.25 -72.14 30.31
CA PRO K 345 -9.55 -73.30 30.90
C PRO K 345 -10.36 -74.02 31.97
N LEU K 346 -11.05 -73.28 32.83
CA LEU K 346 -11.97 -73.92 33.76
C LEU K 346 -13.24 -74.33 33.03
N SER K 347 -13.82 -75.44 33.47
CA SER K 347 -15.05 -75.97 32.93
C SER K 347 -15.73 -76.81 34.00
N VAL K 348 -17.01 -77.14 33.82
CA VAL K 348 -17.70 -77.94 34.82
C VAL K 348 -18.06 -79.27 34.19
N MET K 349 -18.24 -80.30 35.02
CA MET K 349 -18.61 -81.63 34.56
C MET K 349 -19.60 -82.20 35.57
N LEU K 350 -20.80 -82.51 35.11
CA LEU K 350 -21.81 -83.11 35.96
C LEU K 350 -22.23 -84.45 35.38
N ASP K 351 -22.44 -85.42 36.26
CA ASP K 351 -22.82 -86.76 35.84
C ASP K 351 -23.97 -87.29 36.68
N LEU K 352 -24.87 -88.00 35.99
CA LEU K 352 -26.04 -88.63 36.58
C LEU K 352 -25.88 -90.14 36.50
N LYS K 353 -26.48 -90.86 37.44
CA LYS K 353 -26.69 -92.29 37.29
C LYS K 353 -28.18 -92.56 37.17
N CYS K 354 -28.54 -93.55 36.36
CA CYS K 354 -29.95 -93.88 36.17
C CYS K 354 -30.24 -95.27 36.72
N LYS K 355 -31.50 -95.67 36.61
CA LYS K 355 -31.90 -97.01 37.04
C LYS K 355 -31.82 -98.01 35.89
N ASP K 356 -30.67 -98.05 35.22
CA ASP K 356 -30.41 -99.00 34.15
C ASP K 356 -28.95 -99.40 34.12
N ASP K 357 -28.26 -99.22 35.26
CA ASP K 357 -26.83 -99.48 35.44
C ASP K 357 -25.98 -98.68 34.45
N SER K 358 -26.33 -97.40 34.28
CA SER K 358 -25.62 -96.53 33.36
C SER K 358 -25.53 -95.12 33.92
N VAL K 359 -24.54 -94.38 33.44
CA VAL K 359 -24.27 -93.01 33.85
C VAL K 359 -24.14 -92.13 32.61
N LEU K 360 -24.45 -90.86 32.80
CA LEU K 360 -24.41 -89.83 31.77
C LEU K 360 -23.49 -88.71 32.23
N HIS K 361 -22.54 -88.35 31.38
CA HIS K 361 -21.54 -87.33 31.67
C HIS K 361 -21.79 -86.13 30.77
N LEU K 362 -21.74 -84.93 31.35
CA LEU K 362 -21.83 -83.70 30.58
C LEU K 362 -20.72 -82.74 31.03
N THR K 363 -19.93 -82.28 30.08
CA THR K 363 -18.90 -81.28 30.32
C THR K 363 -19.36 -79.97 29.68
N PHE K 364 -19.55 -78.95 30.51
CA PHE K 364 -19.91 -77.62 30.05
C PHE K 364 -18.65 -76.77 29.96
N TYR K 365 -18.36 -76.32 28.74
CA TYR K 365 -17.28 -75.41 28.42
C TYR K 365 -17.84 -74.01 28.25
N TYR K 366 -16.97 -73.01 28.25
CA TYR K 366 -17.38 -71.62 28.13
C TYR K 366 -16.51 -70.91 27.09
N LEU K 367 -17.10 -69.93 26.42
CA LEU K 367 -16.41 -69.12 25.42
C LEU K 367 -16.61 -67.66 25.79
N MET K 368 -15.56 -67.02 26.33
CA MET K 368 -15.75 -65.68 26.87
C MET K 368 -15.76 -64.62 25.77
N ASN K 369 -15.21 -64.92 24.59
CA ASN K 369 -15.26 -63.96 23.50
C ASN K 369 -16.57 -64.02 22.73
N LEU K 370 -17.34 -65.10 22.90
CA LEU K 370 -18.60 -65.24 22.19
C LEU K 370 -19.80 -65.27 23.12
N ASN K 371 -19.56 -65.35 24.44
CA ASN K 371 -20.58 -65.37 25.49
C ASN K 371 -21.54 -66.54 25.31
N ILE K 372 -20.96 -67.73 25.07
CA ILE K 372 -21.71 -68.95 24.82
C ILE K 372 -21.06 -70.08 25.60
N MET K 373 -21.87 -70.83 26.35
CA MET K 373 -21.43 -72.06 26.98
C MET K 373 -21.92 -73.24 26.17
N THR K 374 -21.08 -74.27 26.06
CA THR K 374 -21.32 -75.43 25.21
C THR K 374 -21.25 -76.72 26.04
N VAL K 375 -21.69 -77.81 25.42
CA VAL K 375 -21.84 -79.09 26.10
C VAL K 375 -21.17 -80.19 25.27
N LYS K 376 -20.47 -81.09 25.95
CA LYS K 376 -20.11 -82.40 25.40
C LYS K 376 -20.71 -83.48 26.28
N ALA K 377 -21.21 -84.54 25.66
CA ALA K 377 -21.95 -85.58 26.37
C ALA K 377 -21.27 -86.94 26.22
N LYS K 378 -21.60 -87.85 27.13
CA LYS K 378 -20.99 -89.18 27.12
C LYS K 378 -21.91 -90.15 27.86
N VAL K 379 -22.41 -91.16 27.17
CA VAL K 379 -23.26 -92.19 27.77
C VAL K 379 -22.41 -93.44 27.98
N THR K 380 -22.23 -93.84 29.24
CA THR K 380 -21.47 -95.06 29.52
C THR K 380 -22.24 -95.96 30.46
N THR K 381 -22.33 -97.24 30.12
CA THR K 381 -23.04 -98.23 30.91
C THR K 381 -22.08 -99.03 31.77
N ALA K 382 -22.65 -99.96 32.55
CA ALA K 382 -21.81 -100.86 33.34
C ALA K 382 -21.28 -102.02 32.50
N MET K 383 -22.07 -102.50 31.55
CA MET K 383 -21.65 -103.60 30.69
C MET K 383 -20.76 -103.11 29.56
N GLU K 384 -20.37 -104.03 28.68
CA GLU K 384 -19.54 -103.69 27.53
C GLU K 384 -20.34 -103.08 26.40
N LEU K 385 -21.67 -103.19 26.41
CA LEU K 385 -22.61 -102.55 25.48
C LEU K 385 -22.32 -102.97 24.03
N ILE K 386 -22.61 -104.24 23.77
CA ILE K 386 -22.48 -104.80 22.42
C ILE K 386 -23.48 -104.12 21.51
N THR K 387 -22.97 -103.31 20.58
CA THR K 387 -23.84 -102.48 19.76
C THR K 387 -24.27 -103.23 18.50
N PRO K 388 -25.46 -102.99 17.99
CA PRO K 388 -25.85 -103.52 16.68
C PRO K 388 -25.45 -102.56 15.57
N ILE K 389 -25.66 -103.00 14.33
CA ILE K 389 -25.26 -102.20 13.18
C ILE K 389 -26.29 -101.11 12.91
N SER K 390 -27.57 -101.41 13.08
CA SER K 390 -28.61 -100.45 12.76
C SER K 390 -28.78 -99.37 13.83
N ALA K 391 -28.09 -99.52 14.96
CA ALA K 391 -28.08 -98.47 15.99
C ALA K 391 -27.44 -97.19 15.46
N GLY K 392 -26.15 -97.26 15.13
CA GLY K 392 -25.44 -96.15 14.53
C GLY K 392 -25.26 -94.93 15.41
N ASP K 393 -26.01 -93.87 15.11
CA ASP K 393 -25.87 -92.59 15.80
C ASP K 393 -26.78 -92.45 17.02
N LEU K 394 -27.18 -93.55 17.66
CA LEU K 394 -28.01 -93.43 18.86
C LEU K 394 -27.21 -92.89 20.03
N LEU K 395 -26.18 -93.61 20.45
CA LEU K 395 -25.38 -93.24 21.62
C LEU K 395 -24.05 -92.61 21.22
N SER K 396 -23.90 -92.20 19.96
CA SER K 396 -22.71 -91.47 19.53
C SER K 396 -22.75 -90.07 20.13
N PRO K 397 -21.66 -89.56 20.68
CA PRO K 397 -21.72 -88.31 21.46
C PRO K 397 -21.99 -87.05 20.63
N ASP K 398 -22.08 -87.15 19.31
CA ASP K 398 -22.37 -85.98 18.48
C ASP K 398 -23.83 -85.56 18.61
N SER K 399 -24.76 -86.51 18.53
CA SER K 399 -26.17 -86.16 18.43
C SER K 399 -27.07 -87.00 19.33
N VAL K 400 -26.67 -87.19 20.59
CA VAL K 400 -27.61 -87.78 21.56
C VAL K 400 -28.67 -86.77 21.94
N LEU K 401 -28.24 -85.57 22.32
CA LEU K 401 -29.11 -84.55 22.91
C LEU K 401 -29.44 -83.44 21.93
N SER K 402 -29.64 -83.77 20.64
CA SER K 402 -29.75 -82.74 19.62
C SER K 402 -31.09 -82.00 19.69
N CYS K 403 -32.16 -82.73 19.98
CA CYS K 403 -33.51 -82.20 19.87
C CYS K 403 -34.33 -82.55 21.10
N LEU K 404 -33.79 -82.21 22.28
CA LEU K 404 -34.56 -82.32 23.52
C LEU K 404 -35.83 -81.48 23.45
N TYR K 405 -35.67 -80.21 23.17
CA TYR K 405 -36.76 -79.34 22.80
C TYR K 405 -36.99 -79.45 21.30
N PRO K 406 -38.23 -79.17 20.82
CA PRO K 406 -38.52 -79.34 19.38
C PRO K 406 -37.72 -78.42 18.47
N GLY K 407 -36.82 -79.03 17.70
CA GLY K 407 -35.97 -78.29 16.78
C GLY K 407 -34.60 -77.98 17.34
N ASP K 408 -34.21 -76.71 17.23
CA ASP K 408 -33.00 -76.05 17.76
C ASP K 408 -31.72 -76.42 17.02
N HIS K 409 -31.75 -77.48 16.22
CA HIS K 409 -30.79 -77.81 15.16
C HIS K 409 -29.36 -78.09 15.60
N GLY K 410 -29.01 -77.82 16.86
CA GLY K 410 -27.66 -77.99 17.36
C GLY K 410 -26.53 -77.20 16.74
N LYS K 411 -26.80 -76.38 15.72
CA LYS K 411 -25.75 -75.81 14.87
C LYS K 411 -25.62 -74.30 15.00
N LYS K 412 -26.72 -73.58 14.82
CA LYS K 412 -26.69 -72.13 14.73
C LYS K 412 -26.45 -71.50 16.10
N THR K 413 -25.73 -70.39 16.09
CA THR K 413 -25.41 -69.68 17.32
C THR K 413 -26.65 -68.94 17.82
N PRO K 414 -26.88 -68.89 19.13
CA PRO K 414 -28.09 -68.27 19.66
C PRO K 414 -28.16 -66.77 19.52
N ASN K 415 -27.06 -66.05 19.79
CA ASN K 415 -27.14 -64.58 19.76
C ASN K 415 -26.63 -64.04 18.43
N PRO K 416 -27.28 -63.01 17.87
CA PRO K 416 -26.81 -62.44 16.60
C PRO K 416 -25.58 -61.57 16.74
N ALA K 417 -25.25 -61.16 17.97
CA ALA K 417 -24.00 -60.43 18.20
C ALA K 417 -22.80 -61.31 17.87
N ASN K 418 -22.94 -62.62 18.06
CA ASN K 418 -21.93 -63.55 17.61
C ASN K 418 -21.82 -63.56 16.09
N GLN K 419 -22.94 -63.36 15.39
CA GLN K 419 -22.88 -63.29 13.93
C GLN K 419 -22.16 -62.04 13.45
N TYR K 420 -22.41 -60.90 14.12
CA TYR K 420 -21.67 -59.69 13.79
C TYR K 420 -20.18 -59.82 14.12
N GLN K 421 -19.87 -60.50 15.23
CA GLN K 421 -18.48 -60.65 15.63
C GLN K 421 -17.75 -61.64 14.72
N PHE K 422 -18.47 -62.63 14.17
CA PHE K 422 -17.90 -63.50 13.15
C PHE K 422 -17.67 -62.75 11.84
N ASP K 423 -18.61 -61.85 11.50
CA ASP K 423 -18.47 -61.09 10.26
C ASP K 423 -17.35 -60.06 10.38
N LYS K 424 -17.01 -59.66 11.61
CA LYS K 424 -15.98 -58.66 11.81
C LYS K 424 -14.60 -59.21 11.48
N VAL K 425 -14.33 -60.47 11.80
CA VAL K 425 -13.00 -61.03 11.58
C VAL K 425 -13.04 -62.05 10.45
N GLY K 426 -14.16 -62.11 9.73
CA GLY K 426 -14.28 -62.96 8.56
C GLY K 426 -14.28 -64.45 8.86
N ILE K 427 -15.26 -64.91 9.62
CA ILE K 427 -15.35 -66.32 9.98
C ILE K 427 -16.80 -66.73 10.22
N LEU K 430 -19.32 -73.64 10.05
CA LEU K 430 -18.67 -73.52 11.35
C LEU K 430 -19.04 -74.71 12.25
N SER K 431 -19.63 -75.75 11.64
CA SER K 431 -20.03 -76.92 12.41
C SER K 431 -18.83 -77.76 12.81
N ASP K 432 -17.68 -77.56 12.14
CA ASP K 432 -16.44 -78.18 12.57
C ASP K 432 -16.02 -77.67 13.95
N TYR K 433 -16.21 -76.38 14.18
CA TYR K 433 -15.92 -75.81 15.50
C TYR K 433 -16.95 -76.29 16.52
N VAL K 434 -18.16 -76.61 16.06
CA VAL K 434 -19.19 -77.15 16.95
C VAL K 434 -18.82 -78.56 17.38
N LEU K 435 -18.34 -79.37 16.44
CA LEU K 435 -17.93 -80.73 16.79
C LEU K 435 -16.61 -80.73 17.56
N GLU K 436 -15.82 -79.66 17.43
CA GLU K 436 -14.56 -79.57 18.17
C GLU K 436 -14.80 -79.14 19.61
N LEU K 437 -15.60 -78.10 19.82
CA LEU K 437 -15.74 -77.47 21.13
C LEU K 437 -17.00 -77.88 21.89
N GLY K 438 -18.09 -78.13 21.18
CA GLY K 438 -19.33 -78.52 21.80
C GLY K 438 -20.51 -77.89 21.10
N HIS K 439 -21.70 -78.35 21.46
CA HIS K 439 -22.92 -77.89 20.83
C HIS K 439 -23.53 -76.75 21.64
N PRO K 440 -23.73 -75.58 21.03
CA PRO K 440 -24.43 -74.48 21.72
C PRO K 440 -25.95 -74.56 21.66
N TYR K 441 -26.55 -75.36 22.54
CA TYR K 441 -28.00 -75.46 22.55
C TYR K 441 -28.60 -74.27 23.30
N LEU K 442 -29.93 -74.18 23.25
CA LEU K 442 -30.62 -73.08 23.91
C LEU K 442 -30.87 -73.38 25.38
N TRP K 443 -31.21 -74.64 25.68
CA TRP K 443 -31.50 -75.02 27.06
C TRP K 443 -30.27 -74.97 27.94
N VAL K 444 -29.08 -75.20 27.35
CA VAL K 444 -27.81 -75.08 28.08
C VAL K 444 -27.64 -73.64 28.59
N GLN K 445 -27.98 -72.68 27.76
CA GLN K 445 -27.81 -71.29 28.13
C GLN K 445 -28.95 -70.80 29.01
N LYS K 446 -30.14 -71.40 28.88
CA LYS K 446 -31.20 -71.11 29.84
C LYS K 446 -30.85 -71.62 31.22
N LEU K 447 -30.14 -72.75 31.31
CA LEU K 447 -29.65 -73.23 32.60
C LEU K 447 -28.48 -72.37 33.08
N GLY K 448 -27.69 -71.83 32.15
CA GLY K 448 -26.55 -71.03 32.55
C GLY K 448 -26.92 -69.65 33.05
N GLY K 449 -28.14 -69.20 32.78
CA GLY K 449 -28.62 -67.90 33.21
C GLY K 449 -28.73 -66.89 32.08
N LEU K 450 -28.07 -67.13 30.96
CA LEU K 450 -28.11 -66.19 29.85
C LEU K 450 -29.42 -66.30 29.08
N HIS K 451 -30.07 -65.17 28.88
CA HIS K 451 -31.34 -65.13 28.15
C HIS K 451 -31.14 -64.42 26.83
N PHE K 452 -31.34 -65.14 25.73
CA PHE K 452 -31.16 -64.58 24.40
C PHE K 452 -32.49 -64.54 23.66
N PRO K 453 -32.71 -63.53 22.82
CA PRO K 453 -34.02 -63.39 22.17
C PRO K 453 -34.24 -64.44 21.09
N LYS K 454 -35.40 -65.07 21.13
CA LYS K 454 -35.78 -66.04 20.12
C LYS K 454 -36.13 -65.32 18.81
N GLU K 455 -36.20 -66.08 17.73
CA GLU K 455 -36.40 -65.49 16.41
C GLU K 455 -37.83 -65.01 16.23
N GLN K 456 -38.78 -65.69 16.85
CA GLN K 456 -40.18 -65.29 16.80
C GLN K 456 -40.69 -64.99 18.19
N PRO K 457 -41.34 -63.83 18.41
CA PRO K 457 -41.91 -63.51 19.72
C PRO K 457 -43.13 -64.35 20.07
N SER K 470 -37.55 -73.18 37.62
CA SER K 470 -38.07 -74.54 37.49
C SER K 470 -37.62 -75.16 36.16
N HIS K 471 -36.72 -74.47 35.47
CA HIS K 471 -36.18 -75.00 34.23
C HIS K 471 -35.25 -76.19 34.50
N MET K 472 -34.58 -76.16 35.65
CA MET K 472 -33.54 -77.15 35.97
C MET K 472 -34.11 -78.54 36.11
N GLU K 473 -35.19 -78.69 36.89
CA GLU K 473 -35.80 -80.00 37.11
C GLU K 473 -36.40 -80.56 35.83
N THR K 474 -36.98 -79.69 35.00
CA THR K 474 -37.56 -80.14 33.73
C THR K 474 -36.48 -80.60 32.76
N THR K 475 -35.36 -79.88 32.68
CA THR K 475 -34.28 -80.29 31.78
C THR K 475 -33.63 -81.59 32.25
N MET K 476 -33.45 -81.76 33.57
CA MET K 476 -32.84 -82.99 34.05
C MET K 476 -33.78 -84.18 33.89
N LYS K 477 -35.09 -83.96 34.04
CA LYS K 477 -36.04 -85.02 33.77
C LYS K 477 -36.09 -85.38 32.29
N LEU K 478 -35.93 -84.40 31.41
CA LEU K 478 -35.87 -84.72 29.98
C LEU K 478 -34.59 -85.47 29.62
N LEU K 479 -33.50 -85.18 30.33
CA LEU K 479 -32.29 -86.00 30.17
C LEU K 479 -32.52 -87.42 30.65
N LYS K 480 -33.23 -87.59 31.77
CA LYS K 480 -33.56 -88.91 32.29
C LYS K 480 -34.44 -89.71 31.32
N THR K 481 -35.38 -89.03 30.66
CA THR K 481 -36.21 -89.72 29.69
C THR K 481 -35.43 -90.04 28.42
N ARG K 482 -34.54 -89.14 28.00
CA ARG K 482 -33.79 -89.35 26.76
C ARG K 482 -32.81 -90.51 26.87
N VAL K 483 -32.12 -90.63 28.01
CA VAL K 483 -31.17 -91.73 28.19
C VAL K 483 -31.90 -93.08 28.21
N GLN K 484 -33.01 -93.17 28.95
CA GLN K 484 -33.79 -94.40 29.00
C GLN K 484 -34.38 -94.75 27.64
N SER K 485 -34.79 -93.74 26.88
CA SER K 485 -35.35 -93.99 25.55
C SER K 485 -34.28 -94.50 24.59
N ARG K 486 -33.07 -93.92 24.64
CA ARG K 486 -32.01 -94.39 23.74
C ARG K 486 -31.53 -95.79 24.13
N LEU K 487 -31.48 -96.10 25.42
CA LEU K 487 -31.08 -97.45 25.83
C LEU K 487 -32.14 -98.48 25.46
N ALA K 488 -33.41 -98.02 25.57
CA ALA K 488 -34.49 -98.93 25.20
C ALA K 488 -34.54 -99.16 23.69
N LEU K 489 -34.30 -98.10 22.90
CA LEU K 489 -34.21 -98.28 21.46
C LEU K 489 -33.00 -99.12 21.07
N HIS K 490 -31.91 -99.02 21.84
CA HIS K 490 -30.74 -99.86 21.59
C HIS K 490 -31.06 -101.34 21.80
N LYS K 491 -31.77 -101.65 22.89
CA LYS K 491 -32.17 -103.03 23.16
C LYS K 491 -33.13 -103.54 22.09
N GLN K 492 -34.06 -102.69 21.67
CA GLN K 492 -35.03 -103.08 20.65
C GLN K 492 -34.36 -103.30 19.30
N PHE K 493 -33.36 -102.49 18.95
CA PHE K 493 -32.69 -102.68 17.67
C PHE K 493 -31.81 -103.91 17.68
N ALA K 494 -31.19 -104.20 18.82
CA ALA K 494 -30.42 -105.43 18.98
C ALA K 494 -31.31 -106.65 18.85
N SER K 495 -32.57 -106.55 19.27
CA SER K 495 -33.49 -107.66 19.02
C SER K 495 -34.02 -107.68 17.59
N LEU K 496 -34.25 -106.51 16.98
CA LEU K 496 -34.90 -106.46 15.68
C LEU K 496 -33.96 -106.83 14.56
N GLU K 497 -32.65 -106.78 14.79
CA GLU K 497 -31.74 -107.24 13.73
C GLU K 497 -31.77 -108.75 13.55
N HIS K 498 -32.27 -109.48 14.55
CA HIS K 498 -32.40 -110.92 14.43
C HIS K 498 -33.76 -111.36 13.89
N GLY K 499 -34.53 -110.46 13.31
CA GLY K 499 -35.82 -110.81 12.74
C GLY K 499 -36.92 -111.05 13.73
N ILE K 500 -36.71 -110.74 15.01
CA ILE K 500 -37.69 -110.97 16.06
C ILE K 500 -38.16 -109.62 16.56
N VAL K 501 -39.49 -109.45 16.62
CA VAL K 501 -40.10 -108.24 17.17
C VAL K 501 -40.26 -108.44 18.67
N PRO K 502 -39.55 -107.67 19.50
CA PRO K 502 -39.65 -107.86 20.95
C PRO K 502 -40.92 -107.23 21.51
N VAL K 503 -41.88 -108.06 21.87
CA VAL K 503 -43.11 -107.62 22.49
C VAL K 503 -43.08 -107.99 23.97
N THR K 504 -43.67 -107.14 24.80
CA THR K 504 -43.64 -107.38 26.23
C THR K 504 -44.85 -108.20 26.65
N SER K 505 -44.87 -108.58 27.93
CA SER K 505 -46.00 -109.32 28.46
C SER K 505 -47.22 -108.43 28.65
N ASP K 506 -47.03 -107.11 28.68
CA ASP K 506 -48.14 -106.19 28.91
C ASP K 506 -48.92 -105.94 27.64
N CYS K 507 -48.25 -105.90 26.49
CA CYS K 507 -48.86 -105.46 25.24
C CYS K 507 -49.59 -106.57 24.49
N GLN K 508 -49.68 -107.77 25.06
CA GLN K 508 -50.20 -108.93 24.32
C GLN K 508 -51.67 -108.81 23.97
N TYR K 509 -52.43 -107.97 24.67
CA TYR K 509 -53.82 -107.77 24.32
C TYR K 509 -53.99 -106.86 23.12
N LEU K 510 -52.92 -106.19 22.68
CA LEU K 510 -53.05 -105.29 21.53
C LEU K 510 -53.11 -106.05 20.21
N PHE K 511 -52.63 -107.28 20.19
CA PHE K 511 -52.47 -108.01 18.96
C PHE K 511 -53.17 -109.36 19.02
N PRO K 512 -53.50 -109.96 17.88
CA PRO K 512 -53.96 -111.35 17.91
C PRO K 512 -52.81 -112.31 18.21
N ALA K 513 -53.18 -113.56 18.47
CA ALA K 513 -52.20 -114.55 18.89
C ALA K 513 -51.36 -115.02 17.70
N LYS K 514 -51.98 -115.59 16.68
CA LYS K 514 -51.28 -116.11 15.52
C LYS K 514 -50.90 -114.96 14.60
N VAL K 515 -49.65 -114.97 14.14
CA VAL K 515 -49.18 -114.03 13.13
C VAL K 515 -48.32 -114.82 12.14
N VAL K 516 -48.43 -114.48 10.86
CA VAL K 516 -47.75 -115.21 9.81
C VAL K 516 -46.62 -114.39 9.20
N SER K 517 -46.84 -113.09 9.00
CA SER K 517 -45.87 -112.21 8.39
C SER K 517 -44.76 -111.92 9.38
N ARG K 518 -43.52 -111.91 8.90
CA ARG K 518 -42.34 -111.74 9.73
C ARG K 518 -41.43 -110.67 9.15
N LEU K 519 -40.56 -110.16 10.01
CA LEU K 519 -39.60 -109.13 9.64
C LEU K 519 -38.30 -109.82 9.23
N VAL K 520 -37.83 -109.53 8.03
CA VAL K 520 -36.63 -110.20 7.52
C VAL K 520 -35.45 -109.24 7.38
N LYS K 521 -35.72 -107.94 7.26
CA LYS K 521 -34.64 -106.95 7.11
C LYS K 521 -34.98 -105.71 7.90
N TRP K 522 -33.97 -105.19 8.60
CA TRP K 522 -34.06 -103.94 9.36
C TRP K 522 -32.74 -103.21 9.18
N VAL K 523 -32.68 -102.31 8.20
CA VAL K 523 -31.43 -101.73 7.74
C VAL K 523 -31.52 -100.21 7.84
N THR K 524 -30.54 -99.60 8.50
CA THR K 524 -30.47 -98.15 8.52
C THR K 524 -30.05 -97.60 7.16
N ILE K 525 -30.61 -96.45 6.78
CA ILE K 525 -30.27 -95.76 5.56
C ILE K 525 -30.00 -94.30 5.89
N ALA K 526 -29.65 -93.53 4.87
CA ALA K 526 -29.31 -92.13 5.04
C ALA K 526 -30.48 -91.25 4.62
N HIS K 527 -30.29 -89.94 4.79
CA HIS K 527 -31.32 -88.96 4.42
C HIS K 527 -31.50 -88.89 2.92
N GLU K 528 -30.39 -88.88 2.17
CA GLU K 528 -30.48 -88.83 0.72
C GLU K 528 -31.01 -90.13 0.15
N ASP K 529 -30.69 -91.26 0.80
CA ASP K 529 -31.26 -92.55 0.40
C ASP K 529 -32.76 -92.58 0.67
N TYR K 530 -33.21 -91.88 1.71
CA TYR K 530 -34.63 -91.78 1.98
C TYR K 530 -35.33 -90.92 0.93
N MET K 531 -34.70 -89.80 0.56
CA MET K 531 -35.32 -88.93 -0.42
C MET K 531 -35.23 -89.46 -1.85
N GLU K 532 -34.34 -90.44 -2.11
CA GLU K 532 -34.32 -91.10 -3.41
C GLU K 532 -35.48 -92.06 -3.60
N LEU K 533 -36.17 -92.44 -2.53
CA LEU K 533 -37.29 -93.36 -2.66
C LEU K 533 -38.47 -92.66 -3.31
N HIS K 534 -39.16 -93.39 -4.18
CA HIS K 534 -40.25 -92.80 -4.96
C HIS K 534 -41.52 -92.61 -4.15
N PHE K 535 -41.73 -93.44 -3.12
CA PHE K 535 -43.00 -93.48 -2.41
C PHE K 535 -42.98 -92.68 -1.12
N THR K 536 -41.99 -91.80 -0.93
CA THR K 536 -41.91 -90.99 0.27
C THR K 536 -41.87 -89.51 -0.07
N LYS K 537 -42.67 -89.07 -1.05
CA LYS K 537 -42.65 -87.67 -1.43
C LYS K 537 -43.48 -86.82 -0.47
N ASP K 538 -44.47 -87.44 0.18
CA ASP K 538 -45.41 -86.69 1.00
C ASP K 538 -44.80 -86.31 2.34
N ILE K 539 -43.95 -87.19 2.89
CA ILE K 539 -43.25 -86.88 4.13
C ILE K 539 -42.28 -85.72 3.92
N VAL K 540 -41.56 -85.75 2.78
CA VAL K 540 -40.61 -84.69 2.46
C VAL K 540 -41.33 -83.38 2.19
N ASP K 541 -42.43 -83.43 1.43
CA ASP K 541 -43.18 -82.21 1.11
C ASP K 541 -43.95 -81.68 2.30
N ALA K 542 -44.24 -82.52 3.30
CA ALA K 542 -44.92 -82.04 4.49
C ALA K 542 -43.98 -81.33 5.45
N GLY K 543 -42.68 -81.57 5.34
CA GLY K 543 -41.72 -80.99 6.25
C GLY K 543 -41.31 -81.87 7.40
N LEU K 544 -41.48 -83.18 7.29
CA LEU K 544 -41.17 -84.11 8.36
C LEU K 544 -39.86 -84.85 8.12
N ALA K 545 -39.30 -84.79 6.92
CA ALA K 545 -38.03 -85.42 6.62
C ALA K 545 -36.90 -84.38 6.68
N GLY K 546 -36.64 -83.93 7.89
CA GLY K 546 -35.55 -83.00 8.12
C GLY K 546 -34.21 -83.72 8.15
N ASP K 547 -33.17 -82.92 8.39
CA ASP K 547 -31.82 -83.48 8.43
C ASP K 547 -31.58 -84.25 9.71
N THR K 548 -32.10 -83.78 10.83
CA THR K 548 -31.83 -84.38 12.14
C THR K 548 -32.83 -85.48 12.46
N ASN K 549 -32.81 -86.53 11.64
CA ASN K 549 -33.67 -87.68 11.83
C ASN K 549 -32.88 -88.95 11.61
N LEU K 550 -33.46 -90.07 12.04
CA LEU K 550 -32.90 -91.39 11.80
C LEU K 550 -33.84 -92.12 10.85
N TYR K 551 -33.29 -92.62 9.74
CA TYR K 551 -34.08 -93.19 8.66
C TYR K 551 -33.79 -94.67 8.53
N TYR K 552 -34.85 -95.49 8.59
CA TYR K 552 -34.72 -96.93 8.65
C TYR K 552 -35.55 -97.57 7.55
N MET K 553 -35.21 -98.80 7.21
CA MET K 553 -35.95 -99.58 6.23
C MET K 553 -36.26 -100.93 6.83
N ALA K 554 -37.55 -101.23 6.99
CA ALA K 554 -38.01 -102.55 7.38
C ALA K 554 -38.58 -103.26 6.16
N LEU K 555 -38.41 -104.56 6.12
CA LEU K 555 -38.93 -105.34 5.00
C LEU K 555 -39.67 -106.54 5.55
N ILE K 556 -40.96 -106.61 5.28
CA ILE K 556 -41.83 -107.63 5.86
C ILE K 556 -42.41 -108.49 4.75
N GLU K 557 -42.33 -109.80 4.92
CA GLU K 557 -42.71 -110.72 3.87
C GLU K 557 -43.74 -111.74 4.32
N ARG K 558 -44.58 -112.15 3.36
CA ARG K 558 -45.22 -113.46 3.34
C ARG K 558 -44.89 -114.10 2.01
N GLY K 559 -45.57 -115.20 1.68
CA GLY K 559 -45.34 -115.94 0.44
C GLY K 559 -45.51 -115.11 -0.81
N THR K 560 -44.37 -114.78 -1.43
CA THR K 560 -44.21 -113.86 -2.56
C THR K 560 -44.79 -112.48 -2.30
N ALA K 561 -44.83 -112.04 -1.04
CA ALA K 561 -45.39 -110.74 -0.68
C ALA K 561 -44.35 -109.95 0.08
N LYS K 562 -43.86 -108.87 -0.51
CA LYS K 562 -42.83 -108.04 0.08
C LYS K 562 -43.37 -106.65 0.34
N LEU K 563 -43.08 -106.13 1.53
CA LEU K 563 -43.58 -104.83 1.98
C LEU K 563 -42.41 -104.02 2.51
N GLN K 564 -42.08 -102.94 1.82
CA GLN K 564 -41.02 -102.05 2.25
C GLN K 564 -41.63 -100.92 3.06
N ALA K 565 -41.15 -100.76 4.30
CA ALA K 565 -41.65 -99.74 5.22
C ALA K 565 -40.49 -98.84 5.61
N ALA K 566 -40.52 -97.61 5.10
CA ALA K 566 -39.52 -96.62 5.43
C ALA K 566 -39.96 -95.87 6.68
N VAL K 567 -39.04 -95.74 7.64
CA VAL K 567 -39.34 -95.30 9.00
C VAL K 567 -38.55 -94.03 9.28
N VAL K 568 -39.22 -93.00 9.79
CA VAL K 568 -38.57 -91.78 10.23
C VAL K 568 -38.73 -91.65 11.74
N LEU K 569 -37.60 -91.53 12.44
CA LEU K 569 -37.55 -91.18 13.86
C LEU K 569 -36.97 -89.78 14.01
N ASN K 570 -37.68 -88.91 14.72
CA ASN K 570 -36.97 -87.73 15.20
C ASN K 570 -36.47 -88.00 16.62
N PRO K 571 -35.46 -87.25 17.10
CA PRO K 571 -34.82 -87.65 18.38
C PRO K 571 -35.70 -87.51 19.61
N GLY K 572 -36.85 -86.85 19.50
CA GLY K 572 -37.79 -86.88 20.60
C GLY K 572 -38.68 -88.11 20.59
N TYR K 573 -38.09 -89.30 20.64
CA TYR K 573 -38.87 -90.53 20.65
C TYR K 573 -39.59 -90.68 21.99
N SER K 574 -40.73 -91.40 21.92
CA SER K 574 -41.72 -91.68 22.96
C SER K 574 -42.54 -90.45 23.31
N SER K 575 -42.27 -89.35 22.63
CA SER K 575 -43.11 -88.16 22.67
C SER K 575 -43.59 -87.76 21.30
N ILE K 576 -42.84 -88.08 20.26
CA ILE K 576 -43.26 -87.91 18.87
C ILE K 576 -43.05 -89.25 18.18
N PRO K 577 -44.06 -89.83 17.56
CA PRO K 577 -43.94 -91.20 17.06
C PRO K 577 -43.15 -91.25 15.76
N PRO K 578 -42.55 -92.40 15.44
CA PRO K 578 -42.01 -92.58 14.10
C PRO K 578 -43.11 -92.60 13.05
N ILE K 579 -42.80 -92.09 11.87
CA ILE K 579 -43.79 -92.06 10.79
C ILE K 579 -43.34 -93.03 9.69
N PHE K 580 -44.31 -93.76 9.15
CA PHE K 580 -44.03 -94.87 8.24
C PHE K 580 -44.54 -94.54 6.85
N GLN K 581 -43.85 -95.07 5.85
CA GLN K 581 -44.34 -95.10 4.47
C GLN K 581 -44.25 -96.53 3.97
N LEU K 582 -45.27 -96.96 3.23
CA LEU K 582 -45.42 -98.36 2.86
C LEU K 582 -45.46 -98.51 1.35
N CYS K 583 -44.77 -99.53 0.84
CA CYS K 583 -44.82 -99.90 -0.57
C CYS K 583 -44.90 -101.41 -0.64
N LEU K 584 -46.01 -101.94 -1.18
CA LEU K 584 -46.21 -103.37 -1.28
C LEU K 584 -45.90 -103.82 -2.70
N ASN K 585 -44.80 -104.55 -2.86
CA ASN K 585 -44.43 -105.12 -4.15
C ASN K 585 -44.89 -106.58 -4.19
N TRP K 586 -46.21 -106.75 -4.26
CA TRP K 586 -46.81 -108.08 -4.30
C TRP K 586 -47.24 -108.48 -5.71
N LYS K 587 -48.13 -107.69 -6.32
CA LYS K 587 -48.53 -107.87 -7.71
C LYS K 587 -48.45 -106.50 -8.35
N GLY K 588 -47.53 -106.35 -9.30
CA GLY K 588 -47.24 -105.03 -9.84
C GLY K 588 -46.53 -104.20 -8.80
N GLU K 589 -47.07 -103.03 -8.46
CA GLU K 589 -46.52 -102.23 -7.38
C GLU K 589 -47.67 -101.46 -6.75
N LYS K 590 -48.24 -102.03 -5.69
CA LYS K 590 -49.37 -101.43 -4.99
C LYS K 590 -48.82 -100.46 -3.95
N THR K 591 -48.90 -99.17 -4.25
CA THR K 591 -48.30 -98.15 -3.41
C THR K 591 -49.39 -97.23 -2.84
N ASN K 592 -48.94 -96.15 -2.19
CA ASN K 592 -49.85 -95.25 -1.50
C ASN K 592 -50.68 -94.43 -2.48
N SER K 593 -50.19 -94.22 -3.70
CA SER K 593 -50.91 -93.36 -4.63
C SER K 593 -51.96 -94.12 -5.44
N ASN K 594 -51.85 -95.44 -5.55
CA ASN K 594 -52.74 -96.21 -6.40
C ASN K 594 -53.58 -97.22 -5.60
N ASP K 595 -53.54 -97.14 -4.28
CA ASP K 595 -54.32 -98.04 -3.45
C ASP K 595 -54.70 -97.29 -2.18
N ASP K 596 -55.91 -97.56 -1.68
CA ASP K 596 -56.42 -96.84 -0.53
C ASP K 596 -56.30 -97.67 0.75
N ASN K 597 -56.12 -98.98 0.63
CA ASN K 597 -55.92 -99.78 1.83
C ASN K 597 -54.49 -99.65 2.36
N ILE K 598 -53.55 -99.33 1.47
CA ILE K 598 -52.20 -98.94 1.91
C ILE K 598 -52.27 -97.68 2.75
N ARG K 599 -53.04 -96.70 2.29
CA ARG K 599 -53.25 -95.46 3.03
C ARG K 599 -54.00 -95.71 4.32
N ALA K 600 -54.89 -96.72 4.33
CA ALA K 600 -55.59 -97.08 5.56
C ALA K 600 -54.65 -97.70 6.59
N MET K 601 -53.72 -98.54 6.14
CA MET K 601 -52.73 -99.11 7.06
C MET K 601 -51.79 -98.04 7.59
N GLU K 602 -51.43 -97.07 6.74
CA GLU K 602 -50.63 -95.94 7.20
C GLU K 602 -51.39 -95.09 8.20
N GLY K 603 -52.72 -94.98 8.04
CA GLY K 603 -53.51 -94.28 9.03
C GLY K 603 -53.64 -95.05 10.32
N GLU K 604 -53.67 -96.38 10.24
CA GLU K 604 -53.75 -97.20 11.45
C GLU K 604 -52.46 -97.16 12.23
N VAL K 605 -51.33 -97.01 11.55
CA VAL K 605 -50.05 -96.97 12.27
C VAL K 605 -49.71 -95.55 12.73
N ASN K 606 -49.77 -94.57 11.83
CA ASN K 606 -49.25 -93.24 12.11
C ASN K 606 -50.21 -92.41 12.97
N VAL K 607 -51.48 -92.34 12.59
CA VAL K 607 -52.40 -91.42 13.25
C VAL K 607 -52.92 -92.00 14.57
N CYS K 608 -53.14 -93.31 14.64
CA CYS K 608 -53.71 -93.95 15.82
C CYS K 608 -52.64 -94.53 16.72
N TYR K 609 -51.52 -93.83 16.88
CA TYR K 609 -50.37 -94.39 17.59
C TYR K 609 -50.59 -94.43 19.10
N LYS K 610 -51.50 -93.60 19.64
CA LYS K 610 -51.69 -93.55 21.08
C LYS K 610 -52.40 -94.77 21.63
N GLU K 611 -53.00 -95.61 20.76
CA GLU K 611 -53.49 -96.89 21.23
C GLU K 611 -52.35 -97.85 21.52
N LEU K 612 -51.18 -97.61 20.92
CA LEU K 612 -50.06 -98.53 21.03
C LEU K 612 -49.10 -98.19 22.15
N CYS K 613 -49.16 -96.98 22.67
CA CYS K 613 -48.30 -96.62 23.80
C CYS K 613 -48.85 -97.22 25.10
N GLY K 614 -47.96 -97.82 25.87
CA GLY K 614 -48.38 -98.57 27.04
C GLY K 614 -48.35 -97.76 28.32
N PRO K 615 -47.44 -98.13 29.25
CA PRO K 615 -47.35 -97.41 30.52
C PRO K 615 -46.68 -96.04 30.39
N TRP K 616 -46.36 -95.41 31.53
CA TRP K 616 -45.71 -94.11 31.48
C TRP K 616 -44.29 -94.16 30.90
N PRO K 617 -43.43 -95.17 31.23
CA PRO K 617 -42.21 -95.23 30.37
C PRO K 617 -42.48 -95.99 29.07
N SER K 618 -43.26 -95.35 28.18
CA SER K 618 -43.70 -96.00 26.94
C SER K 618 -42.59 -95.89 25.90
N HIS K 619 -41.58 -96.73 26.05
CA HIS K 619 -40.49 -96.80 25.10
C HIS K 619 -40.63 -98.00 24.18
N GLN K 620 -41.78 -98.67 24.23
CA GLN K 620 -42.06 -99.85 23.41
C GLN K 620 -42.95 -99.53 22.23
N LEU K 621 -42.93 -98.28 21.75
CA LEU K 621 -43.92 -97.86 20.76
C LEU K 621 -43.57 -98.37 19.37
N LEU K 622 -42.27 -98.41 19.04
CA LEU K 622 -41.85 -98.81 17.70
C LEU K 622 -42.12 -100.29 17.45
N THR K 623 -41.89 -101.13 18.47
CA THR K 623 -42.17 -102.55 18.31
C THR K 623 -43.68 -102.81 18.19
N ASN K 624 -44.48 -102.03 18.91
CA ASN K 624 -45.93 -102.18 18.81
C ASN K 624 -46.44 -101.76 17.45
N GLN K 625 -45.84 -100.70 16.87
CA GLN K 625 -46.19 -100.31 15.51
C GLN K 625 -45.79 -101.38 14.49
N LEU K 626 -44.61 -101.99 14.66
CA LEU K 626 -44.19 -103.01 13.72
C LEU K 626 -45.04 -104.27 13.83
N GLN K 627 -45.44 -104.65 15.05
CA GLN K 627 -46.30 -105.81 15.22
C GLN K 627 -47.69 -105.56 14.66
N ARG K 628 -48.24 -104.36 14.88
CA ARG K 628 -49.53 -104.02 14.30
C ARG K 628 -49.47 -104.00 12.78
N LEU K 629 -48.34 -103.54 12.22
CA LEU K 629 -48.22 -103.49 10.76
C LEU K 629 -48.08 -104.90 10.18
N CYS K 630 -47.47 -105.82 10.92
CA CYS K 630 -47.48 -107.22 10.51
C CYS K 630 -48.90 -107.79 10.50
N VAL K 631 -49.68 -107.47 11.54
CA VAL K 631 -51.08 -107.90 11.62
C VAL K 631 -51.89 -107.31 10.46
N LEU K 632 -51.62 -106.05 10.11
CA LEU K 632 -52.34 -105.42 9.01
C LEU K 632 -51.97 -106.02 7.67
N LEU K 633 -50.71 -106.44 7.50
CA LEU K 633 -50.34 -107.14 6.28
C LEU K 633 -51.05 -108.48 6.17
N ASP K 634 -51.19 -109.18 7.30
CA ASP K 634 -51.96 -110.43 7.32
C ASP K 634 -53.41 -110.20 6.92
N VAL K 635 -54.01 -109.11 7.41
CA VAL K 635 -55.40 -108.81 7.09
C VAL K 635 -55.55 -108.44 5.63
N TYR K 636 -54.64 -107.61 5.12
CA TYR K 636 -54.70 -107.18 3.72
C TYR K 636 -54.50 -108.34 2.76
N LEU K 637 -53.73 -109.35 3.16
CA LEU K 637 -53.52 -110.46 2.24
C LEU K 637 -54.62 -111.51 2.36
N GLU K 638 -55.14 -111.75 3.56
CA GLU K 638 -56.16 -112.79 3.69
C GLU K 638 -57.54 -112.31 3.25
N THR K 639 -57.90 -111.08 3.60
CA THR K 639 -59.24 -110.59 3.30
C THR K 639 -59.40 -110.05 1.89
N GLU K 640 -58.41 -110.20 1.03
CA GLU K 640 -58.56 -109.76 -0.34
C GLU K 640 -59.37 -110.78 -1.14
N SER K 641 -60.35 -110.29 -1.89
CA SER K 641 -61.20 -111.15 -2.71
C SER K 641 -60.45 -111.58 -3.96
N HIS K 642 -60.82 -112.76 -4.47
CA HIS K 642 -60.17 -113.31 -5.65
C HIS K 642 -60.69 -112.66 -6.92
N LEU K 659 -65.85 -108.99 10.08
CA LEU K 659 -67.08 -108.47 9.49
C LEU K 659 -67.05 -108.70 7.98
N ARG K 660 -68.12 -108.23 7.28
CA ARG K 660 -68.59 -108.85 6.04
C ARG K 660 -67.57 -108.96 4.92
N LEU K 661 -67.17 -107.87 4.24
CA LEU K 661 -65.81 -107.76 3.75
C LEU K 661 -65.39 -106.29 3.73
N PHE K 662 -66.35 -105.42 3.50
CA PHE K 662 -66.15 -104.09 2.92
C PHE K 662 -67.22 -103.15 3.47
N ARG K 663 -66.88 -101.87 3.58
CA ARG K 663 -67.88 -100.85 3.85
C ARG K 663 -67.35 -99.51 3.37
N GLY K 664 -68.27 -98.58 3.14
CA GLY K 664 -67.91 -97.23 2.77
C GLY K 664 -67.74 -97.07 1.28
N PRO K 665 -67.59 -95.83 0.83
CA PRO K 665 -67.39 -95.59 -0.61
C PRO K 665 -66.04 -96.08 -1.12
N SER K 666 -65.03 -96.11 -0.27
CA SER K 666 -63.71 -96.54 -0.67
C SER K 666 -63.50 -98.04 -0.55
N ARG K 667 -64.52 -98.78 -0.13
CA ARG K 667 -64.55 -100.24 -0.03
C ARG K 667 -63.47 -100.72 0.93
N MET K 668 -63.58 -100.27 2.17
CA MET K 668 -62.52 -100.37 3.15
C MET K 668 -62.51 -101.75 3.83
N LYS K 669 -61.31 -102.27 4.04
CA LYS K 669 -61.08 -103.54 4.73
C LYS K 669 -61.05 -103.33 6.24
N PRO K 670 -61.41 -104.35 7.02
CA PRO K 670 -61.45 -104.17 8.48
C PRO K 670 -60.07 -104.25 9.12
N PHE K 671 -59.64 -103.17 9.77
CA PHE K 671 -58.30 -103.08 10.31
C PHE K 671 -58.24 -102.84 11.81
N LYS K 672 -59.38 -102.72 12.48
CA LYS K 672 -59.40 -102.56 13.93
C LYS K 672 -59.56 -103.91 14.60
N TYR K 673 -58.74 -104.16 15.61
CA TYR K 673 -58.80 -105.43 16.34
C TYR K 673 -59.62 -105.26 17.61
N ASN K 674 -60.37 -106.29 17.97
CA ASN K 674 -61.19 -106.32 19.16
C ASN K 674 -60.74 -107.49 20.03
N HIS K 675 -60.19 -107.18 21.20
CA HIS K 675 -59.51 -108.21 22.00
C HIS K 675 -60.42 -109.09 22.85
N PRO K 676 -61.41 -108.58 23.63
CA PRO K 676 -62.17 -109.51 24.48
C PRO K 676 -63.05 -110.47 23.71
N GLN K 677 -63.39 -110.17 22.46
CA GLN K 677 -64.00 -111.16 21.58
C GLN K 677 -63.08 -111.60 20.46
N GLY K 678 -62.02 -110.85 20.18
CA GLY K 678 -60.99 -111.25 19.24
C GLY K 678 -61.42 -111.29 17.79
N PHE K 679 -61.80 -110.15 17.22
CA PHE K 679 -62.22 -110.13 15.83
C PHE K 679 -61.97 -108.75 15.23
N PHE K 680 -61.97 -108.69 13.91
CA PHE K 680 -61.62 -107.48 13.18
C PHE K 680 -62.86 -106.73 12.72
N SER K 681 -62.94 -105.46 13.11
CA SER K 681 -63.97 -104.55 12.65
C SER K 681 -63.32 -103.43 11.85
N HIS K 682 -64.14 -102.54 11.33
CA HIS K 682 -63.62 -101.39 10.60
C HIS K 682 -63.37 -100.23 11.57
N ARG K 683 -62.52 -99.31 11.13
CA ARG K 683 -62.16 -98.15 11.93
C ARG K 683 -63.33 -97.17 12.01
N VAL L 5 -38.47 -76.28 -0.29
CA VAL L 5 -39.76 -76.95 -0.48
C VAL L 5 -40.47 -77.28 0.88
N PRO L 6 -39.77 -77.83 1.93
CA PRO L 6 -40.44 -77.88 3.24
C PRO L 6 -40.53 -76.52 3.90
N LEU L 7 -41.56 -75.75 3.55
CA LEU L 7 -41.72 -74.40 4.06
C LEU L 7 -41.99 -74.39 5.56
N ALA L 8 -43.08 -75.02 5.98
CA ALA L 8 -43.46 -75.07 7.38
C ALA L 8 -43.06 -76.40 8.00
N VAL L 9 -42.11 -76.34 8.93
CA VAL L 9 -41.72 -77.49 9.73
C VAL L 9 -42.43 -77.40 11.06
N PRO L 10 -43.15 -78.44 11.50
CA PRO L 10 -44.01 -78.30 12.69
C PRO L 10 -43.29 -78.07 14.00
N LEU L 11 -42.35 -78.95 14.38
CA LEU L 11 -41.53 -78.84 15.59
C LEU L 11 -42.39 -78.76 16.85
N GLY L 12 -43.08 -79.86 17.14
CA GLY L 12 -43.93 -79.94 18.31
C GLY L 12 -44.93 -81.08 18.20
N GLN L 13 -45.22 -81.75 19.32
CA GLN L 13 -46.03 -82.97 19.30
C GLN L 13 -47.44 -82.72 18.76
N THR L 14 -48.07 -81.62 19.18
CA THR L 14 -49.39 -81.29 18.70
C THR L 14 -49.38 -80.94 17.22
N GLU L 15 -48.37 -80.19 16.78
CA GLU L 15 -48.35 -79.79 15.38
C GLU L 15 -47.89 -80.92 14.47
N VAL L 16 -47.03 -81.81 14.96
CA VAL L 16 -46.71 -83.04 14.22
C VAL L 16 -47.95 -83.92 14.09
N PHE L 17 -48.75 -83.99 15.16
CA PHE L 17 -49.98 -84.80 15.09
C PHE L 17 -51.00 -84.18 14.15
N GLN L 18 -51.07 -82.86 14.10
CA GLN L 18 -51.97 -82.20 13.15
C GLN L 18 -51.49 -82.37 11.71
N ALA L 19 -50.18 -82.35 11.49
CA ALA L 19 -49.65 -82.60 10.16
C ALA L 19 -49.88 -84.05 9.73
N LEU L 20 -49.87 -84.97 10.69
CA LEU L 20 -50.15 -86.37 10.37
C LEU L 20 -51.63 -86.59 10.07
N GLN L 21 -52.51 -85.86 10.75
CA GLN L 21 -53.93 -85.99 10.44
C GLN L 21 -54.25 -85.34 9.09
N ARG L 22 -53.59 -84.24 8.76
CA ARG L 22 -53.81 -83.63 7.45
C ARG L 22 -53.22 -84.50 6.35
N LEU L 23 -52.12 -85.19 6.63
CA LEU L 23 -51.50 -86.03 5.62
C LEU L 23 -52.32 -87.29 5.35
N HIS L 24 -53.09 -87.75 6.34
CA HIS L 24 -53.92 -88.94 6.21
C HIS L 24 -55.41 -88.61 6.19
N MET L 25 -55.80 -87.56 5.49
CA MET L 25 -57.19 -87.13 5.46
C MET L 25 -57.85 -87.51 4.14
N THR L 26 -59.09 -87.96 4.23
CA THR L 26 -59.92 -88.25 3.07
C THR L 26 -61.21 -87.46 3.18
N ILE L 27 -61.58 -86.75 2.12
CA ILE L 27 -62.77 -85.91 2.10
C ILE L 27 -63.83 -86.63 1.28
N PHE L 28 -64.87 -87.12 1.94
CA PHE L 28 -65.88 -87.96 1.29
C PHE L 28 -66.99 -87.17 0.61
N SER L 29 -67.54 -86.18 1.29
CA SER L 29 -68.78 -85.56 0.85
C SER L 29 -68.60 -84.07 0.62
N GLN L 30 -69.48 -83.51 -0.21
CA GLN L 30 -69.56 -82.09 -0.44
C GLN L 30 -71.01 -81.65 -0.51
N SER L 31 -71.28 -80.46 -0.02
CA SER L 31 -72.61 -79.88 -0.12
C SER L 31 -72.46 -78.39 -0.35
N VAL L 32 -73.49 -77.77 -0.91
CA VAL L 32 -73.48 -76.35 -1.19
C VAL L 32 -74.60 -75.71 -0.38
N SER L 33 -74.42 -74.44 -0.03
CA SER L 33 -75.43 -73.71 0.72
C SER L 33 -76.66 -73.43 -0.15
N PRO L 34 -77.79 -72.98 0.44
CA PRO L 34 -78.89 -72.49 -0.41
C PRO L 34 -78.51 -71.33 -1.32
N CYS L 35 -77.70 -70.41 -0.83
CA CYS L 35 -77.02 -69.45 -1.69
C CYS L 35 -75.74 -70.09 -2.22
N GLY L 36 -75.08 -69.41 -3.16
CA GLY L 36 -73.86 -69.97 -3.68
C GLY L 36 -72.66 -69.78 -2.79
N LYS L 37 -72.83 -69.01 -1.70
CA LYS L 37 -71.69 -68.37 -1.05
C LYS L 37 -70.89 -69.33 -0.20
N PHE L 38 -71.48 -70.45 0.21
CA PHE L 38 -70.81 -71.35 1.15
C PHE L 38 -70.74 -72.77 0.62
N LEU L 39 -69.69 -73.47 1.05
CA LEU L 39 -69.44 -74.86 0.73
C LEU L 39 -69.28 -75.62 2.03
N ALA L 40 -69.67 -76.90 2.03
CA ALA L 40 -69.50 -77.74 3.20
C ALA L 40 -68.79 -79.02 2.79
N ALA L 41 -67.77 -79.40 3.56
CA ALA L 41 -66.97 -80.56 3.24
C ALA L 41 -66.96 -81.52 4.42
N GLY L 42 -67.25 -82.79 4.14
CA GLY L 42 -67.25 -83.83 5.14
C GLY L 42 -65.89 -84.48 5.22
N ASN L 43 -65.62 -85.13 6.35
CA ASN L 43 -64.26 -85.52 6.68
C ASN L 43 -64.17 -87.00 6.98
N ASN L 44 -62.94 -87.51 6.88
CA ASN L 44 -62.61 -88.87 7.33
C ASN L 44 -62.87 -89.02 8.82
N TYR L 45 -62.59 -87.99 9.60
CA TYR L 45 -62.62 -88.08 11.05
C TYR L 45 -63.96 -87.67 11.64
N GLY L 46 -64.96 -87.44 10.80
CA GLY L 46 -66.27 -87.05 11.27
C GLY L 46 -66.44 -85.56 11.44
N GLN L 47 -65.55 -84.78 10.84
CA GLN L 47 -65.56 -83.34 11.00
C GLN L 47 -66.29 -82.73 9.82
N ILE L 48 -66.63 -81.45 9.93
CA ILE L 48 -67.23 -80.71 8.83
C ILE L 48 -66.56 -79.36 8.74
N ALA L 49 -66.04 -79.03 7.55
CA ALA L 49 -65.50 -77.72 7.29
C ALA L 49 -66.50 -76.91 6.48
N ILE L 50 -66.49 -75.59 6.71
CA ILE L 50 -67.36 -74.67 5.98
C ILE L 50 -66.47 -73.66 5.28
N PHE L 51 -66.62 -73.57 3.98
CA PHE L 51 -65.75 -72.79 3.10
C PHE L 51 -66.51 -71.58 2.58
N SER L 52 -65.99 -70.39 2.88
CA SER L 52 -66.56 -69.16 2.33
C SER L 52 -66.13 -69.10 0.88
N LEU L 53 -67.01 -69.58 -0.01
CA LEU L 53 -66.62 -69.75 -1.40
C LEU L 53 -66.63 -68.42 -2.14
N SER L 54 -67.56 -67.54 -1.79
CA SER L 54 -67.60 -66.21 -2.39
C SER L 54 -66.42 -65.36 -1.92
N SER L 55 -65.98 -65.57 -0.68
CA SER L 55 -64.80 -64.86 -0.19
C SER L 55 -63.53 -65.39 -0.82
N ALA L 56 -63.51 -66.68 -1.17
CA ALA L 56 -62.35 -67.23 -1.85
C ALA L 56 -62.31 -66.77 -3.30
N LEU L 57 -63.47 -66.64 -3.94
CA LEU L 57 -63.52 -66.22 -5.34
C LEU L 57 -63.52 -64.71 -5.51
N SER L 58 -63.40 -63.95 -4.43
CA SER L 58 -63.43 -62.49 -4.54
C SER L 58 -62.11 -61.95 -5.07
N SER L 59 -62.14 -60.68 -5.46
CA SER L 59 -60.92 -60.01 -5.90
C SER L 59 -59.99 -59.75 -4.71
N GLU L 60 -60.54 -59.32 -3.59
CA GLU L 60 -59.78 -59.27 -2.35
C GLU L 60 -59.77 -60.65 -1.72
N ALA L 61 -58.66 -61.35 -1.83
CA ALA L 61 -58.57 -62.70 -1.30
C ALA L 61 -57.18 -62.90 -0.69
N LYS L 62 -57.18 -63.39 0.55
CA LYS L 62 -55.95 -63.63 1.28
C LYS L 62 -55.64 -65.12 1.27
N GLU L 63 -54.41 -65.44 1.68
CA GLU L 63 -54.02 -66.84 1.76
C GLU L 63 -54.73 -67.56 2.90
N GLU L 64 -55.15 -66.83 3.93
CA GLU L 64 -55.96 -67.39 4.99
C GLU L 64 -57.45 -67.40 4.67
N SER L 65 -57.84 -66.93 3.49
CA SER L 65 -59.22 -67.05 3.06
C SER L 65 -59.53 -68.43 2.48
N LYS L 66 -58.50 -69.20 2.14
CA LYS L 66 -58.66 -70.57 1.68
C LYS L 66 -58.56 -71.55 2.84
N LYS L 67 -59.31 -71.28 3.91
CA LYS L 67 -59.32 -72.03 5.14
C LYS L 67 -60.77 -72.14 5.58
N PRO L 68 -61.11 -73.14 6.41
CA PRO L 68 -62.48 -73.21 6.92
C PRO L 68 -62.77 -72.06 7.88
N VAL L 69 -63.87 -71.35 7.63
CA VAL L 69 -64.27 -70.29 8.55
C VAL L 69 -64.84 -70.90 9.82
N VAL L 70 -65.54 -72.02 9.70
CA VAL L 70 -66.00 -72.82 10.84
C VAL L 70 -65.77 -74.28 10.49
N THR L 71 -64.98 -74.96 11.30
CA THR L 71 -64.88 -76.41 11.25
C THR L 71 -65.29 -76.96 12.60
N PHE L 72 -66.00 -78.08 12.59
CA PHE L 72 -66.52 -78.60 13.84
C PHE L 72 -66.70 -80.11 13.77
N GLN L 73 -66.45 -80.77 14.90
CA GLN L 73 -66.72 -82.18 15.05
C GLN L 73 -68.22 -82.42 15.04
N ALA L 74 -68.68 -83.30 14.16
CA ALA L 74 -70.11 -83.49 13.96
C ALA L 74 -70.57 -84.93 14.07
N HIS L 75 -69.71 -85.91 13.82
CA HIS L 75 -70.11 -87.30 13.92
C HIS L 75 -68.97 -88.10 14.55
N ASP L 76 -69.32 -89.25 15.11
CA ASP L 76 -68.29 -90.11 15.70
C ASP L 76 -67.50 -90.85 14.62
N GLY L 77 -68.19 -91.45 13.67
CA GLY L 77 -67.54 -92.10 12.54
C GLY L 77 -67.42 -91.13 11.39
N PRO L 78 -66.99 -91.63 10.22
CA PRO L 78 -66.78 -90.73 9.08
C PRO L 78 -68.08 -90.20 8.50
N VAL L 79 -68.01 -89.01 7.91
CA VAL L 79 -69.14 -88.38 7.24
C VAL L 79 -69.15 -88.86 5.79
N TYR L 80 -70.00 -89.83 5.49
CA TYR L 80 -70.05 -90.40 4.14
C TYR L 80 -70.97 -89.64 3.20
N SER L 81 -71.90 -88.84 3.70
CA SER L 81 -72.84 -88.17 2.82
C SER L 81 -73.38 -86.89 3.45
N MET L 82 -73.49 -85.87 2.62
CA MET L 82 -74.21 -84.65 2.92
C MET L 82 -75.29 -84.44 1.87
N VAL L 83 -76.30 -83.67 2.24
CA VAL L 83 -77.24 -83.11 1.28
C VAL L 83 -77.78 -81.82 1.89
N SER L 84 -78.27 -80.92 1.04
CA SER L 84 -78.75 -79.63 1.50
C SER L 84 -80.15 -79.37 0.99
N THR L 85 -80.92 -78.64 1.78
CA THR L 85 -82.30 -78.29 1.50
C THR L 85 -82.40 -76.77 1.35
N ASP L 86 -83.64 -76.27 1.35
CA ASP L 86 -83.87 -74.84 1.32
C ASP L 86 -83.33 -74.14 2.57
N ARG L 87 -83.29 -74.86 3.69
CA ARG L 87 -82.83 -74.28 4.95
C ARG L 87 -81.82 -75.13 5.73
N HIS L 88 -81.76 -76.43 5.50
CA HIS L 88 -81.00 -77.33 6.37
C HIS L 88 -79.81 -77.91 5.64
N LEU L 89 -78.91 -78.48 6.43
CA LEU L 89 -77.82 -79.32 5.97
C LEU L 89 -77.96 -80.67 6.66
N LEU L 90 -78.32 -81.69 5.91
CA LEU L 90 -78.44 -83.03 6.44
C LEU L 90 -77.13 -83.76 6.25
N SER L 91 -76.64 -84.39 7.30
CA SER L 91 -75.35 -85.06 7.27
C SER L 91 -75.48 -86.45 7.88
N ALA L 92 -75.13 -87.48 7.11
CA ALA L 92 -75.21 -88.85 7.56
C ALA L 92 -73.83 -89.29 8.02
N GLY L 93 -73.71 -89.67 9.28
CA GLY L 93 -72.42 -89.97 9.86
C GLY L 93 -72.19 -91.41 10.19
N ASP L 94 -72.22 -91.74 11.49
CA ASP L 94 -71.94 -93.08 11.99
C ASP L 94 -72.98 -94.06 11.48
N GLY L 95 -74.23 -93.88 11.90
CA GLY L 95 -75.32 -94.68 11.38
C GLY L 95 -76.60 -93.89 11.35
N GLU L 96 -76.48 -92.59 11.61
CA GLU L 96 -77.65 -91.76 11.83
C GLU L 96 -77.44 -90.42 11.13
N VAL L 97 -78.53 -89.72 10.89
CA VAL L 97 -78.53 -88.45 10.18
C VAL L 97 -78.77 -87.33 11.16
N LYS L 98 -77.87 -86.35 11.16
CA LYS L 98 -78.05 -85.13 11.92
C LYS L 98 -78.44 -84.01 10.96
N ALA L 99 -79.03 -82.96 11.51
CA ALA L 99 -79.44 -81.80 10.74
C ALA L 99 -78.84 -80.55 11.36
N TRP L 100 -78.39 -79.64 10.51
CA TRP L 100 -77.71 -78.43 10.95
C TRP L 100 -78.32 -77.26 10.21
N LEU L 101 -78.33 -76.10 10.85
CA LEU L 101 -78.86 -74.89 10.25
C LEU L 101 -77.73 -74.07 9.65
N TRP L 102 -77.94 -73.60 8.42
CA TRP L 102 -76.93 -72.77 7.75
C TRP L 102 -76.75 -71.43 8.44
N ALA L 103 -77.81 -70.93 9.07
CA ALA L 103 -77.69 -69.67 9.79
C ALA L 103 -76.92 -69.83 11.09
N GLU L 104 -77.03 -70.99 11.73
CA GLU L 104 -76.43 -71.17 13.04
C GLU L 104 -75.07 -71.84 12.99
N MET L 105 -74.74 -72.53 11.88
CA MET L 105 -73.43 -73.17 11.81
C MET L 105 -72.30 -72.16 11.59
N LEU L 106 -72.62 -70.95 11.12
CA LEU L 106 -71.61 -69.91 11.06
C LEU L 106 -71.35 -69.29 12.42
N LYS L 107 -72.30 -69.36 13.34
CA LYS L 107 -72.18 -68.75 14.65
C LYS L 107 -71.42 -69.68 15.60
N LYS L 108 -71.40 -69.33 16.87
CA LYS L 108 -70.63 -70.05 17.88
C LYS L 108 -71.41 -71.19 18.53
N GLY L 109 -72.73 -71.23 18.34
CA GLY L 109 -73.55 -72.26 18.97
C GLY L 109 -73.33 -73.64 18.40
N CYS L 110 -73.69 -73.82 17.12
CA CYS L 110 -73.52 -75.06 16.35
C CYS L 110 -74.23 -76.24 17.04
N LYS L 111 -75.53 -76.07 17.25
CA LYS L 111 -76.37 -77.14 17.77
C LYS L 111 -77.07 -77.85 16.61
N GLU L 112 -77.55 -79.05 16.89
CA GLU L 112 -78.26 -79.85 15.90
C GLU L 112 -79.76 -79.66 16.06
N LEU L 113 -80.48 -79.88 14.96
CA LEU L 113 -81.94 -79.84 15.04
C LEU L 113 -82.49 -81.17 15.54
N TRP L 114 -82.19 -82.25 14.83
CA TRP L 114 -82.69 -83.56 15.23
C TRP L 114 -81.58 -84.60 15.12
N ARG L 115 -81.98 -85.85 15.35
CA ARG L 115 -81.10 -87.00 15.24
C ARG L 115 -81.97 -88.22 14.98
N ARG L 116 -82.02 -88.68 13.73
CA ARG L 116 -82.88 -89.78 13.33
C ARG L 116 -82.04 -91.00 12.97
N GLN L 117 -82.46 -92.17 13.45
CA GLN L 117 -81.79 -93.42 13.16
C GLN L 117 -82.81 -94.44 12.65
N PRO L 118 -82.63 -94.97 11.45
CA PRO L 118 -83.60 -95.92 10.90
C PRO L 118 -83.54 -97.26 11.62
N PRO L 119 -84.63 -98.02 11.59
CA PRO L 119 -84.61 -99.34 12.23
C PRO L 119 -83.79 -100.34 11.43
N TYR L 120 -83.11 -101.22 12.17
CA TYR L 120 -82.11 -102.12 11.61
C TYR L 120 -82.50 -103.56 11.89
N ARG L 121 -81.62 -104.48 11.46
CA ARG L 121 -81.75 -105.90 11.76
C ARG L 121 -81.09 -106.28 13.07
N THR L 122 -80.68 -105.29 13.88
CA THR L 122 -80.02 -105.42 15.18
C THR L 122 -78.74 -106.25 15.12
N SER L 123 -78.06 -106.26 13.99
CA SER L 123 -76.74 -106.88 13.92
C SER L 123 -75.71 -105.98 14.59
N LEU L 124 -74.61 -106.58 15.01
CA LEU L 124 -73.60 -105.86 15.79
C LEU L 124 -72.52 -105.26 14.88
N GLU L 125 -72.96 -104.39 13.98
CA GLU L 125 -72.04 -103.65 13.12
C GLU L 125 -72.32 -102.17 13.01
N VAL L 126 -73.55 -101.72 13.27
CA VAL L 126 -74.02 -100.33 13.10
C VAL L 126 -73.71 -99.87 11.69
N PRO L 127 -74.49 -100.29 10.68
CA PRO L 127 -74.08 -100.09 9.28
C PRO L 127 -74.10 -98.63 8.85
N GLU L 128 -73.41 -98.36 7.76
CA GLU L 128 -73.18 -97.01 7.27
C GLU L 128 -74.35 -96.52 6.44
N ILE L 129 -74.27 -95.25 6.04
CA ILE L 129 -75.25 -94.62 5.15
C ILE L 129 -74.43 -93.98 4.03
N ASN L 130 -74.39 -94.64 2.88
CA ASN L 130 -73.49 -94.22 1.81
C ASN L 130 -74.09 -93.10 0.97
N ALA L 131 -75.39 -93.15 0.69
CA ALA L 131 -76.00 -92.19 -0.21
C ALA L 131 -77.24 -91.57 0.42
N LEU L 132 -77.34 -90.25 0.30
CA LEU L 132 -78.52 -89.50 0.69
C LEU L 132 -79.17 -88.94 -0.57
N LEU L 133 -80.44 -89.28 -0.78
CA LEU L 133 -81.20 -88.72 -1.88
C LEU L 133 -82.29 -87.83 -1.33
N LEU L 134 -82.30 -86.58 -1.75
CA LEU L 134 -83.30 -85.61 -1.34
C LEU L 134 -84.35 -85.54 -2.45
N VAL L 135 -85.58 -85.92 -2.11
CA VAL L 135 -86.64 -86.10 -3.10
C VAL L 135 -87.51 -84.85 -3.07
N PRO L 136 -87.68 -84.13 -4.20
CA PRO L 136 -88.70 -83.09 -4.26
C PRO L 136 -90.09 -83.66 -4.46
N LYS L 137 -91.09 -82.78 -4.62
CA LYS L 137 -92.52 -83.05 -4.87
C LYS L 137 -93.22 -83.62 -3.61
N GLU L 138 -92.42 -83.94 -2.59
CA GLU L 138 -92.88 -84.45 -1.30
C GLU L 138 -91.68 -84.36 -0.37
N ASN L 139 -91.89 -83.89 0.86
CA ASN L 139 -90.77 -83.75 1.79
C ASN L 139 -90.31 -85.12 2.26
N SER L 140 -89.26 -85.63 1.64
CA SER L 140 -88.82 -86.99 1.92
C SER L 140 -87.30 -87.07 1.78
N LEU L 141 -86.75 -88.16 2.27
CA LEU L 141 -85.32 -88.40 2.25
C LEU L 141 -85.08 -89.89 2.20
N ILE L 142 -84.28 -90.35 1.25
CA ILE L 142 -84.02 -91.77 1.07
C ILE L 142 -82.66 -92.10 1.64
N LEU L 143 -82.63 -93.06 2.56
CA LEU L 143 -81.42 -93.56 3.19
C LEU L 143 -81.04 -94.89 2.55
N ALA L 144 -79.75 -95.08 2.32
CA ALA L 144 -79.23 -96.29 1.71
C ALA L 144 -77.83 -96.54 2.26
N GLY L 145 -77.54 -97.79 2.58
CA GLY L 145 -76.22 -98.12 3.10
C GLY L 145 -76.00 -99.59 3.32
N GLY L 146 -75.31 -99.90 4.41
CA GLY L 146 -74.92 -101.26 4.72
C GLY L 146 -76.03 -102.16 5.21
N ASP L 147 -77.24 -101.62 5.36
CA ASP L 147 -78.41 -102.43 5.69
C ASP L 147 -78.98 -103.11 4.45
N CYS L 148 -78.46 -102.79 3.25
CA CYS L 148 -78.88 -103.34 1.96
C CYS L 148 -80.34 -103.05 1.66
N GLN L 149 -80.88 -101.98 2.23
CA GLN L 149 -82.29 -101.65 2.17
C GLN L 149 -82.45 -100.15 2.00
N LEU L 150 -83.49 -99.76 1.28
CA LEU L 150 -83.78 -98.36 1.04
C LEU L 150 -84.85 -97.91 2.03
N HIS L 151 -84.52 -96.93 2.87
CA HIS L 151 -85.48 -96.40 3.84
C HIS L 151 -85.96 -95.04 3.36
N THR L 152 -87.25 -94.78 3.54
CA THR L 152 -87.81 -93.47 3.21
C THR L 152 -88.24 -92.78 4.50
N MET L 153 -87.82 -91.53 4.68
CA MET L 153 -88.12 -90.77 5.87
C MET L 153 -88.81 -89.46 5.51
N ASP L 154 -89.87 -89.12 6.26
CA ASP L 154 -90.49 -87.82 6.15
C ASP L 154 -89.58 -86.76 6.77
N LEU L 155 -89.52 -85.59 6.13
CA LEU L 155 -88.67 -84.53 6.65
C LEU L 155 -89.32 -83.78 7.79
N GLU L 156 -90.65 -83.71 7.81
CA GLU L 156 -91.34 -82.97 8.87
C GLU L 156 -91.32 -83.74 10.18
N THR L 157 -91.78 -84.99 10.16
CA THR L 157 -91.75 -85.85 11.33
C THR L 157 -90.82 -87.02 11.07
N GLY L 158 -90.08 -87.42 12.10
CA GLY L 158 -89.10 -88.49 11.97
C GLY L 158 -89.71 -89.87 11.97
N THR L 159 -90.54 -90.17 10.98
CA THR L 159 -91.14 -91.49 10.83
C THR L 159 -90.65 -92.09 9.52
N PHE L 160 -90.43 -93.40 9.53
CA PHE L 160 -89.90 -94.10 8.38
C PHE L 160 -91.02 -94.89 7.72
N THR L 161 -91.31 -94.57 6.46
CA THR L 161 -92.51 -95.09 5.81
C THR L 161 -92.25 -96.35 5.01
N ARG L 162 -91.39 -96.29 4.00
CA ARG L 162 -91.15 -97.42 3.12
C ARG L 162 -89.77 -98.02 3.37
N VAL L 163 -89.72 -99.35 3.28
CA VAL L 163 -88.48 -100.12 3.31
C VAL L 163 -88.45 -100.98 2.06
N LEU L 164 -87.40 -100.84 1.26
CA LEU L 164 -87.29 -101.49 -0.03
C LEU L 164 -86.13 -102.48 0.02
N ARG L 165 -86.39 -103.72 -0.39
CA ARG L 165 -85.45 -104.83 -0.25
C ARG L 165 -85.23 -105.49 -1.60
N GLY L 166 -84.23 -105.04 -2.34
CA GLY L 166 -83.92 -105.70 -3.60
C GLY L 166 -82.48 -106.12 -3.78
N HIS L 167 -81.57 -105.44 -3.10
CA HIS L 167 -80.15 -105.69 -3.31
C HIS L 167 -79.66 -106.86 -2.47
N THR L 168 -78.52 -107.41 -2.86
CA THR L 168 -77.86 -108.46 -2.12
C THR L 168 -76.76 -107.91 -1.22
N ASP L 169 -75.88 -107.09 -1.77
CA ASP L 169 -74.85 -106.40 -1.00
C ASP L 169 -75.22 -104.92 -0.89
N TYR L 170 -74.35 -104.14 -0.27
CA TYR L 170 -74.72 -102.79 0.12
C TYR L 170 -74.71 -101.85 -1.08
N ILE L 171 -75.26 -100.67 -0.86
CA ILE L 171 -75.58 -99.72 -1.91
C ILE L 171 -74.55 -98.59 -1.89
N HIS L 172 -74.16 -98.11 -3.08
CA HIS L 172 -73.23 -97.00 -3.15
C HIS L 172 -73.86 -95.68 -3.53
N CYS L 173 -74.91 -95.68 -4.35
CA CYS L 173 -75.38 -94.43 -4.92
C CYS L 173 -76.86 -94.55 -5.28
N LEU L 174 -77.51 -93.39 -5.36
CA LEU L 174 -78.93 -93.27 -5.66
C LEU L 174 -79.09 -92.27 -6.79
N ALA L 175 -80.27 -92.23 -7.38
CA ALA L 175 -80.52 -91.31 -8.48
C ALA L 175 -81.99 -90.94 -8.52
N LEU L 176 -82.32 -90.02 -9.42
CA LEU L 176 -83.66 -89.45 -9.52
C LEU L 176 -83.85 -88.93 -10.94
N ARG L 177 -84.99 -89.25 -11.55
CA ARG L 177 -85.22 -88.79 -12.91
C ARG L 177 -86.63 -88.31 -13.23
N GLU L 178 -87.55 -88.27 -12.25
CA GLU L 178 -88.86 -87.61 -12.35
C GLU L 178 -89.72 -88.20 -13.47
N ARG L 179 -90.02 -89.48 -13.32
CA ARG L 179 -90.91 -90.24 -14.20
C ARG L 179 -91.63 -91.27 -13.32
N SER L 180 -92.17 -92.31 -13.95
CA SER L 180 -92.89 -93.33 -13.18
C SER L 180 -91.99 -94.18 -12.29
N PRO L 181 -90.82 -94.75 -12.76
CA PRO L 181 -89.96 -95.46 -11.79
C PRO L 181 -89.26 -94.51 -10.81
N GLU L 182 -88.56 -93.51 -11.37
CA GLU L 182 -88.10 -92.28 -10.71
C GLU L 182 -86.94 -92.49 -9.73
N VAL L 183 -86.61 -93.72 -9.35
CA VAL L 183 -85.52 -93.95 -8.40
C VAL L 183 -84.64 -95.08 -8.93
N LEU L 184 -83.38 -94.77 -9.19
CA LEU L 184 -82.36 -95.75 -9.48
C LEU L 184 -81.53 -96.00 -8.24
N SER L 185 -81.01 -97.21 -8.10
CA SER L 185 -80.11 -97.52 -7.00
C SER L 185 -79.10 -98.55 -7.46
N GLY L 186 -77.83 -98.26 -7.23
CA GLY L 186 -76.75 -99.14 -7.64
C GLY L 186 -75.92 -99.57 -6.44
N GLY L 187 -75.49 -100.83 -6.46
CA GLY L 187 -74.82 -101.35 -5.29
C GLY L 187 -73.62 -102.23 -5.55
N GLU L 188 -73.10 -102.81 -4.46
CA GLU L 188 -71.97 -103.72 -4.49
C GLU L 188 -72.31 -105.06 -5.14
N ASP L 189 -73.58 -105.42 -5.21
CA ASP L 189 -73.97 -106.68 -5.86
C ASP L 189 -73.83 -106.63 -7.37
N GLY L 190 -73.82 -105.44 -7.96
CA GLY L 190 -73.59 -105.32 -9.39
C GLY L 190 -74.84 -105.21 -10.22
N ALA L 191 -75.87 -104.52 -9.74
CA ALA L 191 -77.12 -104.39 -10.48
C ALA L 191 -77.78 -103.07 -10.15
N VAL L 192 -78.16 -102.33 -11.19
CA VAL L 192 -78.92 -101.10 -11.06
C VAL L 192 -80.39 -101.46 -10.98
N ARG L 193 -81.05 -101.07 -9.90
CA ARG L 193 -82.44 -101.43 -9.68
C ARG L 193 -83.32 -100.19 -9.71
N LEU L 194 -84.55 -100.36 -10.20
CA LEU L 194 -85.50 -99.28 -10.34
C LEU L 194 -86.61 -99.46 -9.30
N TRP L 195 -86.98 -98.38 -8.62
CA TRP L 195 -87.84 -98.45 -7.45
C TRP L 195 -88.99 -97.47 -7.59
N ASP L 196 -90.15 -97.96 -8.01
CA ASP L 196 -91.34 -97.14 -8.11
C ASP L 196 -91.81 -96.79 -6.70
N LEU L 197 -91.97 -95.49 -6.43
CA LEU L 197 -92.27 -95.04 -5.09
C LEU L 197 -93.73 -95.27 -4.70
N ARG L 198 -94.61 -95.36 -5.69
CA ARG L 198 -96.03 -95.54 -5.40
C ARG L 198 -96.33 -96.97 -4.95
N THR L 199 -95.96 -97.95 -5.77
CA THR L 199 -96.20 -99.34 -5.43
C THR L 199 -95.19 -99.89 -4.43
N ALA L 200 -94.08 -99.17 -4.20
CA ALA L 200 -92.98 -99.57 -3.32
C ALA L 200 -92.42 -100.94 -3.70
N LYS L 201 -92.22 -101.13 -5.01
CA LYS L 201 -91.74 -102.39 -5.55
C LYS L 201 -90.60 -102.12 -6.51
N GLU L 202 -89.92 -103.19 -6.90
CA GLU L 202 -88.86 -103.14 -7.89
C GLU L 202 -89.45 -103.46 -9.26
N VAL L 203 -89.21 -102.59 -10.23
CA VAL L 203 -89.85 -102.76 -11.53
C VAL L 203 -88.88 -103.17 -12.63
N GLN L 204 -87.58 -102.93 -12.45
CA GLN L 204 -86.61 -103.24 -13.49
C GLN L 204 -85.23 -103.40 -12.86
N THR L 205 -84.45 -104.34 -13.39
CA THR L 205 -83.12 -104.64 -12.90
C THR L 205 -82.18 -104.74 -14.09
N ILE L 206 -81.07 -104.02 -14.03
CA ILE L 206 -80.06 -104.01 -15.08
C ILE L 206 -78.77 -104.54 -14.46
N GLU L 207 -78.38 -105.75 -14.83
CA GLU L 207 -77.12 -106.32 -14.37
C GLU L 207 -76.04 -105.97 -15.37
N VAL L 208 -75.05 -105.18 -14.92
CA VAL L 208 -74.07 -104.64 -15.85
C VAL L 208 -72.92 -105.64 -16.06
N TYR L 209 -72.63 -106.49 -15.08
CA TYR L 209 -71.54 -107.45 -15.23
C TYR L 209 -71.91 -108.61 -16.13
N LYS L 210 -73.21 -108.87 -16.31
CA LYS L 210 -73.66 -109.98 -17.14
C LYS L 210 -73.37 -109.71 -18.61
N HIS L 211 -73.44 -108.45 -19.02
CA HIS L 211 -73.13 -108.09 -20.40
C HIS L 211 -71.64 -108.17 -20.65
N GLU L 212 -71.26 -108.88 -21.72
CA GLU L 212 -69.85 -109.15 -21.98
C GLU L 212 -69.12 -107.92 -22.53
N GLU L 213 -69.85 -106.91 -22.99
CA GLU L 213 -69.22 -105.70 -23.49
C GLU L 213 -68.65 -104.85 -22.35
N CYS L 214 -69.04 -105.13 -21.11
CA CYS L 214 -68.79 -104.23 -20.00
C CYS L 214 -68.03 -104.88 -18.86
N SER L 215 -67.86 -106.21 -18.89
CA SER L 215 -67.62 -107.06 -17.73
C SER L 215 -66.40 -106.70 -16.89
N ARG L 216 -65.19 -106.87 -17.45
CA ARG L 216 -63.89 -106.61 -16.82
C ARG L 216 -63.79 -107.32 -15.48
N PRO L 217 -63.58 -108.65 -15.46
CA PRO L 217 -63.65 -109.39 -14.19
C PRO L 217 -62.44 -109.17 -13.28
N HIS L 218 -61.45 -108.38 -13.69
CA HIS L 218 -60.29 -108.15 -12.84
C HIS L 218 -60.63 -107.23 -11.67
N ASN L 219 -61.32 -106.12 -11.95
CA ASN L 219 -61.70 -105.19 -10.89
C ASN L 219 -62.87 -105.69 -10.07
N GLY L 220 -63.71 -106.53 -10.61
CA GLY L 220 -64.85 -107.05 -9.88
C GLY L 220 -66.15 -106.42 -10.33
N ARG L 221 -67.20 -106.73 -9.57
CA ARG L 221 -68.54 -106.23 -9.86
C ARG L 221 -68.99 -105.34 -8.71
N TRP L 222 -68.92 -104.03 -8.92
CA TRP L 222 -69.46 -103.07 -7.98
C TRP L 222 -69.76 -101.80 -8.75
N ILE L 223 -70.91 -101.21 -8.48
CA ILE L 223 -71.39 -100.02 -9.18
C ILE L 223 -71.21 -98.85 -8.21
N GLY L 224 -70.37 -97.90 -8.58
CA GLY L 224 -70.04 -96.82 -7.69
C GLY L 224 -70.80 -95.54 -7.97
N CYS L 225 -71.24 -95.36 -9.21
CA CYS L 225 -71.81 -94.09 -9.64
C CYS L 225 -72.96 -94.30 -10.61
N LEU L 226 -73.96 -93.43 -10.52
CA LEU L 226 -75.08 -93.38 -11.44
C LEU L 226 -75.36 -91.94 -11.83
N ALA L 227 -76.07 -91.76 -12.94
CA ALA L 227 -76.47 -90.44 -13.40
C ALA L 227 -77.67 -90.62 -14.32
N THR L 228 -78.53 -89.60 -14.36
CA THR L 228 -79.76 -89.65 -15.14
C THR L 228 -79.87 -88.44 -16.06
N ASP L 229 -80.37 -88.68 -17.26
CA ASP L 229 -80.81 -87.63 -18.17
C ASP L 229 -82.30 -87.79 -18.49
N SER L 230 -83.03 -88.51 -17.62
CA SER L 230 -84.45 -88.86 -17.68
C SER L 230 -84.79 -89.84 -18.81
N ASP L 231 -83.82 -90.19 -19.64
CA ASP L 231 -84.01 -91.20 -20.67
C ASP L 231 -82.79 -92.10 -20.74
N TRP L 232 -81.66 -91.62 -20.24
CA TRP L 232 -80.37 -92.28 -20.34
C TRP L 232 -79.84 -92.60 -18.94
N MET L 233 -78.70 -93.28 -18.91
CA MET L 233 -78.06 -93.62 -17.63
C MET L 233 -76.58 -93.80 -17.88
N VAL L 234 -75.75 -93.34 -16.94
CA VAL L 234 -74.33 -93.60 -16.98
C VAL L 234 -73.98 -94.44 -15.76
N CYS L 235 -73.47 -95.65 -15.99
CA CYS L 235 -73.18 -96.57 -14.91
C CYS L 235 -71.69 -96.90 -14.93
N GLY L 236 -71.05 -96.78 -13.78
CA GLY L 236 -69.62 -97.00 -13.70
C GLY L 236 -69.22 -97.55 -12.37
N GLY L 237 -67.95 -97.90 -12.25
CA GLY L 237 -67.44 -98.46 -11.01
C GLY L 237 -66.43 -99.54 -11.28
N GLY L 238 -66.73 -100.74 -10.78
CA GLY L 238 -65.99 -101.93 -11.11
C GLY L 238 -65.90 -102.25 -12.60
N PRO L 239 -67.04 -102.61 -13.25
CA PRO L 239 -66.97 -103.08 -14.65
C PRO L 239 -66.44 -102.10 -15.70
N ALA L 240 -67.15 -101.00 -15.95
CA ALA L 240 -66.81 -100.08 -17.04
C ALA L 240 -67.71 -98.87 -16.93
N LEU L 241 -67.30 -97.79 -17.59
CA LEU L 241 -68.10 -96.57 -17.66
C LEU L 241 -68.98 -96.68 -18.90
N THR L 242 -70.26 -96.99 -18.70
CA THR L 242 -71.15 -97.41 -19.77
C THR L 242 -72.34 -96.47 -19.85
N LEU L 243 -72.81 -96.24 -21.07
CA LEU L 243 -74.01 -95.44 -21.31
C LEU L 243 -75.16 -96.37 -21.68
N TRP L 244 -76.14 -96.48 -20.79
CA TRP L 244 -77.32 -97.30 -20.96
C TRP L 244 -78.49 -96.47 -21.42
N HIS L 245 -79.31 -97.05 -22.29
CA HIS L 245 -80.58 -96.48 -22.68
C HIS L 245 -81.68 -97.11 -21.84
N LEU L 246 -82.35 -96.30 -21.04
CA LEU L 246 -83.45 -96.81 -20.23
C LEU L 246 -84.68 -97.03 -21.12
N ARG L 247 -85.55 -97.95 -20.66
CA ARG L 247 -86.71 -98.56 -21.31
C ARG L 247 -86.27 -99.60 -22.36
N SER L 248 -84.99 -99.63 -22.69
CA SER L 248 -84.41 -100.66 -23.53
C SER L 248 -83.41 -101.53 -22.79
N SER L 249 -82.70 -100.98 -21.79
CA SER L 249 -81.63 -101.65 -21.03
C SER L 249 -80.57 -102.21 -21.96
N THR L 250 -80.08 -101.38 -22.88
CA THR L 250 -79.08 -101.78 -23.84
C THR L 250 -77.81 -100.96 -23.64
N PRO L 251 -76.63 -101.58 -23.60
CA PRO L 251 -75.38 -100.82 -23.51
C PRO L 251 -75.07 -100.14 -24.85
N THR L 252 -75.17 -98.82 -24.88
CA THR L 252 -75.00 -98.10 -26.13
C THR L 252 -73.52 -97.84 -26.43
N THR L 253 -72.83 -97.11 -25.56
CA THR L 253 -71.42 -96.85 -25.77
C THR L 253 -70.64 -97.05 -24.48
N ILE L 254 -69.35 -97.29 -24.64
CA ILE L 254 -68.42 -97.54 -23.55
C ILE L 254 -67.37 -96.45 -23.59
N PHE L 255 -66.99 -95.94 -22.42
CA PHE L 255 -65.97 -94.91 -22.34
C PHE L 255 -64.64 -95.55 -22.00
N PRO L 256 -63.67 -95.52 -22.91
CA PRO L 256 -62.41 -96.30 -22.78
C PRO L 256 -61.41 -95.75 -21.76
N ILE L 257 -61.56 -96.15 -20.51
CA ILE L 257 -60.66 -95.73 -19.46
C ILE L 257 -60.36 -96.93 -18.55
N ARG L 258 -59.14 -96.96 -18.03
CA ARG L 258 -58.65 -98.08 -17.22
C ARG L 258 -59.02 -97.95 -15.76
N ALA L 259 -58.91 -96.75 -15.19
CA ALA L 259 -59.12 -96.57 -13.77
C ALA L 259 -60.60 -96.65 -13.43
N PRO L 260 -60.95 -97.25 -12.28
CA PRO L 260 -62.37 -97.27 -11.88
C PRO L 260 -62.84 -95.89 -11.46
N GLN L 261 -64.09 -95.58 -11.79
CA GLN L 261 -64.63 -94.24 -11.62
C GLN L 261 -65.60 -94.22 -10.45
N LYS L 262 -65.33 -93.35 -9.48
CA LYS L 262 -66.10 -93.28 -8.24
C LYS L 262 -67.27 -92.33 -8.32
N HIS L 263 -67.34 -91.47 -9.34
CA HIS L 263 -68.39 -90.47 -9.42
C HIS L 263 -68.57 -90.06 -10.87
N VAL L 264 -69.82 -89.76 -11.25
CA VAL L 264 -70.12 -89.34 -12.61
C VAL L 264 -71.31 -88.38 -12.53
N THR L 265 -71.40 -87.49 -13.51
CA THR L 265 -72.52 -86.55 -13.60
C THR L 265 -72.67 -86.07 -15.03
N PHE L 266 -73.83 -85.49 -15.31
CA PHE L 266 -74.11 -84.86 -16.59
C PHE L 266 -73.81 -83.36 -16.50
N TYR L 267 -73.02 -82.88 -17.44
CA TYR L 267 -72.83 -81.45 -17.63
C TYR L 267 -73.86 -81.01 -18.67
N GLN L 268 -73.66 -79.82 -19.27
CA GLN L 268 -74.56 -79.32 -20.30
C GLN L 268 -74.65 -80.29 -21.49
N ASP L 269 -73.50 -80.62 -22.08
CA ASP L 269 -73.46 -81.72 -23.04
C ASP L 269 -72.19 -82.55 -22.91
N LEU L 270 -71.62 -82.63 -21.71
CA LEU L 270 -70.44 -83.42 -21.45
C LEU L 270 -70.76 -84.48 -20.40
N ILE L 271 -69.77 -85.32 -20.13
CA ILE L 271 -69.81 -86.28 -19.04
C ILE L 271 -68.59 -86.04 -18.18
N LEU L 272 -68.79 -85.70 -16.92
CA LEU L 272 -67.69 -85.49 -15.99
C LEU L 272 -67.48 -86.75 -15.17
N SER L 273 -66.22 -87.11 -14.95
CA SER L 273 -65.90 -88.31 -14.21
C SER L 273 -64.65 -88.12 -13.38
N ALA L 274 -64.54 -88.90 -12.32
CA ALA L 274 -63.39 -88.86 -11.43
C ALA L 274 -63.32 -90.20 -10.70
N GLY L 275 -62.11 -90.67 -10.45
CA GLY L 275 -61.91 -91.95 -9.81
C GLY L 275 -60.55 -92.08 -9.20
N GLN L 276 -59.95 -93.27 -9.37
CA GLN L 276 -58.68 -93.58 -8.74
C GLN L 276 -57.51 -92.86 -9.38
N GLY L 277 -57.68 -92.30 -10.57
CA GLY L 277 -56.66 -91.48 -11.18
C GLY L 277 -56.58 -90.11 -10.54
N ARG L 278 -55.68 -89.29 -11.08
CA ARG L 278 -55.46 -87.95 -10.57
C ARG L 278 -56.37 -86.90 -11.22
N CYS L 279 -56.76 -87.10 -12.47
CA CYS L 279 -57.39 -86.06 -13.26
C CYS L 279 -58.90 -86.23 -13.33
N VAL L 280 -59.57 -85.11 -13.61
CA VAL L 280 -60.99 -85.05 -13.93
C VAL L 280 -61.16 -85.32 -15.41
N ASN L 281 -62.06 -86.24 -15.75
CA ASN L 281 -62.22 -86.76 -17.10
C ASN L 281 -63.46 -86.14 -17.73
N GLN L 282 -63.28 -85.48 -18.88
CA GLN L 282 -64.38 -84.85 -19.60
C GLN L 282 -64.60 -85.64 -20.88
N TRP L 283 -65.75 -86.29 -20.97
CA TRP L 283 -66.14 -87.14 -22.07
C TRP L 283 -67.20 -86.44 -22.91
N GLN L 284 -67.24 -86.78 -24.19
CA GLN L 284 -68.37 -86.44 -25.04
C GLN L 284 -69.35 -87.60 -25.01
N LEU L 285 -70.62 -87.29 -25.33
CA LEU L 285 -71.68 -88.29 -25.21
C LEU L 285 -71.57 -89.38 -26.28
N SER L 286 -70.83 -89.11 -27.36
CA SER L 286 -70.56 -90.16 -28.33
C SER L 286 -69.60 -91.20 -27.78
N GLY L 287 -68.66 -90.78 -26.94
CA GLY L 287 -67.71 -91.70 -26.37
C GLY L 287 -66.27 -91.32 -26.62
N GLU L 288 -66.05 -90.06 -26.96
CA GLU L 288 -64.72 -89.55 -27.25
C GLU L 288 -64.21 -88.77 -26.05
N LEU L 289 -62.97 -89.07 -25.64
CA LEU L 289 -62.35 -88.37 -24.52
C LEU L 289 -62.02 -86.95 -24.92
N LYS L 290 -62.78 -85.99 -24.41
CA LYS L 290 -62.56 -84.62 -24.79
C LYS L 290 -61.39 -84.01 -24.03
N ALA L 291 -61.30 -84.27 -22.72
CA ALA L 291 -60.25 -83.64 -21.93
C ALA L 291 -59.93 -84.46 -20.68
N GLN L 292 -58.74 -84.20 -20.14
CA GLN L 292 -58.32 -84.69 -18.83
C GLN L 292 -57.61 -83.56 -18.11
N VAL L 293 -58.22 -83.04 -17.06
CA VAL L 293 -57.69 -81.89 -16.33
C VAL L 293 -57.09 -82.40 -15.02
N PRO L 294 -55.79 -82.24 -14.80
CA PRO L 294 -55.16 -82.79 -13.59
C PRO L 294 -55.56 -82.02 -12.34
N GLY L 295 -55.87 -82.78 -11.28
CA GLY L 295 -56.13 -82.23 -9.98
C GLY L 295 -54.95 -82.40 -9.04
N SER L 296 -55.14 -81.91 -7.81
CA SER L 296 -54.09 -81.98 -6.80
C SER L 296 -54.14 -83.25 -5.96
N SER L 297 -55.22 -83.97 -6.00
CA SER L 297 -55.33 -85.19 -5.21
C SER L 297 -54.88 -86.40 -6.02
N PRO L 298 -54.32 -87.42 -5.38
CA PRO L 298 -54.01 -88.66 -6.11
C PRO L 298 -55.24 -89.41 -6.56
N GLY L 299 -56.36 -89.27 -5.85
CA GLY L 299 -57.61 -89.82 -6.30
C GLY L 299 -58.75 -88.94 -5.84
N LEU L 300 -59.83 -88.95 -6.61
CA LEU L 300 -60.98 -88.12 -6.32
C LEU L 300 -62.20 -88.98 -6.00
N LEU L 301 -63.03 -88.49 -5.10
CA LEU L 301 -64.23 -89.19 -4.70
C LEU L 301 -65.51 -88.41 -4.90
N SER L 302 -65.45 -87.11 -5.17
CA SER L 302 -66.66 -86.32 -5.24
C SER L 302 -66.45 -85.12 -6.14
N LEU L 303 -67.45 -84.89 -7.01
CA LEU L 303 -67.54 -83.68 -7.82
C LEU L 303 -68.80 -82.92 -7.43
N SER L 304 -68.79 -81.62 -7.63
CA SER L 304 -69.97 -80.81 -7.35
C SER L 304 -69.99 -79.60 -8.26
N LEU L 305 -71.03 -79.50 -9.09
CA LEU L 305 -71.34 -78.30 -9.83
C LEU L 305 -72.16 -77.39 -8.92
N ASN L 306 -71.69 -76.16 -8.75
CA ASN L 306 -72.36 -75.21 -7.86
C ASN L 306 -73.27 -74.32 -8.70
N GLN L 307 -74.33 -74.93 -9.22
CA GLN L 307 -75.30 -74.25 -10.07
C GLN L 307 -76.47 -73.81 -9.20
N GLN L 308 -76.33 -72.63 -8.59
CA GLN L 308 -77.35 -72.12 -7.68
C GLN L 308 -77.78 -70.74 -8.16
N PRO L 309 -79.08 -70.41 -8.09
CA PRO L 309 -79.50 -69.05 -8.39
C PRO L 309 -79.11 -68.08 -7.28
N ALA L 310 -79.26 -66.79 -7.57
CA ALA L 310 -78.94 -65.62 -6.74
C ALA L 310 -77.45 -65.50 -6.39
N ALA L 311 -76.58 -66.30 -7.01
CA ALA L 311 -75.13 -66.14 -6.88
C ALA L 311 -74.48 -66.72 -8.12
N PRO L 312 -74.44 -65.96 -9.22
CA PRO L 312 -73.79 -66.47 -10.44
C PRO L 312 -72.28 -66.49 -10.33
N GLU L 313 -71.71 -65.70 -9.43
CA GLU L 313 -70.26 -65.65 -9.28
C GLU L 313 -69.71 -66.91 -8.61
N CYS L 314 -70.56 -67.64 -7.91
CA CYS L 314 -70.17 -68.93 -7.32
C CYS L 314 -70.62 -70.09 -8.19
N LYS L 315 -70.16 -70.08 -9.44
CA LYS L 315 -70.45 -71.15 -10.41
C LYS L 315 -69.12 -71.80 -10.76
N VAL L 316 -68.72 -72.79 -9.96
CA VAL L 316 -67.45 -73.48 -10.11
C VAL L 316 -67.70 -74.98 -10.02
N LEU L 317 -66.69 -75.76 -10.37
CA LEU L 317 -66.70 -77.20 -10.16
C LEU L 317 -65.72 -77.51 -9.04
N THR L 318 -66.20 -78.15 -7.98
CA THR L 318 -65.36 -78.50 -6.85
C THR L 318 -65.13 -80.00 -6.81
N ALA L 319 -63.89 -80.40 -6.58
CA ALA L 319 -63.50 -81.80 -6.57
C ALA L 319 -62.77 -82.14 -5.29
N ALA L 320 -63.01 -83.35 -4.78
CA ALA L 320 -62.40 -83.78 -3.53
C ALA L 320 -62.20 -85.29 -3.55
N GLY L 321 -61.25 -85.76 -2.74
CA GLY L 321 -60.94 -87.17 -2.69
C GLY L 321 -59.89 -87.49 -1.64
N ASN L 322 -58.91 -88.31 -1.99
CA ASN L 322 -57.90 -88.78 -1.05
C ASN L 322 -56.83 -87.71 -0.83
N SER L 323 -57.24 -86.63 -0.17
CA SER L 323 -56.35 -85.55 0.25
C SER L 323 -57.08 -84.74 1.31
N CYS L 324 -56.38 -83.74 1.83
CA CYS L 324 -56.97 -82.79 2.75
C CYS L 324 -57.34 -81.47 2.08
N ARG L 325 -57.60 -81.49 0.78
CA ARG L 325 -57.81 -80.26 0.04
C ARG L 325 -58.84 -80.46 -1.07
N VAL L 326 -59.45 -79.36 -1.47
CA VAL L 326 -60.53 -79.35 -2.46
C VAL L 326 -60.10 -78.51 -3.64
N ASP L 327 -60.12 -79.09 -4.83
CA ASP L 327 -59.76 -78.36 -6.04
C ASP L 327 -60.96 -77.59 -6.55
N VAL L 328 -60.76 -76.30 -6.85
CA VAL L 328 -61.84 -75.46 -7.36
C VAL L 328 -61.51 -75.09 -8.80
N PHE L 329 -62.43 -75.40 -9.71
CA PHE L 329 -62.27 -75.14 -11.13
C PHE L 329 -63.21 -74.00 -11.48
N THR L 330 -62.63 -72.83 -11.79
CA THR L 330 -63.37 -71.68 -12.31
C THR L 330 -63.53 -71.80 -13.82
N ASN L 331 -62.71 -72.67 -14.41
CA ASN L 331 -62.79 -72.99 -15.82
C ASN L 331 -62.50 -74.48 -15.93
N LEU L 332 -62.89 -75.11 -17.05
CA LEU L 332 -62.84 -76.56 -17.17
C LEU L 332 -61.57 -77.02 -17.88
N GLY L 333 -60.49 -76.27 -17.79
CA GLY L 333 -59.26 -76.67 -18.43
C GLY L 333 -58.08 -76.64 -17.48
N TYR L 334 -58.26 -76.03 -16.32
CA TYR L 334 -57.19 -75.84 -15.36
C TYR L 334 -57.81 -75.55 -14.01
N ARG L 335 -57.10 -75.90 -12.94
CA ARG L 335 -57.56 -75.58 -11.60
C ARG L 335 -57.14 -74.17 -11.25
N ALA L 336 -58.04 -73.43 -10.62
CA ALA L 336 -57.71 -72.08 -10.20
C ALA L 336 -56.93 -72.11 -8.90
N PHE L 337 -57.47 -72.77 -7.88
CA PHE L 337 -56.85 -72.86 -6.57
C PHE L 337 -57.41 -74.07 -5.84
N SER L 338 -56.98 -74.23 -4.59
CA SER L 338 -57.40 -75.36 -3.79
C SER L 338 -57.58 -74.90 -2.35
N LEU L 339 -58.64 -75.36 -1.73
CA LEU L 339 -59.00 -75.02 -0.37
C LEU L 339 -58.46 -76.09 0.56
N SER L 340 -57.58 -75.71 1.47
CA SER L 340 -57.11 -76.62 2.50
C SER L 340 -58.21 -76.87 3.51
N PHE L 341 -58.21 -78.05 4.11
CA PHE L 341 -59.25 -78.37 5.08
C PHE L 341 -58.94 -77.68 6.38
N ALA M 21 113.15 -14.32 16.87
CA ALA M 21 114.29 -13.79 16.14
C ALA M 21 115.35 -13.25 17.10
N GLY M 22 115.16 -13.51 18.39
CA GLY M 22 116.11 -13.03 19.38
C GLY M 22 117.41 -13.82 19.38
N ASP M 23 117.38 -15.04 18.85
CA ASP M 23 118.59 -15.83 18.72
C ASP M 23 119.55 -15.22 17.71
N ASP M 24 119.02 -14.57 16.67
CA ASP M 24 119.87 -13.89 15.70
C ASP M 24 120.54 -12.66 16.32
N ARG M 25 119.82 -11.93 17.16
CA ARG M 25 120.41 -10.78 17.86
C ARG M 25 121.43 -11.24 18.88
N ARG M 26 121.19 -12.39 19.53
CA ARG M 26 122.17 -12.94 20.45
C ARG M 26 123.43 -13.42 19.71
N ILE M 27 123.25 -13.97 18.51
CA ILE M 27 124.39 -14.39 17.70
C ILE M 27 125.17 -13.17 17.21
N ASN M 28 124.46 -12.08 16.90
CA ASN M 28 125.14 -10.85 16.49
C ASN M 28 125.91 -10.23 17.65
N LEU M 29 125.35 -10.27 18.86
CA LEU M 29 126.07 -9.77 20.03
C LEU M 29 127.27 -10.65 20.36
N LEU M 30 127.14 -11.97 20.15
CA LEU M 30 128.27 -12.88 20.38
C LEU M 30 129.37 -12.65 19.36
N VAL M 31 128.99 -12.38 18.11
CA VAL M 31 129.98 -12.11 17.06
C VAL M 31 130.65 -10.77 17.31
N LYS M 32 129.90 -9.80 17.83
CA LYS M 32 130.49 -8.49 18.14
C LYS M 32 131.46 -8.59 19.31
N SER M 33 131.12 -9.38 20.33
CA SER M 33 132.02 -9.58 21.46
C SER M 33 133.26 -10.39 21.05
N PHE M 34 133.09 -11.33 20.12
CA PHE M 34 134.23 -12.09 19.62
C PHE M 34 135.16 -11.22 18.79
N ILE M 35 134.59 -10.29 18.00
CA ILE M 35 135.41 -9.38 17.21
C ILE M 35 136.09 -8.35 18.12
N LYS M 36 135.44 -8.01 19.24
CA LYS M 36 136.04 -7.05 20.16
C LYS M 36 137.17 -7.70 20.97
N TRP M 37 137.00 -8.96 21.36
CA TRP M 37 138.06 -9.65 22.08
C TRP M 37 139.19 -10.07 21.13
N CYS M 38 138.88 -10.26 19.85
CA CYS M 38 139.88 -10.68 18.89
C CYS M 38 140.86 -9.55 18.55
N ASN M 39 140.41 -8.31 18.60
CA ASN M 39 141.26 -7.17 18.28
C ASN M 39 142.24 -6.89 19.42
N GLY M 46 140.38 -8.71 29.61
CA GLY M 46 139.71 -9.42 28.53
C GLY M 46 139.06 -10.71 28.97
N TYR M 47 139.24 -11.06 30.25
CA TYR M 47 138.67 -12.30 30.77
C TYR M 47 137.18 -12.14 31.06
N SER M 48 136.73 -10.91 31.32
CA SER M 48 135.31 -10.66 31.50
C SER M 48 134.54 -10.86 30.20
N GLN M 49 135.14 -10.47 29.07
CA GLN M 49 134.53 -10.75 27.77
C GLN M 49 134.53 -12.25 27.47
N TYR M 50 135.52 -12.97 27.97
CA TYR M 50 135.54 -14.43 27.85
C TYR M 50 134.41 -15.06 28.63
N GLN M 51 134.15 -14.54 29.85
CA GLN M 51 133.01 -14.99 30.64
C GLN M 51 131.69 -14.66 29.95
N ARG M 52 131.61 -13.48 29.33
CA ARG M 52 130.39 -13.08 28.62
C ARG M 52 130.15 -13.97 27.39
N MET M 53 131.22 -14.34 26.69
CA MET M 53 131.09 -15.25 25.55
C MET M 53 130.62 -16.63 26.00
N LEU M 54 131.17 -17.15 27.11
CA LEU M 54 130.71 -18.44 27.63
C LEU M 54 129.26 -18.37 28.10
N SER M 55 128.85 -17.24 28.67
CA SER M 55 127.48 -17.09 29.14
C SER M 55 126.49 -17.02 27.98
N THR M 56 126.82 -16.25 26.94
CA THR M 56 125.95 -16.19 25.77
C THR M 56 125.91 -17.52 25.03
N LEU M 57 127.03 -18.26 25.04
CA LEU M 57 127.05 -19.59 24.43
C LEU M 57 126.14 -20.55 25.18
N SER M 58 126.16 -20.49 26.51
CA SER M 58 125.28 -21.35 27.30
C SER M 58 123.81 -20.97 27.14
N GLN M 59 123.53 -19.67 27.01
CA GLN M 59 122.15 -19.23 26.79
C GLN M 59 121.64 -19.67 25.42
N CYS M 60 122.49 -19.62 24.41
CA CYS M 60 122.10 -20.10 23.08
C CYS M 60 121.89 -21.61 23.06
N GLU M 61 122.71 -22.34 23.84
CA GLU M 61 122.50 -23.78 23.99
C GLU M 61 121.17 -24.08 24.66
N PHE M 62 120.80 -23.28 25.68
CA PHE M 62 119.53 -23.47 26.36
C PHE M 62 118.34 -23.17 25.44
N SER M 63 118.48 -22.15 24.59
CA SER M 63 117.41 -21.84 23.64
C SER M 63 117.24 -22.95 22.60
N MET M 64 118.37 -23.49 22.12
CA MET M 64 118.30 -24.58 21.14
C MET M 64 117.75 -25.85 21.78
N GLY M 65 117.99 -26.05 23.07
CA GLY M 65 117.36 -27.16 23.77
C GLY M 65 115.88 -26.92 23.99
N LYS M 66 115.47 -25.66 24.10
CA LYS M 66 114.06 -25.34 24.29
C LYS M 66 113.23 -25.60 23.05
N THR M 67 113.80 -25.30 21.87
CA THR M 67 113.02 -25.38 20.61
C THR M 67 112.55 -26.80 20.29
N LEU M 68 113.39 -27.80 20.57
CA LEU M 68 113.01 -29.18 20.29
C LEU M 68 111.94 -29.67 21.25
N LEU M 69 111.96 -29.18 22.50
CA LEU M 69 110.90 -29.51 23.43
C LEU M 69 109.58 -28.86 23.02
N VAL M 70 109.65 -27.66 22.45
CA VAL M 70 108.44 -27.02 21.92
C VAL M 70 107.89 -27.82 20.73
N TYR M 71 108.78 -28.34 19.89
CA TYR M 71 108.36 -29.19 18.77
C TYR M 71 107.69 -30.48 19.25
N ASP M 72 108.27 -31.11 20.28
CA ASP M 72 107.68 -32.34 20.81
C ASP M 72 106.34 -32.08 21.48
N MET M 73 106.21 -30.92 22.14
CA MET M 73 104.94 -30.52 22.72
C MET M 73 103.88 -30.31 21.65
N ASN M 74 104.28 -29.75 20.50
CA ASN M 74 103.35 -29.59 19.38
C ASN M 74 102.89 -30.94 18.83
N LEU M 75 103.82 -31.90 18.73
CA LEU M 75 103.44 -33.24 18.26
C LEU M 75 102.51 -33.93 19.25
N ARG M 76 102.73 -33.73 20.55
CA ARG M 76 101.84 -34.30 21.55
C ARG M 76 100.45 -33.67 21.50
N GLU M 77 100.37 -32.36 21.23
CA GLU M 77 99.05 -31.74 21.08
C GLU M 77 98.34 -32.22 19.83
N MET M 78 99.08 -32.50 18.75
CA MET M 78 98.48 -33.10 17.56
C MET M 78 97.91 -34.48 17.85
N GLU M 79 98.65 -35.28 18.61
CA GLU M 79 98.16 -36.61 19.00
C GLU M 79 96.93 -36.51 19.91
N ASN M 80 96.90 -35.50 20.77
CA ASN M 80 95.74 -35.32 21.65
C ASN M 80 94.51 -34.88 20.87
N TYR M 81 94.68 -34.00 19.87
CA TYR M 81 93.55 -33.59 19.04
C TYR M 81 93.02 -34.75 18.20
N GLU M 82 93.92 -35.57 17.65
CA GLU M 82 93.48 -36.72 16.87
C GLU M 82 92.88 -37.80 17.77
N LYS M 83 93.20 -37.78 19.07
CA LYS M 83 92.52 -38.69 20.00
C LYS M 83 91.13 -38.19 20.35
N ILE M 84 90.97 -36.88 20.52
CA ILE M 84 89.67 -36.30 20.89
C ILE M 84 88.67 -36.39 19.72
N TYR M 85 89.18 -36.35 18.48
CA TYR M 85 88.31 -36.33 17.30
C TYR M 85 87.46 -37.60 17.17
N LYS M 86 88.05 -38.76 17.42
CA LYS M 86 87.30 -40.00 17.35
C LYS M 86 86.32 -40.15 18.51
N GLU M 87 86.63 -39.56 19.66
CA GLU M 87 85.70 -39.54 20.78
C GLU M 87 84.47 -38.72 20.43
N ILE M 88 84.66 -37.59 19.73
CA ILE M 88 83.52 -36.78 19.31
C ILE M 88 82.72 -37.50 18.23
N GLU M 89 83.40 -38.28 17.38
CA GLU M 89 82.71 -39.16 16.42
C GLU M 89 81.80 -40.16 17.12
N CYS M 90 82.32 -40.80 18.17
CA CYS M 90 81.54 -41.79 18.90
C CYS M 90 80.36 -41.15 19.63
N SER M 91 80.53 -39.93 20.13
CA SER M 91 79.43 -39.24 20.80
C SER M 91 78.34 -38.84 19.80
N ILE M 92 78.72 -38.44 18.59
CA ILE M 92 77.74 -38.14 17.54
C ILE M 92 76.98 -39.41 17.14
N ALA M 93 77.72 -40.53 17.07
CA ALA M 93 77.10 -41.82 16.72
C ALA M 93 76.11 -42.28 17.79
N GLY M 94 76.35 -41.92 19.05
CA GLY M 94 75.36 -42.19 20.07
C GLY M 94 74.19 -41.22 20.02
N ALA M 95 74.47 -39.97 19.65
CA ALA M 95 73.45 -38.93 19.68
C ALA M 95 72.37 -39.15 18.62
N HIS M 96 72.77 -39.65 17.44
CA HIS M 96 71.78 -39.97 16.41
C HIS M 96 70.82 -41.07 16.85
N GLU M 97 71.34 -42.09 17.53
CA GLU M 97 70.51 -43.16 18.05
C GLU M 97 69.56 -42.66 19.12
N LYS M 98 70.04 -41.73 19.96
CA LYS M 98 69.17 -41.12 20.97
C LYS M 98 68.05 -40.30 20.32
N ILE M 99 68.36 -39.61 19.21
CA ILE M 99 67.35 -38.84 18.47
C ILE M 99 66.26 -39.77 17.93
N ALA M 100 66.67 -40.89 17.34
CA ALA M 100 65.70 -41.82 16.76
C ALA M 100 64.81 -42.46 17.84
N GLU M 101 65.42 -42.84 18.97
CA GLU M 101 64.66 -43.42 20.07
C GLU M 101 63.67 -42.41 20.66
N CYS M 102 64.10 -41.15 20.82
CA CYS M 102 63.21 -40.14 21.40
C CYS M 102 62.07 -39.79 20.46
N LYS M 103 62.32 -39.80 19.14
CA LYS M 103 61.23 -39.56 18.18
C LYS M 103 60.18 -40.66 18.22
N LYS M 104 60.63 -41.92 18.25
CA LYS M 104 59.67 -43.03 18.30
C LYS M 104 58.90 -43.05 19.60
N GLN M 105 59.58 -42.78 20.72
CA GLN M 105 58.91 -42.77 22.01
C GLN M 105 57.94 -41.59 22.14
N ILE M 106 58.26 -40.45 21.51
CA ILE M 106 57.35 -39.32 21.65
C ILE M 106 56.13 -39.49 20.75
N LEU M 107 56.27 -40.21 19.61
CA LEU M 107 55.10 -40.55 18.81
C LEU M 107 54.17 -41.48 19.58
N GLN M 108 54.74 -42.50 20.23
CA GLN M 108 53.94 -43.40 21.04
C GLN M 108 53.30 -42.68 22.23
N ALA M 109 54.01 -41.70 22.79
CA ALA M 109 53.49 -40.94 23.92
C ALA M 109 52.30 -40.08 23.52
N LYS M 110 52.36 -39.43 22.36
CA LYS M 110 51.23 -38.61 21.94
C LYS M 110 50.03 -39.48 21.55
N ARG M 111 50.29 -40.69 21.03
CA ARG M 111 49.18 -41.61 20.76
C ARG M 111 48.49 -42.07 22.05
N ILE M 112 49.28 -42.38 23.09
CA ILE M 112 48.71 -42.77 24.36
C ILE M 112 47.96 -41.60 25.01
N ARG M 113 48.45 -40.37 24.79
CA ARG M 113 47.76 -39.20 25.30
C ARG M 113 46.41 -38.99 24.62
N LYS M 114 46.34 -39.23 23.30
CA LYS M 114 45.06 -39.17 22.60
C LYS M 114 44.10 -40.24 23.11
N ASN M 115 44.62 -41.43 23.42
CA ASN M 115 43.78 -42.50 23.96
C ASN M 115 43.23 -42.13 25.34
N ARG M 116 44.06 -41.52 26.18
CA ARG M 116 43.62 -41.08 27.50
C ARG M 116 42.56 -39.97 27.39
N GLN M 117 42.70 -39.09 26.40
CA GLN M 117 41.71 -38.03 26.23
C GLN M 117 40.39 -38.59 25.72
N GLU M 118 40.43 -39.63 24.88
CA GLU M 118 39.19 -40.32 24.50
C GLU M 118 38.52 -40.98 25.69
N TYR M 119 39.33 -41.59 26.57
CA TYR M 119 38.80 -42.24 27.77
C TYR M 119 38.14 -41.22 28.69
N ASP M 120 38.78 -40.06 28.86
CA ASP M 120 38.22 -39.00 29.70
C ASP M 120 36.96 -38.42 29.08
N ALA M 121 36.92 -38.34 27.74
CA ALA M 121 35.75 -37.81 27.05
C ALA M 121 34.54 -38.72 27.21
N LEU M 122 34.75 -40.03 27.18
CA LEU M 122 33.63 -40.92 27.45
C LEU M 122 33.24 -40.93 28.93
N ALA M 123 34.24 -40.89 29.82
CA ALA M 123 33.96 -40.98 31.25
C ALA M 123 33.23 -39.76 31.78
N LYS M 124 33.47 -38.58 31.19
CA LYS M 124 32.74 -37.38 31.61
C LYS M 124 31.27 -37.46 31.24
N VAL M 125 30.97 -38.09 30.09
CA VAL M 125 29.58 -38.24 29.67
C VAL M 125 28.90 -39.30 30.53
N ILE M 126 29.62 -40.35 30.91
CA ILE M 126 29.08 -41.37 31.80
C ILE M 126 28.80 -40.77 33.19
N GLN M 127 29.65 -39.84 33.64
CA GLN M 127 29.45 -39.25 34.95
C GLN M 127 28.32 -38.21 35.00
N HIS M 128 27.66 -37.92 33.88
CA HIS M 128 26.43 -37.14 33.98
C HIS M 128 25.22 -38.01 34.32
N HIS M 129 25.37 -39.33 34.25
CA HIS M 129 24.34 -40.28 34.60
C HIS M 129 24.57 -40.79 36.01
N PRO M 130 23.49 -41.24 36.70
CA PRO M 130 23.67 -41.79 38.06
C PRO M 130 24.41 -43.13 38.09
N ASP M 131 24.67 -43.65 39.29
CA ASP M 131 25.49 -44.82 39.46
C ASP M 131 24.79 -46.09 38.99
N ARG M 132 25.55 -47.19 39.00
CA ARG M 132 25.08 -48.48 38.52
C ARG M 132 24.51 -49.34 39.63
N HIS M 133 25.27 -49.52 40.71
CA HIS M 133 24.87 -50.44 41.77
C HIS M 133 23.73 -49.88 42.60
N GLU M 134 23.72 -48.56 42.83
CA GLU M 134 22.60 -47.91 43.50
C GLU M 134 21.33 -48.03 42.69
N THR M 135 21.47 -47.96 41.36
CA THR M 135 20.33 -48.17 40.47
C THR M 135 19.83 -49.60 40.56
N LEU M 136 20.75 -50.56 40.72
CA LEU M 136 20.36 -51.96 40.89
C LEU M 136 19.61 -52.18 42.20
N LYS M 137 20.06 -51.50 43.27
CA LYS M 137 19.39 -51.60 44.57
C LYS M 137 17.99 -51.01 44.52
N GLU M 138 17.85 -49.83 43.90
CA GLU M 138 16.52 -49.22 43.83
C GLU M 138 15.62 -49.94 42.84
N LEU M 139 16.19 -50.61 41.83
CA LEU M 139 15.37 -51.45 40.96
C LEU M 139 14.88 -52.70 41.68
N GLU M 140 15.72 -53.27 42.55
CA GLU M 140 15.29 -54.42 43.34
C GLU M 140 14.19 -54.02 44.33
N ALA M 141 14.34 -52.85 44.96
CA ALA M 141 13.31 -52.36 45.87
C ALA M 141 12.01 -52.05 45.13
N LEU M 142 12.10 -51.42 43.96
CA LEU M 142 10.91 -51.10 43.18
C LEU M 142 10.25 -52.36 42.62
N GLY M 143 11.06 -53.38 42.32
CA GLY M 143 10.49 -54.64 41.87
C GLY M 143 9.76 -55.38 42.97
N LYS M 144 10.32 -55.36 44.19
CA LYS M 144 9.62 -55.98 45.32
C LYS M 144 8.34 -55.22 45.66
N GLU M 145 8.39 -53.88 45.62
CA GLU M 145 7.19 -53.09 45.88
C GLU M 145 6.16 -53.27 44.78
N LEU M 146 6.59 -53.44 43.53
CA LEU M 146 5.66 -53.65 42.43
C LEU M 146 5.05 -55.04 42.50
N GLU M 147 5.82 -56.04 42.95
CA GLU M 147 5.26 -57.38 43.13
C GLU M 147 4.24 -57.41 44.27
N HIS M 148 4.53 -56.68 45.36
CA HIS M 148 3.56 -56.59 46.46
C HIS M 148 2.29 -55.84 46.04
N LEU M 149 2.45 -54.76 45.28
CA LEU M 149 1.29 -54.00 44.81
C LEU M 149 0.50 -54.80 43.78
N SER M 150 1.18 -55.61 42.97
CA SER M 150 0.48 -56.45 42.01
C SER M 150 -0.28 -57.58 42.70
N HIS M 151 0.29 -58.13 43.78
CA HIS M 151 -0.43 -59.14 44.56
C HIS M 151 -1.63 -58.54 45.27
N ILE M 152 -1.49 -57.31 45.77
CA ILE M 152 -2.61 -56.64 46.44
C ILE M 152 -3.70 -56.28 45.43
N LYS M 153 -3.29 -55.85 44.23
CA LYS M 153 -4.27 -55.53 43.20
C LYS M 153 -4.95 -56.78 42.67
N GLU M 154 -4.23 -57.90 42.62
CA GLU M 154 -4.83 -59.16 42.20
C GLU M 154 -5.82 -59.68 43.25
N SER M 155 -5.50 -59.47 44.54
CA SER M 155 -6.43 -59.85 45.60
C SER M 155 -7.67 -58.97 45.58
N VAL M 156 -7.50 -57.68 45.31
CA VAL M 156 -8.63 -56.75 45.25
C VAL M 156 -9.49 -57.06 44.02
N GLU M 157 -8.85 -57.45 42.91
CA GLU M 157 -9.59 -57.79 41.71
C GLU M 157 -10.33 -59.12 41.88
N ASP M 158 -9.74 -60.06 42.61
CA ASP M 158 -10.42 -61.32 42.91
C ASP M 158 -11.61 -61.10 43.84
N LYS M 159 -11.46 -60.19 44.81
CA LYS M 159 -12.58 -59.86 45.71
C LYS M 159 -13.69 -59.14 44.96
N LEU M 160 -13.33 -58.25 44.03
CA LEU M 160 -14.34 -57.55 43.23
C LEU M 160 -15.04 -58.52 42.27
N GLU M 161 -14.30 -59.48 41.71
CA GLU M 161 -14.91 -60.47 40.84
C GLU M 161 -15.80 -61.42 41.62
N LEU M 162 -15.44 -61.72 42.87
CA LEU M 162 -16.29 -62.55 43.72
C LEU M 162 -17.57 -61.80 44.10
N ARG M 163 -17.46 -60.50 44.36
CA ARG M 163 -18.65 -59.70 44.64
C ARG M 163 -19.55 -59.57 43.41
N ARG M 164 -18.94 -59.46 42.23
CA ARG M 164 -19.71 -59.40 41.00
C ARG M 164 -20.40 -60.71 40.69
N LYS M 165 -19.72 -61.83 40.95
CA LYS M 165 -20.34 -63.15 40.77
C LYS M 165 -21.44 -63.39 41.78
N GLN M 166 -21.28 -62.88 43.00
CA GLN M 166 -22.34 -62.99 44.00
C GLN M 166 -23.55 -62.15 43.64
N PHE M 167 -23.33 -60.95 43.09
CA PHE M 167 -24.43 -60.11 42.63
C PHE M 167 -25.13 -60.73 41.43
N HIS M 168 -24.37 -61.38 40.53
CA HIS M 168 -24.97 -62.05 39.39
C HIS M 168 -25.76 -63.27 39.83
N VAL M 169 -25.28 -63.99 40.86
CA VAL M 169 -26.02 -65.14 41.38
C VAL M 169 -27.29 -64.69 42.09
N LEU M 170 -27.24 -63.54 42.77
CA LEU M 170 -28.43 -63.00 43.40
C LEU M 170 -29.45 -62.53 42.37
N LEU M 171 -28.97 -61.93 41.27
CA LEU M 171 -29.87 -61.53 40.19
C LEU M 171 -30.47 -62.74 39.49
N SER M 172 -29.70 -63.82 39.34
CA SER M 172 -30.22 -65.04 38.74
C SER M 172 -31.23 -65.72 39.66
N THR M 173 -31.01 -65.65 40.97
CA THR M 173 -31.98 -66.21 41.91
C THR M 173 -33.26 -65.39 41.94
N ILE M 174 -33.15 -64.06 41.80
CA ILE M 174 -34.33 -63.21 41.72
C ILE M 174 -35.09 -63.47 40.42
N HIS M 175 -34.37 -63.72 39.33
CA HIS M 175 -35.01 -64.04 38.06
C HIS M 175 -35.70 -65.41 38.12
N GLU M 176 -35.10 -66.36 38.81
CA GLU M 176 -35.72 -67.68 38.96
C GLU M 176 -36.95 -67.60 39.87
N LEU M 177 -36.90 -66.73 40.88
CA LEU M 177 -38.06 -66.54 41.74
C LEU M 177 -39.19 -65.83 40.99
N GLN M 178 -38.84 -64.89 40.10
CA GLN M 178 -39.86 -64.22 39.31
C GLN M 178 -40.43 -65.14 38.24
N GLN M 179 -39.63 -66.08 37.75
CA GLN M 179 -40.12 -67.04 36.77
C GLN M 179 -40.97 -68.12 37.41
N THR M 180 -40.64 -68.50 38.65
CA THR M 180 -41.42 -69.54 39.32
C THR M 180 -42.76 -68.99 39.82
N LEU M 181 -42.78 -67.77 40.34
CA LEU M 181 -44.01 -67.16 40.83
C LEU M 181 -44.87 -66.66 39.68
N LYS N 279 52.40 57.22 112.82
CA LYS N 279 52.55 57.81 111.48
C LYS N 279 53.27 56.83 110.55
N LEU N 280 52.74 56.70 109.33
CA LEU N 280 53.29 55.75 108.37
C LEU N 280 54.61 56.23 107.80
N THR N 281 55.54 55.30 107.62
CA THR N 281 56.85 55.59 107.06
C THR N 281 57.08 54.79 105.78
N LEU N 282 58.09 55.21 105.02
CA LEU N 282 58.45 54.56 103.76
C LEU N 282 59.80 53.87 103.83
N HIS N 283 60.34 53.66 105.03
CA HIS N 283 61.65 53.05 105.18
C HIS N 283 61.56 51.56 104.91
N GLY N 284 62.41 51.06 104.01
CA GLY N 284 62.40 49.68 103.61
C GLY N 284 61.57 49.36 102.39
N LEU N 285 61.29 50.36 101.55
CA LEU N 285 60.45 50.18 100.37
C LEU N 285 61.19 50.62 99.11
N GLN N 286 60.89 49.95 98.01
CA GLN N 286 61.45 50.27 96.71
C GLN N 286 60.35 50.87 95.84
N GLN N 287 60.57 52.08 95.34
CA GLN N 287 59.58 52.80 94.56
C GLN N 287 60.18 53.17 93.21
N TYR N 288 59.45 52.90 92.14
CA TYR N 288 59.92 53.17 90.79
C TYR N 288 58.77 53.70 89.94
N TYR N 289 59.09 54.11 88.72
CA TYR N 289 58.09 54.64 87.81
C TYR N 289 58.43 54.21 86.38
N VAL N 290 57.39 54.13 85.56
CA VAL N 290 57.51 53.81 84.13
C VAL N 290 56.74 54.86 83.36
N LYS N 291 57.39 55.53 82.42
CA LYS N 291 56.74 56.47 81.52
C LYS N 291 56.25 55.70 80.31
N LEU N 292 54.93 55.66 80.12
CA LEU N 292 54.33 54.89 79.04
C LEU N 292 52.97 55.49 78.73
N LYS N 293 52.35 54.96 77.67
CA LYS N 293 51.03 55.43 77.27
C LYS N 293 49.95 54.89 78.21
N ASP N 294 48.75 55.45 78.07
CA ASP N 294 47.65 55.09 78.98
C ASP N 294 47.10 53.69 78.66
N ASN N 295 46.81 53.44 77.38
CA ASN N 295 46.22 52.16 77.00
C ASN N 295 47.21 51.00 77.00
N GLU N 296 48.51 51.29 77.02
CA GLU N 296 49.53 50.24 77.05
C GLU N 296 49.89 49.82 78.46
N LYS N 297 49.16 50.30 79.46
CA LYS N 297 49.46 49.92 80.84
C LYS N 297 48.96 48.52 81.15
N ASN N 298 47.97 48.04 80.40
CA ASN N 298 47.45 46.70 80.64
C ASN N 298 48.43 45.64 80.16
N ARG N 299 49.00 45.81 78.97
CA ARG N 299 49.98 44.87 78.45
C ARG N 299 51.28 44.93 79.24
N LYS N 300 51.68 46.13 79.65
CA LYS N 300 52.87 46.28 80.49
C LYS N 300 52.66 45.67 81.87
N LEU N 301 51.45 45.82 82.41
CA LEU N 301 51.13 45.23 83.70
C LEU N 301 51.08 43.71 83.61
N PHE N 302 50.61 43.18 82.47
CA PHE N 302 50.63 41.74 82.26
C PHE N 302 52.05 41.21 82.11
N ASP N 303 52.93 42.00 81.47
CA ASP N 303 54.33 41.63 81.37
C ASP N 303 55.00 41.64 82.74
N LEU N 304 54.58 42.57 83.61
CA LEU N 304 55.08 42.57 84.98
C LEU N 304 54.52 41.39 85.78
N LEU N 305 53.27 40.99 85.51
CA LEU N 305 52.72 39.80 86.14
C LEU N 305 53.33 38.51 85.64
N ASP N 306 53.93 38.51 84.45
CA ASP N 306 54.60 37.33 83.93
C ASP N 306 56.03 37.17 84.45
N VAL N 307 56.61 38.22 85.04
CA VAL N 307 58.01 38.21 85.48
C VAL N 307 58.11 38.30 86.99
N LEU N 308 57.42 39.24 87.60
CA LEU N 308 57.53 39.46 89.04
C LEU N 308 56.74 38.42 89.80
N GLU N 309 57.41 37.74 90.74
CA GLU N 309 56.75 36.78 91.62
C GLU N 309 56.06 37.51 92.76
N PHE N 310 54.77 37.21 92.96
CA PHE N 310 53.96 37.96 93.90
C PHE N 310 53.02 37.02 94.64
N ASN N 311 52.65 37.41 95.86
CA ASN N 311 51.62 36.71 96.61
C ASN N 311 50.26 37.36 96.43
N GLN N 312 50.15 38.62 96.84
CA GLN N 312 48.95 39.41 96.71
C GLN N 312 49.32 40.81 96.25
N VAL N 313 48.55 41.34 95.31
CA VAL N 313 48.83 42.62 94.67
C VAL N 313 47.59 43.49 94.73
N VAL N 314 47.72 44.69 95.29
CA VAL N 314 46.66 45.68 95.29
C VAL N 314 46.97 46.70 94.20
N ILE N 315 45.99 46.93 93.32
CA ILE N 315 46.12 47.84 92.20
C ILE N 315 45.14 48.99 92.38
N PHE N 316 45.65 50.22 92.33
CA PHE N 316 44.85 51.41 92.61
C PHE N 316 44.37 52.06 91.33
N VAL N 317 43.05 52.16 91.19
CA VAL N 317 42.44 52.87 90.06
C VAL N 317 41.65 54.05 90.61
N LYS N 318 41.06 54.85 89.72
CA LYS N 318 40.48 56.13 90.11
C LYS N 318 38.95 56.15 90.11
N SER N 319 38.28 55.25 89.41
CA SER N 319 36.83 55.31 89.29
C SER N 319 36.26 53.90 89.36
N VAL N 320 34.93 53.82 89.24
CA VAL N 320 34.22 52.55 89.39
C VAL N 320 34.25 51.74 88.11
N GLN N 321 34.02 52.40 86.97
CA GLN N 321 33.95 51.67 85.69
C GLN N 321 35.32 51.12 85.29
N ARG N 322 36.39 51.89 85.57
CA ARG N 322 37.74 51.39 85.34
C ARG N 322 38.05 50.20 86.25
N CYS N 323 37.54 50.23 87.48
CA CYS N 323 37.73 49.14 88.43
C CYS N 323 37.04 47.87 87.95
N ILE N 324 35.79 47.99 87.51
CA ILE N 324 35.04 46.82 87.04
C ILE N 324 35.61 46.30 85.73
N ALA N 325 36.07 47.18 84.86
CA ALA N 325 36.67 46.75 83.60
C ALA N 325 38.02 46.06 83.83
N LEU N 326 38.81 46.55 84.78
CA LEU N 326 40.08 45.90 85.09
C LEU N 326 39.86 44.55 85.78
N ALA N 327 38.83 44.45 86.63
CA ALA N 327 38.48 43.18 87.24
C ALA N 327 38.01 42.18 86.20
N GLN N 328 37.24 42.64 85.22
CA GLN N 328 36.81 41.77 84.12
C GLN N 328 37.99 41.31 83.28
N LEU N 329 38.93 42.22 83.02
CA LEU N 329 40.12 41.86 82.24
C LEU N 329 41.01 40.87 82.97
N LEU N 330 41.08 40.98 84.30
CA LEU N 330 41.90 40.02 85.05
C LEU N 330 41.22 38.66 85.19
N VAL N 331 39.91 38.64 85.45
CA VAL N 331 39.19 37.38 85.63
C VAL N 331 39.10 36.62 84.31
N GLU N 332 38.84 37.33 83.21
CA GLU N 332 38.77 36.69 81.91
C GLU N 332 40.14 36.21 81.42
N GLN N 333 41.23 36.76 81.94
CA GLN N 333 42.57 36.25 81.70
C GLN N 333 43.03 35.33 82.83
N ASN N 334 42.08 34.72 83.55
CA ASN N 334 42.28 33.67 84.55
C ASN N 334 43.08 34.13 85.77
N PHE N 335 43.24 35.43 85.99
CA PHE N 335 43.83 35.93 87.22
C PHE N 335 42.76 36.03 88.29
N PRO N 336 42.90 35.35 89.44
CA PRO N 336 41.90 35.49 90.49
C PRO N 336 41.96 36.85 91.16
N ALA N 337 40.98 37.71 90.88
CA ALA N 337 41.00 39.09 91.34
C ALA N 337 39.63 39.48 91.88
N ILE N 338 39.65 40.32 92.90
CA ILE N 338 38.45 40.86 93.52
C ILE N 338 38.52 42.38 93.48
N ALA N 339 37.39 43.01 93.22
CA ALA N 339 37.32 44.46 93.01
C ALA N 339 36.54 45.11 94.15
N ILE N 340 37.12 46.15 94.74
CA ILE N 340 36.44 46.97 95.73
C ILE N 340 36.51 48.40 95.25
N HIS N 341 35.35 48.99 94.96
CA HIS N 341 35.29 50.37 94.50
C HIS N 341 34.46 51.20 95.46
N ARG N 342 34.52 52.53 95.28
CA ARG N 342 33.91 53.46 96.21
C ARG N 342 32.39 53.51 96.12
N GLY N 343 31.79 52.94 95.07
CA GLY N 343 30.36 52.88 94.96
C GLY N 343 29.77 51.61 95.54
N MET N 344 30.19 51.26 96.74
CA MET N 344 29.80 50.03 97.42
C MET N 344 29.34 50.33 98.83
N PRO N 345 28.49 49.47 99.40
CA PRO N 345 28.19 49.58 100.83
C PRO N 345 29.41 49.27 101.69
N GLN N 346 29.37 49.79 102.91
CA GLN N 346 30.51 49.65 103.82
C GLN N 346 30.68 48.21 104.30
N GLU N 347 29.57 47.52 104.58
CA GLU N 347 29.64 46.14 105.04
C GLU N 347 30.08 45.20 103.92
N GLU N 348 29.78 45.53 102.67
CA GLU N 348 30.25 44.70 101.56
C GLU N 348 31.75 44.90 101.34
N ARG N 349 32.23 46.13 101.52
CA ARG N 349 33.67 46.41 101.49
C ARG N 349 34.39 45.66 102.61
N LEU N 350 33.80 45.65 103.81
CA LEU N 350 34.41 44.93 104.93
C LEU N 350 34.37 43.42 104.72
N SER N 351 33.30 42.91 104.10
CA SER N 351 33.21 41.47 103.83
C SER N 351 34.21 41.04 102.77
N ARG N 352 34.37 41.83 101.72
CA ARG N 352 35.38 41.50 100.70
C ARG N 352 36.80 41.68 101.25
N TYR N 353 37.00 42.62 102.18
CA TYR N 353 38.31 42.79 102.79
C TYR N 353 38.61 41.63 103.73
N GLN N 354 37.59 41.09 104.39
CA GLN N 354 37.76 39.93 105.25
C GLN N 354 38.02 38.67 104.43
N GLN N 355 37.37 38.53 103.26
CA GLN N 355 37.68 37.44 102.35
C GLN N 355 39.09 37.58 101.77
N PHE N 356 39.55 38.81 101.56
CA PHE N 356 40.90 39.05 101.11
C PHE N 356 41.92 38.77 102.22
N LYS N 357 41.52 38.89 103.49
CA LYS N 357 42.38 38.45 104.60
C LYS N 357 42.59 36.94 104.58
N ASP N 358 41.59 36.18 104.16
CA ASP N 358 41.61 34.72 104.28
C ASP N 358 42.19 34.03 103.05
N PHE N 359 42.86 34.79 102.17
CA PHE N 359 43.55 34.29 100.98
C PHE N 359 42.59 33.55 100.04
N GLN N 360 41.54 34.26 99.61
CA GLN N 360 40.58 33.66 98.70
C GLN N 360 40.85 34.10 97.27
N ARG N 361 41.31 35.33 97.08
CA ARG N 361 41.79 35.80 95.78
C ARG N 361 43.06 36.60 95.99
N ARG N 362 43.96 36.51 95.01
CA ARG N 362 45.28 37.15 95.15
C ARG N 362 45.21 38.65 94.91
N ILE N 363 44.61 39.07 93.80
CA ILE N 363 44.70 40.44 93.32
C ILE N 363 43.48 41.22 93.81
N LEU N 364 43.72 42.44 94.31
CA LEU N 364 42.67 43.34 94.77
C LEU N 364 42.74 44.64 93.97
N VAL N 365 41.72 44.90 93.16
CA VAL N 365 41.61 46.16 92.44
C VAL N 365 40.80 47.09 93.33
N ALA N 366 41.47 48.05 93.96
CA ALA N 366 40.87 48.91 94.97
C ALA N 366 40.97 50.38 94.55
N THR N 367 39.83 51.07 94.53
CA THR N 367 39.85 52.51 94.32
C THR N 367 40.35 53.23 95.55
N ASN N 368 39.88 52.82 96.74
CA ASN N 368 40.25 53.46 97.99
C ASN N 368 40.14 52.45 99.12
N LEU N 369 40.73 52.81 100.26
CA LEU N 369 40.68 51.96 101.44
C LEU N 369 40.17 52.74 102.64
N PHE N 370 40.23 52.14 103.82
CA PHE N 370 39.83 52.79 105.06
C PHE N 370 41.03 53.24 105.89
N GLY N 371 42.16 53.47 105.23
CA GLY N 371 43.35 53.92 105.94
C GLY N 371 44.05 52.80 106.67
N ARG N 372 44.66 53.16 107.81
CA ARG N 372 45.40 52.26 108.72
C ARG N 372 46.54 51.55 108.01
N GLY N 373 47.12 52.17 106.99
CA GLY N 373 48.18 51.56 106.20
C GLY N 373 47.66 50.35 105.44
N MET N 374 48.54 49.37 105.26
CA MET N 374 48.18 48.06 104.77
C MET N 374 48.57 47.05 105.83
N ASP N 375 47.60 46.67 106.66
CA ASP N 375 47.85 45.80 107.80
C ASP N 375 47.89 44.32 107.46
N ILE N 376 47.82 43.96 106.18
CA ILE N 376 47.91 42.58 105.74
C ILE N 376 49.32 42.35 105.20
N GLU N 377 50.07 41.48 105.86
CA GLU N 377 51.48 41.27 105.52
C GLU N 377 51.66 40.52 104.21
N ARG N 378 50.60 39.86 103.70
CA ARG N 378 50.72 39.03 102.51
C ARG N 378 50.88 39.87 101.25
N VAL N 379 50.34 41.08 101.23
CA VAL N 379 50.48 41.98 100.10
C VAL N 379 51.91 42.48 100.04
N ASN N 380 52.54 42.34 98.87
CA ASN N 380 53.93 42.74 98.68
C ASN N 380 54.12 43.80 97.61
N ILE N 381 53.47 43.66 96.47
CA ILE N 381 53.65 44.55 95.32
C ILE N 381 52.38 45.35 95.13
N ALA N 382 52.51 46.67 95.07
CA ALA N 382 51.37 47.57 94.93
C ALA N 382 51.55 48.44 93.69
N PHE N 383 50.58 48.38 92.79
CA PHE N 383 50.61 49.17 91.56
C PHE N 383 49.66 50.36 91.67
N ASN N 384 50.20 51.55 91.43
CA ASN N 384 49.40 52.75 91.23
C ASN N 384 49.11 52.85 89.74
N TYR N 385 48.02 52.21 89.33
CA TYR N 385 47.57 52.28 87.95
C TYR N 385 47.10 53.68 87.58
N ASP N 386 46.51 54.40 88.54
CA ASP N 386 46.12 55.78 88.36
C ASP N 386 46.78 56.62 89.45
N MET N 387 46.96 57.90 89.16
CA MET N 387 47.77 58.74 90.04
C MET N 387 46.95 59.15 91.26
N PRO N 388 47.54 59.10 92.45
CA PRO N 388 46.82 59.55 93.65
C PRO N 388 46.70 61.06 93.69
N GLU N 389 45.98 61.54 94.72
CA GLU N 389 45.67 62.96 94.82
C GLU N 389 46.89 63.77 95.19
N ASP N 390 47.48 63.49 96.34
CA ASP N 390 48.63 64.24 96.83
C ASP N 390 49.64 63.23 97.40
N SER N 391 50.63 63.76 98.12
CA SER N 391 51.57 62.89 98.82
C SER N 391 50.94 62.14 99.98
N ASP N 392 49.84 62.65 100.53
CA ASP N 392 49.18 61.98 101.64
C ASP N 392 48.39 60.76 101.15
N THR N 393 47.70 60.89 100.02
CA THR N 393 47.02 59.73 99.44
C THR N 393 48.02 58.70 98.92
N TYR N 394 49.17 59.17 98.39
CA TYR N 394 50.24 58.25 98.03
C TYR N 394 50.82 57.54 99.25
N LEU N 395 50.87 58.24 100.38
CA LEU N 395 51.33 57.63 101.63
C LEU N 395 50.34 56.59 102.12
N HIS N 396 49.04 56.87 101.99
CA HIS N 396 48.02 55.91 102.39
C HIS N 396 47.97 54.71 101.44
N ARG N 397 48.34 54.90 100.17
CA ARG N 397 48.36 53.80 99.22
C ARG N 397 49.59 52.93 99.38
N VAL N 398 50.76 53.53 99.62
CA VAL N 398 52.04 52.84 99.54
C VAL N 398 52.51 52.36 100.92
N ALA N 399 52.55 53.26 101.90
CA ALA N 399 53.15 52.94 103.19
C ALA N 399 52.27 51.98 103.99
N ARG N 400 52.92 51.12 104.77
CA ARG N 400 52.28 49.98 105.40
C ARG N 400 52.31 50.11 106.91
N ALA N 401 51.42 49.36 107.56
CA ALA N 401 51.33 49.33 109.02
C ALA N 401 51.25 47.88 109.50
N GLY N 402 52.14 47.04 108.98
CA GLY N 402 52.15 45.64 109.33
C GLY N 402 52.84 45.39 110.66
N ARG N 403 52.95 44.10 110.99
CA ARG N 403 53.57 43.66 112.24
C ARG N 403 54.95 43.04 112.04
N PHE N 404 55.13 42.25 110.99
CA PHE N 404 56.42 41.60 110.75
C PHE N 404 56.93 41.92 109.34
N GLY N 405 56.04 42.03 108.38
CA GLY N 405 56.43 42.35 107.02
C GLY N 405 56.62 43.84 106.80
N THR N 406 57.88 44.28 106.72
CA THR N 406 58.20 45.69 106.56
C THR N 406 58.72 46.05 105.18
N LYS N 407 59.10 45.06 104.38
CA LYS N 407 59.56 45.31 103.02
C LYS N 407 58.43 45.16 102.02
N GLY N 408 58.60 45.77 100.85
CA GLY N 408 57.60 45.71 99.82
C GLY N 408 58.00 46.52 98.61
N LEU N 409 57.28 46.31 97.52
CA LEU N 409 57.53 46.99 96.26
C LEU N 409 56.30 47.79 95.86
N ALA N 410 56.52 49.00 95.35
CA ALA N 410 55.44 49.86 94.88
C ALA N 410 55.85 50.49 93.56
N ILE N 411 54.99 50.37 92.56
CA ILE N 411 55.28 50.87 91.21
C ILE N 411 54.13 51.76 90.78
N THR N 412 54.44 53.01 90.43
CA THR N 412 53.45 54.00 90.01
C THR N 412 53.59 54.23 88.51
N PHE N 413 52.46 54.14 87.79
CA PHE N 413 52.49 54.32 86.34
C PHE N 413 52.47 55.81 85.99
N VAL N 414 53.40 56.22 85.14
CA VAL N 414 53.50 57.61 84.67
C VAL N 414 53.06 57.65 83.23
N SER N 415 52.13 58.55 82.92
CA SER N 415 51.59 58.69 81.59
C SER N 415 51.86 60.05 80.95
N ASP N 416 51.83 61.13 81.73
CA ASP N 416 51.97 62.47 81.19
C ASP N 416 52.96 63.26 82.05
N GLU N 417 53.03 64.57 81.80
CA GLU N 417 53.91 65.43 82.58
C GLU N 417 53.37 65.66 83.99
N ASN N 418 52.05 65.61 84.16
CA ASN N 418 51.46 65.86 85.47
C ASN N 418 51.77 64.74 86.45
N ASP N 419 51.86 63.50 85.96
CA ASP N 419 52.31 62.40 86.80
C ASP N 419 53.75 62.60 87.27
N ALA N 420 54.61 63.12 86.39
CA ALA N 420 55.98 63.42 86.77
C ALA N 420 56.05 64.59 87.75
N LYS N 421 55.14 65.57 87.61
CA LYS N 421 55.11 66.69 88.54
C LYS N 421 54.68 66.27 89.93
N ILE N 422 53.64 65.43 90.02
CA ILE N 422 53.21 64.93 91.32
C ILE N 422 54.24 63.94 91.89
N LEU N 423 54.97 63.24 91.00
CA LEU N 423 56.04 62.35 91.45
C LEU N 423 57.20 63.15 92.06
N ASN N 424 57.60 64.24 91.41
CA ASN N 424 58.62 65.12 91.99
C ASN N 424 58.11 65.83 93.24
N ASP N 425 56.81 66.07 93.31
CA ASP N 425 56.21 66.61 94.54
C ASP N 425 56.35 65.62 95.70
N VAL N 426 56.09 64.34 95.43
CA VAL N 426 56.25 63.31 96.47
C VAL N 426 57.72 63.14 96.84
N GLN N 427 58.62 63.23 95.86
CA GLN N 427 60.06 63.20 96.13
C GLN N 427 60.50 64.38 96.98
N ASP N 428 59.87 65.54 96.81
CA ASP N 428 60.20 66.69 97.63
C ASP N 428 59.62 66.58 99.04
N ARG N 429 58.42 66.01 99.16
CA ARG N 429 57.79 65.88 100.47
C ARG N 429 58.50 64.83 101.33
N PHE N 430 58.69 63.64 100.79
CA PHE N 430 59.10 62.49 101.59
C PHE N 430 60.59 62.19 101.51
N GLU N 431 61.32 62.89 100.62
CA GLU N 431 62.79 62.84 100.52
C GLU N 431 63.31 61.44 100.23
N VAL N 432 62.72 60.78 99.24
CA VAL N 432 63.13 59.45 98.83
C VAL N 432 63.54 59.49 97.36
N ASN N 433 64.20 58.42 96.93
CA ASN N 433 64.67 58.28 95.55
C ASN N 433 63.74 57.35 94.77
N ILE N 434 63.18 57.87 93.68
CA ILE N 434 62.27 57.12 92.82
C ILE N 434 62.86 57.19 91.42
N SER N 435 63.50 56.12 90.98
CA SER N 435 64.19 56.05 89.71
C SER N 435 63.40 55.16 88.74
N GLU N 436 63.99 54.93 87.57
CA GLU N 436 63.35 54.11 86.55
C GLU N 436 63.34 52.65 86.97
N LEU N 437 62.23 51.96 86.70
CA LEU N 437 62.11 50.55 87.01
C LEU N 437 63.02 49.74 86.09
N PRO N 438 63.98 48.99 86.63
CA PRO N 438 64.90 48.22 85.78
C PRO N 438 64.24 46.96 85.23
N ASP N 439 64.99 46.28 84.37
CA ASP N 439 64.54 45.02 83.79
C ASP N 439 64.92 43.81 84.63
N GLU N 440 65.79 43.97 85.62
CA GLU N 440 66.15 42.91 86.54
C GLU N 440 66.07 43.43 87.96
N ILE N 441 65.27 42.76 88.78
CA ILE N 441 65.01 43.18 90.16
C ILE N 441 65.44 42.05 91.08
N ASP N 442 66.23 42.40 92.11
CA ASP N 442 66.69 41.42 93.08
C ASP N 442 65.52 40.94 93.93
N ILE N 443 65.57 39.66 94.29
CA ILE N 443 64.43 39.05 94.98
C ILE N 443 64.51 39.25 96.50
N SER N 444 65.71 39.30 97.07
CA SER N 444 65.86 39.40 98.52
C SER N 444 65.88 40.84 99.02
N SER N 445 65.72 41.82 98.14
CA SER N 445 65.78 43.22 98.56
C SER N 445 64.47 43.70 99.15
N TYR N 446 63.34 43.14 98.71
CA TYR N 446 62.03 43.59 99.18
C TYR N 446 61.15 42.44 99.66
N ILE N 447 61.70 41.23 99.77
CA ILE N 447 60.95 40.06 100.21
C ILE N 447 61.66 39.49 101.44
N GLU N 448 60.92 39.36 102.54
CA GLU N 448 61.48 38.84 103.78
C GLU N 448 61.21 37.34 103.92
N UNK O 1 134.47 2.22 17.00
CA UNK O 1 133.06 1.82 16.95
C UNK O 1 132.68 1.35 15.56
N UNK O 2 133.41 1.84 14.55
CA UNK O 2 133.13 1.43 13.17
C UNK O 2 133.68 0.04 12.87
N UNK O 3 134.62 -0.44 13.69
CA UNK O 3 135.17 -1.78 13.49
C UNK O 3 134.14 -2.85 13.81
N UNK O 4 133.28 -2.61 14.81
CA UNK O 4 132.23 -3.56 15.13
C UNK O 4 131.18 -3.61 14.04
N UNK O 5 130.84 -2.46 13.45
CA UNK O 5 129.91 -2.42 12.33
C UNK O 5 130.50 -3.07 11.09
N UNK O 6 131.81 -2.90 10.87
CA UNK O 6 132.47 -3.55 9.74
C UNK O 6 132.52 -5.07 9.92
N UNK O 7 132.76 -5.53 11.16
CA UNK O 7 132.78 -6.96 11.43
C UNK O 7 131.39 -7.57 11.32
N UNK O 8 130.35 -6.83 11.74
CA UNK O 8 128.99 -7.32 11.59
C UNK O 8 128.57 -7.36 10.12
N UNK O 9 129.01 -6.37 9.33
CA UNK O 9 128.73 -6.39 7.90
C UNK O 9 129.47 -7.52 7.20
N UNK O 10 130.70 -7.83 7.64
CA UNK O 10 131.45 -8.95 7.08
C UNK O 10 130.80 -10.28 7.43
N UNK O 11 130.30 -10.40 8.66
CA UNK O 11 129.62 -11.62 9.08
C UNK O 11 128.30 -11.81 8.34
N UNK O 12 127.57 -10.71 8.11
CA UNK O 12 126.31 -10.79 7.37
C UNK O 12 126.56 -11.11 5.90
N UNK O 13 127.63 -10.56 5.32
CA UNK O 13 127.96 -10.85 3.93
C UNK O 13 128.42 -12.30 3.77
N UNK O 14 129.19 -12.80 4.74
CA UNK O 14 129.61 -14.20 4.70
C UNK O 14 128.42 -15.14 4.88
N UNK O 15 127.44 -14.76 5.71
CA UNK O 15 126.25 -15.56 5.90
C UNK O 15 125.39 -15.57 4.64
N UNK O 16 125.24 -14.41 3.98
CA UNK O 16 124.47 -14.35 2.75
C UNK O 16 125.18 -15.05 1.60
N UNK O 17 126.50 -15.13 1.65
CA UNK O 17 127.22 -15.86 0.62
C UNK O 17 127.15 -17.36 0.86
N UNK O 18 127.20 -17.80 2.12
CA UNK O 18 127.11 -19.22 2.42
C UNK O 18 125.70 -19.75 2.26
N UNK O 19 124.70 -18.87 2.41
CA UNK O 19 123.31 -19.31 2.24
C UNK O 19 122.95 -19.50 0.77
N UNK O 20 123.70 -18.89 -0.14
CA UNK O 20 123.43 -19.00 -1.57
C UNK O 20 123.83 -20.37 -2.10
N UNK O 21 142.38 -6.59 0.26
CA UNK O 21 142.18 -7.41 1.45
C UNK O 21 140.73 -7.84 1.58
N UNK O 22 139.82 -7.09 0.95
CA UNK O 22 138.41 -7.45 0.98
C UNK O 22 138.12 -8.63 0.06
N UNK O 23 138.73 -8.63 -1.12
CA UNK O 23 138.51 -9.72 -2.09
C UNK O 23 139.13 -11.03 -1.59
N UNK O 24 140.29 -10.94 -0.93
CA UNK O 24 140.93 -12.13 -0.38
C UNK O 24 140.11 -12.71 0.78
N UNK O 25 139.55 -11.83 1.62
CA UNK O 25 138.70 -12.29 2.72
C UNK O 25 137.40 -12.89 2.21
N UNK O 26 136.83 -12.31 1.15
CA UNK O 26 135.62 -12.86 0.55
C UNK O 26 135.90 -14.21 -0.11
N UNK O 27 137.05 -14.35 -0.77
CA UNK O 27 137.41 -15.62 -1.39
C UNK O 27 137.70 -16.69 -0.33
N UNK O 28 138.31 -16.30 0.79
CA UNK O 28 138.56 -17.24 1.87
C UNK O 28 137.25 -17.67 2.53
N UNK O 29 136.29 -16.74 2.65
CA UNK O 29 134.99 -17.09 3.19
C UNK O 29 134.22 -18.02 2.26
N UNK O 30 134.32 -17.78 0.95
CA UNK O 30 133.66 -18.65 -0.02
C UNK O 30 134.30 -20.04 -0.04
N UNK O 31 135.62 -20.11 0.11
CA UNK O 31 136.31 -21.40 0.16
C UNK O 31 135.97 -22.16 1.44
N UNK O 32 135.82 -21.42 2.56
CA UNK O 32 135.41 -22.07 3.80
C UNK O 32 133.97 -22.55 3.73
N UNK O 33 133.11 -21.81 3.04
CA UNK O 33 131.72 -22.23 2.88
C UNK O 33 131.62 -23.43 1.96
N UNK O 34 132.48 -23.50 0.95
CA UNK O 34 132.46 -24.64 0.04
C UNK O 34 133.08 -25.88 0.67
N UNK O 35 134.09 -25.69 1.53
CA UNK O 35 134.78 -26.83 2.12
C UNK O 35 134.06 -27.39 3.33
N UNK O 36 133.48 -26.50 4.17
CA UNK O 36 132.82 -26.96 5.38
C UNK O 36 131.48 -27.61 5.06
N UNK O 37 130.66 -26.94 4.27
CA UNK O 37 129.35 -27.47 3.90
C UNK O 37 129.45 -28.50 2.79
N LEU P 64 151.75 151.26 -26.65
CA LEU P 64 150.43 150.64 -26.51
C LEU P 64 149.65 150.47 -27.85
N PRO P 65 149.72 151.41 -28.81
CA PRO P 65 149.35 151.03 -30.17
C PRO P 65 150.41 150.21 -30.88
N GLU P 66 151.65 150.23 -30.38
CA GLU P 66 152.67 149.33 -30.90
C GLU P 66 152.33 147.88 -30.58
N ALA P 67 151.76 147.65 -29.39
CA ALA P 67 151.24 146.33 -29.06
C ALA P 67 150.05 145.97 -29.94
N ARG P 68 149.25 146.96 -30.36
CA ARG P 68 148.14 146.71 -31.27
C ARG P 68 148.65 146.29 -32.66
N THR P 69 149.70 146.96 -33.16
CA THR P 69 150.29 146.56 -34.43
C THR P 69 150.97 145.21 -34.34
N ARG P 70 151.58 144.90 -33.18
CA ARG P 70 152.17 143.57 -32.99
C ARG P 70 151.09 142.49 -32.95
N PHE P 71 149.92 142.81 -32.38
CA PHE P 71 148.81 141.86 -32.37
C PHE P 71 148.25 141.64 -33.77
N THR P 72 148.16 142.70 -34.57
CA THR P 72 147.71 142.54 -35.96
C THR P 72 148.74 141.80 -36.80
N LYS P 73 150.03 141.93 -36.47
CA LYS P 73 151.04 141.10 -37.14
C LYS P 73 150.92 139.64 -36.71
N SER P 74 150.60 139.38 -35.45
CA SER P 74 150.58 138.01 -34.95
C SER P 74 149.33 137.28 -35.44
N THR P 75 148.20 137.96 -35.52
CA THR P 75 146.95 137.29 -35.91
C THR P 75 146.89 136.97 -37.39
N ARG P 76 147.50 137.79 -38.25
CA ARG P 76 147.49 137.53 -39.68
C ARG P 76 148.39 136.36 -40.06
N ASN P 83 148.75 129.02 -38.34
CA ASN P 83 148.37 130.43 -38.37
C ASN P 83 147.77 130.86 -37.04
N ILE P 84 146.73 130.14 -36.60
CA ILE P 84 146.08 130.48 -35.33
C ILE P 84 146.93 130.09 -34.15
N LYS P 85 147.71 129.01 -34.26
CA LYS P 85 148.59 128.60 -33.17
C LYS P 85 149.73 129.60 -33.00
N PRO P 86 150.24 130.16 -34.10
CA PRO P 86 151.25 131.20 -34.01
C PRO P 86 150.69 132.48 -33.40
N LEU P 87 149.43 132.81 -33.70
CA LEU P 87 148.79 133.96 -33.08
C LEU P 87 148.58 133.73 -31.58
N LEU P 88 148.21 132.50 -31.19
CA LEU P 88 148.04 132.19 -29.78
C LEU P 88 149.38 132.15 -29.05
N SER P 89 150.46 131.80 -29.75
CA SER P 89 151.78 131.82 -29.12
C SER P 89 152.29 133.24 -28.95
N THR P 90 152.18 134.06 -29.99
CA THR P 90 152.67 135.43 -29.95
C THR P 90 151.70 136.39 -29.27
N PHE P 91 150.52 135.92 -28.85
CA PHE P 91 149.58 136.80 -28.17
C PHE P 91 149.98 137.11 -26.74
N SER P 92 150.66 136.18 -26.07
CA SER P 92 151.09 136.39 -24.69
C SER P 92 152.28 137.34 -24.63
N GLU P 98 144.96 142.95 -17.44
CA GLU P 98 145.02 142.02 -18.57
C GLU P 98 143.74 142.07 -19.39
N ASN P 99 142.92 143.10 -19.15
CA ASN P 99 141.67 143.27 -19.88
C ASN P 99 141.82 144.21 -21.08
N GLU P 100 142.65 145.25 -20.94
CA GLU P 100 142.84 146.20 -22.04
C GLU P 100 143.58 145.59 -23.21
N LYS P 101 144.50 144.65 -22.93
CA LYS P 101 145.16 143.92 -24.01
C LYS P 101 144.18 143.05 -24.78
N LYS P 102 143.23 142.43 -24.07
CA LYS P 102 142.17 141.67 -24.75
C LYS P 102 141.23 142.58 -25.50
N CYS P 103 141.03 143.82 -25.02
CA CYS P 103 140.23 144.79 -25.77
C CYS P 103 140.93 145.20 -27.06
N THR P 104 142.26 145.39 -27.02
CA THR P 104 143.01 145.68 -28.23
C THR P 104 142.99 144.49 -29.19
N LEU P 105 143.04 143.27 -28.65
CA LEU P 105 142.90 142.07 -29.48
C LEU P 105 141.53 142.01 -30.16
N ASP P 106 140.47 142.27 -29.40
CA ASP P 106 139.12 142.21 -29.96
C ASP P 106 138.88 143.31 -30.99
N GLN P 107 139.46 144.50 -30.79
CA GLN P 107 139.35 145.54 -31.80
C GLN P 107 140.22 145.23 -33.03
N ALA P 108 141.31 144.49 -32.85
CA ALA P 108 142.07 143.99 -33.99
C ALA P 108 141.26 142.99 -34.80
N PHE P 109 140.52 142.11 -34.11
CA PHE P 109 139.59 141.22 -34.82
C PHE P 109 138.48 142.00 -35.50
N ARG P 110 138.01 143.10 -34.90
CA ARG P 110 137.03 143.97 -35.54
C ARG P 110 137.58 144.54 -36.84
N GLY P 111 138.81 145.05 -36.80
CA GLY P 111 139.40 145.64 -38.00
C GLY P 111 139.67 144.61 -39.09
N ILE P 112 140.12 143.42 -38.71
CA ILE P 112 140.40 142.37 -39.68
C ILE P 112 139.10 141.86 -40.30
N LEU P 113 138.05 141.69 -39.49
CA LEU P 113 136.76 141.29 -40.04
C LEU P 113 136.15 142.37 -40.91
N GLU P 114 136.37 143.65 -40.59
CA GLU P 114 135.87 144.71 -41.44
C GLU P 114 136.60 144.75 -42.78
N GLU P 115 137.91 144.49 -42.75
CA GLU P 115 138.66 144.38 -44.00
C GLU P 115 138.24 143.16 -44.82
N GLU P 116 137.89 142.06 -44.15
CA GLU P 116 137.43 140.88 -44.88
C GLU P 116 136.02 141.07 -45.45
N ILE P 117 135.19 141.85 -44.77
CA ILE P 117 133.89 142.22 -45.33
C ILE P 117 134.08 143.15 -46.53
N ILE P 118 135.05 144.06 -46.45
CA ILE P 118 135.41 144.86 -47.61
C ILE P 118 135.99 143.98 -48.71
N ASN P 119 136.98 143.16 -48.38
CA ASN P 119 137.55 142.22 -49.35
C ASN P 119 136.68 140.98 -49.47
N ASN P 125 132.73 132.67 -45.75
CA ASN P 125 133.91 131.99 -46.25
C ASN P 125 135.06 132.16 -45.28
N VAL P 126 135.84 133.22 -45.48
CA VAL P 126 136.93 133.55 -44.56
C VAL P 126 136.36 134.03 -43.23
N LEU P 127 135.18 134.65 -43.26
CA LEU P 127 134.50 135.09 -42.05
C LEU P 127 134.14 133.93 -41.15
N ALA P 128 133.74 132.81 -41.76
CA ALA P 128 133.47 131.59 -41.00
C ALA P 128 134.75 131.04 -40.37
N ILE P 129 135.88 131.19 -41.05
CA ILE P 129 137.16 130.73 -40.53
C ILE P 129 137.58 131.58 -39.33
N ILE P 130 137.38 132.90 -39.41
CA ILE P 130 137.73 133.75 -38.28
C ILE P 130 136.77 133.53 -37.11
N SER P 131 135.50 133.21 -37.40
CA SER P 131 134.56 132.88 -36.33
C SER P 131 134.94 131.57 -35.63
N LEU P 132 135.42 130.59 -36.41
CA LEU P 132 135.96 129.37 -35.81
C LEU P 132 137.21 129.66 -34.99
N ALA P 133 138.03 130.62 -35.43
CA ALA P 133 139.22 130.99 -34.67
C ALA P 133 138.86 131.65 -33.34
N ILE P 134 137.83 132.50 -33.34
CA ILE P 134 137.38 133.15 -32.12
C ILE P 134 136.72 132.13 -31.18
N GLY P 135 135.95 131.19 -31.74
CA GLY P 135 135.37 130.13 -30.94
C GLY P 135 136.40 129.18 -30.37
N GLY P 136 137.54 129.03 -31.04
CA GLY P 136 138.65 128.26 -30.51
C GLY P 136 139.41 128.98 -29.42
N VAL P 137 139.66 130.27 -29.63
CA VAL P 137 140.41 131.05 -28.64
C VAL P 137 139.52 131.37 -27.43
N THR P 138 138.40 132.05 -27.66
CA THR P 138 137.50 132.41 -26.58
C THR P 138 136.62 131.24 -26.19
N SER P 145 130.66 137.05 -25.86
CA SER P 145 130.55 138.51 -25.74
C SER P 145 130.63 139.17 -27.11
N THR P 146 131.81 139.70 -27.44
CA THR P 146 132.08 140.33 -28.73
C THR P 146 131.98 139.49 -30.01
N PRO P 147 132.14 138.14 -30.04
CA PRO P 147 131.82 137.44 -31.30
C PRO P 147 130.35 137.48 -31.68
N PHE P 148 129.45 137.66 -30.71
CA PHE P 148 128.05 137.90 -31.03
C PHE P 148 127.88 139.22 -31.80
N VAL P 149 128.61 140.25 -31.38
CA VAL P 149 128.57 141.54 -32.06
C VAL P 149 129.19 141.44 -33.45
N LEU P 150 130.28 140.67 -33.57
CA LEU P 150 130.93 140.49 -34.87
C LEU P 150 130.04 139.73 -35.84
N LEU P 151 129.39 138.66 -35.37
CA LEU P 151 128.45 137.93 -36.22
C LEU P 151 127.22 138.77 -36.55
N GLY P 152 126.79 139.65 -35.64
CA GLY P 152 125.70 140.55 -35.95
C GLY P 152 126.07 141.54 -37.05
N ASP P 153 127.31 142.04 -37.01
CA ASP P 153 127.79 142.92 -38.07
C ASP P 153 127.88 142.19 -39.40
N VAL P 154 128.34 140.93 -39.37
CA VAL P 154 128.44 140.14 -40.59
C VAL P 154 127.07 139.84 -41.18
N LEU P 155 126.10 139.51 -40.33
CA LEU P 155 124.74 139.27 -40.81
C LEU P 155 124.06 140.55 -41.27
N ASP P 156 124.45 141.70 -40.71
CA ASP P 156 123.94 142.97 -41.22
C ASP P 156 124.53 143.30 -42.58
N CYS P 157 125.77 142.88 -42.84
CA CYS P 157 126.38 143.21 -44.12
C CYS P 157 125.88 142.31 -45.24
N LEU P 158 125.91 141.00 -45.06
CA LEU P 158 125.64 140.06 -46.15
C LEU P 158 124.15 139.82 -46.30
N PRO P 159 123.54 140.21 -47.44
CA PRO P 159 122.07 140.21 -47.53
C PRO P 159 121.37 138.85 -47.54
N LEU P 160 121.63 138.00 -48.54
CA LEU P 160 120.69 136.92 -48.85
C LEU P 160 121.32 135.54 -48.81
N ASP P 161 122.38 135.29 -49.58
CA ASP P 161 122.89 133.93 -49.77
C ASP P 161 123.95 133.56 -48.73
N GLN P 162 124.96 134.41 -48.58
CA GLN P 162 125.99 134.15 -47.59
C GLN P 162 125.45 134.28 -46.17
N CYS P 163 124.40 135.10 -46.00
CA CYS P 163 123.66 135.12 -44.75
C CYS P 163 123.02 133.76 -44.45
N ASP P 164 122.49 133.10 -45.50
CA ASP P 164 121.91 131.78 -45.33
C ASP P 164 122.98 130.74 -44.98
N THR P 165 124.15 130.81 -45.63
CA THR P 165 125.21 129.86 -45.33
C THR P 165 125.77 130.07 -43.92
N ILE P 166 125.88 131.33 -43.50
CA ILE P 166 126.35 131.62 -42.14
C ILE P 166 125.29 131.23 -41.10
N PHE P 167 124.01 131.30 -41.45
CA PHE P 167 123.00 130.84 -40.51
C PHE P 167 122.98 129.32 -40.40
N THR P 168 123.27 128.60 -41.50
CA THR P 168 123.50 127.17 -41.39
C THR P 168 124.72 126.86 -40.54
N PHE P 169 125.75 127.71 -40.62
CA PHE P 169 126.91 127.57 -39.76
C PHE P 169 126.55 127.81 -38.29
N VAL P 170 125.64 128.74 -38.03
CA VAL P 170 125.18 129.00 -36.66
C VAL P 170 124.35 127.81 -36.14
N GLU P 171 123.55 127.21 -37.02
CA GLU P 171 122.85 125.97 -36.68
C GLU P 171 123.83 124.84 -36.38
N LYS P 172 124.96 124.81 -37.09
CA LYS P 172 126.01 123.85 -36.77
C LYS P 172 126.74 124.20 -35.47
N ASN P 173 126.72 125.46 -35.06
CA ASN P 173 127.41 125.85 -33.83
C ASN P 173 126.65 125.36 -32.60
N VAL P 174 125.32 125.32 -32.67
CA VAL P 174 124.52 124.91 -31.53
C VAL P 174 124.04 123.48 -31.70
N LYS P 187 123.74 136.20 -25.55
CA LYS P 187 122.48 136.22 -24.81
C LYS P 187 121.40 136.96 -25.59
N ASN P 188 121.27 138.26 -25.32
CA ASN P 188 120.26 139.07 -25.98
C ASN P 188 120.64 139.35 -27.44
N TYR P 189 121.93 139.24 -27.78
CA TYR P 189 122.39 139.56 -29.12
C TYR P 189 121.87 138.55 -30.14
N LEU P 190 121.67 137.31 -29.72
CA LEU P 190 121.05 136.30 -30.57
C LEU P 190 119.62 136.68 -30.92
N LEU P 191 118.85 137.13 -29.92
CA LEU P 191 117.49 137.58 -30.14
C LEU P 191 117.44 138.84 -31.02
N ARG P 192 118.43 139.72 -30.86
CA ARG P 192 118.49 140.91 -31.71
C ARG P 192 118.78 140.56 -33.15
N MET P 193 119.72 139.62 -33.38
CA MET P 193 120.01 139.16 -34.73
C MET P 193 118.81 138.47 -35.37
N CYS P 194 118.09 137.64 -34.60
CA CYS P 194 116.94 136.96 -35.16
C CYS P 194 115.78 137.92 -35.42
N ASN P 195 115.60 138.94 -34.57
CA ASN P 195 114.58 139.95 -34.84
C ASN P 195 114.94 140.79 -36.06
N ASP P 196 116.23 141.05 -36.28
CA ASP P 196 116.65 141.76 -37.47
C ASP P 196 116.44 140.92 -38.72
N LEU P 197 116.68 139.61 -38.63
CA LEU P 197 116.41 138.72 -39.76
C LEU P 197 114.92 138.62 -40.05
N LEU P 198 114.08 138.67 -39.01
CA LEU P 198 112.64 138.68 -39.23
C LEU P 198 112.17 139.99 -39.85
N ARG P 199 112.76 141.11 -39.45
CA ARG P 199 112.30 142.40 -39.96
C ARG P 199 112.83 142.68 -41.35
N ARG P 200 114.01 142.18 -41.71
CA ARG P 200 114.56 142.48 -43.03
C ARG P 200 113.93 141.64 -44.13
N LEU P 201 113.54 140.40 -43.84
CA LEU P 201 112.96 139.54 -44.86
C LEU P 201 111.51 139.91 -45.11
N SER P 202 111.09 139.78 -46.37
CA SER P 202 109.74 140.16 -46.79
C SER P 202 108.75 139.00 -46.76
N LYS P 203 109.21 137.79 -46.46
CA LYS P 203 108.40 136.56 -46.39
C LYS P 203 107.67 136.27 -47.70
N SER P 204 108.25 136.66 -48.83
CA SER P 204 107.67 136.29 -50.11
C SER P 204 108.06 134.87 -50.50
N GLN P 205 109.36 134.58 -50.44
CA GLN P 205 109.86 133.22 -50.65
C GLN P 205 110.83 132.80 -49.56
N ASN P 206 111.06 133.62 -48.53
CA ASN P 206 112.00 133.32 -47.46
C ASN P 206 111.30 132.89 -46.18
N THR P 207 110.11 132.30 -46.30
CA THR P 207 109.39 131.85 -45.11
C THR P 207 110.01 130.58 -44.53
N VAL P 208 110.65 129.77 -45.36
CA VAL P 208 111.35 128.58 -44.89
C VAL P 208 112.51 128.96 -43.99
N PHE P 209 113.25 130.01 -44.38
CA PHE P 209 114.38 130.49 -43.61
C PHE P 209 113.91 131.09 -42.28
N CYS P 210 112.77 131.79 -42.29
CA CYS P 210 112.20 132.31 -41.06
C CYS P 210 111.70 131.20 -40.13
N GLY P 211 111.16 130.12 -40.72
CA GLY P 211 110.79 128.97 -39.92
C GLY P 211 112.00 128.29 -39.29
N ARG P 212 113.12 128.24 -40.01
CA ARG P 212 114.36 127.71 -39.44
C ARG P 212 114.87 128.61 -38.32
N ILE P 213 114.70 129.93 -38.48
CA ILE P 213 115.06 130.88 -37.42
C ILE P 213 114.22 130.64 -36.17
N GLN P 214 112.91 130.44 -36.35
CA GLN P 214 112.05 130.24 -35.19
C GLN P 214 112.26 128.87 -34.56
N LEU P 215 112.66 127.86 -35.34
CA LEU P 215 113.06 126.58 -34.75
C LEU P 215 114.36 126.72 -33.98
N PHE P 216 115.28 127.56 -34.46
CA PHE P 216 116.49 127.83 -33.71
C PHE P 216 116.17 128.55 -32.40
N LEU P 217 115.23 129.49 -32.42
CA LEU P 217 114.81 130.18 -31.21
C LEU P 217 114.10 129.24 -30.24
N ALA P 218 113.34 128.29 -30.76
CA ALA P 218 112.72 127.27 -29.91
C ALA P 218 113.76 126.34 -29.32
N ARG P 219 114.85 126.08 -30.05
CA ARG P 219 115.96 125.31 -29.48
C ARG P 219 116.70 126.11 -28.41
N LEU P 220 116.74 127.43 -28.55
CA LEU P 220 117.36 128.27 -27.53
C LEU P 220 116.55 128.26 -26.23
N PHE P 221 115.24 128.42 -26.33
CA PHE P 221 114.39 128.49 -25.14
C PHE P 221 113.44 127.30 -25.05
N SER P 281 80.84 137.77 -70.21
CA SER P 281 81.56 136.58 -69.76
C SER P 281 80.71 135.78 -68.78
N ILE P 282 81.38 135.13 -67.84
CA ILE P 282 80.70 134.34 -66.82
C ILE P 282 80.05 135.28 -65.81
N PRO P 283 78.77 135.11 -65.48
CA PRO P 283 78.15 135.97 -64.46
C PRO P 283 78.72 135.69 -63.07
N ILE P 284 79.35 136.72 -62.50
CA ILE P 284 80.06 136.60 -61.23
C ILE P 284 79.24 137.28 -60.14
N ASP P 285 78.98 136.56 -59.06
CA ASP P 285 78.30 137.13 -57.90
C ASP P 285 79.35 137.89 -57.10
N TYR P 286 79.51 139.18 -57.42
CA TYR P 286 80.50 140.01 -56.73
C TYR P 286 80.04 140.33 -55.31
N ASN P 287 78.73 140.31 -55.06
CA ASN P 287 78.21 140.55 -53.72
C ASN P 287 78.59 139.41 -52.78
N LEU P 288 78.67 138.18 -53.29
CA LEU P 288 79.15 137.05 -52.51
C LEU P 288 80.62 137.24 -52.13
N TYR P 289 81.43 137.72 -53.08
CA TYR P 289 82.83 138.04 -52.81
C TYR P 289 82.96 139.10 -51.72
N ARG P 290 82.18 140.18 -51.84
CA ARG P 290 82.28 141.28 -50.89
C ARG P 290 81.82 140.88 -49.50
N LYS P 291 80.72 140.13 -49.41
CA LYS P 291 80.23 139.69 -48.09
C LYS P 291 81.17 138.66 -47.47
N PHE P 292 81.68 137.72 -48.26
CA PHE P 292 82.57 136.69 -47.73
C PHE P 292 83.89 137.26 -47.26
N TRP P 293 84.48 138.18 -48.02
CA TRP P 293 85.76 138.71 -47.57
C TRP P 293 85.59 139.84 -46.56
N SER P 294 84.40 140.44 -46.45
CA SER P 294 84.12 141.29 -45.30
C SER P 294 84.02 140.46 -44.04
N LEU P 295 83.44 139.26 -44.13
CA LEU P 295 83.49 138.33 -42.99
C LEU P 295 84.91 137.88 -42.69
N GLN P 296 85.74 137.72 -43.73
CA GLN P 296 87.14 137.36 -43.52
C GLN P 296 87.89 138.48 -42.80
N ASP P 297 87.58 139.73 -43.13
CA ASP P 297 88.15 140.86 -42.40
C ASP P 297 87.60 140.94 -40.98
N TYR P 298 86.37 140.49 -40.77
CA TYR P 298 85.84 140.37 -39.41
C TYR P 298 86.60 139.32 -38.61
N PHE P 299 86.97 138.23 -39.27
CA PHE P 299 87.86 137.25 -38.63
C PHE P 299 89.24 137.84 -38.33
N ARG P 300 89.74 138.67 -39.25
CA ARG P 300 91.04 139.31 -39.03
C ARG P 300 91.01 140.32 -37.90
N ASN P 301 89.85 140.91 -37.63
CA ASN P 301 89.70 141.95 -36.62
C ASN P 301 88.64 141.54 -35.61
N PRO P 302 89.01 140.79 -34.57
CA PRO P 302 88.06 140.52 -33.48
C PRO P 302 87.81 141.74 -32.61
N VAL P 303 88.69 142.74 -32.67
CA VAL P 303 88.46 144.00 -31.97
C VAL P 303 87.26 144.72 -32.57
N GLN P 304 87.05 144.58 -33.89
CA GLN P 304 85.84 145.09 -34.52
C GLN P 304 84.60 144.28 -34.16
N CYS P 305 84.76 143.09 -33.58
CA CYS P 305 83.62 142.25 -33.20
C CYS P 305 83.24 142.51 -31.74
N TYR P 306 83.00 143.78 -31.44
CA TYR P 306 82.46 144.21 -30.16
C TYR P 306 81.36 145.25 -30.28
N GLU P 307 81.17 145.87 -31.44
CA GLU P 307 80.23 146.95 -31.60
C GLU P 307 78.81 146.41 -31.82
N LYS P 308 77.92 147.30 -32.25
CA LYS P 308 76.55 146.92 -32.57
C LYS P 308 76.35 146.74 -34.06
N ILE P 309 76.68 147.76 -34.85
CA ILE P 309 76.39 147.77 -36.28
C ILE P 309 77.29 146.78 -37.02
N SER P 310 78.57 146.71 -36.63
CA SER P 310 79.48 145.72 -37.19
C SER P 310 79.03 144.31 -36.81
N TRP P 311 78.51 144.15 -35.59
CA TRP P 311 77.92 142.88 -35.19
C TRP P 311 76.67 142.55 -36.01
N LYS P 312 75.88 143.57 -36.36
CA LYS P 312 74.69 143.33 -37.18
C LYS P 312 75.05 142.89 -38.59
N THR P 313 76.07 143.52 -39.18
CA THR P 313 76.54 143.09 -40.49
C THR P 313 77.17 141.70 -40.41
N PHE P 314 77.83 141.39 -39.30
CA PHE P 314 78.37 140.05 -39.07
C PHE P 314 77.25 139.01 -39.00
N LEU P 315 76.17 139.34 -38.29
CA LEU P 315 74.98 138.48 -38.19
C LEU P 315 74.39 138.20 -39.57
N LYS P 316 74.11 139.26 -40.33
CA LYS P 316 73.46 139.13 -41.63
C LYS P 316 74.33 138.37 -42.62
N TYR P 317 75.61 138.75 -42.72
CA TYR P 317 76.50 138.14 -43.70
C TYR P 317 76.82 136.70 -43.33
N SER P 318 77.01 136.43 -42.02
CA SER P 318 77.30 135.07 -41.58
C SER P 318 76.12 134.15 -41.80
N GLU P 319 74.89 134.64 -41.54
CA GLU P 319 73.72 133.80 -41.78
C GLU P 319 73.51 133.54 -43.26
N GLU P 320 73.80 134.54 -44.12
CA GLU P 320 73.66 134.31 -45.56
C GLU P 320 74.71 133.33 -46.10
N VAL P 321 75.96 133.44 -45.62
CA VAL P 321 77.01 132.54 -46.09
C VAL P 321 76.77 131.12 -45.57
N LEU P 322 76.31 130.98 -44.32
CA LEU P 322 75.99 129.65 -43.81
C LEU P 322 74.74 129.08 -44.47
N ALA P 323 73.82 129.93 -44.92
CA ALA P 323 72.68 129.45 -45.69
C ALA P 323 73.12 128.92 -47.05
N VAL P 324 74.07 129.61 -47.70
CA VAL P 324 74.63 129.12 -48.96
C VAL P 324 75.37 127.80 -48.75
N PHE P 325 76.13 127.70 -47.65
CA PHE P 325 76.87 126.48 -47.35
C PHE P 325 75.95 125.30 -47.01
N LYS P 326 74.83 125.56 -46.34
CA LYS P 326 73.86 124.48 -46.13
C LYS P 326 73.11 124.14 -47.41
N SER P 327 72.89 125.12 -48.29
CA SER P 327 72.15 124.85 -49.52
C SER P 327 73.01 124.19 -50.59
N TYR P 328 74.33 124.20 -50.45
CA TYR P 328 75.17 123.61 -51.49
C TYR P 328 75.13 122.09 -51.41
N LYS P 329 75.56 121.51 -50.28
CA LYS P 329 75.49 120.07 -49.97
C LYS P 329 76.25 119.24 -51.01
N LEU P 330 77.59 119.39 -50.96
CA LEU P 330 78.47 118.79 -51.95
C LEU P 330 78.39 117.27 -51.94
N ASP P 331 78.41 116.65 -50.75
CA ASP P 331 78.22 115.21 -50.52
C ASP P 331 79.23 114.37 -51.32
N ASP P 332 80.50 114.56 -51.01
CA ASP P 332 81.56 113.80 -51.68
C ASP P 332 81.96 112.56 -50.90
N VAL P 350 104.81 122.34 -54.61
CA VAL P 350 103.59 123.03 -55.02
C VAL P 350 102.61 123.08 -53.87
N TYR P 351 102.39 124.27 -53.32
CA TYR P 351 101.48 124.47 -52.20
C TYR P 351 101.00 125.91 -52.21
N PHE P 352 99.72 126.10 -51.90
CA PHE P 352 99.11 127.42 -51.87
C PHE P 352 99.12 127.93 -50.43
N ALA P 353 99.92 128.97 -50.18
CA ALA P 353 100.18 129.40 -48.80
C ALA P 353 99.00 130.15 -48.19
N LYS P 354 98.61 131.26 -48.79
CA LYS P 354 97.58 132.12 -48.23
C LYS P 354 96.28 131.99 -49.03
N PHE P 355 95.27 132.71 -48.58
CA PHE P 355 93.96 132.66 -49.20
C PHE P 355 93.96 133.38 -50.54
N LEU P 356 93.21 132.83 -51.49
CA LEU P 356 93.21 133.33 -52.87
C LEU P 356 92.00 134.25 -53.05
N THR P 357 92.26 135.56 -53.08
CA THR P 357 91.20 136.55 -53.28
C THR P 357 91.03 136.77 -54.78
N SER P 358 90.33 135.83 -55.41
CA SER P 358 90.13 135.86 -56.85
C SER P 358 88.63 135.93 -57.13
N GLU P 359 88.22 136.99 -57.83
CA GLU P 359 86.84 137.15 -58.25
C GLU P 359 86.50 136.36 -59.50
N LYS P 360 87.49 135.76 -60.16
CA LYS P 360 87.29 135.18 -61.47
C LYS P 360 86.67 133.78 -61.39
N LEU P 361 87.36 132.85 -60.72
CA LEU P 361 86.95 131.46 -60.76
C LEU P 361 85.81 131.17 -59.78
N MET P 362 86.09 131.32 -58.48
CA MET P 362 85.14 131.35 -57.36
C MET P 362 84.46 130.00 -57.09
N ASP P 363 84.69 129.00 -57.94
CA ASP P 363 83.97 127.74 -57.85
C ASP P 363 84.83 126.58 -57.38
N LEU P 364 86.14 126.63 -57.60
CA LEU P 364 87.01 125.56 -57.10
C LEU P 364 87.17 125.62 -55.59
N GLN P 365 87.03 126.81 -55.00
CA GLN P 365 87.04 126.90 -53.55
C GLN P 365 85.74 126.39 -52.95
N LEU P 366 84.63 126.58 -53.66
CA LEU P 366 83.35 126.07 -53.18
C LEU P 366 83.26 124.55 -53.35
N SER P 367 83.84 124.01 -54.42
CA SER P 367 83.83 122.58 -54.63
C SER P 367 84.79 121.84 -53.71
N ASP P 368 85.82 122.52 -53.21
CA ASP P 368 86.74 121.93 -52.25
C ASP P 368 86.16 122.07 -50.85
N SER P 369 85.90 120.93 -50.19
CA SER P 369 85.36 120.94 -48.84
C SER P 369 86.40 121.36 -47.81
N ASN P 370 87.70 121.26 -48.15
CA ASN P 370 88.74 121.63 -47.21
C ASN P 370 88.78 123.14 -46.97
N PHE P 371 88.43 123.93 -47.99
CA PHE P 371 88.33 125.37 -47.81
C PHE P 371 87.20 125.71 -46.83
N ARG P 372 86.07 125.01 -46.95
CA ARG P 372 85.01 125.17 -45.97
C ARG P 372 85.42 124.65 -44.59
N ARG P 373 86.31 123.66 -44.54
CA ARG P 373 86.84 123.24 -43.25
C ARG P 373 87.70 124.34 -42.63
N HIS P 374 88.52 125.03 -43.43
CA HIS P 374 89.25 126.20 -42.96
C HIS P 374 88.31 127.27 -42.40
N ILE P 375 87.24 127.56 -43.15
CA ILE P 375 86.32 128.61 -42.76
C ILE P 375 85.56 128.24 -41.48
N LEU P 376 85.13 126.98 -41.36
CA LEU P 376 84.38 126.57 -40.18
C LEU P 376 85.28 126.40 -38.96
N LEU P 377 86.54 126.00 -39.15
CA LEU P 377 87.51 126.06 -38.07
C LEU P 377 87.73 127.48 -37.58
N GLN P 378 87.74 128.43 -38.52
CA GLN P 378 87.92 129.83 -38.14
C GLN P 378 86.70 130.35 -37.39
N TYR P 379 85.50 129.91 -37.80
CA TYR P 379 84.28 130.16 -37.04
C TYR P 379 84.37 129.62 -35.63
N LEU P 380 84.84 128.37 -35.48
CA LEU P 380 84.90 127.75 -34.15
C LEU P 380 85.92 128.43 -33.26
N ILE P 381 87.03 128.90 -33.83
CA ILE P 381 88.02 129.62 -33.04
C ILE P 381 87.48 130.99 -32.61
N LEU P 382 86.74 131.67 -33.50
CA LEU P 382 86.10 132.92 -33.12
C LEU P 382 85.04 132.72 -32.05
N PHE P 383 84.28 131.63 -32.13
CA PHE P 383 83.23 131.37 -31.15
C PHE P 383 83.82 131.00 -29.80
N GLN P 384 84.92 130.24 -29.80
CA GLN P 384 85.59 129.88 -28.55
C GLN P 384 86.29 131.08 -27.93
N TYR P 385 86.76 132.02 -28.76
CA TYR P 385 87.31 133.26 -28.22
C TYR P 385 86.23 134.13 -27.61
N LEU P 386 85.05 134.20 -28.25
CA LEU P 386 83.96 134.99 -27.70
C LEU P 386 83.41 134.37 -26.42
N LYS P 387 83.43 133.03 -26.33
CA LYS P 387 83.05 132.39 -25.07
C LYS P 387 84.15 132.52 -24.02
N GLY P 388 85.40 132.67 -24.44
CA GLY P 388 86.52 132.76 -23.53
C GLY P 388 86.60 134.08 -22.79
N ASN P 396 84.60 146.20 -19.62
CA ASN P 396 83.87 146.10 -20.89
C ASN P 396 83.90 144.67 -21.42
N TYR P 397 83.94 144.57 -22.76
CA TYR P 397 84.10 143.31 -23.50
C TYR P 397 82.94 142.34 -23.22
N VAL P 398 81.75 142.89 -23.00
CA VAL P 398 80.57 142.10 -22.71
C VAL P 398 79.63 142.14 -23.90
N LEU P 399 78.77 141.13 -23.98
CA LEU P 399 77.83 140.99 -25.08
C LEU P 399 76.43 140.71 -24.55
N THR P 400 75.45 140.85 -25.44
CA THR P 400 74.08 140.49 -25.13
C THR P 400 73.98 138.97 -25.00
N ASP P 401 73.20 138.50 -24.03
CA ASP P 401 73.02 137.07 -23.83
C ASP P 401 72.27 136.43 -24.99
N GLU P 402 71.40 137.18 -25.66
CA GLU P 402 70.75 136.69 -26.87
C GLU P 402 71.75 136.48 -28.00
N GLN P 403 72.78 137.33 -28.06
CA GLN P 403 73.87 137.11 -29.01
C GLN P 403 74.62 135.83 -28.69
N SER P 404 74.82 135.54 -27.40
CA SER P 404 75.49 134.30 -27.02
C SER P 404 74.64 133.08 -27.33
N LEU P 405 73.31 133.21 -27.20
CA LEU P 405 72.42 132.12 -27.60
C LEU P 405 72.45 131.90 -29.10
N TRP P 406 72.54 132.99 -29.87
CA TRP P 406 72.73 132.89 -31.32
C TRP P 406 74.05 132.21 -31.67
N ILE P 407 75.10 132.55 -30.92
CA ILE P 407 76.42 131.93 -31.14
C ILE P 407 76.37 130.43 -30.84
N GLU P 408 75.65 130.04 -29.79
CA GLU P 408 75.52 128.63 -29.46
C GLU P 408 74.70 127.87 -30.50
N ASP P 409 73.64 128.50 -31.02
CA ASP P 409 72.82 127.87 -32.06
C ASP P 409 73.61 127.69 -33.35
N THR P 410 74.30 128.75 -33.79
CA THR P 410 75.16 128.65 -34.97
C THR P 410 76.33 127.70 -34.74
N THR P 411 76.81 127.58 -33.51
CA THR P 411 77.88 126.65 -33.18
C THR P 411 77.41 125.21 -33.34
N LYS P 412 76.20 124.92 -32.85
CA LYS P 412 75.62 123.59 -33.06
C LYS P 412 75.36 123.32 -34.54
N SER P 413 74.98 124.33 -35.32
CA SER P 413 74.85 124.12 -36.76
C SER P 413 76.21 123.89 -37.43
N VAL P 414 77.28 124.49 -36.90
CA VAL P 414 78.62 124.24 -37.42
C VAL P 414 79.07 122.81 -37.11
N TYR P 415 78.76 122.32 -35.90
CA TYR P 415 79.00 120.91 -35.59
C TYR P 415 78.18 119.99 -36.49
N GLN P 416 76.96 120.40 -36.84
CA GLN P 416 76.16 119.63 -37.79
C GLN P 416 76.80 119.58 -39.17
N LEU P 417 77.29 120.73 -39.65
CA LEU P 417 77.88 120.78 -40.99
C LEU P 417 79.23 120.07 -41.05
N LEU P 418 79.97 120.09 -39.95
CA LEU P 418 81.23 119.35 -39.88
C LEU P 418 81.03 117.87 -39.62
N SER P 419 79.86 117.47 -39.09
CA SER P 419 79.53 116.06 -39.04
C SER P 419 79.12 115.52 -40.40
N GLU P 420 78.80 116.40 -41.35
CA GLU P 420 78.40 116.00 -42.69
C GLU P 420 79.58 115.72 -43.62
N ASN P 421 80.81 115.69 -43.09
CA ASN P 421 81.98 115.36 -43.89
C ASN P 421 81.95 113.88 -44.24
N PRO P 422 81.99 113.49 -45.51
CA PRO P 422 81.86 112.07 -45.85
C PRO P 422 83.08 111.24 -45.51
N PRO P 423 84.35 111.79 -45.57
CA PRO P 423 85.41 111.11 -44.79
C PRO P 423 85.44 111.58 -43.34
N ASP P 424 84.95 110.70 -42.44
CA ASP P 424 85.09 110.82 -40.99
C ASP P 424 84.56 112.15 -40.44
N GLY P 425 83.26 112.37 -40.61
CA GLY P 425 82.66 113.59 -40.09
C GLY P 425 82.60 113.60 -38.58
N GLU P 426 82.08 112.53 -37.99
CA GLU P 426 81.94 112.45 -36.53
C GLU P 426 83.30 112.30 -35.85
N ARG P 427 84.23 111.55 -36.47
CA ARG P 427 85.55 111.36 -35.90
C ARG P 427 86.31 112.67 -35.83
N PHE P 428 86.34 113.41 -36.94
CA PHE P 428 87.00 114.72 -36.96
C PHE P 428 86.25 115.74 -36.09
N SER P 429 84.95 115.57 -35.92
CA SER P 429 84.19 116.43 -35.01
C SER P 429 84.62 116.20 -33.56
N LYS P 430 84.77 114.93 -33.16
CA LYS P 430 85.29 114.64 -31.82
C LYS P 430 86.74 115.09 -31.66
N MET P 431 87.52 115.06 -32.76
CA MET P 431 88.87 115.62 -32.73
C MET P 431 88.84 117.11 -32.45
N VAL P 432 87.90 117.83 -33.08
CA VAL P 432 87.79 119.27 -32.82
C VAL P 432 87.28 119.55 -31.42
N GLU P 433 86.42 118.67 -30.89
CA GLU P 433 85.97 118.82 -29.51
C GLU P 433 87.13 118.67 -28.54
N HIS P 434 87.98 117.66 -28.78
CA HIS P 434 89.16 117.47 -27.94
C HIS P 434 90.14 118.63 -28.07
N ILE P 435 90.30 119.17 -29.28
CA ILE P 435 91.17 120.32 -29.48
C ILE P 435 90.61 121.56 -28.80
N LEU P 436 89.28 121.73 -28.77
CA LEU P 436 88.68 122.86 -28.09
C LEU P 436 88.85 122.74 -26.58
N ASN P 437 88.72 121.52 -26.05
CA ASN P 437 88.96 121.28 -24.62
C ASN P 437 90.41 121.58 -24.27
N THR P 438 91.35 121.18 -25.13
CA THR P 438 92.76 121.43 -24.85
C THR P 438 93.11 122.91 -25.01
N GLU P 439 92.43 123.63 -25.91
CA GLU P 439 92.62 125.08 -25.98
C GLU P 439 92.09 125.77 -24.73
N GLU P 440 90.97 125.27 -24.19
CA GLU P 440 90.46 125.77 -22.91
C GLU P 440 91.46 125.49 -21.78
N ASN P 441 92.14 124.34 -21.83
CA ASN P 441 93.15 124.01 -20.84
C ASN P 441 94.33 124.97 -20.92
N TRP P 442 94.84 125.20 -22.14
CA TRP P 442 95.95 126.14 -22.33
C TRP P 442 95.58 127.57 -22.00
N ASN P 443 94.31 127.95 -22.15
CA ASN P 443 93.90 129.29 -21.75
C ASN P 443 93.80 129.40 -20.23
N SER P 444 93.11 128.45 -19.59
CA SER P 444 92.87 128.55 -18.15
C SER P 444 94.13 128.33 -17.32
N TRP P 445 95.13 127.61 -17.83
CA TRP P 445 96.38 127.51 -17.08
C TRP P 445 97.20 128.78 -17.23
N LYS P 446 97.34 129.28 -18.47
CA LYS P 446 98.05 130.51 -18.69
C LYS P 446 97.12 131.72 -18.58
N LEU Q 188 97.56 132.32 -30.05
CA LEU Q 188 96.41 131.70 -30.67
C LEU Q 188 95.35 132.74 -31.01
N ARG Q 189 95.21 133.72 -30.12
CA ARG Q 189 94.19 134.75 -30.24
C ARG Q 189 94.53 135.81 -31.26
N GLU Q 190 95.74 135.78 -31.84
CA GLU Q 190 96.12 136.70 -32.90
C GLU Q 190 96.20 136.02 -34.26
N GLU Q 191 96.78 134.83 -34.32
CA GLU Q 191 96.94 134.07 -35.57
C GLU Q 191 95.91 132.95 -35.57
N ASN Q 192 94.76 133.22 -36.17
CA ASN Q 192 93.70 132.22 -36.25
C ASN Q 192 93.80 131.37 -37.50
N GLU Q 193 94.16 131.99 -38.62
CA GLU Q 193 94.28 131.27 -39.89
C GLU Q 193 95.39 130.25 -39.86
N GLY Q 194 96.47 130.52 -39.12
CA GLY Q 194 97.58 129.58 -39.07
C GLY Q 194 97.22 128.28 -38.39
N TYR Q 195 96.60 128.37 -37.21
CA TYR Q 195 96.18 127.14 -36.53
C TYR Q 195 95.01 126.48 -37.26
N ALA Q 196 94.16 127.27 -37.92
CA ALA Q 196 93.11 126.68 -38.75
C ALA Q 196 93.70 125.86 -39.89
N LYS Q 197 94.75 126.37 -40.52
CA LYS Q 197 95.42 125.63 -41.59
C LYS Q 197 96.17 124.42 -41.05
N LEU Q 198 96.75 124.52 -39.85
CA LEU Q 198 97.41 123.37 -39.24
C LEU Q 198 96.42 122.24 -38.96
N ILE Q 199 95.26 122.59 -38.42
CA ILE Q 199 94.28 121.56 -38.08
C ILE Q 199 93.63 120.98 -39.34
N ALA Q 200 93.37 121.83 -40.34
CA ALA Q 200 92.79 121.33 -41.58
C ALA Q 200 93.78 120.55 -42.43
N GLU Q 201 95.09 120.80 -42.28
CA GLU Q 201 96.07 120.01 -43.00
C GLU Q 201 96.35 118.69 -42.28
N LEU Q 202 96.33 118.71 -40.95
CA LEU Q 202 96.38 117.45 -40.21
C LEU Q 202 95.06 116.72 -40.23
N GLY Q 203 93.98 117.38 -40.65
CA GLY Q 203 92.68 116.76 -40.80
C GLY Q 203 92.44 116.04 -42.10
N GLN Q 204 93.44 115.97 -42.98
CA GLN Q 204 93.24 115.33 -44.26
C GLN Q 204 93.32 113.81 -44.11
N ASP Q 205 92.87 113.12 -45.15
CA ASP Q 205 92.89 111.66 -45.16
C ASP Q 205 94.16 111.16 -45.83
N LEU Q 206 94.68 110.05 -45.32
CA LEU Q 206 95.90 109.46 -45.84
C LEU Q 206 95.60 108.29 -46.76
N THR Q 211 104.94 111.10 -48.40
CA THR Q 211 104.09 112.27 -48.27
C THR Q 211 104.33 112.98 -46.94
N SER Q 212 105.22 112.41 -46.12
CA SER Q 212 105.52 112.99 -44.82
C SER Q 212 106.32 114.28 -44.95
N ASP Q 213 107.29 114.29 -45.87
CA ASP Q 213 108.16 115.45 -46.00
C ASP Q 213 107.45 116.63 -46.64
N LEU Q 214 106.43 116.36 -47.47
CA LEU Q 214 105.59 117.43 -48.01
C LEU Q 214 104.79 118.10 -46.90
N ILE Q 215 104.29 117.31 -45.94
CA ILE Q 215 103.58 117.86 -44.80
C ILE Q 215 104.55 118.59 -43.88
N LEU Q 216 105.81 118.13 -43.80
CA LEU Q 216 106.83 118.87 -43.07
C LEU Q 216 107.09 120.23 -43.71
N GLU Q 217 107.15 120.28 -45.05
CA GLU Q 217 107.31 121.54 -45.75
C GLU Q 217 106.11 122.45 -45.53
N ASN Q 218 104.91 121.87 -45.45
CA ASN Q 218 103.71 122.67 -45.20
C ASN Q 218 103.73 123.25 -43.79
N ILE Q 219 104.18 122.46 -42.81
CA ILE Q 219 104.29 122.94 -41.43
C ILE Q 219 105.33 124.05 -41.32
N LYS Q 220 106.48 123.88 -41.99
CA LYS Q 220 107.50 124.91 -41.99
C LYS Q 220 107.02 126.19 -42.68
N SER Q 221 106.22 126.04 -43.74
CA SER Q 221 105.66 127.20 -44.42
C SER Q 221 104.66 127.93 -43.54
N LEU Q 222 103.83 127.20 -42.80
CA LEU Q 222 102.85 127.86 -41.93
C LEU Q 222 103.53 128.54 -40.75
N ILE Q 223 104.59 127.93 -40.20
CA ILE Q 223 105.35 128.55 -39.13
C ILE Q 223 106.06 129.81 -39.63
N GLY Q 224 106.61 129.76 -40.84
CA GLY Q 224 107.28 130.93 -41.39
C GLY Q 224 106.33 132.04 -41.79
N CYS Q 225 105.10 131.70 -42.18
CA CYS Q 225 104.17 132.72 -42.60
C CYS Q 225 103.45 133.37 -41.42
N PHE Q 226 102.97 132.58 -40.46
CA PHE Q 226 102.01 133.08 -39.50
C PHE Q 226 102.58 133.28 -38.09
N ASN Q 227 103.92 133.29 -37.97
CA ASN Q 227 104.63 133.57 -36.70
C ASN Q 227 104.22 132.58 -35.61
N LEU Q 228 104.08 131.31 -35.99
CA LEU Q 228 103.52 130.31 -35.09
C LEU Q 228 104.54 129.87 -34.07
N ASP Q 229 104.08 129.70 -32.83
CA ASP Q 229 104.92 129.16 -31.78
C ASP Q 229 105.20 127.70 -32.07
N PRO Q 230 106.47 127.27 -32.16
CA PRO Q 230 106.76 125.88 -32.50
C PRO Q 230 106.34 124.89 -31.42
N ASN Q 231 106.33 125.32 -30.15
CA ASN Q 231 105.86 124.46 -29.08
C ASN Q 231 104.37 124.20 -29.20
N ARG Q 232 103.61 125.21 -29.62
CA ARG Q 232 102.17 125.03 -29.77
C ARG Q 232 101.85 124.16 -30.98
N VAL Q 233 102.66 124.27 -32.05
CA VAL Q 233 102.52 123.38 -33.20
C VAL Q 233 102.82 121.94 -32.80
N LEU Q 234 103.84 121.76 -31.94
CA LEU Q 234 104.14 120.43 -31.42
C LEU Q 234 103.01 119.88 -30.55
N ASP Q 235 102.36 120.76 -29.79
CA ASP Q 235 101.18 120.36 -29.01
C ASP Q 235 100.04 119.92 -29.91
N VAL Q 236 99.83 120.63 -31.02
CA VAL Q 236 98.78 120.26 -31.97
C VAL Q 236 99.08 118.91 -32.62
N ILE Q 237 100.35 118.67 -32.96
CA ILE Q 237 100.72 117.39 -33.58
C ILE Q 237 100.56 116.24 -32.58
N LEU Q 238 100.94 116.47 -31.32
CA LEU Q 238 100.77 115.43 -30.29
C LEU Q 238 99.29 115.15 -30.03
N GLU Q 239 98.44 116.17 -30.03
CA GLU Q 239 97.02 115.91 -29.78
C GLU Q 239 96.32 115.30 -30.99
N VAL Q 240 96.83 115.56 -32.20
CA VAL Q 240 96.37 114.83 -33.37
C VAL Q 240 96.74 113.36 -33.26
N PHE Q 241 97.97 113.06 -32.84
CA PHE Q 241 98.39 111.67 -32.69
C PHE Q 241 97.67 110.99 -31.53
N GLU Q 242 97.23 111.75 -30.53
CA GLU Q 242 96.32 111.20 -29.53
C GLU Q 242 94.97 110.86 -30.15
N CYS Q 243 94.41 111.80 -30.92
CA CYS Q 243 93.09 111.56 -31.50
C CYS Q 243 93.13 110.66 -32.73
N ARG Q 244 94.31 110.35 -33.27
CA ARG Q 244 94.47 109.44 -34.41
C ARG Q 244 95.42 108.30 -34.02
N PRO Q 245 94.91 107.22 -33.41
CA PRO Q 245 95.76 106.05 -33.16
C PRO Q 245 95.90 105.12 -34.34
N GLU Q 246 95.29 105.45 -35.49
CA GLU Q 246 95.34 104.57 -36.65
C GLU Q 246 96.68 104.63 -37.35
N HIS Q 247 97.13 105.84 -37.71
CA HIS Q 247 98.35 106.04 -38.48
C HIS Q 247 99.48 106.34 -37.49
N ASP Q 248 100.13 105.28 -37.03
CA ASP Q 248 101.12 105.41 -35.97
C ASP Q 248 102.47 105.85 -36.51
N ASP Q 249 103.10 105.01 -37.34
CA ASP Q 249 104.50 105.23 -37.74
C ASP Q 249 104.67 106.45 -38.64
N PHE Q 250 103.62 106.88 -39.32
CA PHE Q 250 103.67 108.11 -40.10
C PHE Q 250 103.89 109.31 -39.20
N PHE Q 251 103.07 109.43 -38.16
CA PHE Q 251 103.25 110.53 -37.20
C PHE Q 251 104.49 110.34 -36.35
N ILE Q 252 104.92 109.09 -36.14
CA ILE Q 252 106.19 108.85 -35.46
C ILE Q 252 107.36 109.39 -36.27
N SER Q 253 107.34 109.16 -37.59
CA SER Q 253 108.38 109.70 -38.45
C SER Q 253 108.33 111.22 -38.52
N LEU Q 254 107.11 111.79 -38.51
CA LEU Q 254 106.97 113.24 -38.47
C LEU Q 254 107.52 113.83 -37.17
N LEU Q 255 107.25 113.19 -36.03
CA LEU Q 255 107.78 113.65 -34.77
C LEU Q 255 109.28 113.48 -34.67
N GLU Q 256 109.83 112.42 -35.27
CA GLU Q 256 111.28 112.26 -35.30
C GLU Q 256 111.95 113.33 -36.15
N SER Q 257 111.40 113.61 -37.34
CA SER Q 257 111.96 114.66 -38.18
C SER Q 257 111.78 116.05 -37.59
N TYR Q 258 110.74 116.24 -36.78
CA TYR Q 258 110.56 117.53 -36.11
C TYR Q 258 111.52 117.68 -34.93
N MET Q 259 111.62 116.65 -34.08
CA MET Q 259 112.48 116.69 -32.91
C MET Q 259 113.96 116.51 -33.24
N SER Q 260 114.30 116.20 -34.48
CA SER Q 260 115.69 116.29 -34.90
C SER Q 260 116.21 117.72 -34.90
N MET Q 261 115.32 118.71 -34.97
CA MET Q 261 115.69 120.11 -35.00
C MET Q 261 115.43 120.82 -33.68
N CYS Q 262 115.11 120.10 -32.61
CA CYS Q 262 114.80 120.69 -31.32
C CYS Q 262 115.55 119.97 -30.21
N GLU Q 263 115.32 120.42 -28.97
CA GLU Q 263 115.87 119.89 -27.73
C GLU Q 263 115.00 118.77 -27.20
N PRO Q 264 115.61 117.67 -26.75
CA PRO Q 264 114.81 116.48 -26.36
C PRO Q 264 113.97 116.66 -25.12
N GLN Q 265 114.28 117.62 -24.25
CA GLN Q 265 113.55 117.79 -23.00
C GLN Q 265 112.21 118.49 -23.18
N THR Q 266 111.95 119.04 -24.37
CA THR Q 266 110.71 119.78 -24.62
C THR Q 266 109.50 118.86 -24.60
N LEU Q 267 109.61 117.66 -25.19
CA LEU Q 267 108.52 116.69 -25.10
C LEU Q 267 108.31 116.23 -23.68
N CYS Q 268 109.38 116.14 -22.87
CA CYS Q 268 109.23 115.75 -21.47
C CYS Q 268 108.47 116.81 -20.68
N HIS Q 269 108.81 118.09 -20.90
CA HIS Q 269 108.06 119.15 -20.23
C HIS Q 269 106.63 119.28 -20.73
N ILE Q 270 106.40 119.00 -22.02
CA ILE Q 270 105.03 119.05 -22.55
C ILE Q 270 104.19 117.91 -21.99
N LEU Q 271 104.76 116.70 -21.88
CA LEU Q 271 104.00 115.59 -21.32
C LEU Q 271 103.80 115.75 -19.82
N GLY Q 272 104.76 116.35 -19.10
CA GLY Q 272 104.52 116.69 -17.71
C GLY Q 272 103.45 117.75 -17.55
N PHE Q 273 103.40 118.71 -18.47
CA PHE Q 273 102.35 119.73 -18.45
C PHE Q 273 100.99 119.14 -18.74
N LYS Q 274 100.92 118.18 -19.67
CA LYS Q 274 99.64 117.55 -19.99
C LYS Q 274 99.20 116.59 -18.90
N PHE Q 275 100.15 115.98 -18.18
CA PHE Q 275 99.78 115.14 -17.05
C PHE Q 275 99.36 115.96 -15.85
N LYS Q 276 99.92 117.16 -15.68
CA LYS Q 276 99.42 118.07 -14.67
C LYS Q 276 98.13 118.76 -15.09
N PHE Q 277 97.80 118.73 -16.38
CA PHE Q 277 96.56 119.34 -16.86
C PHE Q 277 95.34 118.54 -16.45
N TYR Q 278 95.45 117.21 -16.40
CA TYR Q 278 94.33 116.36 -16.02
C TYR Q 278 94.46 115.93 -14.57
N PRO Q 286 90.93 109.63 -19.32
CA PRO Q 286 91.61 109.92 -20.59
C PRO Q 286 92.78 108.97 -20.84
N SER Q 287 92.50 107.83 -21.45
CA SER Q 287 93.54 106.83 -21.72
C SER Q 287 94.38 107.16 -22.93
N SER Q 288 94.01 108.19 -23.70
CA SER Q 288 94.81 108.58 -24.86
C SER Q 288 96.15 109.17 -24.43
N LEU Q 289 96.19 109.83 -23.27
CA LEU Q 289 97.45 110.31 -22.70
C LEU Q 289 98.38 109.15 -22.39
N TYR Q 290 97.84 108.09 -21.77
CA TYR Q 290 98.63 106.91 -21.47
C TYR Q 290 99.06 106.20 -22.75
N ARG Q 291 98.21 106.23 -23.78
CA ARG Q 291 98.56 105.59 -25.05
C ARG Q 291 99.69 106.33 -25.76
N VAL Q 292 99.62 107.66 -25.81
CA VAL Q 292 100.68 108.41 -26.49
C VAL Q 292 101.97 108.36 -25.66
N ALA Q 293 101.87 108.28 -24.33
CA ALA Q 293 103.07 108.13 -23.53
C ALA Q 293 103.68 106.74 -23.68
N ALA Q 294 102.85 105.71 -23.89
CA ALA Q 294 103.37 104.38 -24.12
C ALA Q 294 104.00 104.25 -25.50
N VAL Q 295 103.47 104.98 -26.49
CA VAL Q 295 104.10 104.99 -27.81
C VAL Q 295 105.43 105.72 -27.76
N LEU Q 296 105.46 106.88 -27.11
CA LEU Q 296 106.67 107.70 -27.08
C LEU Q 296 107.74 107.18 -26.11
N LEU Q 297 107.44 106.13 -25.34
CA LEU Q 297 108.45 105.50 -24.49
C LEU Q 297 108.79 104.09 -24.92
N GLN Q 298 108.32 103.64 -26.08
CA GLN Q 298 108.66 102.31 -26.58
C GLN Q 298 109.66 102.37 -27.72
N PHE Q 299 109.32 103.10 -28.78
CA PHE Q 299 110.05 103.02 -30.04
C PHE Q 299 111.28 103.92 -30.06
N ASN Q 300 111.12 105.17 -29.66
CA ASN Q 300 112.21 106.14 -29.73
C ASN Q 300 111.98 107.18 -28.64
N LEU Q 301 112.97 108.06 -28.46
CA LEU Q 301 112.96 109.22 -27.55
C LEU Q 301 112.59 108.83 -26.12
N ILE Q 302 113.14 107.69 -25.69
CA ILE Q 302 112.78 107.10 -24.40
C ILE Q 302 113.38 107.92 -23.26
N ASP Q 303 112.52 108.25 -22.27
CA ASP Q 303 112.88 109.17 -21.19
C ASP Q 303 112.06 108.74 -19.96
N LEU Q 304 112.69 107.98 -19.07
CA LEU Q 304 111.99 107.48 -17.90
C LEU Q 304 112.19 108.32 -16.65
N ASP Q 305 113.37 108.94 -16.49
CA ASP Q 305 113.67 109.64 -15.25
C ASP Q 305 112.90 110.94 -15.12
N ASP Q 306 112.84 111.71 -16.22
CA ASP Q 306 112.19 113.02 -16.18
C ASP Q 306 110.68 112.88 -16.01
N LEU Q 307 110.07 111.90 -16.67
CA LEU Q 307 108.64 111.68 -16.50
C LEU Q 307 108.33 111.12 -15.12
N TYR Q 308 109.27 110.42 -14.49
CA TYR Q 308 109.07 109.98 -13.12
C TYR Q 308 109.21 111.14 -12.15
N VAL Q 309 110.03 112.14 -12.50
CA VAL Q 309 110.08 113.37 -11.72
C VAL Q 309 108.77 114.14 -11.85
N HIS Q 310 108.24 114.23 -13.07
CA HIS Q 310 106.97 114.93 -13.29
C HIS Q 310 105.77 114.20 -12.71
N LEU Q 311 105.91 112.93 -12.36
CA LEU Q 311 104.81 112.17 -11.78
C LEU Q 311 105.16 111.62 -10.40
N ILE Q 318 104.14 112.03 -3.63
CA ILE Q 318 103.46 110.81 -4.04
C ILE Q 318 104.26 109.57 -3.63
N MET Q 319 105.58 109.73 -3.56
CA MET Q 319 106.46 108.62 -3.20
C MET Q 319 106.38 108.30 -1.71
N ASP Q 320 106.47 109.33 -0.87
CA ASP Q 320 106.34 109.13 0.57
C ASP Q 320 104.92 108.74 0.95
N GLU Q 321 103.92 109.22 0.21
CA GLU Q 321 102.54 108.78 0.43
C GLU Q 321 102.37 107.31 0.07
N HIS Q 322 103.05 106.85 -0.99
CA HIS Q 322 103.00 105.44 -1.36
C HIS Q 322 103.71 104.58 -0.33
N LYS Q 323 104.83 105.08 0.22
CA LYS Q 323 105.53 104.35 1.27
C LYS Q 323 104.71 104.28 2.54
N ARG Q 324 104.00 105.36 2.89
CA ARG Q 324 103.12 105.35 4.05
C ARG Q 324 101.92 104.45 3.85
N GLU Q 325 101.40 104.38 2.61
CA GLU Q 325 100.29 103.47 2.32
C GLU Q 325 100.75 102.01 2.39
N ILE Q 326 101.97 101.73 1.93
CA ILE Q 326 102.52 100.37 2.05
C ILE Q 326 102.80 100.00 3.50
N ALA Q 327 103.21 100.97 4.32
CA ALA Q 327 103.43 100.70 5.73
C ALA Q 327 102.13 100.52 6.49
N GLU Q 328 101.09 101.27 6.10
CA GLU Q 328 99.79 101.12 6.74
C GLU Q 328 99.06 99.86 6.28
N ALA Q 329 99.39 99.37 5.08
CA ALA Q 329 98.79 98.11 4.62
C ALA Q 329 99.33 96.92 5.37
N LYS Q 330 100.62 96.93 5.69
CA LYS Q 330 101.23 95.83 6.43
C LYS Q 330 100.97 95.98 7.92
N ASN Q 366 98.46 107.23 -9.29
CA ASN Q 366 97.29 106.88 -10.08
C ASN Q 366 97.64 106.76 -11.57
N GLN Q 367 98.50 107.68 -12.03
CA GLN Q 367 98.83 107.73 -13.44
C GLN Q 367 99.97 106.80 -13.80
N LYS Q 368 100.83 106.46 -12.82
CA LYS Q 368 101.86 105.46 -13.03
C LYS Q 368 101.25 104.10 -13.31
N LEU Q 369 100.12 103.81 -12.67
CA LEU Q 369 99.40 102.56 -12.89
C LEU Q 369 98.83 102.52 -14.29
N GLY Q 370 98.31 103.66 -14.78
CA GLY Q 370 97.86 103.73 -16.16
C GLY Q 370 98.99 103.61 -17.16
N LEU Q 371 100.18 104.11 -16.81
CA LEU Q 371 101.33 103.89 -17.68
C LEU Q 371 101.74 102.43 -17.72
N LEU Q 372 101.62 101.73 -16.58
CA LEU Q 372 101.88 100.29 -16.59
C LEU Q 372 100.80 99.53 -17.34
N GLU Q 373 99.58 100.06 -17.39
CA GLU Q 373 98.54 99.45 -18.21
C GLU Q 373 98.84 99.62 -19.69
N ALA Q 374 99.10 100.85 -20.12
CA ALA Q 374 99.24 101.14 -21.54
C ALA Q 374 100.58 100.68 -22.11
N LEU Q 375 101.62 100.65 -21.27
CA LEU Q 375 102.94 100.22 -21.74
C LEU Q 375 102.98 98.73 -22.03
N LEU Q 376 102.25 97.94 -21.26
CA LEU Q 376 102.19 96.51 -21.47
C LEU Q 376 101.13 96.12 -22.50
N LYS Q 377 100.37 97.08 -23.01
CA LYS Q 377 99.34 96.81 -24.01
C LYS Q 377 99.98 96.55 -25.36
N TRP Q 381 108.87 97.34 -22.30
CA TRP Q 381 108.83 96.18 -21.41
C TRP Q 381 109.90 96.30 -20.32
N GLN Q 382 111.12 96.66 -20.73
CA GLN Q 382 112.15 96.98 -19.75
C GLN Q 382 111.83 98.26 -19.01
N HIS Q 383 111.09 99.16 -19.67
CA HIS Q 383 110.65 100.40 -19.03
C HIS Q 383 109.68 100.11 -17.89
N ALA Q 384 108.81 99.11 -18.07
CA ALA Q 384 107.91 98.70 -17.01
C ALA Q 384 108.67 98.08 -15.85
N GLN Q 385 109.74 97.35 -16.14
CA GLN Q 385 110.59 96.79 -15.09
C GLN Q 385 111.33 97.88 -14.34
N ASN Q 386 111.67 98.98 -15.02
CA ASN Q 386 112.26 100.12 -14.33
C ASN Q 386 111.21 100.86 -13.49
N ILE Q 387 109.95 100.82 -13.92
CA ILE Q 387 108.87 101.38 -13.09
C ILE Q 387 108.67 100.52 -11.85
N MET Q 388 108.84 99.20 -11.97
CA MET Q 388 108.65 98.29 -10.84
C MET Q 388 109.63 98.54 -9.70
N ASP Q 389 110.83 99.02 -10.02
CA ASP Q 389 111.78 99.37 -8.98
C ASP Q 389 111.78 100.89 -8.79
N PRO Q 392 106.62 100.16 -3.78
CA PRO Q 392 106.49 98.81 -3.22
C PRO Q 392 106.68 97.74 -4.30
N PRO Q 393 107.15 96.55 -3.91
CA PRO Q 393 107.40 95.52 -4.93
C PRO Q 393 106.13 94.90 -5.49
N TYR Q 394 105.06 94.81 -4.70
CA TYR Q 394 103.84 94.16 -5.13
C TYR Q 394 102.65 95.10 -5.16
N TYR Q 395 102.89 96.41 -5.27
CA TYR Q 395 101.77 97.34 -5.34
C TYR Q 395 101.09 97.27 -6.70
N ALA Q 396 101.86 97.07 -7.77
CA ALA Q 396 101.27 96.98 -9.09
C ALA Q 396 100.51 95.67 -9.27
N ALA Q 397 101.04 94.56 -8.74
CA ALA Q 397 100.34 93.29 -8.82
C ALA Q 397 99.12 93.24 -7.92
N SER Q 398 99.04 94.15 -6.94
CA SER Q 398 97.85 94.24 -6.11
C SER Q 398 96.64 94.77 -6.86
N HIS Q 399 96.85 95.42 -8.01
CA HIS Q 399 95.73 95.87 -8.81
C HIS Q 399 95.38 94.81 -9.85
N LYS Q 400 94.09 94.74 -10.19
CA LYS Q 400 93.62 93.71 -11.09
C LYS Q 400 94.04 93.98 -12.54
N LEU Q 401 93.92 95.23 -12.98
CA LEU Q 401 94.10 95.55 -14.40
C LEU Q 401 95.55 95.42 -14.83
N ILE Q 402 96.50 95.63 -13.91
CA ILE Q 402 97.90 95.40 -14.20
C ILE Q 402 98.17 93.91 -14.37
N ALA Q 403 97.52 93.08 -13.55
CA ALA Q 403 97.64 91.63 -13.70
C ALA Q 403 97.00 91.16 -15.01
N LEU Q 404 95.91 91.81 -15.43
CA LEU Q 404 95.33 91.48 -16.74
C LEU Q 404 96.23 91.92 -17.89
N ALA Q 405 96.94 93.04 -17.73
CA ALA Q 405 97.90 93.45 -18.76
C ALA Q 405 99.05 92.48 -18.87
N ILE Q 406 99.61 92.05 -17.72
CA ILE Q 406 100.72 91.10 -17.71
C ILE Q 406 100.26 89.75 -18.24
N CYS Q 407 99.01 89.35 -17.94
CA CYS Q 407 98.57 88.04 -18.40
C CYS Q 407 98.24 88.05 -19.89
N LYS Q 408 97.74 89.17 -20.42
CA LYS Q 408 97.60 89.27 -21.87
C LYS Q 408 98.95 89.25 -22.56
N LEU Q 409 99.97 89.88 -21.96
CA LEU Q 409 101.32 89.83 -22.52
C LEU Q 409 101.86 88.41 -22.54
N ILE Q 410 101.73 87.69 -21.41
CA ILE Q 410 102.23 86.32 -21.32
C ILE Q 410 101.41 85.39 -22.21
N HIS Q 411 100.14 85.69 -22.41
CA HIS Q 411 99.30 84.94 -23.35
C HIS Q 411 99.77 85.13 -24.78
N ILE Q 412 100.19 86.34 -25.14
CA ILE Q 412 100.66 86.59 -26.50
C ILE Q 412 102.02 85.96 -26.74
N THR Q 413 102.92 86.05 -25.75
CA THR Q 413 104.30 85.66 -25.99
C THR Q 413 104.48 84.14 -26.07
N ILE Q 414 103.62 83.37 -25.42
CA ILE Q 414 103.83 81.92 -25.33
C ILE Q 414 102.72 81.22 -26.11
N GLU Q 415 102.30 81.81 -27.22
CA GLU Q 415 101.38 81.11 -28.10
C GLU Q 415 101.92 79.81 -28.71
N PRO Q 416 103.08 79.75 -29.38
CA PRO Q 416 103.39 78.51 -30.11
C PRO Q 416 103.82 77.35 -29.23
N LEU Q 417 104.37 77.62 -28.04
CA LEU Q 417 104.74 76.53 -27.15
C LEU Q 417 103.51 75.86 -26.54
N TYR Q 418 102.46 76.64 -26.25
CA TYR Q 418 101.20 76.04 -25.83
C TYR Q 418 100.48 75.40 -27.00
N ARG Q 419 100.68 75.91 -28.22
CA ARG Q 419 100.13 75.24 -29.38
C ARG Q 419 100.86 73.94 -29.70
N ARG Q 420 102.09 73.77 -29.22
CA ARG Q 420 102.73 72.46 -29.28
C ARG Q 420 102.10 71.49 -28.30
N VAL Q 421 101.89 71.93 -27.06
CA VAL Q 421 101.33 71.07 -26.02
C VAL Q 421 99.99 71.60 -25.52
N PHE Q 447 115.00 77.97 -26.56
CA PHE Q 447 114.02 78.88 -25.99
C PHE Q 447 114.53 79.51 -24.71
N GLU Q 448 115.84 79.42 -24.48
CA GLU Q 448 116.41 79.75 -23.17
C GLU Q 448 116.31 81.23 -22.86
N ASP Q 449 116.48 82.11 -23.86
CA ASP Q 449 116.22 83.53 -23.66
C ASP Q 449 114.75 83.79 -23.39
N LEU Q 450 113.88 83.10 -24.14
CA LEU Q 450 112.43 83.22 -23.93
C LEU Q 450 112.05 82.68 -22.55
N ARG Q 451 112.65 81.57 -22.14
CA ARG Q 451 112.36 81.00 -20.83
C ARG Q 451 112.84 81.90 -19.71
N ARG Q 452 114.01 82.52 -19.86
CA ARG Q 452 114.50 83.46 -18.86
C ARG Q 452 113.65 84.72 -18.80
N ASP Q 453 113.13 85.19 -19.94
CA ASP Q 453 112.26 86.36 -19.94
C ASP Q 453 110.92 86.06 -19.28
N VAL Q 454 110.35 84.89 -19.55
CA VAL Q 454 109.09 84.50 -18.90
C VAL Q 454 109.30 84.25 -17.40
N PHE Q 455 110.48 83.72 -17.03
CA PHE Q 455 110.79 83.54 -15.60
C PHE Q 455 110.95 84.89 -14.91
N ASN Q 456 111.53 85.88 -15.60
CA ASN Q 456 111.61 87.22 -15.04
C ASN Q 456 110.23 87.87 -14.92
N MET Q 457 109.33 87.60 -15.88
CA MET Q 457 107.98 88.13 -15.80
C MET Q 457 107.19 87.52 -14.65
N PHE Q 458 107.32 86.20 -14.44
CA PHE Q 458 106.64 85.58 -13.30
C PHE Q 458 107.33 85.88 -11.98
N CYS Q 459 108.62 86.24 -11.98
CA CYS Q 459 109.24 86.73 -10.76
C CYS Q 459 108.77 88.13 -10.42
N TYR Q 460 108.51 88.95 -11.45
CA TYR Q 460 108.00 90.30 -11.23
C TYR Q 460 106.50 90.33 -11.03
N LEU Q 461 105.79 89.23 -11.30
CA LEU Q 461 104.36 89.20 -11.01
C LEU Q 461 104.12 88.90 -9.53
N GLY Q 462 104.54 87.74 -9.07
CA GLY Q 462 104.34 87.34 -7.69
C GLY Q 462 103.16 86.42 -7.51
N PRO Q 463 102.51 86.48 -6.35
CA PRO Q 463 101.42 85.54 -6.04
C PRO Q 463 100.07 85.92 -6.60
N HIS Q 464 99.97 86.96 -7.43
CA HIS Q 464 98.66 87.44 -7.88
C HIS Q 464 98.24 86.83 -9.20
N LEU Q 465 98.28 85.50 -9.28
CA LEU Q 465 97.65 84.75 -10.35
C LEU Q 465 96.29 84.23 -9.96
N SER Q 466 95.68 84.82 -8.94
CA SER Q 466 94.38 84.36 -8.45
C SER Q 466 93.25 84.65 -9.43
N HIS Q 467 93.45 85.61 -10.33
CA HIS Q 467 92.42 85.97 -11.29
C HIS Q 467 92.51 85.19 -12.59
N ASP Q 468 93.62 84.50 -12.83
CA ASP Q 468 93.89 83.86 -14.12
C ASP Q 468 94.43 82.45 -13.91
N PRO Q 469 93.54 81.45 -13.80
CA PRO Q 469 94.01 80.06 -13.76
C PRO Q 469 94.47 79.54 -15.10
N ILE Q 470 94.22 80.26 -16.19
CA ILE Q 470 94.48 79.74 -17.52
C ILE Q 470 95.97 79.66 -17.79
N LEU Q 471 96.69 80.76 -17.54
CA LEU Q 471 98.15 80.73 -17.69
C LEU Q 471 98.81 79.87 -16.64
N PHE Q 472 98.18 79.73 -15.48
CA PHE Q 472 98.66 78.78 -14.47
C PHE Q 472 98.65 77.36 -15.01
N ALA Q 473 97.53 76.96 -15.62
CA ALA Q 473 97.44 75.66 -16.27
C ALA Q 473 98.38 75.54 -17.46
N LYS Q 474 98.63 76.64 -18.18
CA LYS Q 474 99.54 76.60 -19.31
C LYS Q 474 100.98 76.39 -18.86
N VAL Q 475 101.40 77.07 -17.80
CA VAL Q 475 102.73 76.86 -17.21
C VAL Q 475 102.86 75.43 -16.71
N VAL Q 476 101.79 74.88 -16.13
CA VAL Q 476 101.77 73.48 -15.71
C VAL Q 476 101.97 72.54 -16.89
N ARG Q 477 101.26 72.78 -18.00
CA ARG Q 477 101.36 71.89 -19.15
C ARG Q 477 102.71 72.00 -19.84
N ILE Q 478 103.30 73.20 -19.86
CA ILE Q 478 104.64 73.39 -20.43
C ILE Q 478 105.68 72.67 -19.57
N GLY Q 479 105.58 72.77 -18.25
CA GLY Q 479 106.48 72.04 -17.38
C GLY Q 479 106.31 70.54 -17.47
N LYS Q 480 105.07 70.07 -17.66
CA LYS Q 480 104.82 68.64 -17.81
C LYS Q 480 105.40 68.11 -19.11
N SER Q 481 105.26 68.87 -20.21
CA SER Q 481 105.85 68.45 -21.47
C SER Q 481 107.38 68.48 -21.41
N PHE Q 482 107.94 69.45 -20.69
CA PHE Q 482 109.39 69.52 -20.54
C PHE Q 482 109.92 68.36 -19.69
N MET Q 483 109.18 67.96 -18.66
CA MET Q 483 109.62 66.84 -17.84
C MET Q 483 109.39 65.50 -18.52
N LYS Q 484 108.37 65.40 -19.39
CA LYS Q 484 108.24 64.20 -20.21
C LYS Q 484 109.33 64.11 -21.26
N GLU Q 485 109.80 65.26 -21.76
CA GLU Q 485 110.99 65.24 -22.59
C GLU Q 485 112.26 65.04 -21.78
N PHE Q 486 112.21 65.33 -20.48
CA PHE Q 486 113.36 65.11 -19.60
C PHE Q 486 113.47 63.63 -19.22
N THR Q 499 121.43 70.77 -18.12
CA THR Q 499 120.15 71.45 -18.11
C THR Q 499 119.64 71.62 -16.68
N GLU Q 500 120.57 71.70 -15.73
CA GLU Q 500 120.19 71.89 -14.33
C GLU Q 500 119.81 73.32 -14.02
N VAL Q 501 120.23 74.29 -14.84
CA VAL Q 501 119.91 75.69 -14.60
C VAL Q 501 118.43 75.95 -14.88
N ILE Q 502 117.90 75.35 -15.93
CA ILE Q 502 116.47 75.45 -16.25
C ILE Q 502 115.64 74.80 -15.17
N LEU Q 503 116.13 73.67 -14.61
CA LEU Q 503 115.41 73.01 -13.53
C LEU Q 503 115.46 73.80 -12.23
N SER Q 504 116.58 74.50 -11.96
CA SER Q 504 116.66 75.32 -10.76
C SER Q 504 115.77 76.56 -10.88
N CYS Q 505 115.71 77.15 -12.08
CA CYS Q 505 114.76 78.24 -12.31
C CYS Q 505 113.32 77.74 -12.28
N LEU Q 506 113.09 76.47 -12.63
CA LEU Q 506 111.78 75.89 -12.48
C LEU Q 506 111.42 75.69 -11.02
N LEU Q 507 112.41 75.34 -10.19
CA LEU Q 507 112.20 75.29 -8.75
C LEU Q 507 111.85 76.68 -8.20
N SER Q 508 112.51 77.70 -8.72
CA SER Q 508 112.22 79.07 -8.30
C SER Q 508 110.82 79.51 -8.74
N ILE Q 509 110.41 79.14 -9.95
CA ILE Q 509 109.06 79.53 -10.37
C ILE Q 509 107.99 78.70 -9.68
N THR Q 510 108.31 77.46 -9.23
CA THR Q 510 107.34 76.76 -8.39
C THR Q 510 107.27 77.38 -7.00
N ASP Q 511 108.40 77.87 -6.48
CA ASP Q 511 108.40 78.68 -5.26
C ASP Q 511 107.54 79.92 -5.43
N GLN Q 512 107.56 80.52 -6.63
CA GLN Q 512 106.76 81.71 -6.90
C GLN Q 512 105.32 81.40 -7.30
N VAL Q 513 104.97 80.16 -7.65
CA VAL Q 513 103.65 79.84 -8.17
C VAL Q 513 102.82 78.97 -7.24
N LEU Q 514 103.41 78.42 -6.17
CA LEU Q 514 102.58 77.76 -5.16
C LEU Q 514 101.71 78.75 -4.41
N LEU Q 515 102.18 79.98 -4.26
CA LEU Q 515 101.45 81.02 -3.52
C LEU Q 515 100.15 81.50 -4.16
N PRO Q 516 99.97 81.52 -5.50
CA PRO Q 516 98.60 81.68 -6.01
C PRO Q 516 97.66 80.56 -5.62
N SER Q 517 98.13 79.32 -5.56
CA SER Q 517 97.29 78.24 -5.06
C SER Q 517 96.99 78.41 -3.57
N LEU Q 518 97.92 79.03 -2.83
CA LEU Q 518 97.64 79.42 -1.45
C LEU Q 518 96.60 80.54 -1.39
N SER Q 519 96.62 81.45 -2.36
CA SER Q 519 95.71 82.59 -2.31
C SER Q 519 94.33 82.25 -2.83
N LEU Q 520 94.22 81.27 -3.72
CA LEU Q 520 92.93 80.84 -4.26
C LEU Q 520 92.13 80.12 -3.19
N MET Q 521 91.15 80.79 -2.67
CA MET Q 521 90.19 80.13 -1.79
C MET Q 521 88.95 79.69 -2.57
N ASP Q 522 89.20 79.06 -3.72
CA ASP Q 522 88.28 78.51 -4.69
C ASP Q 522 89.09 77.74 -5.72
N CYS Q 523 88.53 76.60 -6.18
CA CYS Q 523 89.02 75.83 -7.33
C CYS Q 523 90.45 75.32 -7.10
N ASN Q 524 90.61 74.61 -5.99
CA ASN Q 524 91.87 73.94 -5.72
C ASN Q 524 91.70 72.45 -5.50
N ALA Q 525 90.47 71.94 -5.56
CA ALA Q 525 90.26 70.49 -5.57
C ALA Q 525 90.80 69.87 -6.84
N CYS Q 526 90.79 70.62 -7.93
CA CYS Q 526 91.24 70.11 -9.22
C CYS Q 526 92.62 70.58 -9.61
N MET Q 527 92.99 71.84 -9.30
CA MET Q 527 94.25 72.39 -9.77
C MET Q 527 95.45 71.80 -9.02
N SER Q 528 95.20 71.23 -7.83
CA SER Q 528 96.23 70.48 -7.13
C SER Q 528 96.68 69.26 -7.92
N GLU Q 529 95.78 68.70 -8.74
CA GLU Q 529 96.18 67.58 -9.59
C GLU Q 529 97.06 68.03 -10.74
N GLU Q 530 96.85 69.26 -11.23
CA GLU Q 530 97.81 69.82 -12.18
C GLU Q 530 99.15 70.10 -11.51
N LEU Q 531 99.14 70.52 -10.25
CA LEU Q 531 100.41 70.66 -9.55
C LEU Q 531 101.09 69.32 -9.31
N TRP Q 532 100.32 68.25 -9.14
CA TRP Q 532 100.92 66.93 -9.01
C TRP Q 532 101.44 66.41 -10.34
N GLY Q 533 100.74 66.74 -11.43
CA GLY Q 533 101.26 66.42 -12.76
C GLY Q 533 102.53 67.19 -13.09
N MET Q 534 102.68 68.39 -12.51
CA MET Q 534 103.99 69.02 -12.48
C MET Q 534 104.98 68.22 -11.66
N PHE Q 535 104.58 67.81 -10.46
CA PHE Q 535 105.53 67.25 -9.51
C PHE Q 535 105.96 65.84 -9.84
N LYS Q 536 105.15 65.08 -10.56
CA LYS Q 536 105.54 63.72 -10.93
C LYS Q 536 106.40 63.74 -12.19
N TYR Q 540 112.95 64.54 -6.39
CA TYR Q 540 112.06 63.94 -5.40
C TYR Q 540 112.14 64.65 -4.05
N GLN Q 541 113.36 64.77 -3.52
CA GLN Q 541 113.56 65.50 -2.28
C GLN Q 541 113.37 67.00 -2.48
N HIS Q 542 113.49 67.48 -3.71
CA HIS Q 542 113.21 68.88 -4.02
C HIS Q 542 111.74 69.20 -3.85
N ARG Q 543 110.85 68.21 -4.04
CA ARG Q 543 109.45 68.38 -3.69
C ARG Q 543 109.28 68.63 -2.20
N TYR Q 544 110.06 67.91 -1.38
CA TYR Q 544 110.02 68.13 0.07
C TYR Q 544 110.64 69.47 0.44
N ARG Q 545 111.61 69.96 -0.34
CA ARG Q 545 112.14 71.28 -0.07
C ARG Q 545 111.15 72.38 -0.46
N LEU Q 546 110.39 72.16 -1.54
CA LEU Q 546 109.30 73.07 -1.88
C LEU Q 546 108.20 73.04 -0.82
N TYR Q 547 107.98 71.89 -0.19
CA TYR Q 547 107.03 71.82 0.90
C TYR Q 547 107.58 72.46 2.17
N GLY Q 548 108.89 72.40 2.37
CA GLY Q 548 109.53 73.12 3.47
C GLY Q 548 109.61 74.61 3.27
N GLN Q 549 109.42 75.07 2.03
CA GLN Q 549 109.22 76.50 1.78
C GLN Q 549 107.96 77.03 2.44
N TRP Q 550 106.98 76.18 2.72
CA TRP Q 550 105.74 76.58 3.38
C TRP Q 550 105.89 76.82 4.88
N LYS Q 551 107.09 76.71 5.44
CA LYS Q 551 107.28 76.94 6.87
C LYS Q 551 107.08 78.41 7.21
N ASN Q 552 107.94 79.26 6.69
CA ASN Q 552 107.84 80.70 6.93
C ASN Q 552 108.10 81.54 5.68
N GLU Q 553 108.44 80.91 4.55
CA GLU Q 553 108.81 81.68 3.37
C GLU Q 553 107.58 82.04 2.54
N THR Q 554 106.67 81.09 2.34
CA THR Q 554 105.45 81.37 1.60
C THR Q 554 104.49 82.24 2.41
N TYR Q 555 104.66 82.30 3.72
CA TYR Q 555 103.82 83.11 4.58
C TYR Q 555 104.59 84.33 5.07
N ASN Q 556 103.85 85.26 5.69
CA ASN Q 556 104.36 86.44 6.37
C ASN Q 556 105.13 87.39 5.45
N SER Q 557 104.86 87.33 4.15
CA SER Q 557 105.40 88.28 3.19
C SER Q 557 104.30 89.04 2.47
N HIS Q 558 103.04 88.76 2.77
CA HIS Q 558 101.89 89.41 2.18
C HIS Q 558 100.82 89.53 3.26
N PRO Q 559 100.06 90.63 3.26
CA PRO Q 559 98.98 90.75 4.26
C PRO Q 559 97.83 89.80 3.97
N LEU Q 560 97.51 89.54 2.71
CA LEU Q 560 96.38 88.70 2.35
C LEU Q 560 96.61 87.25 2.72
N LEU Q 561 97.86 86.79 2.66
CA LEU Q 561 98.15 85.42 3.06
C LEU Q 561 98.04 85.25 4.58
N VAL Q 562 98.37 86.29 5.34
CA VAL Q 562 98.18 86.24 6.79
C VAL Q 562 96.69 86.26 7.13
N LYS Q 563 95.89 87.00 6.34
CA LYS Q 563 94.44 86.98 6.51
C LYS Q 563 93.86 85.60 6.21
N VAL Q 564 94.33 84.96 5.13
CA VAL Q 564 93.90 83.61 4.78
C VAL Q 564 94.33 82.61 5.84
N LYS Q 565 95.53 82.80 6.41
CA LYS Q 565 96.02 81.94 7.48
C LYS Q 565 95.15 82.05 8.72
N ALA Q 566 94.77 83.27 9.10
CA ALA Q 566 93.91 83.46 10.25
C ALA Q 566 92.52 82.88 10.02
N GLN Q 567 91.98 83.05 8.81
CA GLN Q 567 90.67 82.51 8.49
C GLN Q 567 90.67 80.99 8.47
N THR Q 568 91.74 80.37 7.97
CA THR Q 568 91.75 78.91 7.94
C THR Q 568 92.07 78.32 9.31
N ILE Q 569 92.79 79.05 10.18
CA ILE Q 569 92.93 78.59 11.56
C ILE Q 569 91.60 78.68 12.29
N ASP Q 570 90.82 79.74 12.02
CA ASP Q 570 89.49 79.89 12.61
C ASP Q 570 88.57 78.76 12.17
N ARG Q 571 88.49 78.52 10.86
CA ARG Q 571 87.60 77.46 10.37
C ARG Q 571 88.11 76.07 10.71
N ALA Q 572 89.42 75.91 10.86
CA ALA Q 572 89.98 74.64 11.28
C ALA Q 572 89.64 74.33 12.72
N LYS Q 573 89.76 75.32 13.61
CA LYS Q 573 89.36 75.15 15.00
C LYS Q 573 87.86 74.91 15.11
N TYR Q 574 87.08 75.56 14.25
CA TYR Q 574 85.63 75.36 14.22
C TYR Q 574 85.27 73.92 13.84
N ILE Q 575 85.87 73.40 12.77
CA ILE Q 575 85.52 72.04 12.37
C ILE Q 575 86.19 70.98 13.24
N MET Q 576 87.27 71.32 13.95
CA MET Q 576 87.80 70.38 14.93
C MET Q 576 86.94 70.35 16.18
N LYS Q 577 86.19 71.42 16.44
CA LYS Q 577 85.20 71.37 17.51
C LYS Q 577 83.88 70.74 17.09
N ARG Q 578 83.82 70.13 15.89
CA ARG Q 578 82.61 69.51 15.40
C ARG Q 578 82.74 68.01 15.13
N LEU Q 579 83.95 67.47 15.13
CA LEU Q 579 84.16 66.10 14.71
C LEU Q 579 83.68 65.12 15.77
N THR Q 580 82.76 64.23 15.38
CA THR Q 580 82.34 63.10 16.19
C THR Q 580 82.44 61.85 15.34
N LYS Q 581 82.16 60.70 15.96
CA LYS Q 581 82.04 59.46 15.20
C LYS Q 581 80.68 59.33 14.56
N GLU Q 582 79.70 60.12 15.01
CA GLU Q 582 78.44 60.26 14.29
C GLU Q 582 78.61 61.15 13.07
N ASN Q 583 79.66 61.99 13.06
CA ASN Q 583 79.94 62.92 11.96
C ASN Q 583 80.55 62.13 10.79
N VAL Q 584 79.72 61.30 10.17
CA VAL Q 584 80.17 60.35 9.16
C VAL Q 584 80.10 61.09 7.82
N LYS Q 585 81.17 61.83 7.53
CA LYS Q 585 81.37 62.60 6.31
C LYS Q 585 80.25 63.52 5.78
N PRO Q 586 79.71 64.44 6.61
CA PRO Q 586 79.50 65.80 6.09
C PRO Q 586 80.73 66.64 6.36
N SER Q 587 81.42 66.30 7.44
CA SER Q 587 82.57 67.07 7.89
C SER Q 587 83.83 66.77 7.08
N GLY Q 588 83.89 65.58 6.48
CA GLY Q 588 84.96 65.30 5.53
C GLY Q 588 84.93 66.22 4.34
N ARG Q 589 83.74 66.62 3.90
CA ARG Q 589 83.59 67.59 2.82
C ARG Q 589 84.15 68.94 3.24
N GLN Q 590 83.90 69.35 4.49
CA GLN Q 590 84.34 70.65 4.96
C GLN Q 590 85.85 70.69 5.15
N ILE Q 591 86.42 69.64 5.73
CA ILE Q 591 87.86 69.59 5.92
C ILE Q 591 88.56 69.42 4.57
N GLY Q 592 87.90 68.80 3.59
CA GLY Q 592 88.47 68.75 2.25
C GLY Q 592 88.46 70.10 1.58
N LYS Q 593 87.35 70.85 1.71
CA LYS Q 593 87.27 72.19 1.15
C LYS Q 593 88.28 73.14 1.78
N LEU Q 594 88.58 72.97 3.07
CA LEU Q 594 89.65 73.75 3.65
C LEU Q 594 91.03 73.26 3.22
N SER Q 595 91.18 71.95 2.97
CA SER Q 595 92.49 71.40 2.67
C SER Q 595 92.86 71.51 1.20
N HIS Q 596 91.93 71.88 0.31
CA HIS Q 596 92.32 72.09 -1.08
C HIS Q 596 93.24 73.30 -1.21
N SER Q 597 92.93 74.37 -0.48
CA SER Q 597 93.62 75.64 -0.63
C SER Q 597 94.78 75.81 0.33
N ASN Q 598 94.61 75.40 1.60
CA ASN Q 598 95.59 75.64 2.65
C ASN Q 598 95.93 74.31 3.29
N PRO Q 599 96.76 73.48 2.64
CA PRO Q 599 97.01 72.13 3.18
C PRO Q 599 97.93 72.12 4.40
N THR Q 600 98.97 72.97 4.38
CA THR Q 600 100.03 72.87 5.38
C THR Q 600 99.57 73.33 6.75
N ILE Q 601 98.84 74.45 6.81
CA ILE Q 601 98.34 74.99 8.07
C ILE Q 601 97.36 74.02 8.71
N LEU Q 602 96.44 73.48 7.92
CA LEU Q 602 95.44 72.56 8.43
C LEU Q 602 96.06 71.24 8.88
N PHE Q 603 97.06 70.74 8.15
CA PHE Q 603 97.71 69.52 8.54
C PHE Q 603 98.53 69.70 9.82
N ASP Q 604 99.21 70.85 9.95
CA ASP Q 604 99.93 71.15 11.18
C ASP Q 604 98.98 71.29 12.35
N TYR Q 605 97.79 71.87 12.12
CA TYR Q 605 96.82 72.05 13.19
C TYR Q 605 96.23 70.72 13.64
N ILE Q 606 95.90 69.83 12.68
CA ILE Q 606 95.32 68.56 13.09
C ILE Q 606 96.37 67.64 13.70
N LEU Q 607 97.63 67.78 13.29
CA LEU Q 607 98.67 67.00 13.98
C LEU Q 607 98.95 67.54 15.38
N SER Q 608 98.80 68.85 15.58
CA SER Q 608 98.87 69.39 16.94
C SER Q 608 97.70 68.88 17.78
N GLN Q 609 96.53 68.74 17.17
CA GLN Q 609 95.37 68.21 17.89
C GLN Q 609 95.55 66.74 18.24
N ILE Q 610 96.09 65.93 17.31
CA ILE Q 610 96.31 64.52 17.59
C ILE Q 610 97.41 64.34 18.63
N GLN Q 611 98.45 65.18 18.58
CA GLN Q 611 99.52 65.10 19.56
C GLN Q 611 99.05 65.53 20.95
N LYS Q 612 98.15 66.51 21.02
CA LYS Q 612 97.77 67.06 22.32
C LYS Q 612 96.46 66.51 22.87
N TYR Q 613 95.62 65.86 22.06
CA TYR Q 613 94.28 65.52 22.52
C TYR Q 613 93.95 64.05 22.29
N ASP Q 614 94.93 63.17 22.48
CA ASP Q 614 94.75 61.82 23.05
C ASP Q 614 93.81 60.93 22.22
N ASN Q 615 94.31 60.55 21.04
CA ASN Q 615 93.70 59.53 20.17
C ASN Q 615 92.30 59.96 19.69
N LEU Q 616 92.32 61.00 18.85
CA LEU Q 616 91.15 61.43 18.10
C LEU Q 616 91.21 60.91 16.66
N ILE Q 617 91.82 59.74 16.48
CA ILE Q 617 92.45 59.38 15.21
C ILE Q 617 91.44 58.97 14.14
N THR Q 618 90.53 58.07 14.49
CA THR Q 618 89.58 57.53 13.50
C THR Q 618 88.57 58.55 12.93
N PRO Q 619 88.05 59.55 13.67
CA PRO Q 619 87.31 60.60 12.96
C PRO Q 619 88.19 61.46 12.05
N VAL Q 620 89.47 61.61 12.39
CA VAL Q 620 90.38 62.36 11.52
C VAL Q 620 90.60 61.63 10.20
N VAL Q 621 90.80 60.31 10.25
CA VAL Q 621 91.01 59.61 8.98
C VAL Q 621 89.70 59.47 8.19
N ASP Q 622 88.56 59.37 8.88
CA ASP Q 622 87.29 59.38 8.17
C ASP Q 622 86.97 60.75 7.60
N SER Q 623 87.54 61.82 8.15
CA SER Q 623 87.41 63.14 7.55
C SER Q 623 88.35 63.32 6.36
N LEU Q 624 89.57 62.81 6.47
CA LEU Q 624 90.57 62.91 5.41
C LEU Q 624 90.42 61.84 4.33
N LYS Q 625 89.32 61.06 4.38
CA LYS Q 625 88.93 60.20 3.26
C LYS Q 625 88.84 60.96 1.93
N TYR Q 626 88.29 62.18 1.95
CA TYR Q 626 88.07 62.96 0.74
C TYR Q 626 89.24 63.88 0.39
N LEU Q 627 90.46 63.54 0.79
CA LEU Q 627 91.62 64.38 0.53
C LEU Q 627 92.20 64.08 -0.85
N THR Q 628 92.73 65.10 -1.50
CA THR Q 628 93.18 65.00 -2.88
C THR Q 628 94.48 64.22 -2.99
N SER Q 629 94.93 64.03 -4.23
CA SER Q 629 96.13 63.24 -4.50
C SER Q 629 97.40 63.98 -4.11
N LEU Q 630 97.49 65.25 -4.50
CA LEU Q 630 98.69 66.04 -4.22
C LEU Q 630 98.85 66.37 -2.74
N ASN Q 631 97.74 66.45 -2.00
CA ASN Q 631 97.83 66.74 -0.58
C ASN Q 631 98.36 65.57 0.24
N TYR Q 632 98.48 64.38 -0.35
CA TYR Q 632 99.00 63.24 0.39
C TYR Q 632 100.49 63.40 0.67
N ASP Q 633 101.26 63.88 -0.31
CA ASP Q 633 102.67 64.13 -0.07
C ASP Q 633 102.88 65.31 0.86
N VAL Q 634 101.95 66.28 0.84
CA VAL Q 634 101.99 67.39 1.78
C VAL Q 634 101.75 66.89 3.20
N LEU Q 635 100.80 65.96 3.34
CA LEU Q 635 100.53 65.35 4.64
C LEU Q 635 101.73 64.52 5.11
N ALA Q 636 102.41 63.85 4.18
CA ALA Q 636 103.61 63.08 4.53
C ALA Q 636 104.73 63.99 5.00
N TYR Q 637 104.94 65.12 4.31
CA TYR Q 637 105.97 66.06 4.78
C TYR Q 637 105.58 66.72 6.09
N CYS Q 638 104.28 66.92 6.33
CA CYS Q 638 103.88 67.49 7.61
C CYS Q 638 104.04 66.48 8.73
N ILE Q 639 103.86 65.19 8.43
CA ILE Q 639 104.22 64.12 9.36
C ILE Q 639 105.72 64.18 9.70
N ILE Q 640 106.56 64.31 8.66
CA ILE Q 640 108.01 64.35 8.85
C ILE Q 640 108.41 65.58 9.67
N GLU Q 641 107.76 66.71 9.43
CA GLU Q 641 108.05 67.93 10.19
C GLU Q 641 107.56 67.81 11.62
N ALA Q 642 106.43 67.11 11.84
CA ALA Q 642 105.95 66.89 13.20
C ALA Q 642 106.83 65.93 13.96
N LEU Q 643 107.54 65.04 13.26
CA LEU Q 643 108.48 64.15 13.92
C LEU Q 643 109.75 64.88 14.37
N ALA Q 644 109.99 66.09 13.88
CA ALA Q 644 111.17 66.86 14.24
C ALA Q 644 110.99 67.64 15.55
N ASN Q 645 109.91 67.41 16.28
CA ASN Q 645 109.67 68.12 17.54
C ASN Q 645 110.60 67.59 18.62
N PRO Q 646 111.47 68.43 19.22
CA PRO Q 646 112.33 67.97 20.30
C PRO Q 646 111.58 67.78 21.61
N SER Q 659 105.61 60.10 26.33
CA SER Q 659 105.91 59.31 25.14
C SER Q 659 104.64 58.75 24.52
N SER Q 660 103.50 58.99 25.19
CA SER Q 660 102.23 58.47 24.70
C SER Q 660 101.76 59.22 23.47
N TRP Q 661 102.11 60.50 23.37
CA TRP Q 661 101.77 61.27 22.17
C TRP Q 661 102.52 60.77 20.95
N LEU Q 662 103.76 60.31 21.15
CA LEU Q 662 104.53 59.73 20.05
C LEU Q 662 103.96 58.38 19.63
N GLN Q 663 103.46 57.60 20.59
CA GLN Q 663 102.78 56.35 20.27
C GLN Q 663 101.50 56.60 19.50
N SER Q 664 100.74 57.63 19.89
CA SER Q 664 99.51 57.97 19.19
C SER Q 664 99.80 58.47 17.78
N LEU Q 665 100.86 59.26 17.62
CA LEU Q 665 101.26 59.74 16.31
C LEU Q 665 101.74 58.59 15.43
N ALA Q 666 102.46 57.62 16.01
CA ALA Q 666 102.92 56.46 15.25
C ALA Q 666 101.75 55.59 14.81
N SER Q 667 100.73 55.45 15.67
CA SER Q 667 99.54 54.69 15.29
C SER Q 667 98.75 55.41 14.20
N PHE Q 668 98.69 56.74 14.27
CA PHE Q 668 98.06 57.53 13.23
C PHE Q 668 98.80 57.38 11.90
N CYS Q 669 100.13 57.40 11.94
CA CYS Q 669 100.93 57.21 10.73
C CYS Q 669 100.73 55.82 10.16
N GLY Q 670 100.63 54.80 11.03
CA GLY Q 670 100.37 53.45 10.56
C GLY Q 670 99.02 53.32 9.89
N ALA Q 671 97.99 53.97 10.46
CA ALA Q 671 96.65 53.89 9.87
C ALA Q 671 96.58 54.62 8.53
N VAL Q 672 97.15 55.83 8.45
CA VAL Q 672 97.10 56.59 7.21
C VAL Q 672 97.95 55.93 6.13
N PHE Q 673 99.10 55.36 6.51
CA PHE Q 673 99.96 54.71 5.54
C PHE Q 673 99.42 53.36 5.09
N ARG Q 674 98.72 52.62 5.96
CA ARG Q 674 98.08 51.40 5.50
C ARG Q 674 96.83 51.71 4.70
N LYS Q 675 96.28 52.91 4.81
CA LYS Q 675 95.07 53.24 4.06
C LYS Q 675 95.36 53.82 2.68
N TYR Q 676 96.48 54.53 2.50
CA TYR Q 676 96.64 55.31 1.28
C TYR Q 676 97.97 55.02 0.58
N PRO Q 677 98.02 55.15 -0.76
CA PRO Q 677 99.30 55.04 -1.50
C PRO Q 677 100.12 56.35 -1.47
N ILE Q 678 100.90 56.50 -0.40
CA ILE Q 678 101.67 57.72 -0.20
C ILE Q 678 103.12 57.57 -0.65
N ASP Q 679 103.62 56.32 -0.76
CA ASP Q 679 104.99 55.99 -1.18
C ASP Q 679 106.03 56.65 -0.27
N LEU Q 680 106.03 56.16 0.97
CA LEU Q 680 106.69 56.79 2.11
C LEU Q 680 108.20 56.59 2.15
N ALA Q 681 108.89 56.89 1.06
CA ALA Q 681 110.34 56.79 1.03
C ALA Q 681 111.00 57.87 1.87
N GLY Q 682 110.33 59.01 2.04
CA GLY Q 682 110.88 60.06 2.89
C GLY Q 682 110.88 59.67 4.36
N LEU Q 683 109.88 58.92 4.81
CA LEU Q 683 109.90 58.41 6.16
C LEU Q 683 111.00 57.37 6.34
N LEU Q 684 111.31 56.61 5.28
CA LEU Q 684 112.40 55.65 5.34
C LEU Q 684 113.75 56.36 5.43
N GLN Q 685 113.90 57.45 4.66
CA GLN Q 685 115.12 58.27 4.76
C GLN Q 685 115.24 58.90 6.15
N TYR Q 686 114.10 59.32 6.72
CA TYR Q 686 114.10 59.93 8.04
C TYR Q 686 114.50 58.94 9.13
N VAL Q 687 113.95 57.73 9.08
CA VAL Q 687 114.29 56.75 10.12
C VAL Q 687 115.71 56.23 9.90
N ALA Q 688 116.21 56.20 8.65
CA ALA Q 688 117.59 55.83 8.42
C ALA Q 688 118.55 56.89 8.95
N ASN Q 689 118.17 58.17 8.80
CA ASN Q 689 119.01 59.25 9.31
C ASN Q 689 119.00 59.30 10.83
N GLN Q 690 117.87 58.98 11.47
CA GLN Q 690 117.90 58.92 12.93
C GLN Q 690 118.52 57.62 13.46
N LEU Q 691 118.62 56.57 12.65
CA LEU Q 691 119.45 55.44 13.04
C LEU Q 691 120.92 55.75 12.89
N LYS Q 692 121.29 56.57 11.91
CA LYS Q 692 122.69 56.97 11.78
C LYS Q 692 123.10 57.96 12.87
N ALA Q 693 122.15 58.67 13.47
CA ALA Q 693 122.46 59.59 14.56
C ALA Q 693 122.16 58.95 15.91
N SER Q 696 116.21 55.69 17.79
CA SER Q 696 115.59 55.22 19.03
C SER Q 696 114.14 54.78 18.80
N PHE Q 697 113.19 55.65 19.14
CA PHE Q 697 111.78 55.33 18.98
C PHE Q 697 111.32 55.37 17.53
N ASP Q 698 112.12 55.97 16.64
CA ASP Q 698 111.81 55.95 15.22
C ASP Q 698 111.85 54.54 14.66
N LEU Q 699 112.71 53.67 15.22
CA LEU Q 699 112.71 52.26 14.83
C LEU Q 699 111.40 51.58 15.22
N LEU Q 700 110.84 51.94 16.38
CA LEU Q 700 109.55 51.41 16.78
C LEU Q 700 108.44 51.96 15.90
N ILE Q 701 108.55 53.22 15.46
CA ILE Q 701 107.55 53.77 14.54
C ILE Q 701 107.63 53.07 13.18
N LEU Q 702 108.83 52.75 12.72
CA LEU Q 702 108.98 52.03 11.46
C LEU Q 702 108.49 50.59 11.58
N LYS Q 703 108.67 49.96 12.75
CA LYS Q 703 108.15 48.63 12.97
C LYS Q 703 106.62 48.65 13.00
N GLU Q 704 106.03 49.69 13.58
CA GLU Q 704 104.58 49.83 13.56
C GLU Q 704 104.06 50.08 12.15
N VAL Q 705 104.81 50.84 11.34
CA VAL Q 705 104.40 51.08 9.97
C VAL Q 705 104.50 49.81 9.13
N VAL Q 706 105.53 48.99 9.38
CA VAL Q 706 105.68 47.73 8.65
C VAL Q 706 104.62 46.73 9.09
N GLN Q 707 104.23 46.75 10.36
CA GLN Q 707 103.12 45.90 10.81
C GLN Q 707 101.79 46.38 10.26
N LYS Q 708 101.67 47.70 10.03
CA LYS Q 708 100.47 48.25 9.40
C LYS Q 708 100.37 47.83 7.94
N MET Q 709 101.48 47.90 7.20
CA MET Q 709 101.48 47.53 5.80
C MET Q 709 101.38 46.02 5.59
N ALA Q 710 101.70 45.22 6.61
CA ALA Q 710 101.63 43.77 6.49
C ALA Q 710 101.25 43.15 7.84
N THR Q 719 101.79 28.85 23.40
CA THR Q 719 103.13 28.68 22.86
C THR Q 719 103.12 27.75 21.65
N MET Q 720 102.02 27.00 21.51
CA MET Q 720 101.89 26.12 20.35
C MET Q 720 101.67 26.90 19.06
N GLU Q 721 101.03 28.06 19.15
CA GLU Q 721 100.85 28.90 17.97
C GLU Q 721 102.17 29.50 17.51
N GLN Q 722 103.06 29.84 18.45
CA GLN Q 722 104.38 30.33 18.07
C GLN Q 722 105.26 29.18 17.59
N LEU Q 723 105.07 27.98 18.11
CA LEU Q 723 105.84 26.82 17.69
C LEU Q 723 105.30 26.20 16.41
N GLU Q 724 104.14 26.64 15.93
CA GLU Q 724 103.60 26.13 14.67
C GLU Q 724 104.42 26.58 13.47
N ALA Q 725 105.10 27.72 13.59
CA ALA Q 725 105.93 28.23 12.50
C ALA Q 725 107.25 27.46 12.44
N GLY Q 729 119.76 25.58 13.97
CA GLY Q 729 119.67 26.28 12.71
C GLY Q 729 120.79 25.95 11.74
N GLU Q 730 120.78 26.61 10.58
CA GLU Q 730 121.81 26.36 9.58
C GLU Q 730 123.14 26.98 9.98
N GLN Q 731 123.12 28.04 10.79
CA GLN Q 731 124.36 28.69 11.21
C GLN Q 731 125.16 27.81 12.16
N LEU Q 732 124.47 27.15 13.10
CA LEU Q 732 125.17 26.26 14.04
C LEU Q 732 125.69 25.02 13.34
N LYS Q 733 124.94 24.49 12.37
CA LYS Q 733 125.40 23.33 11.62
C LYS Q 733 126.55 23.68 10.68
N ALA Q 734 126.57 24.92 10.17
CA ALA Q 734 127.69 25.35 9.34
C ALA Q 734 128.92 25.61 10.19
N GLU Q 735 128.73 26.12 11.41
CA GLU Q 735 129.86 26.34 12.29
C GLU Q 735 130.40 25.03 12.85
N GLY Q 736 129.56 24.01 12.94
CA GLY Q 736 130.05 22.70 13.37
C GLY Q 736 130.93 22.04 12.34
N GLY Q 737 130.56 22.13 11.06
CA GLY Q 737 131.35 21.56 10.00
C GLY Q 737 132.51 22.44 9.58
N LYS Q 746 136.25 36.36 12.11
CA LYS Q 746 137.14 35.24 12.36
C LYS Q 746 137.50 34.53 11.06
N LYS Q 747 138.55 33.70 11.13
CA LYS Q 747 138.98 32.95 9.95
C LYS Q 747 138.04 31.79 9.65
N SER Q 748 137.32 31.31 10.66
CA SER Q 748 136.34 30.25 10.45
C SER Q 748 135.15 30.75 9.63
N SER Q 749 134.80 32.03 9.77
CA SER Q 749 133.76 32.60 8.92
C SER Q 749 134.19 32.66 7.47
N GLN Q 750 135.47 32.97 7.22
CA GLN Q 750 135.99 32.94 5.87
C GLN Q 750 136.07 31.51 5.33
N ARG Q 751 136.36 30.54 6.19
CA ARG Q 751 136.37 29.14 5.78
C ARG Q 751 134.98 28.65 5.44
N LEU Q 752 133.97 29.10 6.19
CA LEU Q 752 132.59 28.75 5.87
C LEU Q 752 132.12 29.46 4.62
N LYS Q 753 132.60 30.67 4.37
CA LYS Q 753 132.27 31.37 3.13
C LYS Q 753 132.94 30.72 1.93
N ASP Q 754 134.13 30.15 2.12
CA ASP Q 754 134.76 29.38 1.05
C ASP Q 754 134.06 28.04 0.83
N ALA Q 755 133.58 27.42 1.91
CA ALA Q 755 132.87 26.15 1.79
C ALA Q 755 131.45 26.36 1.27
N LEU Q 756 130.69 27.27 1.89
CA LEU Q 756 129.32 27.54 1.46
C LEU Q 756 128.95 28.98 1.74
N LEU Q 763 120.22 30.17 1.21
CA LEU Q 763 119.29 31.23 0.88
C LEU Q 763 119.07 32.17 2.07
N PRO Q 764 118.08 31.85 2.90
CA PRO Q 764 117.82 32.70 4.09
C PRO Q 764 118.83 32.51 5.20
N LEU Q 765 119.67 31.47 5.13
CA LEU Q 765 120.72 31.27 6.12
C LEU Q 765 121.79 32.34 6.05
N CYS Q 766 121.94 33.02 4.90
CA CYS Q 766 122.84 34.15 4.81
C CYS Q 766 122.36 35.30 5.69
N LEU Q 767 121.07 35.60 5.64
CA LEU Q 767 120.51 36.63 6.54
C LEU Q 767 120.47 36.15 7.98
N LEU Q 768 120.33 34.84 8.19
CA LEU Q 768 120.33 34.30 9.54
C LEU Q 768 121.71 34.44 10.19
N MET Q 769 122.77 34.18 9.43
CA MET Q 769 124.12 34.40 9.94
C MET Q 769 124.47 35.88 9.98
N ALA Q 770 123.85 36.69 9.11
CA ALA Q 770 124.02 38.14 9.18
C ALA Q 770 123.36 38.72 10.43
N GLN Q 771 122.36 38.04 10.98
CA GLN Q 771 121.83 38.43 12.27
C GLN Q 771 122.84 38.23 13.39
N GLN Q 772 123.75 37.26 13.24
CA GLN Q 772 124.80 37.04 14.21
C GLN Q 772 125.89 38.10 14.06
N GLY Q 775 130.05 45.61 10.92
CA GLY Q 775 130.77 46.59 10.14
C GLY Q 775 131.27 46.07 8.81
N VAL Q 776 132.45 46.52 8.41
CA VAL Q 776 133.03 46.05 7.14
C VAL Q 776 133.59 44.64 7.28
N ILE Q 777 133.89 44.21 8.51
CA ILE Q 777 134.35 42.84 8.72
C ILE Q 777 133.19 41.86 8.57
N PHE Q 778 131.97 42.31 8.85
CA PHE Q 778 130.79 41.48 8.67
C PHE Q 778 130.26 41.51 7.24
N GLN Q 779 130.91 42.26 6.35
CA GLN Q 779 130.43 42.37 4.98
C GLN Q 779 130.71 41.11 4.17
N GLU Q 780 131.62 40.27 4.63
CA GLU Q 780 131.95 39.03 3.92
C GLU Q 780 130.86 37.98 4.10
N LEU Q 786 108.15 36.90 0.43
CA LEU Q 786 108.20 38.18 1.14
C LEU Q 786 108.80 37.99 2.53
N LYS Q 787 109.95 37.32 2.60
CA LYS Q 787 110.62 37.07 3.86
C LYS Q 787 111.44 38.26 4.34
N LEU Q 788 111.66 39.26 3.49
CA LEU Q 788 112.43 40.43 3.89
C LEU Q 788 111.71 41.25 4.94
N VAL Q 789 110.38 41.27 4.90
CA VAL Q 789 109.61 42.00 5.90
C VAL Q 789 109.73 41.34 7.26
N GLY Q 790 109.68 40.01 7.32
CA GLY Q 790 109.89 39.31 8.57
C GLY Q 790 111.32 39.39 9.07
N LYS Q 791 112.28 39.42 8.15
CA LYS Q 791 113.69 39.58 8.53
C LYS Q 791 113.93 40.96 9.13
N LEU Q 792 113.29 41.98 8.58
CA LEU Q 792 113.38 43.31 9.20
C LEU Q 792 112.61 43.37 10.51
N TYR Q 793 111.49 42.63 10.61
CA TYR Q 793 110.67 42.68 11.81
C TYR Q 793 111.36 42.01 12.99
N ASP Q 794 112.12 40.93 12.73
CA ASP Q 794 112.86 40.28 13.81
C ASP Q 794 113.97 41.17 14.36
N GLN Q 795 114.68 41.87 13.47
CA GLN Q 795 115.72 42.80 13.90
C GLN Q 795 115.11 44.00 14.61
N CYS Q 796 113.95 44.47 14.16
CA CYS Q 796 113.26 45.56 14.83
C CYS Q 796 112.75 45.14 16.21
N HIS Q 797 112.31 43.89 16.35
CA HIS Q 797 111.89 43.39 17.65
C HIS Q 797 113.07 43.26 18.60
N ASP Q 798 114.24 42.82 18.10
CA ASP Q 798 115.42 42.74 18.93
C ASP Q 798 115.90 44.13 19.35
N THR Q 799 115.82 45.10 18.43
CA THR Q 799 116.21 46.47 18.76
C THR Q 799 115.24 47.11 19.75
N LEU Q 800 113.95 46.82 19.62
CA LEU Q 800 112.98 47.33 20.58
C LEU Q 800 113.12 46.67 21.94
N VAL Q 801 113.52 45.39 21.98
CA VAL Q 801 113.77 44.74 23.25
C VAL Q 801 115.00 45.32 23.92
N GLN Q 802 116.04 45.65 23.13
CA GLN Q 802 117.21 46.30 23.69
C GLN Q 802 116.89 47.71 24.18
N PHE Q 803 116.01 48.42 23.46
CA PHE Q 803 115.60 49.75 23.90
C PHE Q 803 114.76 49.70 25.16
N GLY Q 804 113.92 48.67 25.29
CA GLY Q 804 113.14 48.51 26.51
C GLY Q 804 114.00 48.12 27.70
N GLY Q 805 115.01 47.29 27.47
CA GLY Q 805 115.96 46.97 28.52
C GLY Q 805 116.82 48.16 28.92
N PHE Q 806 117.10 49.05 27.98
CA PHE Q 806 117.81 50.28 28.32
C PHE Q 806 116.91 51.26 29.08
N LEU Q 807 115.63 51.32 28.70
CA LEU Q 807 114.71 52.24 29.35
C LEU Q 807 114.28 51.75 30.73
N ALA Q 808 114.37 50.44 30.98
CA ALA Q 808 113.99 49.92 32.29
C ALA Q 808 115.00 50.29 33.36
N SER Q 809 116.29 50.23 33.04
CA SER Q 809 117.34 50.56 33.99
C SER Q 809 117.46 52.07 34.16
N GLU Q 877 123.84 49.98 23.96
CA GLU Q 877 123.49 50.49 22.64
C GLU Q 877 124.28 49.79 21.56
N MET Q 878 124.79 48.60 21.88
CA MET Q 878 125.60 47.84 20.92
C MET Q 878 124.74 47.22 19.82
N VAL Q 879 123.47 46.94 20.12
CA VAL Q 879 122.60 46.30 19.13
C VAL Q 879 122.07 47.27 18.08
N MET Q 880 122.22 48.58 18.30
CA MET Q 880 121.71 49.55 17.33
C MET Q 880 122.57 49.60 16.08
N ALA Q 881 123.84 49.22 16.18
CA ALA Q 881 124.75 49.23 15.06
C ALA Q 881 124.39 48.14 14.05
N PRO Q 882 123.94 46.98 14.54
CA PRO Q 882 123.57 45.92 13.59
C PRO Q 882 122.24 46.18 12.88
N VAL Q 883 121.25 46.65 13.62
CA VAL Q 883 119.90 46.82 13.07
C VAL Q 883 119.87 47.92 12.03
N HIS Q 884 120.68 48.97 12.22
CA HIS Q 884 120.84 49.99 11.19
C HIS Q 884 121.46 49.40 9.93
N GLU Q 885 122.36 48.42 10.09
CA GLU Q 885 122.86 47.66 8.95
C GLU Q 885 121.74 46.89 8.27
N ALA Q 886 120.76 46.41 9.05
CA ALA Q 886 119.57 45.82 8.45
C ALA Q 886 118.76 46.86 7.70
N VAL Q 887 118.81 48.12 8.13
CA VAL Q 887 118.21 49.19 7.34
C VAL Q 887 119.12 49.54 6.18
N VAL Q 888 120.43 49.31 6.33
CA VAL Q 888 121.36 49.67 5.26
C VAL Q 888 121.29 48.65 4.13
N SER Q 889 121.04 47.39 4.46
CA SER Q 889 120.90 46.38 3.41
C SER Q 889 119.57 46.51 2.68
N LEU Q 890 118.58 47.15 3.31
CA LEU Q 890 117.28 47.34 2.69
C LEU Q 890 117.35 48.39 1.59
N VAL Q 895 114.72 50.82 -4.05
CA VAL Q 895 113.41 50.45 -4.57
C VAL Q 895 112.66 49.59 -3.56
N TRP Q 896 113.07 49.69 -2.28
CA TRP Q 896 112.37 48.97 -1.23
C TRP Q 896 111.02 49.60 -0.91
N ASP Q 897 110.89 50.91 -1.13
CA ASP Q 897 109.61 51.59 -0.92
C ASP Q 897 108.60 51.19 -1.99
N ASP Q 898 109.06 50.86 -3.19
CA ASP Q 898 108.16 50.35 -4.21
C ASP Q 898 107.72 48.91 -3.90
N ILE Q 899 108.56 48.16 -3.19
CA ILE Q 899 108.17 46.82 -2.77
C ILE Q 899 107.23 46.88 -1.58
N SER Q 900 107.38 47.88 -0.71
CA SER Q 900 106.51 48.05 0.44
C SER Q 900 105.13 48.52 0.00
N PRO Q 901 105.06 49.39 -1.02
CA PRO Q 901 103.73 49.81 -1.50
C PRO Q 901 103.01 48.70 -2.25
N GLN Q 902 103.75 47.88 -3.01
CA GLN Q 902 103.13 46.72 -3.65
C GLN Q 902 102.69 45.69 -2.62
N PHE Q 903 103.41 45.57 -1.50
CA PHE Q 903 102.99 44.68 -0.43
C PHE Q 903 101.76 45.21 0.30
N TYR Q 904 101.66 46.54 0.43
CA TYR Q 904 100.46 47.11 1.03
C TYR Q 904 99.26 46.99 0.09
N ALA Q 905 99.48 47.10 -1.21
CA ALA Q 905 98.39 46.91 -2.17
C ALA Q 905 97.98 45.44 -2.25
N THR Q 906 98.91 44.51 -2.04
CA THR Q 906 98.57 43.10 -2.06
C THR Q 906 97.84 42.67 -0.80
N PHE Q 907 98.25 43.20 0.35
CA PHE Q 907 97.61 42.86 1.62
C PHE Q 907 96.36 43.71 1.86
N MET Q 912 95.67 33.50 8.35
CA MET Q 912 96.59 34.18 9.24
C MET Q 912 97.69 33.24 9.73
N TYR Q 913 97.46 32.63 10.90
CA TYR Q 913 98.44 31.69 11.44
C TYR Q 913 98.44 30.38 10.68
N ASP Q 914 97.34 30.05 10.02
CA ASP Q 914 97.28 28.82 9.21
C ASP Q 914 98.02 28.96 7.89
N LEU Q 915 98.38 30.19 7.49
CA LEU Q 915 99.07 30.38 6.22
C LEU Q 915 100.51 29.90 6.28
N ALA Q 916 101.13 29.94 7.46
CA ALA Q 916 102.51 29.50 7.59
C ALA Q 916 102.62 27.98 7.49
N VAL Q 917 101.95 27.27 8.38
CA VAL Q 917 101.90 25.81 8.47
C VAL Q 917 103.28 25.16 8.56
N HIS Q 919 104.15 15.97 11.00
CA HIS Q 919 103.74 17.28 11.51
C HIS Q 919 102.35 17.19 12.16
N THR Q 920 102.32 17.26 13.49
CA THR Q 920 101.06 17.22 14.21
C THR Q 920 100.28 18.52 14.06
N SER Q 921 100.99 19.63 13.88
CA SER Q 921 100.31 20.91 13.68
C SER Q 921 99.61 20.95 12.33
N TYR Q 922 100.21 20.34 11.30
CA TYR Q 922 99.57 20.26 10.00
C TYR Q 922 98.33 19.38 10.06
N GLU Q 923 98.39 18.29 10.84
CA GLU Q 923 97.22 17.43 11.02
C GLU Q 923 96.12 18.14 11.79
N ARG Q 924 96.50 18.96 12.79
CA ARG Q 924 95.53 19.74 13.53
C ARG Q 924 94.89 20.81 12.65
N GLU Q 925 95.68 21.41 11.76
CA GLU Q 925 95.14 22.41 10.83
C GLU Q 925 94.20 21.77 9.81
N VAL Q 926 94.54 20.56 9.34
CA VAL Q 926 93.66 19.86 8.40
C VAL Q 926 92.39 19.39 9.10
N ASN Q 927 92.48 19.03 10.38
CA ASN Q 927 91.29 18.64 11.11
C ASN Q 927 90.40 19.85 11.42
N LYS Q 928 91.01 21.00 11.68
CA LYS Q 928 90.22 22.21 11.88
C LYS Q 928 89.60 22.71 10.58
N LEU Q 929 90.29 22.51 9.45
CA LEU Q 929 89.71 22.86 8.17
C LEU Q 929 88.65 21.86 7.73
N LYS Q 930 88.72 20.63 8.25
CA LYS Q 930 87.69 19.64 7.95
C LYS Q 930 86.38 19.97 8.67
N VAL Q 931 86.47 20.31 9.95
CA VAL Q 931 85.28 20.67 10.72
C VAL Q 931 85.02 22.16 10.60
N GLU Q 950 84.45 25.51 0.94
CA GLU Q 950 85.23 25.02 2.08
C GLU Q 950 86.11 23.85 1.66
N LYS Q 951 85.70 23.15 0.60
CA LYS Q 951 86.47 22.02 0.12
C LYS Q 951 87.73 22.47 -0.60
N GLU Q 952 87.71 23.68 -1.18
CA GLU Q 952 88.90 24.20 -1.86
C GLU Q 952 89.99 24.54 -0.86
N ARG Q 953 89.63 25.12 0.28
CA ARG Q 953 90.61 25.41 1.31
C ARG Q 953 91.15 24.14 1.95
N CYS Q 954 90.29 23.12 2.09
CA CYS Q 954 90.74 21.84 2.62
C CYS Q 954 91.68 21.12 1.66
N THR Q 955 91.41 21.23 0.34
CA THR Q 955 92.31 20.65 -0.66
C THR Q 955 93.63 21.40 -0.72
N ALA Q 956 93.59 22.74 -0.56
CA ALA Q 956 94.83 23.51 -0.51
C ALA Q 956 95.65 23.19 0.73
N LEU Q 957 94.98 23.00 1.87
CA LEU Q 957 95.68 22.61 3.09
C LEU Q 957 96.25 21.19 2.99
N GLN Q 958 95.53 20.30 2.31
CA GLN Q 958 96.03 18.95 2.10
C GLN Q 958 97.24 18.93 1.18
N ASP Q 959 97.22 19.77 0.13
CA ASP Q 959 98.37 19.89 -0.75
C ASP Q 959 99.56 20.50 -0.03
N LYS Q 960 99.32 21.50 0.82
CA LYS Q 960 100.39 22.10 1.60
C LYS Q 960 100.96 21.13 2.63
N LEU Q 961 100.11 20.29 3.22
CA LEU Q 961 100.58 19.31 4.18
C LEU Q 961 101.37 18.19 3.50
N LEU Q 962 100.95 17.79 2.30
CA LEU Q 962 101.69 16.77 1.56
C LEU Q 962 103.04 17.31 1.09
N GLU Q 963 103.07 18.57 0.66
CA GLU Q 963 104.34 19.21 0.30
C GLU Q 963 105.23 19.38 1.52
N GLU Q 964 104.64 19.66 2.69
CA GLU Q 964 105.42 19.76 3.92
C GLU Q 964 105.98 18.41 4.33
N GLU Q 965 105.21 17.33 4.11
CA GLU Q 965 105.71 15.99 4.42
C GLU Q 965 106.83 15.59 3.47
N LYS Q 966 106.70 15.94 2.18
CA LYS Q 966 107.76 15.65 1.23
C LYS Q 966 109.03 16.45 1.52
N LYS Q 967 108.86 17.73 1.86
CA LYS Q 967 110.02 18.55 2.23
C LYS Q 967 110.62 18.11 3.56
N GLN Q 968 109.80 17.56 4.46
CA GLN Q 968 110.33 17.02 5.71
C GLN Q 968 111.12 15.75 5.47
N MET Q 969 110.66 14.91 4.53
CA MET Q 969 111.44 13.74 4.14
C MET Q 969 112.76 14.15 3.47
N GLU Q 970 112.72 15.21 2.66
CA GLU Q 970 113.94 15.72 2.03
C GLU Q 970 114.90 16.31 3.06
N HIS Q 971 114.35 17.00 4.06
CA HIS Q 971 115.19 17.56 5.12
C HIS Q 971 115.74 16.46 6.03
N VAL Q 972 114.99 15.37 6.20
CA VAL Q 972 115.50 14.24 6.96
C VAL Q 972 116.62 13.54 6.20
N GLN Q 973 116.49 13.46 4.88
CA GLN Q 973 117.57 12.93 4.05
C GLN Q 973 118.81 13.83 4.11
N ARG Q 974 118.59 15.15 4.12
CA ARG Q 974 119.71 16.08 4.24
C ARG Q 974 120.37 15.99 5.59
N VAL Q 975 119.58 15.77 6.65
CA VAL Q 975 120.14 15.63 8.00
C VAL Q 975 120.91 14.32 8.11
N LEU Q 976 120.43 13.26 7.45
CA LEU Q 976 121.17 12.01 7.43
C LEU Q 976 122.46 12.14 6.64
N GLN Q 977 122.45 12.94 5.56
CA GLN Q 977 123.67 13.19 4.81
C GLN Q 977 124.66 14.02 5.62
N ARG Q 978 124.16 14.98 6.40
CA ARG Q 978 125.03 15.78 7.25
C ARG Q 978 125.61 14.95 8.40
N LEU Q 979 124.84 14.00 8.92
CA LEU Q 979 125.35 13.10 9.94
C LEU Q 979 126.36 12.12 9.37
N LYS Q 980 126.17 11.70 8.12
CA LYS Q 980 127.15 10.86 7.44
C LYS Q 980 128.41 11.65 7.10
N LEU Q 981 128.29 12.96 6.92
CA LEU Q 981 129.46 13.79 6.64
C LEU Q 981 130.34 13.96 7.87
N GLU Q 982 129.73 14.18 9.04
CA GLU Q 982 130.49 14.35 10.27
C GLU Q 982 130.86 13.00 10.88
N ASN Q 994 138.07 19.49 24.11
CA ASN Q 994 137.25 18.90 25.16
C ASN Q 994 136.39 19.94 25.84
N GLU Q 995 136.92 20.54 26.91
CA GLU Q 995 136.18 21.59 27.62
C GLU Q 995 136.11 22.88 26.81
N THR Q 996 137.15 23.16 26.02
CA THR Q 996 137.13 24.35 25.17
C THR Q 996 136.11 24.21 24.06
N ILE Q 997 135.93 23.00 23.54
CA ILE Q 997 134.91 22.76 22.52
C ILE Q 997 133.51 22.92 23.12
N THR Q 998 133.33 22.47 24.37
CA THR Q 998 132.04 22.64 25.03
C THR Q 998 131.77 24.11 25.34
N LYS Q 999 132.83 24.86 25.69
CA LYS Q 999 132.67 26.29 25.92
C LYS Q 999 132.35 27.04 24.63
N PHE Q 1000 132.95 26.62 23.52
CA PHE Q 1000 132.63 27.21 22.23
C PHE Q 1000 131.21 26.87 21.80
N LEU Q 1001 130.75 25.65 22.09
CA LEU Q 1001 129.38 25.27 21.78
C LEU Q 1001 128.39 26.05 22.63
N GLN Q 1002 128.73 26.30 23.91
CA GLN Q 1002 127.86 27.09 24.76
C GLN Q 1002 127.83 28.55 24.31
N LEU Q 1003 128.97 29.07 23.85
CA LEU Q 1003 129.01 30.43 23.33
C LEU Q 1003 128.24 30.57 22.03
N CYS Q 1004 128.26 29.54 21.19
CA CYS Q 1004 127.47 29.58 19.97
C CYS Q 1004 125.98 29.39 20.25
N ILE Q 1005 125.64 28.66 21.32
CA ILE Q 1005 124.23 28.39 21.61
C ILE Q 1005 123.58 29.56 22.32
N PHE Q 1006 124.31 30.25 23.20
CA PHE Q 1006 123.75 31.33 23.99
C PHE Q 1006 123.49 32.56 23.11
N PRO Q 1007 124.37 32.84 22.15
CA PRO Q 1007 124.13 33.98 21.26
C PRO Q 1007 122.95 33.75 20.31
N ARG Q 1008 122.80 32.52 19.81
CA ARG Q 1008 121.65 32.20 18.98
C ARG Q 1008 120.35 32.20 19.78
N CYS Q 1009 120.42 31.87 21.06
CA CYS Q 1009 119.23 31.89 21.90
C CYS Q 1009 118.81 33.32 22.21
N ILE Q 1010 119.75 34.17 22.64
CA ILE Q 1010 119.41 35.54 23.02
C ILE Q 1010 119.35 36.50 21.84
N PHE Q 1011 119.69 36.05 20.64
CA PHE Q 1011 119.71 36.93 19.47
C PHE Q 1011 118.58 36.66 18.48
N SER Q 1012 117.68 35.73 18.78
CA SER Q 1012 116.63 35.37 17.83
C SER Q 1012 115.36 35.04 18.61
N ALA Q 1013 114.40 34.46 17.90
CA ALA Q 1013 113.11 34.08 18.45
C ALA Q 1013 113.20 32.72 19.15
N ILE Q 1014 112.05 32.11 19.42
CA ILE Q 1014 111.99 30.83 20.13
C ILE Q 1014 112.42 29.67 19.25
N ASP Q 1015 112.64 29.93 17.95
CA ASP Q 1015 113.13 28.92 17.02
C ASP Q 1015 114.54 28.45 17.35
N ALA Q 1016 115.29 29.21 18.16
CA ALA Q 1016 116.56 28.73 18.68
C ALA Q 1016 116.41 27.53 19.61
N VAL Q 1017 115.20 27.34 20.13
CA VAL Q 1017 114.89 26.21 21.06
C VAL Q 1017 114.91 24.91 20.26
N TYR Q 1018 114.20 24.87 19.13
CA TYR Q 1018 114.14 23.67 18.27
C TYR Q 1018 115.54 23.33 17.75
N CYS Q 1019 116.30 24.37 17.36
CA CYS Q 1019 117.68 24.18 16.85
C CYS Q 1019 118.54 23.57 17.98
N ALA Q 1020 118.37 24.07 19.21
CA ALA Q 1020 119.13 23.57 20.37
C ALA Q 1020 118.78 22.10 20.61
N ARG Q 1021 117.50 21.75 20.49
CA ARG Q 1021 117.03 20.35 20.68
C ARG Q 1021 117.68 19.47 19.60
N PHE Q 1022 117.74 19.96 18.37
CA PHE Q 1022 118.35 19.21 17.24
C PHE Q 1022 119.84 18.98 17.53
N VAL Q 1023 120.51 20.01 18.06
CA VAL Q 1023 121.96 19.93 18.41
C VAL Q 1023 122.14 18.87 19.49
N GLU Q 1024 121.24 18.85 20.48
CA GLU Q 1024 121.30 17.87 21.60
C GLU Q 1024 121.13 16.46 21.02
N LEU Q 1025 120.20 16.29 20.08
CA LEU Q 1025 119.94 14.97 19.44
C LEU Q 1025 121.21 14.54 18.69
N VAL Q 1026 121.86 15.47 17.99
CA VAL Q 1026 123.10 15.16 17.22
C VAL Q 1026 124.18 14.71 18.21
N HIS Q 1027 124.28 15.40 19.36
CA HIS Q 1027 125.28 15.06 20.40
C HIS Q 1027 125.01 13.65 20.94
N GLN Q 1028 123.73 13.32 21.13
CA GLN Q 1028 123.34 11.98 21.65
C GLN Q 1028 123.82 10.90 20.68
N LEU Q 1037 125.52 14.77 26.11
CA LEU Q 1037 126.04 13.98 27.21
C LEU Q 1037 126.11 14.81 28.49
N LEU Q 1038 127.31 15.24 28.85
CA LEU Q 1038 127.50 16.02 30.07
C LEU Q 1038 127.24 17.51 29.88
N CYS Q 1039 127.05 17.96 28.63
CA CYS Q 1039 126.86 19.37 28.37
C CYS Q 1039 125.47 19.85 28.80
N TYR Q 1040 124.47 18.97 28.74
CA TYR Q 1040 123.12 19.35 29.15
C TYR Q 1040 123.05 19.55 30.66
N ASP Q 1041 123.81 18.77 31.42
CA ASP Q 1041 123.89 19.00 32.86
C ASP Q 1041 124.85 20.13 33.18
N ARG Q 1042 125.86 20.35 32.34
CA ARG Q 1042 126.81 21.42 32.59
C ARG Q 1042 126.19 22.79 32.30
N VAL Q 1043 125.17 22.84 31.45
CA VAL Q 1043 124.45 24.09 31.23
C VAL Q 1043 123.62 24.45 32.45
N PHE Q 1044 122.99 23.45 33.07
CA PHE Q 1044 122.18 23.67 34.26
C PHE Q 1044 123.04 23.53 35.51
N ILE Q 1047 123.87 28.61 36.16
CA ILE Q 1047 123.39 29.49 35.10
C ILE Q 1047 122.92 30.81 35.68
N ILE Q 1048 123.53 31.21 36.81
CA ILE Q 1048 123.13 32.45 37.47
C ILE Q 1048 123.64 33.65 36.69
N TYR Q 1049 124.95 33.72 36.44
CA TYR Q 1049 125.52 34.81 35.67
C TYR Q 1049 125.14 34.73 34.19
N THR Q 1050 124.80 33.54 33.71
CA THR Q 1050 124.31 33.42 32.33
C THR Q 1050 122.93 34.05 32.19
N VAL Q 1051 122.06 33.86 33.19
CA VAL Q 1051 120.73 34.47 33.16
C VAL Q 1051 120.73 35.87 33.75
N ALA Q 1052 121.86 36.35 34.26
CA ALA Q 1052 121.92 37.68 34.85
C ALA Q 1052 121.79 38.79 33.82
N SER Q 1053 122.20 38.56 32.58
CA SER Q 1053 122.13 39.59 31.55
C SER Q 1053 120.71 39.75 31.04
N ASN Q 1057 115.41 40.47 28.04
CA ASN Q 1057 114.09 40.31 28.64
C ASN Q 1057 113.24 39.32 27.85
N GLU Q 1058 112.70 39.80 26.72
CA GLU Q 1058 111.88 38.93 25.88
C GLU Q 1058 112.71 37.88 25.18
N ALA Q 1059 113.87 38.26 24.64
CA ALA Q 1059 114.80 37.28 24.10
C ALA Q 1059 115.41 36.44 25.23
N SER Q 1060 115.57 37.03 26.41
CA SER Q 1060 115.97 36.26 27.57
C SER Q 1060 114.89 35.27 27.98
N ARG Q 1061 113.62 35.65 27.82
CA ARG Q 1061 112.52 34.72 28.07
C ARG Q 1061 112.52 33.60 27.03
N TYR Q 1062 112.87 33.93 25.78
CA TYR Q 1062 112.95 32.90 24.74
C TYR Q 1062 114.10 31.93 25.02
N GLY Q 1063 115.24 32.44 25.48
CA GLY Q 1063 116.33 31.57 25.87
C GLY Q 1063 116.02 30.74 27.10
N ARG Q 1064 115.25 31.29 28.03
CA ARG Q 1064 114.82 30.53 29.19
C ARG Q 1064 113.83 29.43 28.80
N PHE Q 1065 112.97 29.71 27.82
CA PHE Q 1065 112.04 28.69 27.33
C PHE Q 1065 112.79 27.60 26.58
N LEU Q 1066 113.85 27.97 25.86
CA LEU Q 1066 114.70 26.97 25.20
C LEU Q 1066 115.43 26.11 26.22
N CYS Q 1067 115.91 26.72 27.31
CA CYS Q 1067 116.56 25.97 28.38
C CYS Q 1067 115.58 25.05 29.08
N CYS Q 1068 114.33 25.50 29.25
CA CYS Q 1068 113.31 24.66 29.88
C CYS Q 1068 112.91 23.49 28.97
N MET Q 1069 112.84 23.73 27.67
CA MET Q 1069 112.54 22.66 26.73
C MET Q 1069 113.68 21.64 26.68
N LEU Q 1070 114.93 22.12 26.73
CA LEU Q 1070 116.07 21.21 26.76
C LEU Q 1070 116.12 20.42 28.06
N GLU Q 1071 115.75 21.05 29.18
CA GLU Q 1071 115.73 20.36 30.46
C GLU Q 1071 114.62 19.31 30.51
N THR Q 1072 113.45 19.62 29.93
CA THR Q 1072 112.37 18.65 29.89
C THR Q 1072 112.71 17.49 28.96
N VAL Q 1073 113.41 17.76 27.85
CA VAL Q 1073 113.81 16.70 26.94
C VAL Q 1073 114.91 15.84 27.57
N THR Q 1074 115.76 16.43 28.40
CA THR Q 1074 116.78 15.65 29.09
C THR Q 1074 116.18 14.83 30.24
N ARG Q 1075 115.16 15.36 30.90
CA ARG Q 1075 114.52 14.63 31.99
C ARG Q 1075 113.67 13.48 31.47
N TRP Q 1076 112.96 13.69 30.36
CA TRP Q 1076 112.19 12.61 29.77
C TRP Q 1076 113.08 11.60 29.07
N HIS Q 1077 114.25 12.02 28.59
CA HIS Q 1077 115.17 11.13 27.91
C HIS Q 1077 116.62 11.41 28.31
N GLN Q 1110 124.70 1.99 38.47
CA GLN Q 1110 123.98 3.04 39.19
C GLN Q 1110 123.93 4.32 38.38
N LEU Q 1111 123.79 4.18 37.05
CA LEU Q 1111 123.76 5.35 36.19
C LEU Q 1111 122.45 6.11 36.32
N ASP Q 1112 121.34 5.38 36.50
CA ASP Q 1112 120.04 6.04 36.63
C ASP Q 1112 119.92 6.76 37.96
N TYR Q 1113 120.44 6.17 39.04
CA TYR Q 1113 120.41 6.82 40.34
C TYR Q 1113 121.32 8.03 40.38
N GLU Q 1114 122.50 7.93 39.72
CA GLU Q 1114 123.39 9.08 39.63
C GLU Q 1114 122.79 10.18 38.76
N ASN Q 1115 122.04 9.82 37.71
CA ASN Q 1115 121.39 10.82 36.89
C ASN Q 1115 120.25 11.50 37.63
N PHE Q 1116 119.52 10.74 38.46
CA PHE Q 1116 118.47 11.35 39.28
C PHE Q 1116 119.05 12.25 40.35
N ARG Q 1117 120.18 11.85 40.95
CA ARG Q 1117 120.84 12.70 41.92
C ARG Q 1117 121.41 13.96 41.28
N HIS Q 1118 121.90 13.84 40.04
CA HIS Q 1118 122.38 15.01 39.31
C HIS Q 1118 121.23 15.93 38.93
N VAL Q 1119 120.05 15.36 38.62
CA VAL Q 1119 118.89 16.19 38.31
C VAL Q 1119 118.40 16.92 39.56
N VAL Q 1120 118.46 16.25 40.72
CA VAL Q 1120 118.10 16.90 41.98
C VAL Q 1120 119.10 17.98 42.35
N HIS Q 1121 120.39 17.74 42.06
CA HIS Q 1121 121.40 18.75 42.32
C HIS Q 1121 121.25 19.94 41.38
N LYS Q 1122 120.84 19.69 40.14
CA LYS Q 1122 120.59 20.77 39.19
C LYS Q 1122 119.38 21.59 39.60
N TRP Q 1123 118.34 20.93 40.12
CA TRP Q 1123 117.17 21.66 40.63
C TRP Q 1123 117.53 22.48 41.86
N HIS Q 1124 118.38 21.94 42.74
CA HIS Q 1124 118.81 22.68 43.91
C HIS Q 1124 119.68 23.87 43.54
N TYR Q 1125 120.56 23.70 42.56
CA TYR Q 1125 121.40 24.81 42.11
C TYR Q 1125 120.57 25.87 41.39
N LYS Q 1126 119.55 25.45 40.65
CA LYS Q 1126 118.65 26.41 40.00
C LYS Q 1126 117.83 27.17 41.02
N LEU Q 1127 117.41 26.51 42.10
CA LEU Q 1127 116.69 27.20 43.16
C LEU Q 1127 117.59 28.19 43.91
N THR Q 1128 118.84 27.80 44.14
CA THR Q 1128 119.79 28.71 44.78
C THR Q 1128 120.11 29.91 43.89
N LYS Q 1129 120.19 29.68 42.57
CA LYS Q 1129 120.41 30.78 41.63
C LYS Q 1129 119.21 31.70 41.55
N ALA Q 1130 118.00 31.14 41.63
CA ALA Q 1130 116.80 31.96 41.63
C ALA Q 1130 116.69 32.77 42.91
N SER Q 1131 117.12 32.21 44.05
CA SER Q 1131 117.13 32.95 45.30
C SER Q 1131 118.18 34.06 45.28
N VAL Q 1132 119.33 33.80 44.66
CA VAL Q 1132 120.36 34.83 44.56
C VAL Q 1132 119.94 35.93 43.58
N HIS Q 1133 119.18 35.58 42.54
CA HIS Q 1133 118.69 36.58 41.61
C HIS Q 1133 117.56 37.41 42.21
N CYS Q 1134 116.72 36.79 43.05
CA CYS Q 1134 115.70 37.54 43.75
C CYS Q 1134 116.28 38.39 44.86
N LEU Q 1135 117.44 38.00 45.40
CA LEU Q 1135 118.10 38.79 46.42
C LEU Q 1135 118.75 40.05 45.85
N GLU Q 1136 119.06 40.06 44.56
CA GLU Q 1136 119.68 41.23 43.93
C GLU Q 1136 118.67 42.36 43.73
N TYR Q 1140 117.22 42.12 37.45
CA TYR Q 1140 117.30 40.90 38.25
C TYR Q 1140 115.92 40.39 38.60
N THR Q 1141 114.91 41.24 38.43
CA THR Q 1141 113.55 40.87 38.78
C THR Q 1141 112.81 40.24 37.60
N HIS Q 1142 112.87 40.89 36.43
CA HIS Q 1142 112.14 40.40 35.26
C HIS Q 1142 112.75 39.11 34.72
N ILE Q 1143 114.07 38.96 34.81
CA ILE Q 1143 114.72 37.71 34.40
C ILE Q 1143 114.32 36.58 35.34
N ARG Q 1144 114.22 36.87 36.64
CA ARG Q 1144 113.75 35.88 37.60
C ARG Q 1144 112.30 35.51 37.36
N ASN Q 1145 111.48 36.47 36.93
CA ASN Q 1145 110.08 36.18 36.65
C ASN Q 1145 109.92 35.33 35.38
N ILE Q 1146 110.74 35.62 34.36
CA ILE Q 1146 110.70 34.81 33.14
C ILE Q 1146 111.21 33.40 33.42
N LEU Q 1147 112.24 33.29 34.28
CA LEU Q 1147 112.72 31.98 34.68
C LEU Q 1147 111.68 31.24 35.52
N ILE Q 1148 110.90 31.97 36.32
CA ILE Q 1148 109.83 31.34 37.10
C ILE Q 1148 108.72 30.84 36.18
N VAL Q 1149 108.43 31.59 35.11
CA VAL Q 1149 107.42 31.15 34.15
C VAL Q 1149 107.90 29.91 33.40
N LEU Q 1150 109.18 29.89 33.03
CA LEU Q 1150 109.73 28.71 32.36
C LEU Q 1150 109.81 27.51 33.28
N THR Q 1151 110.08 27.73 34.57
CA THR Q 1151 110.13 26.63 35.52
C THR Q 1151 108.74 26.13 35.88
N LYS Q 1152 107.74 27.00 35.81
CA LYS Q 1152 106.36 26.54 35.95
C LYS Q 1152 105.91 25.80 34.70
N ILE Q 1153 106.47 26.14 33.54
CA ILE Q 1153 106.16 25.42 32.32
C ILE Q 1153 106.75 24.02 32.35
N LEU Q 1154 108.07 23.93 32.49
CA LEU Q 1154 108.77 22.65 32.42
C LEU Q 1154 108.57 21.82 33.70
N PRO Q 1155 109.00 22.34 34.87
CA PRO Q 1155 108.88 21.61 36.13
C PRO Q 1155 107.63 22.01 36.91
N VAL Q 1160 110.23 17.67 46.36
CA VAL Q 1160 109.57 18.93 46.03
C VAL Q 1160 109.25 19.70 47.31
N LEU Q 1161 109.64 19.14 48.45
CA LEU Q 1161 109.40 19.80 49.73
C LEU Q 1161 110.33 21.00 49.92
N ASN Q 1162 111.62 20.81 49.64
CA ASN Q 1162 112.54 21.94 49.66
C ASN Q 1162 112.25 22.91 48.53
N LEU Q 1163 111.78 22.41 47.39
CA LEU Q 1163 111.34 23.28 46.30
C LEU Q 1163 110.09 24.06 46.71
N GLY Q 1164 109.19 23.43 47.47
CA GLY Q 1164 108.04 24.15 47.98
C GLY Q 1164 108.41 25.21 49.00
N GLN Q 1165 109.42 24.92 49.85
CA GLN Q 1165 109.90 25.92 50.80
C GLN Q 1165 110.58 27.08 50.10
N ALA Q 1166 111.31 26.79 49.02
CA ALA Q 1166 111.93 27.85 48.22
C ALA Q 1166 110.88 28.70 47.51
N LEU Q 1167 109.80 28.06 47.03
CA LEU Q 1167 108.71 28.80 46.40
C LEU Q 1167 107.97 29.65 47.42
N GLU Q 1168 107.83 29.17 48.65
CA GLU Q 1168 107.19 29.95 49.70
C GLU Q 1168 108.05 31.14 50.11
N ARG Q 1169 109.37 30.95 50.18
CA ARG Q 1169 110.26 32.05 50.49
C ARG Q 1169 110.29 33.08 49.36
N ARG Q 1170 110.21 32.62 48.12
CA ARG Q 1170 110.14 33.55 46.99
C ARG Q 1170 108.83 34.31 46.97
N VAL Q 1171 107.73 33.65 47.33
CA VAL Q 1171 106.44 34.32 47.39
C VAL Q 1171 106.40 35.32 48.54
N HIS Q 1172 107.07 35.01 49.65
CA HIS Q 1172 107.16 35.96 50.75
C HIS Q 1172 108.02 37.16 50.40
N LYS Q 1173 109.09 36.94 49.63
CA LYS Q 1173 109.91 38.05 49.17
C LYS Q 1173 109.19 38.88 48.12
N ILE Q 1174 108.32 38.25 47.31
CA ILE Q 1174 107.55 38.99 46.32
C ILE Q 1174 106.46 39.81 46.99
N CYS Q 1175 105.82 39.25 48.02
CA CYS Q 1175 104.83 39.99 48.78
C CYS Q 1175 105.47 41.08 49.64
N GLN Q 1176 106.75 40.92 50.00
CA GLN Q 1176 107.45 41.96 50.73
C GLN Q 1176 107.84 43.13 49.85
N GLU Q 1177 107.84 42.95 48.53
CA GLU Q 1177 108.17 44.02 47.61
C GLU Q 1177 106.98 44.93 47.36
N PRO Q 1183 102.68 46.59 40.65
CA PRO Q 1183 103.76 46.83 39.70
C PRO Q 1183 104.28 45.54 39.08
N ASP Q 1184 105.56 45.52 38.71
CA ASP Q 1184 106.17 44.32 38.17
C ASP Q 1184 106.34 43.25 39.24
N LEU Q 1185 106.55 43.68 40.49
CA LEU Q 1185 106.58 42.74 41.61
C LEU Q 1185 105.21 42.10 41.82
N TYR Q 1186 104.13 42.84 41.54
CA TYR Q 1186 102.79 42.27 41.63
C TYR Q 1186 102.55 41.23 40.55
N ALA Q 1187 103.05 41.47 39.33
CA ALA Q 1187 102.93 40.49 38.27
C ALA Q 1187 103.77 39.25 38.55
N LEU Q 1188 104.96 39.44 39.13
CA LEU Q 1188 105.79 38.32 39.52
C LEU Q 1188 105.15 37.52 40.65
N ALA Q 1189 104.50 38.19 41.59
CA ALA Q 1189 103.79 37.49 42.66
C ALA Q 1189 102.57 36.77 42.14
N MET Q 1190 101.89 37.33 41.12
CA MET Q 1190 100.77 36.64 40.51
C MET Q 1190 101.23 35.39 39.77
N GLY Q 1191 102.36 35.48 39.06
CA GLY Q 1191 102.92 34.30 38.42
C GLY Q 1191 103.38 33.25 39.43
N TYR Q 1192 103.92 33.69 40.56
CA TYR Q 1192 104.34 32.76 41.61
C TYR Q 1192 103.14 32.09 42.25
N SER Q 1193 102.03 32.82 42.41
CA SER Q 1193 100.81 32.23 42.96
C SER Q 1193 100.20 31.23 41.97
N GLY Q 1194 100.24 31.56 40.68
CA GLY Q 1194 99.76 30.62 39.68
C GLY Q 1194 100.63 29.38 39.56
N GLN Q 1195 101.92 29.52 39.84
CA GLN Q 1195 102.80 28.35 39.87
C GLN Q 1195 102.57 27.52 41.12
N LEU Q 1196 102.36 28.18 42.27
CA LEU Q 1196 102.10 27.47 43.51
C LEU Q 1196 100.74 26.80 43.53
N LYS Q 1197 99.80 27.28 42.70
CA LYS Q 1197 98.50 26.61 42.58
C LYS Q 1197 98.64 25.26 41.88
N SER Q 1198 99.64 25.11 41.03
CA SER Q 1198 99.88 23.83 40.36
C SER Q 1198 100.51 22.83 41.33
N SER R 70 78.06 95.48 -10.08
CA SER R 70 77.37 95.96 -11.26
C SER R 70 76.18 95.07 -11.60
N VAL R 71 76.49 93.84 -12.06
CA VAL R 71 75.43 92.90 -12.38
C VAL R 71 74.79 92.32 -11.13
N SER R 72 75.49 92.37 -9.99
CA SER R 72 74.96 91.82 -8.75
C SER R 72 73.80 92.66 -8.22
N SER R 73 73.94 93.99 -8.25
CA SER R 73 72.89 94.86 -7.74
C SER R 73 71.66 94.83 -8.64
N GLY R 74 71.86 94.82 -9.96
CA GLY R 74 70.74 94.75 -10.88
C GLY R 74 70.07 93.37 -10.81
N PRO R 75 70.85 92.32 -10.58
CA PRO R 75 70.30 90.98 -10.41
C PRO R 75 69.47 90.88 -9.14
N SER R 76 69.95 91.51 -8.06
CA SER R 76 69.19 91.50 -6.81
C SER R 76 67.91 92.33 -6.92
N ARG R 77 67.97 93.44 -7.66
CA ARG R 77 66.79 94.27 -7.87
C ARG R 77 65.74 93.54 -8.71
N TYR R 78 66.18 92.88 -9.79
CA TYR R 78 65.25 92.10 -10.60
C TYR R 78 64.74 90.89 -9.84
N VAL R 79 65.55 90.34 -8.94
CA VAL R 79 65.13 89.23 -8.10
C VAL R 79 64.02 89.65 -7.14
N LEU R 80 64.19 90.81 -6.49
CA LEU R 80 63.16 91.33 -5.59
C LEU R 80 61.89 91.69 -6.34
N GLY R 81 62.04 92.25 -7.55
CA GLY R 81 60.87 92.64 -8.33
C GLY R 81 60.08 91.43 -8.82
N MET R 82 60.77 90.41 -9.33
CA MET R 82 60.08 89.22 -9.83
C MET R 82 59.58 88.35 -8.69
N GLN R 83 60.21 88.42 -7.52
CA GLN R 83 59.71 87.70 -6.36
C GLN R 83 58.48 88.38 -5.79
N GLU R 84 58.41 89.71 -5.88
CA GLU R 84 57.17 90.40 -5.55
C GLU R 84 56.10 90.13 -6.58
N LEU R 85 56.50 89.89 -7.84
CA LEU R 85 55.54 89.48 -8.86
C LEU R 85 55.08 88.05 -8.63
N PHE R 86 55.94 87.21 -8.08
CA PHE R 86 55.59 85.82 -7.80
C PHE R 86 54.70 85.71 -6.56
N THR R 92 54.43 80.08 -9.25
CA THR R 92 53.31 79.30 -8.73
C THR R 92 53.79 78.01 -8.08
N ARG R 93 52.86 77.11 -7.82
CA ARG R 93 53.16 75.86 -7.10
C ARG R 93 52.12 74.84 -7.51
N GLU R 94 52.51 73.91 -8.40
CA GLU R 94 51.67 72.78 -8.75
C GLU R 94 51.96 71.63 -7.79
N PHE R 95 51.38 71.75 -6.60
CA PHE R 95 51.61 70.78 -5.54
C PHE R 95 50.93 69.46 -5.86
N LEU R 96 51.75 68.41 -6.02
CA LEU R 96 51.32 67.04 -6.34
C LEU R 96 50.49 67.02 -7.64
N ALA R 97 51.10 67.48 -8.73
CA ALA R 97 50.44 67.40 -10.02
C ALA R 97 50.35 65.96 -10.50
N HIS R 98 51.45 65.23 -10.39
CA HIS R 98 51.44 63.78 -10.52
C HIS R 98 51.10 63.16 -9.18
N SER R 99 50.80 61.86 -9.21
CA SER R 99 50.43 61.16 -7.98
C SER R 99 51.65 60.73 -7.19
N ALA R 100 52.84 60.79 -7.78
CA ALA R 100 54.03 60.23 -7.14
C ALA R 100 55.24 61.14 -7.26
N LYS R 101 56.41 60.59 -6.95
CA LYS R 101 57.67 61.33 -6.96
C LYS R 101 58.04 61.76 -8.37
N VAL R 102 58.11 63.08 -8.57
CA VAL R 102 58.48 63.64 -9.87
C VAL R 102 59.99 63.56 -10.02
N HIS R 103 60.44 62.90 -11.09
CA HIS R 103 61.87 62.63 -11.24
C HIS R 103 62.61 63.77 -11.95
N SER R 104 61.99 64.40 -12.94
CA SER R 104 62.69 65.42 -13.71
C SER R 104 61.68 66.37 -14.33
N VAL R 105 62.15 67.56 -14.68
CA VAL R 105 61.38 68.52 -15.48
C VAL R 105 62.33 69.12 -16.50
N ALA R 106 61.82 69.40 -17.70
CA ALA R 106 62.58 70.01 -18.77
C ALA R 106 61.75 71.12 -19.39
N TRP R 107 62.41 72.15 -19.90
CA TRP R 107 61.71 73.34 -20.37
C TRP R 107 62.54 74.02 -21.45
N SER R 108 62.02 73.96 -22.67
CA SER R 108 62.61 74.48 -23.89
C SER R 108 61.45 75.11 -24.66
N CYS R 109 61.60 75.24 -25.99
CA CYS R 109 60.60 75.87 -26.87
C CYS R 109 60.42 77.33 -26.49
N ASP R 110 61.30 78.20 -27.05
CA ASP R 110 61.69 79.54 -26.58
C ASP R 110 60.55 80.42 -26.02
N GLY R 111 59.29 80.11 -26.34
CA GLY R 111 58.17 80.65 -25.60
C GLY R 111 58.04 79.92 -24.28
N ARG R 112 56.84 79.41 -23.98
CA ARG R 112 56.63 78.71 -22.70
C ARG R 112 55.83 77.42 -22.91
N ARG R 113 56.53 76.29 -22.91
CA ARG R 113 55.93 74.96 -22.93
C ARG R 113 56.75 74.03 -22.04
N LEU R 114 56.14 73.56 -20.95
CA LEU R 114 56.85 72.71 -19.98
C LEU R 114 56.34 71.29 -20.08
N ALA R 115 57.13 70.35 -19.55
CA ALA R 115 56.69 68.98 -19.36
C ALA R 115 57.49 68.33 -18.24
N SER R 116 56.88 67.37 -17.56
CA SER R 116 57.48 66.73 -16.40
C SER R 116 57.11 65.26 -16.35
N GLY R 117 58.01 64.46 -15.78
CA GLY R 117 57.79 63.03 -15.65
C GLY R 117 58.01 62.59 -14.21
N SER R 118 57.34 61.49 -13.83
CA SER R 118 57.27 61.11 -12.44
C SER R 118 57.35 59.60 -12.27
N PHE R 119 57.20 59.17 -11.02
CA PHE R 119 57.28 57.75 -10.68
C PHE R 119 56.03 56.99 -11.07
N ASP R 120 54.90 57.70 -11.25
CA ASP R 120 53.60 57.07 -11.46
C ASP R 120 53.30 56.81 -12.93
N LYS R 121 54.34 56.59 -13.76
CA LYS R 121 54.31 56.34 -15.21
C LYS R 121 53.44 57.32 -15.99
N THR R 122 53.34 58.56 -15.53
CA THR R 122 52.62 59.62 -16.20
C THR R 122 53.58 60.68 -16.71
N ALA R 123 53.19 61.35 -17.79
CA ALA R 123 53.88 62.53 -18.28
C ALA R 123 52.89 63.69 -18.32
N SER R 124 53.36 64.88 -18.00
CA SER R 124 52.46 66.02 -17.97
C SER R 124 53.04 67.18 -18.76
N VAL R 125 52.21 67.79 -19.61
CA VAL R 125 52.63 68.89 -20.47
C VAL R 125 51.81 70.12 -20.08
N PHE R 126 52.51 71.20 -19.74
CA PHE R 126 51.92 72.44 -19.28
C PHE R 126 52.19 73.57 -20.25
N LEU R 127 51.28 74.54 -20.26
CA LEU R 127 51.45 75.81 -20.94
C LEU R 127 51.58 76.90 -19.89
N LEU R 128 52.42 77.89 -20.17
CA LEU R 128 52.56 79.04 -19.28
C LEU R 128 52.19 80.31 -20.04
N GLU R 129 51.00 80.82 -19.75
CA GLU R 129 50.52 82.13 -20.17
C GLU R 129 50.95 83.14 -19.13
N LYS R 130 50.18 84.24 -19.05
CA LYS R 130 50.14 85.18 -17.90
C LYS R 130 50.25 84.34 -16.62
N ASP R 131 51.15 84.70 -15.70
CA ASP R 131 51.95 83.73 -14.94
C ASP R 131 51.13 82.94 -13.91
N ARG R 132 50.22 82.10 -14.41
CA ARG R 132 49.58 81.05 -13.64
C ARG R 132 49.53 79.82 -14.53
N LEU R 133 50.02 78.69 -14.01
CA LEU R 133 50.20 77.49 -14.82
C LEU R 133 48.86 76.85 -15.17
N VAL R 134 48.72 76.47 -16.43
CA VAL R 134 47.56 75.73 -16.92
C VAL R 134 48.05 74.38 -17.45
N LYS R 135 47.14 73.44 -17.58
CA LYS R 135 47.46 72.08 -17.99
C LYS R 135 47.04 71.86 -19.45
N GLU R 136 47.95 71.32 -20.25
CA GLU R 136 47.63 70.94 -21.61
C GLU R 136 47.37 69.44 -21.74
N ASN R 137 48.33 68.61 -21.33
CA ASN R 137 48.29 67.19 -21.64
C ASN R 137 48.73 66.35 -20.45
N ASN R 138 48.22 65.12 -20.43
CA ASN R 138 48.63 64.11 -19.45
C ASN R 138 48.70 62.78 -20.20
N TYR R 139 49.93 62.34 -20.49
CA TYR R 139 50.16 61.16 -21.31
C TYR R 139 50.40 59.93 -20.45
N ARG R 140 49.74 58.84 -20.83
CA ARG R 140 49.93 57.50 -20.29
C ARG R 140 50.57 56.62 -21.35
N GLY R 141 50.70 55.33 -21.04
CA GLY R 141 51.22 54.34 -21.97
C GLY R 141 52.52 53.70 -21.51
N HIS R 142 53.12 54.26 -20.47
CA HIS R 142 54.37 53.70 -19.94
C HIS R 142 54.09 52.42 -19.16
N GLY R 143 55.16 51.67 -18.91
CA GLY R 143 55.09 50.51 -18.05
C GLY R 143 55.87 50.61 -16.77
N ASP R 144 56.64 51.68 -16.60
CA ASP R 144 57.47 51.86 -15.43
C ASP R 144 57.65 53.37 -15.22
N SER R 145 58.42 53.74 -14.19
CA SER R 145 58.58 55.14 -13.81
C SER R 145 59.37 55.90 -14.86
N VAL R 146 59.02 57.17 -15.02
CA VAL R 146 59.72 58.06 -15.96
C VAL R 146 61.03 58.49 -15.31
N ASP R 147 62.14 58.20 -15.97
CA ASP R 147 63.46 58.47 -15.39
C ASP R 147 64.06 59.77 -15.89
N GLN R 148 63.83 60.12 -17.15
CA GLN R 148 64.43 61.31 -17.72
C GLN R 148 63.50 61.86 -18.79
N LEU R 149 63.33 63.19 -18.76
CA LEU R 149 62.49 63.88 -19.73
C LEU R 149 63.27 65.03 -20.33
N CYS R 150 63.05 65.29 -21.62
CA CYS R 150 63.80 66.31 -22.35
C CYS R 150 63.04 66.76 -23.58
N TRP R 151 62.84 68.07 -23.68
CA TRP R 151 62.27 68.72 -24.86
C TRP R 151 63.31 68.85 -25.95
N HIS R 152 62.85 68.78 -27.20
CA HIS R 152 63.77 68.86 -28.31
C HIS R 152 64.20 70.31 -28.54
N PRO R 153 65.49 70.58 -28.74
CA PRO R 153 65.96 71.96 -28.85
C PRO R 153 65.76 72.60 -30.23
N SER R 154 65.93 71.86 -31.31
CA SER R 154 66.05 72.45 -32.64
C SER R 154 64.79 72.28 -33.49
N ASN R 155 64.25 71.06 -33.54
CA ASN R 155 63.04 70.77 -34.28
C ASN R 155 61.84 71.45 -33.60
N PRO R 156 60.70 71.54 -34.31
CA PRO R 156 59.45 71.92 -33.63
C PRO R 156 59.05 70.92 -32.55
N ASP R 157 58.06 71.33 -31.76
CA ASP R 157 57.87 70.87 -30.39
C ASP R 157 57.59 69.38 -30.27
N LEU R 158 58.59 68.65 -29.79
CA LEU R 158 58.54 67.21 -29.59
C LEU R 158 59.39 66.89 -28.38
N PHE R 159 59.20 65.70 -27.83
CA PHE R 159 60.01 65.29 -26.69
C PHE R 159 60.15 63.77 -26.67
N VAL R 160 61.08 63.31 -25.85
CA VAL R 160 61.40 61.89 -25.71
C VAL R 160 61.39 61.57 -24.22
N THR R 161 60.68 60.50 -23.86
CA THR R 161 60.60 60.03 -22.48
C THR R 161 61.35 58.72 -22.31
N ALA R 162 62.07 58.64 -21.19
CA ALA R 162 62.82 57.45 -20.80
C ALA R 162 62.13 56.79 -19.63
N SER R 163 62.08 55.47 -19.64
CA SER R 163 61.43 54.72 -18.58
C SER R 163 62.11 53.37 -18.41
N GLY R 164 61.92 52.79 -17.22
CA GLY R 164 62.48 51.50 -16.88
C GLY R 164 61.73 50.29 -17.39
N ASP R 165 60.76 50.48 -18.28
CA ASP R 165 59.99 49.39 -18.85
C ASP R 165 60.60 48.82 -20.13
N LYS R 166 61.92 48.90 -20.24
CA LYS R 166 62.78 48.45 -21.34
C LYS R 166 62.59 49.24 -22.64
N THR R 167 61.74 50.26 -22.65
CA THR R 167 61.41 50.99 -23.87
C THR R 167 61.67 52.48 -23.69
N ILE R 168 61.93 53.15 -24.81
CA ILE R 168 62.01 54.59 -24.88
C ILE R 168 60.88 55.07 -25.79
N ARG R 169 60.32 56.24 -25.48
CA ARG R 169 59.12 56.70 -26.20
C ARG R 169 59.32 58.10 -26.71
N ILE R 170 59.38 58.25 -28.03
CA ILE R 170 59.40 59.54 -28.69
C ILE R 170 57.95 59.94 -28.96
N TRP R 171 57.55 61.11 -28.45
CA TRP R 171 56.16 61.51 -28.41
C TRP R 171 55.88 62.65 -29.38
N ASP R 172 54.60 62.79 -29.75
CA ASP R 172 54.15 63.93 -30.53
C ASP R 172 53.36 64.85 -29.62
N VAL R 173 53.66 66.15 -29.69
CA VAL R 173 52.90 67.14 -28.94
C VAL R 173 51.63 67.52 -29.70
N ARG R 174 51.73 67.61 -31.04
CA ARG R 174 50.64 68.15 -31.83
C ARG R 174 49.47 67.16 -31.94
N THR R 175 49.77 65.90 -32.25
CA THR R 175 48.72 64.91 -32.41
C THR R 175 48.45 64.10 -31.15
N THR R 176 49.23 64.33 -30.08
CA THR R 176 49.11 63.69 -28.77
C THR R 176 49.16 62.16 -28.86
N LYS R 177 50.21 61.68 -29.51
CA LYS R 177 50.44 60.25 -29.65
C LYS R 177 51.93 59.97 -29.55
N CYS R 178 52.25 58.69 -29.38
CA CYS R 178 53.64 58.25 -29.36
C CYS R 178 54.11 58.08 -30.80
N ILE R 179 55.15 58.82 -31.18
CA ILE R 179 55.71 58.67 -32.52
C ILE R 179 56.44 57.34 -32.63
N ALA R 180 57.29 57.03 -31.66
CA ALA R 180 58.04 55.78 -31.76
C ALA R 180 58.28 55.22 -30.37
N THR R 181 57.86 53.98 -30.17
CA THR R 181 58.15 53.23 -28.95
C THR R 181 59.22 52.20 -29.31
N VAL R 182 60.46 52.49 -28.91
CA VAL R 182 61.60 51.69 -29.31
C VAL R 182 62.07 50.87 -28.13
N ASN R 183 62.01 49.54 -28.29
CA ASN R 183 62.53 48.64 -27.28
C ASN R 183 64.06 48.62 -27.37
N THR R 184 64.73 49.30 -26.45
CA THR R 184 66.17 49.27 -26.42
C THR R 184 66.74 48.21 -25.48
N LYS R 185 66.51 48.39 -24.17
CA LYS R 185 66.87 47.53 -23.03
C LYS R 185 66.27 48.19 -21.79
N GLY R 186 66.30 47.50 -20.66
CA GLY R 186 65.93 48.09 -19.38
C GLY R 186 66.95 49.06 -18.83
N GLU R 187 68.03 49.29 -19.56
CA GLU R 187 69.11 50.20 -19.19
C GLU R 187 68.75 51.67 -19.37
N ASN R 188 67.50 52.00 -19.71
CA ASN R 188 67.11 53.34 -20.06
C ASN R 188 67.11 54.23 -18.82
N ILE R 189 68.11 55.10 -18.69
CA ILE R 189 68.26 55.94 -17.50
C ILE R 189 68.22 57.42 -17.85
N ASN R 190 69.19 57.89 -18.62
CA ASN R 190 69.32 59.33 -18.92
C ASN R 190 69.54 59.55 -20.41
N ILE R 191 68.74 60.45 -20.99
CA ILE R 191 68.68 60.65 -22.43
C ILE R 191 68.95 62.10 -22.77
N CYS R 192 69.54 62.32 -23.95
CA CYS R 192 69.93 63.65 -24.38
C CYS R 192 70.10 63.66 -25.89
N TRP R 193 70.18 64.87 -26.46
CA TRP R 193 70.42 65.06 -27.88
C TRP R 193 71.78 65.67 -28.16
N SER R 194 72.33 65.31 -29.32
CA SER R 194 73.31 66.16 -29.97
C SER R 194 72.63 67.48 -30.35
N PRO R 195 73.38 68.60 -30.35
CA PRO R 195 72.74 69.91 -30.57
C PRO R 195 72.20 70.13 -31.97
N ASP R 196 72.52 69.26 -32.93
CA ASP R 196 71.84 69.30 -34.22
C ASP R 196 70.43 68.73 -34.12
N GLY R 197 70.14 67.98 -33.06
CA GLY R 197 68.87 67.33 -32.90
C GLY R 197 68.70 66.05 -33.69
N GLN R 198 69.78 65.53 -34.28
CA GLN R 198 69.68 64.39 -35.16
C GLN R 198 69.66 63.07 -34.39
N THR R 199 70.48 62.95 -33.36
CA THR R 199 70.64 61.69 -32.64
C THR R 199 70.30 61.87 -31.17
N ILE R 200 70.06 60.75 -30.50
CA ILE R 200 69.73 60.68 -29.09
C ILE R 200 70.71 59.72 -28.43
N ALA R 201 71.39 60.19 -27.39
CA ALA R 201 72.26 59.35 -26.58
C ALA R 201 71.53 58.94 -25.31
N VAL R 202 71.69 57.68 -24.93
CA VAL R 202 71.11 57.15 -23.70
C VAL R 202 72.17 56.37 -22.93
N GLY R 203 72.32 56.70 -21.64
CA GLY R 203 73.24 56.00 -20.76
C GLY R 203 72.52 55.11 -19.77
N ASN R 204 73.30 54.47 -18.91
CA ASN R 204 72.75 53.40 -18.07
C ASN R 204 73.52 53.30 -16.76
N LYS R 205 73.36 52.14 -16.11
CA LYS R 205 74.18 51.73 -14.98
C LYS R 205 75.31 50.80 -15.42
N ASP R 206 75.18 50.15 -16.57
CA ASP R 206 76.13 49.14 -17.02
C ASP R 206 77.03 49.64 -18.15
N ASP R 207 77.26 50.95 -18.19
CA ASP R 207 78.30 51.63 -18.97
C ASP R 207 78.05 51.60 -20.48
N VAL R 208 76.98 50.96 -20.94
CA VAL R 208 76.66 50.86 -22.36
C VAL R 208 75.84 52.06 -22.76
N VAL R 209 76.43 52.93 -23.57
CA VAL R 209 75.80 54.14 -24.05
C VAL R 209 75.36 53.90 -25.48
N THR R 210 74.08 54.13 -25.77
CA THR R 210 73.50 53.82 -27.06
C THR R 210 73.12 55.10 -27.79
N PHE R 211 73.56 55.20 -29.05
CA PHE R 211 73.26 56.33 -29.92
C PHE R 211 72.21 55.87 -30.92
N ILE R 212 71.04 56.49 -30.89
CA ILE R 212 69.91 56.13 -31.74
C ILE R 212 69.50 57.37 -32.51
N ASP R 213 69.35 57.24 -33.83
CA ASP R 213 68.96 58.38 -34.64
C ASP R 213 67.51 58.76 -34.35
N ALA R 214 67.27 60.05 -34.12
CA ALA R 214 65.92 60.50 -33.77
C ALA R 214 65.01 60.51 -34.99
N LYS R 215 65.57 60.60 -36.19
CA LYS R 215 64.74 60.67 -37.39
C LYS R 215 64.59 59.30 -38.03
N THR R 216 65.66 58.50 -38.05
CA THR R 216 65.60 57.14 -38.59
C THR R 216 64.83 56.22 -37.67
N HIS R 217 64.81 56.55 -36.37
CA HIS R 217 64.23 55.74 -35.29
C HIS R 217 64.88 54.36 -35.23
N ARG R 218 66.18 54.31 -35.48
CA ARG R 218 66.93 53.07 -35.52
C ARG R 218 68.21 53.24 -34.71
N SER R 219 68.58 52.20 -33.97
CA SER R 219 69.80 52.24 -33.17
C SER R 219 71.02 52.27 -34.08
N LYS R 220 71.97 53.16 -33.75
CA LYS R 220 73.14 53.37 -34.59
C LYS R 220 74.43 52.92 -33.95
N ALA R 221 74.64 53.21 -32.66
CA ALA R 221 75.94 52.92 -32.05
C ALA R 221 75.74 52.41 -30.63
N GLU R 222 76.68 51.58 -30.18
CA GLU R 222 76.72 51.10 -28.81
C GLU R 222 78.16 51.14 -28.32
N GLU R 223 78.39 51.90 -27.25
CA GLU R 223 79.71 52.06 -26.66
C GLU R 223 79.69 51.53 -25.22
N GLN R 224 80.87 51.25 -24.68
CA GLN R 224 80.96 50.79 -23.31
C GLN R 224 82.18 51.43 -22.65
N PHE R 225 81.94 52.16 -21.55
CA PHE R 225 83.02 52.82 -20.83
C PHE R 225 83.72 51.90 -19.83
N LYS R 226 83.03 50.87 -19.36
CA LYS R 226 83.51 49.74 -18.56
C LYS R 226 83.90 50.10 -17.12
N PHE R 227 83.75 51.35 -16.69
CA PHE R 227 84.03 51.69 -15.29
C PHE R 227 82.80 52.18 -14.53
N GLU R 228 82.19 53.28 -14.96
CA GLU R 228 81.05 53.92 -14.30
C GLU R 228 80.56 55.06 -15.18
N VAL R 229 79.25 55.29 -15.18
CA VAL R 229 78.67 56.44 -15.87
C VAL R 229 77.49 56.95 -15.06
N ASN R 230 77.39 58.27 -14.97
CA ASN R 230 76.30 58.93 -14.25
C ASN R 230 75.54 59.93 -15.10
N GLU R 231 76.23 60.66 -15.97
CA GLU R 231 75.58 61.68 -16.79
C GLU R 231 76.43 61.92 -18.03
N ILE R 232 75.77 61.99 -19.19
CA ILE R 232 76.43 62.20 -20.46
C ILE R 232 75.87 63.49 -21.09
N SER R 233 76.69 64.10 -21.95
CA SER R 233 76.27 65.35 -22.57
C SER R 233 77.00 65.54 -23.90
N TRP R 234 76.56 66.57 -24.62
CA TRP R 234 77.02 66.84 -25.98
C TRP R 234 77.53 68.27 -26.08
N ASN R 235 78.74 68.42 -26.63
CA ASN R 235 79.28 69.74 -26.90
C ASN R 235 78.51 70.39 -28.06
N ASN R 236 78.47 71.74 -28.05
CA ASN R 236 77.65 72.50 -28.97
C ASN R 236 78.10 72.39 -30.42
N ASP R 237 79.34 71.99 -30.68
CA ASP R 237 79.82 71.82 -32.04
C ASP R 237 79.38 70.50 -32.66
N ASN R 238 78.72 69.63 -31.88
CA ASN R 238 78.34 68.26 -32.25
C ASN R 238 79.57 67.47 -32.68
N ASN R 239 80.67 67.65 -31.95
CA ASN R 239 81.91 66.94 -32.22
C ASN R 239 82.46 66.25 -30.98
N MET R 240 82.31 66.85 -29.82
CA MET R 240 82.77 66.25 -28.57
C MET R 240 81.60 65.72 -27.78
N PHE R 241 81.83 64.61 -27.10
CA PHE R 241 80.82 63.93 -26.29
C PHE R 241 81.41 63.69 -24.92
N PHE R 242 80.76 64.20 -23.88
CA PHE R 242 81.33 64.21 -22.55
C PHE R 242 80.60 63.21 -21.66
N LEU R 243 81.34 62.56 -20.77
CA LEU R 243 80.73 61.67 -19.79
C LEU R 243 81.54 61.72 -18.52
N THR R 244 80.99 61.11 -17.47
CA THR R 244 81.62 61.08 -16.15
C THR R 244 81.71 59.65 -15.63
N ASN R 245 82.30 59.51 -14.43
CA ASN R 245 82.42 58.21 -13.81
C ASN R 245 82.41 58.27 -12.29
N GLY R 246 82.85 57.19 -11.65
CA GLY R 246 82.91 57.04 -10.21
C GLY R 246 84.23 57.44 -9.58
N ASN R 247 85.19 57.87 -10.39
CA ASN R 247 86.49 58.33 -9.89
C ASN R 247 86.59 59.84 -9.95
N GLY R 248 85.51 60.53 -10.32
CA GLY R 248 85.56 61.96 -10.52
C GLY R 248 86.19 62.39 -11.82
N CYS R 249 86.55 61.46 -12.68
CA CYS R 249 87.11 61.78 -13.97
C CYS R 249 86.00 62.20 -14.93
N ILE R 250 86.38 62.94 -15.96
CA ILE R 250 85.50 63.26 -17.08
C ILE R 250 86.17 62.76 -18.35
N ASN R 251 85.42 62.02 -19.15
CA ASN R 251 85.90 61.47 -20.41
C ASN R 251 85.34 62.29 -21.57
N ILE R 252 86.17 62.50 -22.57
CA ILE R 252 85.88 63.31 -23.74
C ILE R 252 86.12 62.43 -24.95
N LEU R 253 85.09 62.29 -25.79
CA LEU R 253 85.15 61.45 -26.97
C LEU R 253 84.86 62.27 -28.22
N SER R 254 85.41 61.83 -29.35
CA SER R 254 85.08 62.42 -30.63
C SER R 254 83.92 61.63 -31.24
N TYR R 255 82.81 62.32 -31.50
CA TYR R 255 81.61 61.62 -31.93
C TYR R 255 81.68 61.00 -33.33
N PRO R 256 82.19 61.67 -34.38
CA PRO R 256 82.36 60.94 -35.65
C PRO R 256 83.48 59.91 -35.63
N GLU R 257 84.36 59.95 -34.63
CA GLU R 257 85.40 58.93 -34.50
C GLU R 257 85.01 57.81 -33.56
N LEU R 258 84.13 58.10 -32.59
CA LEU R 258 83.69 57.17 -31.55
C LEU R 258 84.86 56.62 -30.74
N LYS R 259 85.86 57.47 -30.51
CA LYS R 259 87.06 57.09 -29.80
C LYS R 259 87.23 57.92 -28.54
N PRO R 260 87.70 57.32 -27.44
CA PRO R 260 88.01 58.11 -26.24
C PRO R 260 89.22 58.99 -26.45
N VAL R 261 89.02 60.29 -26.44
CA VAL R 261 90.06 61.25 -26.76
C VAL R 261 90.84 61.65 -25.52
N GLN R 262 90.16 62.06 -24.45
CA GLN R 262 90.87 62.61 -23.31
C GLN R 262 90.13 62.28 -22.01
N SER R 263 90.87 62.16 -20.93
CA SER R 263 90.29 61.87 -19.62
C SER R 263 90.96 62.73 -18.56
N ILE R 264 90.16 63.47 -17.80
CA ILE R 264 90.64 64.40 -16.78
C ILE R 264 90.26 63.85 -15.42
N ASN R 265 91.23 63.78 -14.50
CA ASN R 265 91.09 63.06 -13.24
C ASN R 265 90.54 63.93 -12.12
N ALA R 266 89.76 64.97 -12.46
CA ALA R 266 89.55 66.17 -11.65
C ALA R 266 89.05 65.97 -10.21
N HIS R 267 87.85 65.48 -10.06
CA HIS R 267 87.30 65.50 -8.72
C HIS R 267 87.69 64.25 -7.94
N PRO R 268 87.85 64.35 -6.61
CA PRO R 268 88.11 63.13 -5.83
C PRO R 268 86.91 62.23 -5.72
N SER R 269 85.73 62.77 -5.45
CA SER R 269 84.50 62.00 -5.46
C SER R 269 83.86 62.07 -6.85
N ASN R 270 82.87 61.22 -7.07
CA ASN R 270 82.25 61.11 -8.39
C ASN R 270 81.41 62.34 -8.73
N CYS R 271 81.32 62.62 -10.03
CA CYS R 271 80.53 63.73 -10.52
C CYS R 271 79.13 63.24 -10.89
N ILE R 272 78.12 63.98 -10.46
CA ILE R 272 76.74 63.56 -10.62
C ILE R 272 76.14 64.17 -11.88
N CYS R 273 76.13 65.50 -11.96
CA CYS R 273 75.42 66.19 -13.04
C CYS R 273 76.34 67.17 -13.74
N ILE R 274 76.22 67.22 -15.07
CA ILE R 274 76.93 68.19 -15.91
C ILE R 274 75.91 68.82 -16.85
N LYS R 275 76.21 70.04 -17.30
CA LYS R 275 75.31 70.76 -18.19
C LYS R 275 76.07 71.90 -18.87
N PHE R 276 75.77 72.12 -20.16
CA PHE R 276 76.32 73.24 -20.90
C PHE R 276 75.44 74.49 -20.77
N ASP R 277 75.93 75.57 -21.35
CA ASP R 277 75.29 76.88 -21.44
C ASP R 277 74.82 77.16 -22.86
N PRO R 278 73.81 78.02 -23.01
CA PRO R 278 73.45 78.48 -24.37
C PRO R 278 74.51 79.35 -25.02
N MET R 279 75.42 79.92 -24.27
CA MET R 279 76.48 80.76 -24.82
C MET R 279 77.68 79.96 -25.28
N GLY R 280 77.87 78.74 -24.79
CA GLY R 280 78.99 77.94 -25.21
C GLY R 280 80.32 78.33 -24.61
N LYS R 281 80.32 79.20 -23.61
CA LYS R 281 81.55 79.71 -23.03
C LYS R 281 82.07 78.89 -21.87
N TYR R 282 81.19 78.36 -21.02
CA TYR R 282 81.60 77.69 -19.79
C TYR R 282 80.86 76.36 -19.67
N PHE R 283 81.27 75.57 -18.69
CA PHE R 283 80.75 74.21 -18.52
C PHE R 283 81.01 73.77 -17.09
N ALA R 284 79.96 73.47 -16.34
CA ALA R 284 80.11 73.14 -14.92
C ALA R 284 79.90 71.65 -14.69
N THR R 285 80.73 71.10 -13.81
CA THR R 285 80.59 69.72 -13.36
C THR R 285 80.35 69.74 -11.85
N GLY R 286 79.26 69.11 -11.41
CA GLY R 286 78.96 69.07 -10.00
C GLY R 286 79.28 67.72 -9.38
N SER R 287 80.23 67.69 -8.46
CA SER R 287 80.71 66.45 -7.85
C SER R 287 79.94 66.19 -6.56
N ALA R 288 80.28 65.07 -5.92
CA ALA R 288 79.69 64.72 -4.65
C ALA R 288 80.41 65.34 -3.46
N ASP R 289 81.46 66.11 -3.70
CA ASP R 289 82.18 66.81 -2.65
C ASP R 289 81.65 68.23 -2.44
N ALA R 290 80.38 68.46 -2.82
CA ALA R 290 79.68 69.75 -2.71
C ALA R 290 80.42 70.88 -3.43
N LEU R 291 81.08 70.55 -4.55
CA LEU R 291 81.86 71.52 -5.30
C LEU R 291 81.42 71.51 -6.76
N VAL R 292 80.87 72.63 -7.21
CA VAL R 292 80.48 72.82 -8.61
C VAL R 292 81.68 73.50 -9.28
N SER R 293 82.41 72.74 -10.09
CA SER R 293 83.59 73.25 -10.76
C SER R 293 83.20 73.77 -12.15
N LEU R 294 83.33 75.07 -12.34
CA LEU R 294 83.03 75.71 -13.61
C LEU R 294 84.31 75.81 -14.43
N TRP R 295 84.27 75.28 -15.66
CA TRP R 295 85.42 75.18 -16.53
C TRP R 295 85.16 75.95 -17.80
N ASP R 296 86.23 76.16 -18.57
CA ASP R 296 86.14 76.75 -19.90
C ASP R 296 85.88 75.64 -20.92
N VAL R 297 85.11 75.99 -21.95
CA VAL R 297 84.77 75.03 -22.98
C VAL R 297 85.93 74.83 -23.95
N ASP R 298 86.46 75.93 -24.50
CA ASP R 298 87.45 75.82 -25.56
C ASP R 298 88.82 75.39 -25.02
N GLU R 299 89.31 76.07 -23.98
CA GLU R 299 90.63 75.76 -23.46
C GLU R 299 90.64 74.50 -22.60
N LEU R 300 89.46 74.05 -22.14
CA LEU R 300 89.30 72.89 -21.24
C LEU R 300 90.13 73.06 -19.96
N VAL R 301 90.11 74.26 -19.41
CA VAL R 301 90.80 74.56 -18.16
C VAL R 301 89.78 74.86 -17.08
N CYS R 302 90.20 74.66 -15.84
CA CYS R 302 89.31 74.78 -14.69
C CYS R 302 89.28 76.25 -14.26
N VAL R 303 88.16 76.92 -14.53
CA VAL R 303 88.08 78.36 -14.27
C VAL R 303 87.92 78.64 -12.79
N ARG R 304 86.85 78.13 -12.19
CA ARG R 304 86.55 78.43 -10.79
C ARG R 304 85.72 77.31 -10.21
N CYS R 305 85.33 77.46 -8.94
CA CYS R 305 84.41 76.51 -8.32
C CYS R 305 83.41 77.29 -7.48
N PHE R 306 82.45 76.57 -6.91
CA PHE R 306 81.40 77.17 -6.10
C PHE R 306 81.26 76.36 -4.80
N SER R 307 81.86 76.87 -3.74
CA SER R 307 81.83 76.21 -2.43
C SER R 307 80.72 76.80 -1.57
N ARG R 308 79.48 76.55 -2.00
CA ARG R 308 78.31 77.07 -1.30
C ARG R 308 77.48 75.99 -0.62
N LEU R 309 77.61 74.74 -1.03
CA LEU R 309 76.72 73.68 -0.55
C LEU R 309 77.40 72.86 0.55
N ASP R 310 76.60 72.04 1.22
CA ASP R 310 77.07 71.17 2.27
C ASP R 310 76.74 69.70 2.04
N TRP R 311 76.26 69.34 0.87
CA TRP R 311 75.82 68.01 0.50
C TRP R 311 76.08 67.83 -1.00
N PRO R 312 76.07 66.58 -1.50
CA PRO R 312 76.28 66.38 -2.95
C PRO R 312 75.20 67.03 -3.81
N VAL R 313 75.65 67.64 -4.90
CA VAL R 313 74.78 68.44 -5.76
C VAL R 313 73.93 67.52 -6.62
N ARG R 314 72.61 67.73 -6.58
CA ARG R 314 71.69 66.89 -7.34
C ARG R 314 71.49 67.37 -8.77
N THR R 315 71.43 68.69 -8.98
CA THR R 315 71.13 69.22 -10.30
C THR R 315 71.91 70.50 -10.55
N LEU R 316 72.13 70.78 -11.82
CA LEU R 316 72.77 72.01 -12.27
C LEU R 316 71.97 72.58 -13.43
N SER R 317 71.92 73.91 -13.50
CA SER R 317 71.17 74.56 -14.57
C SER R 317 71.77 75.94 -14.81
N PHE R 318 71.71 76.39 -16.05
CA PHE R 318 72.30 77.65 -16.47
C PHE R 318 71.24 78.62 -16.98
N SER R 319 71.45 79.89 -16.67
CA SER R 319 70.60 80.94 -17.21
C SER R 319 70.94 81.16 -18.67
N HIS R 320 69.95 81.64 -19.42
CA HIS R 320 70.10 81.83 -20.86
C HIS R 320 70.91 83.07 -21.23
N ASP R 321 71.23 83.95 -20.28
CA ASP R 321 72.20 84.99 -20.58
C ASP R 321 73.63 84.49 -20.39
N GLY R 322 73.82 83.33 -19.76
CA GLY R 322 75.12 82.79 -19.48
C GLY R 322 75.81 83.39 -18.27
N LYS R 323 75.15 84.29 -17.55
CA LYS R 323 75.76 84.99 -16.43
C LYS R 323 75.43 84.39 -15.07
N MET R 324 74.29 83.72 -14.93
CA MET R 324 73.88 83.17 -13.65
C MET R 324 73.66 81.67 -13.77
N LEU R 325 73.64 81.00 -12.63
CA LEU R 325 73.43 79.56 -12.58
C LEU R 325 72.73 79.20 -11.29
N ALA R 326 72.04 78.06 -11.32
CA ALA R 326 71.29 77.58 -10.16
C ALA R 326 71.71 76.16 -9.85
N SER R 327 71.90 75.88 -8.56
CA SER R 327 72.29 74.57 -8.10
C SER R 327 71.48 74.20 -6.86
N ALA R 328 71.16 72.91 -6.75
CA ALA R 328 70.37 72.39 -5.65
C ALA R 328 70.98 71.10 -5.13
N SER R 329 70.72 70.81 -3.86
CA SER R 329 71.27 69.63 -3.22
C SER R 329 70.33 69.18 -2.10
N GLU R 330 70.86 68.35 -1.20
CA GLU R 330 70.06 67.75 -0.13
C GLU R 330 69.64 68.78 0.92
N ASP R 331 70.41 69.86 1.08
CA ASP R 331 70.19 70.83 2.16
C ASP R 331 69.12 71.87 1.84
N HIS R 332 68.22 71.59 0.88
CA HIS R 332 67.02 72.35 0.54
C HIS R 332 67.32 73.74 -0.02
N PHE R 333 68.56 74.04 -0.35
CA PHE R 333 68.99 75.40 -0.64
C PHE R 333 69.31 75.57 -2.11
N ILE R 334 68.38 76.17 -2.85
CA ILE R 334 68.59 76.51 -4.25
C ILE R 334 69.44 77.76 -4.27
N ASP R 335 70.66 77.63 -4.79
CA ASP R 335 71.63 78.71 -4.83
C ASP R 335 71.75 79.21 -6.26
N ILE R 336 71.58 80.53 -6.44
CA ILE R 336 71.76 81.18 -7.72
C ILE R 336 73.00 82.05 -7.61
N ALA R 337 74.04 81.68 -8.35
CA ALA R 337 75.33 82.33 -8.30
C ALA R 337 75.67 82.93 -9.66
N GLU R 338 76.66 83.81 -9.67
CA GLU R 338 77.04 84.49 -10.90
C GLU R 338 78.26 83.81 -11.52
N VAL R 339 78.23 83.69 -12.86
CA VAL R 339 79.32 83.05 -13.59
C VAL R 339 80.56 83.95 -13.59
N GLU R 340 80.38 85.21 -13.95
CA GLU R 340 81.51 86.12 -14.14
C GLU R 340 82.15 86.51 -12.81
N THR R 341 81.34 86.71 -11.77
CA THR R 341 81.89 87.06 -10.46
C THR R 341 82.34 85.83 -9.69
N GLY R 342 81.49 84.80 -9.61
CA GLY R 342 81.81 83.64 -8.80
C GLY R 342 81.31 83.77 -7.38
N ASP R 343 80.18 84.42 -7.17
CA ASP R 343 79.62 84.62 -5.85
C ASP R 343 78.12 84.38 -5.92
N LYS R 344 77.55 83.98 -4.79
CA LYS R 344 76.13 83.68 -4.73
C LYS R 344 75.30 84.95 -4.77
N LEU R 345 74.30 84.98 -5.65
CA LEU R 345 73.41 86.12 -5.78
C LEU R 345 72.10 85.94 -5.03
N TRP R 346 71.60 84.71 -4.94
CA TRP R 346 70.30 84.46 -4.33
C TRP R 346 70.31 83.08 -3.71
N GLU R 347 69.50 82.91 -2.66
CA GLU R 347 69.29 81.62 -2.04
C GLU R 347 67.83 81.49 -1.67
N VAL R 348 67.22 80.35 -1.98
CA VAL R 348 65.84 80.12 -1.58
C VAL R 348 65.73 78.71 -1.04
N GLN R 349 64.78 78.49 -0.13
CA GLN R 349 64.59 77.21 0.52
C GLN R 349 63.13 76.78 0.42
N CYS R 350 62.91 75.49 0.62
CA CYS R 350 61.58 74.90 0.59
C CYS R 350 61.57 73.65 1.46
N GLU R 351 60.51 72.86 1.35
CA GLU R 351 60.27 71.78 2.29
C GLU R 351 61.11 70.54 1.98
N SER R 352 61.43 70.31 0.72
CA SER R 352 62.02 69.04 0.28
C SER R 352 63.23 69.36 -0.58
N PRO R 353 64.20 68.42 -0.70
CA PRO R 353 65.37 68.67 -1.55
C PRO R 353 65.01 68.78 -3.03
N THR R 354 65.35 69.91 -3.63
CA THR R 354 65.04 70.17 -5.03
C THR R 354 65.91 69.29 -5.92
N PHE R 355 65.28 68.57 -6.84
CA PHE R 355 65.97 67.61 -7.66
C PHE R 355 66.20 68.05 -9.10
N THR R 356 65.47 69.05 -9.60
CA THR R 356 65.74 69.54 -10.95
C THR R 356 65.30 70.99 -11.09
N VAL R 357 66.10 71.76 -11.84
CA VAL R 357 65.92 73.19 -12.05
C VAL R 357 65.98 73.49 -13.54
N ALA R 358 65.06 74.31 -14.03
CA ALA R 358 64.99 74.66 -15.45
C ALA R 358 64.74 76.15 -15.62
N TRP R 359 65.24 76.69 -16.72
CA TRP R 359 65.10 78.09 -17.11
C TRP R 359 64.33 78.16 -18.42
N HIS R 360 64.29 79.34 -19.01
CA HIS R 360 63.60 79.58 -20.28
C HIS R 360 64.17 80.86 -20.87
N PRO R 361 64.25 80.96 -22.21
CA PRO R 361 65.09 82.02 -22.83
C PRO R 361 64.64 83.45 -22.60
N LYS R 362 63.36 83.69 -22.25
CA LYS R 362 62.94 85.04 -21.91
C LYS R 362 63.49 85.45 -20.56
N ARG R 363 63.55 84.49 -19.62
CA ARG R 363 64.24 84.53 -18.33
C ARG R 363 63.82 85.69 -17.41
N PRO R 364 62.58 85.75 -16.93
CA PRO R 364 62.37 86.24 -15.56
C PRO R 364 62.12 85.13 -14.53
N LEU R 365 61.97 83.88 -14.97
CA LEU R 365 61.39 82.83 -14.14
C LEU R 365 62.34 81.65 -13.98
N LEU R 366 62.09 80.85 -12.94
CA LEU R 366 62.83 79.62 -12.67
C LEU R 366 61.83 78.53 -12.33
N ALA R 367 61.76 77.49 -13.14
CA ALA R 367 60.97 76.31 -12.80
C ALA R 367 61.84 75.35 -12.02
N PHE R 368 61.26 74.68 -11.03
CA PHE R 368 62.00 73.62 -10.35
C PHE R 368 61.03 72.60 -9.78
N ALA R 369 61.49 71.35 -9.80
CA ALA R 369 60.74 70.26 -9.18
C ALA R 369 61.62 69.61 -8.11
N CYS R 370 60.96 69.24 -7.02
CA CYS R 370 61.64 68.83 -5.81
C CYS R 370 61.16 67.45 -5.39
N ASP R 371 61.62 67.02 -4.22
CA ASP R 371 61.25 65.73 -3.66
C ASP R 371 59.83 65.76 -3.11
N THR R 385 55.87 67.73 -7.59
CA THR R 385 55.53 69.12 -7.29
C THR R 385 56.39 70.08 -8.11
N VAL R 386 55.75 70.81 -9.01
CA VAL R 386 56.41 71.75 -9.91
C VAL R 386 56.14 73.16 -9.39
N LYS R 387 57.20 73.90 -9.10
CA LYS R 387 57.09 75.23 -8.54
C LYS R 387 57.81 76.23 -9.43
N LEU R 388 57.15 77.34 -9.73
CA LEU R 388 57.77 78.47 -10.42
C LEU R 388 58.18 79.52 -9.41
N PHE R 389 59.34 80.13 -9.64
CA PHE R 389 59.87 81.18 -8.78
C PHE R 389 60.24 82.38 -9.64
N GLY R 390 59.74 83.54 -9.24
CA GLY R 390 60.13 84.78 -9.89
C GLY R 390 61.46 85.26 -9.35
N LEU R 391 62.45 85.35 -10.24
CA LEU R 391 63.79 85.76 -9.83
C LEU R 391 64.27 86.96 -10.65
N ALA S 41 117.19 164.82 -46.79
CA ALA S 41 116.98 165.56 -48.03
C ALA S 41 118.29 166.17 -48.52
N GLU S 42 118.76 167.20 -47.82
CA GLU S 42 120.01 167.84 -48.21
C GLU S 42 121.22 167.00 -47.82
N VAL S 43 121.17 166.38 -46.64
CA VAL S 43 122.27 165.51 -46.21
C VAL S 43 122.27 164.22 -47.01
N ASP S 44 121.10 163.77 -47.47
CA ASP S 44 121.06 162.60 -48.34
C ASP S 44 121.56 162.93 -49.74
N LEU S 45 121.37 164.17 -50.19
CA LEU S 45 121.90 164.58 -51.49
C LEU S 45 123.40 164.83 -51.43
N ARG S 46 123.91 165.30 -50.29
CA ARG S 46 125.35 165.52 -50.16
C ARG S 46 126.10 164.21 -49.99
N ASP S 47 125.44 163.18 -49.46
CA ASP S 47 126.07 161.88 -49.27
C ASP S 47 125.89 161.00 -50.49
N TYR S 55 130.80 162.52 -47.32
CA TYR S 55 130.29 161.56 -46.35
C TYR S 55 131.43 160.94 -45.55
N LYS S 56 132.20 160.06 -46.19
CA LYS S 56 133.34 159.45 -45.54
C LYS S 56 134.52 160.42 -45.43
N TYR S 57 134.50 161.48 -46.24
CA TYR S 57 135.55 162.50 -46.15
C TYR S 57 135.47 163.26 -44.83
N THR S 58 134.27 163.45 -44.28
CA THR S 58 134.13 164.04 -42.95
C THR S 58 134.69 163.11 -41.88
N CYS S 59 134.53 161.80 -42.05
CA CYS S 59 135.12 160.85 -41.11
C CYS S 59 136.65 160.85 -41.22
N GLN S 60 137.17 161.01 -42.43
CA GLN S 60 138.61 161.11 -42.62
C GLN S 60 139.17 162.39 -42.01
N GLU S 61 138.42 163.49 -42.14
CA GLU S 61 138.84 164.76 -41.52
C GLU S 61 138.77 164.67 -40.00
N LEU S 62 137.78 163.95 -39.47
CA LEU S 62 137.70 163.73 -38.03
C LEU S 62 138.84 162.85 -37.54
N GLN S 63 139.25 161.86 -38.35
CA GLN S 63 140.38 161.03 -37.99
C GLN S 63 141.69 161.81 -38.04
N ARG S 64 141.83 162.72 -39.02
CA ARG S 64 143.02 163.56 -39.09
C ARG S 64 143.06 164.56 -37.94
N LEU S 65 141.90 165.09 -37.54
CA LEU S 65 141.83 165.96 -36.37
C LEU S 65 142.12 165.19 -35.09
N MET S 66 141.72 163.92 -35.02
CA MET S 66 142.04 163.09 -33.86
C MET S 66 143.54 162.81 -33.80
N ALA S 67 144.16 162.59 -34.96
CA ALA S 67 145.61 162.39 -35.00
C ALA S 67 146.36 163.66 -34.61
N GLU S 68 145.85 164.82 -35.04
CA GLU S 68 146.48 166.09 -34.66
C GLU S 68 146.29 166.38 -33.17
N ILE S 69 145.14 166.00 -32.60
CA ILE S 69 144.91 166.20 -31.18
C ILE S 69 145.76 165.24 -30.35
N GLN S 70 145.97 164.02 -30.84
CA GLN S 70 146.87 163.09 -30.15
C GLN S 70 148.32 163.52 -30.26
N ASP S 71 148.69 164.19 -31.37
CA ASP S 71 150.03 164.73 -31.48
C ASP S 71 150.21 165.94 -30.56
N LEU S 72 149.17 166.76 -30.41
CA LEU S 72 149.24 167.90 -29.49
C LEU S 72 149.24 167.45 -28.03
N LYS S 73 148.56 166.35 -27.73
CA LYS S 73 148.59 165.82 -26.37
C LYS S 73 149.85 164.98 -26.12
N SER S 74 150.45 164.44 -27.19
CA SER S 74 151.65 163.59 -27.17
C SER S 74 151.53 162.39 -26.24
N ALA S 81 142.91 172.17 -27.60
CA ALA S 81 141.99 172.99 -26.81
C ALA S 81 140.62 173.06 -27.48
N ILE S 82 140.42 174.11 -28.30
CA ILE S 82 139.16 174.26 -29.01
C ILE S 82 139.04 173.26 -30.15
N GLU S 83 140.17 172.75 -30.64
CA GLU S 83 140.14 171.73 -31.69
C GLU S 83 139.54 170.42 -31.20
N ILE S 84 139.76 170.08 -29.93
CA ILE S 84 139.17 168.88 -29.37
C ILE S 84 137.65 169.02 -29.26
N GLU S 85 137.18 170.21 -28.87
CA GLU S 85 135.75 170.46 -28.78
C GLU S 85 135.10 170.46 -30.16
N GLU S 86 135.79 171.05 -31.14
CA GLU S 86 135.28 171.06 -32.51
C GLU S 86 135.24 169.65 -33.10
N ARG S 87 136.25 168.84 -32.80
CA ARG S 87 136.27 167.46 -33.28
C ARG S 87 135.20 166.62 -32.60
N ARG S 88 134.94 166.88 -31.32
CA ARG S 88 133.88 166.14 -30.63
C ARG S 88 132.50 166.52 -31.15
N ILE S 89 132.30 167.82 -31.44
CA ILE S 89 131.02 168.25 -32.00
C ILE S 89 130.83 167.70 -33.40
N GLN S 90 131.91 167.65 -34.19
CA GLN S 90 131.84 167.06 -35.51
C GLN S 90 131.59 165.55 -35.46
N SER S 91 132.14 164.87 -34.44
CA SER S 91 131.91 163.44 -34.29
C SER S 91 130.46 163.18 -33.88
N CYS S 92 129.90 164.01 -33.01
CA CYS S 92 128.49 163.86 -32.64
C CYS S 92 127.56 164.14 -33.82
N VAL S 93 127.90 165.17 -34.63
CA VAL S 93 127.11 165.47 -35.80
C VAL S 93 127.21 164.37 -36.84
N HIS S 94 128.40 163.77 -36.98
CA HIS S 94 128.58 162.67 -37.92
C HIS S 94 127.84 161.41 -37.47
N PHE S 95 127.80 161.17 -36.15
CA PHE S 95 127.06 160.04 -35.63
C PHE S 95 125.55 160.22 -35.83
N MET S 96 125.06 161.45 -35.61
CA MET S 96 123.65 161.73 -35.83
C MET S 96 123.29 161.63 -37.32
N THR S 97 124.18 162.10 -38.20
CA THR S 97 123.94 161.99 -39.63
C THR S 97 123.99 160.54 -40.10
N LEU S 98 124.88 159.74 -39.51
CA LEU S 98 124.95 158.32 -39.86
C LEU S 98 123.71 157.57 -39.41
N LYS S 99 123.20 157.89 -38.21
CA LYS S 99 121.96 157.26 -37.73
C LYS S 99 120.77 157.69 -38.58
N LYS S 100 120.73 158.96 -39.00
CA LYS S 100 119.63 159.43 -39.83
C LYS S 100 119.67 158.81 -41.22
N LEU S 101 120.88 158.69 -41.81
CA LEU S 101 121.01 158.05 -43.11
C LEU S 101 120.69 156.56 -43.04
N ASN S 102 121.04 155.91 -41.93
CA ASN S 102 120.69 154.51 -41.75
C ASN S 102 119.19 154.32 -41.61
N ARG S 103 118.52 155.23 -40.89
CA ARG S 103 117.07 155.14 -40.75
C ARG S 103 116.37 155.40 -42.08
N LEU S 104 116.87 156.36 -42.87
CA LEU S 104 116.28 156.65 -44.18
C LEU S 104 116.49 155.49 -45.15
N ALA S 105 117.68 154.88 -45.14
CA ALA S 105 117.94 153.74 -46.01
C ALA S 105 117.12 152.53 -45.59
N HIS S 106 116.92 152.34 -44.29
CA HIS S 106 116.10 151.22 -43.82
C HIS S 106 114.64 151.43 -44.16
N ILE S 107 114.16 152.69 -44.11
CA ILE S 107 112.77 152.97 -44.49
C ILE S 107 112.56 152.78 -45.97
N ARG S 108 113.53 153.20 -46.79
CA ARG S 108 113.44 153.00 -48.23
C ARG S 108 113.50 151.52 -48.60
N LEU S 109 114.36 150.76 -47.91
CA LEU S 109 114.45 149.33 -48.16
C LEU S 109 113.18 148.61 -47.71
N LYS S 110 112.55 149.07 -46.62
CA LYS S 110 111.31 148.46 -46.17
C LYS S 110 110.16 148.78 -47.12
N LYS S 111 110.14 149.99 -47.68
CA LYS S 111 109.12 150.35 -48.67
C LYS S 111 109.30 149.53 -49.95
N GLY S 112 110.55 149.35 -50.39
CA GLY S 112 110.80 148.52 -51.55
C GLY S 112 110.48 147.06 -51.31
N ARG S 113 110.74 146.57 -50.09
CA ARG S 113 110.43 145.19 -49.74
C ARG S 113 108.93 144.97 -49.67
N ASP S 114 108.18 145.96 -49.15
CA ASP S 114 106.72 145.84 -49.10
C ASP S 114 106.11 145.89 -50.50
N GLN S 115 106.64 146.75 -51.38
CA GLN S 115 106.15 146.80 -52.75
C GLN S 115 106.48 145.52 -53.51
N THR S 116 107.68 144.98 -53.31
CA THR S 116 108.05 143.72 -53.94
C THR S 116 107.25 142.55 -53.37
N HIS S 117 106.90 142.61 -52.09
CA HIS S 117 106.08 141.56 -51.50
C HIS S 117 104.65 141.62 -52.03
N GLU S 118 104.13 142.83 -52.25
CA GLU S 118 102.80 142.96 -52.86
C GLU S 118 102.80 142.48 -54.31
N ALA S 119 103.85 142.81 -55.06
CA ALA S 119 103.95 142.34 -56.45
C ALA S 119 104.12 140.83 -56.52
N LYS S 120 104.91 140.26 -55.59
CA LYS S 120 105.10 138.81 -55.56
C LYS S 120 103.83 138.10 -55.10
N GLN S 121 103.05 138.72 -54.22
CA GLN S 121 101.78 138.14 -53.82
C GLN S 121 100.77 138.17 -54.97
N LYS S 122 100.75 139.25 -55.75
CA LYS S 122 99.87 139.32 -56.91
C LYS S 122 100.27 138.31 -57.98
N VAL S 123 101.58 138.17 -58.22
CA VAL S 123 102.06 137.20 -59.20
C VAL S 123 101.84 135.77 -58.71
N ASP S 124 101.95 135.53 -57.40
CA ASP S 124 101.67 134.21 -56.85
C ASP S 124 100.19 133.89 -56.90
N ALA S 125 99.32 134.90 -56.74
CA ALA S 125 97.89 134.68 -56.89
C ALA S 125 97.52 134.36 -58.33
N TYR S 126 98.15 135.06 -59.28
CA TYR S 126 97.91 134.77 -60.70
C TYR S 126 98.42 133.38 -61.07
N HIS S 127 99.60 133.01 -60.56
CA HIS S 127 100.15 131.69 -60.83
C HIS S 127 99.34 130.59 -60.15
N LEU S 128 98.77 130.87 -58.97
CA LEU S 128 97.94 129.90 -58.29
C LEU S 128 96.62 129.71 -59.02
N GLN S 129 96.06 130.80 -59.58
CA GLN S 129 94.85 130.69 -60.40
C GLN S 129 95.13 129.92 -61.68
N LEU S 130 96.30 130.12 -62.28
CA LEU S 130 96.68 129.37 -63.47
C LEU S 130 96.91 127.90 -63.14
N GLN S 131 97.49 127.61 -61.98
CA GLN S 131 97.72 126.23 -61.57
C GLN S 131 96.41 125.53 -61.24
N ASN S 132 95.46 126.25 -60.65
CA ASN S 132 94.14 125.68 -60.40
C ASN S 132 93.37 125.45 -61.69
N LEU S 133 93.53 126.34 -62.67
CA LEU S 133 92.90 126.13 -63.98
C LEU S 133 93.54 124.97 -64.72
N LEU S 134 94.84 124.75 -64.56
CA LEU S 134 95.48 123.60 -65.17
C LEU S 134 95.11 122.31 -64.46
N TYR S 135 94.93 122.35 -63.14
CA TYR S 135 94.52 121.16 -62.40
C TYR S 135 93.06 120.82 -62.65
N GLU S 136 92.23 121.82 -62.97
CA GLU S 136 90.84 121.55 -63.31
C GLU S 136 90.71 120.85 -64.65
N VAL S 137 91.66 121.05 -65.55
CA VAL S 137 91.64 120.41 -66.86
C VAL S 137 92.83 119.49 -67.03
N ALA S 189 75.21 99.55 -82.60
CA ALA S 189 73.93 98.86 -82.56
C ALA S 189 74.12 97.34 -82.63
N ARG S 190 75.34 96.91 -82.97
CA ARG S 190 75.63 95.49 -83.03
C ARG S 190 75.82 94.90 -81.65
N LEU S 191 76.38 95.69 -80.72
CA LEU S 191 76.59 95.20 -79.36
C LEU S 191 75.27 95.06 -78.61
N ASP S 192 74.33 95.99 -78.85
CA ASP S 192 73.01 95.87 -78.25
C ASP S 192 72.24 94.69 -78.84
N TRP S 193 72.44 94.41 -80.13
CA TRP S 193 71.82 93.24 -80.75
C TRP S 193 72.43 91.95 -80.19
N GLU S 194 73.73 91.95 -79.91
CA GLU S 194 74.37 90.78 -79.31
C GLU S 194 73.90 90.57 -77.88
N LEU S 195 73.69 91.67 -77.13
CA LEU S 195 73.17 91.56 -75.77
C LEU S 195 71.72 91.08 -75.77
N GLU S 196 70.93 91.52 -76.75
CA GLU S 196 69.55 91.05 -76.87
C GLU S 196 69.50 89.59 -77.27
N GLN S 197 70.42 89.15 -78.13
CA GLN S 197 70.50 87.74 -78.50
C GLN S 197 70.94 86.88 -77.32
N ARG S 198 71.86 87.40 -76.49
CA ARG S 198 72.28 86.67 -75.30
C ARG S 198 71.15 86.59 -74.27
N LYS S 199 70.35 87.66 -74.15
CA LYS S 199 69.20 87.64 -73.25
C LYS S 199 68.13 86.67 -73.75
N ARG S 200 67.94 86.60 -75.07
CA ARG S 200 66.97 85.66 -75.64
C ARG S 200 67.46 84.22 -75.47
N LEU S 201 68.77 83.99 -75.59
CA LEU S 201 69.32 82.66 -75.36
C LEU S 201 69.22 82.26 -73.89
N ALA S 202 69.39 83.22 -72.98
CA ALA S 202 69.21 82.94 -71.56
C ALA S 202 67.75 82.66 -71.21
N GLU S 203 66.83 83.36 -71.88
CA GLU S 203 65.41 83.10 -71.68
C GLU S 203 65.01 81.73 -72.23
N LYS S 204 65.60 81.34 -73.38
CA LYS S 204 65.34 80.02 -73.93
C LYS S 204 65.93 78.91 -73.05
N TYR S 205 67.10 79.18 -72.46
CA TYR S 205 67.69 78.22 -71.52
C TYR S 205 66.86 78.10 -70.25
N ARG S 206 66.29 79.22 -69.78
CA ARG S 206 65.42 79.18 -68.62
C ARG S 206 64.12 78.44 -68.92
N GLU S 207 63.59 78.61 -70.14
CA GLU S 207 62.39 77.88 -70.54
C GLU S 207 62.67 76.39 -70.68
N CYS S 208 63.87 76.03 -71.17
CA CYS S 208 64.25 74.62 -71.27
C CYS S 208 64.46 74.01 -69.88
N LEU S 209 65.02 74.80 -68.95
CA LEU S 209 65.17 74.31 -67.58
C LEU S 209 63.82 74.16 -66.89
N SER S 210 62.87 75.05 -67.19
CA SER S 210 61.52 74.93 -66.65
C SER S 210 60.81 73.71 -67.23
N ASN S 211 61.03 73.43 -68.51
CA ASN S 211 60.44 72.24 -69.11
C ASN S 211 61.06 70.96 -68.56
N LYS S 212 62.36 70.97 -68.28
CA LYS S 212 63.01 69.83 -67.66
C LYS S 212 62.55 69.64 -66.22
N GLU S 213 62.30 70.74 -65.50
CA GLU S 213 61.76 70.64 -64.14
C GLU S 213 60.32 70.14 -64.16
N LYS S 214 59.55 70.52 -65.18
CA LYS S 214 58.18 70.02 -65.31
C LYS S 214 58.18 68.53 -65.65
N ILE S 215 59.13 68.09 -66.48
CA ILE S 215 59.24 66.67 -66.82
C ILE S 215 59.68 65.87 -65.61
N LEU S 216 60.59 66.42 -64.79
CA LEU S 216 61.01 65.76 -63.57
C LEU S 216 59.88 65.70 -62.54
N LYS S 217 59.06 66.76 -62.48
CA LYS S 217 57.90 66.75 -61.59
C LYS S 217 56.86 65.75 -62.06
N GLU S 218 56.69 65.60 -63.37
CA GLU S 218 55.76 64.60 -63.89
C GLU S 218 56.26 63.18 -63.63
N ILE S 219 57.57 62.97 -63.73
CA ILE S 219 58.14 61.65 -63.45
C ILE S 219 58.02 61.32 -61.95
N GLU S 220 58.24 62.32 -61.10
CA GLU S 220 58.09 62.13 -59.66
C GLU S 220 56.63 61.90 -59.28
N VAL S 221 55.71 62.57 -59.97
CA VAL S 221 54.29 62.37 -59.73
C VAL S 221 53.85 60.99 -60.17
N LYS S 222 54.42 60.48 -61.28
CA LYS S 222 54.10 59.13 -61.73
C LYS S 222 54.67 58.08 -60.78
N LYS S 223 55.88 58.33 -60.26
CA LYS S 223 56.48 57.39 -59.31
C LYS S 223 55.71 57.38 -57.99
N GLU S 224 55.30 58.55 -57.51
CA GLU S 224 54.51 58.62 -56.29
C GLU S 224 53.11 58.03 -56.48
N TYR S 225 52.56 58.19 -57.69
CA TYR S 225 51.24 57.62 -57.99
C TYR S 225 51.32 56.09 -58.03
N LEU S 226 52.40 55.55 -58.59
CA LEU S 226 52.59 54.09 -58.58
C LEU S 226 52.81 53.57 -57.17
N SER S 227 53.60 54.29 -56.36
CA SER S 227 53.90 53.86 -55.00
C SER S 227 52.66 53.96 -54.11
N SER S 228 51.76 54.89 -54.41
CA SER S 228 50.53 55.00 -53.63
C SER S 228 49.49 54.02 -54.14
N LEU S 229 49.49 53.72 -55.44
CA LEU S 229 48.48 52.82 -56.00
C LEU S 229 48.83 51.37 -55.74
N GLN S 230 50.09 51.08 -55.40
CA GLN S 230 50.47 49.72 -54.99
C GLN S 230 49.78 49.36 -53.68
N PRO S 231 49.93 50.19 -52.65
CA PRO S 231 49.21 49.91 -51.39
C PRO S 231 47.71 50.11 -51.51
N ARG S 232 47.27 50.99 -52.41
CA ARG S 232 45.84 51.15 -52.65
C ARG S 232 45.25 49.92 -53.31
N LEU S 233 45.96 49.31 -54.27
CA LEU S 233 45.48 48.07 -54.86
C LEU S 233 45.56 46.91 -53.87
N ASN S 234 46.54 46.95 -52.97
CA ASN S 234 46.62 45.94 -51.92
C ASN S 234 45.43 46.04 -50.96
N SER S 235 45.06 47.27 -50.58
CA SER S 235 43.90 47.47 -49.72
C SER S 235 42.61 47.14 -50.44
N ILE S 236 42.55 47.41 -51.74
CA ILE S 236 41.35 47.09 -52.52
C ILE S 236 41.19 45.59 -52.66
N MET S 237 42.31 44.87 -52.82
CA MET S 237 42.24 43.42 -52.89
C MET S 237 41.90 42.81 -51.53
N GLN S 238 42.38 43.42 -50.45
CA GLN S 238 42.04 42.95 -49.11
C GLN S 238 40.57 43.21 -48.79
N ALA S 239 40.02 44.29 -49.33
CA ALA S 239 38.59 44.56 -49.15
C ALA S 239 37.75 43.64 -50.02
N SER S 240 38.24 43.32 -51.22
CA SER S 240 37.48 42.45 -52.13
C SER S 240 37.51 41.01 -51.66
N LEU S 241 38.59 40.59 -51.02
CA LEU S 241 38.67 39.22 -50.49
C LEU S 241 37.70 38.99 -49.34
N PRO S 242 37.40 39.98 -48.50
CA PRO S 242 36.34 39.77 -47.49
C PRO S 242 34.96 39.69 -48.11
N VAL S 243 34.72 40.46 -49.17
CA VAL S 243 33.42 40.39 -49.86
C VAL S 243 33.32 39.09 -50.66
N GLN S 244 34.46 38.56 -51.12
CA GLN S 244 34.45 37.29 -51.83
C GLN S 244 34.26 36.12 -50.86
N GLU S 245 34.86 36.22 -49.67
CA GLU S 245 34.67 35.18 -48.66
C GLU S 245 33.26 35.25 -48.08
N TYR S 246 32.66 36.44 -48.05
CA TYR S 246 31.29 36.57 -47.58
C TYR S 246 30.31 36.04 -48.62
N LEU S 247 30.65 36.13 -49.90
CA LEU S 247 29.79 35.64 -50.96
C LEU S 247 30.03 34.16 -51.21
N ASP S 252 44.44 34.06 -48.38
CA ASP S 252 43.56 34.84 -47.53
C ASP S 252 44.13 34.91 -46.11
N GLN S 253 43.39 34.35 -45.14
CA GLN S 253 43.84 34.36 -43.77
C GLN S 253 44.96 33.35 -43.53
N ALA S 254 45.07 32.33 -44.41
CA ALA S 254 46.11 31.33 -44.27
C ALA S 254 47.49 31.92 -44.52
N HIS S 255 47.58 32.89 -45.42
CA HIS S 255 48.86 33.56 -45.67
C HIS S 255 49.28 34.41 -44.47
N LYS S 256 48.32 35.07 -43.83
CA LYS S 256 48.62 35.84 -42.61
C LYS S 256 49.02 34.90 -41.47
N GLN S 257 48.37 33.74 -41.38
CA GLN S 257 48.76 32.76 -40.38
C GLN S 257 50.13 32.17 -40.67
N TYR S 258 50.51 32.05 -41.94
CA TYR S 258 51.85 31.55 -42.25
C TYR S 258 52.92 32.59 -41.93
N GLU S 259 52.61 33.87 -42.20
CA GLU S 259 53.53 34.95 -41.85
C GLU S 259 53.66 35.10 -40.34
N THR S 260 52.61 34.74 -39.60
CA THR S 260 52.73 34.72 -38.14
C THR S 260 53.48 33.48 -37.66
N ALA S 261 53.21 32.32 -38.26
CA ALA S 261 53.82 31.05 -37.89
C ALA S 261 55.27 30.94 -38.30
N ARG S 262 55.77 31.87 -39.12
CA ARG S 262 57.20 31.97 -39.37
C ARG S 262 58.00 32.16 -38.08
N HIS S 263 57.45 32.89 -37.10
CA HIS S 263 58.17 33.21 -35.88
C HIS S 263 57.93 32.22 -34.74
N LEU S 264 57.20 31.13 -34.99
CA LEU S 264 56.92 30.18 -33.92
C LEU S 264 58.16 29.37 -33.57
N PRO S 265 58.24 28.86 -32.34
CA PRO S 265 59.26 27.85 -32.01
C PRO S 265 59.03 26.58 -32.79
N PRO S 266 60.06 25.75 -32.95
CA PRO S 266 59.93 24.54 -33.80
C PRO S 266 58.93 23.50 -33.29
N PRO S 267 58.82 23.18 -31.97
CA PRO S 267 57.71 22.29 -31.59
C PRO S 267 56.34 22.91 -31.79
N LEU S 268 56.22 24.22 -31.57
CA LEU S 268 54.96 24.91 -31.81
C LEU S 268 54.65 24.99 -33.29
N TYR S 269 55.66 25.14 -34.13
CA TYR S 269 55.44 25.15 -35.58
C TYR S 269 55.02 23.78 -36.08
N VAL S 270 55.63 22.71 -35.55
CA VAL S 270 55.24 21.36 -35.91
C VAL S 270 53.81 21.07 -35.47
N LEU S 271 53.43 21.54 -34.27
CA LEU S 271 52.07 21.37 -33.80
C LEU S 271 51.08 22.14 -34.69
N PHE S 272 51.46 23.35 -35.12
CA PHE S 272 50.59 24.15 -35.98
C PHE S 272 50.37 23.47 -37.33
N VAL S 273 51.45 22.97 -37.93
CA VAL S 273 51.37 22.35 -39.25
C VAL S 273 50.56 21.05 -39.19
N GLN S 274 50.83 20.21 -38.18
CA GLN S 274 50.12 18.95 -38.06
C GLN S 274 48.66 19.17 -37.68
N ALA S 275 48.37 20.22 -36.91
CA ALA S 275 46.98 20.50 -36.54
C ALA S 275 46.18 21.00 -37.72
N THR S 276 46.79 21.87 -38.55
CA THR S 276 46.12 22.31 -39.78
C THR S 276 45.93 21.15 -40.75
N ALA S 277 46.91 20.24 -40.82
CA ALA S 277 46.80 19.09 -41.71
C ALA S 277 45.70 18.14 -41.27
N TYR S 278 45.60 17.91 -39.96
CA TYR S 278 44.54 17.03 -39.46
C TYR S 278 43.18 17.70 -39.52
N GLY S 279 43.14 19.03 -39.45
CA GLY S 279 41.88 19.73 -39.58
C GLY S 279 41.37 19.78 -41.00
N GLN S 280 42.27 19.87 -41.97
CA GLN S 280 41.85 19.84 -43.36
C GLN S 280 41.67 18.42 -43.90
N ALA S 281 42.28 17.43 -43.26
CA ALA S 281 42.20 16.07 -43.76
C ALA S 281 40.87 15.40 -43.40
N CYS S 282 40.61 15.25 -42.10
CA CYS S 282 39.47 14.48 -41.64
C CYS S 282 38.43 15.32 -40.92
N ASP S 283 38.82 16.02 -39.86
CA ASP S 283 37.87 16.65 -38.94
C ASP S 283 37.83 18.15 -39.23
N LYS S 284 36.76 18.60 -39.89
CA LYS S 284 36.56 20.02 -40.13
C LYS S 284 36.01 20.76 -38.93
N THR S 285 35.70 20.06 -37.84
CA THR S 285 35.23 20.70 -36.61
C THR S 285 36.41 20.99 -35.70
N LEU S 286 37.39 21.72 -36.21
CA LEU S 286 38.62 22.03 -35.49
C LEU S 286 39.09 23.39 -35.99
N SER S 287 39.59 24.22 -35.08
CA SER S 287 40.14 25.51 -35.50
C SER S 287 41.40 25.81 -34.70
N VAL S 288 42.43 26.30 -35.39
CA VAL S 288 43.67 26.69 -34.75
C VAL S 288 43.92 28.17 -35.00
N ALA S 289 44.71 28.78 -34.11
CA ALA S 289 45.10 30.17 -34.24
C ALA S 289 46.37 30.37 -33.42
N ILE S 290 47.02 31.50 -33.65
CA ILE S 290 48.24 31.86 -32.95
C ILE S 290 47.99 33.13 -32.18
N GLU S 291 48.28 33.10 -30.88
CA GLU S 291 48.08 34.26 -30.02
C GLU S 291 49.43 34.71 -29.47
N GLY S 292 49.72 36.00 -29.65
CA GLY S 292 50.97 36.55 -29.17
C GLY S 292 51.27 37.86 -29.88
N SER S 293 52.51 38.31 -29.71
CA SER S 293 52.99 39.56 -30.30
C SER S 293 54.23 39.26 -31.13
N VAL S 294 54.25 39.72 -32.37
CA VAL S 294 55.38 39.45 -33.26
C VAL S 294 56.61 40.28 -32.90
N ASP S 295 56.44 41.39 -32.18
CA ASP S 295 57.57 42.22 -31.81
C ASP S 295 58.45 41.53 -30.77
N GLU S 296 57.83 40.89 -29.78
CA GLU S 296 58.58 40.05 -28.86
C GLU S 296 59.03 38.76 -29.50
N ALA S 297 58.37 38.33 -30.58
CA ALA S 297 58.78 37.12 -31.28
C ALA S 297 60.02 37.37 -32.13
N LYS S 298 60.23 38.62 -32.55
CA LYS S 298 61.43 38.95 -33.32
C LYS S 298 62.68 38.88 -32.45
N ALA S 299 62.62 39.50 -31.27
CA ALA S 299 63.66 39.47 -30.22
C ALA S 299 65.04 39.92 -30.71
N LEU S 333 66.76 35.52 -5.34
CA LEU S 333 67.02 34.66 -6.48
C LEU S 333 65.72 34.27 -7.17
N ASP S 334 64.65 35.01 -6.87
CA ASP S 334 63.36 34.74 -7.50
C ASP S 334 63.34 35.18 -8.95
N ASP S 335 64.22 36.11 -9.33
CA ASP S 335 64.31 36.52 -10.73
C ASP S 335 64.87 35.39 -11.58
N LYS S 336 65.76 34.57 -11.01
CA LYS S 336 66.24 33.40 -11.73
C LYS S 336 65.13 32.36 -11.89
N ARG S 337 64.25 32.25 -10.91
CA ARG S 337 63.12 31.34 -11.03
C ARG S 337 62.11 31.83 -12.04
N LYS S 338 61.94 33.15 -12.15
CA LYS S 338 60.99 33.70 -13.13
C LYS S 338 61.55 33.60 -14.54
N GLU S 339 62.84 33.88 -14.72
CA GLU S 339 63.43 33.80 -16.05
C GLU S 339 63.70 32.36 -16.46
N MET S 340 63.78 31.44 -15.50
CA MET S 340 63.85 30.02 -15.85
C MET S 340 62.50 29.53 -16.34
N LEU S 341 61.43 29.97 -15.70
CA LEU S 341 60.07 29.59 -16.09
C LEU S 341 59.50 30.68 -17.00
N LYS S 342 60.20 30.90 -18.10
CA LYS S 342 59.90 31.99 -19.02
C LYS S 342 59.03 31.45 -20.14
N ARG S 343 57.80 31.94 -20.23
CA ARG S 343 56.90 31.56 -21.29
C ARG S 343 57.27 32.30 -22.58
N HIS S 344 57.22 31.58 -23.69
CA HIS S 344 57.41 32.16 -25.01
C HIS S 344 56.23 33.08 -25.34
N PRO S 345 56.49 34.24 -25.96
CA PRO S 345 55.38 35.18 -26.21
C PRO S 345 54.37 34.69 -27.24
N LEU S 346 54.77 33.78 -28.12
CA LEU S 346 53.83 33.15 -29.04
C LEU S 346 53.31 31.86 -28.44
N SER S 347 51.98 31.69 -28.51
CA SER S 347 51.30 30.50 -28.03
C SER S 347 50.31 30.07 -29.10
N VAL S 348 49.96 28.78 -29.13
CA VAL S 348 49.00 28.31 -30.11
C VAL S 348 47.71 27.99 -29.37
N MET S 349 46.58 28.10 -30.07
CA MET S 349 45.28 27.93 -29.46
C MET S 349 44.40 27.16 -30.43
N LEU S 350 44.00 25.97 -30.04
CA LEU S 350 43.14 25.14 -30.88
C LEU S 350 41.89 24.77 -30.11
N ASP S 351 40.74 24.84 -30.79
CA ASP S 351 39.49 24.47 -30.16
C ASP S 351 38.73 23.47 -31.01
N LEU S 352 38.08 22.55 -30.32
CA LEU S 352 37.21 21.53 -30.89
C LEU S 352 35.77 21.83 -30.50
N LYS S 353 34.84 21.58 -31.41
CA LYS S 353 33.43 21.52 -31.06
C LYS S 353 32.96 20.07 -31.12
N CYS S 354 32.18 19.65 -30.13
CA CYS S 354 31.65 18.31 -30.09
C CYS S 354 30.17 18.34 -30.41
N LYS S 355 29.56 17.15 -30.45
CA LYS S 355 28.14 17.05 -30.78
C LYS S 355 27.28 17.17 -29.53
N ASP S 356 27.50 18.22 -28.74
CA ASP S 356 26.65 18.56 -27.62
C ASP S 356 26.54 20.08 -27.49
N ASP S 357 26.82 20.80 -28.58
CA ASP S 357 26.91 22.26 -28.63
C ASP S 357 27.89 22.80 -27.59
N SER S 358 29.03 22.13 -27.46
CA SER S 358 30.05 22.53 -26.51
C SER S 358 31.41 22.50 -27.20
N VAL S 359 32.34 23.27 -26.66
CA VAL S 359 33.67 23.41 -27.23
C VAL S 359 34.71 23.23 -26.13
N LEU S 360 35.88 22.74 -26.56
CA LEU S 360 37.05 22.62 -25.72
C LEU S 360 38.14 23.51 -26.31
N HIS S 361 38.70 24.38 -25.47
CA HIS S 361 39.75 25.30 -25.86
C HIS S 361 41.05 24.84 -25.23
N LEU S 362 42.07 24.62 -26.06
CA LEU S 362 43.41 24.31 -25.56
C LEU S 362 44.34 25.43 -25.99
N THR S 363 45.17 25.88 -25.06
CA THR S 363 46.25 26.82 -25.37
C THR S 363 47.56 26.14 -25.01
N PHE S 364 48.41 25.94 -26.01
CA PHE S 364 49.73 25.38 -25.79
C PHE S 364 50.73 26.51 -25.64
N TYR S 365 51.50 26.44 -24.56
CA TYR S 365 52.55 27.39 -24.21
C TYR S 365 53.88 26.65 -24.29
N TYR S 366 54.97 27.40 -24.43
CA TYR S 366 56.30 26.81 -24.58
C TYR S 366 57.26 27.42 -23.57
N LEU S 367 58.20 26.62 -23.10
CA LEU S 367 59.24 27.08 -22.18
C LEU S 367 60.58 26.85 -22.83
N MET S 368 61.23 27.93 -23.28
CA MET S 368 62.45 27.77 -24.06
C MET S 368 63.65 27.43 -23.19
N ASN S 369 63.57 27.72 -21.88
CA ASN S 369 64.66 27.38 -20.99
C ASN S 369 64.60 25.92 -20.55
N LEU S 370 63.46 25.27 -20.73
CA LEU S 370 63.28 23.91 -20.26
C LEU S 370 63.07 22.90 -21.38
N ASN S 371 62.80 23.40 -22.60
CA ASN S 371 62.44 22.60 -23.78
C ASN S 371 61.23 21.72 -23.49
N ILE S 372 60.21 22.34 -22.90
CA ILE S 372 58.98 21.67 -22.50
C ILE S 372 57.80 22.57 -22.84
N MET S 373 56.80 22.00 -23.49
CA MET S 373 55.58 22.73 -23.80
C MET S 373 54.42 22.20 -22.97
N THR S 374 53.57 23.11 -22.52
CA THR S 374 52.45 22.81 -21.63
C THR S 374 51.14 23.24 -22.25
N VAL S 375 50.06 22.98 -21.52
CA VAL S 375 48.70 23.17 -22.01
C VAL S 375 47.82 23.73 -20.90
N LYS S 376 47.02 24.74 -21.23
CA LYS S 376 45.86 25.11 -20.45
C LYS S 376 44.60 24.73 -21.21
N ALA S 377 43.55 24.37 -20.47
CA ALA S 377 42.32 23.85 -21.05
C ALA S 377 41.13 24.60 -20.51
N LYS S 378 40.04 24.58 -21.28
CA LYS S 378 38.82 25.27 -20.89
C LYS S 378 37.64 24.64 -21.62
N VAL S 379 36.70 24.08 -20.87
CA VAL S 379 35.50 23.48 -21.45
C VAL S 379 34.35 24.48 -21.29
N THR S 380 33.76 24.90 -22.41
CA THR S 380 32.62 25.81 -22.35
C THR S 380 31.49 25.30 -23.22
N THR S 381 30.27 25.35 -22.67
CA THR S 381 29.07 24.92 -23.36
C THR S 381 28.29 26.14 -23.85
N ALA S 382 27.29 25.86 -24.70
CA ALA S 382 26.44 26.94 -25.18
C ALA S 382 25.43 27.39 -24.13
N MET S 383 24.98 26.48 -23.27
CA MET S 383 23.99 26.81 -22.26
C MET S 383 24.66 27.51 -21.07
N GLU S 384 23.83 27.81 -20.07
CA GLU S 384 24.33 28.40 -18.84
C GLU S 384 25.11 27.41 -17.98
N LEU S 385 24.85 26.11 -18.16
CA LEU S 385 25.51 25.01 -17.46
C LEU S 385 25.34 25.14 -15.94
N ILE S 386 24.10 24.96 -15.51
CA ILE S 386 23.76 24.97 -14.10
C ILE S 386 24.40 23.75 -13.45
N THR S 387 25.46 23.98 -12.67
CA THR S 387 26.21 22.86 -12.15
C THR S 387 25.64 22.39 -10.82
N PRO S 388 25.68 21.09 -10.54
CA PRO S 388 25.30 20.59 -9.22
C PRO S 388 26.46 20.74 -8.24
N ILE S 389 26.22 20.29 -7.02
CA ILE S 389 27.23 20.45 -5.97
C ILE S 389 28.33 19.41 -6.14
N SER S 390 27.95 18.15 -6.39
CA SER S 390 28.92 17.07 -6.40
C SER S 390 29.65 16.93 -7.73
N ALA S 391 29.35 17.80 -8.69
CA ALA S 391 30.09 17.82 -9.94
C ALA S 391 31.55 18.20 -9.69
N GLY S 392 31.77 19.45 -9.27
CA GLY S 392 33.06 19.87 -8.75
C GLY S 392 34.21 19.80 -9.72
N ASP S 393 35.05 18.78 -9.53
CA ASP S 393 36.26 18.59 -10.30
C ASP S 393 36.05 17.82 -11.60
N LEU S 394 34.81 17.73 -12.10
CA LEU S 394 34.60 17.14 -13.41
C LEU S 394 35.16 18.03 -14.50
N LEU S 395 34.73 19.29 -14.55
CA LEU S 395 35.13 20.23 -15.59
C LEU S 395 36.01 21.34 -15.03
N SER S 396 36.54 21.17 -13.84
CA SER S 396 37.45 22.16 -13.28
C SER S 396 38.77 22.09 -14.03
N PRO S 397 39.25 23.21 -14.61
CA PRO S 397 40.36 23.12 -15.57
C PRO S 397 41.72 22.73 -14.99
N ASP S 398 41.81 22.51 -13.68
CA ASP S 398 43.06 22.01 -13.13
C ASP S 398 43.27 20.54 -13.43
N SER S 399 42.18 19.76 -13.49
CA SER S 399 42.31 18.30 -13.58
C SER S 399 41.29 17.68 -14.52
N VAL S 400 41.09 18.25 -15.71
CA VAL S 400 40.21 17.61 -16.69
C VAL S 400 40.97 16.56 -17.48
N LEU S 401 42.12 16.93 -18.03
CA LEU S 401 42.88 16.07 -18.93
C LEU S 401 44.01 15.34 -18.22
N SER S 402 43.80 14.93 -16.98
CA SER S 402 44.91 14.50 -16.13
C SER S 402 45.44 13.13 -16.53
N CYS S 403 44.55 12.23 -16.94
CA CYS S 403 44.90 10.84 -17.17
C CYS S 403 44.31 10.34 -18.49
N LEU S 404 44.58 11.06 -19.58
CA LEU S 404 44.18 10.57 -20.90
C LEU S 404 44.84 9.23 -21.21
N TYR S 405 46.14 9.21 -21.23
CA TYR S 405 46.86 7.95 -21.17
C TYR S 405 46.86 7.46 -19.74
N PRO S 406 47.03 6.14 -19.50
CA PRO S 406 47.04 5.66 -18.11
C PRO S 406 48.19 6.20 -17.28
N GLY S 407 47.85 7.07 -16.35
CA GLY S 407 48.84 7.77 -15.55
C GLY S 407 49.07 9.20 -15.99
N ASP S 408 50.36 9.57 -16.03
CA ASP S 408 50.99 10.83 -16.46
C ASP S 408 50.78 11.99 -15.49
N HIS S 409 49.77 11.93 -14.63
CA HIS S 409 49.62 12.67 -13.39
C HIS S 409 49.56 14.20 -13.50
N GLY S 410 49.88 14.77 -14.66
CA GLY S 410 50.06 16.21 -14.82
C GLY S 410 51.11 16.90 -13.98
N LYS S 411 51.92 16.16 -13.21
CA LYS S 411 52.76 16.75 -12.16
C LYS S 411 54.22 16.88 -12.55
N LYS S 412 54.87 15.76 -12.87
CA LYS S 412 56.31 15.72 -12.98
C LYS S 412 56.77 16.07 -14.39
N THR S 413 57.97 16.65 -14.49
CA THR S 413 58.59 16.98 -15.75
C THR S 413 59.10 15.70 -16.42
N PRO S 414 58.96 15.59 -17.74
CA PRO S 414 59.31 14.33 -18.42
C PRO S 414 60.79 14.02 -18.52
N ASN S 415 61.60 14.98 -18.94
CA ASN S 415 63.02 14.71 -19.16
C ASN S 415 63.82 14.89 -17.87
N PRO S 416 64.70 13.94 -17.53
CA PRO S 416 65.48 14.09 -16.28
C PRO S 416 66.57 15.14 -16.36
N ALA S 417 66.92 15.61 -17.56
CA ALA S 417 67.88 16.69 -17.68
C ALA S 417 67.34 17.97 -17.08
N ASN S 418 66.04 18.22 -17.24
CA ASN S 418 65.41 19.34 -16.57
C ASN S 418 65.35 19.13 -15.06
N GLN S 419 65.23 17.88 -14.62
CA GLN S 419 65.25 17.60 -13.18
C GLN S 419 66.63 17.90 -12.59
N TYR S 420 67.69 17.60 -13.34
CA TYR S 420 69.03 17.94 -12.88
C TYR S 420 69.28 19.44 -12.96
N GLN S 421 68.67 20.12 -13.95
CA GLN S 421 68.82 21.56 -14.07
C GLN S 421 68.09 22.30 -12.96
N PHE S 422 66.92 21.80 -12.57
CA PHE S 422 66.18 22.39 -11.46
C PHE S 422 66.79 21.99 -10.12
N ASP S 423 67.51 20.88 -10.08
CA ASP S 423 68.28 20.53 -8.90
C ASP S 423 69.44 21.50 -8.70
N LYS S 424 69.96 22.07 -9.78
CA LYS S 424 70.99 23.10 -9.69
C LYS S 424 70.45 24.40 -9.12
N VAL S 425 69.14 24.64 -9.23
CA VAL S 425 68.53 25.81 -8.63
C VAL S 425 67.46 25.37 -7.63
N LEU S 430 56.72 23.12 -7.04
CA LEU S 430 56.63 23.41 -8.46
C LEU S 430 55.19 23.41 -8.93
N SER S 431 54.30 22.83 -8.10
CA SER S 431 52.92 22.62 -8.51
C SER S 431 52.14 23.92 -8.58
N ASP S 432 52.57 24.94 -7.83
CA ASP S 432 51.99 26.27 -8.00
C ASP S 432 52.33 26.83 -9.37
N TYR S 433 53.55 26.58 -9.85
CA TYR S 433 53.90 26.99 -11.21
C TYR S 433 53.21 26.12 -12.24
N VAL S 434 52.83 24.89 -11.86
CA VAL S 434 52.03 24.05 -12.74
C VAL S 434 50.63 24.61 -12.88
N LEU S 435 50.05 25.08 -11.78
CA LEU S 435 48.73 25.71 -11.84
C LEU S 435 48.79 27.08 -12.51
N GLU S 436 49.96 27.72 -12.48
CA GLU S 436 50.11 29.03 -13.11
C GLU S 436 50.34 28.92 -14.61
N LEU S 437 51.10 27.91 -15.04
CA LEU S 437 51.53 27.78 -16.43
C LEU S 437 50.75 26.74 -17.21
N GLY S 438 50.52 25.56 -16.63
CA GLY S 438 49.85 24.48 -17.30
C GLY S 438 50.48 23.16 -16.92
N HIS S 439 50.05 22.11 -17.57
CA HIS S 439 50.52 20.79 -17.21
C HIS S 439 51.44 20.23 -18.29
N PRO S 440 52.66 19.84 -17.92
CA PRO S 440 53.58 19.20 -18.88
C PRO S 440 53.34 17.70 -19.04
N TYR S 441 52.36 17.36 -19.87
CA TYR S 441 52.05 15.95 -20.09
C TYR S 441 53.05 15.30 -21.04
N LEU S 442 52.88 14.00 -21.26
CA LEU S 442 53.69 13.30 -22.24
C LEU S 442 53.08 13.39 -23.64
N TRP S 443 51.75 13.33 -23.72
CA TRP S 443 51.08 13.34 -25.01
C TRP S 443 51.19 14.70 -25.68
N VAL S 444 51.24 15.78 -24.89
CA VAL S 444 51.43 17.12 -25.44
C VAL S 444 52.80 17.23 -26.11
N GLN S 445 53.82 16.66 -25.47
CA GLN S 445 55.15 16.73 -26.01
C GLN S 445 55.34 15.77 -27.17
N LYS S 446 54.56 14.70 -27.23
CA LYS S 446 54.56 13.88 -28.43
C LYS S 446 53.85 14.59 -29.58
N LEU S 447 52.87 15.43 -29.26
CA LEU S 447 52.27 16.28 -30.29
C LEU S 447 53.27 17.32 -30.79
N GLY S 448 54.12 17.83 -29.90
CA GLY S 448 55.13 18.78 -30.31
C GLY S 448 56.27 18.16 -31.09
N GLY S 449 56.50 16.87 -30.90
CA GLY S 449 57.56 16.15 -31.57
C GLY S 449 58.73 15.80 -30.69
N LEU S 450 58.68 16.16 -29.40
CA LEU S 450 59.80 15.91 -28.52
C LEU S 450 59.82 14.45 -28.08
N HIS S 451 60.94 13.78 -28.31
CA HIS S 451 61.11 12.38 -27.94
C HIS S 451 62.03 12.30 -26.74
N PHE S 452 61.48 11.93 -25.58
CA PHE S 452 62.24 11.84 -24.36
C PHE S 452 62.34 10.39 -23.92
N PRO S 453 63.55 9.79 -23.92
CA PRO S 453 63.72 8.39 -23.54
C PRO S 453 63.58 8.16 -22.04
N ILE S 462 64.54 17.87 -30.67
CA ILE S 462 64.32 18.11 -32.11
C ILE S 462 62.97 17.54 -32.52
N ALA S 463 62.12 18.42 -33.05
CA ALA S 463 60.75 18.04 -33.35
C ALA S 463 60.66 17.22 -34.63
N ASP S 464 59.76 16.25 -34.65
CA ASP S 464 59.58 15.36 -35.79
C ASP S 464 58.10 15.30 -36.16
N HIS S 465 57.81 15.44 -37.45
CA HIS S 465 56.42 15.33 -37.92
C HIS S 465 55.96 13.88 -37.90
N SER S 466 56.85 12.94 -38.19
CA SER S 466 56.48 11.53 -38.21
C SER S 466 56.17 11.02 -36.81
N LEU S 467 56.80 11.61 -35.79
CA LEU S 467 56.43 11.28 -34.42
C LEU S 467 55.09 11.88 -34.06
N SER S 468 54.75 13.02 -34.65
CA SER S 468 53.48 13.69 -34.36
C SER S 468 52.31 13.06 -35.09
N ALA S 469 52.58 12.28 -36.15
CA ALA S 469 51.55 11.90 -37.12
C ALA S 469 50.42 11.06 -36.53
N SER S 470 50.73 9.85 -36.04
CA SER S 470 49.68 8.96 -35.54
C SER S 470 49.16 9.41 -34.18
N HIS S 471 50.07 9.94 -33.36
CA HIS S 471 49.73 10.44 -32.04
C HIS S 471 48.72 11.57 -32.10
N MET S 472 48.76 12.37 -33.19
CA MET S 472 47.76 13.41 -33.41
C MET S 472 46.34 12.85 -33.43
N GLU S 473 46.08 11.90 -34.33
CA GLU S 473 44.72 11.38 -34.49
C GLU S 473 44.25 10.63 -33.25
N THR S 474 45.17 9.85 -32.63
CA THR S 474 44.78 9.12 -31.43
C THR S 474 44.43 10.05 -30.28
N THR S 475 45.25 11.10 -30.05
CA THR S 475 44.95 12.01 -28.96
C THR S 475 43.72 12.88 -29.24
N MET S 476 43.43 13.21 -30.50
CA MET S 476 42.22 13.99 -30.76
C MET S 476 40.98 13.15 -30.56
N LYS S 477 41.03 11.86 -30.92
CA LYS S 477 39.92 10.97 -30.60
C LYS S 477 39.75 10.81 -29.09
N LEU S 478 40.85 10.74 -28.34
CA LEU S 478 40.74 10.61 -26.89
C LEU S 478 40.18 11.86 -26.24
N LEU S 479 40.52 13.04 -26.77
CA LEU S 479 39.95 14.28 -26.25
C LEU S 479 38.46 14.37 -26.54
N LYS S 480 38.06 13.96 -27.74
CA LYS S 480 36.65 13.97 -28.12
C LYS S 480 35.83 13.00 -27.25
N THR S 481 36.42 11.88 -26.85
CA THR S 481 35.71 11.00 -25.92
C THR S 481 35.70 11.54 -24.50
N ARG S 482 36.80 12.16 -24.05
CA ARG S 482 36.92 12.63 -22.68
C ARG S 482 35.92 13.74 -22.37
N VAL S 483 35.75 14.69 -23.30
CA VAL S 483 34.84 15.80 -23.03
C VAL S 483 33.39 15.34 -23.00
N GLN S 484 33.03 14.43 -23.92
CA GLN S 484 31.68 13.88 -23.93
C GLN S 484 31.40 13.06 -22.68
N SER S 485 32.41 12.33 -22.20
CA SER S 485 32.25 11.53 -20.99
C SER S 485 32.04 12.42 -19.77
N ARG S 486 32.78 13.53 -19.69
CA ARG S 486 32.62 14.42 -18.53
C ARG S 486 31.29 15.16 -18.57
N LEU S 487 30.81 15.52 -19.76
CA LEU S 487 29.49 16.15 -19.83
C LEU S 487 28.37 15.18 -19.50
N ALA S 488 28.52 13.91 -19.90
CA ALA S 488 27.54 12.90 -19.54
C ALA S 488 27.54 12.61 -18.05
N LEU S 489 28.71 12.59 -17.43
CA LEU S 489 28.78 12.45 -15.97
C LEU S 489 28.20 13.65 -15.26
N HIS S 490 28.32 14.84 -15.86
CA HIS S 490 27.72 16.05 -15.31
C HIS S 490 26.20 15.95 -15.30
N LYS S 491 25.63 15.47 -16.41
CA LYS S 491 24.18 15.29 -16.50
C LYS S 491 23.70 14.23 -15.52
N GLN S 492 24.46 13.14 -15.40
CA GLN S 492 24.09 12.07 -14.48
C GLN S 492 24.18 12.51 -13.03
N PHE S 493 25.17 13.33 -12.69
CA PHE S 493 25.28 13.78 -11.30
C PHE S 493 24.19 14.79 -10.96
N ALA S 494 23.84 15.63 -11.93
CA ALA S 494 22.72 16.55 -11.75
C ALA S 494 21.41 15.80 -11.54
N SER S 495 21.26 14.64 -12.17
CA SER S 495 20.09 13.82 -11.88
C SER S 495 20.21 13.06 -10.56
N LEU S 496 21.40 12.60 -10.21
CA LEU S 496 21.56 11.73 -9.04
C LEU S 496 21.50 12.50 -7.74
N GLU S 497 21.70 13.82 -7.77
CA GLU S 497 21.55 14.57 -6.53
C GLU S 497 20.09 14.68 -6.10
N HIS S 498 19.15 14.46 -7.02
CA HIS S 498 17.73 14.48 -6.68
C HIS S 498 17.20 13.11 -6.29
N GLY S 499 18.06 12.15 -5.99
CA GLY S 499 17.62 10.83 -5.57
C GLY S 499 17.07 9.95 -6.66
N ILE S 500 17.22 10.34 -7.92
CA ILE S 500 16.69 9.61 -9.06
C ILE S 500 17.86 9.06 -9.86
N VAL S 501 17.84 7.76 -10.14
CA VAL S 501 18.85 7.12 -10.97
C VAL S 501 18.40 7.24 -12.43
N PRO S 502 19.12 8.00 -13.26
CA PRO S 502 18.70 8.16 -14.66
C PRO S 502 19.06 6.95 -15.51
N VAL S 503 18.05 6.17 -15.85
CA VAL S 503 18.21 5.01 -16.72
C VAL S 503 17.63 5.35 -18.08
N THR S 504 18.24 4.82 -19.13
CA THR S 504 17.79 5.12 -20.47
C THR S 504 16.76 4.11 -20.94
N SER S 505 16.20 4.36 -22.12
CA SER S 505 15.23 3.43 -22.69
C SER S 505 15.90 2.18 -23.20
N ASP S 506 17.21 2.21 -23.43
CA ASP S 506 17.90 1.06 -23.99
C ASP S 506 18.23 0.03 -22.90
N CYS S 507 18.55 0.50 -21.69
CA CYS S 507 19.07 -0.38 -20.66
C CYS S 507 18.00 -1.08 -19.84
N GLN S 508 16.72 -0.94 -20.20
CA GLN S 508 15.63 -1.43 -19.36
C GLN S 508 15.59 -2.95 -19.27
N TYR S 509 16.19 -3.67 -20.21
CA TYR S 509 16.24 -5.12 -20.11
C TYR S 509 17.28 -5.59 -19.11
N LEU S 510 18.16 -4.71 -18.65
CA LEU S 510 19.19 -5.14 -17.71
C LEU S 510 18.64 -5.34 -16.31
N PHE S 511 17.51 -4.74 -16.00
CA PHE S 511 17.01 -4.70 -14.64
C PHE S 511 15.57 -5.22 -14.58
N PRO S 512 15.11 -5.66 -13.42
CA PRO S 512 13.68 -5.94 -13.27
C PRO S 512 12.88 -4.67 -13.23
N ALA S 513 11.55 -4.83 -13.32
CA ALA S 513 10.66 -3.68 -13.40
C ALA S 513 10.50 -3.00 -12.04
N LYS S 514 10.01 -3.72 -11.05
CA LYS S 514 9.78 -3.17 -9.73
C LYS S 514 11.10 -3.10 -8.97
N VAL S 515 11.34 -1.97 -8.33
CA VAL S 515 12.48 -1.78 -7.43
C VAL S 515 11.98 -1.03 -6.20
N VAL S 516 12.49 -1.40 -5.03
CA VAL S 516 12.03 -0.83 -3.77
C VAL S 516 13.09 0.07 -3.15
N SER S 517 14.35 -0.33 -3.22
CA SER S 517 15.45 0.42 -2.63
C SER S 517 15.75 1.64 -3.48
N ARG S 518 16.00 2.76 -2.81
CA ARG S 518 16.21 4.03 -3.48
C ARG S 518 17.48 4.70 -2.96
N LEU S 519 17.98 5.64 -3.75
CA LEU S 519 19.18 6.40 -3.43
C LEU S 519 18.75 7.67 -2.70
N VAL S 520 19.29 7.89 -1.51
CA VAL S 520 18.88 9.05 -0.73
C VAL S 520 20.01 10.06 -0.58
N LYS S 521 21.27 9.64 -0.72
CA LYS S 521 22.40 10.55 -0.58
C LYS S 521 23.46 10.20 -1.62
N TRP S 522 24.00 11.25 -2.24
CA TRP S 522 25.10 11.15 -3.21
C TRP S 522 26.03 12.33 -2.96
N VAL S 523 27.06 12.10 -2.15
CA VAL S 523 27.88 13.18 -1.61
C VAL S 523 29.34 12.93 -1.98
N THR S 524 29.98 13.93 -2.57
CA THR S 524 31.41 13.83 -2.84
C THR S 524 32.20 13.95 -1.54
N ILE S 525 33.31 13.20 -1.47
CA ILE S 525 34.22 13.24 -0.34
C ILE S 525 35.63 13.39 -0.88
N ALA S 526 36.59 13.45 0.04
CA ALA S 526 37.99 13.65 -0.31
C ALA S 526 38.75 12.33 -0.24
N HIS S 527 40.02 12.40 -0.59
CA HIS S 527 40.88 11.22 -0.57
C HIS S 527 41.16 10.76 0.86
N GLU S 528 41.44 11.72 1.75
CA GLU S 528 41.70 11.38 3.14
C GLU S 528 40.42 10.90 3.84
N ASP S 529 39.27 11.47 3.45
CA ASP S 529 38.00 10.99 3.97
C ASP S 529 37.70 9.57 3.49
N TYR S 530 38.17 9.24 2.28
CA TYR S 530 38.02 7.87 1.78
C TYR S 530 38.92 6.92 2.55
N MET S 531 40.16 7.33 2.83
CA MET S 531 41.08 6.45 3.53
C MET S 531 40.77 6.36 5.03
N GLU S 532 40.00 7.30 5.57
CA GLU S 532 39.55 7.16 6.97
C GLU S 532 38.47 6.11 7.14
N LEU S 533 37.83 5.67 6.06
CA LEU S 533 36.79 4.66 6.17
C LEU S 533 37.41 3.30 6.51
N HIS S 534 36.72 2.56 7.37
CA HIS S 534 37.26 1.29 7.87
C HIS S 534 37.13 0.18 6.85
N PHE S 535 36.14 0.25 5.96
CA PHE S 535 35.81 -0.87 5.08
C PHE S 535 36.40 -0.72 3.68
N THR S 536 37.38 0.17 3.51
CA THR S 536 38.00 0.37 2.20
C THR S 536 39.51 0.18 2.29
N LYS S 537 39.97 -0.82 3.05
CA LYS S 537 41.41 -1.04 3.18
C LYS S 537 41.96 -1.78 1.97
N ASP S 538 41.11 -2.56 1.30
CA ASP S 538 41.59 -3.43 0.23
C ASP S 538 41.85 -2.64 -1.06
N ILE S 539 41.04 -1.62 -1.31
CA ILE S 539 41.25 -0.75 -2.47
C ILE S 539 42.55 0.03 -2.30
N VAL S 540 42.80 0.53 -1.09
CA VAL S 540 44.02 1.29 -0.81
C VAL S 540 45.23 0.38 -0.88
N ASP S 541 45.14 -0.82 -0.30
CA ASP S 541 46.27 -1.74 -0.32
C ASP S 541 46.50 -2.37 -1.69
N ALA S 542 45.50 -2.37 -2.57
CA ALA S 542 45.68 -2.90 -3.91
C ALA S 542 46.36 -1.89 -4.82
N GLY S 543 46.33 -0.60 -4.48
CA GLY S 543 46.91 0.42 -5.31
C GLY S 543 45.93 1.13 -6.22
N LEU S 544 44.63 1.09 -5.91
CA LEU S 544 43.62 1.70 -6.74
C LEU S 544 43.12 3.03 -6.18
N ALA S 545 43.44 3.35 -4.93
CA ALA S 545 43.05 4.62 -4.34
C ALA S 545 44.21 5.60 -4.40
N GLY S 546 44.52 6.02 -5.62
CA GLY S 546 45.53 7.02 -5.85
C GLY S 546 45.04 8.41 -5.54
N ASP S 547 45.92 9.39 -5.76
CA ASP S 547 45.57 10.78 -5.49
C ASP S 547 44.65 11.33 -6.56
N THR S 548 44.88 10.96 -7.82
CA THR S 548 44.13 11.52 -8.94
C THR S 548 42.85 10.72 -9.22
N ASN S 549 41.96 10.73 -8.23
CA ASN S 549 40.68 10.05 -8.36
C ASN S 549 39.59 10.95 -7.80
N LEU S 550 38.35 10.58 -8.11
CA LEU S 550 37.17 11.24 -7.56
C LEU S 550 36.46 10.24 -6.66
N TYR S 551 36.23 10.64 -5.41
CA TYR S 551 35.72 9.75 -4.38
C TYR S 551 34.32 10.18 -3.96
N TYR S 552 33.37 9.26 -4.03
CA TYR S 552 31.96 9.56 -3.82
C TYR S 552 31.39 8.63 -2.77
N MET S 553 30.28 9.05 -2.16
CA MET S 553 29.56 8.25 -1.19
C MET S 553 28.10 8.20 -1.61
N ALA S 554 27.60 7.01 -1.89
CA ALA S 554 26.19 6.79 -2.12
C ALA S 554 25.60 6.10 -0.91
N LEU S 555 24.34 6.41 -0.61
CA LEU S 555 23.69 5.80 0.55
C LEU S 555 22.32 5.31 0.09
N ILE S 556 22.11 4.00 0.17
CA ILE S 556 20.90 3.39 -0.35
C ILE S 556 20.14 2.72 0.80
N GLU S 557 18.83 2.97 0.87
CA GLU S 557 18.04 2.53 2.00
C GLU S 557 16.82 1.72 1.58
N ARG S 558 16.46 0.80 2.45
CA ARG S 558 15.08 0.32 2.59
C ARG S 558 14.70 0.48 4.06
N GLY S 559 13.58 -0.12 4.46
CA GLY S 559 13.08 -0.02 5.82
C GLY S 559 14.06 -0.50 6.87
N THR S 560 14.63 0.46 7.60
CA THR S 560 15.72 0.32 8.57
C THR S 560 16.96 -0.36 7.98
N ALA S 561 17.19 -0.23 6.67
CA ALA S 561 18.33 -0.87 6.01
C ALA S 561 19.14 0.18 5.29
N LYS S 562 20.35 0.43 5.76
CA LYS S 562 21.22 1.45 5.21
C LYS S 562 22.47 0.80 4.62
N LEU S 563 22.84 1.23 3.41
CA LEU S 563 23.96 0.66 2.68
C LEU S 563 24.84 1.80 2.20
N GLN S 564 26.05 1.88 2.73
CA GLN S 564 27.01 2.88 2.33
C GLN S 564 27.91 2.31 1.24
N ALA S 565 27.95 2.96 0.09
CA ALA S 565 28.73 2.51 -1.06
C ALA S 565 29.73 3.61 -1.41
N ALA S 566 31.00 3.35 -1.12
CA ALA S 566 32.07 4.27 -1.48
C ALA S 566 32.54 3.97 -2.89
N VAL S 567 32.66 5.02 -3.71
CA VAL S 567 32.85 4.90 -5.15
C VAL S 567 34.15 5.58 -5.52
N VAL S 568 34.99 4.90 -6.30
CA VAL S 568 36.21 5.48 -6.84
C VAL S 568 36.08 5.56 -8.35
N LEU S 569 36.26 6.77 -8.88
CA LEU S 569 36.40 7.02 -10.32
C LEU S 569 37.82 7.45 -10.62
N ASN S 570 38.46 6.78 -11.57
CA ASN S 570 39.65 7.41 -12.12
C ASN S 570 39.25 8.19 -13.38
N PRO S 571 40.06 9.17 -13.83
CA PRO S 571 39.56 10.06 -14.91
C PRO S 571 39.38 9.39 -16.26
N GLY S 572 39.86 8.18 -16.45
CA GLY S 572 39.54 7.46 -17.66
C GLY S 572 38.21 6.73 -17.57
N TYR S 573 37.13 7.45 -17.33
CA TYR S 573 35.81 6.84 -17.24
C TYR S 573 35.35 6.38 -18.62
N SER S 574 34.51 5.34 -18.61
CA SER S 574 33.92 4.60 -19.73
C SER S 574 34.96 3.70 -20.41
N SER S 575 36.18 3.72 -19.89
CA SER S 575 37.22 2.77 -20.27
C SER S 575 37.74 2.01 -19.07
N ILE S 576 37.70 2.60 -17.89
CA ILE S 576 38.01 1.93 -16.63
C ILE S 576 36.84 2.17 -15.70
N PRO S 577 36.20 1.15 -15.14
CA PRO S 577 34.97 1.34 -14.41
C PRO S 577 35.23 1.89 -13.02
N PRO S 578 34.24 2.55 -12.40
CA PRO S 578 34.34 2.87 -10.98
C PRO S 578 34.32 1.62 -10.14
N ILE S 579 35.04 1.65 -9.02
CA ILE S 579 35.09 0.50 -8.13
C ILE S 579 34.39 0.85 -6.83
N PHE S 580 33.60 -0.09 -6.32
CA PHE S 580 32.70 0.15 -5.20
C PHE S 580 33.15 -0.64 -3.97
N GLN S 581 32.88 -0.07 -2.80
CA GLN S 581 32.99 -0.79 -1.54
C GLN S 581 31.68 -0.62 -0.79
N LEU S 582 31.22 -1.69 -0.15
CA LEU S 582 29.89 -1.75 0.43
C LEU S 582 29.97 -2.02 1.92
N CYS S 583 29.15 -1.32 2.69
CA CYS S 583 28.99 -1.57 4.12
C CYS S 583 27.52 -1.49 4.44
N LEU S 584 26.92 -2.60 4.88
CA LEU S 584 25.51 -2.66 5.19
C LEU S 584 25.33 -2.54 6.70
N ASN S 585 24.79 -1.41 7.16
CA ASN S 585 24.48 -1.20 8.56
C ASN S 585 23.00 -1.49 8.78
N TRP S 586 22.64 -2.77 8.69
CA TRP S 586 21.26 -3.21 8.86
C TRP S 586 21.03 -3.83 10.24
N LYS S 587 21.76 -4.89 10.56
CA LYS S 587 21.75 -5.50 11.88
C LYS S 587 23.19 -5.71 12.28
N GLY S 588 23.62 -5.00 13.32
CA GLY S 588 25.03 -4.95 13.66
C GLY S 588 25.79 -4.17 12.61
N GLU S 589 26.79 -4.79 11.99
CA GLU S 589 27.51 -4.15 10.89
C GLU S 589 27.98 -5.25 9.96
N LYS S 590 27.19 -5.56 8.95
CA LYS S 590 27.51 -6.61 8.00
C LYS S 590 28.37 -6.01 6.90
N THR S 591 29.68 -6.28 6.95
CA THR S 591 30.64 -5.68 6.05
C THR S 591 31.29 -6.74 5.17
N ASN S 592 32.31 -6.32 4.42
CA ASN S 592 32.96 -7.20 3.45
C ASN S 592 33.79 -8.28 4.14
N SER S 593 34.24 -8.04 5.37
CA SER S 593 35.12 -9.00 6.02
C SER S 593 34.35 -10.08 6.77
N ASN S 594 33.09 -9.83 7.13
CA ASN S 594 32.33 -10.77 7.95
C ASN S 594 31.11 -11.33 7.22
N ASP S 595 30.99 -11.07 5.92
CA ASP S 595 29.87 -11.58 5.15
C ASP S 595 30.36 -11.82 3.73
N ASP S 596 29.85 -12.87 3.11
CA ASP S 596 30.29 -13.27 1.79
C ASP S 596 29.33 -12.83 0.70
N ASN S 597 28.08 -12.52 1.07
CA ASN S 597 27.14 -12.02 0.07
C ASN S 597 27.41 -10.56 -0.24
N ILE S 598 27.98 -9.81 0.71
CA ILE S 598 28.49 -8.47 0.42
C ILE S 598 29.58 -8.54 -0.63
N ARG S 599 30.50 -9.49 -0.47
CA ARG S 599 31.57 -9.71 -1.44
C ARG S 599 31.02 -10.20 -2.77
N ALA S 600 29.91 -10.94 -2.75
CA ALA S 600 29.27 -11.36 -3.98
C ALA S 600 28.64 -10.20 -4.72
N MET S 601 28.02 -9.26 -4.00
CA MET S 601 27.47 -8.07 -4.65
C MET S 601 28.58 -7.20 -5.21
N GLU S 602 29.70 -7.10 -4.49
CA GLU S 602 30.85 -6.36 -5.01
C GLU S 602 31.42 -7.04 -6.25
N GLY S 603 31.36 -8.36 -6.31
CA GLY S 603 31.79 -9.05 -7.52
C GLY S 603 30.81 -8.87 -8.66
N GLU S 604 29.52 -8.76 -8.35
CA GLU S 604 28.53 -8.53 -9.40
C GLU S 604 28.63 -7.13 -9.97
N VAL S 605 29.04 -6.16 -9.17
CA VAL S 605 29.17 -4.80 -9.67
C VAL S 605 30.53 -4.55 -10.31
N ASN S 606 31.62 -4.88 -9.62
CA ASN S 606 32.95 -4.49 -10.05
C ASN S 606 33.50 -5.37 -11.17
N VAL S 607 33.43 -6.68 -11.01
CA VAL S 607 34.10 -7.58 -11.95
C VAL S 607 33.26 -7.78 -13.21
N CYS S 608 31.94 -7.84 -13.08
CA CYS S 608 31.05 -8.12 -14.21
C CYS S 608 30.51 -6.84 -14.82
N TYR S 609 31.33 -5.78 -14.93
CA TYR S 609 30.83 -4.48 -15.36
C TYR S 609 30.54 -4.43 -16.84
N LYS S 610 31.14 -5.32 -17.64
CA LYS S 610 30.94 -5.27 -19.09
C LYS S 610 29.56 -5.72 -19.52
N GLU S 611 28.80 -6.36 -18.63
CA GLU S 611 27.39 -6.60 -18.94
C GLU S 611 26.57 -5.32 -18.88
N LEU S 612 27.07 -4.31 -18.16
CA LEU S 612 26.31 -3.09 -17.93
C LEU S 612 26.62 -2.00 -18.93
N CYS S 613 27.73 -2.11 -19.67
CA CYS S 613 28.02 -1.11 -20.69
C CYS S 613 27.16 -1.36 -21.93
N GLY S 614 26.58 -0.28 -22.45
CA GLY S 614 25.61 -0.39 -23.52
C GLY S 614 26.21 -0.24 -24.91
N PRO S 615 25.84 0.84 -25.60
CA PRO S 615 26.37 1.09 -26.95
C PRO S 615 27.82 1.55 -26.95
N TRP S 616 28.32 1.98 -28.12
CA TRP S 616 29.69 2.47 -28.21
C TRP S 616 29.92 3.75 -27.41
N PRO S 617 29.02 4.78 -27.42
CA PRO S 617 29.26 5.81 -26.39
C PRO S 617 28.68 5.42 -25.04
N SER S 618 29.31 4.43 -24.40
CA SER S 618 28.82 3.87 -23.15
C SER S 618 29.25 4.75 -21.99
N HIS S 619 28.54 5.86 -21.84
CA HIS S 619 28.77 6.76 -20.73
C HIS S 619 27.73 6.60 -19.65
N GLN S 620 26.88 5.58 -19.76
CA GLN S 620 25.82 5.30 -18.81
C GLN S 620 26.18 4.18 -17.84
N LEU S 621 27.48 3.97 -17.59
CA LEU S 621 27.90 2.79 -16.85
C LEU S 621 27.66 2.95 -15.36
N LEU S 622 27.85 4.16 -14.83
CA LEU S 622 27.72 4.38 -13.39
C LEU S 622 26.28 4.25 -12.94
N THR S 623 25.33 4.75 -13.74
CA THR S 623 23.92 4.61 -13.39
C THR S 623 23.48 3.16 -13.46
N ASN S 624 24.03 2.40 -14.42
CA ASN S 624 23.67 0.98 -14.52
C ASN S 624 24.23 0.20 -13.34
N GLN S 625 25.43 0.57 -12.87
CA GLN S 625 25.97 -0.06 -11.66
C GLN S 625 25.14 0.28 -10.43
N LEU S 626 24.68 1.53 -10.31
CA LEU S 626 23.88 1.90 -9.15
C LEU S 626 22.51 1.23 -9.16
N GLN S 627 21.90 1.10 -10.35
CA GLN S 627 20.62 0.43 -10.45
C GLN S 627 20.74 -1.06 -10.16
N ARG S 628 21.81 -1.70 -10.66
CA ARG S 628 22.04 -3.11 -10.35
C ARG S 628 22.30 -3.31 -8.87
N LEU S 629 23.00 -2.36 -8.23
CA LEU S 629 23.27 -2.51 -6.80
C LEU S 629 22.01 -2.31 -5.97
N CYS S 630 21.09 -1.47 -6.44
CA CYS S 630 19.78 -1.39 -5.80
C CYS S 630 19.01 -2.71 -5.91
N VAL S 631 19.06 -3.32 -7.09
CA VAL S 631 18.43 -4.63 -7.31
C VAL S 631 19.05 -5.70 -6.41
N LEU S 632 20.38 -5.64 -6.25
CA LEU S 632 21.06 -6.61 -5.40
C LEU S 632 20.73 -6.42 -3.93
N LEU S 633 20.52 -5.17 -3.50
CA LEU S 633 20.08 -4.93 -2.13
C LEU S 633 18.68 -5.49 -1.91
N ASP S 634 17.80 -5.34 -2.91
CA ASP S 634 16.47 -5.94 -2.83
C ASP S 634 16.55 -7.46 -2.71
N VAL S 635 17.45 -8.08 -3.45
CA VAL S 635 17.59 -9.54 -3.41
C VAL S 635 18.16 -9.99 -2.08
N TYR S 636 19.18 -9.27 -1.58
CA TYR S 636 19.80 -9.63 -0.31
C TYR S 636 18.85 -9.46 0.86
N LEU S 637 17.90 -8.52 0.77
CA LEU S 637 16.99 -8.36 1.89
C LEU S 637 15.78 -9.29 1.79
N GLU S 638 15.29 -9.56 0.58
CA GLU S 638 14.11 -10.40 0.47
C GLU S 638 14.44 -11.88 0.60
N THR S 639 15.55 -12.32 0.00
CA THR S 639 15.87 -13.74 0.00
C THR S 639 16.59 -14.20 1.25
N GLU S 640 16.73 -13.37 2.27
CA GLU S 640 17.33 -13.81 3.52
C GLU S 640 16.33 -14.62 4.34
N SER S 641 16.79 -15.77 4.84
CA SER S 641 15.95 -16.64 5.65
C SER S 641 15.82 -16.08 7.05
N HIS S 642 14.70 -16.38 7.69
CA HIS S 642 14.43 -15.89 9.05
C HIS S 642 15.19 -16.70 10.08
N LEU S 659 13.68 -19.91 -7.14
CA LEU S 659 13.44 -21.35 -7.26
C LEU S 659 14.49 -22.21 -6.53
N ARG S 660 15.57 -21.59 -6.06
CA ARG S 660 16.53 -22.24 -5.15
C ARG S 660 17.24 -21.12 -4.40
N LEU S 661 17.36 -21.28 -3.08
CA LEU S 661 17.75 -20.13 -2.26
C LEU S 661 19.25 -20.10 -2.03
N PHE S 662 19.89 -21.25 -1.88
CA PHE S 662 21.32 -21.31 -1.63
C PHE S 662 21.94 -22.40 -2.49
N ARG S 663 23.21 -22.22 -2.85
CA ARG S 663 23.99 -23.29 -3.46
C ARG S 663 25.47 -23.02 -3.21
N GLY S 664 26.26 -24.09 -3.32
CA GLY S 664 27.68 -23.99 -3.16
C GLY S 664 28.11 -24.09 -1.72
N PRO S 665 29.43 -24.16 -1.50
CA PRO S 665 29.92 -24.24 -0.11
C PRO S 665 29.73 -22.97 0.67
N SER S 666 29.74 -21.82 0.00
CA SER S 666 29.59 -20.54 0.68
C SER S 666 28.15 -20.11 0.86
N ARG S 667 27.19 -20.95 0.44
CA ARG S 667 25.75 -20.73 0.58
C ARG S 667 25.32 -19.44 -0.12
N MET S 668 25.48 -19.43 -1.44
CA MET S 668 25.40 -18.21 -2.22
C MET S 668 23.96 -17.89 -2.59
N LYS S 669 23.60 -16.62 -2.51
CA LYS S 669 22.29 -16.13 -2.90
C LYS S 669 22.24 -15.85 -4.40
N PRO S 670 21.07 -15.98 -5.04
CA PRO S 670 20.99 -15.78 -6.50
C PRO S 670 21.00 -14.31 -6.88
N PHE S 671 22.10 -13.88 -7.62
CA PHE S 671 22.30 -12.48 -7.97
C PHE S 671 22.31 -12.18 -9.46
N LYS S 672 22.16 -13.20 -10.32
CA LYS S 672 22.10 -12.99 -11.75
C LYS S 672 20.65 -12.88 -12.19
N TYR S 673 20.36 -11.87 -13.01
CA TYR S 673 19.02 -11.64 -13.51
C TYR S 673 18.87 -12.24 -14.90
N ASN S 674 17.69 -12.79 -15.18
CA ASN S 674 17.38 -13.38 -16.48
C ASN S 674 16.16 -12.65 -17.03
N HIS S 675 16.37 -11.95 -18.15
CA HIS S 675 15.34 -11.03 -18.65
C HIS S 675 14.22 -11.67 -19.47
N GLY S 678 12.68 -13.50 -16.80
CA GLY S 678 12.58 -12.60 -15.66
C GLY S 678 12.68 -13.27 -14.31
N PHE S 679 13.84 -13.87 -14.01
CA PHE S 679 14.00 -14.54 -12.72
C PHE S 679 15.47 -14.54 -12.34
N PHE S 680 15.73 -14.80 -11.07
CA PHE S 680 17.08 -14.72 -10.52
C PHE S 680 17.70 -16.10 -10.39
N SER S 681 18.87 -16.25 -10.99
CA SER S 681 19.69 -17.44 -10.87
C SER S 681 21.00 -17.07 -10.18
N HIS S 682 21.83 -18.08 -9.95
CA HIS S 682 23.13 -17.83 -9.37
C HIS S 682 24.15 -17.56 -10.46
N ARG S 683 25.25 -16.91 -10.07
CA ARG S 683 26.31 -16.56 -10.99
C ARG S 683 27.10 -17.80 -11.41
N VAL T 5 52.96 1.91 0.74
CA VAL T 5 52.15 0.70 0.84
C VAL T 5 51.52 0.27 -0.53
N PRO T 6 50.94 1.21 -1.36
CA PRO T 6 50.58 0.78 -2.72
C PRO T 6 51.81 0.66 -3.62
N LEU T 7 52.45 -0.51 -3.57
CA LEU T 7 53.69 -0.73 -4.32
C LEU T 7 53.42 -0.73 -5.82
N ALA T 8 52.59 -1.64 -6.29
CA ALA T 8 52.28 -1.77 -7.70
C ALA T 8 50.94 -1.12 -8.00
N VAL T 9 50.99 -0.05 -8.79
CA VAL T 9 49.80 0.63 -9.30
C VAL T 9 49.58 0.15 -10.73
N PRO T 10 48.40 -0.35 -11.08
CA PRO T 10 48.23 -1.01 -12.39
C PRO T 10 48.36 -0.10 -13.59
N LEU T 11 47.57 0.98 -13.68
CA LEU T 11 47.62 1.99 -14.75
C LEU T 11 47.38 1.35 -16.12
N GLY T 12 46.16 0.87 -16.30
CA GLY T 12 45.78 0.25 -17.56
C GLY T 12 44.55 -0.62 -17.41
N GLN T 13 43.68 -0.63 -18.43
CA GLN T 13 42.38 -1.29 -18.33
C GLN T 13 42.49 -2.78 -18.06
N THR T 14 43.41 -3.45 -18.76
CA THR T 14 43.62 -4.88 -18.54
C THR T 14 44.19 -5.16 -17.16
N GLU T 15 45.14 -4.33 -16.71
CA GLU T 15 45.75 -4.60 -15.41
C GLU T 15 44.84 -4.18 -14.26
N VAL T 16 44.01 -3.15 -14.47
CA VAL T 16 42.98 -2.83 -13.47
C VAL T 16 41.95 -3.95 -13.39
N PHE T 17 41.60 -4.55 -14.53
CA PHE T 17 40.66 -5.66 -14.52
C PHE T 17 41.24 -6.90 -13.85
N GLN T 18 42.54 -7.13 -14.05
CA GLN T 18 43.20 -8.26 -13.38
C GLN T 18 43.31 -8.02 -11.87
N ALA T 19 43.57 -6.77 -11.46
CA ALA T 19 43.59 -6.46 -10.04
C ALA T 19 42.21 -6.59 -9.42
N LEU T 20 41.16 -6.30 -10.19
CA LEU T 20 39.81 -6.47 -9.68
C LEU T 20 39.43 -7.93 -9.57
N GLN T 21 39.90 -8.76 -10.49
CA GLN T 21 39.63 -10.19 -10.38
C GLN T 21 40.40 -10.82 -9.23
N ARG T 22 41.63 -10.36 -9.00
CA ARG T 22 42.39 -10.88 -7.86
C ARG T 22 41.80 -10.39 -6.55
N LEU T 23 41.24 -9.18 -6.55
CA LEU T 23 40.65 -8.65 -5.33
C LEU T 23 39.35 -9.35 -4.97
N HIS T 24 38.64 -9.88 -5.97
CA HIS T 24 37.37 -10.58 -5.76
C HIS T 24 37.49 -12.07 -6.03
N MET T 25 38.56 -12.70 -5.58
CA MET T 25 38.79 -14.11 -5.84
C MET T 25 38.53 -14.94 -4.59
N THR T 26 37.88 -16.10 -4.78
CA THR T 26 37.66 -17.07 -3.73
C THR T 26 38.23 -18.40 -4.18
N ILE T 27 39.02 -19.03 -3.32
CA ILE T 27 39.67 -20.30 -3.64
C ILE T 27 38.94 -21.39 -2.87
N PHE T 28 38.22 -22.24 -3.58
CA PHE T 28 37.35 -23.24 -2.97
C PHE T 28 38.06 -24.54 -2.61
N SER T 29 38.85 -25.08 -3.53
CA SER T 29 39.35 -26.44 -3.40
C SER T 29 40.86 -26.47 -3.40
N GLN T 30 41.40 -27.54 -2.83
CA GLN T 30 42.82 -27.83 -2.86
C GLN T 30 43.05 -29.32 -3.08
N SER T 31 44.10 -29.62 -3.81
CA SER T 31 44.49 -31.01 -4.02
C SER T 31 46.01 -31.08 -4.02
N VAL T 32 46.54 -32.26 -3.74
CA VAL T 32 47.98 -32.46 -3.73
C VAL T 32 48.32 -33.49 -4.79
N SER T 33 49.54 -33.42 -5.33
CA SER T 33 50.00 -34.36 -6.33
C SER T 33 50.21 -35.74 -5.72
N PRO T 34 50.41 -36.79 -6.54
CA PRO T 34 50.85 -38.08 -5.96
C PRO T 34 52.18 -37.99 -5.23
N CYS T 35 53.13 -37.23 -5.75
CA CYS T 35 54.29 -36.82 -4.96
C CYS T 35 53.93 -35.59 -4.14
N GLY T 36 54.83 -35.20 -3.26
CA GLY T 36 54.53 -34.03 -2.46
C GLY T 36 54.77 -32.71 -3.18
N LYS T 37 55.32 -32.78 -4.39
CA LYS T 37 56.02 -31.63 -4.96
C LYS T 37 55.06 -30.58 -5.50
N PHE T 38 53.83 -30.95 -5.80
CA PHE T 38 52.91 -30.03 -6.45
C PHE T 38 51.60 -29.89 -5.67
N LEU T 39 51.01 -28.71 -5.81
CA LEU T 39 49.73 -28.35 -5.22
C LEU T 39 48.81 -27.89 -6.34
N ALA T 40 47.50 -28.11 -6.18
CA ALA T 40 46.53 -27.65 -7.15
C ALA T 40 45.45 -26.87 -6.42
N ALA T 41 45.11 -25.71 -6.94
CA ALA T 41 44.14 -24.84 -6.31
C ALA T 41 43.02 -24.51 -7.29
N GLY T 42 41.78 -24.69 -6.84
CA GLY T 42 40.61 -24.39 -7.63
C GLY T 42 40.16 -22.97 -7.39
N ASN T 43 39.40 -22.43 -8.34
CA ASN T 43 39.16 -21.00 -8.39
C ASN T 43 37.67 -20.69 -8.41
N ASN T 44 37.36 -19.45 -8.04
CA ASN T 44 36.02 -18.90 -8.19
C ASN T 44 35.60 -18.86 -9.65
N TYR T 45 36.54 -18.57 -10.55
CA TYR T 45 36.23 -18.34 -11.94
C TYR T 45 36.35 -19.60 -12.80
N GLY T 46 36.55 -20.75 -12.17
CA GLY T 46 36.67 -21.99 -12.90
C GLY T 46 38.08 -22.31 -13.34
N GLN T 47 39.06 -21.63 -12.76
CA GLN T 47 40.45 -21.78 -13.17
C GLN T 47 41.12 -22.77 -12.23
N ILE T 48 42.30 -23.23 -12.62
CA ILE T 48 43.10 -24.10 -11.77
C ILE T 48 44.54 -23.61 -11.81
N ALA T 49 45.11 -23.36 -10.63
CA ALA T 49 46.52 -23.03 -10.52
C ALA T 49 47.29 -24.24 -10.02
N ILE T 50 48.53 -24.35 -10.46
CA ILE T 50 49.42 -25.43 -10.07
C ILE T 50 50.65 -24.80 -9.41
N PHE T 51 50.91 -25.19 -8.18
CA PHE T 51 51.93 -24.58 -7.34
C PHE T 51 53.08 -25.55 -7.15
N SER T 52 54.27 -25.14 -7.57
CA SER T 52 55.46 -25.93 -7.33
C SER T 52 55.82 -25.78 -5.86
N LEU T 53 55.35 -26.72 -5.05
CA LEU T 53 55.45 -26.57 -3.60
C LEU T 53 56.87 -26.86 -3.12
N SER T 54 57.54 -27.82 -3.75
CA SER T 54 58.93 -28.12 -3.40
C SER T 54 59.85 -26.98 -3.83
N SER T 55 59.52 -26.31 -4.94
CA SER T 55 60.32 -25.16 -5.36
C SER T 55 60.07 -23.96 -4.45
N ALA T 56 58.88 -23.84 -3.89
CA ALA T 56 58.61 -22.77 -2.95
C ALA T 56 59.28 -23.04 -1.61
N LEU T 57 59.33 -24.30 -1.18
CA LEU T 57 59.95 -24.65 0.08
C LEU T 57 61.45 -24.85 0.00
N SER T 58 62.05 -24.63 -1.17
CA SER T 58 63.48 -24.85 -1.33
C SER T 58 64.29 -23.72 -0.69
N SER T 59 65.59 -23.97 -0.54
CA SER T 59 66.49 -22.92 -0.05
C SER T 59 66.69 -21.84 -1.10
N GLU T 60 66.86 -22.23 -2.35
CA GLU T 60 66.83 -21.28 -3.45
C GLU T 60 65.38 -21.01 -3.83
N ALA T 61 64.88 -19.84 -3.42
CA ALA T 61 63.50 -19.50 -3.69
C ALA T 61 63.42 -18.03 -4.04
N LYS T 62 62.74 -17.75 -5.16
CA LYS T 62 62.57 -16.39 -5.64
C LYS T 62 61.17 -15.90 -5.33
N GLU T 63 60.96 -14.60 -5.48
CA GLU T 63 59.64 -14.04 -5.26
C GLU T 63 58.66 -14.45 -6.36
N GLU T 64 59.16 -14.77 -7.55
CA GLU T 64 58.34 -15.32 -8.62
C GLU T 64 58.16 -16.82 -8.52
N SER T 65 58.75 -17.47 -7.51
CA SER T 65 58.48 -18.89 -7.28
C SER T 65 57.19 -19.12 -6.53
N LYS T 66 56.64 -18.09 -5.91
CA LYS T 66 55.34 -18.16 -5.25
C LYS T 66 54.21 -17.74 -6.20
N LYS T 67 54.22 -18.32 -7.40
CA LYS T 67 53.30 -18.02 -8.48
C LYS T 67 52.91 -19.34 -9.10
N PRO T 68 51.76 -19.43 -9.77
CA PRO T 68 51.42 -20.67 -10.48
C PRO T 68 52.35 -20.91 -11.65
N VAL T 69 52.93 -22.12 -11.69
CA VAL T 69 53.75 -22.47 -12.83
C VAL T 69 52.90 -22.74 -14.06
N VAL T 70 51.70 -23.31 -13.86
CA VAL T 70 50.69 -23.48 -14.89
C VAL T 70 49.35 -23.14 -14.28
N THR T 71 48.68 -22.14 -14.81
CA THR T 71 47.29 -21.90 -14.50
C THR T 71 46.48 -21.99 -15.78
N PHE T 72 45.29 -22.56 -15.69
CA PHE T 72 44.51 -22.79 -16.89
C PHE T 72 43.02 -22.79 -16.59
N GLN T 73 42.24 -22.27 -17.54
CA GLN T 73 40.79 -22.34 -17.47
C GLN T 73 40.35 -23.78 -17.66
N ALA T 74 39.56 -24.28 -16.72
CA ALA T 74 39.19 -25.70 -16.71
C ALA T 74 37.69 -25.96 -16.64
N HIS T 75 36.90 -25.04 -16.10
CA HIS T 75 35.46 -25.25 -16.01
C HIS T 75 34.77 -23.94 -16.32
N ASP T 76 33.51 -24.04 -16.72
CA ASP T 76 32.72 -22.84 -16.97
C ASP T 76 32.27 -22.17 -15.70
N GLY T 77 31.73 -22.94 -14.75
CA GLY T 77 31.37 -22.42 -13.46
C GLY T 77 32.50 -22.62 -12.48
N PRO T 78 32.26 -22.35 -11.19
CA PRO T 78 33.33 -22.43 -10.21
C PRO T 78 33.75 -23.87 -9.92
N VAL T 79 35.01 -24.04 -9.54
CA VAL T 79 35.56 -25.34 -9.18
C VAL T 79 35.32 -25.54 -7.69
N TYR T 80 34.29 -26.32 -7.36
CA TYR T 80 33.94 -26.53 -5.96
C TYR T 80 34.69 -27.69 -5.31
N SER T 81 35.26 -28.61 -6.08
CA SER T 81 35.91 -29.76 -5.48
C SER T 81 36.98 -30.32 -6.40
N MET T 82 38.10 -30.70 -5.78
CA MET T 82 39.13 -31.50 -6.40
C MET T 82 39.34 -32.76 -5.57
N VAL T 83 39.90 -33.77 -6.22
CA VAL T 83 40.45 -34.92 -5.52
C VAL T 83 41.54 -35.50 -6.42
N SER T 84 42.48 -36.23 -5.83
CA SER T 84 43.60 -36.77 -6.57
C SER T 84 43.74 -38.26 -6.33
N THR T 85 44.22 -38.96 -7.35
CA THR T 85 44.41 -40.40 -7.34
C THR T 85 45.90 -40.70 -7.47
N ASP T 86 46.20 -41.97 -7.76
CA ASP T 86 47.59 -42.37 -8.01
C ASP T 86 48.14 -41.70 -9.26
N ARG T 87 47.28 -41.37 -10.23
CA ARG T 87 47.72 -40.78 -11.48
C ARG T 87 46.92 -39.56 -11.92
N HIS T 88 45.69 -39.39 -11.47
CA HIS T 88 44.80 -38.39 -12.05
C HIS T 88 44.51 -37.28 -11.06
N LEU T 89 43.95 -36.20 -11.59
CA LEU T 89 43.37 -35.12 -10.83
C LEU T 89 41.92 -34.98 -11.30
N LEU T 90 40.99 -35.33 -10.44
CA LEU T 90 39.57 -35.21 -10.74
C LEU T 90 39.08 -33.87 -10.22
N SER T 91 38.37 -33.13 -11.08
CA SER T 91 37.92 -31.80 -10.74
C SER T 91 36.45 -31.66 -11.10
N ALA T 92 35.61 -31.33 -10.13
CA ALA T 92 34.18 -31.17 -10.35
C ALA T 92 33.89 -29.68 -10.50
N GLY T 93 33.34 -29.31 -11.65
CA GLY T 93 33.16 -27.91 -11.96
C GLY T 93 31.71 -27.45 -11.99
N ASP T 94 31.20 -27.22 -13.20
CA ASP T 94 29.86 -26.71 -13.41
C ASP T 94 28.81 -27.69 -12.92
N GLY T 95 28.74 -28.86 -13.54
CA GLY T 95 27.88 -29.92 -13.06
C GLY T 95 28.49 -31.27 -13.36
N GLU T 96 29.73 -31.27 -13.83
CA GLU T 96 30.35 -32.47 -14.37
C GLU T 96 31.78 -32.53 -13.87
N VAL T 97 32.35 -33.74 -13.94
CA VAL T 97 33.70 -34.01 -13.46
C VAL T 97 34.61 -34.19 -14.65
N LYS T 98 35.70 -33.42 -14.68
CA LYS T 98 36.75 -33.62 -15.65
C LYS T 98 37.93 -34.30 -14.97
N ALA T 99 38.79 -34.90 -15.78
CA ALA T 99 39.99 -35.57 -15.29
C ALA T 99 41.21 -35.04 -16.02
N TRP T 100 42.29 -34.84 -15.28
CA TRP T 100 43.49 -34.24 -15.81
C TRP T 100 44.67 -35.11 -15.39
N LEU T 101 45.70 -35.14 -16.22
CA LEU T 101 46.91 -35.91 -15.93
C LEU T 101 47.96 -35.00 -15.31
N TRP T 102 48.58 -35.48 -14.23
CA TRP T 102 49.63 -34.71 -13.56
C TRP T 102 50.86 -34.56 -14.44
N ALA T 103 51.11 -35.55 -15.31
CA ALA T 103 52.25 -35.46 -16.20
C ALA T 103 52.01 -34.46 -17.32
N GLU T 104 50.75 -34.32 -17.76
CA GLU T 104 50.47 -33.48 -18.91
C GLU T 104 50.01 -32.08 -18.54
N MET T 105 49.57 -31.87 -17.29
CA MET T 105 49.13 -30.53 -16.90
C MET T 105 50.31 -29.58 -16.70
N LEU T 106 51.52 -30.12 -16.50
CA LEU T 106 52.70 -29.26 -16.46
C LEU T 106 53.14 -28.84 -17.86
N LYS T 107 52.80 -29.61 -18.89
CA LYS T 107 53.21 -29.32 -20.25
C LYS T 107 52.26 -28.31 -20.89
N LYS T 108 52.42 -28.11 -22.20
CA LYS T 108 51.68 -27.11 -22.93
C LYS T 108 50.35 -27.62 -23.48
N GLY T 109 50.14 -28.93 -23.49
CA GLY T 109 48.92 -29.50 -24.05
C GLY T 109 47.69 -29.22 -23.23
N CYS T 110 47.66 -29.78 -22.01
CA CYS T 110 46.59 -29.61 -21.03
C CYS T 110 45.23 -30.04 -21.58
N LYS T 111 45.17 -31.29 -22.03
CA LYS T 111 43.93 -31.90 -22.47
C LYS T 111 43.32 -32.70 -21.33
N GLU T 112 42.03 -32.98 -21.47
CA GLU T 112 41.29 -33.74 -20.47
C GLU T 112 41.23 -35.21 -20.88
N LEU T 113 41.08 -36.09 -19.89
CA LEU T 113 40.90 -37.50 -20.20
C LEU T 113 39.45 -37.80 -20.54
N TRP T 114 38.53 -37.50 -19.62
CA TRP T 114 37.12 -37.76 -19.86
C TRP T 114 36.28 -36.58 -19.41
N ARG T 115 34.97 -36.78 -19.46
CA ARG T 115 33.97 -35.81 -19.03
C ARG T 115 32.70 -36.57 -18.70
N ARG T 116 32.44 -36.78 -17.42
CA ARG T 116 31.29 -37.55 -16.97
C ARG T 116 30.28 -36.65 -16.27
N GLN T 117 29.01 -36.85 -16.60
CA GLN T 117 27.92 -36.08 -16.00
C GLN T 117 26.85 -37.05 -15.49
N PRO T 118 26.53 -37.02 -14.20
CA PRO T 118 25.56 -37.95 -13.64
C PRO T 118 24.15 -37.62 -14.10
N PRO T 127 22.63 -28.58 -11.29
CA PRO T 127 23.09 -28.45 -9.90
C PRO T 127 24.59 -28.72 -9.73
N GLU T 128 25.12 -28.25 -8.60
CA GLU T 128 26.54 -28.27 -8.33
C GLU T 128 26.98 -29.62 -7.78
N ILE T 129 28.29 -29.77 -7.61
CA ILE T 129 28.90 -30.95 -7.00
C ILE T 129 29.81 -30.42 -5.90
N ASN T 130 29.35 -30.50 -4.66
CA ASN T 130 30.04 -29.86 -3.55
C ASN T 130 31.19 -30.72 -3.02
N ALA T 131 30.98 -32.04 -2.94
CA ALA T 131 31.97 -32.90 -2.32
C ALA T 131 32.31 -34.07 -3.23
N LEU T 132 33.60 -34.35 -3.36
CA LEU T 132 34.12 -35.52 -4.05
C LEU T 132 34.75 -36.44 -3.02
N LEU T 133 34.27 -37.67 -2.94
CA LEU T 133 34.87 -38.68 -2.09
C LEU T 133 35.50 -39.76 -2.95
N LEU T 134 36.80 -39.98 -2.74
CA LEU T 134 37.53 -41.01 -3.47
C LEU T 134 37.62 -42.24 -2.57
N VAL T 135 37.01 -43.33 -3.00
CA VAL T 135 36.84 -44.52 -2.18
C VAL T 135 37.93 -45.51 -2.55
N PRO T 136 38.77 -45.97 -1.61
CA PRO T 136 39.66 -47.09 -1.89
C PRO T 136 38.92 -48.43 -1.81
N LYS T 137 39.66 -49.53 -1.96
CA LYS T 137 39.23 -50.94 -1.89
C LYS T 137 38.38 -51.33 -3.12
N GLU T 138 38.04 -50.34 -3.94
CA GLU T 138 37.29 -50.50 -5.17
C GLU T 138 37.39 -49.18 -5.91
N ASN T 139 37.65 -49.23 -7.23
CA ASN T 139 37.80 -47.99 -7.98
C ASN T 139 36.45 -47.30 -8.13
N SER T 140 36.19 -46.31 -7.27
CA SER T 140 34.90 -45.67 -7.26
C SER T 140 35.06 -44.21 -6.86
N LEU T 141 33.98 -43.45 -7.08
CA LEU T 141 33.97 -42.03 -6.80
C LEU T 141 32.54 -41.64 -6.45
N ILE T 142 32.36 -40.95 -5.33
CA ILE T 142 31.03 -40.56 -4.86
C ILE T 142 30.82 -39.09 -5.15
N LEU T 143 29.75 -38.80 -5.88
CA LEU T 143 29.34 -37.44 -6.22
C LEU T 143 28.20 -37.03 -5.31
N ALA T 144 28.23 -35.78 -4.85
CA ALA T 144 27.21 -35.24 -3.97
C ALA T 144 27.08 -33.75 -4.25
N GLY T 145 25.86 -33.26 -4.29
CA GLY T 145 25.65 -31.84 -4.54
C GLY T 145 24.21 -31.41 -4.47
N GLY T 146 23.84 -30.52 -5.39
CA GLY T 146 22.52 -29.91 -5.38
C GLY T 146 21.40 -30.82 -5.86
N ASP T 147 21.74 -32.04 -6.29
CA ASP T 147 20.72 -33.03 -6.65
C ASP T 147 20.15 -33.72 -5.42
N CYS T 148 20.73 -33.45 -4.23
CA CYS T 148 20.33 -34.03 -2.94
C CYS T 148 20.44 -35.54 -2.93
N GLN T 149 21.34 -36.10 -3.76
CA GLN T 149 21.45 -37.52 -3.95
C GLN T 149 22.92 -37.89 -4.08
N LEU T 150 23.27 -39.07 -3.60
CA LEU T 150 24.63 -39.57 -3.67
C LEU T 150 24.76 -40.49 -4.86
N HIS T 151 25.64 -40.14 -5.80
CA HIS T 151 25.87 -40.96 -6.97
C HIS T 151 27.21 -41.68 -6.83
N THR T 152 27.26 -42.94 -7.24
CA THR T 152 28.51 -43.70 -7.23
C THR T 152 28.93 -43.98 -8.67
N MET T 153 30.18 -43.68 -8.99
CA MET T 153 30.71 -43.86 -10.33
C MET T 153 31.93 -44.76 -10.31
N ASP T 154 32.00 -45.68 -11.26
CA ASP T 154 33.20 -46.48 -11.47
C ASP T 154 34.27 -45.61 -12.12
N LEU T 155 35.52 -45.80 -11.69
CA LEU T 155 36.61 -44.99 -12.25
C LEU T 155 37.08 -45.52 -13.59
N GLU T 156 36.94 -46.83 -13.83
CA GLU T 156 37.41 -47.41 -15.09
C GLU T 156 36.46 -47.07 -16.23
N THR T 157 35.18 -47.36 -16.06
CA THR T 157 34.16 -47.03 -17.05
C THR T 157 33.19 -46.03 -16.45
N GLY T 158 32.76 -45.08 -17.27
CA GLY T 158 31.87 -44.03 -16.80
C GLY T 158 30.42 -44.45 -16.66
N THR T 159 30.17 -45.41 -15.77
CA THR T 159 28.82 -45.86 -15.49
C THR T 159 28.48 -45.54 -14.04
N PHE T 160 27.24 -45.16 -13.79
CA PHE T 160 26.81 -44.76 -12.46
C PHE T 160 25.97 -45.89 -11.85
N THR T 161 26.44 -46.43 -10.73
CA THR T 161 25.86 -47.66 -10.20
C THR T 161 24.77 -47.38 -9.15
N ARG T 162 25.11 -46.73 -8.06
CA ARG T 162 24.18 -46.51 -6.96
C ARG T 162 23.75 -45.05 -6.90
N VAL T 163 22.47 -44.86 -6.58
CA VAL T 163 21.89 -43.55 -6.28
C VAL T 163 21.24 -43.65 -4.90
N LEU T 164 21.65 -42.78 -4.00
CA LEU T 164 21.22 -42.81 -2.60
C LEU T 164 20.42 -41.55 -2.30
N ARG T 165 19.23 -41.73 -1.74
CA ARG T 165 18.25 -40.65 -1.55
C ARG T 165 17.84 -40.60 -0.07
N GLY T 166 18.55 -39.81 0.73
CA GLY T 166 18.13 -39.65 2.11
C GLY T 166 17.96 -38.22 2.57
N HIS T 167 18.66 -37.29 1.94
CA HIS T 167 18.64 -35.91 2.40
C HIS T 167 17.44 -35.15 1.85
N THR T 168 17.13 -34.04 2.51
CA THR T 168 16.08 -33.14 2.06
C THR T 168 16.64 -31.97 1.26
N ASP T 169 17.66 -31.29 1.79
CA ASP T 169 18.37 -30.25 1.08
C ASP T 169 19.74 -30.77 0.66
N TYR T 170 20.54 -29.89 0.06
CA TYR T 170 21.75 -30.34 -0.62
C TYR T 170 22.85 -30.66 0.39
N ILE T 171 23.89 -31.30 -0.11
CA ILE T 171 24.94 -31.90 0.70
C ILE T 171 26.17 -31.02 0.65
N HIS T 172 26.88 -30.91 1.77
CA HIS T 172 28.12 -30.14 1.80
C HIS T 172 29.37 -30.98 1.84
N CYS T 173 29.36 -32.14 2.48
CA CYS T 173 30.59 -32.86 2.74
C CYS T 173 30.31 -34.34 2.89
N LEU T 174 31.36 -35.13 2.67
CA LEU T 174 31.33 -36.58 2.73
C LEU T 174 32.45 -37.05 3.63
N ALA T 175 32.41 -38.33 4.01
CA ALA T 175 33.43 -38.85 4.89
C ALA T 175 33.59 -40.34 4.64
N LEU T 176 34.57 -40.94 5.30
CA LEU T 176 34.96 -42.33 5.10
C LEU T 176 35.65 -42.83 6.36
N ARG T 177 35.26 -44.02 6.84
CA ARG T 177 35.89 -44.53 8.05
C ARG T 177 36.20 -46.01 8.06
N GLU T 178 35.96 -46.74 6.97
CA GLU T 178 36.44 -48.13 6.74
C GLU T 178 35.90 -49.09 7.80
N ARG T 179 34.57 -49.21 7.83
CA ARG T 179 33.84 -50.14 8.68
C ARG T 179 32.61 -50.58 7.90
N SER T 180 31.60 -51.09 8.60
CA SER T 180 30.38 -51.54 7.92
C SER T 180 29.55 -50.40 7.33
N PRO T 181 29.23 -49.28 8.07
CA PRO T 181 28.53 -48.18 7.38
C PRO T 181 29.40 -47.45 6.38
N GLU T 182 30.56 -46.96 6.84
CA GLU T 182 31.73 -46.55 6.07
C GLU T 182 31.55 -45.22 5.32
N VAL T 183 30.34 -44.69 5.22
CA VAL T 183 30.11 -43.43 4.51
C VAL T 183 29.22 -42.53 5.35
N LEU T 184 29.75 -41.38 5.74
CA LEU T 184 28.98 -40.32 6.35
C LEU T 184 28.67 -39.26 5.31
N SER T 185 27.53 -38.59 5.46
CA SER T 185 27.20 -37.48 4.58
C SER T 185 26.40 -36.45 5.36
N GLY T 186 26.84 -35.20 5.29
CA GLY T 186 26.19 -34.11 6.00
C GLY T 186 25.71 -33.04 5.04
N GLY T 187 24.55 -32.47 5.33
CA GLY T 187 23.96 -31.55 4.39
C GLY T 187 23.30 -30.32 4.97
N GLU T 188 22.65 -29.56 4.10
CA GLU T 188 21.93 -28.35 4.46
C GLU T 188 20.67 -28.64 5.27
N ASP T 189 20.14 -29.86 5.20
CA ASP T 189 18.95 -30.19 5.98
C ASP T 189 19.25 -30.33 7.47
N GLY T 190 20.50 -30.56 7.85
CA GLY T 190 20.87 -30.61 9.25
C GLY T 190 20.94 -31.99 9.85
N ALA T 191 21.38 -32.99 9.10
CA ALA T 191 21.43 -34.34 9.61
C ALA T 191 22.59 -35.10 8.96
N VAL T 192 23.40 -35.73 9.79
CA VAL T 192 24.49 -36.59 9.33
C VAL T 192 23.90 -37.98 9.10
N ARG T 193 24.04 -38.48 7.88
CA ARG T 193 23.43 -39.76 7.51
C ARG T 193 24.53 -40.77 7.19
N LEU T 194 24.26 -42.04 7.51
CA LEU T 194 25.21 -43.12 7.30
C LEU T 194 24.70 -43.99 6.16
N TRP T 195 25.61 -44.37 5.26
CA TRP T 195 25.23 -45.00 4.00
C TRP T 195 26.05 -46.26 3.80
N ASP T 196 25.47 -47.42 4.12
CA ASP T 196 26.11 -48.70 3.88
C ASP T 196 26.18 -48.95 2.38
N LEU T 197 27.38 -49.21 1.87
CA LEU T 197 27.58 -49.33 0.43
C LEU T 197 27.07 -50.65 -0.11
N ARG T 198 27.01 -51.68 0.73
CA ARG T 198 26.60 -53.00 0.25
C ARG T 198 25.09 -53.04 0.01
N THR T 199 24.31 -52.71 1.04
CA THR T 199 22.86 -52.71 0.92
C THR T 199 22.32 -51.49 0.18
N ALA T 200 23.15 -50.46 0.00
CA ALA T 200 22.78 -49.18 -0.61
C ALA T 200 21.58 -48.54 0.09
N LYS T 201 21.62 -48.55 1.42
CA LYS T 201 20.53 -48.02 2.23
C LYS T 201 21.10 -47.11 3.30
N GLU T 202 20.21 -46.39 3.97
CA GLU T 202 20.57 -45.52 5.08
C GLU T 202 20.37 -46.31 6.37
N VAL T 203 21.41 -46.34 7.22
CA VAL T 203 21.35 -47.18 8.41
C VAL T 203 21.25 -46.36 9.69
N GLN T 204 21.65 -45.09 9.68
CA GLN T 204 21.65 -44.29 10.90
C GLN T 204 21.59 -42.81 10.51
N THR T 205 20.86 -42.03 11.32
CA THR T 205 20.70 -40.60 11.09
C THR T 205 20.90 -39.88 12.41
N ILE T 206 21.76 -38.86 12.40
CA ILE T 206 22.07 -38.07 13.58
C ILE T 206 21.65 -36.64 13.26
N GLU T 207 20.58 -36.18 13.89
CA GLU T 207 20.13 -34.80 13.73
C GLU T 207 20.79 -33.95 14.82
N VAL T 208 21.64 -33.01 14.39
CA VAL T 208 22.43 -32.27 15.35
C VAL T 208 21.67 -31.07 15.90
N TYR T 209 20.72 -30.52 15.14
CA TYR T 209 19.97 -29.36 15.62
C TYR T 209 18.91 -29.74 16.63
N LYS T 210 18.50 -31.02 16.65
CA LYS T 210 17.48 -31.47 17.58
C LYS T 210 18.00 -31.48 19.01
N HIS T 211 19.29 -31.76 19.18
CA HIS T 211 19.90 -31.75 20.51
C HIS T 211 20.07 -30.32 21.00
N GLU T 212 19.58 -30.04 22.21
CA GLU T 212 19.57 -28.68 22.74
C GLU T 212 20.95 -28.22 23.18
N GLU T 213 21.91 -29.13 23.32
CA GLU T 213 23.27 -28.74 23.70
C GLU T 213 24.01 -28.08 22.54
N CYS T 214 23.49 -28.21 21.32
CA CYS T 214 24.24 -27.89 20.12
C CYS T 214 23.53 -26.86 19.24
N SER T 215 22.26 -26.55 19.53
CA SER T 215 21.29 -26.02 18.57
C SER T 215 21.69 -24.72 17.89
N ARG T 216 21.79 -23.62 18.64
CA ARG T 216 22.13 -22.27 18.19
C ARG T 216 21.25 -21.84 17.01
N PRO T 217 19.99 -21.48 17.27
CA PRO T 217 19.05 -21.23 16.14
C PRO T 217 19.30 -19.93 15.41
N HIS T 218 20.28 -19.13 15.81
CA HIS T 218 20.54 -17.87 15.13
C HIS T 218 21.22 -18.11 13.79
N ASN T 219 22.24 -18.95 13.76
CA ASN T 219 22.94 -19.25 12.51
C ASN T 219 22.16 -20.19 11.61
N GLY T 220 21.29 -21.02 12.16
CA GLY T 220 20.52 -21.94 11.36
C GLY T 220 21.01 -23.36 11.49
N ARG T 221 20.45 -24.21 10.65
CA ARG T 221 20.78 -25.63 10.64
C ARG T 221 21.41 -25.99 9.29
N TRP T 222 22.73 -26.11 9.28
CA TRP T 222 23.46 -26.59 8.12
C TRP T 222 24.78 -27.16 8.60
N ILE T 223 25.15 -28.31 8.06
CA ILE T 223 26.35 -29.04 8.46
C ILE T 223 27.36 -28.84 7.34
N GLY T 224 28.46 -28.18 7.67
CA GLY T 224 29.45 -27.84 6.66
C GLY T 224 30.63 -28.78 6.60
N CYS T 225 30.92 -29.45 7.71
CA CYS T 225 32.15 -30.23 7.82
C CYS T 225 31.92 -31.49 8.64
N LEU T 226 32.62 -32.56 8.24
CA LEU T 226 32.64 -33.83 8.96
C LEU T 226 34.07 -34.33 9.04
N ALA T 227 34.31 -35.23 9.98
CA ALA T 227 35.61 -35.86 10.15
C ALA T 227 35.41 -37.18 10.89
N THR T 228 36.28 -38.14 10.61
CA THR T 228 36.18 -39.48 11.19
C THR T 228 37.48 -39.88 11.86
N ASP T 229 37.36 -40.55 13.01
CA ASP T 229 38.46 -41.28 13.63
C ASP T 229 38.13 -42.76 13.75
N SER T 230 37.19 -43.23 12.92
CA SER T 230 36.65 -44.59 12.82
C SER T 230 35.81 -45.01 14.03
N ASP T 231 35.73 -44.16 15.05
CA ASP T 231 34.88 -44.41 16.20
C ASP T 231 34.18 -43.13 16.61
N TRP T 232 34.75 -41.99 16.21
CA TRP T 232 34.29 -40.67 16.62
C TRP T 232 33.86 -39.87 15.40
N MET T 233 33.34 -38.67 15.64
CA MET T 233 32.92 -37.78 14.57
C MET T 233 32.98 -36.35 15.06
N VAL T 234 33.41 -35.44 14.20
CA VAL T 234 33.37 -34.01 14.51
C VAL T 234 32.42 -33.37 13.51
N CYS T 235 31.34 -32.77 14.01
CA CYS T 235 30.31 -32.19 13.18
C CYS T 235 30.21 -30.71 13.48
N GLY T 236 30.26 -29.88 12.43
CA GLY T 236 30.24 -28.45 12.62
C GLY T 236 29.55 -27.76 11.47
N GLY T 237 29.38 -26.45 11.61
CA GLY T 237 28.71 -25.68 10.58
C GLY T 237 27.84 -24.61 11.19
N GLY T 238 26.55 -24.68 10.86
CA GLY T 238 25.54 -23.87 11.50
C GLY T 238 25.47 -23.99 13.02
N PRO T 239 25.05 -25.18 13.54
CA PRO T 239 24.81 -25.30 14.99
C PRO T 239 26.00 -25.09 15.92
N ALA T 240 27.02 -25.95 15.87
CA ALA T 240 28.12 -25.92 16.83
C ALA T 240 29.17 -26.93 16.37
N LEU T 241 30.39 -26.76 16.89
CA LEU T 241 31.46 -27.70 16.62
C LEU T 241 31.42 -28.77 17.72
N THR T 242 30.90 -29.94 17.38
CA THR T 242 30.52 -30.95 18.36
C THR T 242 31.29 -32.24 18.09
N LEU T 243 31.63 -32.94 19.17
CA LEU T 243 32.28 -34.25 19.08
C LEU T 243 31.25 -35.33 19.42
N TRP T 244 30.88 -36.11 18.42
CA TRP T 244 29.92 -37.19 18.57
C TRP T 244 30.64 -38.52 18.68
N HIS T 245 30.08 -39.41 19.50
CA HIS T 245 30.52 -40.79 19.59
C HIS T 245 29.61 -41.65 18.72
N LEU T 246 30.18 -42.26 17.68
CA LEU T 246 29.41 -43.13 16.83
C LEU T 246 29.14 -44.45 17.54
N ARG T 247 28.05 -45.12 17.12
CA ARG T 247 27.38 -46.31 17.68
C ARG T 247 26.59 -45.94 18.94
N SER T 248 26.79 -44.73 19.46
CA SER T 248 26.00 -44.19 20.55
C SER T 248 25.18 -42.98 20.14
N SER T 249 25.67 -42.18 19.19
CA SER T 249 25.06 -40.92 18.73
C SER T 249 24.81 -39.97 19.88
N THR T 250 25.82 -39.76 20.71
CA THR T 250 25.72 -38.89 21.86
C THR T 250 26.67 -37.72 21.72
N PRO T 251 26.23 -36.48 21.98
CA PRO T 251 27.15 -35.34 21.94
C PRO T 251 28.05 -35.34 23.17
N THR T 252 29.33 -35.61 22.95
CA THR T 252 30.25 -35.74 24.08
C THR T 252 30.77 -34.38 24.56
N THR T 253 31.45 -33.64 23.69
CA THR T 253 31.94 -32.32 24.06
C THR T 253 31.67 -31.32 22.95
N ILE T 254 31.65 -30.05 23.35
CA ILE T 254 31.36 -28.92 22.48
C ILE T 254 32.59 -28.03 22.49
N PHE T 255 32.97 -27.52 21.32
CA PHE T 255 34.11 -26.63 21.21
C PHE T 255 33.63 -25.19 21.20
N PRO T 256 33.94 -24.40 22.23
CA PRO T 256 33.33 -23.06 22.43
C PRO T 256 33.86 -21.98 21.50
N ILE T 257 33.25 -21.86 20.32
CA ILE T 257 33.63 -20.84 19.37
C ILE T 257 32.37 -20.24 18.74
N ARG T 258 32.44 -18.96 18.42
CA ARG T 258 31.29 -18.22 17.90
C ARG T 258 31.14 -18.33 16.40
N ALA T 259 32.25 -18.27 15.66
CA ALA T 259 32.18 -18.24 14.20
C ALA T 259 31.83 -19.62 13.66
N PRO T 260 31.03 -19.70 12.60
CA PRO T 260 30.74 -21.01 11.99
C PRO T 260 31.96 -21.56 11.27
N GLN T 261 32.13 -22.87 11.36
CA GLN T 261 33.33 -23.53 10.88
C GLN T 261 33.04 -24.28 9.58
N LYS T 262 33.78 -23.95 8.53
CA LYS T 262 33.55 -24.50 7.20
C LYS T 262 34.32 -25.77 6.93
N HIS T 263 35.31 -26.11 7.76
CA HIS T 263 36.15 -27.26 7.50
C HIS T 263 36.74 -27.74 8.82
N VAL T 264 36.91 -29.06 8.95
CA VAL T 264 37.49 -29.65 10.14
C VAL T 264 38.24 -30.91 9.74
N THR T 265 39.25 -31.27 10.52
CA THR T 265 40.02 -32.49 10.27
C THR T 265 40.69 -32.94 11.56
N PHE T 266 41.13 -34.20 11.54
CA PHE T 266 41.90 -34.76 12.64
C PHE T 266 43.38 -34.62 12.34
N TYR T 267 44.12 -34.07 13.29
CA TYR T 267 45.57 -34.09 13.26
C TYR T 267 46.01 -35.33 14.04
N GLN T 268 47.29 -35.38 14.45
CA GLN T 268 47.80 -36.51 15.23
C GLN T 268 47.02 -36.68 16.54
N ASP T 269 46.95 -35.63 17.35
CA ASP T 269 46.03 -35.63 18.47
C ASP T 269 45.38 -34.26 18.68
N LEU T 270 45.21 -33.48 17.61
CA LEU T 270 44.56 -32.19 17.68
C LEU T 270 43.32 -32.20 16.80
N ILE T 271 42.60 -31.09 16.82
CA ILE T 271 41.49 -30.83 15.92
C ILE T 271 41.78 -29.50 15.24
N LEU T 272 41.89 -29.53 13.92
CA LEU T 272 42.12 -28.31 13.15
C LEU T 272 40.79 -27.82 12.59
N SER T 273 40.59 -26.50 12.63
CA SER T 273 39.34 -25.93 12.18
C SER T 273 39.59 -24.58 11.53
N ALA T 274 38.67 -24.19 10.64
CA ALA T 274 38.74 -22.92 9.96
C ALA T 274 37.35 -22.56 9.48
N GLY T 275 37.02 -21.28 9.51
CA GLY T 275 35.69 -20.83 9.13
C GLY T 275 35.67 -19.37 8.77
N GLN T 276 34.62 -18.68 9.22
CA GLN T 276 34.41 -17.29 8.86
C GLN T 276 35.37 -16.34 9.54
N GLY T 277 36.08 -16.79 10.58
CA GLY T 277 37.12 -15.99 11.19
C GLY T 277 38.38 -15.96 10.33
N ARG T 278 39.39 -15.27 10.86
CA ARG T 278 40.66 -15.13 10.17
C ARG T 278 41.64 -16.24 10.47
N CYS T 279 41.58 -16.82 11.66
CA CYS T 279 42.63 -17.70 12.16
C CYS T 279 42.26 -19.17 12.02
N VAL T 280 43.30 -20.01 12.00
CA VAL T 280 43.20 -21.46 12.09
C VAL T 280 43.13 -21.85 13.55
N ASN T 281 42.16 -22.68 13.90
CA ASN T 281 41.83 -23.01 15.29
C ASN T 281 42.35 -24.40 15.61
N GLN T 282 43.19 -24.51 16.62
CA GLN T 282 43.77 -25.77 17.06
C GLN T 282 43.15 -26.12 18.40
N TRP T 283 42.35 -27.19 18.42
CA TRP T 283 41.64 -27.66 19.59
C TRP T 283 42.30 -28.93 20.11
N GLN T 284 42.16 -29.15 21.41
CA GLN T 284 42.45 -30.44 22.01
C GLN T 284 41.17 -31.27 22.03
N LEU T 285 41.33 -32.59 22.10
CA LEU T 285 40.20 -33.48 21.99
C LEU T 285 39.31 -33.44 23.24
N SER T 286 39.83 -32.93 24.35
CA SER T 286 39.00 -32.72 25.54
C SER T 286 38.04 -31.56 25.32
N GLY T 287 38.45 -30.54 24.58
CA GLY T 287 37.60 -29.41 24.31
C GLY T 287 38.22 -28.09 24.71
N GLU T 288 39.54 -28.08 24.87
CA GLU T 288 40.28 -26.89 25.27
C GLU T 288 40.93 -26.27 24.03
N LEU T 289 40.75 -24.96 23.87
CA LEU T 289 41.35 -24.23 22.76
C LEU T 289 42.85 -24.15 22.96
N LYS T 290 43.59 -24.92 22.17
CA LYS T 290 45.04 -24.93 22.33
C LYS T 290 45.68 -23.72 21.67
N ALA T 291 45.24 -23.38 20.45
CA ALA T 291 45.89 -22.29 19.74
C ALA T 291 44.95 -21.65 18.72
N GLN T 292 45.29 -20.43 18.33
CA GLN T 292 44.68 -19.74 17.20
C GLN T 292 45.78 -19.05 16.41
N VAL T 293 46.04 -19.52 15.20
CA VAL T 293 47.13 -19.01 14.38
C VAL T 293 46.53 -18.13 13.29
N PRO T 294 46.84 -16.85 13.24
CA PRO T 294 46.19 -15.98 12.25
C PRO T 294 46.70 -16.22 10.84
N GLY T 295 45.76 -16.25 9.90
CA GLY T 295 46.07 -16.34 8.50
C GLY T 295 45.93 -15.01 7.80
N SER T 296 46.19 -15.04 6.49
CA SER T 296 46.13 -13.83 5.67
C SER T 296 44.74 -13.58 5.07
N SER T 297 43.88 -14.55 5.07
CA SER T 297 42.56 -14.39 4.50
C SER T 297 41.57 -13.95 5.56
N PRO T 298 40.55 -13.17 5.19
CA PRO T 298 39.50 -12.84 6.16
C PRO T 298 38.66 -14.04 6.55
N GLY T 299 38.52 -15.02 5.66
CA GLY T 299 37.86 -16.27 6.00
C GLY T 299 38.50 -17.40 5.23
N LEU T 300 38.44 -18.58 5.81
CA LEU T 300 39.05 -19.76 5.22
C LEU T 300 37.98 -20.78 4.87
N LEU T 301 38.22 -21.51 3.78
CA LEU T 301 37.28 -22.53 3.32
C LEU T 301 37.90 -23.91 3.19
N SER T 302 39.22 -24.04 3.24
CA SER T 302 39.83 -25.33 2.98
C SER T 302 41.17 -25.43 3.69
N LEU T 303 41.38 -26.57 4.34
CA LEU T 303 42.67 -26.96 4.91
C LEU T 303 43.17 -28.21 4.20
N SER T 304 44.47 -28.38 4.18
CA SER T 304 45.05 -29.58 3.58
C SER T 304 46.37 -29.90 4.25
N LEU T 305 46.43 -31.08 4.88
CA LEU T 305 47.69 -31.65 5.35
C LEU T 305 48.32 -32.40 4.19
N ASN T 306 49.56 -32.06 3.87
CA ASN T 306 50.26 -32.67 2.74
C ASN T 306 51.13 -33.81 3.26
N GLN T 307 50.46 -34.87 3.72
CA GLN T 307 51.11 -36.04 4.29
C GLN T 307 51.24 -37.08 3.18
N GLN T 308 52.32 -36.99 2.41
CA GLN T 308 52.54 -37.88 1.28
C GLN T 308 53.90 -38.55 1.44
N PRO T 309 54.03 -39.84 1.10
CA PRO T 309 55.34 -40.46 1.10
C PRO T 309 56.17 -40.00 -0.08
N ALA T 310 57.46 -40.36 -0.04
CA ALA T 310 58.52 -40.03 -1.01
C ALA T 310 58.80 -38.54 -1.14
N ALA T 311 58.24 -37.69 -0.28
CA ALA T 311 58.58 -36.27 -0.19
C ALA T 311 58.31 -35.78 1.21
N PRO T 312 59.22 -36.03 2.16
CA PRO T 312 59.00 -35.54 3.53
C PRO T 312 59.17 -34.05 3.66
N GLU T 313 59.89 -33.42 2.73
CA GLU T 313 60.12 -31.98 2.80
C GLU T 313 58.88 -31.19 2.44
N CYS T 314 57.92 -31.81 1.76
CA CYS T 314 56.65 -31.17 1.46
C CYS T 314 55.57 -31.62 2.45
N LYS T 315 55.83 -31.40 3.73
CA LYS T 315 54.90 -31.72 4.81
C LYS T 315 54.50 -30.41 5.47
N VAL T 316 53.48 -29.76 4.92
CA VAL T 316 53.00 -28.47 5.39
C VAL T 316 51.49 -28.52 5.51
N LEU T 317 50.92 -27.49 6.15
CA LEU T 317 49.48 -27.29 6.20
C LEU T 317 49.14 -26.11 5.31
N THR T 318 48.30 -26.33 4.32
CA THR T 318 47.91 -25.26 3.40
C THR T 318 46.46 -24.86 3.66
N ALA T 319 46.22 -23.55 3.69
CA ALA T 319 44.90 -23.01 3.99
C ALA T 319 44.47 -22.03 2.91
N ALA T 320 43.19 -22.04 2.59
CA ALA T 320 42.66 -21.17 1.54
C ALA T 320 41.22 -20.80 1.84
N GLY T 321 40.78 -19.68 1.29
CA GLY T 321 39.44 -19.19 1.53
C GLY T 321 39.12 -17.95 0.72
N ASN T 322 38.50 -16.96 1.35
CA ASN T 322 38.05 -15.74 0.66
C ASN T 322 39.22 -14.80 0.43
N SER T 323 40.12 -15.21 -0.46
CA SER T 323 41.24 -14.39 -0.92
C SER T 323 41.77 -15.01 -2.20
N CYS T 324 42.76 -14.35 -2.77
CA CYS T 324 43.47 -14.88 -3.93
C CYS T 324 44.80 -15.52 -3.55
N ARG T 325 44.95 -15.99 -2.33
CA ARG T 325 46.24 -16.47 -1.84
C ARG T 325 46.06 -17.64 -0.90
N VAL T 326 47.11 -18.45 -0.79
CA VAL T 326 47.10 -19.68 0.01
C VAL T 326 48.17 -19.55 1.09
N ASP T 327 47.77 -19.72 2.34
CA ASP T 327 48.73 -19.66 3.44
C ASP T 327 49.39 -21.02 3.62
N VAL T 328 50.72 -21.03 3.72
CA VAL T 328 51.47 -22.26 3.90
C VAL T 328 52.09 -22.23 5.30
N PHE T 329 51.79 -23.26 6.09
CA PHE T 329 52.29 -23.38 7.45
C PHE T 329 53.33 -24.49 7.45
N THR T 330 54.59 -24.12 7.65
CA THR T 330 55.69 -25.07 7.84
C THR T 330 55.77 -25.46 9.31
N ASN T 331 55.13 -24.67 10.15
CA ASN T 331 55.01 -24.96 11.57
C ASN T 331 53.61 -24.52 11.99
N LEU T 332 53.12 -25.03 13.11
CA LEU T 332 51.73 -24.82 13.50
C LEU T 332 51.56 -23.66 14.46
N GLY T 333 52.44 -22.67 14.41
CA GLY T 333 52.32 -21.53 15.28
C GLY T 333 52.38 -20.21 14.53
N TYR T 334 52.78 -20.27 13.28
CA TYR T 334 52.97 -19.07 12.47
C TYR T 334 52.96 -19.47 11.00
N ARG T 335 52.56 -18.54 10.14
CA ARG T 335 52.60 -18.80 8.71
C ARG T 335 54.00 -18.50 8.19
N ALA T 336 54.49 -19.36 7.31
CA ALA T 336 55.79 -19.12 6.72
C ALA T 336 55.69 -18.13 5.57
N PHE T 337 54.80 -18.39 4.62
CA PHE T 337 54.61 -17.56 3.45
C PHE T 337 53.23 -17.83 2.86
N SER T 338 52.94 -17.17 1.75
CA SER T 338 51.65 -17.31 1.09
C SER T 338 51.87 -17.30 -0.41
N LEU T 339 51.16 -18.17 -1.09
CA LEU T 339 51.25 -18.33 -2.54
C LEU T 339 50.14 -17.51 -3.18
N SER T 340 50.50 -16.53 -4.00
CA SER T 340 49.51 -15.78 -4.76
C SER T 340 48.97 -16.66 -5.88
N PHE T 341 47.72 -16.42 -6.25
CA PHE T 341 47.11 -17.23 -7.29
C PHE T 341 47.65 -16.78 -8.64
N ALA U 21 120.13 151.01 -33.51
CA ALA U 21 119.70 150.70 -32.16
C ALA U 21 120.89 150.72 -31.19
N GLY U 22 121.65 149.62 -31.16
CA GLY U 22 122.82 149.57 -30.32
C GLY U 22 123.95 150.46 -30.82
N ASP U 23 123.97 150.75 -32.11
CA ASP U 23 124.99 151.64 -32.67
C ASP U 23 124.79 153.08 -32.19
N ASP U 24 123.55 153.50 -31.98
CA ASP U 24 123.31 154.84 -31.44
C ASP U 24 123.77 154.94 -30.00
N ARG U 25 123.56 153.88 -29.21
CA ARG U 25 124.06 153.86 -27.83
C ARG U 25 125.58 153.80 -27.80
N ARG U 26 126.19 153.10 -28.77
CA ARG U 26 127.66 153.06 -28.85
C ARG U 26 128.21 154.42 -29.25
N ILE U 27 127.52 155.13 -30.14
CA ILE U 27 127.96 156.46 -30.54
C ILE U 27 127.81 157.46 -29.40
N ASN U 28 126.73 157.33 -28.63
CA ASN U 28 126.54 158.19 -27.46
C ASN U 28 127.59 157.90 -26.39
N LEU U 29 127.94 156.62 -26.21
CA LEU U 29 128.98 156.26 -25.26
C LEU U 29 130.35 156.75 -25.72
N LEU U 30 130.60 156.73 -27.04
CA LEU U 30 131.86 157.25 -27.57
C LEU U 30 131.94 158.75 -27.41
N VAL U 31 130.82 159.46 -27.60
CA VAL U 31 130.79 160.90 -27.40
C VAL U 31 130.97 161.25 -25.91
N LYS U 32 130.40 160.43 -25.03
CA LYS U 32 130.56 160.66 -23.59
C LYS U 32 131.99 160.38 -23.15
N SER U 33 132.62 159.36 -23.73
CA SER U 33 134.02 159.06 -23.42
C SER U 33 134.95 160.14 -23.96
N PHE U 34 134.62 160.70 -25.12
CA PHE U 34 135.41 161.81 -25.65
C PHE U 34 135.25 163.06 -24.81
N ILE U 35 134.05 163.30 -24.29
CA ILE U 35 133.82 164.45 -23.42
C ILE U 35 134.51 164.27 -22.08
N LYS U 36 134.56 163.03 -21.58
CA LYS U 36 135.27 162.76 -20.33
C LYS U 36 136.79 162.84 -20.52
N TRP U 37 137.29 162.45 -21.69
CA TRP U 37 138.71 162.55 -21.97
C TRP U 37 139.13 164.00 -22.19
N CYS U 38 138.26 164.81 -22.79
CA CYS U 38 138.54 166.24 -22.94
C CYS U 38 138.45 166.95 -21.60
N ASN U 39 137.67 166.41 -20.66
CA ASN U 39 137.57 166.98 -19.32
C ASN U 39 138.79 166.61 -18.48
N GLU U 44 151.19 159.09 -18.31
CA GLU U 44 150.64 157.74 -18.28
C GLU U 44 149.12 157.77 -18.40
N GLU U 45 148.49 158.67 -17.63
CA GLU U 45 147.04 158.82 -17.72
C GLU U 45 146.63 159.47 -19.03
N GLY U 46 147.43 160.44 -19.49
CA GLY U 46 147.15 161.06 -20.78
C GLY U 46 147.39 160.11 -21.94
N TYR U 47 148.41 159.27 -21.82
CA TYR U 47 148.68 158.28 -22.87
C TYR U 47 147.61 157.18 -22.89
N SER U 48 147.13 156.78 -21.71
CA SER U 48 146.04 155.80 -21.64
C SER U 48 144.74 156.40 -22.17
N GLN U 49 144.50 157.68 -21.89
CA GLN U 49 143.33 158.35 -22.44
C GLN U 49 143.44 158.54 -23.95
N TYR U 50 144.65 158.77 -24.47
CA TYR U 50 144.84 158.88 -25.91
C TYR U 50 144.65 157.53 -26.60
N GLN U 51 145.08 156.44 -25.95
CA GLN U 51 144.85 155.11 -26.49
C GLN U 51 143.37 154.75 -26.47
N ARG U 52 142.66 155.15 -25.40
CA ARG U 52 141.22 154.91 -25.35
C ARG U 52 140.47 155.76 -26.38
N MET U 53 140.95 156.98 -26.65
CA MET U 53 140.33 157.82 -27.66
C MET U 53 140.58 157.28 -29.06
N LEU U 54 141.78 156.72 -29.30
CA LEU U 54 142.04 156.07 -30.57
C LEU U 54 141.21 154.81 -30.74
N SER U 55 140.95 154.09 -29.64
CA SER U 55 140.07 152.92 -29.69
C SER U 55 138.64 153.33 -30.01
N THR U 56 138.17 154.43 -29.41
CA THR U 56 136.84 154.94 -29.72
C THR U 56 136.75 155.45 -31.15
N LEU U 57 137.83 156.02 -31.67
CA LEU U 57 137.85 156.46 -33.07
C LEU U 57 137.83 155.27 -34.01
N SER U 58 138.50 154.18 -33.63
CA SER U 58 138.46 152.97 -34.45
C SER U 58 137.08 152.32 -34.41
N GLN U 59 136.41 152.36 -33.24
CA GLN U 59 135.04 151.86 -33.15
C GLN U 59 134.08 152.72 -33.96
N CYS U 60 134.30 154.04 -33.97
CA CYS U 60 133.48 154.93 -34.78
C CYS U 60 133.73 154.73 -36.27
N GLU U 61 134.97 154.43 -36.66
CA GLU U 61 135.26 154.12 -38.05
C GLU U 61 134.64 152.79 -38.46
N PHE U 62 134.59 151.83 -37.54
CA PHE U 62 133.90 150.57 -37.81
C PHE U 62 132.40 150.78 -37.95
N SER U 63 131.83 151.68 -37.14
CA SER U 63 130.42 152.00 -37.25
C SER U 63 130.11 152.74 -38.56
N MET U 64 131.03 153.61 -39.00
CA MET U 64 130.83 154.31 -40.27
C MET U 64 130.95 153.34 -41.44
N GLY U 65 131.87 152.38 -41.35
CA GLY U 65 131.95 151.35 -42.38
C GLY U 65 130.73 150.44 -42.39
N LYS U 66 130.17 150.16 -41.21
CA LYS U 66 128.93 149.40 -41.15
C LYS U 66 127.76 150.18 -41.75
N THR U 67 127.74 151.50 -41.57
CA THR U 67 126.70 152.32 -42.16
C THR U 67 126.84 152.38 -43.68
N LEU U 68 128.09 152.44 -44.17
CA LEU U 68 128.31 152.42 -45.61
C LEU U 68 127.94 151.06 -46.22
N LEU U 69 128.24 149.98 -45.50
CA LEU U 69 127.82 148.65 -45.94
C LEU U 69 126.31 148.50 -45.90
N VAL U 70 125.64 149.15 -44.95
CA VAL U 70 124.18 149.11 -44.89
C VAL U 70 123.57 149.89 -46.05
N TYR U 71 124.19 151.00 -46.43
CA TYR U 71 123.73 151.76 -47.59
C TYR U 71 123.94 150.97 -48.89
N ASP U 72 125.06 150.28 -49.00
CA ASP U 72 125.31 149.42 -50.16
C ASP U 72 124.34 148.24 -50.20
N MET U 73 123.99 147.70 -49.03
CA MET U 73 123.00 146.63 -48.96
C MET U 73 121.61 147.14 -49.30
N ASN U 74 121.30 148.40 -48.96
CA ASN U 74 120.01 148.97 -49.34
C ASN U 74 119.93 149.19 -50.85
N LEU U 75 121.03 149.64 -51.46
CA LEU U 75 121.06 149.78 -52.92
C LEU U 75 120.97 148.42 -53.62
N ARG U 76 121.65 147.41 -53.08
CA ARG U 76 121.55 146.07 -53.64
C ARG U 76 120.17 145.46 -53.43
N GLU U 77 119.50 145.81 -52.34
CA GLU U 77 118.14 145.33 -52.11
C GLU U 77 117.16 146.00 -53.06
N MET U 78 117.40 147.28 -53.37
CA MET U 78 116.58 147.96 -54.37
C MET U 78 116.79 147.37 -55.75
N GLU U 79 118.03 147.00 -56.08
CA GLU U 79 118.32 146.35 -57.36
C GLU U 79 117.69 144.95 -57.42
N ASN U 80 117.72 144.22 -56.30
CA ASN U 80 117.07 142.92 -56.25
C ASN U 80 115.55 143.04 -56.32
N TYR U 81 114.99 144.13 -55.78
CA TYR U 81 113.55 144.36 -55.90
C TYR U 81 113.17 144.70 -57.33
N GLU U 82 114.02 145.44 -58.05
CA GLU U 82 113.77 145.69 -59.47
C GLU U 82 113.89 144.41 -60.28
N LYS U 83 114.84 143.55 -59.92
CA LYS U 83 114.96 142.24 -60.58
C LYS U 83 113.75 141.36 -60.27
N ILE U 84 113.21 141.46 -59.07
CA ILE U 84 112.01 140.70 -58.71
C ILE U 84 110.80 141.24 -59.44
N TYR U 85 110.76 142.56 -59.70
CA TYR U 85 109.66 143.12 -60.48
C TYR U 85 109.75 142.69 -61.94
N LYS U 86 110.96 142.62 -62.49
CA LYS U 86 111.12 142.10 -63.84
C LYS U 86 110.77 140.62 -63.93
N GLU U 87 111.11 139.85 -62.89
CA GLU U 87 110.71 138.45 -62.83
C GLU U 87 109.21 138.31 -62.64
N ILE U 88 108.56 139.29 -62.00
CA ILE U 88 107.11 139.27 -61.85
C ILE U 88 106.44 139.58 -63.19
N GLU U 89 107.04 140.46 -63.98
CA GLU U 89 106.55 140.70 -65.33
C GLU U 89 106.71 139.46 -66.21
N CYS U 90 107.85 138.78 -66.09
CA CYS U 90 108.05 137.53 -66.82
C CYS U 90 107.11 136.43 -66.35
N SER U 91 106.77 136.43 -65.05
CA SER U 91 105.81 135.47 -64.53
C SER U 91 104.40 135.81 -64.97
N ILE U 92 104.10 137.08 -65.19
CA ILE U 92 102.80 137.46 -65.73
C ILE U 92 102.69 137.03 -67.19
N ALA U 93 103.80 137.13 -67.94
CA ALA U 93 103.82 136.60 -69.31
C ALA U 93 103.68 135.08 -69.33
N GLY U 94 104.34 134.40 -68.38
CA GLY U 94 104.16 132.97 -68.25
C GLY U 94 102.77 132.58 -67.80
N ALA U 95 102.10 133.45 -67.02
CA ALA U 95 100.72 133.21 -66.62
C ALA U 95 99.78 133.37 -67.80
N HIS U 96 100.06 134.32 -68.69
CA HIS U 96 99.27 134.45 -69.92
C HIS U 96 99.47 133.24 -70.84
N GLU U 97 100.71 132.75 -70.93
CA GLU U 97 100.97 131.55 -71.72
C GLU U 97 100.29 130.33 -71.09
N LYS U 98 100.28 130.25 -69.76
CA LYS U 98 99.58 129.17 -69.08
C LYS U 98 98.07 129.32 -69.21
N ILE U 99 97.57 130.55 -69.39
CA ILE U 99 96.14 130.74 -69.64
C ILE U 99 95.78 130.24 -71.02
N ALA U 100 96.66 130.47 -72.01
CA ALA U 100 96.44 129.91 -73.34
C ALA U 100 96.51 128.38 -73.31
N GLU U 101 97.48 127.83 -72.57
CA GLU U 101 97.57 126.38 -72.41
C GLU U 101 96.39 125.82 -71.64
N CYS U 102 95.81 126.60 -70.73
CA CYS U 102 94.62 126.17 -70.00
C CYS U 102 93.38 126.23 -70.88
N LYS U 103 93.32 127.16 -71.82
CA LYS U 103 92.24 127.15 -72.80
C LYS U 103 92.34 125.93 -73.71
N LYS U 104 93.57 125.58 -74.12
CA LYS U 104 93.77 124.36 -74.91
C LYS U 104 93.43 123.11 -74.09
N GLN U 105 93.78 123.12 -72.80
CA GLN U 105 93.43 122.01 -71.92
C GLN U 105 91.94 121.96 -71.63
N ILE U 106 91.25 123.10 -71.72
CA ILE U 106 89.80 123.12 -71.56
C ILE U 106 89.12 122.55 -72.80
N LEU U 107 89.69 122.81 -73.98
CA LEU U 107 89.20 122.15 -75.19
C LEU U 107 89.43 120.65 -75.13
N GLN U 108 90.61 120.24 -74.65
CA GLN U 108 90.89 118.81 -74.46
C GLN U 108 89.99 118.20 -73.39
N ALA U 109 89.62 118.97 -72.37
CA ALA U 109 88.71 118.47 -71.34
C ALA U 109 87.28 118.40 -71.85
N LYS U 110 86.90 119.25 -72.80
CA LYS U 110 85.60 119.12 -73.44
C LYS U 110 85.55 117.88 -74.32
N ARG U 111 86.64 117.59 -75.03
CA ARG U 111 86.73 116.33 -75.77
C ARG U 111 86.72 115.11 -74.85
N ILE U 112 87.38 115.24 -73.68
CA ILE U 112 87.37 114.16 -72.70
C ILE U 112 86.00 114.04 -72.05
N ARG U 113 85.22 115.12 -71.97
CA ARG U 113 83.87 115.05 -71.46
C ARG U 113 82.94 114.37 -72.45
N LYS U 114 83.15 114.62 -73.75
CA LYS U 114 82.42 113.88 -74.77
C LYS U 114 82.78 112.39 -74.73
N ASN U 115 84.06 112.09 -74.51
CA ASN U 115 84.49 110.70 -74.34
C ASN U 115 83.91 110.07 -73.08
N ARG U 116 83.75 110.86 -72.01
CA ARG U 116 83.14 110.35 -70.79
C ARG U 116 81.65 110.12 -70.96
N GLN U 117 80.98 110.94 -71.79
CA GLN U 117 79.58 110.69 -72.12
C GLN U 117 79.43 109.43 -72.95
N GLU U 118 80.36 109.20 -73.88
CA GLU U 118 80.35 107.95 -74.64
C GLU U 118 80.64 106.75 -73.74
N TYR U 119 81.52 106.91 -72.76
CA TYR U 119 81.80 105.84 -71.81
C TYR U 119 80.61 105.58 -70.89
N ASP U 120 79.86 106.62 -70.54
CA ASP U 120 78.64 106.42 -69.76
C ASP U 120 77.56 105.74 -70.58
N ALA U 121 77.49 106.03 -71.89
CA ALA U 121 76.59 105.31 -72.78
C ALA U 121 76.99 103.84 -72.89
N LEU U 122 78.29 103.57 -72.95
CA LEU U 122 78.77 102.18 -72.98
C LEU U 122 78.49 101.46 -71.67
N ALA U 123 78.61 102.16 -70.55
CA ALA U 123 78.29 101.56 -69.25
C ALA U 123 76.80 101.30 -69.09
N LYS U 124 75.96 102.18 -69.62
CA LYS U 124 74.52 101.95 -69.60
C LYS U 124 74.12 100.81 -70.51
N VAL U 125 74.82 100.62 -71.64
CA VAL U 125 74.56 99.48 -72.50
C VAL U 125 75.07 98.20 -71.88
N ILE U 126 76.15 98.28 -71.09
CA ILE U 126 76.69 97.09 -70.44
C ILE U 126 75.85 96.70 -69.24
N GLN U 127 75.16 97.66 -68.62
CA GLN U 127 74.28 97.34 -67.49
C GLN U 127 73.05 96.58 -67.92
N HIS U 128 72.64 96.72 -69.19
CA HIS U 128 71.49 96.00 -69.72
C HIS U 128 71.91 94.61 -70.18
N HIS U 133 80.89 85.40 -70.86
CA HIS U 133 81.60 84.24 -70.34
C HIS U 133 80.78 83.50 -69.30
N GLU U 134 80.12 84.27 -68.43
CA GLU U 134 79.29 83.65 -67.39
C GLU U 134 77.99 83.12 -67.99
N THR U 135 77.50 83.74 -69.06
CA THR U 135 76.27 83.27 -69.70
C THR U 135 76.49 81.94 -70.42
N LEU U 136 77.68 81.75 -70.99
CA LEU U 136 78.00 80.47 -71.63
C LEU U 136 78.16 79.36 -70.59
N LYS U 137 78.72 79.68 -69.43
CA LYS U 137 78.83 78.70 -68.36
C LYS U 137 77.46 78.36 -67.77
N GLU U 138 76.57 79.36 -67.70
CA GLU U 138 75.21 79.10 -67.23
C GLU U 138 74.43 78.26 -68.24
N LEU U 139 74.66 78.49 -69.54
CA LEU U 139 74.02 77.66 -70.56
C LEU U 139 74.56 76.25 -70.55
N GLU U 140 75.87 76.09 -70.26
CA GLU U 140 76.45 74.74 -70.15
C GLU U 140 75.92 74.00 -68.93
N ALA U 141 75.74 74.72 -67.82
CA ALA U 141 75.14 74.11 -66.63
C ALA U 141 73.68 73.74 -66.86
N LEU U 142 72.96 74.58 -67.61
CA LEU U 142 71.57 74.26 -67.95
C LEU U 142 71.49 73.07 -68.90
N GLY U 143 72.46 72.94 -69.81
CA GLY U 143 72.50 71.78 -70.69
C GLY U 143 72.84 70.51 -69.94
N LYS U 144 73.74 70.60 -68.95
CA LYS U 144 74.04 69.43 -68.12
C LYS U 144 72.84 69.04 -67.26
N GLU U 145 72.09 70.03 -66.77
CA GLU U 145 70.88 69.75 -66.01
C GLU U 145 69.79 69.14 -66.90
N LEU U 146 69.72 69.58 -68.16
CA LEU U 146 68.77 69.00 -69.10
C LEU U 146 69.15 67.58 -69.47
N GLU U 147 70.46 67.30 -69.56
CA GLU U 147 70.92 65.93 -69.83
C GLU U 147 70.64 65.02 -68.64
N HIS U 148 70.81 65.53 -67.41
CA HIS U 148 70.48 64.75 -66.23
C HIS U 148 68.97 64.50 -66.12
N LEU U 149 68.17 65.49 -66.50
CA LEU U 149 66.72 65.32 -66.49
C LEU U 149 66.28 64.34 -67.57
N SER U 150 66.96 64.33 -68.71
CA SER U 150 66.65 63.36 -69.76
C SER U 150 67.04 61.95 -69.34
N HIS U 151 68.15 61.81 -68.63
CA HIS U 151 68.54 60.49 -68.10
C HIS U 151 67.57 60.02 -67.03
N ILE U 152 67.08 60.94 -66.20
CA ILE U 152 66.09 60.58 -65.18
C ILE U 152 64.77 60.18 -65.82
N LYS U 153 64.37 60.88 -66.89
CA LYS U 153 63.14 60.53 -67.60
C LYS U 153 63.28 59.20 -68.33
N GLU U 154 64.46 58.90 -68.85
CA GLU U 154 64.68 57.61 -69.50
C GLU U 154 64.67 56.47 -68.50
N SER U 155 65.25 56.68 -67.31
CA SER U 155 65.20 55.66 -66.27
C SER U 155 63.79 55.47 -65.74
N VAL U 156 63.02 56.56 -65.65
CA VAL U 156 61.63 56.48 -65.20
C VAL U 156 60.78 55.73 -66.22
N GLU U 157 61.03 55.96 -67.51
CA GLU U 157 60.30 55.23 -68.55
C GLU U 157 60.70 53.76 -68.58
N ASP U 158 61.99 53.47 -68.35
CA ASP U 158 62.44 52.08 -68.31
C ASP U 158 61.88 51.31 -67.11
N LYS U 159 61.71 51.96 -65.97
CA LYS U 159 61.02 51.31 -64.85
C LYS U 159 59.53 51.21 -65.08
N LEU U 160 58.93 52.24 -65.71
CA LEU U 160 57.49 52.26 -65.92
C LEU U 160 57.07 51.26 -66.98
N GLU U 161 58.00 50.84 -67.86
CA GLU U 161 57.70 49.79 -68.83
C GLU U 161 57.42 48.46 -68.14
N LEU U 162 58.31 48.03 -67.25
CA LEU U 162 58.12 46.77 -66.53
C LEU U 162 56.97 46.89 -65.53
N ARG U 163 56.81 48.07 -64.93
CA ARG U 163 55.70 48.29 -64.01
C ARG U 163 54.37 48.23 -64.75
N ARG U 164 54.31 48.78 -65.96
CA ARG U 164 53.09 48.73 -66.76
C ARG U 164 52.85 47.33 -67.30
N LYS U 165 53.91 46.54 -67.51
CA LYS U 165 53.74 45.15 -67.93
C LYS U 165 53.11 44.32 -66.82
N GLN U 166 53.65 44.42 -65.60
CA GLN U 166 53.10 43.67 -64.47
C GLN U 166 51.69 44.15 -64.11
N PHE U 167 51.49 45.47 -64.11
CA PHE U 167 50.17 46.02 -63.81
C PHE U 167 49.19 45.76 -64.95
N HIS U 168 49.70 45.55 -66.17
CA HIS U 168 48.82 45.21 -67.28
C HIS U 168 48.39 43.76 -67.22
N VAL U 169 49.26 42.87 -66.73
CA VAL U 169 48.85 41.50 -66.46
C VAL U 169 47.79 41.46 -65.37
N LEU U 170 48.02 42.21 -64.29
CA LEU U 170 47.06 42.29 -63.19
C LEU U 170 45.75 42.93 -63.64
N LEU U 171 45.83 43.95 -64.49
CA LEU U 171 44.62 44.63 -64.96
C LEU U 171 43.90 43.79 -66.01
N SER U 172 44.62 42.93 -66.72
CA SER U 172 43.97 41.99 -67.63
C SER U 172 43.18 40.96 -66.85
N THR U 173 43.76 40.47 -65.74
CA THR U 173 43.00 39.59 -64.84
C THR U 173 41.79 40.30 -64.24
N ILE U 174 41.97 41.56 -63.85
CA ILE U 174 40.88 42.33 -63.25
C ILE U 174 39.79 42.64 -64.28
N HIS U 175 40.18 42.86 -65.53
CA HIS U 175 39.21 43.16 -66.57
C HIS U 175 38.46 41.89 -66.99
N GLU U 176 39.14 40.74 -66.94
CA GLU U 176 38.44 39.48 -67.16
C GLU U 176 37.45 39.20 -66.03
N LEU U 177 37.82 39.54 -64.81
CA LEU U 177 36.88 39.39 -63.69
C LEU U 177 35.73 40.38 -63.79
N GLN U 178 35.98 41.58 -64.34
CA GLN U 178 34.93 42.58 -64.48
C GLN U 178 33.97 42.21 -65.60
N GLN U 179 34.50 41.64 -66.70
CA GLN U 179 33.63 41.17 -67.78
C GLN U 179 32.87 39.92 -67.35
N THR U 180 33.46 39.13 -66.46
CA THR U 180 32.74 37.98 -65.91
C THR U 180 31.63 38.43 -64.98
N LEU U 181 31.87 39.48 -64.20
CA LEU U 181 30.88 40.00 -63.27
C LEU U 181 31.09 41.49 -63.01
N LYS V 279 88.26 57.88 47.80
CA LYS V 279 87.74 59.24 47.95
C LYS V 279 88.31 60.16 46.87
N LEU V 280 87.42 60.97 46.29
CA LEU V 280 87.81 61.85 45.19
C LEU V 280 88.63 63.03 45.67
N THR V 281 89.65 63.40 44.90
CA THR V 281 90.53 64.51 45.22
C THR V 281 90.48 65.55 44.11
N LEU V 282 90.97 66.75 44.43
CA LEU V 282 91.00 67.87 43.51
C LEU V 282 92.42 68.25 43.10
N HIS V 283 93.40 67.39 43.36
CA HIS V 283 94.79 67.68 43.04
C HIS V 283 95.01 67.57 41.53
N GLY V 284 95.58 68.62 40.95
CA GLY V 284 95.80 68.67 39.52
C GLY V 284 94.70 69.32 38.71
N LEU V 285 93.86 70.15 39.34
CA LEU V 285 92.74 70.77 38.67
C LEU V 285 92.80 72.28 38.82
N GLN V 286 92.31 72.98 37.80
CA GLN V 286 92.24 74.43 37.79
C GLN V 286 90.77 74.84 37.91
N GLN V 287 90.45 75.64 38.93
CA GLN V 287 89.08 76.05 39.20
C GLN V 287 89.02 77.57 39.23
N TYR V 288 88.04 78.14 38.54
CA TYR V 288 87.88 79.58 38.44
C TYR V 288 86.41 79.93 38.49
N TYR V 289 86.12 81.23 38.55
CA TYR V 289 84.76 81.71 38.61
C TYR V 289 84.64 83.01 37.81
N VAL V 290 83.44 83.27 37.31
CA VAL V 290 83.11 84.50 36.61
C VAL V 290 81.84 85.07 37.21
N LYS V 291 81.91 86.32 37.66
CA LYS V 291 80.73 87.02 38.16
C LYS V 291 80.04 87.71 36.98
N LEU V 292 78.82 87.30 36.67
CA LEU V 292 78.10 87.82 35.52
C LEU V 292 76.61 87.63 35.75
N LYS V 293 75.82 88.18 34.83
CA LYS V 293 74.36 88.06 34.94
C LYS V 293 73.92 86.66 34.54
N ASP V 294 72.64 86.38 34.83
CA ASP V 294 72.10 85.03 34.59
C ASP V 294 71.89 84.78 33.10
N ASN V 295 71.23 85.71 32.42
CA ASN V 295 70.91 85.52 31.01
C ASN V 295 72.11 85.70 30.08
N GLU V 296 73.19 86.31 30.56
CA GLU V 296 74.39 86.51 29.77
C GLU V 296 75.36 85.33 29.87
N LYS V 297 74.95 84.24 30.50
CA LYS V 297 75.83 83.08 30.62
C LYS V 297 75.89 82.29 29.32
N ASN V 298 74.86 82.42 28.48
CA ASN V 298 74.85 81.71 27.20
C ASN V 298 75.84 82.32 26.22
N ARG V 299 75.85 83.64 26.12
CA ARG V 299 76.79 84.32 25.22
C ARG V 299 78.22 84.20 25.74
N LYS V 300 78.40 84.28 27.06
CA LYS V 300 79.74 84.09 27.65
C LYS V 300 80.22 82.66 27.48
N LEU V 301 79.30 81.70 27.58
CA LEU V 301 79.66 80.29 27.38
C LEU V 301 80.01 80.03 25.91
N PHE V 302 79.31 80.72 24.99
CA PHE V 302 79.65 80.60 23.58
C PHE V 302 81.00 81.23 23.27
N ASP V 303 81.31 82.34 23.96
CA ASP V 303 82.63 82.96 23.81
C ASP V 303 83.72 82.05 24.35
N LEU V 304 83.43 81.30 25.42
CA LEU V 304 84.37 80.32 25.92
C LEU V 304 84.50 79.13 24.97
N LEU V 305 83.41 78.73 24.31
CA LEU V 305 83.47 77.68 23.30
C LEU V 305 84.19 78.13 22.04
N ASP V 306 84.27 79.43 21.77
CA ASP V 306 85.01 79.92 20.61
C ASP V 306 86.50 80.04 20.86
N VAL V 307 86.95 80.00 22.11
CA VAL V 307 88.35 80.22 22.47
C VAL V 307 88.99 78.95 23.03
N LEU V 308 88.34 78.32 24.00
CA LEU V 308 88.91 77.16 24.67
C LEU V 308 88.78 75.93 23.78
N GLU V 309 89.90 75.25 23.56
CA GLU V 309 89.91 73.99 22.81
C GLU V 309 89.52 72.86 23.74
N PHE V 310 88.54 72.06 23.31
CA PHE V 310 87.96 71.04 24.17
C PHE V 310 87.65 69.79 23.36
N ASN V 311 87.68 68.63 24.04
CA ASN V 311 87.24 67.39 23.45
C ASN V 311 85.78 67.09 23.79
N GLN V 312 85.49 66.95 25.07
CA GLN V 312 84.15 66.72 25.57
C GLN V 312 83.92 67.58 26.81
N VAL V 313 82.75 68.19 26.88
CA VAL V 313 82.41 69.14 27.93
C VAL V 313 81.09 68.74 28.56
N VAL V 314 81.08 68.55 29.88
CA VAL V 314 79.87 68.31 30.65
C VAL V 314 79.45 69.61 31.31
N ILE V 315 78.20 70.01 31.10
CA ILE V 315 77.64 71.24 31.63
C ILE V 315 76.53 70.90 32.60
N PHE V 316 76.61 71.43 33.81
CA PHE V 316 75.69 71.09 34.89
C PHE V 316 74.61 72.14 35.03
N VAL V 317 73.35 71.72 34.85
CA VAL V 317 72.20 72.58 35.07
C VAL V 317 71.38 72.01 36.22
N LYS V 318 70.30 72.71 36.60
CA LYS V 318 69.57 72.39 37.82
C LYS V 318 68.22 71.73 37.60
N SER V 319 67.62 71.87 36.42
CA SER V 319 66.27 71.37 36.20
C SER V 319 66.17 70.75 34.82
N VAL V 320 64.97 70.27 34.48
CA VAL V 320 64.75 69.55 33.23
C VAL V 320 64.52 70.51 32.07
N GLN V 321 63.73 71.56 32.30
CA GLN V 321 63.39 72.49 31.22
C GLN V 321 64.60 73.32 30.81
N ARG V 322 65.43 73.70 31.78
CA ARG V 322 66.69 74.38 31.46
C ARG V 322 67.63 73.46 30.68
N CYS V 323 67.62 72.17 31.02
CA CYS V 323 68.45 71.20 30.31
C CYS V 323 68.01 71.04 28.86
N ILE V 324 66.71 70.91 28.63
CA ILE V 324 66.20 70.74 27.27
C ILE V 324 66.36 72.03 26.46
N ALA V 325 66.20 73.19 27.11
CA ALA V 325 66.38 74.46 26.41
C ALA V 325 67.85 74.68 26.04
N LEU V 326 68.77 74.30 26.92
CA LEU V 326 70.20 74.44 26.62
C LEU V 326 70.62 73.46 25.54
N ALA V 327 70.06 72.26 25.54
CA ALA V 327 70.32 71.30 24.48
C ALA V 327 69.80 71.78 23.14
N GLN V 328 68.62 72.41 23.15
CA GLN V 328 68.08 73.00 21.92
C GLN V 328 68.94 74.15 21.43
N LEU V 329 69.43 74.99 22.34
CA LEU V 329 70.28 76.11 21.97
C LEU V 329 71.62 75.63 21.42
N LEU V 330 72.15 74.52 21.93
CA LEU V 330 73.42 74.02 21.40
C LEU V 330 73.24 73.31 20.06
N VAL V 331 72.17 72.51 19.91
CA VAL V 331 71.97 71.78 18.66
C VAL V 331 71.60 72.73 17.53
N GLU V 332 70.77 73.73 17.82
CA GLU V 332 70.40 74.71 16.80
C GLU V 332 71.55 75.63 16.43
N GLN V 333 72.57 75.76 17.28
CA GLN V 333 73.81 76.43 16.93
C GLN V 333 74.89 75.45 16.50
N ASN V 334 74.48 74.27 16.01
CA ASN V 334 75.32 73.27 15.36
C ASN V 334 76.35 72.64 16.30
N PHE V 335 76.21 72.80 17.61
CA PHE V 335 77.07 72.08 18.54
C PHE V 335 76.48 70.70 18.80
N PRO V 336 77.21 69.62 18.54
CA PRO V 336 76.68 68.28 18.83
C PRO V 336 76.61 68.01 20.33
N ALA V 337 75.41 68.02 20.88
CA ALA V 337 75.21 67.92 22.32
C ALA V 337 74.09 66.93 22.63
N ILE V 338 74.25 66.23 23.74
CA ILE V 338 73.26 65.28 24.24
C ILE V 338 72.89 65.68 25.66
N ALA V 339 71.61 65.55 25.99
CA ALA V 339 71.08 66.00 27.26
C ALA V 339 70.62 64.80 28.10
N ILE V 340 71.07 64.76 29.35
CA ILE V 340 70.61 63.76 30.31
C ILE V 340 70.10 64.53 31.53
N HIS V 341 68.80 64.42 31.79
CA HIS V 341 68.19 65.08 32.94
C HIS V 341 67.59 64.05 33.87
N ARG V 342 67.20 64.52 35.07
CA ARG V 342 66.75 63.64 36.13
C ARG V 342 65.35 63.07 35.90
N GLY V 343 64.59 63.61 34.95
CA GLY V 343 63.29 63.07 34.62
C GLY V 343 63.34 62.05 33.51
N MET V 344 64.25 61.09 33.63
CA MET V 344 64.51 60.08 32.62
C MET V 344 64.53 58.70 33.25
N PRO V 345 64.23 57.65 32.49
CA PRO V 345 64.46 56.29 32.98
C PRO V 345 65.95 56.00 33.15
N GLN V 346 66.23 55.02 34.01
CA GLN V 346 67.61 54.69 34.35
C GLN V 346 68.33 54.04 33.18
N GLU V 347 67.63 53.17 32.44
CA GLU V 347 68.27 52.51 31.30
C GLU V 347 68.49 53.47 30.14
N GLU V 348 67.67 54.51 30.02
CA GLU V 348 67.91 55.51 28.97
C GLU V 348 69.11 56.39 29.34
N ARG V 349 69.26 56.71 30.62
CA ARG V 349 70.45 57.41 31.11
C ARG V 349 71.71 56.58 30.88
N LEU V 350 71.63 55.28 31.15
CA LEU V 350 72.78 54.41 30.90
C LEU V 350 73.09 54.25 29.41
N SER V 351 72.05 54.22 28.57
CA SER V 351 72.27 54.11 27.13
C SER V 351 72.89 55.37 26.56
N ARG V 352 72.41 56.55 27.00
CA ARG V 352 73.03 57.79 26.55
C ARG V 352 74.44 57.96 27.12
N TYR V 353 74.69 57.45 28.32
CA TYR V 353 76.04 57.51 28.87
C TYR V 353 76.99 56.56 28.13
N GLN V 354 76.46 55.43 27.66
CA GLN V 354 77.25 54.51 26.86
C GLN V 354 77.53 55.07 25.47
N GLN V 355 76.56 55.78 24.88
CA GLN V 355 76.80 56.48 23.62
C GLN V 355 77.80 57.62 23.81
N PHE V 356 77.78 58.27 24.97
CA PHE V 356 78.76 59.29 25.27
C PHE V 356 80.14 58.71 25.51
N LYS V 357 80.22 57.45 25.95
CA LYS V 357 81.51 56.77 26.03
C LYS V 357 82.11 56.55 24.65
N ASP V 358 81.28 56.32 23.64
CA ASP V 358 81.75 55.92 22.32
C ASP V 358 82.00 57.10 21.37
N PHE V 359 82.06 58.32 21.93
CA PHE V 359 82.37 59.56 21.20
C PHE V 359 81.37 59.80 20.08
N GLN V 360 80.09 59.87 20.43
CA GLN V 360 79.07 60.13 19.43
C GLN V 360 78.64 61.60 19.44
N ARG V 361 78.65 62.22 20.62
CA ARG V 361 78.45 63.66 20.73
C ARG V 361 79.45 64.21 21.76
N ARG V 362 79.90 65.43 21.52
CA ARG V 362 80.94 66.02 22.37
C ARG V 362 80.38 66.53 23.70
N ILE V 363 79.32 67.31 23.65
CA ILE V 363 78.85 68.08 24.80
C ILE V 363 77.74 67.28 25.49
N LEU V 364 77.79 67.21 26.81
CA LEU V 364 76.78 66.54 27.64
C LEU V 364 76.20 67.54 28.62
N VAL V 365 74.92 67.87 28.44
CA VAL V 365 74.20 68.72 29.39
C VAL V 365 73.55 67.79 30.41
N ALA V 366 74.12 67.73 31.60
CA ALA V 366 73.72 66.77 32.62
C ALA V 366 73.25 67.49 33.87
N THR V 367 72.04 67.16 34.33
CA THR V 367 71.59 67.66 35.63
C THR V 367 72.29 66.95 36.77
N ASN V 368 72.42 65.63 36.67
CA ASN V 368 73.03 64.83 37.71
C ASN V 368 73.63 63.57 37.10
N LEU V 369 74.48 62.91 37.88
CA LEU V 369 75.11 61.67 37.45
C LEU V 369 74.88 60.56 38.47
N PHE V 370 75.55 59.41 38.28
CA PHE V 370 75.46 58.29 39.20
C PHE V 370 76.71 58.19 40.07
N GLY V 371 77.41 59.30 40.27
CA GLY V 371 78.59 59.29 41.11
C GLY V 371 79.80 58.71 40.39
N ARG V 372 80.67 58.05 41.18
CA ARG V 372 81.89 57.39 40.73
C ARG V 372 82.87 58.35 40.04
N GLY V 373 82.83 59.63 40.41
CA GLY V 373 83.63 60.65 39.76
C GLY V 373 83.22 60.84 38.30
N MET V 374 84.22 61.16 37.49
CA MET V 374 84.07 61.17 36.04
C MET V 374 85.08 60.18 35.48
N ASP V 375 84.64 58.96 35.23
CA ASP V 375 85.53 57.87 34.80
C ASP V 375 85.84 57.88 33.32
N ILE V 376 85.40 58.90 32.57
CA ILE V 376 85.71 59.03 31.16
C ILE V 376 86.82 60.06 31.01
N GLU V 377 87.98 59.63 30.52
CA GLU V 377 89.14 60.50 30.44
C GLU V 377 89.03 61.56 29.36
N ARG V 378 88.10 61.41 28.43
CA ARG V 378 87.98 62.32 27.30
C ARG V 378 87.43 63.67 27.72
N VAL V 379 86.59 63.71 28.76
CA VAL V 379 86.05 64.96 29.28
C VAL V 379 87.17 65.74 29.96
N ASN V 380 87.33 67.00 29.58
CA ASN V 380 88.38 67.85 30.12
C ASN V 380 87.86 69.09 30.82
N ILE V 381 86.90 69.78 30.23
CA ILE V 381 86.40 71.06 30.74
C ILE V 381 84.97 70.85 31.22
N ALA V 382 84.70 71.23 32.46
CA ALA V 382 83.39 71.07 33.07
C ALA V 382 82.85 72.41 33.53
N PHE V 383 81.67 72.77 33.04
CA PHE V 383 81.01 74.02 33.41
C PHE V 383 79.89 73.77 34.40
N ASN V 384 79.95 74.47 35.53
CA ASN V 384 78.83 74.54 36.47
C ASN V 384 78.00 75.75 36.05
N TYR V 385 77.06 75.51 35.15
CA TYR V 385 76.12 76.53 34.70
C TYR V 385 75.20 76.96 35.84
N ASP V 386 74.83 76.01 36.70
CA ASP V 386 74.03 76.28 37.88
C ASP V 386 74.79 75.79 39.12
N MET V 387 74.49 76.41 40.26
CA MET V 387 75.29 76.17 41.44
C MET V 387 74.91 74.83 42.08
N PRO V 388 75.89 74.02 42.48
CA PRO V 388 75.58 72.76 43.16
C PRO V 388 75.06 72.99 44.57
N GLU V 389 74.67 71.89 45.21
CA GLU V 389 74.04 71.96 46.52
C GLU V 389 75.04 72.34 47.59
N ASP V 390 76.07 71.53 47.79
CA ASP V 390 77.06 71.76 48.82
C ASP V 390 78.44 71.48 48.23
N SER V 391 79.44 71.38 49.10
CA SER V 391 80.78 71.01 48.66
C SER V 391 80.85 69.55 48.21
N ASP V 392 79.94 68.70 48.68
CA ASP V 392 79.95 67.30 48.27
C ASP V 392 79.41 67.13 46.86
N THR V 393 78.33 67.85 46.52
CA THR V 393 77.85 67.82 45.15
C THR V 393 78.82 68.49 44.18
N TYR V 394 79.51 69.53 44.64
CA TYR V 394 80.58 70.13 43.85
C TYR V 394 81.74 69.16 43.66
N LEU V 395 82.02 68.33 44.68
CA LEU V 395 83.04 67.31 44.56
C LEU V 395 82.64 66.23 43.57
N HIS V 396 81.37 65.85 43.58
CA HIS V 396 80.88 64.86 42.63
C HIS V 396 80.81 65.41 41.21
N ARG V 397 80.61 66.72 41.06
CA ARG V 397 80.59 67.32 39.73
C ARG V 397 81.98 67.53 39.17
N VAL V 398 82.93 67.95 40.01
CA VAL V 398 84.23 68.42 39.54
C VAL V 398 85.29 67.33 39.60
N ALA V 399 85.44 66.67 40.74
CA ALA V 399 86.54 65.73 40.94
C ALA V 399 86.31 64.46 40.13
N ARG V 400 87.42 63.87 39.68
CA ARG V 400 87.41 62.79 38.70
C ARG V 400 87.96 61.51 39.29
N ALA V 401 87.62 60.39 38.64
CA ALA V 401 88.08 59.07 39.05
C ALA V 401 88.59 58.31 37.83
N GLY V 402 89.42 58.97 37.03
CA GLY V 402 89.96 58.36 35.82
C GLY V 402 91.12 57.45 36.11
N ARG V 403 91.70 56.93 35.03
CA ARG V 403 92.84 56.01 35.10
C ARG V 403 94.15 56.65 34.69
N PHE V 404 94.15 57.48 33.64
CA PHE V 404 95.37 58.12 33.17
C PHE V 404 95.23 59.63 33.12
N GLY V 405 94.04 60.12 32.78
CA GLY V 405 93.80 61.54 32.73
C GLY V 405 93.47 62.14 34.09
N THR V 406 94.43 62.84 34.67
CA THR V 406 94.27 63.42 36.01
C THR V 406 94.13 64.93 36.00
N LYS V 407 94.44 65.60 34.89
CA LYS V 407 94.29 67.03 34.78
C LYS V 407 92.94 67.39 34.15
N GLY V 408 92.49 68.61 34.38
CA GLY V 408 91.23 69.07 33.85
C GLY V 408 90.93 70.48 34.30
N LEU V 409 89.94 71.08 33.65
CA LEU V 409 89.50 72.43 33.95
C LEU V 409 88.04 72.43 34.37
N ALA V 410 87.72 73.22 35.38
CA ALA V 410 86.35 73.35 35.87
C ALA V 410 86.05 74.81 36.12
N ILE V 411 84.94 75.30 35.56
CA ILE V 411 84.56 76.71 35.66
C ILE V 411 83.13 76.78 36.17
N THR V 412 82.93 77.49 37.29
CA THR V 412 81.64 77.64 37.91
C THR V 412 81.13 79.06 37.70
N PHE V 413 79.90 79.19 37.21
CA PHE V 413 79.33 80.50 36.94
C PHE V 413 78.78 81.12 38.22
N VAL V 414 79.17 82.36 38.49
CA VAL V 414 78.71 83.10 39.66
C VAL V 414 77.76 84.19 39.19
N SER V 415 76.58 84.24 39.79
CA SER V 415 75.56 85.22 39.42
C SER V 415 75.18 86.17 40.54
N ASP V 416 75.17 85.71 41.78
CA ASP V 416 74.72 86.53 42.89
C ASP V 416 75.68 86.37 44.06
N GLU V 417 75.29 86.90 45.23
CA GLU V 417 76.12 86.78 46.42
C GLU V 417 76.10 85.36 46.98
N ASN V 418 75.01 84.63 46.77
CA ASN V 418 74.91 83.27 47.31
C ASN V 418 75.85 82.32 46.61
N ASP V 419 76.10 82.52 45.31
CA ASP V 419 77.11 81.74 44.61
C ASP V 419 78.50 81.99 45.18
N ALA V 420 78.80 83.25 45.53
CA ALA V 420 80.08 83.56 46.17
C ALA V 420 80.17 83.00 47.58
N LYS V 421 79.05 82.93 48.29
CA LYS V 421 79.05 82.34 49.63
C LYS V 421 79.30 80.84 49.59
N ILE V 422 78.65 80.14 48.67
CA ILE V 422 78.88 78.71 48.53
C ILE V 422 80.28 78.46 47.94
N LEU V 423 80.79 79.39 47.13
CA LEU V 423 82.16 79.28 46.62
C LEU V 423 83.19 79.41 47.74
N ASN V 424 83.00 80.38 48.63
CA ASN V 424 83.87 80.50 49.79
C ASN V 424 83.70 79.34 50.75
N ASP V 425 82.49 78.75 50.80
CA ASP V 425 82.27 77.54 51.58
C ASP V 425 83.09 76.38 51.04
N VAL V 426 83.13 76.23 49.71
CA VAL V 426 83.93 75.17 49.08
C VAL V 426 85.42 75.44 49.28
N GLN V 427 85.83 76.72 49.21
CA GLN V 427 87.21 77.09 49.51
C GLN V 427 87.60 76.78 50.95
N ASP V 428 86.66 76.91 51.88
CA ASP V 428 86.93 76.58 53.27
C ASP V 428 86.98 75.07 53.50
N ARG V 429 86.11 74.32 52.80
CA ARG V 429 86.08 72.88 52.99
C ARG V 429 87.30 72.20 52.38
N PHE V 430 87.61 72.51 51.13
CA PHE V 430 88.58 71.74 50.36
C PHE V 430 89.96 72.39 50.30
N GLU V 431 90.09 73.63 50.80
CA GLU V 431 91.36 74.34 50.97
C GLU V 431 92.10 74.52 49.65
N VAL V 432 91.40 75.00 48.63
CA VAL V 432 91.98 75.25 47.33
C VAL V 432 91.79 76.72 46.97
N ASN V 433 92.51 77.16 45.95
CA ASN V 433 92.45 78.54 45.47
C ASN V 433 91.60 78.63 44.21
N ILE V 434 90.55 79.45 44.27
CA ILE V 434 89.64 79.66 43.15
C ILE V 434 89.61 81.16 42.88
N SER V 435 90.32 81.58 41.84
CA SER V 435 90.47 82.98 41.50
C SER V 435 89.67 83.31 40.25
N GLU V 436 89.82 84.53 39.76
CA GLU V 436 89.10 84.97 38.57
C GLU V 436 89.66 84.28 37.33
N LEU V 437 88.75 83.91 36.43
CA LEU V 437 89.14 83.29 35.17
C LEU V 437 89.84 84.31 34.28
N PRO V 438 91.10 84.08 33.90
CA PRO V 438 91.82 85.06 33.08
C PRO V 438 91.37 84.99 31.62
N ASP V 439 91.91 85.93 30.83
CA ASP V 439 91.63 85.97 29.40
C ASP V 439 92.62 85.15 28.58
N GLU V 440 93.72 84.69 29.19
CA GLU V 440 94.68 83.82 28.52
C GLU V 440 94.98 82.64 29.44
N ILE V 441 94.76 81.43 28.94
CA ILE V 441 94.93 80.21 29.71
C ILE V 441 95.97 79.34 29.02
N ASP V 442 96.95 78.86 29.79
CA ASP V 442 97.98 78.00 29.24
C ASP V 442 97.40 76.64 28.86
N ILE V 443 97.93 76.07 27.78
CA ILE V 443 97.34 74.85 27.23
C ILE V 443 97.92 73.60 27.90
N SER V 444 99.18 73.62 28.32
CA SER V 444 99.82 72.45 28.89
C SER V 444 99.62 72.32 30.39
N SER V 445 98.89 73.23 31.02
CA SER V 445 98.72 73.19 32.47
C SER V 445 97.64 72.20 32.88
N TYR V 446 96.63 71.98 32.03
CA TYR V 446 95.51 71.10 32.39
C TYR V 446 95.23 70.05 31.32
N ILE V 447 96.09 69.93 30.31
CA ILE V 447 95.92 68.97 29.23
C ILE V 447 97.15 68.09 29.18
N GLU V 448 96.94 66.78 29.27
CA GLU V 448 98.05 65.82 29.26
C GLU V 448 98.27 65.26 27.87
N LEU W 64 -88.43 -65.05 -88.96
CA LEU W 64 -87.80 -64.31 -87.87
C LEU W 64 -86.30 -63.99 -88.06
N PRO W 65 -85.47 -64.91 -88.60
CA PRO W 65 -84.15 -64.43 -89.09
C PRO W 65 -84.25 -63.67 -90.39
N GLU W 66 -85.32 -63.88 -91.16
CA GLU W 66 -85.57 -63.06 -92.34
C GLU W 66 -85.78 -61.60 -91.96
N ALA W 67 -86.42 -61.36 -90.81
CA ALA W 67 -86.62 -60.01 -90.32
C ALA W 67 -85.30 -59.34 -89.96
N ARG W 68 -84.42 -60.06 -89.24
CA ARG W 68 -83.16 -59.44 -88.81
C ARG W 68 -82.21 -59.25 -89.98
N THR W 69 -82.26 -60.14 -90.97
CA THR W 69 -81.48 -59.91 -92.19
C THR W 69 -82.05 -58.76 -93.00
N ARG W 70 -83.38 -58.56 -92.94
CA ARG W 70 -83.99 -57.40 -93.58
C ARG W 70 -83.55 -56.10 -92.91
N PHE W 71 -83.43 -56.10 -91.58
CA PHE W 71 -82.95 -54.91 -90.88
C PHE W 71 -81.48 -54.63 -91.16
N THR W 72 -80.66 -55.70 -91.24
CA THR W 72 -79.24 -55.47 -91.54
C THR W 72 -79.04 -55.04 -92.98
N LYS W 73 -79.94 -55.46 -93.89
CA LYS W 73 -79.90 -54.93 -95.24
C LYS W 73 -80.41 -53.49 -95.29
N SER W 74 -81.29 -53.12 -94.35
CA SER W 74 -81.76 -51.74 -94.27
C SER W 74 -80.64 -50.83 -93.80
N THR W 75 -79.80 -51.31 -92.88
CA THR W 75 -78.68 -50.51 -92.39
C THR W 75 -77.63 -50.30 -93.47
N ARG W 76 -77.19 -51.38 -94.10
CA ARG W 76 -76.16 -51.31 -95.13
C ARG W 76 -76.71 -50.73 -96.42
N ASN W 83 -77.83 -43.60 -96.17
CA ASN W 83 -77.66 -44.76 -95.29
C ASN W 83 -78.62 -44.70 -94.11
N ILE W 84 -78.91 -43.48 -93.65
CA ILE W 84 -79.84 -43.31 -92.54
C ILE W 84 -81.28 -43.27 -93.01
N LYS W 85 -81.53 -42.65 -94.17
CA LYS W 85 -82.90 -42.53 -94.67
C LYS W 85 -83.45 -43.87 -95.14
N PRO W 86 -82.60 -44.66 -95.82
CA PRO W 86 -83.02 -45.99 -96.27
C PRO W 86 -83.25 -46.93 -95.10
N LEU W 87 -82.44 -46.78 -94.04
CA LEU W 87 -82.64 -47.58 -92.83
C LEU W 87 -83.92 -47.19 -92.11
N LEU W 88 -84.20 -45.89 -92.03
CA LEU W 88 -85.42 -45.42 -91.38
C LEU W 88 -86.66 -45.78 -92.19
N SER W 89 -86.52 -45.89 -93.51
CA SER W 89 -87.64 -46.29 -94.34
C SER W 89 -87.90 -47.79 -94.26
N THR W 90 -86.87 -48.61 -94.49
CA THR W 90 -87.06 -50.05 -94.51
C THR W 90 -87.11 -50.66 -93.12
N PHE W 91 -86.90 -49.87 -92.06
CA PHE W 91 -87.09 -50.38 -90.71
C PHE W 91 -88.56 -50.53 -90.37
N SER W 92 -89.43 -49.83 -91.06
CA SER W 92 -90.87 -49.92 -90.81
C SER W 92 -91.44 -51.18 -91.44
N GLU W 98 -94.80 -53.83 -81.52
CA GLU W 98 -93.65 -53.15 -82.10
C GLU W 98 -92.44 -53.25 -81.18
N ASN W 99 -92.60 -53.93 -80.04
CA ASN W 99 -91.50 -54.11 -79.11
C ASN W 99 -90.50 -55.12 -79.64
N GLU W 100 -90.98 -56.21 -80.25
CA GLU W 100 -90.10 -57.21 -80.82
C GLU W 100 -89.33 -56.66 -82.02
N LYS W 101 -89.93 -55.72 -82.74
CA LYS W 101 -89.22 -55.06 -83.85
C LYS W 101 -88.05 -54.24 -83.34
N LYS W 102 -88.25 -53.51 -82.24
CA LYS W 102 -87.14 -52.76 -81.64
C LYS W 102 -86.10 -53.69 -81.03
N CYS W 103 -86.51 -54.85 -80.52
CA CYS W 103 -85.54 -55.82 -80.02
C CYS W 103 -84.68 -56.38 -81.15
N THR W 104 -85.30 -56.68 -82.30
CA THR W 104 -84.53 -57.14 -83.45
C THR W 104 -83.64 -56.03 -83.99
N LEU W 105 -84.08 -54.77 -83.91
CA LEU W 105 -83.24 -53.62 -84.26
C LEU W 105 -82.00 -53.55 -83.37
N ASP W 106 -82.20 -53.73 -82.05
CA ASP W 106 -81.09 -53.66 -81.11
C ASP W 106 -80.10 -54.81 -81.34
N GLN W 107 -80.62 -56.01 -81.62
CA GLN W 107 -79.75 -57.14 -81.92
C GLN W 107 -79.02 -56.95 -83.24
N ALA W 108 -79.65 -56.27 -84.20
CA ALA W 108 -78.99 -55.95 -85.45
C ALA W 108 -77.85 -54.97 -85.24
N PHE W 109 -78.06 -53.94 -84.41
CA PHE W 109 -76.98 -53.01 -84.11
C PHE W 109 -75.86 -53.70 -83.34
N ARG W 110 -76.20 -54.66 -82.47
CA ARG W 110 -75.19 -55.45 -81.78
C ARG W 110 -74.33 -56.24 -82.76
N GLY W 111 -74.97 -56.89 -83.74
CA GLY W 111 -74.22 -57.65 -84.73
C GLY W 111 -73.35 -56.78 -85.63
N ILE W 112 -73.86 -55.62 -86.02
CA ILE W 112 -73.11 -54.72 -86.89
C ILE W 112 -71.91 -54.13 -86.14
N LEU W 113 -72.11 -53.73 -84.87
CA LEU W 113 -70.99 -53.21 -84.09
C LEU W 113 -69.96 -54.29 -83.79
N GLU W 114 -70.40 -55.54 -83.64
CA GLU W 114 -69.46 -56.65 -83.48
C GLU W 114 -68.62 -56.84 -84.73
N GLU W 115 -69.26 -56.77 -85.90
CA GLU W 115 -68.54 -56.92 -87.17
C GLU W 115 -67.58 -55.76 -87.40
N GLU W 116 -67.92 -54.56 -86.91
CA GLU W 116 -67.02 -53.44 -87.10
C GLU W 116 -65.89 -53.43 -86.06
N ILE W 117 -66.11 -54.04 -84.90
CA ILE W 117 -65.02 -54.21 -83.94
C ILE W 117 -64.03 -55.26 -84.46
N ILE W 118 -64.54 -56.31 -85.12
CA ILE W 118 -63.67 -57.31 -85.75
C ILE W 118 -62.80 -56.67 -86.83
N ASN W 119 -63.37 -55.75 -87.62
CA ASN W 119 -62.61 -54.99 -88.59
C ASN W 119 -61.68 -53.98 -87.92
N GLU W 124 -63.30 -47.89 -85.44
CA GLU W 124 -62.94 -46.59 -84.88
C GLU W 124 -63.92 -45.52 -85.29
N ASN W 125 -63.73 -44.96 -86.49
CA ASN W 125 -64.60 -43.90 -86.96
C ASN W 125 -65.95 -44.44 -87.39
N VAL W 126 -65.96 -45.66 -87.96
CA VAL W 126 -67.21 -46.28 -88.39
C VAL W 126 -68.06 -46.66 -87.16
N LEU W 127 -67.39 -46.99 -86.05
CA LEU W 127 -68.08 -47.18 -84.78
C LEU W 127 -68.79 -45.90 -84.33
N ALA W 128 -68.13 -44.75 -84.52
CA ALA W 128 -68.75 -43.47 -84.21
C ALA W 128 -69.90 -43.16 -85.14
N ILE W 129 -69.80 -43.60 -86.40
CA ILE W 129 -70.89 -43.41 -87.37
C ILE W 129 -72.11 -44.22 -86.95
N ILE W 130 -71.90 -45.47 -86.54
CA ILE W 130 -73.01 -46.31 -86.09
C ILE W 130 -73.61 -45.77 -84.80
N SER W 131 -72.78 -45.24 -83.90
CA SER W 131 -73.30 -44.67 -82.65
C SER W 131 -74.10 -43.39 -82.91
N LEU W 132 -73.66 -42.58 -83.90
CA LEU W 132 -74.45 -41.43 -84.32
C LEU W 132 -75.78 -41.85 -84.93
N ALA W 133 -75.79 -42.96 -85.68
CA ALA W 133 -77.03 -43.46 -86.24
C ALA W 133 -77.98 -43.95 -85.15
N ILE W 134 -77.43 -44.58 -84.11
CA ILE W 134 -78.25 -45.06 -83.00
C ILE W 134 -78.81 -43.87 -82.21
N GLY W 135 -78.00 -42.83 -82.03
CA GLY W 135 -78.49 -41.61 -81.40
C GLY W 135 -79.52 -40.90 -82.24
N GLY W 136 -79.45 -41.05 -83.57
CA GLY W 136 -80.47 -40.51 -84.44
C GLY W 136 -81.77 -41.29 -84.35
N VAL W 137 -81.67 -42.61 -84.17
CA VAL W 137 -82.88 -43.43 -83.97
C VAL W 137 -83.49 -43.14 -82.61
N THR W 138 -82.71 -43.30 -81.55
CA THR W 138 -83.21 -43.06 -80.20
C THR W 138 -83.30 -41.56 -79.92
N SER W 145 -82.52 -48.10 -73.96
CA SER W 145 -81.25 -48.18 -73.25
C SER W 145 -80.17 -48.81 -74.13
N THR W 146 -80.45 -48.91 -75.43
CA THR W 146 -79.49 -49.55 -76.33
C THR W 146 -78.17 -48.80 -76.56
N PRO W 147 -78.08 -47.45 -76.69
CA PRO W 147 -76.75 -46.89 -76.97
C PRO W 147 -75.82 -46.93 -75.77
N PHE W 148 -76.38 -46.95 -74.55
CA PHE W 148 -75.56 -47.15 -73.35
C PHE W 148 -74.88 -48.51 -73.37
N VAL W 149 -75.65 -49.56 -73.68
CA VAL W 149 -75.12 -50.92 -73.73
C VAL W 149 -74.12 -51.06 -74.86
N LEU W 150 -74.40 -50.42 -76.00
CA LEU W 150 -73.49 -50.57 -77.14
C LEU W 150 -72.18 -49.81 -76.93
N LEU W 151 -72.24 -48.62 -76.31
CA LEU W 151 -71.02 -47.92 -75.95
C LEU W 151 -70.24 -48.69 -74.88
N GLY W 152 -70.94 -49.37 -73.98
CA GLY W 152 -70.27 -50.23 -73.02
C GLY W 152 -69.54 -51.39 -73.67
N ASP W 153 -70.17 -51.99 -74.69
CA ASP W 153 -69.54 -53.09 -75.40
C ASP W 153 -68.32 -52.62 -76.18
N VAL W 154 -68.43 -51.47 -76.85
CA VAL W 154 -67.31 -50.99 -77.67
C VAL W 154 -66.16 -50.52 -76.78
N LEU W 155 -66.46 -49.93 -75.62
CA LEU W 155 -65.41 -49.57 -74.68
C LEU W 155 -64.80 -50.80 -74.02
N ASP W 156 -65.57 -51.89 -73.88
CA ASP W 156 -64.98 -53.10 -73.33
C ASP W 156 -64.21 -53.90 -74.37
N CYS W 157 -64.34 -53.56 -75.66
CA CYS W 157 -63.62 -54.30 -76.69
C CYS W 157 -62.36 -53.61 -77.20
N LEU W 158 -62.09 -52.34 -76.83
CA LEU W 158 -60.94 -51.70 -77.45
C LEU W 158 -59.87 -51.38 -76.42
N PRO W 159 -58.56 -51.50 -76.74
CA PRO W 159 -57.53 -51.44 -75.69
C PRO W 159 -57.32 -50.11 -74.96
N LEU W 160 -56.69 -49.13 -75.60
CA LEU W 160 -56.37 -47.91 -74.85
C LEU W 160 -56.77 -46.62 -75.56
N ASP W 161 -56.23 -46.41 -76.77
CA ASP W 161 -56.31 -45.14 -77.47
C ASP W 161 -57.68 -44.92 -78.12
N GLN W 162 -58.25 -46.01 -78.64
CA GLN W 162 -59.57 -45.93 -79.24
C GLN W 162 -60.63 -45.62 -78.19
N CYS W 163 -60.43 -46.10 -76.96
CA CYS W 163 -61.31 -45.69 -75.85
C CYS W 163 -61.17 -44.21 -75.55
N ASP W 164 -59.97 -43.64 -75.74
CA ASP W 164 -59.80 -42.21 -75.54
C ASP W 164 -60.54 -41.42 -76.63
N THR W 165 -60.51 -41.92 -77.87
CA THR W 165 -61.26 -41.26 -78.95
C THR W 165 -62.76 -41.35 -78.73
N ILE W 166 -63.24 -42.50 -78.23
CA ILE W 166 -64.66 -42.66 -77.91
C ILE W 166 -65.03 -41.78 -76.73
N PHE W 167 -64.11 -41.56 -75.80
CA PHE W 167 -64.42 -40.71 -74.66
C PHE W 167 -64.47 -39.24 -75.06
N THR W 168 -63.64 -38.85 -76.04
CA THR W 168 -63.80 -37.52 -76.65
C THR W 168 -65.14 -37.40 -77.35
N PHE W 169 -65.58 -38.48 -78.01
CA PHE W 169 -66.89 -38.47 -78.67
C PHE W 169 -68.03 -38.36 -77.66
N VAL W 170 -67.87 -38.97 -76.48
CA VAL W 170 -68.88 -38.88 -75.44
C VAL W 170 -68.91 -37.47 -74.84
N GLU W 171 -67.73 -36.86 -74.68
CA GLU W 171 -67.67 -35.48 -74.19
C GLU W 171 -68.24 -34.50 -75.19
N LYS W 172 -68.12 -34.79 -76.49
CA LYS W 172 -68.71 -33.90 -77.49
C LYS W 172 -70.22 -34.08 -77.58
N ASN W 173 -70.69 -35.33 -77.65
CA ASN W 173 -72.12 -35.61 -77.85
C ASN W 173 -72.80 -35.89 -76.51
N VAL W 174 -72.96 -34.85 -75.68
CA VAL W 174 -73.60 -35.03 -74.38
C VAL W 174 -75.11 -35.14 -74.55
N ALA W 175 -75.75 -34.07 -75.05
CA ALA W 175 -77.19 -33.95 -75.31
C ALA W 175 -78.04 -34.23 -74.06
N THR W 176 -77.48 -33.98 -72.87
CA THR W 176 -78.05 -34.16 -71.53
C THR W 176 -78.38 -35.62 -71.18
N TRP W 177 -78.10 -36.56 -72.09
CA TRP W 177 -78.31 -38.00 -71.93
C TRP W 177 -79.68 -38.43 -71.43
N LYS W 187 -77.54 -43.39 -67.46
CA LYS W 187 -77.54 -43.13 -66.04
C LYS W 187 -76.64 -44.12 -65.30
N ASN W 188 -77.18 -45.31 -65.01
CA ASN W 188 -76.42 -46.32 -64.30
C ASN W 188 -75.35 -46.95 -65.19
N TYR W 189 -75.64 -47.07 -66.48
CA TYR W 189 -74.68 -47.68 -67.40
C TYR W 189 -73.50 -46.76 -67.66
N LEU W 190 -73.73 -45.44 -67.59
CA LEU W 190 -72.63 -44.48 -67.65
C LEU W 190 -71.71 -44.65 -66.45
N LEU W 191 -72.28 -44.86 -65.27
CA LEU W 191 -71.49 -45.12 -64.07
C LEU W 191 -70.73 -46.43 -64.19
N ARG W 192 -71.35 -47.46 -64.79
CA ARG W 192 -70.66 -48.74 -64.95
C ARG W 192 -69.51 -48.63 -65.93
N MET W 193 -69.70 -47.88 -67.03
CA MET W 193 -68.62 -47.67 -67.99
C MET W 193 -67.47 -46.90 -67.36
N CYS W 194 -67.78 -45.86 -66.59
CA CYS W 194 -66.73 -45.06 -65.97
C CYS W 194 -66.01 -45.83 -64.88
N ASN W 195 -66.72 -46.68 -64.13
CA ASN W 195 -66.08 -47.49 -63.10
C ASN W 195 -65.18 -48.55 -63.72
N ASP W 196 -65.61 -49.16 -64.83
CA ASP W 196 -64.78 -50.16 -65.49
C ASP W 196 -63.56 -49.52 -66.14
N LEU W 197 -63.71 -48.28 -66.65
CA LEU W 197 -62.56 -47.57 -67.18
C LEU W 197 -61.56 -47.22 -66.07
N LEU W 198 -62.06 -46.74 -64.92
CA LEU W 198 -61.18 -46.38 -63.82
C LEU W 198 -60.51 -47.61 -63.21
N ARG W 199 -61.17 -48.77 -63.31
CA ARG W 199 -60.52 -50.00 -62.86
C ARG W 199 -59.49 -50.48 -63.89
N ARG W 200 -59.71 -50.17 -65.16
CA ARG W 200 -58.83 -50.73 -66.18
C ARG W 200 -57.57 -49.89 -66.40
N LEU W 201 -57.57 -48.63 -65.98
CA LEU W 201 -56.44 -47.74 -66.25
C LEU W 201 -55.25 -48.02 -65.33
N SER W 202 -54.18 -47.24 -65.53
CA SER W 202 -52.88 -47.54 -64.94
C SER W 202 -52.41 -46.50 -63.94
N LYS W 203 -52.89 -45.26 -64.04
CA LYS W 203 -52.53 -44.10 -63.23
C LYS W 203 -51.04 -43.76 -63.27
N SER W 204 -50.32 -44.12 -64.33
CA SER W 204 -48.97 -43.63 -64.54
C SER W 204 -48.83 -42.89 -65.87
N GLN W 205 -49.47 -43.42 -66.91
CA GLN W 205 -49.52 -42.75 -68.20
C GLN W 205 -50.92 -42.28 -68.56
N ASN W 206 -51.90 -42.48 -67.68
CA ASN W 206 -53.29 -42.14 -67.97
C ASN W 206 -53.91 -41.33 -66.85
N THR W 207 -53.10 -40.55 -66.13
CA THR W 207 -53.63 -39.71 -65.04
C THR W 207 -54.50 -38.59 -65.58
N VAL W 208 -54.14 -38.06 -66.75
CA VAL W 208 -54.96 -37.04 -67.41
C VAL W 208 -56.32 -37.63 -67.80
N PHE W 209 -56.31 -38.88 -68.27
CA PHE W 209 -57.56 -39.51 -68.67
C PHE W 209 -58.41 -39.88 -67.44
N CYS W 210 -57.76 -40.21 -66.32
CA CYS W 210 -58.47 -40.37 -65.06
C CYS W 210 -59.14 -39.08 -64.62
N GLY W 211 -58.42 -37.96 -64.77
CA GLY W 211 -59.01 -36.67 -64.46
C GLY W 211 -60.18 -36.33 -65.36
N ARG W 212 -60.09 -36.69 -66.64
CA ARG W 212 -61.19 -36.44 -67.57
C ARG W 212 -62.41 -37.29 -67.24
N ILE W 213 -62.19 -38.54 -66.82
CA ILE W 213 -63.30 -39.39 -66.39
C ILE W 213 -63.98 -38.83 -65.14
N GLN W 214 -63.17 -38.33 -64.19
CA GLN W 214 -63.77 -37.75 -62.99
C GLN W 214 -64.48 -36.43 -63.29
N LEU W 215 -63.97 -35.66 -64.25
CA LEU W 215 -64.68 -34.45 -64.70
C LEU W 215 -66.01 -34.80 -65.36
N PHE W 216 -66.04 -35.91 -66.11
CA PHE W 216 -67.29 -36.34 -66.74
C PHE W 216 -68.30 -36.79 -65.69
N LEU W 217 -67.84 -37.53 -64.68
CA LEU W 217 -68.73 -37.99 -63.62
C LEU W 217 -69.20 -36.82 -62.74
N ALA W 218 -68.40 -35.77 -62.63
CA ALA W 218 -68.85 -34.59 -61.90
C ALA W 218 -69.79 -33.75 -62.73
N ARG W 219 -69.62 -33.77 -64.06
CA ARG W 219 -70.50 -33.03 -64.94
C ARG W 219 -71.89 -33.67 -65.01
N LEU W 220 -71.96 -35.00 -64.90
CA LEU W 220 -73.25 -35.66 -64.88
C LEU W 220 -74.02 -35.37 -63.59
N PHE W 221 -73.34 -35.45 -62.45
CA PHE W 221 -74.04 -35.31 -61.18
C PHE W 221 -73.87 -33.91 -60.61
N SER W 281 -20.55 -44.93 -52.85
CA SER W 281 -21.88 -44.34 -53.06
C SER W 281 -21.97 -42.97 -52.41
N ILE W 282 -23.12 -42.32 -52.57
CA ILE W 282 -23.34 -41.01 -51.97
C ILE W 282 -23.77 -41.20 -50.52
N PRO W 283 -23.18 -40.47 -49.57
CA PRO W 283 -23.59 -40.62 -48.17
C PRO W 283 -24.99 -40.06 -47.94
N ILE W 284 -25.80 -40.82 -47.21
CA ILE W 284 -27.22 -40.55 -47.05
C ILE W 284 -27.56 -40.47 -45.58
N ASP W 285 -28.24 -39.38 -45.20
CA ASP W 285 -28.81 -39.22 -43.86
C ASP W 285 -30.11 -40.03 -43.82
N TYR W 286 -30.06 -41.21 -43.22
CA TYR W 286 -31.24 -42.05 -43.17
C TYR W 286 -32.22 -41.62 -42.09
N ASN W 287 -31.73 -40.94 -41.04
CA ASN W 287 -32.57 -40.57 -39.93
C ASN W 287 -33.58 -39.49 -40.35
N LEU W 288 -33.11 -38.50 -41.12
CA LEU W 288 -33.99 -37.47 -41.61
C LEU W 288 -35.00 -38.03 -42.61
N TYR W 289 -34.58 -39.02 -43.40
CA TYR W 289 -35.47 -39.75 -44.30
C TYR W 289 -36.61 -40.42 -43.54
N ARG W 290 -36.26 -41.19 -42.50
CA ARG W 290 -37.27 -41.96 -41.79
C ARG W 290 -38.23 -41.05 -41.02
N LYS W 291 -37.69 -40.01 -40.39
CA LYS W 291 -38.55 -39.08 -39.64
C LYS W 291 -39.45 -38.27 -40.57
N PHE W 292 -38.92 -37.90 -41.75
CA PHE W 292 -39.67 -37.08 -42.69
C PHE W 292 -40.82 -37.87 -43.30
N TRP W 293 -40.58 -39.12 -43.72
CA TRP W 293 -41.70 -39.85 -44.30
C TRP W 293 -42.62 -40.46 -43.25
N SER W 294 -42.17 -40.58 -42.00
CA SER W 294 -43.12 -40.87 -40.92
C SER W 294 -44.06 -39.69 -40.68
N LEU W 295 -43.53 -38.45 -40.80
CA LEU W 295 -44.40 -37.29 -40.78
C LEU W 295 -45.37 -37.28 -41.95
N GLN W 296 -44.91 -37.76 -43.12
CA GLN W 296 -45.81 -37.89 -44.27
C GLN W 296 -46.94 -38.88 -43.99
N ASP W 297 -46.62 -39.99 -43.34
CA ASP W 297 -47.64 -40.95 -42.93
C ASP W 297 -48.60 -40.36 -41.90
N TYR W 298 -48.09 -39.46 -41.05
CA TYR W 298 -48.99 -38.76 -40.12
C TYR W 298 -49.88 -37.77 -40.86
N PHE W 299 -49.39 -37.17 -41.95
CA PHE W 299 -50.23 -36.29 -42.76
C PHE W 299 -51.33 -37.07 -43.47
N ARG W 300 -51.03 -38.30 -43.90
CA ARG W 300 -52.01 -39.08 -44.64
C ARG W 300 -53.17 -39.55 -43.76
N ASN W 301 -52.94 -39.68 -42.45
CA ASN W 301 -53.97 -40.08 -41.50
C ASN W 301 -54.00 -39.06 -40.37
N PRO W 302 -54.86 -38.04 -40.47
CA PRO W 302 -54.92 -37.01 -39.41
C PRO W 302 -55.62 -37.47 -38.14
N VAL W 303 -56.27 -38.64 -38.15
CA VAL W 303 -56.95 -39.16 -36.98
C VAL W 303 -55.92 -39.60 -35.92
N GLN W 304 -54.71 -39.94 -36.34
CA GLN W 304 -53.71 -40.50 -35.43
C GLN W 304 -53.14 -39.45 -34.48
N CYS W 305 -53.38 -38.16 -34.74
CA CYS W 305 -52.84 -37.09 -33.91
C CYS W 305 -53.82 -36.72 -32.79
N TYR W 306 -54.24 -37.75 -32.05
CA TYR W 306 -55.03 -37.56 -30.84
C TYR W 306 -54.60 -38.43 -29.67
N GLU W 307 -53.77 -39.46 -29.89
CA GLU W 307 -53.22 -40.25 -28.80
C GLU W 307 -52.07 -39.51 -28.14
N LYS W 308 -51.40 -40.19 -27.21
CA LYS W 308 -50.28 -39.57 -26.51
C LYS W 308 -48.96 -39.82 -27.22
N ILE W 309 -48.65 -41.09 -27.49
CA ILE W 309 -47.32 -41.46 -27.98
C ILE W 309 -47.13 -41.02 -29.43
N SER W 310 -48.17 -41.18 -30.25
CA SER W 310 -48.12 -40.73 -31.63
C SER W 310 -47.99 -39.21 -31.71
N TRP W 311 -48.67 -38.49 -30.82
CA TRP W 311 -48.54 -37.04 -30.79
C TRP W 311 -47.15 -36.61 -30.34
N LYS W 312 -46.55 -37.35 -29.39
CA LYS W 312 -45.20 -37.01 -28.94
C LYS W 312 -44.18 -37.23 -30.06
N THR W 313 -44.33 -38.32 -30.80
CA THR W 313 -43.46 -38.54 -31.96
C THR W 313 -43.68 -37.48 -33.03
N PHE W 314 -44.93 -37.04 -33.19
CA PHE W 314 -45.23 -35.96 -34.14
C PHE W 314 -44.57 -34.66 -33.71
N LEU W 315 -44.59 -34.35 -32.41
CA LEU W 315 -43.94 -33.17 -31.88
C LEU W 315 -42.44 -33.19 -32.15
N LYS W 316 -41.78 -34.31 -31.79
CA LYS W 316 -40.34 -34.43 -31.95
C LYS W 316 -39.93 -34.35 -33.41
N TYR W 317 -40.61 -35.10 -34.27
CA TYR W 317 -40.24 -35.17 -35.68
C TYR W 317 -40.53 -33.85 -36.40
N SER W 318 -41.66 -33.22 -36.10
CA SER W 318 -42.01 -31.98 -36.77
C SER W 318 -41.11 -30.84 -36.33
N GLU W 319 -40.74 -30.81 -35.04
CA GLU W 319 -39.82 -29.76 -34.59
C GLU W 319 -38.42 -29.97 -35.15
N GLU W 320 -37.99 -31.23 -35.32
CA GLU W 320 -36.69 -31.49 -35.93
C GLU W 320 -36.67 -31.11 -37.41
N VAL W 321 -37.75 -31.41 -38.14
CA VAL W 321 -37.82 -31.09 -39.56
C VAL W 321 -37.93 -29.58 -39.77
N LEU W 322 -38.70 -28.88 -38.94
CA LEU W 322 -38.76 -27.43 -39.04
C LEU W 322 -37.45 -26.79 -38.61
N ALA W 323 -36.70 -27.43 -37.72
CA ALA W 323 -35.36 -26.94 -37.37
C ALA W 323 -34.42 -27.06 -38.56
N VAL W 324 -34.49 -28.17 -39.30
CA VAL W 324 -33.70 -28.34 -40.51
C VAL W 324 -34.08 -27.31 -41.57
N PHE W 325 -35.39 -27.03 -41.69
CA PHE W 325 -35.86 -26.03 -42.67
C PHE W 325 -35.40 -24.63 -42.29
N LYS W 326 -35.38 -24.32 -40.99
CA LYS W 326 -34.88 -23.02 -40.56
C LYS W 326 -33.37 -22.91 -40.76
N SER W 327 -32.65 -24.00 -40.55
CA SER W 327 -31.20 -23.93 -40.55
C SER W 327 -30.57 -24.11 -41.93
N TYR W 328 -31.34 -24.55 -42.94
CA TYR W 328 -30.72 -24.73 -44.25
C TYR W 328 -30.52 -23.40 -44.95
N LYS W 329 -31.57 -22.58 -45.02
CA LYS W 329 -31.54 -21.20 -45.51
C LYS W 329 -31.06 -21.11 -46.96
N LEU W 330 -31.97 -21.50 -47.86
CA LEU W 330 -31.74 -21.53 -49.30
C LEU W 330 -31.16 -20.22 -49.84
N ASP W 331 -31.94 -19.14 -49.73
CA ASP W 331 -31.60 -17.79 -50.22
C ASP W 331 -31.28 -17.81 -51.73
N ASP W 332 -32.28 -18.13 -52.52
CA ASP W 332 -32.15 -18.14 -53.97
C ASP W 332 -32.91 -16.96 -54.55
N LYS W 339 -32.11 -15.61 -58.91
CA LYS W 339 -32.37 -15.49 -60.34
C LYS W 339 -32.03 -16.80 -61.06
N MET W 340 -32.11 -17.91 -60.33
CA MET W 340 -31.82 -19.21 -60.92
C MET W 340 -32.98 -19.69 -61.78
N GLU W 341 -34.22 -19.42 -61.34
CA GLU W 341 -35.40 -19.88 -62.08
C GLU W 341 -35.66 -19.05 -63.32
N GLU W 342 -34.99 -17.90 -63.49
CA GLU W 342 -35.14 -17.12 -64.70
C GLU W 342 -34.47 -17.80 -65.90
N LEU W 343 -33.40 -18.56 -65.65
CA LEU W 343 -32.74 -19.28 -66.73
C LEU W 343 -33.52 -20.53 -67.12
N VAL W 350 -43.53 -32.56 -68.77
CA VAL W 350 -43.46 -33.62 -67.78
C VAL W 350 -43.74 -33.08 -66.39
N TYR W 351 -44.76 -33.62 -65.75
CA TYR W 351 -45.19 -33.16 -64.43
C TYR W 351 -45.04 -34.30 -63.42
N PHE W 352 -44.46 -33.98 -62.26
CA PHE W 352 -44.25 -34.94 -61.20
C PHE W 352 -45.43 -34.82 -60.24
N ALA W 353 -46.29 -35.85 -60.24
CA ALA W 353 -47.57 -35.75 -59.54
C ALA W 353 -47.43 -36.12 -58.07
N LYS W 354 -46.85 -37.27 -57.77
CA LYS W 354 -46.72 -37.71 -56.39
C LYS W 354 -45.34 -37.37 -55.84
N PHE W 355 -45.19 -37.54 -54.53
CA PHE W 355 -43.87 -37.41 -53.91
C PHE W 355 -42.98 -38.59 -54.28
N LEU W 356 -41.69 -38.32 -54.39
CA LEU W 356 -40.72 -39.34 -54.77
C LEU W 356 -39.99 -39.80 -53.51
N THR W 357 -40.52 -40.84 -52.88
CA THR W 357 -39.98 -41.35 -51.62
C THR W 357 -38.78 -42.22 -51.96
N SER W 358 -37.64 -41.57 -52.19
CA SER W 358 -36.41 -42.24 -52.55
C SER W 358 -35.33 -41.88 -51.54
N GLU W 359 -34.59 -42.90 -51.09
CA GLU W 359 -33.50 -42.67 -50.14
C GLU W 359 -32.37 -41.88 -50.78
N LYS W 360 -32.12 -42.10 -52.06
CA LYS W 360 -30.92 -41.57 -52.69
C LYS W 360 -31.01 -40.09 -53.01
N LEU W 361 -32.20 -39.53 -53.15
CA LEU W 361 -32.23 -38.12 -53.54
C LEU W 361 -32.07 -37.20 -52.34
N MET W 362 -33.15 -36.95 -51.59
CA MET W 362 -33.21 -36.38 -50.23
C MET W 362 -32.50 -35.03 -50.02
N ASP W 363 -31.76 -34.55 -50.99
CA ASP W 363 -30.99 -33.33 -50.87
C ASP W 363 -31.24 -32.41 -52.04
N LEU W 364 -31.56 -32.97 -53.21
CA LEU W 364 -32.02 -32.17 -54.32
C LEU W 364 -33.40 -31.61 -54.06
N GLN W 365 -34.17 -32.25 -53.18
CA GLN W 365 -35.47 -31.76 -52.77
C GLN W 365 -35.36 -30.69 -51.71
N LEU W 366 -34.38 -30.81 -50.82
CA LEU W 366 -34.19 -29.78 -49.79
C LEU W 366 -33.60 -28.51 -50.39
N SER W 367 -32.89 -28.62 -51.51
CA SER W 367 -32.37 -27.44 -52.19
C SER W 367 -33.45 -26.71 -52.97
N ASP W 368 -34.58 -27.34 -53.23
CA ASP W 368 -35.68 -26.71 -53.93
C ASP W 368 -36.56 -25.94 -52.98
N SER W 369 -37.31 -24.98 -53.54
CA SER W 369 -38.25 -24.20 -52.75
C SER W 369 -39.69 -24.70 -52.88
N ASN W 370 -40.01 -25.33 -54.01
CA ASN W 370 -41.36 -25.84 -54.22
C ASN W 370 -41.66 -26.99 -53.28
N PHE W 371 -40.65 -27.82 -53.00
CA PHE W 371 -40.83 -28.93 -52.06
C PHE W 371 -41.09 -28.42 -50.65
N ARG W 372 -40.38 -27.35 -50.25
CA ARG W 372 -40.61 -26.71 -48.97
C ARG W 372 -41.99 -26.08 -48.91
N ARG W 373 -42.44 -25.49 -50.02
CA ARG W 373 -43.80 -24.93 -50.06
C ARG W 373 -44.85 -26.02 -49.91
N HIS W 374 -44.63 -27.19 -50.52
CA HIS W 374 -45.59 -28.29 -50.39
C HIS W 374 -45.65 -28.80 -48.97
N ILE W 375 -44.50 -28.94 -48.30
CA ILE W 375 -44.49 -29.46 -46.94
C ILE W 375 -45.09 -28.45 -45.96
N LEU W 376 -44.79 -27.16 -46.13
CA LEU W 376 -45.34 -26.17 -45.21
C LEU W 376 -46.84 -25.96 -45.44
N LEU W 377 -47.30 -26.01 -46.69
CA LEU W 377 -48.73 -26.00 -46.96
C LEU W 377 -49.42 -27.22 -46.37
N GLN W 378 -48.74 -28.38 -46.37
CA GLN W 378 -49.36 -29.57 -45.83
C GLN W 378 -49.48 -29.49 -44.31
N TYR W 379 -48.47 -28.88 -43.66
CA TYR W 379 -48.58 -28.53 -42.24
C TYR W 379 -49.74 -27.59 -41.97
N LEU W 380 -49.92 -26.56 -42.80
CA LEU W 380 -50.99 -25.59 -42.56
C LEU W 380 -52.36 -26.19 -42.78
N ILE W 381 -52.50 -27.10 -43.75
CA ILE W 381 -53.77 -27.78 -43.96
C ILE W 381 -54.08 -28.72 -42.80
N LEU W 382 -53.06 -29.41 -42.27
CA LEU W 382 -53.28 -30.25 -41.09
C LEU W 382 -53.66 -29.42 -39.86
N PHE W 383 -53.03 -28.25 -39.68
CA PHE W 383 -53.35 -27.43 -38.51
C PHE W 383 -54.71 -26.76 -38.64
N GLN W 384 -55.11 -26.43 -39.87
CA GLN W 384 -56.47 -25.91 -40.07
C GLN W 384 -57.50 -27.01 -39.89
N TYR W 385 -57.14 -28.26 -40.18
CA TYR W 385 -58.07 -29.37 -39.97
C TYR W 385 -58.23 -29.67 -38.48
N LEU W 386 -57.14 -29.55 -37.72
CA LEU W 386 -57.21 -29.87 -36.30
C LEU W 386 -57.97 -28.81 -35.51
N LYS W 387 -58.09 -27.60 -36.05
CA LYS W 387 -58.89 -26.57 -35.39
C LYS W 387 -60.38 -26.74 -35.66
N GLY W 388 -60.77 -27.66 -36.53
CA GLY W 388 -62.17 -27.91 -36.81
C GLY W 388 -62.64 -29.26 -36.30
N ASN W 396 -65.38 -36.87 -27.69
CA ASN W 396 -63.96 -37.11 -27.89
C ASN W 396 -63.32 -35.96 -28.65
N TYR W 397 -62.10 -36.21 -29.14
CA TYR W 397 -61.33 -35.30 -30.00
C TYR W 397 -61.07 -33.96 -29.31
N VAL W 398 -60.55 -34.03 -28.09
CA VAL W 398 -60.19 -32.84 -27.32
C VAL W 398 -58.70 -32.59 -27.49
N LEU W 399 -58.29 -31.38 -27.14
CA LEU W 399 -56.90 -30.96 -27.26
C LEU W 399 -56.41 -30.36 -25.95
N THR W 400 -55.18 -30.69 -25.59
CA THR W 400 -54.52 -30.04 -24.47
C THR W 400 -54.24 -28.58 -24.82
N ASP W 401 -54.34 -27.70 -23.83
CA ASP W 401 -54.03 -26.28 -24.03
C ASP W 401 -52.57 -26.08 -24.41
N GLU W 402 -51.69 -26.92 -23.88
CA GLU W 402 -50.27 -26.88 -24.26
C GLU W 402 -50.09 -27.27 -25.73
N GLN W 403 -50.91 -28.22 -26.20
CA GLN W 403 -50.90 -28.57 -27.62
C GLN W 403 -51.41 -27.41 -28.47
N SER W 404 -52.39 -26.66 -27.98
CA SER W 404 -52.91 -25.52 -28.74
C SER W 404 -51.88 -24.40 -28.81
N LEU W 405 -51.15 -24.18 -27.71
CA LEU W 405 -50.08 -23.19 -27.71
C LEU W 405 -48.95 -23.61 -28.65
N TRP W 406 -48.66 -24.92 -28.70
CA TRP W 406 -47.67 -25.42 -29.64
C TRP W 406 -48.12 -25.25 -31.09
N ILE W 407 -49.41 -25.46 -31.35
CA ILE W 407 -49.96 -25.27 -32.69
C ILE W 407 -49.87 -23.81 -33.11
N GLU W 408 -50.15 -22.89 -32.18
CA GLU W 408 -50.08 -21.46 -32.50
C GLU W 408 -48.64 -21.01 -32.73
N ASP W 409 -47.70 -21.53 -31.93
CA ASP W 409 -46.29 -21.19 -32.11
C ASP W 409 -45.75 -21.73 -33.43
N THR W 410 -46.07 -22.99 -33.74
CA THR W 410 -45.62 -23.57 -35.00
C THR W 410 -46.30 -22.93 -36.20
N THR W 411 -47.55 -22.48 -36.05
CA THR W 411 -48.24 -21.79 -37.15
C THR W 411 -47.58 -20.45 -37.44
N LYS W 412 -47.25 -19.70 -36.38
CA LYS W 412 -46.56 -18.43 -36.56
C LYS W 412 -45.14 -18.63 -37.09
N SER W 413 -44.53 -19.79 -36.83
CA SER W 413 -43.23 -20.06 -37.42
C SER W 413 -43.34 -20.45 -38.89
N VAL W 414 -44.35 -21.24 -39.25
CA VAL W 414 -44.51 -21.71 -40.62
C VAL W 414 -44.89 -20.55 -41.55
N TYR W 415 -45.67 -19.58 -41.05
CA TYR W 415 -45.92 -18.39 -41.86
C TYR W 415 -44.66 -17.57 -42.10
N GLN W 416 -43.76 -17.53 -41.11
CA GLN W 416 -42.48 -16.85 -41.31
C GLN W 416 -41.60 -17.61 -42.28
N LEU W 417 -41.67 -18.95 -42.27
CA LEU W 417 -40.89 -19.75 -43.20
C LEU W 417 -41.41 -19.60 -44.63
N LEU W 418 -42.73 -19.48 -44.79
CA LEU W 418 -43.27 -19.24 -46.13
C LEU W 418 -42.97 -17.82 -46.59
N SER W 419 -42.81 -16.89 -45.66
CA SER W 419 -42.36 -15.55 -46.06
C SER W 419 -40.91 -15.55 -46.48
N GLU W 420 -40.12 -16.54 -46.06
CA GLU W 420 -38.70 -16.61 -46.40
C GLU W 420 -38.42 -17.39 -47.67
N ASN W 421 -39.45 -17.86 -48.37
CA ASN W 421 -39.24 -18.39 -49.70
C ASN W 421 -38.92 -17.24 -50.66
N PRO W 422 -37.94 -17.41 -51.53
CA PRO W 422 -37.40 -16.27 -52.29
C PRO W 422 -38.36 -15.73 -53.35
N PRO W 423 -39.12 -16.56 -54.16
CA PRO W 423 -40.12 -15.90 -55.00
C PRO W 423 -41.40 -15.54 -54.27
N ASP W 424 -41.53 -14.26 -53.90
CA ASP W 424 -42.77 -13.62 -53.46
C ASP W 424 -43.43 -14.34 -52.28
N GLY W 425 -42.71 -14.35 -51.15
CA GLY W 425 -43.19 -15.07 -49.99
C GLY W 425 -44.35 -14.39 -49.30
N GLU W 426 -44.38 -13.05 -49.33
CA GLU W 426 -45.41 -12.31 -48.61
C GLU W 426 -46.75 -12.41 -49.32
N ARG W 427 -46.75 -12.25 -50.65
CA ARG W 427 -47.98 -12.41 -51.43
C ARG W 427 -48.54 -13.82 -51.32
N PHE W 428 -47.65 -14.82 -51.36
CA PHE W 428 -48.08 -16.20 -51.24
C PHE W 428 -48.62 -16.48 -49.84
N SER W 429 -48.02 -15.88 -48.81
CA SER W 429 -48.52 -16.06 -47.45
C SER W 429 -49.89 -15.41 -47.28
N LYS W 430 -50.11 -14.25 -47.90
CA LYS W 430 -51.41 -13.60 -47.86
C LYS W 430 -52.46 -14.44 -48.58
N MET W 431 -52.09 -15.03 -49.72
CA MET W 431 -52.98 -15.95 -50.43
C MET W 431 -53.34 -17.15 -49.57
N VAL W 432 -52.36 -17.72 -48.87
CA VAL W 432 -52.60 -18.86 -48.00
C VAL W 432 -53.54 -18.49 -46.86
N GLU W 433 -53.35 -17.29 -46.28
CA GLU W 433 -54.22 -16.83 -45.20
C GLU W 433 -55.67 -16.67 -45.66
N HIS W 434 -55.87 -16.04 -46.84
CA HIS W 434 -57.23 -15.83 -47.31
C HIS W 434 -57.89 -17.15 -47.72
N ILE W 435 -57.12 -18.05 -48.34
CA ILE W 435 -57.67 -19.33 -48.76
C ILE W 435 -58.03 -20.19 -47.56
N LEU W 436 -57.21 -20.16 -46.50
CA LEU W 436 -57.55 -20.95 -45.30
C LEU W 436 -58.73 -20.36 -44.54
N ASN W 437 -58.88 -19.03 -44.57
CA ASN W 437 -60.08 -18.44 -43.99
C ASN W 437 -61.35 -18.85 -44.75
N THR W 438 -61.27 -18.86 -46.08
CA THR W 438 -62.41 -19.33 -46.86
C THR W 438 -62.62 -20.84 -46.72
N GLU W 439 -61.56 -21.59 -46.41
CA GLU W 439 -61.74 -23.01 -46.13
C GLU W 439 -62.45 -23.23 -44.80
N GLU W 440 -62.18 -22.37 -43.81
CA GLU W 440 -62.95 -22.39 -42.57
C GLU W 440 -64.42 -22.07 -42.84
N ASN W 441 -64.67 -21.08 -43.71
CA ASN W 441 -66.05 -20.73 -44.06
C ASN W 441 -66.74 -21.84 -44.83
N TRP W 442 -65.99 -22.57 -45.66
CA TRP W 442 -66.56 -23.69 -46.40
C TRP W 442 -66.83 -24.88 -45.49
N ASN W 443 -65.94 -25.12 -44.52
CA ASN W 443 -66.10 -26.24 -43.59
C ASN W 443 -67.21 -25.96 -42.59
N SER W 444 -67.52 -24.68 -42.36
CA SER W 444 -68.64 -24.34 -41.48
C SER W 444 -69.99 -24.73 -42.10
N TRP W 445 -70.05 -24.82 -43.43
CA TRP W 445 -71.31 -25.18 -44.09
C TRP W 445 -71.58 -26.67 -43.97
N LYS W 446 -70.67 -27.50 -44.47
CA LYS W 446 -70.85 -28.94 -44.47
C LYS W 446 -70.74 -29.53 -43.07
N LEU X 187 -62.94 -33.36 -46.64
CA LEU X 187 -62.59 -33.03 -48.02
C LEU X 187 -61.15 -32.53 -48.10
N LEU X 188 -60.67 -31.93 -47.02
CA LEU X 188 -59.28 -31.46 -46.98
C LEU X 188 -58.37 -32.51 -46.37
N ARG X 189 -58.89 -33.27 -45.40
CA ARG X 189 -58.10 -34.36 -44.82
C ARG X 189 -58.03 -35.56 -45.77
N GLU X 190 -58.90 -35.60 -46.77
CA GLU X 190 -58.87 -36.71 -47.74
C GLU X 190 -57.65 -36.59 -48.65
N GLU X 191 -57.30 -35.37 -49.05
CA GLU X 191 -56.15 -35.13 -49.91
C GLU X 191 -55.40 -33.89 -49.41
N ASN X 192 -54.43 -34.11 -48.53
CA ASN X 192 -53.52 -33.02 -48.16
C ASN X 192 -52.62 -32.66 -49.32
N GLU X 193 -52.03 -33.69 -49.95
CA GLU X 193 -51.08 -33.48 -51.04
C GLU X 193 -51.74 -32.88 -52.26
N GLY X 194 -52.99 -33.25 -52.53
CA GLY X 194 -53.70 -32.77 -53.70
C GLY X 194 -53.98 -31.29 -53.68
N TYR X 195 -54.61 -30.80 -52.61
CA TYR X 195 -54.86 -29.38 -52.50
C TYR X 195 -53.59 -28.60 -52.24
N ALA X 196 -52.59 -29.21 -51.59
CA ALA X 196 -51.30 -28.55 -51.41
C ALA X 196 -50.61 -28.31 -52.74
N LYS X 197 -50.59 -29.32 -53.62
CA LYS X 197 -49.99 -29.14 -54.94
C LYS X 197 -50.84 -28.27 -55.83
N LEU X 198 -52.16 -28.24 -55.62
CA LEU X 198 -53.01 -27.33 -56.39
C LEU X 198 -52.72 -25.88 -56.05
N ILE X 199 -52.61 -25.57 -54.74
CA ILE X 199 -52.30 -24.21 -54.31
C ILE X 199 -50.87 -23.83 -54.74
N ALA X 200 -49.94 -24.77 -54.66
CA ALA X 200 -48.57 -24.46 -55.06
C ALA X 200 -48.44 -24.31 -56.58
N GLU X 201 -49.32 -24.97 -57.34
CA GLU X 201 -49.30 -24.79 -58.78
C GLU X 201 -49.94 -23.48 -59.19
N LEU X 202 -51.03 -23.08 -58.52
CA LEU X 202 -51.68 -21.83 -58.88
C LEU X 202 -50.91 -20.63 -58.37
N GLY X 203 -50.12 -20.79 -57.31
CA GLY X 203 -49.39 -19.67 -56.75
C GLY X 203 -47.99 -19.47 -57.29
N GLN X 204 -47.64 -20.14 -58.38
CA GLN X 204 -46.30 -20.00 -58.95
C GLN X 204 -46.18 -18.69 -59.72
N ASP X 205 -44.94 -18.34 -60.05
CA ASP X 205 -44.69 -17.17 -60.88
C ASP X 205 -45.12 -17.44 -62.32
N LEU X 206 -45.56 -16.38 -63.00
CA LEU X 206 -46.05 -16.50 -64.36
C LEU X 206 -45.15 -15.78 -65.35
N THR X 211 -49.24 -20.21 -71.47
CA THR X 211 -48.88 -21.35 -70.63
C THR X 211 -50.07 -21.82 -69.80
N SER X 212 -51.28 -21.42 -70.21
CA SER X 212 -52.47 -21.78 -69.46
C SER X 212 -52.88 -23.23 -69.73
N ASP X 213 -52.62 -23.73 -70.94
CA ASP X 213 -53.04 -25.08 -71.29
C ASP X 213 -52.22 -26.12 -70.55
N LEU X 214 -50.92 -25.87 -70.36
CA LEU X 214 -50.07 -26.79 -69.62
C LEU X 214 -50.48 -26.83 -68.14
N ILE X 215 -50.85 -25.69 -67.58
CA ILE X 215 -51.29 -25.63 -66.20
C ILE X 215 -52.64 -26.31 -66.03
N LEU X 216 -53.51 -26.21 -67.04
CA LEU X 216 -54.78 -26.92 -66.96
C LEU X 216 -54.59 -28.43 -67.11
N GLU X 217 -53.60 -28.85 -67.90
CA GLU X 217 -53.25 -30.26 -67.95
C GLU X 217 -52.69 -30.74 -66.62
N ASN X 218 -51.94 -29.88 -65.93
CA ASN X 218 -51.47 -30.21 -64.59
C ASN X 218 -52.62 -30.33 -63.60
N ILE X 219 -53.64 -29.48 -63.75
CA ILE X 219 -54.84 -29.56 -62.92
C ILE X 219 -55.58 -30.88 -63.19
N LYS X 220 -55.67 -31.27 -64.46
CA LYS X 220 -56.27 -32.56 -64.82
C LYS X 220 -55.50 -33.72 -64.20
N SER X 221 -54.17 -33.65 -64.21
CA SER X 221 -53.36 -34.72 -63.62
C SER X 221 -53.53 -34.77 -62.12
N LEU X 222 -53.67 -33.62 -61.46
CA LEU X 222 -53.88 -33.60 -60.02
C LEU X 222 -55.25 -34.15 -59.64
N ILE X 223 -56.27 -33.83 -60.44
CA ILE X 223 -57.60 -34.40 -60.21
C ILE X 223 -57.58 -35.91 -60.42
N GLY X 224 -56.85 -36.37 -61.43
CA GLY X 224 -56.77 -37.80 -61.69
C GLY X 224 -56.00 -38.55 -60.63
N CYS X 225 -54.97 -37.93 -60.05
CA CYS X 225 -54.15 -38.63 -59.08
C CYS X 225 -54.76 -38.60 -57.69
N PHE X 226 -55.37 -37.48 -57.29
CA PHE X 226 -55.79 -37.31 -55.92
C PHE X 226 -57.30 -37.27 -55.72
N ASN X 227 -58.08 -37.52 -56.78
CA ASN X 227 -59.55 -37.66 -56.73
C ASN X 227 -60.20 -36.40 -56.18
N LEU X 228 -59.85 -35.26 -56.78
CA LEU X 228 -60.29 -33.97 -56.27
C LEU X 228 -61.67 -33.62 -56.81
N ASP X 229 -62.46 -32.96 -55.97
CA ASP X 229 -63.78 -32.48 -56.39
C ASP X 229 -63.59 -31.29 -57.33
N PRO X 230 -64.09 -31.35 -58.57
CA PRO X 230 -63.79 -30.28 -59.54
C PRO X 230 -64.43 -28.96 -59.22
N ASN X 231 -65.60 -28.95 -58.57
CA ASN X 231 -66.18 -27.69 -58.11
C ASN X 231 -65.34 -27.07 -57.01
N ARG X 232 -64.73 -27.92 -56.17
CA ARG X 232 -63.83 -27.44 -55.13
C ARG X 232 -62.54 -26.88 -55.72
N VAL X 233 -62.04 -27.51 -56.78
CA VAL X 233 -60.90 -26.99 -57.52
C VAL X 233 -61.24 -25.65 -58.16
N LEU X 234 -62.47 -25.52 -58.64
CA LEU X 234 -62.92 -24.25 -59.21
C LEU X 234 -63.04 -23.16 -58.15
N ASP X 235 -63.43 -23.55 -56.93
CA ASP X 235 -63.39 -22.63 -55.79
C ASP X 235 -61.98 -22.12 -55.54
N VAL X 236 -61.00 -23.03 -55.54
CA VAL X 236 -59.61 -22.66 -55.30
C VAL X 236 -59.10 -21.73 -56.40
N ILE X 237 -59.47 -22.01 -57.66
CA ILE X 237 -59.04 -21.18 -58.78
C ILE X 237 -59.65 -19.78 -58.69
N LEU X 238 -60.93 -19.69 -58.32
CA LEU X 238 -61.57 -18.38 -58.21
C LEU X 238 -61.02 -17.59 -57.02
N GLU X 239 -60.60 -18.26 -55.95
CA GLU X 239 -60.03 -17.53 -54.83
C GLU X 239 -58.59 -17.10 -55.12
N VAL X 240 -57.87 -17.87 -55.94
CA VAL X 240 -56.56 -17.43 -56.38
C VAL X 240 -56.69 -16.22 -57.31
N PHE X 241 -57.70 -16.23 -58.19
CA PHE X 241 -57.95 -15.07 -59.04
C PHE X 241 -58.47 -13.88 -58.23
N GLU X 242 -59.11 -14.14 -57.10
CA GLU X 242 -59.41 -13.08 -56.14
C GLU X 242 -58.14 -12.47 -55.57
N CYS X 243 -57.22 -13.31 -55.11
CA CYS X 243 -56.03 -12.81 -54.45
C CYS X 243 -54.89 -12.50 -55.41
N ARG X 244 -55.08 -12.67 -56.72
CA ARG X 244 -54.09 -12.24 -57.71
C ARG X 244 -54.79 -11.39 -58.77
N PRO X 245 -55.01 -10.10 -58.49
CA PRO X 245 -55.71 -9.25 -59.46
C PRO X 245 -54.86 -8.80 -60.63
N GLU X 246 -53.57 -9.12 -60.64
CA GLU X 246 -52.67 -8.58 -61.65
C GLU X 246 -52.87 -9.28 -62.99
N HIS X 247 -52.75 -10.60 -63.02
CA HIS X 247 -52.88 -11.38 -64.25
C HIS X 247 -54.37 -11.61 -64.49
N ASP X 248 -54.90 -10.92 -65.50
CA ASP X 248 -56.33 -11.03 -65.78
C ASP X 248 -56.64 -12.05 -66.87
N ASP X 249 -56.11 -11.81 -68.08
CA ASP X 249 -56.52 -12.60 -69.25
C ASP X 249 -56.00 -14.02 -69.19
N PHE X 250 -54.91 -14.23 -68.46
CA PHE X 250 -54.38 -15.58 -68.24
C PHE X 250 -55.38 -16.44 -67.48
N PHE X 251 -55.85 -15.95 -66.33
CA PHE X 251 -56.86 -16.67 -65.57
C PHE X 251 -58.20 -16.69 -66.28
N ILE X 252 -58.49 -15.69 -67.11
CA ILE X 252 -59.72 -15.72 -67.90
C ILE X 252 -59.69 -16.87 -68.92
N SER X 253 -58.57 -17.02 -69.65
CA SER X 253 -58.45 -18.13 -70.60
C SER X 253 -58.41 -19.47 -69.88
N LEU X 254 -57.81 -19.51 -68.68
CA LEU X 254 -57.82 -20.73 -67.89
C LEU X 254 -59.22 -21.12 -67.44
N LEU X 255 -60.02 -20.14 -67.01
CA LEU X 255 -61.38 -20.41 -66.60
C LEU X 255 -62.27 -20.78 -67.79
N GLU X 256 -62.00 -20.22 -68.97
CA GLU X 256 -62.76 -20.60 -70.16
C GLU X 256 -62.44 -22.04 -70.56
N SER X 257 -61.16 -22.41 -70.57
CA SER X 257 -60.77 -23.76 -70.96
C SER X 257 -61.16 -24.78 -69.88
N TYR X 258 -61.33 -24.33 -68.63
CA TYR X 258 -61.81 -25.23 -67.60
C TYR X 258 -63.32 -25.39 -67.61
N MET X 259 -64.05 -24.29 -67.85
CA MET X 259 -65.50 -24.32 -67.86
C MET X 259 -66.08 -24.78 -69.18
N SER X 260 -65.23 -25.03 -70.19
CA SER X 260 -65.69 -25.73 -71.38
C SER X 260 -66.10 -27.17 -71.06
N MET X 261 -65.56 -27.73 -69.99
CA MET X 261 -65.83 -29.11 -69.59
C MET X 261 -66.74 -29.21 -68.37
N CYS X 262 -67.41 -28.13 -68.00
CA CYS X 262 -68.28 -28.12 -66.82
C CYS X 262 -69.64 -27.51 -67.17
N GLU X 263 -70.54 -27.50 -66.19
CA GLU X 263 -71.90 -26.99 -66.27
C GLU X 263 -71.90 -25.48 -66.01
N PRO X 264 -72.67 -24.71 -66.80
CA PRO X 264 -72.57 -23.24 -66.71
C PRO X 264 -73.13 -22.65 -65.42
N GLN X 265 -73.99 -23.38 -64.71
CA GLN X 265 -74.57 -22.84 -63.48
C GLN X 265 -73.63 -22.95 -62.28
N THR X 266 -72.49 -23.62 -62.43
CA THR X 266 -71.61 -23.88 -61.29
C THR X 266 -70.94 -22.60 -60.79
N LEU X 267 -70.48 -21.75 -61.73
CA LEU X 267 -69.91 -20.46 -61.35
C LEU X 267 -70.94 -19.58 -60.67
N CYS X 268 -72.19 -19.65 -61.12
CA CYS X 268 -73.26 -18.86 -60.52
C CYS X 268 -73.54 -19.32 -59.09
N HIS X 269 -73.59 -20.64 -58.88
CA HIS X 269 -73.82 -21.14 -57.52
C HIS X 269 -72.62 -20.88 -56.61
N ILE X 270 -71.40 -20.90 -57.15
CA ILE X 270 -70.22 -20.59 -56.35
C ILE X 270 -70.22 -19.13 -55.91
N LEU X 271 -70.49 -18.22 -56.85
CA LEU X 271 -70.54 -16.80 -56.50
C LEU X 271 -71.72 -16.49 -55.58
N GLY X 272 -72.82 -17.24 -55.73
CA GLY X 272 -73.94 -17.08 -54.80
C GLY X 272 -73.60 -17.52 -53.40
N PHE X 273 -72.87 -18.64 -53.28
CA PHE X 273 -72.45 -19.10 -51.95
C PHE X 273 -71.42 -18.17 -51.33
N LYS X 274 -70.57 -17.55 -52.16
CA LYS X 274 -69.61 -16.58 -51.65
C LYS X 274 -70.31 -15.31 -51.17
N PHE X 275 -71.32 -14.86 -51.92
CA PHE X 275 -72.03 -13.65 -51.54
C PHE X 275 -72.95 -13.88 -50.35
N LYS X 276 -73.44 -15.10 -50.17
CA LYS X 276 -74.27 -15.39 -49.00
C LYS X 276 -73.43 -15.73 -47.77
N PHE X 277 -72.21 -16.21 -47.98
CA PHE X 277 -71.37 -16.56 -46.84
C PHE X 277 -70.75 -15.32 -46.19
N TYR X 278 -70.45 -14.31 -46.97
CA TYR X 278 -69.86 -13.08 -46.43
C TYR X 278 -70.94 -12.21 -45.80
N PRO X 286 -66.16 -7.11 -49.51
CA PRO X 286 -64.83 -6.92 -50.10
C PRO X 286 -64.88 -6.47 -51.54
N SER X 287 -64.03 -5.51 -51.91
CA SER X 287 -64.00 -5.00 -53.27
C SER X 287 -63.40 -6.00 -54.26
N SER X 288 -62.59 -6.94 -53.77
CA SER X 288 -61.99 -7.93 -54.66
C SER X 288 -63.04 -8.90 -55.20
N LEU X 289 -64.03 -9.26 -54.37
CA LEU X 289 -65.13 -10.10 -54.83
C LEU X 289 -65.94 -9.41 -55.92
N TYR X 290 -66.20 -8.11 -55.74
CA TYR X 290 -66.94 -7.34 -56.74
C TYR X 290 -66.13 -7.19 -58.02
N ARG X 291 -64.81 -7.04 -57.89
CA ARG X 291 -63.94 -6.92 -59.05
C ARG X 291 -63.91 -8.23 -59.84
N VAL X 292 -63.77 -9.36 -59.15
CA VAL X 292 -63.77 -10.67 -59.81
C VAL X 292 -65.12 -10.95 -60.45
N ALA X 293 -66.21 -10.53 -59.79
CA ALA X 293 -67.54 -10.69 -60.37
C ALA X 293 -67.70 -9.86 -61.63
N ALA X 294 -67.18 -8.62 -61.63
CA ALA X 294 -67.29 -7.78 -62.82
C ALA X 294 -66.42 -8.31 -63.96
N VAL X 295 -65.26 -8.87 -63.64
CA VAL X 295 -64.39 -9.43 -64.68
C VAL X 295 -65.02 -10.69 -65.28
N LEU X 296 -65.65 -11.53 -64.45
CA LEU X 296 -66.33 -12.71 -64.97
C LEU X 296 -67.57 -12.34 -65.78
N LEU X 297 -68.28 -11.27 -65.39
CA LEU X 297 -69.41 -10.80 -66.17
C LEU X 297 -69.01 -9.98 -67.38
N GLN X 298 -67.72 -9.65 -67.51
CA GLN X 298 -67.30 -8.74 -68.57
C GLN X 298 -67.33 -9.41 -69.95
N PHE X 299 -66.55 -10.48 -70.14
CA PHE X 299 -66.28 -10.94 -71.49
C PHE X 299 -67.40 -11.80 -72.07
N ASN X 300 -67.52 -13.04 -71.59
CA ASN X 300 -68.45 -13.98 -72.22
C ASN X 300 -69.12 -14.95 -71.26
N LEU X 301 -68.87 -14.90 -69.96
CA LEU X 301 -69.02 -16.11 -69.15
C LEU X 301 -70.41 -16.23 -68.54
N ILE X 302 -70.81 -15.28 -67.72
CA ILE X 302 -71.99 -15.43 -66.86
C ILE X 302 -73.02 -14.39 -67.25
N ASP X 303 -74.29 -14.80 -67.30
CA ASP X 303 -75.39 -13.86 -67.48
C ASP X 303 -75.77 -13.24 -66.14
N LEU X 304 -76.22 -11.98 -66.20
CA LEU X 304 -76.45 -11.24 -64.97
C LEU X 304 -77.80 -11.54 -64.33
N ASP X 305 -78.69 -12.26 -65.03
CA ASP X 305 -79.97 -12.60 -64.43
C ASP X 305 -79.80 -13.61 -63.30
N ASP X 306 -78.89 -14.57 -63.49
CA ASP X 306 -78.62 -15.58 -62.46
C ASP X 306 -78.00 -14.95 -61.22
N LEU X 307 -76.93 -14.16 -61.39
CA LEU X 307 -76.32 -13.50 -60.24
C LEU X 307 -77.20 -12.41 -59.65
N TYR X 308 -78.12 -11.87 -60.44
CA TYR X 308 -79.14 -10.98 -59.88
C TYR X 308 -80.10 -11.74 -58.97
N VAL X 309 -80.40 -13.00 -59.32
CA VAL X 309 -81.20 -13.84 -58.44
C VAL X 309 -80.41 -14.20 -57.18
N HIS X 310 -79.12 -14.52 -57.33
CA HIS X 310 -78.33 -15.04 -56.21
C HIS X 310 -78.07 -14.00 -55.11
N LEU X 311 -78.27 -12.72 -55.38
CA LEU X 311 -78.05 -11.71 -54.36
C LEU X 311 -79.18 -11.69 -53.33
N ILE X 318 -85.63 -8.08 -50.64
CA ILE X 318 -84.74 -6.96 -50.90
C ILE X 318 -85.40 -5.95 -51.84
N MET X 319 -86.14 -6.47 -52.83
CA MET X 319 -86.82 -5.60 -53.78
C MET X 319 -88.00 -4.91 -53.14
N ASP X 320 -88.75 -5.63 -52.29
CA ASP X 320 -89.86 -5.03 -51.57
C ASP X 320 -89.38 -4.03 -50.52
N GLU X 321 -88.23 -4.31 -49.89
CA GLU X 321 -87.65 -3.37 -48.94
C GLU X 321 -87.14 -2.12 -49.65
N HIS X 322 -86.59 -2.28 -50.86
CA HIS X 322 -86.15 -1.12 -51.63
C HIS X 322 -87.34 -0.29 -52.11
N LYS X 323 -88.45 -0.96 -52.48
CA LYS X 323 -89.65 -0.24 -52.87
C LYS X 323 -90.27 0.50 -51.69
N ARG X 324 -90.23 -0.12 -50.50
CA ARG X 324 -90.72 0.55 -49.30
C ARG X 324 -89.84 1.73 -48.91
N GLU X 325 -88.53 1.61 -49.11
CA GLU X 325 -87.63 2.74 -48.82
C GLU X 325 -87.82 3.87 -49.84
N ILE X 326 -88.09 3.52 -51.10
CA ILE X 326 -88.38 4.54 -52.10
C ILE X 326 -89.73 5.22 -51.86
N ALA X 327 -90.70 4.47 -51.33
CA ALA X 327 -91.98 5.08 -50.98
C ALA X 327 -91.88 5.96 -49.75
N GLU X 328 -91.07 5.55 -48.76
CA GLU X 328 -90.88 6.35 -47.56
C GLU X 328 -90.00 7.57 -47.80
N ALA X 329 -89.13 7.52 -48.82
CA ALA X 329 -88.31 8.69 -49.14
C ALA X 329 -89.13 9.78 -49.80
N LYS X 330 -90.13 9.39 -50.60
CA LYS X 330 -90.98 10.36 -51.28
C LYS X 330 -92.12 10.81 -50.37
N ASN X 366 -77.35 -3.44 -51.09
CA ASN X 366 -75.98 -3.12 -50.67
C ASN X 366 -74.97 -3.66 -51.68
N GLN X 367 -75.11 -4.94 -52.01
CA GLN X 367 -74.19 -5.60 -52.92
C GLN X 367 -74.45 -5.25 -54.38
N LYS X 368 -75.70 -4.90 -54.72
CA LYS X 368 -76.00 -4.43 -56.07
C LYS X 368 -75.30 -3.10 -56.36
N LEU X 369 -75.19 -2.25 -55.33
CA LEU X 369 -74.49 -0.98 -55.48
C LEU X 369 -72.99 -1.22 -55.69
N GLY X 370 -72.42 -2.19 -54.98
CA GLY X 370 -71.03 -2.53 -55.20
C GLY X 370 -70.75 -3.15 -56.55
N LEU X 371 -71.71 -3.93 -57.07
CA LEU X 371 -71.55 -4.46 -58.42
C LEU X 371 -71.67 -3.35 -59.47
N LEU X 372 -72.52 -2.34 -59.20
CA LEU X 372 -72.55 -1.17 -60.08
C LEU X 372 -71.26 -0.37 -60.00
N GLU X 373 -70.62 -0.35 -58.84
CA GLU X 373 -69.32 0.32 -58.72
C GLU X 373 -68.25 -0.43 -59.51
N ALA X 374 -68.18 -1.75 -59.33
CA ALA X 374 -67.10 -2.52 -59.92
C ALA X 374 -67.29 -2.77 -61.42
N LEU X 375 -68.53 -2.84 -61.88
CA LEU X 375 -68.79 -3.12 -63.30
C LEU X 375 -68.41 -1.94 -64.18
N LEU X 376 -68.65 -0.72 -63.71
CA LEU X 376 -68.34 0.48 -64.47
C LEU X 376 -66.88 0.89 -64.32
N LYS X 377 -66.11 0.22 -63.47
CA LYS X 377 -64.71 0.55 -63.27
C LYS X 377 -63.85 0.06 -64.42
N TRP X 381 -71.33 -2.71 -69.70
CA TRP X 381 -71.89 -1.37 -69.80
C TRP X 381 -73.41 -1.41 -70.02
N GLN X 382 -73.84 -2.23 -70.98
CA GLN X 382 -75.27 -2.48 -71.15
C GLN X 382 -75.83 -3.26 -69.98
N HIS X 383 -75.00 -4.07 -69.34
CA HIS X 383 -75.44 -4.89 -68.21
C HIS X 383 -75.74 -4.03 -66.99
N ALA X 384 -75.00 -2.95 -66.81
CA ALA X 384 -75.32 -2.00 -65.74
C ALA X 384 -76.65 -1.31 -66.01
N GLN X 385 -76.94 -1.04 -67.28
CA GLN X 385 -78.26 -0.51 -67.65
C GLN X 385 -79.36 -1.53 -67.42
N ASN X 386 -79.04 -2.82 -67.55
CA ASN X 386 -79.99 -3.88 -67.19
C ASN X 386 -80.21 -3.93 -65.68
N ILE X 387 -79.16 -3.64 -64.90
CA ILE X 387 -79.32 -3.53 -63.45
C ILE X 387 -80.17 -2.32 -63.09
N MET X 388 -80.09 -1.25 -63.88
CA MET X 388 -80.89 -0.04 -63.63
C MET X 388 -82.39 -0.30 -63.73
N ASP X 389 -82.79 -1.27 -64.55
CA ASP X 389 -84.19 -1.69 -64.59
C ASP X 389 -84.41 -2.82 -63.59
N PRO X 392 -85.78 1.42 -58.01
CA PRO X 392 -86.06 2.84 -58.29
C PRO X 392 -85.19 3.37 -59.43
N PRO X 393 -85.67 4.39 -60.15
CA PRO X 393 -84.88 4.88 -61.29
C PRO X 393 -83.67 5.70 -60.87
N TYR X 394 -83.73 6.40 -59.74
CA TYR X 394 -82.65 7.27 -59.31
C TYR X 394 -82.04 6.84 -57.98
N TYR X 395 -82.19 5.57 -57.61
CA TYR X 395 -81.58 5.11 -56.35
C TYR X 395 -80.08 4.98 -56.48
N ALA X 396 -79.60 4.55 -57.66
CA ALA X 396 -78.17 4.43 -57.86
C ALA X 396 -77.49 5.79 -57.97
N ALA X 397 -78.14 6.74 -58.64
CA ALA X 397 -77.58 8.08 -58.75
C ALA X 397 -77.67 8.84 -57.43
N SER X 398 -78.49 8.37 -56.49
CA SER X 398 -78.55 8.98 -55.17
C SER X 398 -77.30 8.69 -54.35
N HIS X 399 -76.52 7.69 -54.72
CA HIS X 399 -75.26 7.42 -54.05
C HIS X 399 -74.12 8.15 -54.74
N LYS X 400 -73.13 8.56 -53.95
CA LYS X 400 -72.03 9.35 -54.49
C LYS X 400 -71.09 8.50 -55.33
N LEU X 401 -70.74 7.31 -54.87
CA LEU X 401 -69.70 6.51 -55.50
C LEU X 401 -70.13 5.98 -56.87
N ILE X 402 -71.44 5.75 -57.05
CA ILE X 402 -71.93 5.37 -58.37
C ILE X 402 -71.82 6.55 -59.35
N ALA X 403 -72.09 7.76 -58.86
CA ALA X 403 -71.91 8.95 -59.69
C ALA X 403 -70.43 9.17 -60.03
N LEU X 404 -69.54 8.84 -59.10
CA LEU X 404 -68.11 8.92 -59.40
C LEU X 404 -67.68 7.86 -60.41
N ALA X 405 -68.29 6.67 -60.35
CA ALA X 405 -67.99 5.65 -61.35
C ALA X 405 -68.46 6.07 -62.74
N ILE X 406 -69.68 6.61 -62.82
CA ILE X 406 -70.21 7.06 -64.10
C ILE X 406 -69.42 8.26 -64.63
N CYS X 407 -68.96 9.13 -63.73
CA CYS X 407 -68.22 10.30 -64.20
C CYS X 407 -66.81 9.93 -64.63
N LYS X 408 -66.17 8.95 -63.98
CA LYS X 408 -64.90 8.45 -64.48
C LYS X 408 -65.06 7.78 -65.85
N LEU X 409 -66.18 7.07 -66.04
CA LEU X 409 -66.45 6.46 -67.34
C LEU X 409 -66.63 7.51 -68.43
N ILE X 410 -67.42 8.54 -68.14
CA ILE X 410 -67.67 9.61 -69.12
C ILE X 410 -66.40 10.43 -69.35
N HIS X 411 -65.55 10.56 -68.32
CA HIS X 411 -64.26 11.21 -68.48
C HIS X 411 -63.34 10.43 -69.40
N ILE X 412 -63.37 9.09 -69.31
CA ILE X 412 -62.51 8.28 -70.16
C ILE X 412 -63.02 8.29 -71.60
N THR X 413 -64.33 8.20 -71.80
CA THR X 413 -64.88 7.99 -73.13
C THR X 413 -64.78 9.23 -74.01
N ILE X 414 -64.78 10.43 -73.42
CA ILE X 414 -64.86 11.65 -74.22
C ILE X 414 -63.54 12.43 -74.05
N GLU X 415 -62.44 11.70 -73.97
CA GLU X 415 -61.14 12.36 -73.98
C GLU X 415 -60.83 13.13 -75.28
N PRO X 416 -60.90 12.55 -76.50
CA PRO X 416 -60.37 13.31 -77.65
C PRO X 416 -61.24 14.46 -78.11
N LEU X 417 -62.55 14.41 -77.86
CA LEU X 417 -63.41 15.52 -78.24
C LEU X 417 -63.19 16.74 -77.34
N TYR X 418 -62.92 16.50 -76.05
CA TYR X 418 -62.53 17.61 -75.18
C TYR X 418 -61.10 18.05 -75.46
N ARG X 419 -60.25 17.14 -75.94
CA ARG X 419 -58.92 17.56 -76.36
C ARG X 419 -58.95 18.35 -77.67
N ARG X 420 -60.02 18.22 -78.45
CA ARG X 420 -60.20 19.14 -79.58
C ARG X 420 -60.61 20.53 -79.11
N VAL X 421 -61.55 20.61 -78.18
CA VAL X 421 -62.04 21.89 -77.67
C VAL X 421 -61.76 22.04 -76.19
N PHE X 447 -69.66 10.85 -85.08
CA PHE X 447 -69.66 10.56 -83.66
C PHE X 447 -71.07 10.24 -83.16
N GLU X 448 -71.96 9.92 -84.10
CA GLU X 448 -73.39 9.85 -83.79
C GLU X 448 -73.72 8.68 -82.87
N ASP X 449 -73.04 7.54 -83.05
CA ASP X 449 -73.20 6.43 -82.10
C ASP X 449 -72.62 6.80 -80.75
N LEU X 450 -71.46 7.48 -80.73
CA LEU X 450 -70.86 7.95 -79.50
C LEU X 450 -71.74 9.00 -78.82
N ARG X 451 -72.33 9.89 -79.61
CA ARG X 451 -73.21 10.92 -79.06
C ARG X 451 -74.49 10.31 -78.48
N ARG X 452 -75.05 9.30 -79.17
CA ARG X 452 -76.23 8.61 -78.64
C ARG X 452 -75.91 7.82 -77.37
N ASP X 453 -74.71 7.23 -77.29
CA ASP X 453 -74.33 6.50 -76.08
C ASP X 453 -74.12 7.44 -74.90
N VAL X 454 -73.48 8.59 -75.14
CA VAL X 454 -73.30 9.58 -74.07
C VAL X 454 -74.65 10.20 -73.67
N PHE X 455 -75.56 10.38 -74.63
CA PHE X 455 -76.89 10.87 -74.30
C PHE X 455 -77.68 9.85 -73.48
N ASN X 456 -77.50 8.55 -73.77
CA ASN X 456 -78.11 7.52 -72.94
C ASN X 456 -77.51 7.48 -71.55
N MET X 457 -76.20 7.72 -71.43
CA MET X 457 -75.56 7.75 -70.12
C MET X 457 -76.04 8.93 -69.28
N PHE X 458 -76.18 10.12 -69.89
CA PHE X 458 -76.70 11.26 -69.16
C PHE X 458 -78.21 11.17 -68.93
N CYS X 459 -78.93 10.40 -69.75
CA CYS X 459 -80.34 10.14 -69.44
C CYS X 459 -80.47 9.18 -68.26
N TYR X 460 -79.54 8.22 -68.16
CA TYR X 460 -79.55 7.28 -67.05
C TYR X 460 -78.90 7.85 -65.79
N LEU X 461 -78.20 8.98 -65.89
CA LEU X 461 -77.65 9.60 -64.70
C LEU X 461 -78.72 10.41 -63.97
N GLY X 462 -79.24 11.43 -64.63
CA GLY X 462 -80.24 12.28 -64.02
C GLY X 462 -79.67 13.58 -63.48
N PRO X 463 -80.28 14.11 -62.43
CA PRO X 463 -79.86 15.41 -61.90
C PRO X 463 -78.68 15.37 -60.95
N HIS X 464 -78.03 14.23 -60.77
CA HIS X 464 -76.98 14.13 -59.76
C HIS X 464 -75.59 14.40 -60.32
N LEU X 465 -75.45 15.53 -61.01
CA LEU X 465 -74.14 16.06 -61.38
C LEU X 465 -73.68 17.13 -60.41
N SER X 466 -74.25 17.15 -59.20
CA SER X 466 -73.90 18.16 -58.20
C SER X 466 -72.49 17.99 -57.66
N HIS X 467 -71.92 16.79 -57.77
CA HIS X 467 -70.58 16.52 -57.27
C HIS X 467 -69.49 16.77 -58.29
N ASP X 468 -69.84 16.93 -59.57
CA ASP X 468 -68.87 16.98 -60.66
C ASP X 468 -69.23 18.10 -61.62
N PRO X 469 -68.75 19.32 -61.37
CA PRO X 469 -68.94 20.40 -62.35
C PRO X 469 -68.03 20.28 -63.55
N ILE X 470 -67.04 19.39 -63.52
CA ILE X 470 -66.03 19.32 -64.57
C ILE X 470 -66.63 18.79 -65.86
N LEU X 471 -67.32 17.65 -65.78
CA LEU X 471 -67.99 17.11 -66.96
C LEU X 471 -69.16 17.97 -67.40
N PHE X 472 -69.78 18.69 -66.46
CA PHE X 472 -70.79 19.67 -66.79
C PHE X 472 -70.22 20.77 -67.69
N ALA X 473 -69.06 21.30 -67.31
CA ALA X 473 -68.37 22.29 -68.15
C ALA X 473 -67.89 21.68 -69.45
N LYS X 474 -67.53 20.40 -69.45
CA LYS X 474 -67.07 19.76 -70.68
C LYS X 474 -68.22 19.58 -71.68
N VAL X 475 -69.40 19.17 -71.18
CA VAL X 475 -70.60 19.07 -72.02
C VAL X 475 -70.97 20.45 -72.56
N VAL X 476 -70.82 21.49 -71.74
CA VAL X 476 -71.05 22.86 -72.17
C VAL X 476 -70.10 23.25 -73.31
N ARG X 477 -68.81 22.93 -73.16
CA ARG X 477 -67.83 23.32 -74.19
C ARG X 477 -68.02 22.53 -75.47
N ILE X 478 -68.41 21.26 -75.36
CA ILE X 478 -68.69 20.46 -76.55
C ILE X 478 -69.91 21.00 -77.30
N GLY X 479 -70.97 21.35 -76.56
CA GLY X 479 -72.13 21.96 -77.19
C GLY X 479 -71.84 23.33 -77.80
N LYS X 480 -70.97 24.10 -77.17
CA LYS X 480 -70.58 25.40 -77.71
C LYS X 480 -69.79 25.26 -79.00
N SER X 481 -68.86 24.29 -79.03
CA SER X 481 -68.09 24.05 -80.25
C SER X 481 -68.99 23.51 -81.37
N PHE X 482 -69.97 22.68 -81.01
CA PHE X 482 -70.90 22.17 -82.01
C PHE X 482 -71.80 23.27 -82.57
N MET X 483 -72.22 24.21 -81.72
CA MET X 483 -73.06 25.30 -82.20
C MET X 483 -72.25 26.35 -82.95
N LYS X 484 -70.96 26.51 -82.63
CA LYS X 484 -70.12 27.36 -83.45
C LYS X 484 -69.83 26.72 -84.81
N GLU X 485 -69.77 25.39 -84.86
CA GLU X 485 -69.72 24.73 -86.16
C GLU X 485 -71.09 24.72 -86.84
N PHE X 486 -72.17 24.89 -86.08
CA PHE X 486 -73.50 24.96 -86.65
C PHE X 486 -73.76 26.34 -87.24
N THR X 499 -79.63 17.61 -89.47
CA THR X 499 -78.99 17.46 -88.16
C THR X 499 -79.91 17.94 -87.05
N GLU X 500 -81.22 17.86 -87.28
CA GLU X 500 -82.19 18.25 -86.28
C GLU X 500 -82.35 17.23 -85.16
N VAL X 501 -81.97 15.97 -85.41
CA VAL X 501 -82.12 14.93 -84.40
C VAL X 501 -81.10 15.13 -83.29
N ILE X 502 -79.87 15.51 -83.66
CA ILE X 502 -78.83 15.81 -82.67
C ILE X 502 -79.23 17.04 -81.85
N LEU X 503 -79.87 18.02 -82.47
CA LEU X 503 -80.32 19.20 -81.77
C LEU X 503 -81.49 18.89 -80.83
N SER X 504 -82.38 17.98 -81.24
CA SER X 504 -83.50 17.60 -80.36
C SER X 504 -83.00 16.79 -79.17
N CYS X 505 -82.02 15.91 -79.39
CA CYS X 505 -81.40 15.20 -78.27
C CYS X 505 -80.59 16.15 -77.40
N LEU X 506 -80.08 17.24 -77.98
CA LEU X 506 -79.42 18.26 -77.18
C LEU X 506 -80.43 19.03 -76.33
N LEU X 507 -81.63 19.26 -76.86
CA LEU X 507 -82.72 19.83 -76.07
C LEU X 507 -83.09 18.91 -74.92
N SER X 508 -83.10 17.59 -75.18
CA SER X 508 -83.41 16.63 -74.12
C SER X 508 -82.31 16.59 -73.06
N ILE X 509 -81.04 16.68 -73.48
CA ILE X 509 -79.98 16.67 -72.46
C ILE X 509 -79.90 18.00 -71.72
N THR X 510 -80.35 19.12 -72.34
CA THR X 510 -80.46 20.34 -71.55
C THR X 510 -81.62 20.26 -70.56
N ASP X 511 -82.72 19.60 -70.97
CA ASP X 511 -83.79 19.27 -70.03
C ASP X 511 -83.28 18.42 -68.88
N GLN X 512 -82.34 17.51 -69.16
CA GLN X 512 -81.78 16.66 -68.13
C GLN X 512 -80.63 17.30 -67.35
N VAL X 513 -80.05 18.41 -67.83
CA VAL X 513 -78.85 18.98 -67.21
C VAL X 513 -79.11 20.34 -66.57
N LEU X 514 -80.27 20.96 -66.77
CA LEU X 514 -80.61 22.15 -66.00
C LEU X 514 -80.84 21.82 -64.53
N LEU X 515 -81.31 20.62 -64.24
CA LEU X 515 -81.62 20.20 -62.88
C LEU X 515 -80.41 20.02 -61.96
N PRO X 516 -79.20 19.64 -62.43
CA PRO X 516 -78.03 19.82 -61.54
C PRO X 516 -77.74 21.26 -61.17
N SER X 517 -77.96 22.21 -62.08
CA SER X 517 -77.82 23.62 -61.70
C SER X 517 -78.91 24.04 -60.73
N LEU X 518 -80.08 23.40 -60.81
CA LEU X 518 -81.11 23.58 -59.78
C LEU X 518 -80.69 22.99 -58.45
N SER X 519 -79.96 21.87 -58.47
CA SER X 519 -79.59 21.19 -57.24
C SER X 519 -78.37 21.82 -56.58
N LEU X 520 -77.50 22.44 -57.36
CA LEU X 520 -76.30 23.10 -56.83
C LEU X 520 -76.70 24.35 -56.07
N MET X 521 -76.65 24.27 -54.78
CA MET X 521 -76.80 25.47 -53.95
C MET X 521 -75.43 26.05 -53.58
N ASP X 522 -74.57 26.15 -54.59
CA ASP X 522 -73.20 26.64 -54.58
C ASP X 522 -72.72 26.72 -56.03
N CYS X 523 -71.94 27.77 -56.34
CA CYS X 523 -71.20 27.91 -57.59
C CYS X 523 -72.12 27.93 -58.81
N ASN X 524 -73.08 28.85 -58.76
CA ASN X 524 -73.95 29.09 -59.89
C ASN X 524 -73.93 30.53 -60.36
N ALA X 525 -73.15 31.39 -59.70
CA ALA X 525 -72.92 32.73 -60.21
C ALA X 525 -72.10 32.70 -61.49
N CYS X 526 -71.25 31.69 -61.64
CA CYS X 526 -70.38 31.58 -62.80
C CYS X 526 -70.86 30.55 -63.82
N MET X 527 -71.41 29.42 -63.36
CA MET X 527 -71.76 28.35 -64.29
C MET X 527 -73.00 28.68 -65.11
N SER X 528 -73.81 29.64 -64.65
CA SER X 528 -74.90 30.16 -65.46
C SER X 528 -74.37 30.83 -66.73
N GLU X 529 -73.18 31.39 -66.69
CA GLU X 529 -72.60 31.97 -67.89
C GLU X 529 -72.15 30.89 -68.87
N GLU X 530 -71.73 29.73 -68.38
CA GLU X 530 -71.51 28.60 -69.27
C GLU X 530 -72.82 28.09 -69.86
N LEU X 531 -73.90 28.13 -69.08
CA LEU X 531 -75.20 27.77 -69.65
C LEU X 531 -75.67 28.80 -70.68
N TRP X 532 -75.28 30.06 -70.52
CA TRP X 532 -75.63 31.06 -71.52
C TRP X 532 -74.76 30.92 -72.77
N GLY X 533 -73.49 30.52 -72.59
CA GLY X 533 -72.65 30.20 -73.73
C GLY X 533 -73.14 28.99 -74.49
N MET X 534 -73.80 28.06 -73.79
CA MET X 534 -74.60 27.04 -74.47
C MET X 534 -75.76 27.66 -75.21
N PHE X 535 -76.49 28.55 -74.55
CA PHE X 535 -77.78 29.00 -75.11
C PHE X 535 -77.61 30.00 -76.24
N LYS X 536 -76.51 30.72 -76.30
CA LYS X 536 -76.31 31.68 -77.40
C LYS X 536 -75.74 30.96 -78.62
N TYR X 540 -84.22 29.80 -80.56
CA TYR X 540 -84.50 30.94 -79.72
C TYR X 540 -85.72 30.71 -78.84
N GLN X 541 -86.85 30.36 -79.46
CA GLN X 541 -88.05 30.03 -78.71
C GLN X 541 -87.91 28.71 -77.96
N HIS X 542 -86.98 27.86 -78.39
CA HIS X 542 -86.69 26.63 -77.68
C HIS X 542 -86.04 26.90 -76.32
N ARG X 543 -85.33 28.03 -76.20
CA ARG X 543 -84.85 28.48 -74.89
C ARG X 543 -86.02 28.80 -73.97
N TYR X 544 -87.07 29.42 -74.53
CA TYR X 544 -88.26 29.69 -73.73
C TYR X 544 -89.03 28.41 -73.41
N ARG X 545 -88.95 27.40 -74.27
CA ARG X 545 -89.58 26.12 -73.93
C ARG X 545 -88.79 25.39 -72.85
N LEU X 546 -87.46 25.50 -72.87
CA LEU X 546 -86.65 24.98 -71.77
C LEU X 546 -86.93 25.72 -70.47
N TYR X 547 -87.24 27.01 -70.56
CA TYR X 547 -87.62 27.76 -69.36
C TYR X 547 -89.03 27.40 -68.90
N GLY X 548 -89.91 27.05 -69.84
CA GLY X 548 -91.23 26.56 -69.49
C GLY X 548 -91.22 25.15 -68.95
N GLN X 549 -90.13 24.41 -69.16
CA GLN X 549 -89.94 23.14 -68.46
C GLN X 549 -89.83 23.31 -66.94
N TRP X 550 -89.45 24.50 -66.47
CA TRP X 550 -89.35 24.79 -65.04
C TRP X 550 -90.70 25.00 -64.35
N LYS X 551 -91.82 24.86 -65.08
CA LYS X 551 -93.13 25.04 -64.45
C LYS X 551 -93.42 23.93 -63.45
N ASN X 552 -93.54 22.69 -63.95
CA ASN X 552 -93.79 21.55 -63.10
C ASN X 552 -92.96 20.33 -63.48
N GLU X 553 -92.16 20.40 -64.54
CA GLU X 553 -91.43 19.22 -65.00
C GLU X 553 -90.10 19.07 -64.28
N THR X 554 -89.36 20.16 -64.13
CA THR X 554 -88.10 20.10 -63.41
C THR X 554 -88.31 19.94 -61.91
N TYR X 555 -89.50 20.23 -61.40
CA TYR X 555 -89.82 20.08 -60.00
C TYR X 555 -90.75 18.89 -59.80
N ASN X 556 -90.93 18.53 -58.52
CA ASN X 556 -91.87 17.53 -58.04
C ASN X 556 -91.61 16.13 -58.61
N SER X 557 -90.37 15.86 -59.03
CA SER X 557 -89.95 14.54 -59.43
C SER X 557 -88.80 14.02 -58.57
N HIS X 558 -88.34 14.81 -57.61
CA HIS X 558 -87.27 14.44 -56.71
C HIS X 558 -87.59 15.05 -55.35
N PRO X 559 -87.26 14.35 -54.25
CA PRO X 559 -87.50 14.94 -52.93
C PRO X 559 -86.57 16.10 -52.62
N LEU X 560 -85.32 16.03 -53.07
CA LEU X 560 -84.32 17.05 -52.78
C LEU X 560 -84.65 18.37 -53.45
N LEU X 561 -85.25 18.32 -54.65
CA LEU X 561 -85.63 19.55 -55.32
C LEU X 561 -86.81 20.23 -54.63
N VAL X 562 -87.71 19.44 -54.04
CA VAL X 562 -88.80 20.00 -53.26
C VAL X 562 -88.27 20.61 -51.96
N LYS X 563 -87.24 19.99 -51.38
CA LYS X 563 -86.58 20.57 -50.21
C LYS X 563 -85.90 21.89 -50.55
N VAL X 564 -85.21 21.95 -51.69
CA VAL X 564 -84.57 23.18 -52.16
C VAL X 564 -85.61 24.25 -52.47
N LYS X 565 -86.75 23.84 -53.03
CA LYS X 565 -87.84 24.76 -53.31
C LYS X 565 -88.41 25.37 -52.03
N ALA X 566 -88.62 24.54 -51.00
CA ALA X 566 -89.12 25.04 -49.73
C ALA X 566 -88.12 25.97 -49.06
N GLN X 567 -86.82 25.62 -49.11
CA GLN X 567 -85.79 26.46 -48.51
C GLN X 567 -85.65 27.79 -49.24
N THR X 568 -85.78 27.79 -50.56
CA THR X 568 -85.64 29.07 -51.26
C THR X 568 -86.91 29.91 -51.16
N ILE X 569 -88.09 29.30 -50.97
CA ILE X 569 -89.28 30.09 -50.65
C ILE X 569 -89.16 30.70 -49.27
N ASP X 570 -88.60 29.96 -48.32
CA ASP X 570 -88.36 30.49 -46.97
C ASP X 570 -87.40 31.66 -46.98
N ARG X 571 -86.25 31.49 -47.64
CA ARG X 571 -85.27 32.57 -47.68
C ARG X 571 -85.72 33.73 -48.55
N ALA X 572 -86.55 33.46 -49.56
CA ALA X 572 -87.10 34.52 -50.39
C ALA X 572 -88.09 35.37 -49.60
N LYS X 573 -88.97 34.73 -48.84
CA LYS X 573 -89.89 35.45 -47.97
C LYS X 573 -89.15 36.23 -46.90
N TYR X 574 -88.05 35.66 -46.40
CA TYR X 574 -87.22 36.33 -45.41
C TYR X 574 -86.60 37.60 -45.97
N ILE X 575 -85.99 37.51 -47.16
CA ILE X 575 -85.34 38.71 -47.71
C ILE X 575 -86.35 39.69 -48.31
N MET X 576 -87.56 39.24 -48.66
CA MET X 576 -88.60 40.19 -49.05
C MET X 576 -89.17 40.91 -47.83
N LYS X 577 -89.05 40.31 -46.65
CA LYS X 577 -89.40 41.04 -45.43
C LYS X 577 -88.26 41.92 -44.92
N ARG X 578 -87.20 42.11 -45.70
CA ARG X 578 -86.07 42.93 -45.29
C ARG X 578 -85.79 44.12 -46.21
N LEU X 579 -86.41 44.17 -47.39
CA LEU X 579 -86.07 45.17 -48.38
C LEU X 579 -86.60 46.54 -47.98
N THR X 580 -85.71 47.51 -47.88
CA THR X 580 -86.05 48.91 -47.71
C THR X 580 -85.31 49.73 -48.76
N LYS X 581 -85.58 51.03 -48.80
CA LYS X 581 -84.78 51.91 -49.63
C LYS X 581 -83.48 52.30 -48.94
N GLU X 582 -83.38 52.10 -47.63
CA GLU X 582 -82.11 52.19 -46.95
C GLU X 582 -81.25 50.95 -47.21
N ASN X 583 -81.89 49.85 -47.62
CA ASN X 583 -81.21 48.59 -47.91
C ASN X 583 -80.51 48.69 -49.26
N VAL X 584 -79.46 49.51 -49.30
CA VAL X 584 -78.79 49.87 -50.56
C VAL X 584 -77.70 48.83 -50.76
N LYS X 585 -78.11 47.70 -51.37
CA LYS X 585 -77.26 46.56 -51.71
C LYS X 585 -76.28 45.99 -50.68
N PRO X 586 -76.76 45.63 -49.47
CA PRO X 586 -76.31 44.34 -48.91
C PRO X 586 -77.28 43.25 -49.33
N SER X 587 -78.54 43.65 -49.52
CA SER X 587 -79.60 42.71 -49.83
C SER X 587 -79.59 42.27 -51.28
N GLY X 588 -79.03 43.11 -52.16
CA GLY X 588 -78.81 42.70 -53.54
C GLY X 588 -77.88 41.51 -53.64
N ARG X 589 -76.88 41.44 -52.75
CA ARG X 589 -75.99 40.29 -52.67
C ARG X 589 -76.76 39.03 -52.28
N GLN X 590 -77.68 39.16 -51.32
CA GLN X 590 -78.43 38.01 -50.83
C GLN X 590 -79.42 37.50 -51.88
N ILE X 591 -80.13 38.42 -52.54
CA ILE X 591 -81.07 38.01 -53.56
C ILE X 591 -80.32 37.49 -54.80
N GLY X 592 -79.09 37.96 -55.03
CA GLY X 592 -78.30 37.38 -56.09
C GLY X 592 -77.83 35.97 -55.77
N LYS X 593 -77.40 35.74 -54.52
CA LYS X 593 -76.99 34.41 -54.08
C LYS X 593 -78.14 33.43 -54.13
N LEU X 594 -79.37 33.88 -53.85
CA LEU X 594 -80.50 32.99 -54.04
C LEU X 594 -80.86 32.81 -55.51
N SER X 595 -80.64 33.83 -56.33
CA SER X 595 -81.05 33.77 -57.72
C SER X 595 -80.05 33.07 -58.63
N HIS X 596 -78.83 32.80 -58.15
CA HIS X 596 -77.90 32.03 -58.99
C HIS X 596 -78.40 30.60 -59.19
N SER X 597 -78.92 30.00 -58.12
CA SER X 597 -79.27 28.59 -58.12
C SER X 597 -80.73 28.34 -58.48
N ASN X 598 -81.65 29.16 -57.96
CA ASN X 598 -83.09 28.94 -58.11
C ASN X 598 -83.70 30.20 -58.71
N PRO X 599 -83.55 30.44 -60.00
CA PRO X 599 -84.03 31.70 -60.57
C PRO X 599 -85.55 31.78 -60.72
N THR X 600 -86.17 30.67 -61.12
CA THR X 600 -87.57 30.69 -61.52
C THR X 600 -88.51 30.88 -60.33
N ILE X 601 -88.24 30.17 -59.23
CA ILE X 601 -89.06 30.27 -58.03
C ILE X 601 -88.98 31.67 -57.44
N LEU X 602 -87.76 32.21 -57.36
CA LEU X 602 -87.56 33.54 -56.79
C LEU X 602 -88.18 34.63 -57.67
N PHE X 603 -88.07 34.48 -58.99
CA PHE X 603 -88.66 35.46 -59.88
C PHE X 603 -90.18 35.42 -59.83
N ASP X 604 -90.77 34.21 -59.75
CA ASP X 604 -92.20 34.08 -59.60
C ASP X 604 -92.67 34.66 -58.27
N TYR X 605 -91.86 34.48 -57.22
CA TYR X 605 -92.24 35.01 -55.91
C TYR X 605 -92.18 36.53 -55.88
N ILE X 606 -91.14 37.13 -56.46
CA ILE X 606 -91.05 38.59 -56.43
C ILE X 606 -92.06 39.21 -57.38
N LEU X 607 -92.44 38.52 -58.46
CA LEU X 607 -93.50 39.06 -59.30
C LEU X 607 -94.87 38.94 -58.62
N SER X 608 -95.07 37.89 -57.81
CA SER X 608 -96.27 37.83 -56.99
C SER X 608 -96.29 38.95 -55.95
N GLN X 609 -95.12 39.29 -55.41
CA GLN X 609 -95.04 40.40 -54.45
C GLN X 609 -95.31 41.74 -55.11
N ILE X 610 -94.77 41.97 -56.31
CA ILE X 610 -95.01 43.22 -57.02
C ILE X 610 -96.47 43.33 -57.45
N GLN X 611 -97.06 42.21 -57.87
CA GLN X 611 -98.47 42.20 -58.27
C GLN X 611 -99.40 42.44 -57.08
N LYS X 612 -99.04 41.91 -55.91
CA LYS X 612 -99.95 41.97 -54.77
C LYS X 612 -99.64 43.08 -53.79
N TYR X 613 -98.46 43.70 -53.83
CA TYR X 613 -98.09 44.61 -52.75
C TYR X 613 -97.58 45.94 -53.29
N ASP X 614 -98.21 46.44 -54.36
CA ASP X 614 -98.47 47.87 -54.59
C ASP X 614 -97.20 48.73 -54.67
N ASN X 615 -96.46 48.52 -55.77
CA ASN X 615 -95.32 49.35 -56.18
C ASN X 615 -94.19 49.30 -55.14
N LEU X 616 -93.59 48.12 -55.04
CA LEU X 616 -92.35 47.91 -54.31
C LEU X 616 -91.15 47.90 -55.25
N ILE X 617 -91.23 48.66 -56.33
CA ILE X 617 -90.50 48.35 -57.56
C ILE X 617 -89.02 48.73 -57.47
N THR X 618 -88.74 49.96 -57.04
CA THR X 618 -87.35 50.44 -57.02
C THR X 618 -86.40 49.71 -56.05
N PRO X 619 -86.81 49.26 -54.85
CA PRO X 619 -85.90 48.36 -54.11
C PRO X 619 -85.71 47.02 -54.80
N VAL X 620 -86.70 46.54 -55.56
CA VAL X 620 -86.53 45.28 -56.28
C VAL X 620 -85.50 45.43 -57.40
N VAL X 621 -85.53 46.54 -58.14
CA VAL X 621 -84.54 46.68 -59.20
C VAL X 621 -83.16 47.01 -58.64
N ASP X 622 -83.10 47.72 -57.50
CA ASP X 622 -81.80 47.93 -56.86
C ASP X 622 -81.27 46.65 -56.23
N SER X 623 -82.13 45.69 -55.93
CA SER X 623 -81.66 44.38 -55.48
C SER X 623 -81.20 43.52 -56.65
N LEU X 624 -81.93 43.57 -57.77
CA LEU X 624 -81.60 42.80 -58.97
C LEU X 624 -80.53 43.45 -59.83
N LYS X 625 -79.91 44.53 -59.34
CA LYS X 625 -78.70 45.07 -59.96
C LYS X 625 -77.61 44.01 -60.14
N TYR X 626 -77.42 43.13 -59.15
CA TYR X 626 -76.35 42.14 -59.18
C TYR X 626 -76.78 40.81 -59.80
N LEU X 627 -77.75 40.82 -60.69
CA LEU X 627 -78.24 39.59 -61.30
C LEU X 627 -77.39 39.22 -62.51
N THR X 628 -77.23 37.91 -62.73
CA THR X 628 -76.30 37.42 -63.75
C THR X 628 -76.87 37.61 -65.16
N SER X 629 -76.07 37.22 -66.16
CA SER X 629 -76.45 37.42 -67.54
C SER X 629 -77.53 36.44 -67.99
N LEU X 630 -77.36 35.17 -67.64
CA LEU X 630 -78.30 34.14 -68.06
C LEU X 630 -79.64 34.27 -67.35
N ASN X 631 -79.67 34.83 -66.14
CA ASN X 631 -80.92 34.98 -65.43
C ASN X 631 -81.81 36.08 -65.99
N TYR X 632 -81.28 36.91 -66.90
CA TYR X 632 -82.09 37.96 -67.50
C TYR X 632 -83.15 37.40 -68.44
N ASP X 633 -82.79 36.39 -69.23
CA ASP X 633 -83.79 35.75 -70.08
C ASP X 633 -84.78 34.93 -69.25
N VAL X 634 -84.33 34.39 -68.12
CA VAL X 634 -85.23 33.69 -67.20
C VAL X 634 -86.22 34.67 -66.60
N LEU X 635 -85.75 35.86 -66.25
CA LEU X 635 -86.63 36.91 -65.74
C LEU X 635 -87.60 37.37 -66.82
N ALA X 636 -87.15 37.42 -68.07
CA ALA X 636 -88.05 37.81 -69.17
C ALA X 636 -89.13 36.76 -69.39
N TYR X 637 -88.77 35.47 -69.34
CA TYR X 637 -89.79 34.44 -69.47
C TYR X 637 -90.72 34.40 -68.27
N CYS X 638 -90.22 34.75 -67.08
CA CYS X 638 -91.10 34.80 -65.93
C CYS X 638 -92.05 36.00 -66.00
N ILE X 639 -91.60 37.10 -66.61
CA ILE X 639 -92.49 38.20 -66.95
C ILE X 639 -93.59 37.73 -67.90
N ILE X 640 -93.20 37.00 -68.96
CA ILE X 640 -94.16 36.51 -69.95
C ILE X 640 -95.17 35.55 -69.31
N GLU X 641 -94.70 34.69 -68.40
CA GLU X 641 -95.58 33.76 -67.71
C GLU X 641 -96.50 34.49 -66.73
N ALA X 642 -96.01 35.57 -66.11
CA ALA X 642 -96.85 36.37 -65.22
C ALA X 642 -97.89 37.15 -66.00
N LEU X 643 -97.62 37.46 -67.27
CA LEU X 643 -98.62 38.12 -68.09
C LEU X 643 -99.75 37.19 -68.51
N ALA X 644 -99.57 35.88 -68.36
CA ALA X 644 -100.59 34.90 -68.72
C ALA X 644 -101.64 34.68 -67.63
N ASN X 645 -101.63 35.49 -66.59
CA ASN X 645 -102.60 35.36 -65.49
C ASN X 645 -103.97 35.84 -65.95
N PRO X 646 -105.01 34.99 -65.95
CA PRO X 646 -106.36 35.44 -66.32
C PRO X 646 -107.01 36.28 -65.24
N SER X 659 -107.03 46.62 -62.13
CA SER X 659 -106.15 46.83 -63.27
C SER X 659 -104.89 47.59 -62.84
N SER X 660 -104.84 47.99 -61.58
CA SER X 660 -103.70 48.74 -61.08
C SER X 660 -102.47 47.85 -60.92
N TRP X 661 -102.68 46.56 -60.64
CA TRP X 661 -101.57 45.61 -60.57
C TRP X 661 -100.92 45.42 -61.94
N LEU X 662 -101.73 45.45 -63.00
CA LEU X 662 -101.19 45.34 -64.34
C LEU X 662 -100.42 46.60 -64.73
N GLN X 663 -100.88 47.77 -64.28
CA GLN X 663 -100.14 49.01 -64.50
C GLN X 663 -98.81 49.00 -63.76
N SER X 664 -98.81 48.48 -62.53
CA SER X 664 -97.57 48.39 -61.75
C SER X 664 -96.60 47.40 -62.39
N LEU X 665 -97.12 46.28 -62.90
CA LEU X 665 -96.28 45.31 -63.57
C LEU X 665 -95.72 45.87 -64.88
N ALA X 666 -96.52 46.65 -65.60
CA ALA X 666 -96.05 47.27 -66.83
C ALA X 666 -94.97 48.32 -66.56
N SER X 667 -95.12 49.06 -65.47
CA SER X 667 -94.08 50.03 -65.09
C SER X 667 -92.80 49.33 -64.64
N PHE X 668 -92.94 48.20 -63.94
CA PHE X 668 -91.78 47.39 -63.58
C PHE X 668 -91.07 46.85 -64.82
N CYS X 669 -91.84 46.37 -65.80
CA CYS X 669 -91.27 45.88 -67.05
C CYS X 669 -90.56 47.00 -67.80
N GLY X 670 -91.15 48.20 -67.80
CA GLY X 670 -90.51 49.34 -68.44
C GLY X 670 -89.20 49.71 -67.78
N ALA X 671 -89.15 49.67 -66.45
CA ALA X 671 -87.93 50.02 -65.73
C ALA X 671 -86.83 48.99 -65.96
N VAL X 672 -87.17 47.69 -65.86
CA VAL X 672 -86.17 46.64 -66.04
C VAL X 672 -85.70 46.60 -67.48
N PHE X 673 -86.60 46.81 -68.44
CA PHE X 673 -86.21 46.78 -69.83
C PHE X 673 -85.43 48.01 -70.27
N ARG X 674 -85.71 49.19 -69.68
CA ARG X 674 -84.88 50.34 -69.97
C ARG X 674 -83.55 50.26 -69.25
N LYS X 675 -83.43 49.41 -68.21
CA LYS X 675 -82.17 49.32 -67.49
C LYS X 675 -81.24 48.26 -68.06
N TYR X 676 -81.75 47.19 -68.67
CA TYR X 676 -80.89 46.06 -69.00
C TYR X 676 -81.02 45.64 -70.45
N PRO X 677 -79.95 45.07 -71.04
CA PRO X 677 -80.02 44.48 -72.40
C PRO X 677 -80.60 43.06 -72.40
N ILE X 678 -81.93 42.99 -72.43
CA ILE X 678 -82.62 41.71 -72.36
C ILE X 678 -83.02 41.19 -73.73
N ASP X 679 -83.12 42.08 -74.74
CA ASP X 679 -83.49 41.76 -76.13
C ASP X 679 -84.87 41.10 -76.19
N LEU X 680 -85.85 41.93 -75.86
CA LEU X 680 -87.22 41.50 -75.55
C LEU X 680 -88.08 41.16 -76.76
N ALA X 681 -87.57 40.31 -77.65
CA ALA X 681 -88.33 39.89 -78.82
C ALA X 681 -89.48 38.97 -78.43
N GLY X 682 -89.35 38.25 -77.31
CA GLY X 682 -90.44 37.41 -76.84
C GLY X 682 -91.63 38.20 -76.37
N LEU X 683 -91.39 39.36 -75.74
CA LEU X 683 -92.49 40.25 -75.37
C LEU X 683 -93.16 40.83 -76.61
N LEU X 684 -92.39 41.05 -77.68
CA LEU X 684 -92.96 41.53 -78.93
C LEU X 684 -93.83 40.46 -79.58
N GLN X 685 -93.37 39.20 -79.55
CA GLN X 685 -94.18 38.09 -80.04
C GLN X 685 -95.45 37.93 -79.20
N TYR X 686 -95.34 38.14 -77.89
CA TYR X 686 -96.49 38.02 -76.99
C TYR X 686 -97.53 39.10 -77.27
N VAL X 687 -97.09 40.34 -77.43
CA VAL X 687 -98.04 41.41 -77.68
C VAL X 687 -98.61 41.31 -79.10
N ALA X 688 -97.84 40.77 -80.05
CA ALA X 688 -98.38 40.53 -81.38
C ALA X 688 -99.43 39.43 -81.37
N ASN X 689 -99.21 38.39 -80.56
CA ASN X 689 -100.18 37.31 -80.46
C ASN X 689 -101.44 37.75 -79.74
N GLN X 690 -101.34 38.63 -78.74
CA GLN X 690 -102.56 39.14 -78.13
C GLN X 690 -103.23 40.22 -78.95
N LEU X 691 -102.52 40.86 -79.88
CA LEU X 691 -103.21 41.70 -80.85
C LEU X 691 -103.93 40.86 -81.90
N LYS X 692 -103.38 39.69 -82.26
CA LYS X 692 -104.07 38.81 -83.18
C LYS X 692 -105.28 38.13 -82.55
N ALA X 693 -105.32 38.03 -81.22
CA ALA X 693 -106.46 37.46 -80.53
C ALA X 693 -107.38 38.55 -79.99
N SER X 696 -105.41 44.12 -76.12
CA SER X 696 -106.06 45.14 -75.30
C SER X 696 -105.04 45.94 -74.52
N PHE X 697 -104.87 45.63 -73.24
CA PHE X 697 -103.94 46.35 -72.38
C PHE X 697 -102.48 46.01 -72.68
N ASP X 698 -102.22 44.93 -73.42
CA ASP X 698 -100.87 44.61 -73.84
C ASP X 698 -100.31 45.66 -74.79
N LEU X 699 -101.17 46.30 -75.57
CA LEU X 699 -100.74 47.42 -76.41
C LEU X 699 -100.29 48.59 -75.56
N LEU X 700 -100.99 48.85 -74.44
CA LEU X 700 -100.56 49.89 -73.52
C LEU X 700 -99.25 49.52 -72.82
N ILE X 701 -99.06 48.24 -72.52
CA ILE X 701 -97.79 47.80 -71.94
C ILE X 701 -96.65 47.96 -72.93
N LEU X 702 -96.90 47.67 -74.20
CA LEU X 702 -95.88 47.86 -75.23
C LEU X 702 -95.59 49.34 -75.48
N LYS X 703 -96.61 50.19 -75.37
CA LYS X 703 -96.40 51.64 -75.49
C LYS X 703 -95.58 52.16 -74.31
N GLU X 704 -95.82 51.62 -73.12
CA GLU X 704 -95.03 52.00 -71.95
C GLU X 704 -93.59 51.52 -72.09
N VAL X 705 -93.39 50.34 -72.67
CA VAL X 705 -92.04 49.83 -72.87
C VAL X 705 -91.30 50.65 -73.93
N VAL X 706 -92.01 51.09 -74.97
CA VAL X 706 -91.38 51.91 -76.01
C VAL X 706 -91.08 53.31 -75.47
N GLN X 707 -91.92 53.83 -74.58
CA GLN X 707 -91.62 55.11 -73.94
C GLN X 707 -90.47 54.97 -72.94
N LYS X 708 -90.32 53.78 -72.35
CA LYS X 708 -89.18 53.52 -71.48
C LYS X 708 -87.88 53.47 -72.26
N MET X 709 -87.88 52.78 -73.41
CA MET X 709 -86.68 52.67 -74.22
C MET X 709 -86.34 53.95 -74.95
N ALA X 710 -87.29 54.87 -75.09
CA ALA X 710 -87.04 56.14 -75.75
C ALA X 710 -87.90 57.24 -75.15
N THR X 719 -99.99 74.59 -75.10
CA THR X 719 -100.26 74.11 -76.44
C THR X 719 -99.18 74.55 -77.42
N MET X 720 -98.39 75.54 -77.00
CA MET X 720 -97.29 76.00 -77.84
C MET X 720 -96.16 74.98 -77.91
N GLU X 721 -95.98 74.21 -76.83
CA GLU X 721 -94.96 73.16 -76.85
C GLU X 721 -95.35 72.02 -77.78
N GLN X 722 -96.65 71.71 -77.87
CA GLN X 722 -97.10 70.70 -78.81
C GLN X 722 -97.10 71.24 -80.24
N LEU X 723 -97.33 72.54 -80.41
CA LEU X 723 -97.30 73.15 -81.73
C LEU X 723 -95.88 73.49 -82.19
N GLU X 724 -94.88 73.35 -81.32
CA GLU X 724 -93.50 73.59 -81.72
C GLU X 724 -93.00 72.52 -82.68
N ALA X 725 -93.55 71.31 -82.62
CA ALA X 725 -93.16 70.24 -83.51
C ALA X 725 -93.76 70.43 -84.90
N GLY X 729 -101.77 68.20 -94.56
CA GLY X 729 -100.71 67.22 -94.74
C GLY X 729 -100.50 66.81 -96.18
N GLU X 730 -99.58 65.87 -96.40
CA GLU X 730 -99.30 65.41 -97.76
C GLU X 730 -100.41 64.53 -98.30
N GLN X 731 -101.16 63.85 -97.41
CA GLN X 731 -102.23 62.99 -97.86
C GLN X 731 -103.40 63.78 -98.45
N LEU X 732 -103.76 64.90 -97.80
CA LEU X 732 -104.84 65.72 -98.32
C LEU X 732 -104.44 66.42 -99.62
N LYS X 733 -103.18 66.84 -99.72
CA LYS X 733 -102.72 67.47 -100.95
C LYS X 733 -102.60 66.45 -102.09
N ALA X 734 -102.27 65.21 -101.76
CA ALA X 734 -102.24 64.17 -102.79
C ALA X 734 -103.65 63.78 -103.22
N GLU X 735 -104.60 63.77 -102.28
CA GLU X 735 -105.98 63.47 -102.63
C GLU X 735 -106.64 64.60 -103.39
N GLY X 736 -106.16 65.84 -103.20
CA GLY X 736 -106.68 66.95 -103.97
C GLY X 736 -106.25 66.90 -105.43
N GLY X 737 -104.99 66.55 -105.68
CA GLY X 737 -104.50 66.44 -107.03
C GLY X 737 -104.85 65.12 -107.69
N LYS X 746 -110.13 52.34 -102.90
CA LYS X 746 -110.75 53.10 -103.98
C LYS X 746 -109.81 53.18 -105.19
N LYS X 747 -110.38 53.57 -106.34
CA LYS X 747 -109.56 53.71 -107.54
C LYS X 747 -108.71 54.96 -107.50
N SER X 748 -109.12 55.96 -106.72
CA SER X 748 -108.31 57.17 -106.57
C SER X 748 -107.03 56.89 -105.80
N SER X 749 -107.05 55.92 -104.89
CA SER X 749 -105.82 55.51 -104.21
C SER X 749 -104.85 54.85 -105.19
N GLN X 750 -105.37 54.05 -106.11
CA GLN X 750 -104.53 53.47 -107.16
C GLN X 750 -104.02 54.53 -108.11
N ARG X 751 -104.82 55.56 -108.40
CA ARG X 751 -104.36 56.65 -109.25
C ARG X 751 -103.28 57.47 -108.57
N LEU X 752 -103.39 57.67 -107.25
CA LEU X 752 -102.33 58.35 -106.52
C LEU X 752 -101.08 57.50 -106.39
N LYS X 753 -101.24 56.17 -106.31
CA LYS X 753 -100.09 55.28 -106.31
C LYS X 753 -99.40 55.24 -107.66
N ASP X 754 -100.17 55.40 -108.75
CA ASP X 754 -99.57 55.51 -110.06
C ASP X 754 -98.90 56.87 -110.26
N ALA X 755 -99.47 57.92 -109.68
CA ALA X 755 -98.88 59.25 -109.79
C ALA X 755 -97.68 59.41 -108.86
N LEU X 756 -97.86 59.06 -107.59
CA LEU X 756 -96.78 59.17 -106.61
C LEU X 756 -96.90 58.12 -105.52
N LEU X 763 -91.77 59.96 -98.60
CA LEU X 763 -91.06 59.23 -97.55
C LEU X 763 -92.01 58.87 -96.40
N PRO X 764 -92.13 59.75 -95.41
CA PRO X 764 -93.05 59.48 -94.29
C PRO X 764 -94.51 59.64 -94.64
N LEU X 765 -94.83 60.24 -95.78
CA LEU X 765 -96.22 60.37 -96.22
C LEU X 765 -96.84 59.02 -96.56
N CYS X 766 -96.02 58.02 -96.90
CA CYS X 766 -96.52 56.66 -97.09
C CYS X 766 -97.09 56.11 -95.79
N LEU X 767 -96.36 56.27 -94.68
CA LEU X 767 -96.88 55.85 -93.38
C LEU X 767 -98.02 56.74 -92.92
N LEU X 768 -98.01 58.02 -93.32
CA LEU X 768 -99.09 58.92 -92.97
C LEU X 768 -100.40 58.52 -93.64
N MET X 769 -100.33 58.13 -94.91
CA MET X 769 -101.51 57.62 -95.60
C MET X 769 -101.85 56.21 -95.17
N ALA X 770 -100.86 55.44 -94.70
CA ALA X 770 -101.13 54.12 -94.14
C ALA X 770 -101.85 54.23 -92.80
N GLN X 771 -101.70 55.36 -92.10
CA GLN X 771 -102.52 55.62 -90.92
C GLN X 771 -103.99 55.79 -91.28
N GLN X 772 -104.28 56.29 -92.48
CA GLN X 772 -105.65 56.41 -92.94
C GLN X 772 -106.21 55.06 -93.35
N GLY X 775 -106.48 45.97 -94.44
CA GLY X 775 -106.32 44.61 -94.89
C GLY X 775 -105.44 44.49 -96.12
N VAL X 776 -105.79 43.54 -97.00
CA VAL X 776 -105.02 43.35 -98.22
C VAL X 776 -105.33 44.44 -99.24
N ILE X 777 -106.48 45.11 -99.11
CA ILE X 777 -106.80 46.22 -100.01
C ILE X 777 -105.96 47.44 -99.64
N PHE X 778 -105.56 47.56 -98.37
CA PHE X 778 -104.69 48.65 -97.96
C PHE X 778 -103.22 48.35 -98.19
N GLN X 779 -102.89 47.18 -98.74
CA GLN X 779 -101.49 46.82 -98.95
C GLN X 779 -100.87 47.58 -100.11
N GLU X 780 -101.69 48.15 -100.99
CA GLU X 780 -101.19 48.90 -102.14
C GLU X 780 -100.64 50.26 -101.71
N LEU X 786 -85.03 58.00 -86.66
CA LEU X 786 -85.76 57.07 -85.79
C LEU X 786 -87.22 57.47 -85.70
N LYS X 787 -87.85 57.69 -86.85
CA LYS X 787 -89.26 58.07 -86.89
C LYS X 787 -90.20 56.89 -86.75
N LEU X 788 -89.69 55.65 -86.84
CA LEU X 788 -90.55 54.48 -86.70
C LEU X 788 -91.09 54.35 -85.29
N VAL X 789 -90.33 54.77 -84.29
CA VAL X 789 -90.78 54.72 -82.90
C VAL X 789 -91.95 55.69 -82.69
N GLY X 790 -91.84 56.90 -83.25
CA GLY X 790 -92.94 57.84 -83.15
C GLY X 790 -94.15 57.43 -83.97
N LYS X 791 -93.92 56.77 -85.11
CA LYS X 791 -95.02 56.26 -85.91
C LYS X 791 -95.77 55.15 -85.20
N LEU X 792 -95.04 54.29 -84.47
CA LEU X 792 -95.71 53.29 -83.65
C LEU X 792 -96.38 53.93 -82.44
N TYR X 793 -95.79 55.00 -81.90
CA TYR X 793 -96.34 55.63 -80.70
C TYR X 793 -97.65 56.35 -80.99
N ASP X 794 -97.77 56.95 -82.19
CA ASP X 794 -99.02 57.61 -82.56
C ASP X 794 -100.16 56.60 -82.73
N GLN X 795 -99.85 55.46 -83.36
CA GLN X 795 -100.87 54.42 -83.52
C GLN X 795 -101.22 53.80 -82.17
N CYS X 796 -100.24 53.65 -81.29
CA CYS X 796 -100.52 53.13 -79.94
C CYS X 796 -101.35 54.11 -79.13
N HIS X 797 -101.13 55.42 -79.31
CA HIS X 797 -101.93 56.42 -78.63
C HIS X 797 -103.36 56.43 -79.15
N ASP X 798 -103.53 56.24 -80.46
CA ASP X 798 -104.88 56.16 -81.03
C ASP X 798 -105.60 54.90 -80.55
N THR X 799 -104.88 53.78 -80.46
CA THR X 799 -105.47 52.54 -79.96
C THR X 799 -105.82 52.63 -78.48
N LEU X 800 -104.98 53.31 -77.70
CA LEU X 800 -105.27 53.49 -76.28
C LEU X 800 -106.44 54.45 -76.08
N VAL X 801 -106.58 55.46 -76.96
CA VAL X 801 -107.72 56.35 -76.87
C VAL X 801 -109.01 55.61 -77.23
N GLN X 802 -108.95 54.72 -78.22
CA GLN X 802 -110.10 53.90 -78.55
C GLN X 802 -110.45 52.93 -77.43
N PHE X 803 -109.42 52.39 -76.76
CA PHE X 803 -109.66 51.49 -75.64
C PHE X 803 -110.26 52.23 -74.45
N GLY X 804 -109.82 53.48 -74.22
CA GLY X 804 -110.39 54.27 -73.15
C GLY X 804 -111.82 54.69 -73.44
N GLY X 805 -112.12 55.00 -74.70
CA GLY X 805 -113.49 55.28 -75.09
C GLY X 805 -114.39 54.07 -75.00
N PHE X 806 -113.83 52.88 -75.24
CA PHE X 806 -114.60 51.65 -75.05
C PHE X 806 -114.82 51.34 -73.57
N LEU X 807 -113.81 51.61 -72.74
CA LEU X 807 -113.92 51.34 -71.31
C LEU X 807 -114.79 52.35 -70.58
N ALA X 808 -114.94 53.55 -71.15
CA ALA X 808 -115.77 54.57 -70.51
C ALA X 808 -117.25 54.23 -70.62
N SER X 809 -117.68 53.72 -71.77
CA SER X 809 -119.08 53.36 -71.97
C SER X 809 -119.41 52.04 -71.29
N GLU X 877 -114.28 48.42 -81.75
CA GLU X 877 -113.02 47.68 -81.84
C GLU X 877 -112.49 47.69 -83.27
N MET X 878 -112.95 48.66 -84.06
CA MET X 878 -112.53 48.73 -85.45
C MET X 878 -111.11 49.23 -85.60
N VAL X 879 -110.62 50.02 -84.64
CA VAL X 879 -109.28 50.57 -84.72
C VAL X 879 -108.19 49.58 -84.35
N MET X 880 -108.56 48.43 -83.75
CA MET X 880 -107.56 47.45 -83.36
C MET X 880 -106.99 46.71 -84.55
N ALA X 881 -107.74 46.64 -85.65
CA ALA X 881 -107.31 45.94 -86.85
C ALA X 881 -106.19 46.72 -87.54
N PRO X 882 -106.24 48.05 -87.53
CA PRO X 882 -105.16 48.82 -88.17
C PRO X 882 -103.88 48.83 -87.36
N VAL X 883 -103.98 49.00 -86.03
CA VAL X 883 -102.79 49.15 -85.20
C VAL X 883 -101.99 47.85 -85.14
N HIS X 884 -102.69 46.71 -85.18
CA HIS X 884 -102.00 45.42 -85.29
C HIS X 884 -101.25 45.32 -86.62
N GLU X 885 -101.80 45.92 -87.67
CA GLU X 885 -101.06 46.06 -88.93
C GLU X 885 -99.82 46.91 -88.75
N ALA X 886 -99.89 47.93 -87.88
CA ALA X 886 -98.69 48.68 -87.52
C ALA X 886 -97.70 47.81 -86.77
N VAL X 887 -98.19 46.81 -86.02
CA VAL X 887 -97.30 45.84 -85.43
C VAL X 887 -96.86 44.83 -86.49
N VAL X 888 -97.68 44.63 -87.52
CA VAL X 888 -97.34 43.65 -88.54
C VAL X 888 -96.28 44.21 -89.48
N SER X 889 -96.30 45.52 -89.74
CA SER X 889 -95.27 46.12 -90.57
C SER X 889 -93.95 46.24 -89.83
N LEU X 890 -93.98 46.23 -88.50
CA LEU X 890 -92.76 46.31 -87.71
C LEU X 890 -91.97 45.01 -87.77
N VAL X 895 -86.03 42.01 -87.23
CA VAL X 895 -84.86 42.63 -86.63
C VAL X 895 -85.22 43.97 -86.00
N TRP X 896 -86.51 44.14 -85.69
CA TRP X 896 -86.95 45.35 -85.01
C TRP X 896 -86.51 45.36 -83.55
N ASP X 897 -86.36 44.18 -82.94
CA ASP X 897 -85.89 44.11 -81.57
C ASP X 897 -84.41 44.47 -81.46
N ASP X 898 -83.64 44.23 -82.52
CA ASP X 898 -82.25 44.68 -82.54
C ASP X 898 -82.16 46.18 -82.74
N ILE X 899 -83.15 46.78 -83.40
CA ILE X 899 -83.18 48.23 -83.53
C ILE X 899 -83.65 48.88 -82.24
N SER X 900 -84.54 48.23 -81.50
CA SER X 900 -85.04 48.75 -80.23
C SER X 900 -83.94 48.67 -79.18
N PRO X 901 -83.13 47.61 -79.17
CA PRO X 901 -82.03 47.55 -78.20
C PRO X 901 -80.92 48.54 -78.51
N GLN X 902 -80.63 48.78 -79.79
CA GLN X 902 -79.68 49.81 -80.16
C GLN X 902 -80.20 51.21 -79.82
N PHE X 903 -81.52 51.40 -79.92
CA PHE X 903 -82.11 52.67 -79.53
C PHE X 903 -82.07 52.86 -78.02
N TYR X 904 -82.24 51.78 -77.26
CA TYR X 904 -82.12 51.88 -75.81
C TYR X 904 -80.68 52.11 -75.38
N ALA X 905 -79.72 51.52 -76.10
CA ALA X 905 -78.32 51.77 -75.81
C ALA X 905 -77.89 53.17 -76.20
N THR X 906 -78.51 53.73 -77.25
CA THR X 906 -78.18 55.09 -77.66
C THR X 906 -78.80 56.12 -76.72
N PHE X 907 -80.03 55.89 -76.26
CA PHE X 907 -80.70 56.81 -75.35
C PHE X 907 -80.28 56.57 -73.90
N MET X 912 -84.48 67.87 -75.17
CA MET X 912 -85.79 67.23 -75.14
C MET X 912 -86.71 67.84 -76.19
N TYR X 913 -87.51 68.82 -75.77
CA TYR X 913 -88.43 69.47 -76.69
C TYR X 913 -87.69 70.39 -77.66
N ASP X 914 -86.50 70.87 -77.28
CA ASP X 914 -85.71 71.70 -78.17
C ASP X 914 -85.02 70.90 -79.27
N LEU X 915 -84.98 69.57 -79.15
CA LEU X 915 -84.32 68.76 -80.16
C LEU X 915 -85.13 68.69 -81.46
N ALA X 916 -86.46 68.83 -81.37
CA ALA X 916 -87.29 68.77 -82.56
C ALA X 916 -87.14 70.03 -83.40
N VAL X 917 -87.46 71.18 -82.81
CA VAL X 917 -87.38 72.52 -83.42
C VAL X 917 -88.17 72.62 -84.72
N HIS X 919 -89.93 81.19 -88.54
CA HIS X 919 -90.24 80.35 -87.39
C HIS X 919 -90.01 81.11 -86.08
N THR X 920 -91.11 81.49 -85.42
CA THR X 920 -91.00 82.20 -84.15
C THR X 920 -90.56 81.28 -83.03
N SER X 921 -90.88 79.98 -83.12
CA SER X 921 -90.45 79.03 -82.11
C SER X 921 -88.95 78.81 -82.18
N TYR X 922 -88.38 78.81 -83.38
CA TYR X 922 -86.94 78.70 -83.52
C TYR X 922 -86.22 79.93 -82.97
N GLU X 923 -86.82 81.11 -83.16
CA GLU X 923 -86.26 82.34 -82.59
C GLU X 923 -86.36 82.34 -81.08
N ARG X 924 -87.46 81.80 -80.54
CA ARG X 924 -87.60 81.69 -79.10
C ARG X 924 -86.61 80.70 -78.51
N GLU X 925 -86.35 79.60 -79.24
CA GLU X 925 -85.36 78.62 -78.79
C GLU X 925 -83.95 79.19 -78.84
N VAL X 926 -83.64 79.98 -79.88
CA VAL X 926 -82.33 80.61 -79.96
C VAL X 926 -82.16 81.69 -78.90
N ASN X 927 -83.25 82.38 -78.55
CA ASN X 927 -83.17 83.38 -77.49
C ASN X 927 -83.03 82.72 -76.12
N LYS X 928 -83.68 81.57 -75.92
CA LYS X 928 -83.51 80.84 -74.67
C LYS X 928 -82.14 80.21 -74.56
N LEU X 929 -81.55 79.79 -75.69
CA LEU X 929 -80.20 79.27 -75.67
C LEU X 929 -79.18 80.39 -75.54
N LYS X 930 -79.54 81.62 -75.93
CA LYS X 930 -78.64 82.75 -75.74
C LYS X 930 -78.55 83.14 -74.27
N VAL X 931 -79.69 83.23 -73.59
CA VAL X 931 -79.71 83.56 -72.18
C VAL X 931 -79.59 82.31 -71.33
N GLU X 950 -71.50 76.49 -73.74
CA GLU X 950 -72.84 77.01 -74.05
C GLU X 950 -72.89 77.60 -75.46
N LYS X 951 -71.72 78.03 -75.94
CA LYS X 951 -71.65 78.60 -77.29
C LYS X 951 -71.79 77.53 -78.36
N GLU X 952 -71.39 76.29 -78.05
CA GLU X 952 -71.52 75.20 -79.01
C GLU X 952 -72.98 74.84 -79.24
N ARG X 953 -73.78 74.82 -78.16
CA ARG X 953 -75.21 74.54 -78.30
C ARG X 953 -75.91 75.68 -79.01
N CYS X 954 -75.48 76.92 -78.77
CA CYS X 954 -76.07 78.07 -79.47
C CYS X 954 -75.72 78.05 -80.95
N THR X 955 -74.49 77.64 -81.29
CA THR X 955 -74.11 77.52 -82.70
C THR X 955 -74.85 76.38 -83.38
N ALA X 956 -75.07 75.27 -82.66
CA ALA X 956 -75.84 74.17 -83.21
C ALA X 956 -77.30 74.55 -83.43
N LEU X 957 -77.87 75.32 -82.48
CA LEU X 957 -79.23 75.80 -82.64
C LEU X 957 -79.35 76.82 -83.77
N GLN X 958 -78.31 77.64 -83.96
CA GLN X 958 -78.31 78.60 -85.06
C GLN X 958 -78.21 77.89 -86.41
N ASP X 959 -77.40 76.83 -86.47
CA ASP X 959 -77.30 76.05 -87.70
C ASP X 959 -78.60 75.31 -87.99
N LYS X 960 -79.26 74.79 -86.95
CA LYS X 960 -80.55 74.13 -87.13
C LYS X 960 -81.63 75.11 -87.55
N LEU X 961 -81.59 76.34 -87.01
CA LEU X 961 -82.58 77.35 -87.39
C LEU X 961 -82.35 77.84 -88.82
N LEU X 962 -81.09 77.96 -89.24
CA LEU X 962 -80.80 78.36 -90.61
C LEU X 962 -81.19 77.26 -91.60
N GLU X 963 -80.95 76.00 -91.23
CA GLU X 963 -81.40 74.89 -92.07
C GLU X 963 -82.93 74.81 -92.10
N GLU X 964 -83.59 75.14 -90.99
CA GLU X 964 -85.05 75.17 -90.97
C GLU X 964 -85.60 76.30 -91.84
N GLU X 965 -84.90 77.45 -91.86
CA GLU X 965 -85.32 78.54 -92.72
C GLU X 965 -85.11 78.22 -94.19
N LYS X 966 -84.00 77.53 -94.52
CA LYS X 966 -83.76 77.12 -95.90
C LYS X 966 -84.76 76.07 -96.35
N LYS X 967 -85.07 75.09 -95.47
CA LYS X 967 -86.07 74.09 -95.80
C LYS X 967 -87.47 74.69 -95.85
N GLN X 968 -87.72 75.75 -95.08
CA GLN X 968 -89.01 76.43 -95.15
C GLN X 968 -89.15 77.20 -96.45
N MET X 969 -88.05 77.80 -96.93
CA MET X 969 -88.06 78.44 -98.24
C MET X 969 -88.25 77.41 -99.35
N GLU X 970 -87.65 76.23 -99.21
CA GLU X 970 -87.84 75.16 -100.19
C GLU X 970 -89.26 74.62 -100.16
N HIS X 971 -89.85 74.51 -98.97
CA HIS X 971 -91.24 74.07 -98.87
C HIS X 971 -92.21 75.14 -99.38
N VAL X 972 -91.86 76.41 -99.24
CA VAL X 972 -92.68 77.47 -99.80
C VAL X 972 -92.60 77.46 -101.31
N GLN X 973 -91.42 77.15 -101.87
CA GLN X 973 -91.29 76.98 -103.31
C GLN X 973 -92.09 75.77 -103.80
N ARG X 974 -92.08 74.69 -103.02
CA ARG X 974 -92.87 73.51 -103.38
C ARG X 974 -94.37 73.79 -103.30
N VAL X 975 -94.78 74.59 -102.33
CA VAL X 975 -96.20 74.95 -102.21
C VAL X 975 -96.62 75.87 -103.35
N LEU X 976 -95.72 76.77 -103.77
CA LEU X 976 -95.99 77.60 -104.93
C LEU X 976 -96.07 76.78 -106.20
N GLN X 977 -95.23 75.75 -106.32
CA GLN X 977 -95.30 74.86 -107.47
C GLN X 977 -96.58 74.03 -107.47
N ARG X 978 -97.03 73.61 -106.28
CA ARG X 978 -98.28 72.87 -106.19
C ARG X 978 -99.48 73.76 -106.48
N LEU X 979 -99.41 75.04 -106.10
CA LEU X 979 -100.48 75.97 -106.44
C LEU X 979 -100.47 76.31 -107.93
N LYS X 980 -99.29 76.34 -108.55
CA LYS X 980 -99.21 76.53 -109.99
C LYS X 980 -99.68 75.29 -110.74
N LEU X 981 -99.57 74.11 -110.12
CA LEU X 981 -100.04 72.88 -110.75
C LEU X 981 -101.56 72.81 -110.76
N GLU X 982 -102.22 73.21 -109.68
CA GLU X 982 -103.67 73.18 -109.61
C GLU X 982 -104.28 74.42 -110.23
N ASN X 994 -119.77 70.37 -106.65
CA ASN X 994 -120.14 71.52 -105.83
C ASN X 994 -120.31 71.11 -104.38
N GLU X 995 -121.55 70.74 -104.01
CA GLU X 995 -121.81 70.30 -102.64
C GLU X 995 -121.21 68.93 -102.36
N THR X 996 -121.14 68.07 -103.38
CA THR X 996 -120.52 66.75 -103.20
C THR X 996 -119.02 66.88 -102.99
N ILE X 997 -118.39 67.86 -103.65
CA ILE X 997 -116.96 68.10 -103.46
C ILE X 997 -116.70 68.64 -102.05
N THR X 998 -117.60 69.49 -101.55
CA THR X 998 -117.47 70.00 -100.19
C THR X 998 -117.69 68.89 -99.17
N LYS X 999 -118.62 67.97 -99.45
CA LYS X 999 -118.85 66.84 -98.56
C LYS X 999 -117.65 65.89 -98.56
N PHE X 1000 -117.03 65.70 -99.72
CA PHE X 1000 -115.83 64.88 -99.80
C PHE X 1000 -114.66 65.54 -99.08
N LEU X 1001 -114.56 66.87 -99.16
CA LEU X 1001 -113.52 67.58 -98.44
C LEU X 1001 -113.74 67.52 -96.93
N GLN X 1002 -115.00 67.58 -96.50
CA GLN X 1002 -115.31 67.46 -95.07
C GLN X 1002 -115.03 66.04 -94.58
N LEU X 1003 -115.32 65.03 -95.42
CA LEU X 1003 -115.02 63.65 -95.05
C LEU X 1003 -113.52 63.38 -95.00
N CYS X 1004 -112.75 64.03 -95.87
CA CYS X 1004 -111.29 63.88 -95.81
C CYS X 1004 -110.71 64.65 -94.65
N ILE X 1005 -111.35 65.75 -94.23
CA ILE X 1005 -110.79 66.58 -93.16
C ILE X 1005 -111.12 66.00 -91.79
N PHE X 1006 -112.31 65.42 -91.64
CA PHE X 1006 -112.74 64.90 -90.34
C PHE X 1006 -111.96 63.65 -89.98
N PRO X 1007 -111.68 62.78 -90.95
CA PRO X 1007 -110.89 61.57 -90.63
C PRO X 1007 -109.44 61.90 -90.29
N ARG X 1008 -108.84 62.87 -90.97
CA ARG X 1008 -107.49 63.29 -90.62
C ARG X 1008 -107.44 63.99 -89.28
N CYS X 1009 -108.53 64.67 -88.90
CA CYS X 1009 -108.57 65.33 -87.60
C CYS X 1009 -108.71 64.32 -86.48
N ILE X 1010 -109.65 63.38 -86.60
CA ILE X 1010 -109.88 62.42 -85.53
C ILE X 1010 -108.95 61.22 -85.57
N PHE X 1011 -108.10 61.12 -86.59
CA PHE X 1011 -107.22 59.95 -86.73
C PHE X 1011 -105.76 60.27 -86.46
N SER X 1012 -105.43 61.50 -86.06
CA SER X 1012 -104.04 61.89 -85.87
C SER X 1012 -103.96 62.86 -84.71
N ALA X 1013 -102.78 63.49 -84.57
CA ALA X 1013 -102.51 64.46 -83.52
C ALA X 1013 -103.03 65.84 -83.89
N ILE X 1014 -102.57 66.88 -83.19
CA ILE X 1014 -103.03 68.24 -83.40
C ILE X 1014 -102.45 68.83 -84.69
N ASP X 1015 -101.51 68.12 -85.31
CA ASP X 1015 -100.92 68.55 -86.58
C ASP X 1015 -101.92 68.56 -87.73
N ALA X 1016 -103.07 67.90 -87.58
CA ALA X 1016 -104.16 68.04 -88.54
C ALA X 1016 -104.74 69.44 -88.54
N VAL X 1017 -104.51 70.21 -87.47
CA VAL X 1017 -105.03 71.59 -87.35
C VAL X 1017 -104.26 72.48 -88.33
N TYR X 1018 -102.93 72.40 -88.32
CA TYR X 1018 -102.07 73.22 -89.23
C TYR X 1018 -102.39 72.85 -90.68
N CYS X 1019 -102.57 71.56 -90.96
CA CYS X 1019 -102.89 71.09 -92.33
C CYS X 1019 -104.25 71.67 -92.75
N ALA X 1020 -105.22 71.68 -91.82
CA ALA X 1020 -106.56 72.23 -92.11
C ALA X 1020 -106.45 73.72 -92.42
N ARG X 1021 -105.61 74.44 -91.66
CA ARG X 1021 -105.41 75.89 -91.87
C ARG X 1021 -104.80 76.11 -93.27
N PHE X 1022 -103.84 75.26 -93.64
CA PHE X 1022 -103.18 75.35 -94.97
C PHE X 1022 -104.22 75.12 -96.07
N VAL X 1023 -105.12 74.15 -95.86
CA VAL X 1023 -106.19 73.83 -96.85
C VAL X 1023 -107.10 75.04 -96.98
N GLU X 1024 -107.43 75.68 -95.84
CA GLU X 1024 -108.31 76.88 -95.84
C GLU X 1024 -107.63 78.00 -96.64
N LEU X 1025 -106.31 78.17 -96.43
CA LEU X 1025 -105.54 79.22 -97.14
C LEU X 1025 -105.57 78.93 -98.65
N VAL X 1026 -105.43 77.66 -99.03
CA VAL X 1026 -105.45 77.25 -100.46
C VAL X 1026 -106.83 77.58 -101.04
N HIS X 1027 -107.88 77.31 -100.27
CA HIS X 1027 -109.28 77.58 -100.71
C HIS X 1027 -109.46 79.09 -100.92
N GLN X 1028 -108.89 79.89 -100.02
CA GLN X 1028 -109.00 81.38 -100.10
C GLN X 1028 -108.38 81.85 -101.41
N LEU X 1037 -114.14 79.56 -98.41
CA LEU X 1037 -115.28 80.43 -98.68
C LEU X 1037 -116.46 80.07 -97.76
N LEU X 1038 -117.45 79.38 -98.30
CA LEU X 1038 -118.64 79.02 -97.53
C LEU X 1038 -118.44 77.74 -96.73
N CYS X 1039 -117.34 77.01 -96.95
CA CYS X 1039 -117.13 75.74 -96.25
C CYS X 1039 -116.77 75.95 -94.79
N TYR X 1040 -116.09 77.05 -94.47
CA TYR X 1040 -115.72 77.33 -93.08
C TYR X 1040 -116.95 77.65 -92.24
N ASP X 1041 -117.94 78.32 -92.83
CA ASP X 1041 -119.20 78.54 -92.14
C ASP X 1041 -120.10 77.31 -92.18
N ARG X 1042 -119.97 76.50 -93.24
CA ARG X 1042 -120.78 75.29 -93.34
C ARG X 1042 -120.32 74.22 -92.37
N VAL X 1043 -119.05 74.25 -91.97
CA VAL X 1043 -118.57 73.34 -90.94
C VAL X 1043 -119.16 73.71 -89.58
N PHE X 1044 -119.24 74.99 -89.29
CA PHE X 1044 -119.80 75.46 -88.03
C PHE X 1044 -121.30 75.69 -88.17
N ILE X 1047 -122.71 71.12 -86.14
CA ILE X 1047 -121.64 70.17 -85.85
C ILE X 1047 -121.97 69.36 -84.61
N ILE X 1048 -123.26 69.15 -84.38
CA ILE X 1048 -123.70 68.40 -83.20
C ILE X 1048 -123.43 66.91 -83.38
N TYR X 1049 -123.95 66.33 -84.47
CA TYR X 1049 -123.71 64.92 -84.74
C TYR X 1049 -122.27 64.66 -85.15
N THR X 1050 -121.58 65.67 -85.68
CA THR X 1050 -120.16 65.52 -85.98
C THR X 1050 -119.33 65.40 -84.71
N VAL X 1051 -119.66 66.18 -83.68
CA VAL X 1051 -118.96 66.11 -82.40
C VAL X 1051 -119.57 65.05 -81.48
N ALA X 1052 -120.65 64.39 -81.88
CA ALA X 1052 -121.28 63.39 -81.04
C ALA X 1052 -120.44 62.12 -80.89
N SER X 1053 -119.62 61.80 -81.88
CA SER X 1053 -118.81 60.59 -81.83
C SER X 1053 -117.61 60.78 -80.90
N ASN X 1057 -112.26 61.06 -77.91
CA ASN X 1057 -112.02 61.85 -76.71
C ASN X 1057 -110.82 62.75 -76.89
N GLU X 1058 -109.62 62.18 -76.78
CA GLU X 1058 -108.39 62.96 -76.93
C GLU X 1058 -108.19 63.38 -78.38
N ALA X 1059 -108.41 62.46 -79.32
CA ALA X 1059 -108.40 62.84 -80.73
C ALA X 1059 -109.60 63.72 -81.07
N SER X 1060 -110.72 63.51 -80.38
CA SER X 1060 -111.85 64.42 -80.51
C SER X 1060 -111.51 65.80 -79.96
N ARG X 1061 -110.72 65.85 -78.89
CA ARG X 1061 -110.24 67.14 -78.38
C ARG X 1061 -109.28 67.80 -79.37
N TYR X 1062 -108.46 67.00 -80.06
CA TYR X 1062 -107.57 67.54 -81.08
C TYR X 1062 -108.35 68.10 -82.26
N GLY X 1063 -109.39 67.39 -82.69
CA GLY X 1063 -110.25 67.88 -83.75
C GLY X 1063 -111.03 69.12 -83.33
N ARG X 1064 -111.43 69.20 -82.06
CA ARG X 1064 -112.10 70.39 -81.57
C ARG X 1064 -111.13 71.58 -81.50
N PHE X 1065 -109.87 71.32 -81.16
CA PHE X 1065 -108.87 72.38 -81.16
C PHE X 1065 -108.57 72.85 -82.58
N LEU X 1066 -108.58 71.93 -83.54
CA LEU X 1066 -108.43 72.30 -84.95
C LEU X 1066 -109.60 73.13 -85.44
N CYS X 1067 -110.83 72.76 -85.02
CA CYS X 1067 -112.01 73.53 -85.38
C CYS X 1067 -111.98 74.92 -84.73
N CYS X 1068 -111.47 75.02 -83.51
CA CYS X 1068 -111.36 76.30 -82.83
C CYS X 1068 -110.31 77.18 -83.49
N MET X 1069 -109.19 76.59 -83.92
CA MET X 1069 -108.17 77.35 -84.62
C MET X 1069 -108.67 77.83 -85.98
N LEU X 1070 -109.43 76.99 -86.68
CA LEU X 1070 -110.01 77.40 -87.96
C LEU X 1070 -111.06 78.49 -87.76
N GLU X 1071 -111.83 78.41 -86.68
CA GLU X 1071 -112.84 79.43 -86.40
C GLU X 1071 -112.18 80.76 -86.03
N THR X 1072 -111.09 80.72 -85.26
CA THR X 1072 -110.37 81.94 -84.91
C THR X 1072 -109.69 82.55 -86.14
N VAL X 1073 -109.18 81.71 -87.03
CA VAL X 1073 -108.56 82.23 -88.26
C VAL X 1073 -109.62 82.80 -89.20
N THR X 1074 -110.82 82.24 -89.19
CA THR X 1074 -111.90 82.79 -90.02
C THR X 1074 -112.45 84.08 -89.42
N ARG X 1075 -112.48 84.19 -88.09
CA ARG X 1075 -112.98 85.40 -87.45
C ARG X 1075 -111.98 86.54 -87.58
N TRP X 1076 -110.69 86.26 -87.45
CA TRP X 1076 -109.68 87.29 -87.63
C TRP X 1076 -109.52 87.65 -89.10
N HIS X 1077 -109.80 86.72 -90.00
CA HIS X 1077 -109.66 86.97 -91.43
C HIS X 1077 -110.80 86.33 -92.21
N GLN X 1110 -122.95 95.03 -98.09
CA GLN X 1110 -123.23 94.59 -96.73
C GLN X 1110 -122.64 93.21 -96.47
N LEU X 1111 -121.45 92.96 -97.03
CA LEU X 1111 -120.81 91.67 -96.87
C LEU X 1111 -120.25 91.50 -95.46
N ASP X 1112 -119.73 92.59 -94.87
CA ASP X 1112 -119.18 92.50 -93.52
C ASP X 1112 -120.28 92.34 -92.48
N TYR X 1113 -121.41 93.02 -92.66
CA TYR X 1113 -122.54 92.87 -91.74
C TYR X 1113 -123.16 91.49 -91.85
N GLU X 1114 -123.25 90.96 -93.09
CA GLU X 1114 -123.75 89.60 -93.27
C GLU X 1114 -122.80 88.57 -92.70
N ASN X 1115 -121.49 88.82 -92.78
CA ASN X 1115 -120.52 87.90 -92.19
C ASN X 1115 -120.57 87.93 -90.67
N PHE X 1116 -120.79 89.12 -90.10
CA PHE X 1116 -120.94 89.21 -88.65
C PHE X 1116 -122.23 88.56 -88.18
N ARG X 1117 -123.31 88.70 -88.95
CA ARG X 1117 -124.56 88.03 -88.62
C ARG X 1117 -124.44 86.52 -88.76
N HIS X 1118 -123.67 86.05 -89.75
CA HIS X 1118 -123.41 84.63 -89.90
C HIS X 1118 -122.53 84.09 -88.77
N VAL X 1119 -121.60 84.90 -88.28
CA VAL X 1119 -120.77 84.50 -87.15
C VAL X 1119 -121.60 84.42 -85.87
N VAL X 1120 -122.53 85.35 -85.71
CA VAL X 1120 -123.42 85.31 -84.55
C VAL X 1120 -124.37 84.12 -84.64
N HIS X 1121 -124.83 83.79 -85.86
CA HIS X 1121 -125.68 82.62 -86.04
C HIS X 1121 -124.91 81.33 -85.80
N LYS X 1122 -123.63 81.31 -86.18
CA LYS X 1122 -122.79 80.14 -85.92
C LYS X 1122 -122.53 79.98 -84.43
N TRP X 1123 -122.34 81.09 -83.70
CA TRP X 1123 -122.18 81.01 -82.25
C TRP X 1123 -123.47 80.55 -81.57
N HIS X 1124 -124.63 81.01 -82.07
CA HIS X 1124 -125.90 80.57 -81.51
C HIS X 1124 -126.17 79.09 -81.79
N TYR X 1125 -125.82 78.63 -82.99
CA TYR X 1125 -125.99 77.21 -83.32
C TYR X 1125 -125.02 76.34 -82.53
N LYS X 1126 -123.80 76.84 -82.28
CA LYS X 1126 -122.85 76.11 -81.45
C LYS X 1126 -123.32 76.04 -80.01
N LEU X 1127 -123.93 77.11 -79.51
CA LEU X 1127 -124.47 77.09 -78.15
C LEU X 1127 -125.66 76.15 -78.04
N THR X 1128 -126.52 76.11 -79.06
CA THR X 1128 -127.65 75.18 -79.06
C THR X 1128 -127.17 73.74 -79.15
N LYS X 1129 -126.11 73.49 -79.92
CA LYS X 1129 -125.54 72.15 -80.01
C LYS X 1129 -124.88 71.73 -78.71
N ALA X 1130 -124.23 72.67 -78.02
CA ALA X 1130 -123.65 72.37 -76.72
C ALA X 1130 -124.72 72.09 -75.67
N SER X 1131 -125.84 72.81 -75.75
CA SER X 1131 -126.96 72.55 -74.85
C SER X 1131 -127.60 71.19 -75.13
N VAL X 1132 -127.69 70.82 -76.41
CA VAL X 1132 -128.26 69.52 -76.76
C VAL X 1132 -127.32 68.39 -76.37
N HIS X 1133 -126.00 68.63 -76.43
CA HIS X 1133 -125.03 67.63 -76.02
C HIS X 1133 -124.99 67.49 -74.49
N CYS X 1134 -125.17 68.59 -73.78
CA CYS X 1134 -125.25 68.51 -72.32
C CYS X 1134 -126.56 67.90 -71.87
N LEU X 1135 -127.61 68.02 -72.69
CA LEU X 1135 -128.89 67.42 -72.35
C LEU X 1135 -128.87 65.89 -72.51
N GLU X 1136 -127.96 65.36 -73.33
CA GLU X 1136 -127.89 63.92 -73.54
C GLU X 1136 -127.26 63.21 -72.36
N TYR X 1140 -121.21 61.96 -74.23
CA TYR X 1140 -121.83 63.25 -74.49
C TYR X 1140 -121.32 64.29 -73.52
N THR X 1141 -120.69 63.83 -72.44
CA THR X 1141 -120.20 64.76 -71.41
C THR X 1141 -118.76 65.19 -71.69
N HIS X 1142 -117.88 64.23 -71.97
CA HIS X 1142 -116.47 64.55 -72.18
C HIS X 1142 -116.24 65.30 -73.48
N ILE X 1143 -117.04 65.00 -74.51
CA ILE X 1143 -116.96 65.74 -75.76
C ILE X 1143 -117.43 67.17 -75.56
N ARG X 1144 -118.48 67.36 -74.76
CA ARG X 1144 -118.93 68.71 -74.44
C ARG X 1144 -117.90 69.47 -73.60
N ASN X 1145 -117.18 68.76 -72.72
CA ASN X 1145 -116.15 69.43 -71.93
C ASN X 1145 -114.94 69.83 -72.79
N ILE X 1146 -114.56 68.97 -73.74
CA ILE X 1146 -113.47 69.30 -74.65
C ILE X 1146 -113.87 70.46 -75.56
N LEU X 1147 -115.13 70.47 -76.00
CA LEU X 1147 -115.63 71.59 -76.79
C LEU X 1147 -115.69 72.87 -75.97
N ILE X 1148 -115.98 72.75 -74.67
CA ILE X 1148 -116.00 73.91 -73.79
C ILE X 1148 -114.58 74.45 -73.60
N VAL X 1149 -113.60 73.56 -73.52
CA VAL X 1149 -112.20 73.99 -73.41
C VAL X 1149 -111.74 74.68 -74.68
N LEU X 1150 -112.14 74.13 -75.84
CA LEU X 1150 -111.78 74.76 -77.10
C LEU X 1150 -112.50 76.10 -77.30
N THR X 1151 -113.74 76.21 -76.82
CA THR X 1151 -114.47 77.46 -76.93
C THR X 1151 -113.96 78.51 -75.94
N LYS X 1152 -113.42 78.07 -74.81
CA LYS X 1152 -112.74 79.00 -73.91
C LYS X 1152 -111.40 79.42 -74.49
N ILE X 1153 -110.78 78.56 -75.28
CA ILE X 1153 -109.52 78.91 -75.94
C ILE X 1153 -109.77 79.95 -77.03
N LEU X 1154 -110.60 79.61 -78.01
CA LEU X 1154 -110.83 80.48 -79.16
C LEU X 1154 -111.71 81.67 -78.82
N PRO X 1155 -112.95 81.44 -78.36
CA PRO X 1155 -113.88 82.53 -78.03
C PRO X 1155 -113.88 82.86 -76.55
N VAL X 1160 -122.81 88.76 -76.22
CA VAL X 1160 -122.28 87.79 -75.29
C VAL X 1160 -123.23 87.61 -74.11
N LEU X 1161 -124.36 88.33 -74.14
CA LEU X 1161 -125.33 88.25 -73.06
C LEU X 1161 -126.10 86.93 -73.13
N ASN X 1162 -126.56 86.56 -74.32
CA ASN X 1162 -127.17 85.24 -74.50
C ASN X 1162 -126.15 84.13 -74.34
N LEU X 1163 -124.90 84.37 -74.73
CA LEU X 1163 -123.83 83.42 -74.49
C LEU X 1163 -123.55 83.29 -72.99
N GLY X 1164 -123.64 84.40 -72.26
CA GLY X 1164 -123.48 84.34 -70.81
C GLY X 1164 -124.62 83.60 -70.13
N GLN X 1165 -125.85 83.76 -70.65
CA GLN X 1165 -126.98 83.03 -70.12
C GLN X 1165 -126.87 81.53 -70.41
N ALA X 1166 -126.35 81.18 -71.59
CA ALA X 1166 -126.11 79.78 -71.93
C ALA X 1166 -125.01 79.18 -71.06
N LEU X 1167 -123.98 79.96 -70.77
CA LEU X 1167 -122.91 79.50 -69.89
C LEU X 1167 -123.42 79.32 -68.45
N GLU X 1168 -124.33 80.19 -68.02
CA GLU X 1168 -124.91 80.07 -66.68
C GLU X 1168 -125.82 78.84 -66.60
N ARG X 1169 -126.58 78.57 -67.65
CA ARG X 1169 -127.43 77.38 -67.68
C ARG X 1169 -126.59 76.10 -67.73
N ARG X 1170 -125.47 76.15 -68.45
CA ARG X 1170 -124.57 75.00 -68.50
C ARG X 1170 -123.88 74.78 -67.15
N VAL X 1171 -123.53 75.86 -66.46
CA VAL X 1171 -122.93 75.73 -65.14
C VAL X 1171 -123.95 75.23 -64.12
N HIS X 1172 -125.21 75.63 -64.27
CA HIS X 1172 -126.26 75.11 -63.38
C HIS X 1172 -126.52 73.63 -63.65
N LYS X 1173 -126.46 73.21 -64.92
CA LYS X 1173 -126.62 71.80 -65.23
C LYS X 1173 -125.41 70.99 -64.78
N ILE X 1174 -124.22 71.59 -64.77
CA ILE X 1174 -123.03 70.90 -64.30
C ILE X 1174 -123.05 70.76 -62.78
N CYS X 1175 -123.51 71.82 -62.09
CA CYS X 1175 -123.66 71.74 -60.64
C CYS X 1175 -124.81 70.83 -60.23
N GLN X 1176 -125.81 70.64 -61.10
CA GLN X 1176 -126.88 69.70 -60.82
C GLN X 1176 -126.45 68.26 -60.99
N GLU X 1177 -125.34 68.01 -61.67
CA GLU X 1177 -124.84 66.66 -61.85
C GLU X 1177 -124.05 66.18 -60.62
N PRO X 1183 -116.25 64.11 -59.65
CA PRO X 1183 -116.07 63.21 -60.79
C PRO X 1183 -115.73 63.97 -62.08
N ASP X 1184 -116.13 63.42 -63.22
CA ASP X 1184 -115.92 64.10 -64.50
C ASP X 1184 -116.81 65.31 -64.62
N LEU X 1185 -118.01 65.26 -64.02
CA LEU X 1185 -118.87 66.44 -63.97
C LEU X 1185 -118.25 67.55 -63.13
N TYR X 1186 -117.48 67.18 -62.10
CA TYR X 1186 -116.78 68.18 -61.30
C TYR X 1186 -115.65 68.85 -62.10
N ALA X 1187 -114.95 68.06 -62.92
CA ALA X 1187 -113.91 68.64 -63.77
C ALA X 1187 -114.50 69.52 -64.86
N LEU X 1188 -115.66 69.12 -65.40
CA LEU X 1188 -116.35 69.94 -66.38
C LEU X 1188 -116.87 71.23 -65.76
N ALA X 1189 -117.35 71.17 -64.51
CA ALA X 1189 -117.80 72.37 -63.82
C ALA X 1189 -116.63 73.28 -63.46
N MET X 1190 -115.47 72.70 -63.15
CA MET X 1190 -114.27 73.50 -62.90
C MET X 1190 -113.80 74.21 -64.17
N GLY X 1191 -113.85 73.51 -65.31
CA GLY X 1191 -113.53 74.15 -66.57
C GLY X 1191 -114.53 75.23 -66.95
N TYR X 1192 -115.81 75.01 -66.64
CA TYR X 1192 -116.84 76.01 -66.90
C TYR X 1192 -116.67 77.24 -66.01
N SER X 1193 -116.25 77.03 -64.76
CA SER X 1193 -115.99 78.16 -63.87
C SER X 1193 -114.74 78.93 -64.31
N GLY X 1194 -113.72 78.22 -64.77
CA GLY X 1194 -112.54 78.89 -65.31
C GLY X 1194 -112.84 79.65 -66.60
N GLN X 1195 -113.78 79.16 -67.39
CA GLN X 1195 -114.19 79.89 -68.58
C GLN X 1195 -115.04 81.10 -68.23
N LEU X 1196 -115.93 80.96 -67.24
CA LEU X 1196 -116.77 82.08 -66.81
C LEU X 1196 -115.97 83.14 -66.06
N LYS X 1197 -114.81 82.78 -65.50
CA LYS X 1197 -113.94 83.78 -64.90
C LYS X 1197 -113.33 84.71 -65.94
N SER X 1198 -113.16 84.23 -67.16
CA SER X 1198 -112.63 85.05 -68.24
C SER X 1198 -113.70 86.02 -68.75
N SER Y 70 -64.47 13.55 -41.41
CA SER Y 70 -63.14 12.99 -41.19
C SER Y 70 -62.14 14.09 -40.86
N VAL Y 71 -61.83 14.92 -41.87
CA VAL Y 71 -60.90 16.02 -41.65
C VAL Y 71 -61.55 17.15 -40.86
N SER Y 72 -62.88 17.22 -40.86
CA SER Y 72 -63.58 18.28 -40.14
C SER Y 72 -63.44 18.12 -38.62
N SER Y 73 -63.60 16.89 -38.13
CA SER Y 73 -63.52 16.66 -36.69
C SER Y 73 -62.09 16.82 -36.18
N GLY Y 74 -61.11 16.34 -36.94
CA GLY Y 74 -59.71 16.52 -36.55
C GLY Y 74 -59.30 17.97 -36.65
N PRO Y 75 -59.84 18.69 -37.63
CA PRO Y 75 -59.56 20.12 -37.75
C PRO Y 75 -60.15 20.91 -36.60
N SER Y 76 -61.37 20.54 -36.16
CA SER Y 76 -61.99 21.20 -35.02
C SER Y 76 -61.26 20.88 -33.73
N ARG Y 77 -60.76 19.64 -33.59
CA ARG Y 77 -60.01 19.26 -32.40
C ARG Y 77 -58.68 20.00 -32.33
N TYR Y 78 -57.97 20.09 -33.46
CA TYR Y 78 -56.72 20.84 -33.50
C TYR Y 78 -56.98 22.34 -33.32
N VAL Y 79 -58.13 22.81 -33.77
CA VAL Y 79 -58.51 24.22 -33.59
C VAL Y 79 -58.72 24.53 -32.11
N LEU Y 80 -59.45 23.66 -31.41
CA LEU Y 80 -59.68 23.85 -29.98
C LEU Y 80 -58.38 23.74 -29.19
N GLY Y 81 -57.50 22.81 -29.59
CA GLY Y 81 -56.24 22.62 -28.88
C GLY Y 81 -55.31 23.81 -29.07
N MET Y 82 -55.18 24.30 -30.30
CA MET Y 82 -54.29 25.42 -30.55
C MET Y 82 -54.89 26.75 -30.06
N GLN Y 83 -56.22 26.82 -29.97
CA GLN Y 83 -56.84 28.01 -29.40
C GLN Y 83 -56.70 28.03 -27.89
N GLU Y 84 -56.70 26.85 -27.26
CA GLU Y 84 -56.35 26.77 -25.84
C GLU Y 84 -54.87 27.07 -25.63
N LEU Y 85 -54.04 26.73 -26.62
CA LEU Y 85 -52.63 27.11 -26.55
C LEU Y 85 -52.44 28.60 -26.76
N PHE Y 86 -53.31 29.22 -27.55
CA PHE Y 86 -53.24 30.65 -27.81
C PHE Y 86 -53.77 31.45 -26.61
N THR Y 92 -50.93 35.66 -30.25
CA THR Y 92 -50.68 36.90 -29.53
C THR Y 92 -51.39 38.08 -30.20
N ARG Y 93 -51.02 39.28 -29.79
CA ARG Y 93 -51.67 40.50 -30.27
C ARG Y 93 -50.69 41.65 -30.15
N GLU Y 94 -50.09 42.03 -31.28
CA GLU Y 94 -49.24 43.22 -31.32
C GLU Y 94 -50.11 44.44 -31.64
N PHE Y 95 -50.80 44.91 -30.60
CA PHE Y 95 -51.72 46.02 -30.75
C PHE Y 95 -50.97 47.32 -30.99
N LEU Y 96 -51.20 47.91 -32.18
CA LEU Y 96 -50.58 49.17 -32.62
C LEU Y 96 -49.05 49.07 -32.60
N ALA Y 97 -48.52 48.10 -33.34
CA ALA Y 97 -47.07 47.99 -33.47
C ALA Y 97 -46.52 49.14 -34.30
N HIS Y 98 -47.15 49.44 -35.43
CA HIS Y 98 -46.92 50.67 -36.15
C HIS Y 98 -47.79 51.77 -35.57
N SER Y 99 -47.50 53.01 -35.96
CA SER Y 99 -48.27 54.13 -35.43
C SER Y 99 -49.56 54.35 -36.20
N ALA Y 100 -49.72 53.69 -37.35
CA ALA Y 100 -50.86 53.97 -38.21
C ALA Y 100 -51.51 52.71 -38.76
N LYS Y 101 -52.36 52.89 -39.77
CA LYS Y 101 -53.11 51.79 -40.38
C LYS Y 101 -52.18 50.82 -41.11
N VAL Y 102 -52.15 49.57 -40.64
CA VAL Y 102 -51.33 48.54 -41.25
C VAL Y 102 -52.02 48.03 -42.51
N HIS Y 103 -51.32 48.12 -43.65
CA HIS Y 103 -51.95 47.80 -44.93
C HIS Y 103 -51.87 46.32 -45.28
N SER Y 104 -50.76 45.66 -44.97
CA SER Y 104 -50.58 44.28 -45.38
C SER Y 104 -49.58 43.60 -44.45
N VAL Y 105 -49.65 42.27 -44.41
CA VAL Y 105 -48.64 41.45 -43.74
C VAL Y 105 -48.37 40.25 -44.65
N ALA Y 106 -47.11 39.82 -44.67
CA ALA Y 106 -46.68 38.67 -45.46
C ALA Y 106 -45.80 37.79 -44.60
N TRP Y 107 -45.82 36.49 -44.86
CA TRP Y 107 -45.15 35.53 -43.99
C TRP Y 107 -44.75 34.29 -44.78
N SER Y 108 -43.44 34.16 -44.98
CA SER Y 108 -42.80 33.09 -45.75
C SER Y 108 -41.57 32.71 -44.93
N CYS Y 109 -40.56 32.12 -45.59
CA CYS Y 109 -39.33 31.63 -44.93
C CYS Y 109 -39.66 30.52 -43.95
N ASP Y 110 -39.75 29.28 -44.46
CA ASP Y 110 -40.47 28.11 -43.92
C ASP Y 110 -40.37 27.91 -42.40
N GLY Y 111 -39.38 28.51 -41.73
CA GLY Y 111 -39.44 28.67 -40.29
C GLY Y 111 -40.41 29.78 -39.92
N ARG Y 112 -39.96 30.75 -39.13
CA ARG Y 112 -40.84 31.83 -38.70
C ARG Y 112 -40.12 33.18 -38.79
N ARG Y 113 -40.42 33.94 -39.85
CA ARG Y 113 -39.97 35.32 -40.01
C ARG Y 113 -41.08 36.13 -40.65
N LEU Y 114 -41.62 37.12 -39.93
CA LEU Y 114 -42.74 37.91 -40.41
C LEU Y 114 -42.27 39.32 -40.73
N ALA Y 115 -43.06 40.04 -41.53
CA ALA Y 115 -42.87 41.46 -41.75
C ALA Y 115 -44.20 42.10 -42.15
N SER Y 116 -44.34 43.37 -41.82
CA SER Y 116 -45.58 44.10 -42.04
C SER Y 116 -45.30 45.54 -42.42
N GLY Y 117 -46.20 46.11 -43.21
CA GLY Y 117 -46.08 47.49 -43.66
C GLY Y 117 -47.36 48.26 -43.36
N SER Y 118 -47.22 49.58 -43.19
CA SER Y 118 -48.31 50.38 -42.69
C SER Y 118 -48.36 51.74 -43.37
N PHE Y 119 -49.30 52.56 -42.89
CA PHE Y 119 -49.51 53.90 -43.45
C PHE Y 119 -48.43 54.88 -43.03
N ASP Y 120 -47.72 54.60 -41.93
CA ASP Y 120 -46.79 55.54 -41.35
C ASP Y 120 -45.37 55.41 -41.91
N LYS Y 121 -45.24 54.97 -43.17
CA LYS Y 121 -44.00 54.75 -43.93
C LYS Y 121 -42.94 53.94 -43.17
N THR Y 122 -43.38 53.02 -42.30
CA THR Y 122 -42.51 52.13 -41.57
C THR Y 122 -42.70 50.70 -42.04
N ALA Y 123 -41.64 49.91 -41.92
CA ALA Y 123 -41.70 48.47 -42.11
C ALA Y 123 -41.23 47.79 -40.85
N SER Y 124 -41.84 46.66 -40.50
CA SER Y 124 -41.46 45.98 -39.26
C SER Y 124 -41.23 44.51 -39.53
N VAL Y 125 -40.11 43.99 -39.02
CA VAL Y 125 -39.71 42.61 -39.21
C VAL Y 125 -39.68 41.92 -37.85
N PHE Y 126 -40.44 40.84 -37.72
CA PHE Y 126 -40.60 40.10 -36.48
C PHE Y 126 -40.03 38.69 -36.61
N LEU Y 127 -39.61 38.16 -35.46
CA LEU Y 127 -39.22 36.77 -35.31
C LEU Y 127 -40.26 36.09 -34.43
N LEU Y 128 -40.57 34.84 -34.73
CA LEU Y 128 -41.48 34.05 -33.90
C LEU Y 128 -40.74 32.82 -33.37
N GLU Y 129 -40.37 32.89 -32.10
CA GLU Y 129 -39.86 31.77 -31.32
C GLU Y 129 -41.04 31.04 -30.69
N LYS Y 130 -40.79 30.38 -29.57
CA LYS Y 130 -41.79 29.92 -28.58
C LYS Y 130 -42.85 31.03 -28.47
N ASP Y 131 -44.14 30.69 -28.57
CA ASP Y 131 -45.12 31.51 -29.27
C ASP Y 131 -45.47 32.81 -28.55
N ARG Y 132 -44.50 33.72 -28.48
CA ARG Y 132 -44.69 35.11 -28.12
C ARG Y 132 -43.83 35.94 -29.07
N LEU Y 133 -44.44 36.91 -29.73
CA LEU Y 133 -43.76 37.66 -30.79
C LEU Y 133 -42.69 38.59 -30.22
N VAL Y 134 -41.53 38.57 -30.88
CA VAL Y 134 -40.42 39.48 -30.58
C VAL Y 134 -40.14 40.31 -31.82
N LYS Y 135 -39.46 41.43 -31.60
CA LYS Y 135 -39.18 42.38 -32.68
C LYS Y 135 -37.73 42.26 -33.12
N GLU Y 136 -37.52 42.16 -34.43
CA GLU Y 136 -36.17 42.19 -34.99
C GLU Y 136 -35.81 43.56 -35.54
N ASN Y 137 -36.61 44.08 -36.48
CA ASN Y 137 -36.21 45.25 -37.24
C ASN Y 137 -37.37 46.22 -37.42
N ASN Y 138 -37.02 47.49 -37.60
CA ASN Y 138 -37.97 48.54 -37.94
C ASN Y 138 -37.29 49.45 -38.96
N TYR Y 139 -37.67 49.32 -40.22
CA TYR Y 139 -37.03 50.01 -41.32
C TYR Y 139 -37.77 51.29 -41.68
N ARG Y 140 -37.01 52.37 -41.85
CA ARG Y 140 -37.46 53.65 -42.37
C ARG Y 140 -36.86 53.86 -43.76
N GLY Y 141 -37.08 55.06 -44.32
CA GLY Y 141 -36.52 55.46 -45.59
C GLY Y 141 -37.56 55.71 -46.66
N HIS Y 142 -38.81 55.34 -46.40
CA HIS Y 142 -39.88 55.55 -47.36
C HIS Y 142 -40.28 57.02 -47.39
N GLY Y 143 -41.01 57.40 -48.43
CA GLY Y 143 -41.59 58.72 -48.52
C GLY Y 143 -43.10 58.75 -48.48
N ASP Y 144 -43.74 57.59 -48.49
CA ASP Y 144 -45.20 57.51 -48.50
C ASP Y 144 -45.58 56.19 -47.85
N SER Y 145 -46.89 55.92 -47.77
CA SER Y 145 -47.41 54.75 -47.08
C SER Y 145 -47.04 53.47 -47.81
N VAL Y 146 -46.81 52.41 -47.02
CA VAL Y 146 -46.49 51.10 -47.57
C VAL Y 146 -47.78 50.46 -48.06
N ASP Y 147 -47.82 50.13 -49.36
CA ASP Y 147 -49.05 49.62 -49.96
C ASP Y 147 -49.07 48.09 -50.02
N GLN Y 148 -47.92 47.47 -50.27
CA GLN Y 148 -47.87 46.03 -50.43
C GLN Y 148 -46.52 45.52 -49.95
N LEU Y 149 -46.55 44.42 -49.21
CA LEU Y 149 -45.34 43.80 -48.68
C LEU Y 149 -45.36 42.32 -49.01
N CYS Y 150 -44.19 41.77 -49.31
CA CYS Y 150 -44.09 40.38 -49.75
C CYS Y 150 -42.67 39.86 -49.52
N TRP Y 151 -42.58 38.73 -48.81
CA TRP Y 151 -41.35 37.99 -48.60
C TRP Y 151 -41.02 37.16 -49.84
N HIS Y 152 -39.72 37.00 -50.09
CA HIS Y 152 -39.31 36.25 -51.26
C HIS Y 152 -39.47 34.74 -51.01
N PRO Y 153 -40.04 34.00 -51.96
CA PRO Y 153 -40.31 32.57 -51.73
C PRO Y 153 -39.11 31.65 -51.89
N SER Y 154 -38.24 31.90 -52.88
CA SER Y 154 -37.25 30.92 -53.30
C SER Y 154 -35.85 31.24 -52.81
N ASN Y 155 -35.40 32.49 -52.99
CA ASN Y 155 -34.10 32.92 -52.53
C ASN Y 155 -34.06 32.97 -51.00
N PRO Y 156 -32.85 33.05 -50.41
CA PRO Y 156 -32.76 33.37 -48.99
C PRO Y 156 -33.35 34.74 -48.66
N ASP Y 157 -33.51 34.98 -47.35
CA ASP Y 157 -34.50 35.88 -46.80
C ASP Y 157 -34.32 37.33 -47.22
N LEU Y 158 -35.21 37.79 -48.10
CA LEU Y 158 -35.23 39.14 -48.64
C LEU Y 158 -36.69 39.50 -48.89
N PHE Y 159 -36.95 40.79 -49.04
CA PHE Y 159 -38.31 41.23 -49.32
C PHE Y 159 -38.27 42.52 -50.12
N VAL Y 160 -39.43 42.87 -50.68
CA VAL Y 160 -39.61 44.05 -51.50
C VAL Y 160 -40.81 44.81 -50.96
N THR Y 161 -40.65 46.11 -50.77
CA THR Y 161 -41.70 46.98 -50.29
C THR Y 161 -42.15 47.93 -51.40
N ALA Y 162 -43.47 48.11 -51.47
CA ALA Y 162 -44.12 49.00 -52.41
C ALA Y 162 -44.66 50.21 -51.67
N SER Y 163 -44.51 51.39 -52.25
CA SER Y 163 -44.97 52.62 -51.61
C SER Y 163 -45.39 53.63 -52.67
N GLY Y 164 -46.23 54.58 -52.26
CA GLY Y 164 -46.71 55.63 -53.13
C GLY Y 164 -45.78 56.79 -53.35
N ASP Y 165 -44.51 56.68 -52.94
CA ASP Y 165 -43.53 57.74 -53.12
C ASP Y 165 -42.77 57.62 -54.44
N LYS Y 166 -43.40 57.04 -55.46
CA LYS Y 166 -42.92 56.79 -56.82
C LYS Y 166 -41.80 55.75 -56.90
N THR Y 167 -41.40 55.15 -55.78
CA THR Y 167 -40.27 54.24 -55.75
C THR Y 167 -40.68 52.89 -55.16
N ILE Y 168 -39.95 51.86 -55.56
CA ILE Y 168 -40.05 50.52 -54.99
C ILE Y 168 -38.72 50.22 -54.33
N ARG Y 169 -38.74 49.47 -53.22
CA ARG Y 169 -37.54 49.27 -52.42
C ARG Y 169 -37.33 47.79 -52.14
N ILE Y 170 -36.28 47.22 -52.73
CA ILE Y 170 -35.84 45.87 -52.45
C ILE Y 170 -34.86 45.95 -51.29
N TRP Y 171 -35.15 45.22 -50.21
CA TRP Y 171 -34.46 45.36 -48.95
C TRP Y 171 -33.58 44.15 -48.65
N ASP Y 172 -32.59 44.35 -47.79
CA ASP Y 172 -31.78 43.27 -47.26
C ASP Y 172 -32.17 43.01 -45.82
N VAL Y 173 -32.38 41.74 -45.48
CA VAL Y 173 -32.67 41.37 -44.10
C VAL Y 173 -31.37 41.24 -43.31
N ARG Y 174 -30.33 40.70 -43.95
CA ARG Y 174 -29.11 40.36 -43.23
C ARG Y 174 -28.31 41.60 -42.85
N THR Y 175 -28.10 42.51 -43.80
CA THR Y 175 -27.31 43.70 -43.54
C THR Y 175 -28.15 44.91 -43.15
N THR Y 176 -29.48 44.77 -43.14
CA THR Y 176 -30.45 45.79 -42.74
C THR Y 176 -30.28 47.08 -43.54
N LYS Y 177 -30.27 46.95 -44.85
CA LYS Y 177 -30.18 48.08 -45.75
C LYS Y 177 -31.05 47.85 -46.97
N CYS Y 178 -31.28 48.91 -47.74
CA CYS Y 178 -32.02 48.81 -48.98
C CYS Y 178 -31.06 48.34 -50.08
N ILE Y 179 -31.38 47.21 -50.69
CA ILE Y 179 -30.57 46.72 -51.81
C ILE Y 179 -30.75 47.61 -53.03
N ALA Y 180 -32.01 47.88 -53.37
CA ALA Y 180 -32.24 48.69 -54.56
C ALA Y 180 -33.48 49.54 -54.38
N THR Y 181 -33.31 50.86 -54.54
CA THR Y 181 -34.43 51.78 -54.56
C THR Y 181 -34.64 52.21 -56.00
N VAL Y 182 -35.67 51.65 -56.63
CA VAL Y 182 -35.90 51.83 -58.06
C VAL Y 182 -37.07 52.77 -58.26
N ASN Y 183 -36.81 53.90 -58.90
CA ASN Y 183 -37.86 54.83 -59.26
C ASN Y 183 -38.62 54.30 -60.46
N THR Y 184 -39.81 53.74 -60.22
CA THR Y 184 -40.63 53.28 -61.32
C THR Y 184 -41.64 54.31 -61.80
N LYS Y 185 -42.61 54.64 -60.96
CA LYS Y 185 -43.68 55.63 -61.11
C LYS Y 185 -44.44 55.66 -59.79
N GLY Y 186 -45.35 56.63 -59.62
CA GLY Y 186 -46.25 56.64 -58.47
C GLY Y 186 -47.35 55.59 -58.54
N GLU Y 187 -47.35 54.77 -59.60
CA GLU Y 187 -48.32 53.72 -59.83
C GLU Y 187 -48.10 52.49 -58.95
N ASN Y 188 -47.15 52.53 -58.01
CA ASN Y 188 -46.75 51.37 -57.24
C ASN Y 188 -47.86 50.98 -56.26
N ILE Y 189 -48.59 49.91 -56.55
CA ILE Y 189 -49.73 49.49 -55.74
C ILE Y 189 -49.53 48.09 -55.18
N ASN Y 190 -49.46 47.08 -56.05
CA ASN Y 190 -49.40 45.69 -55.61
C ASN Y 190 -48.31 44.93 -56.36
N ILE Y 191 -47.45 44.25 -55.59
CA ILE Y 191 -46.23 43.64 -56.12
C ILE Y 191 -46.23 42.15 -55.80
N CYS Y 192 -45.59 41.37 -56.68
CA CYS Y 192 -45.55 39.93 -56.56
C CYS Y 192 -44.39 39.38 -57.37
N TRP Y 193 -44.05 38.11 -57.12
CA TRP Y 193 -43.01 37.42 -57.87
C TRP Y 193 -43.59 36.31 -58.75
N SER Y 194 -42.88 36.06 -59.86
CA SER Y 194 -42.96 34.77 -60.50
C SER Y 194 -42.38 33.72 -59.55
N PRO Y 195 -42.88 32.48 -59.60
CA PRO Y 195 -42.45 31.46 -58.60
C PRO Y 195 -41.00 31.02 -58.73
N ASP Y 196 -40.31 31.38 -59.82
CA ASP Y 196 -38.87 31.17 -59.87
C ASP Y 196 -38.13 32.20 -59.02
N GLY Y 197 -38.80 33.29 -58.68
CA GLY Y 197 -38.18 34.36 -57.94
C GLY Y 197 -37.32 35.29 -58.76
N GLN Y 198 -37.39 35.19 -60.09
CA GLN Y 198 -36.50 35.96 -60.95
C GLN Y 198 -37.03 37.37 -61.19
N THR Y 199 -38.33 37.51 -61.41
CA THR Y 199 -38.91 38.79 -61.77
C THR Y 199 -39.96 39.22 -60.76
N ILE Y 200 -40.29 40.51 -60.80
CA ILE Y 200 -41.29 41.13 -59.94
C ILE Y 200 -42.29 41.83 -60.83
N ALA Y 201 -43.56 41.52 -60.65
CA ALA Y 201 -44.65 42.20 -61.32
C ALA Y 201 -45.27 43.23 -60.38
N VAL Y 202 -45.57 44.41 -60.92
CA VAL Y 202 -46.23 45.46 -60.17
C VAL Y 202 -47.40 46.03 -60.98
N GLY Y 203 -48.58 46.09 -60.36
CA GLY Y 203 -49.75 46.66 -60.97
C GLY Y 203 -50.11 48.02 -60.39
N ASN Y 204 -51.21 48.58 -60.88
CA ASN Y 204 -51.51 49.97 -60.59
C ASN Y 204 -53.02 50.21 -60.62
N LYS Y 205 -53.38 51.49 -60.73
CA LYS Y 205 -54.74 51.93 -61.04
C LYS Y 205 -54.92 52.22 -62.52
N ASP Y 206 -53.85 52.47 -63.26
CA ASP Y 206 -53.91 52.89 -64.65
C ASP Y 206 -53.49 51.78 -65.61
N ASP Y 207 -53.70 50.52 -65.19
CA ASP Y 207 -53.67 49.31 -66.03
C ASP Y 207 -52.28 48.95 -66.55
N VAL Y 208 -51.26 49.74 -66.23
CA VAL Y 208 -49.89 49.50 -66.69
C VAL Y 208 -49.21 48.58 -65.69
N VAL Y 209 -48.94 47.35 -66.10
CA VAL Y 209 -48.27 46.36 -65.27
C VAL Y 209 -46.82 46.28 -65.72
N THR Y 210 -45.91 46.43 -64.76
CA THR Y 210 -44.48 46.50 -65.06
C THR Y 210 -43.78 45.26 -64.51
N PHE Y 211 -42.98 44.63 -65.37
CA PHE Y 211 -42.17 43.47 -65.02
C PHE Y 211 -40.73 43.93 -64.90
N ILE Y 212 -40.16 43.79 -63.70
CA ILE Y 212 -38.81 44.24 -63.39
C ILE Y 212 -38.03 43.04 -62.86
N ASP Y 213 -36.85 42.79 -63.41
CA ASP Y 213 -36.06 41.66 -62.96
C ASP Y 213 -35.53 41.93 -61.55
N ALA Y 214 -35.69 40.96 -60.66
CA ALA Y 214 -35.27 41.14 -59.27
C ALA Y 214 -33.77 41.06 -59.12
N LYS Y 215 -33.08 40.40 -60.06
CA LYS Y 215 -31.63 40.26 -59.96
C LYS Y 215 -30.90 41.32 -60.77
N THR Y 216 -31.41 41.63 -61.95
CA THR Y 216 -30.82 42.68 -62.79
C THR Y 216 -31.10 44.06 -62.21
N HIS Y 217 -32.19 44.19 -61.44
CA HIS Y 217 -32.70 45.44 -60.89
C HIS Y 217 -33.00 46.46 -62.00
N ARG Y 218 -33.51 45.96 -63.12
CA ARG Y 218 -33.78 46.78 -64.28
C ARG Y 218 -35.17 46.44 -64.80
N SER Y 219 -35.91 47.46 -65.23
CA SER Y 219 -37.25 47.25 -65.79
C SER Y 219 -37.17 46.51 -67.10
N LYS Y 220 -38.03 45.51 -67.26
CA LYS Y 220 -38.00 44.63 -68.42
C LYS Y 220 -39.21 44.78 -69.32
N ALA Y 221 -40.42 44.86 -68.77
CA ALA Y 221 -41.60 44.85 -69.61
C ALA Y 221 -42.64 45.82 -69.04
N GLU Y 222 -43.46 46.37 -69.95
CA GLU Y 222 -44.58 47.22 -69.57
C GLU Y 222 -45.79 46.83 -70.41
N GLU Y 223 -46.86 46.42 -69.75
CA GLU Y 223 -48.10 46.00 -70.41
C GLU Y 223 -49.23 46.93 -69.98
N GLN Y 224 -50.31 46.93 -70.76
CA GLN Y 224 -51.47 47.75 -70.42
C GLN Y 224 -52.73 46.97 -70.74
N PHE Y 225 -53.57 46.75 -69.73
CA PHE Y 225 -54.83 46.01 -69.90
C PHE Y 225 -55.96 46.90 -70.41
N LYS Y 226 -55.89 48.20 -70.15
CA LYS Y 226 -56.73 49.28 -70.67
C LYS Y 226 -58.17 49.28 -70.15
N PHE Y 227 -58.55 48.37 -69.25
CA PHE Y 227 -59.89 48.43 -68.67
C PHE Y 227 -59.88 48.66 -67.16
N GLU Y 228 -59.28 47.76 -66.38
CA GLU Y 228 -59.26 47.81 -64.92
C GLU Y 228 -58.35 46.69 -64.42
N VAL Y 229 -57.65 46.95 -63.32
CA VAL Y 229 -56.84 45.93 -62.67
C VAL Y 229 -56.91 46.14 -61.15
N ASN Y 230 -57.04 45.04 -60.42
CA ASN Y 230 -57.09 45.07 -58.96
C ASN Y 230 -56.04 44.20 -58.30
N GLU Y 231 -55.76 43.02 -58.88
CA GLU Y 231 -54.80 42.09 -58.30
C GLU Y 231 -54.25 41.20 -59.40
N ILE Y 232 -52.94 41.00 -59.39
CA ILE Y 232 -52.26 40.17 -60.37
C ILE Y 232 -51.54 39.05 -59.64
N SER Y 233 -51.32 37.94 -60.36
CA SER Y 233 -50.67 36.78 -59.76
C SER Y 233 -49.99 35.94 -60.82
N TRP Y 234 -49.23 34.96 -60.34
CA TRP Y 234 -48.37 34.13 -61.17
C TRP Y 234 -48.68 32.66 -60.95
N ASN Y 235 -48.90 31.93 -62.05
CA ASN Y 235 -49.08 30.49 -61.97
C ASN Y 235 -47.75 29.83 -61.61
N ASN Y 236 -47.85 28.66 -60.95
CA ASN Y 236 -46.68 27.97 -60.39
C ASN Y 236 -45.72 27.45 -61.44
N ASP Y 237 -46.15 27.29 -62.69
CA ASP Y 237 -45.26 26.84 -63.76
C ASP Y 237 -44.41 27.96 -64.33
N ASN Y 238 -44.62 29.20 -63.86
CA ASN Y 238 -43.99 30.43 -64.39
C ASN Y 238 -44.25 30.56 -65.89
N ASN Y 239 -45.47 30.25 -66.30
CA ASN Y 239 -45.87 30.35 -67.70
C ASN Y 239 -47.14 31.16 -67.87
N MET Y 240 -48.09 31.06 -66.94
CA MET Y 240 -49.32 31.81 -67.01
C MET Y 240 -49.30 32.95 -65.99
N PHE Y 241 -49.91 34.06 -66.38
CA PHE Y 241 -49.96 35.27 -65.56
C PHE Y 241 -51.41 35.71 -65.50
N PHE Y 242 -51.96 35.81 -64.29
CA PHE Y 242 -53.38 36.03 -64.11
C PHE Y 242 -53.63 37.45 -63.61
N LEU Y 243 -54.73 38.04 -64.07
CA LEU Y 243 -55.13 39.34 -63.58
C LEU Y 243 -56.65 39.44 -63.59
N THR Y 244 -57.17 40.49 -62.98
CA THR Y 244 -58.61 40.71 -62.87
C THR Y 244 -58.98 42.10 -63.36
N ASN Y 245 -60.28 42.40 -63.33
CA ASN Y 245 -60.76 43.71 -63.73
C ASN Y 245 -62.03 44.13 -63.01
N GLY Y 246 -62.71 45.14 -63.56
CA GLY Y 246 -63.93 45.70 -63.02
C GLY Y 246 -65.21 45.08 -63.53
N ASN Y 247 -65.10 44.11 -64.44
CA ASN Y 247 -66.26 43.42 -64.98
C ASN Y 247 -66.40 42.03 -64.38
N GLY Y 248 -65.55 41.68 -63.41
CA GLY Y 248 -65.53 40.34 -62.87
C GLY Y 248 -64.83 39.33 -63.74
N CYS Y 249 -64.23 39.76 -64.84
CA CYS Y 249 -63.48 38.87 -65.71
C CYS Y 249 -62.12 38.57 -65.10
N ILE Y 250 -61.53 37.46 -65.53
CA ILE Y 250 -60.15 37.14 -65.23
C ILE Y 250 -59.41 36.94 -66.54
N ASN Y 251 -58.27 37.61 -66.68
CA ASN Y 251 -57.45 37.52 -67.87
C ASN Y 251 -56.24 36.63 -67.59
N ILE Y 252 -55.88 35.83 -68.59
CA ILE Y 252 -54.82 34.84 -68.52
C ILE Y 252 -53.88 35.15 -69.67
N LEU Y 253 -52.60 35.38 -69.34
CA LEU Y 253 -51.57 35.74 -70.31
C LEU Y 253 -50.46 34.70 -70.28
N SER Y 254 -49.77 34.54 -71.41
CA SER Y 254 -48.57 33.73 -71.49
C SER Y 254 -47.37 34.64 -71.23
N TYR Y 255 -46.60 34.34 -70.19
CA TYR Y 255 -45.52 35.25 -69.81
C TYR Y 255 -44.35 35.32 -70.79
N PRO Y 256 -43.81 34.22 -71.35
CA PRO Y 256 -42.78 34.41 -72.39
C PRO Y 256 -43.34 34.93 -73.71
N GLU Y 257 -44.65 34.90 -73.91
CA GLU Y 257 -45.25 35.47 -75.11
C GLU Y 257 -45.73 36.90 -74.90
N LEU Y 258 -46.07 37.26 -73.65
CA LEU Y 258 -46.63 38.56 -73.28
C LEU Y 258 -47.89 38.89 -74.07
N LYS Y 259 -48.71 37.86 -74.31
CA LYS Y 259 -49.92 38.01 -75.08
C LYS Y 259 -51.14 37.61 -74.25
N PRO Y 260 -52.26 38.32 -74.38
CA PRO Y 260 -53.49 37.91 -73.69
C PRO Y 260 -54.07 36.64 -74.31
N VAL Y 261 -54.05 35.57 -73.54
CA VAL Y 261 -54.45 34.25 -74.02
C VAL Y 261 -55.93 34.02 -73.87
N GLN Y 262 -56.48 34.24 -72.67
CA GLN Y 262 -57.86 33.86 -72.44
C GLN Y 262 -58.50 34.82 -71.44
N SER Y 263 -59.82 35.02 -71.55
CA SER Y 263 -60.55 35.88 -70.65
C SER Y 263 -61.87 35.22 -70.28
N ILE Y 264 -62.13 35.09 -68.99
CA ILE Y 264 -63.31 34.43 -68.46
C ILE Y 264 -64.20 35.47 -67.80
N ASN Y 265 -65.47 35.49 -68.16
CA ASN Y 265 -66.40 36.58 -67.80
C ASN Y 265 -67.08 36.35 -66.47
N ALA Y 266 -66.46 35.60 -65.55
CA ALA Y 266 -67.12 34.87 -64.45
C ALA Y 266 -68.01 35.68 -63.51
N HIS Y 267 -67.44 36.59 -62.77
CA HIS Y 267 -68.27 37.18 -61.73
C HIS Y 267 -69.03 38.39 -62.26
N PRO Y 268 -70.22 38.67 -61.71
CA PRO Y 268 -70.93 39.89 -62.13
C PRO Y 268 -70.28 41.16 -61.58
N SER Y 269 -69.90 41.17 -60.31
CA SER Y 269 -69.15 42.28 -59.74
C SER Y 269 -67.66 42.00 -59.86
N ASN Y 270 -66.86 43.03 -59.60
CA ASN Y 270 -65.41 42.92 -59.78
C ASN Y 270 -64.77 42.03 -58.73
N CYS Y 271 -63.67 41.40 -59.13
CA CYS Y 271 -62.90 40.54 -58.23
C CYS Y 271 -61.79 41.34 -57.58
N ILE Y 272 -61.65 41.18 -56.27
CA ILE Y 272 -60.72 41.99 -55.49
C ILE Y 272 -59.40 41.26 -55.32
N CYS Y 273 -59.42 40.06 -54.74
CA CYS Y 273 -58.21 39.36 -54.36
C CYS Y 273 -58.19 37.94 -54.92
N ILE Y 274 -57.03 37.53 -55.42
CA ILE Y 274 -56.79 36.16 -55.89
C ILE Y 274 -55.51 35.66 -55.25
N LYS Y 275 -55.39 34.33 -55.12
CA LYS Y 275 -54.22 33.73 -54.51
C LYS Y 275 -54.16 32.25 -54.87
N PHE Y 276 -52.95 31.76 -55.13
CA PHE Y 276 -52.71 30.34 -55.36
C PHE Y 276 -52.45 29.60 -54.05
N ASP Y 277 -52.32 28.28 -54.18
CA ASP Y 277 -52.00 27.33 -53.14
C ASP Y 277 -50.58 26.80 -53.29
N PRO Y 278 -49.97 26.33 -52.20
CA PRO Y 278 -48.68 25.63 -52.33
C PRO Y 278 -48.78 24.29 -53.03
N MET Y 279 -49.98 23.70 -53.10
CA MET Y 279 -50.16 22.42 -53.77
C MET Y 279 -50.37 22.55 -55.27
N GLY Y 280 -50.78 23.72 -55.75
CA GLY Y 280 -50.98 23.90 -57.17
C GLY Y 280 -52.24 23.28 -57.72
N LYS Y 281 -53.15 22.83 -56.86
CA LYS Y 281 -54.35 22.13 -57.29
C LYS Y 281 -55.53 23.04 -57.53
N TYR Y 282 -55.72 24.08 -56.72
CA TYR Y 282 -56.90 24.92 -56.78
C TYR Y 282 -56.49 26.39 -56.79
N PHE Y 283 -57.47 27.26 -57.02
CA PHE Y 283 -57.21 28.69 -57.17
C PHE Y 283 -58.51 29.44 -56.93
N ALA Y 284 -58.54 30.31 -55.93
CA ALA Y 284 -59.76 31.00 -55.55
C ALA Y 284 -59.73 32.46 -55.97
N THR Y 285 -60.87 32.94 -56.46
CA THR Y 285 -61.06 34.35 -56.79
C THR Y 285 -62.18 34.88 -55.91
N GLY Y 286 -61.90 35.96 -55.19
CA GLY Y 286 -62.91 36.55 -54.33
C GLY Y 286 -63.48 37.82 -54.91
N SER Y 287 -64.77 37.80 -55.23
CA SER Y 287 -65.44 38.92 -55.88
C SER Y 287 -66.07 39.83 -54.84
N ALA Y 288 -66.70 40.90 -55.33
CA ALA Y 288 -67.41 41.83 -54.47
C ALA Y 288 -68.83 41.39 -54.17
N ASP Y 289 -69.28 40.27 -54.72
CA ASP Y 289 -70.61 39.74 -54.47
C ASP Y 289 -70.60 38.75 -53.31
N ALA Y 290 -69.61 38.86 -52.41
CA ALA Y 290 -69.41 38.00 -51.23
C ALA Y 290 -69.31 36.53 -51.60
N LEU Y 291 -68.72 36.22 -52.75
CA LEU Y 291 -68.59 34.86 -53.24
C LEU Y 291 -67.14 34.56 -53.57
N VAL Y 292 -66.56 33.62 -52.84
CA VAL Y 292 -65.21 33.14 -53.10
C VAL Y 292 -65.35 31.92 -54.00
N SER Y 293 -65.02 32.07 -55.27
CA SER Y 293 -65.15 30.99 -56.24
C SER Y 293 -63.83 30.24 -56.34
N LEU Y 294 -63.83 28.99 -55.92
CA LEU Y 294 -62.67 28.12 -55.97
C LEU Y 294 -62.69 27.33 -57.27
N TRP Y 295 -61.61 27.42 -58.05
CA TRP Y 295 -61.51 26.84 -59.36
C TRP Y 295 -60.37 25.84 -59.40
N ASP Y 296 -60.35 25.03 -60.45
CA ASP Y 296 -59.24 24.13 -60.71
C ASP Y 296 -58.16 24.87 -61.49
N VAL Y 297 -56.91 24.50 -61.23
CA VAL Y 297 -55.78 25.15 -61.88
C VAL Y 297 -55.59 24.61 -63.29
N ASP Y 298 -55.52 23.29 -63.44
CA ASP Y 298 -55.18 22.70 -64.73
C ASP Y 298 -56.34 22.77 -65.71
N GLU Y 299 -57.52 22.32 -65.30
CA GLU Y 299 -58.66 22.31 -66.20
C GLU Y 299 -59.28 23.68 -66.41
N LEU Y 300 -58.98 24.64 -65.53
CA LEU Y 300 -59.55 25.99 -65.52
C LEU Y 300 -61.07 25.97 -65.50
N VAL Y 301 -61.63 25.09 -64.66
CA VAL Y 301 -63.06 24.98 -64.49
C VAL Y 301 -63.42 25.42 -63.08
N CYS Y 302 -64.67 25.83 -62.91
CA CYS Y 302 -65.15 26.41 -61.66
C CYS Y 302 -65.61 25.26 -60.75
N VAL Y 303 -64.83 24.97 -59.71
CA VAL Y 303 -65.11 23.81 -58.88
C VAL Y 303 -66.28 24.09 -57.94
N ARG Y 304 -66.15 25.11 -57.10
CA ARG Y 304 -67.17 25.39 -56.09
C ARG Y 304 -67.11 26.85 -55.71
N CYS Y 305 -67.96 27.25 -54.77
CA CYS Y 305 -67.90 28.61 -54.23
C CYS Y 305 -68.11 28.53 -52.73
N PHE Y 306 -67.99 29.69 -52.08
CA PHE Y 306 -68.15 29.78 -50.63
C PHE Y 306 -69.07 30.95 -50.31
N SER Y 307 -70.33 30.64 -50.04
CA SER Y 307 -71.34 31.64 -49.72
C SER Y 307 -71.50 31.78 -48.21
N ARG Y 308 -70.44 32.31 -47.59
CA ARG Y 308 -70.42 32.48 -46.14
C ARG Y 308 -70.45 33.93 -45.69
N LEU Y 309 -70.07 34.87 -46.56
CA LEU Y 309 -69.90 36.26 -46.17
C LEU Y 309 -71.12 37.09 -46.57
N ASP Y 310 -71.17 38.31 -46.03
CA ASP Y 310 -72.24 39.25 -46.32
C ASP Y 310 -71.75 40.58 -46.85
N TRP Y 311 -70.47 40.69 -47.19
CA TRP Y 311 -69.81 41.90 -47.65
C TRP Y 311 -68.71 41.50 -48.61
N PRO Y 312 -68.17 42.44 -49.41
CA PRO Y 312 -67.07 42.08 -50.32
C PRO Y 312 -65.82 41.62 -49.60
N VAL Y 313 -65.21 40.58 -50.16
CA VAL Y 313 -64.09 39.91 -49.51
C VAL Y 313 -62.83 40.75 -49.69
N ARG Y 314 -62.14 41.02 -48.58
CA ARG Y 314 -60.95 41.85 -48.61
C ARG Y 314 -59.69 41.04 -48.88
N THR Y 315 -59.58 39.84 -48.32
CA THR Y 315 -58.36 39.07 -48.46
C THR Y 315 -58.68 37.58 -48.56
N LEU Y 316 -57.77 36.85 -49.19
CA LEU Y 316 -57.84 35.40 -49.30
C LEU Y 316 -56.49 34.82 -48.95
N SER Y 317 -56.50 33.63 -48.34
CA SER Y 317 -55.26 32.98 -47.95
C SER Y 317 -55.50 31.48 -47.86
N PHE Y 318 -54.47 30.71 -48.18
CA PHE Y 318 -54.56 29.27 -48.23
C PHE Y 318 -53.63 28.62 -47.21
N SER Y 319 -54.10 27.52 -46.63
CA SER Y 319 -53.27 26.73 -45.75
C SER Y 319 -52.26 25.94 -46.57
N HIS Y 320 -51.13 25.63 -45.94
CA HIS Y 320 -50.03 24.96 -46.62
C HIS Y 320 -50.27 23.47 -46.84
N ASP Y 321 -51.30 22.88 -46.23
CA ASP Y 321 -51.68 21.53 -46.63
C ASP Y 321 -52.57 21.52 -47.85
N GLY Y 322 -53.11 22.68 -48.23
CA GLY Y 322 -54.02 22.79 -49.36
C GLY Y 322 -55.45 22.41 -49.05
N LYS Y 323 -55.76 22.08 -47.79
CA LYS Y 323 -57.09 21.60 -47.42
C LYS Y 323 -57.98 22.67 -46.85
N MET Y 324 -57.42 23.70 -46.22
CA MET Y 324 -58.22 24.74 -45.58
C MET Y 324 -57.87 26.09 -46.17
N LEU Y 325 -58.75 27.06 -45.94
CA LEU Y 325 -58.56 28.41 -46.43
C LEU Y 325 -59.22 29.39 -45.47
N ALA Y 326 -58.73 30.63 -45.50
CA ALA Y 326 -59.24 31.67 -44.63
C ALA Y 326 -59.61 32.88 -45.46
N SER Y 327 -60.76 33.46 -45.14
CA SER Y 327 -61.26 34.64 -45.84
C SER Y 327 -61.81 35.64 -44.83
N ALA Y 328 -61.63 36.92 -45.14
CA ALA Y 328 -62.06 38.00 -44.28
C ALA Y 328 -62.72 39.10 -45.11
N SER Y 329 -63.62 39.84 -44.46
CA SER Y 329 -64.36 40.89 -45.13
C SER Y 329 -64.73 41.97 -44.13
N GLU Y 330 -65.71 42.80 -44.50
CA GLU Y 330 -66.11 43.94 -43.68
C GLU Y 330 -66.84 43.52 -42.41
N ASP Y 331 -67.49 42.35 -42.41
CA ASP Y 331 -68.32 41.91 -41.31
C ASP Y 331 -67.56 41.27 -40.15
N HIS Y 332 -66.25 41.53 -40.04
CA HIS Y 332 -65.37 41.16 -38.93
C HIS Y 332 -65.18 39.66 -38.77
N PHE Y 333 -65.62 38.86 -39.72
CA PHE Y 333 -65.72 37.42 -39.54
C PHE Y 333 -64.68 36.70 -40.38
N ILE Y 334 -63.61 36.25 -39.74
CA ILE Y 334 -62.58 35.44 -40.38
C ILE Y 334 -63.14 34.03 -40.44
N ASP Y 335 -63.36 33.55 -41.67
CA ASP Y 335 -63.95 32.24 -41.92
C ASP Y 335 -62.87 31.30 -42.43
N ILE Y 336 -62.74 30.16 -41.77
CA ILE Y 336 -61.82 29.11 -42.19
C ILE Y 336 -62.66 27.94 -42.68
N ALA Y 337 -62.58 27.67 -43.97
CA ALA Y 337 -63.39 26.67 -44.63
C ALA Y 337 -62.49 25.58 -45.22
N GLU Y 338 -63.09 24.46 -45.57
CA GLU Y 338 -62.34 23.34 -46.11
C GLU Y 338 -62.42 23.31 -47.63
N VAL Y 339 -61.30 23.01 -48.27
CA VAL Y 339 -61.24 22.96 -49.73
C VAL Y 339 -61.99 21.73 -50.25
N GLU Y 340 -61.69 20.56 -49.70
CA GLU Y 340 -62.24 19.31 -50.22
C GLU Y 340 -63.72 19.16 -49.92
N THR Y 341 -64.16 19.61 -48.74
CA THR Y 341 -65.58 19.52 -48.39
C THR Y 341 -66.37 20.68 -48.96
N GLY Y 342 -65.89 21.91 -48.76
CA GLY Y 342 -66.64 23.09 -49.16
C GLY Y 342 -67.56 23.60 -48.09
N ASP Y 343 -67.15 23.48 -46.82
CA ASP Y 343 -67.97 23.91 -45.70
C ASP Y 343 -67.06 24.64 -44.70
N LYS Y 344 -67.66 25.55 -43.94
CA LYS Y 344 -66.90 26.34 -42.98
C LYS Y 344 -66.51 25.48 -41.78
N LEU Y 345 -65.24 25.53 -41.40
CA LEU Y 345 -64.73 24.79 -40.25
C LEU Y 345 -64.62 25.65 -39.01
N TRP Y 346 -64.33 26.94 -39.16
CA TRP Y 346 -64.10 27.79 -38.01
C TRP Y 346 -64.50 29.21 -38.37
N GLU Y 347 -64.92 29.98 -37.36
CA GLU Y 347 -65.22 31.39 -37.52
C GLU Y 347 -64.72 32.13 -36.30
N VAL Y 348 -64.03 33.24 -36.52
CA VAL Y 348 -63.58 34.06 -35.39
C VAL Y 348 -63.86 35.52 -35.72
N GLN Y 349 -64.07 36.32 -34.68
CA GLN Y 349 -64.40 37.73 -34.84
C GLN Y 349 -63.48 38.59 -33.98
N CYS Y 350 -63.42 39.87 -34.32
CA CYS Y 350 -62.62 40.84 -33.59
C CYS Y 350 -63.25 42.21 -33.76
N GLU Y 351 -62.51 43.26 -33.37
CA GLU Y 351 -63.07 44.59 -33.28
C GLU Y 351 -63.17 45.30 -34.63
N SER Y 352 -62.29 44.97 -35.56
CA SER Y 352 -62.13 45.75 -36.79
C SER Y 352 -62.11 44.78 -37.96
N PRO Y 353 -62.47 45.23 -39.18
CA PRO Y 353 -62.42 44.33 -40.35
C PRO Y 353 -61.01 43.89 -40.70
N THR Y 354 -60.79 42.58 -40.71
CA THR Y 354 -59.47 42.02 -40.99
C THR Y 354 -59.14 42.21 -42.46
N PHE Y 355 -57.96 42.76 -42.73
CA PHE Y 355 -57.59 43.12 -44.09
C PHE Y 355 -56.55 42.19 -44.72
N THR Y 356 -55.82 41.41 -43.92
CA THR Y 356 -54.89 40.45 -44.50
C THR Y 356 -54.64 39.28 -43.56
N VAL Y 357 -54.51 38.09 -44.15
CA VAL Y 357 -54.37 36.82 -43.44
C VAL Y 357 -53.18 36.07 -44.04
N ALA Y 358 -52.33 35.51 -43.18
CA ALA Y 358 -51.14 34.78 -43.62
C ALA Y 358 -50.98 33.50 -42.80
N TRP Y 359 -50.38 32.50 -43.43
CA TRP Y 359 -50.10 31.19 -42.85
C TRP Y 359 -48.59 30.99 -42.85
N HIS Y 360 -48.17 29.77 -42.52
CA HIS Y 360 -46.77 29.40 -42.48
C HIS Y 360 -46.69 27.88 -42.59
N PRO Y 361 -45.62 27.34 -43.20
CA PRO Y 361 -45.65 25.91 -43.63
C PRO Y 361 -45.71 24.89 -42.52
N LYS Y 362 -45.33 25.24 -41.29
CA LYS Y 362 -45.48 24.30 -40.18
C LYS Y 362 -46.95 24.18 -39.79
N ARG Y 363 -47.68 25.29 -39.85
CA ARG Y 363 -49.13 25.42 -39.77
C ARG Y 363 -49.76 24.84 -38.50
N PRO Y 364 -49.48 25.38 -37.30
CA PRO Y 364 -50.55 25.46 -36.29
C PRO Y 364 -51.17 26.84 -36.16
N LEU Y 365 -50.63 27.86 -36.82
CA LEU Y 365 -50.92 29.25 -36.49
C LEU Y 365 -51.47 30.01 -37.68
N LEU Y 366 -52.12 31.14 -37.39
CA LEU Y 366 -52.67 32.04 -38.41
C LEU Y 366 -52.31 33.46 -37.99
N ALA Y 367 -51.51 34.15 -38.80
CA ALA Y 367 -51.26 35.56 -38.59
C ALA Y 367 -52.33 36.36 -39.34
N PHE Y 368 -52.76 37.47 -38.76
CA PHE Y 368 -53.66 38.35 -39.50
C PHE Y 368 -53.51 39.77 -38.98
N ALA Y 369 -53.66 40.71 -39.92
CA ALA Y 369 -53.67 42.12 -39.58
C ALA Y 369 -54.98 42.73 -40.05
N CYS Y 370 -55.51 43.64 -39.24
CA CYS Y 370 -56.86 44.15 -39.38
C CYS Y 370 -56.82 45.66 -39.47
N ASP Y 371 -58.02 46.26 -39.49
CA ASP Y 371 -58.17 47.69 -39.56
C ASP Y 371 -57.85 48.34 -38.21
N THR Y 385 -52.10 46.57 -36.34
CA THR Y 385 -52.29 45.56 -35.30
C THR Y 385 -52.15 44.15 -35.87
N VAL Y 386 -51.11 43.45 -35.45
CA VAL Y 386 -50.81 42.10 -35.92
C VAL Y 386 -51.19 41.12 -34.83
N LYS Y 387 -52.08 40.18 -35.17
CA LYS Y 387 -52.60 39.22 -34.20
C LYS Y 387 -52.32 37.81 -34.70
N LEU Y 388 -51.81 36.96 -33.81
CA LEU Y 388 -51.66 35.54 -34.07
C LEU Y 388 -52.82 34.78 -33.43
N PHE Y 389 -53.30 33.77 -34.13
CA PHE Y 389 -54.39 32.94 -33.66
C PHE Y 389 -53.99 31.49 -33.76
N GLY Y 390 -54.13 30.75 -32.66
CA GLY Y 390 -53.90 29.32 -32.69
C GLY Y 390 -55.13 28.60 -33.23
N LEU Y 391 -54.95 27.89 -34.34
CA LEU Y 391 -56.05 27.19 -34.98
C LEU Y 391 -55.73 25.71 -35.16
N ASP Z 47 -58.13 -73.25 -77.95
CA ASP Z 47 -58.87 -73.10 -79.20
C ASP Z 47 -60.10 -72.22 -79.03
N PRO Z 48 -59.91 -70.89 -79.07
CA PRO Z 48 -61.05 -69.98 -78.86
C PRO Z 48 -62.04 -69.95 -80.02
N GLY Z 49 -61.52 -69.89 -81.26
CA GLY Z 49 -62.40 -69.87 -82.41
C GLY Z 49 -63.13 -71.18 -82.61
N ARG Z 50 -62.44 -72.30 -82.35
CA ARG Z 50 -63.10 -73.60 -82.38
C ARG Z 50 -64.15 -73.71 -81.29
N ASP Z 51 -63.91 -73.06 -80.15
CA ASP Z 51 -64.89 -73.04 -79.07
C ASP Z 51 -66.13 -72.26 -79.47
N TYR Z 52 -65.93 -71.13 -80.17
CA TYR Z 52 -67.07 -70.35 -80.65
C TYR Z 52 -67.83 -71.08 -81.74
N GLU Z 53 -67.11 -71.84 -82.58
CA GLU Z 53 -67.77 -72.64 -83.61
C GLU Z 53 -68.60 -73.77 -83.00
N LEU Z 54 -68.08 -74.43 -81.96
CA LEU Z 54 -68.86 -75.46 -81.28
C LEU Z 54 -70.03 -74.85 -80.53
N TYR Z 55 -69.86 -73.63 -80.02
CA TYR Z 55 -70.96 -72.90 -79.39
C TYR Z 55 -72.08 -72.64 -80.39
N LYS Z 56 -71.73 -72.11 -81.57
CA LYS Z 56 -72.73 -71.82 -82.59
C LYS Z 56 -73.35 -73.09 -83.16
N TYR Z 57 -72.58 -74.19 -83.20
CA TYR Z 57 -73.12 -75.46 -83.68
C TYR Z 57 -74.13 -76.03 -82.70
N THR Z 58 -73.85 -75.95 -81.40
CA THR Z 58 -74.85 -76.37 -80.41
C THR Z 58 -76.05 -75.44 -80.39
N CYS Z 59 -75.86 -74.15 -80.71
CA CYS Z 59 -77.00 -73.26 -80.86
C CYS Z 59 -77.85 -73.63 -82.06
N GLN Z 60 -77.21 -74.08 -83.16
CA GLN Z 60 -77.96 -74.58 -84.31
C GLN Z 60 -78.72 -75.85 -83.96
N GLU Z 61 -78.11 -76.73 -83.15
CA GLU Z 61 -78.80 -77.93 -82.68
C GLU Z 61 -80.03 -77.58 -81.87
N LEU Z 62 -79.89 -76.62 -80.96
CA LEU Z 62 -81.02 -76.20 -80.11
C LEU Z 62 -82.10 -75.52 -80.94
N GLN Z 63 -81.70 -74.80 -81.99
CA GLN Z 63 -82.67 -74.18 -82.89
C GLN Z 63 -83.43 -75.22 -83.69
N ARG Z 64 -82.74 -76.28 -84.13
CA ARG Z 64 -83.41 -77.40 -84.80
C ARG Z 64 -84.38 -78.11 -83.87
N LEU Z 65 -84.00 -78.29 -82.61
CA LEU Z 65 -84.89 -78.97 -81.66
C LEU Z 65 -86.11 -78.13 -81.32
N MET Z 66 -85.95 -76.82 -81.16
CA MET Z 66 -87.13 -75.99 -80.88
C MET Z 66 -88.00 -75.82 -82.12
N ALA Z 67 -87.41 -75.89 -83.31
CA ALA Z 67 -88.21 -75.91 -84.53
C ALA Z 67 -88.98 -77.22 -84.65
N GLU Z 68 -88.37 -78.32 -84.21
CA GLU Z 68 -89.06 -79.61 -84.18
C GLU Z 68 -90.24 -79.59 -83.20
N ILE Z 69 -90.05 -78.96 -82.05
CA ILE Z 69 -91.14 -78.85 -81.06
C ILE Z 69 -92.24 -77.94 -81.57
N GLN Z 70 -91.87 -76.83 -82.25
CA GLN Z 70 -92.87 -75.90 -82.77
C GLN Z 70 -93.63 -76.50 -83.95
N ASP Z 71 -92.97 -77.36 -84.73
CA ASP Z 71 -93.67 -78.02 -85.83
C ASP Z 71 -94.53 -79.17 -85.33
N LEU Z 72 -94.11 -79.83 -84.25
CA LEU Z 72 -94.90 -80.93 -83.69
C LEU Z 72 -96.13 -80.39 -82.95
N LYS Z 73 -96.04 -79.17 -82.42
CA LYS Z 73 -97.16 -78.59 -81.70
C LYS Z 73 -98.23 -78.08 -82.66
N VAL Z 80 -96.08 -89.12 -79.36
CA VAL Z 80 -95.54 -87.76 -79.41
C VAL Z 80 -94.80 -87.43 -78.12
N ALA Z 81 -95.19 -88.08 -77.02
CA ALA Z 81 -94.51 -87.85 -75.75
C ALA Z 81 -93.07 -88.38 -75.76
N ILE Z 82 -92.82 -89.47 -76.49
CA ILE Z 82 -91.47 -90.01 -76.60
C ILE Z 82 -90.57 -89.08 -77.40
N GLU Z 83 -91.11 -88.51 -78.49
CA GLU Z 83 -90.34 -87.55 -79.28
C GLU Z 83 -90.09 -86.27 -78.50
N ILE Z 84 -91.09 -85.83 -77.71
CA ILE Z 84 -90.92 -84.66 -76.86
C ILE Z 84 -89.87 -84.90 -75.78
N GLU Z 85 -89.84 -86.11 -75.21
CA GLU Z 85 -88.84 -86.43 -74.20
C GLU Z 85 -87.45 -86.54 -74.80
N GLU Z 86 -87.34 -87.09 -76.01
CA GLU Z 86 -86.04 -87.17 -76.68
C GLU Z 86 -85.51 -85.79 -77.04
N ARG Z 87 -86.39 -84.92 -77.54
CA ARG Z 87 -86.00 -83.54 -77.84
C ARG Z 87 -85.63 -82.78 -76.57
N ARG Z 88 -86.35 -83.04 -75.47
CA ARG Z 88 -86.03 -82.41 -74.20
C ARG Z 88 -84.69 -82.87 -73.65
N ILE Z 89 -84.37 -84.17 -73.82
CA ILE Z 89 -83.09 -84.69 -73.34
C ILE Z 89 -81.92 -84.16 -74.16
N GLN Z 90 -82.08 -84.11 -75.49
CA GLN Z 90 -81.02 -83.56 -76.33
C GLN Z 90 -80.85 -82.07 -76.11
N SER Z 91 -81.95 -81.35 -75.85
CA SER Z 91 -81.86 -79.93 -75.55
C SER Z 91 -81.20 -79.69 -74.19
N CYS Z 92 -81.47 -80.58 -73.22
CA CYS Z 92 -80.84 -80.44 -71.91
C CYS Z 92 -79.35 -80.73 -71.98
N VAL Z 93 -78.95 -81.68 -72.83
CA VAL Z 93 -77.53 -81.90 -73.10
C VAL Z 93 -76.91 -80.67 -73.75
N HIS Z 94 -77.65 -80.02 -74.65
CA HIS Z 94 -77.18 -78.78 -75.27
C HIS Z 94 -77.02 -77.67 -74.24
N PHE Z 95 -77.98 -77.53 -73.32
CA PHE Z 95 -77.89 -76.51 -72.26
C PHE Z 95 -76.71 -76.76 -71.34
N MET Z 96 -76.44 -78.04 -71.00
CA MET Z 96 -75.30 -78.35 -70.16
C MET Z 96 -73.97 -78.05 -70.87
N THR Z 97 -73.88 -78.33 -72.18
CA THR Z 97 -72.68 -77.95 -72.93
C THR Z 97 -72.53 -76.43 -72.99
N LEU Z 98 -73.63 -75.69 -73.15
CA LEU Z 98 -73.55 -74.23 -73.18
C LEU Z 98 -73.09 -73.66 -71.84
N LYS Z 99 -73.54 -74.26 -70.74
CA LYS Z 99 -73.12 -73.78 -69.42
C LYS Z 99 -71.64 -74.09 -69.18
N LYS Z 100 -71.17 -75.25 -69.62
CA LYS Z 100 -69.75 -75.58 -69.49
C LYS Z 100 -68.89 -74.64 -70.33
N LEU Z 101 -69.34 -74.31 -71.54
CA LEU Z 101 -68.63 -73.36 -72.38
C LEU Z 101 -68.62 -71.95 -71.79
N ASN Z 102 -69.71 -71.55 -71.13
CA ASN Z 102 -69.76 -70.26 -70.44
C ASN Z 102 -68.77 -70.23 -69.27
N ARG Z 103 -68.69 -71.33 -68.51
CA ARG Z 103 -67.72 -71.42 -67.41
C ARG Z 103 -66.29 -71.30 -67.93
N LEU Z 104 -65.99 -72.00 -69.03
CA LEU Z 104 -64.65 -71.93 -69.62
C LEU Z 104 -64.32 -70.53 -70.11
N ALA Z 105 -65.32 -69.84 -70.70
CA ALA Z 105 -65.10 -68.49 -71.20
C ALA Z 105 -64.82 -67.51 -70.08
N HIS Z 106 -65.57 -67.61 -68.98
CA HIS Z 106 -65.35 -66.69 -67.85
C HIS Z 106 -64.03 -66.98 -67.15
N ILE Z 107 -63.62 -68.25 -67.07
CA ILE Z 107 -62.32 -68.57 -66.45
C ILE Z 107 -61.18 -68.03 -67.30
N ARG Z 108 -61.28 -68.17 -68.63
CA ARG Z 108 -60.26 -67.63 -69.52
C ARG Z 108 -60.20 -66.11 -69.47
N LEU Z 109 -61.36 -65.46 -69.34
CA LEU Z 109 -61.40 -64.01 -69.26
C LEU Z 109 -60.78 -63.49 -67.96
N LYS Z 110 -61.06 -64.17 -66.84
CA LYS Z 110 -60.46 -63.76 -65.57
C LYS Z 110 -58.95 -63.98 -65.56
N LYS Z 111 -58.49 -65.07 -66.18
CA LYS Z 111 -57.07 -65.33 -66.30
C LYS Z 111 -56.37 -64.24 -67.12
N GLY Z 112 -56.99 -63.86 -68.25
CA GLY Z 112 -56.41 -62.80 -69.07
C GLY Z 112 -56.40 -61.45 -68.38
N ARG Z 113 -57.44 -61.16 -67.58
CA ARG Z 113 -57.51 -59.89 -66.88
C ARG Z 113 -56.42 -59.78 -65.81
N ASP Z 114 -56.23 -60.85 -65.03
CA ASP Z 114 -55.16 -60.84 -64.02
C ASP Z 114 -53.78 -60.79 -64.68
N GLN Z 115 -53.64 -61.45 -65.83
CA GLN Z 115 -52.37 -61.46 -66.55
C GLN Z 115 -52.03 -60.09 -67.12
N THR Z 116 -53.05 -59.31 -67.48
CA THR Z 116 -52.79 -57.91 -67.84
C THR Z 116 -52.44 -57.08 -66.62
N HIS Z 117 -53.10 -57.33 -65.48
CA HIS Z 117 -52.97 -56.46 -64.32
C HIS Z 117 -51.57 -56.54 -63.71
N GLU Z 118 -50.96 -57.74 -63.71
CA GLU Z 118 -49.61 -57.89 -63.16
C GLU Z 118 -48.57 -57.12 -63.99
N ALA Z 119 -48.69 -57.19 -65.31
CA ALA Z 119 -47.78 -56.46 -66.19
C ALA Z 119 -47.99 -54.96 -66.07
N LYS Z 120 -49.25 -54.53 -65.84
CA LYS Z 120 -49.51 -53.11 -65.61
C LYS Z 120 -48.84 -52.61 -64.35
N GLN Z 121 -48.87 -53.43 -63.28
CA GLN Z 121 -48.18 -53.07 -62.03
C GLN Z 121 -46.67 -52.95 -62.23
N LYS Z 122 -46.08 -53.87 -63.00
CA LYS Z 122 -44.63 -53.82 -63.22
C LYS Z 122 -44.23 -52.61 -64.06
N VAL Z 123 -45.03 -52.27 -65.08
CA VAL Z 123 -44.79 -51.08 -65.89
C VAL Z 123 -44.90 -49.82 -65.03
N ASP Z 124 -45.84 -49.80 -64.08
CA ASP Z 124 -45.97 -48.65 -63.19
C ASP Z 124 -44.75 -48.48 -62.30
N ALA Z 125 -44.21 -49.59 -61.75
CA ALA Z 125 -43.04 -49.49 -60.88
C ALA Z 125 -41.80 -49.03 -61.66
N TYR Z 126 -41.63 -49.56 -62.87
CA TYR Z 126 -40.45 -49.19 -63.65
C TYR Z 126 -40.54 -47.74 -64.14
N HIS Z 127 -41.76 -47.28 -64.43
CA HIS Z 127 -41.98 -45.88 -64.76
C HIS Z 127 -41.74 -44.97 -63.57
N LEU Z 128 -42.01 -45.47 -62.36
CA LEU Z 128 -41.70 -44.69 -61.15
C LEU Z 128 -40.21 -44.48 -60.99
N GLN Z 129 -39.42 -45.54 -61.25
CA GLN Z 129 -37.96 -45.38 -61.22
C GLN Z 129 -37.47 -44.39 -62.28
N LEU Z 130 -38.10 -44.43 -63.47
CA LEU Z 130 -37.77 -43.47 -64.51
C LEU Z 130 -38.11 -42.04 -64.10
N GLN Z 131 -39.20 -41.85 -63.36
CA GLN Z 131 -39.55 -40.52 -62.88
C GLN Z 131 -38.56 -40.00 -61.86
N ASN Z 132 -38.08 -40.88 -60.98
CA ASN Z 132 -37.01 -40.53 -60.04
C ASN Z 132 -35.76 -40.05 -60.78
N LEU Z 133 -35.34 -40.80 -61.80
CA LEU Z 133 -34.13 -40.43 -62.53
C LEU Z 133 -34.31 -39.15 -63.33
N LEU Z 134 -35.52 -38.92 -63.87
CA LEU Z 134 -35.74 -37.67 -64.60
C LEU Z 134 -35.75 -36.46 -63.67
N TYR Z 135 -36.26 -36.62 -62.45
CA TYR Z 135 -36.20 -35.52 -61.50
C TYR Z 135 -34.76 -35.20 -61.12
N GLU Z 136 -33.93 -36.24 -60.99
CA GLU Z 136 -32.51 -36.01 -60.71
C GLU Z 136 -31.82 -35.29 -61.86
N VAL Z 137 -32.12 -35.67 -63.11
CA VAL Z 137 -31.55 -35.01 -64.28
C VAL Z 137 -31.97 -33.55 -64.35
N MET Z 138 -33.26 -33.28 -64.10
CA MET Z 138 -33.76 -31.91 -64.17
C MET Z 138 -33.16 -31.03 -63.09
N HIS Z 139 -32.95 -31.59 -61.89
CA HIS Z 139 -32.35 -30.79 -60.83
C HIS Z 139 -30.88 -30.50 -61.12
N LEU Z 140 -30.15 -31.48 -61.66
CA LEU Z 140 -28.75 -31.24 -62.00
C LEU Z 140 -28.61 -30.22 -63.13
N GLN Z 141 -29.54 -30.24 -64.08
CA GLN Z 141 -29.50 -29.26 -65.17
C GLN Z 141 -29.84 -27.86 -64.67
N LYS Z 142 -30.82 -27.75 -63.77
CA LYS Z 142 -31.11 -26.44 -63.18
C LYS Z 142 -29.96 -25.93 -62.33
N GLU Z 143 -29.25 -26.84 -61.66
CA GLU Z 143 -28.11 -26.44 -60.83
C GLU Z 143 -26.94 -25.97 -61.68
N ILE Z 144 -26.70 -26.62 -62.83
CA ILE Z 144 -25.58 -26.17 -63.66
C ILE Z 144 -25.94 -24.87 -64.39
N THR Z 145 -27.22 -24.66 -64.74
CA THR Z 145 -27.59 -23.37 -65.30
C THR Z 145 -27.55 -22.26 -64.26
N LYS Z 146 -27.73 -22.62 -62.98
CA LYS Z 146 -27.49 -21.65 -61.91
C LYS Z 146 -26.01 -21.34 -61.78
N CYS Z 147 -25.14 -22.36 -61.86
CA CYS Z 147 -23.73 -22.17 -61.59
C CYS Z 147 -22.94 -21.67 -62.80
N LEU Z 148 -23.55 -21.54 -63.98
CA LEU Z 148 -22.84 -20.99 -65.13
C LEU Z 148 -23.00 -19.47 -65.26
N GLU Z 149 -23.19 -18.76 -64.15
CA GLU Z 149 -23.27 -17.30 -64.17
C GLU Z 149 -22.12 -16.74 -63.34
N PHE Z 150 -21.35 -15.83 -63.93
CA PHE Z 150 -20.16 -15.28 -63.30
C PHE Z 150 -20.13 -13.76 -63.49
N LYS Z 151 -19.16 -13.14 -62.84
CA LYS Z 151 -18.98 -11.69 -62.92
C LYS Z 151 -17.54 -11.34 -63.31
N ASP Z 158 -6.73 -3.97 -68.85
CA ASP Z 158 -5.55 -3.84 -69.69
C ASP Z 158 -4.84 -5.18 -69.83
N LEU Z 159 -3.81 -5.22 -70.67
CA LEU Z 159 -3.05 -6.44 -70.91
C LEU Z 159 -1.63 -6.08 -71.33
N VAL Z 160 -0.79 -7.10 -71.41
CA VAL Z 160 0.60 -6.98 -71.83
C VAL Z 160 0.77 -7.83 -73.09
N SER Z 161 1.60 -7.37 -74.01
CA SER Z 161 2.03 -8.21 -75.11
C SER Z 161 2.77 -9.43 -74.58
N LEU Z 162 2.57 -10.56 -75.28
CA LEU Z 162 2.96 -11.85 -74.72
C LEU Z 162 4.48 -12.05 -74.73
N GLU Z 163 5.12 -11.66 -75.84
CA GLU Z 163 6.57 -11.84 -75.93
C GLU Z 163 7.31 -10.85 -75.03
N GLU Z 164 6.77 -9.63 -74.89
CA GLU Z 164 7.35 -8.65 -73.98
C GLU Z 164 7.24 -9.12 -72.54
N PHE Z 165 6.08 -9.65 -72.17
CA PHE Z 165 5.90 -10.25 -70.85
C PHE Z 165 6.82 -11.44 -70.64
N TYR Z 166 7.01 -12.26 -71.67
CA TYR Z 166 7.78 -13.47 -71.50
C TYR Z 166 9.28 -13.19 -71.46
N LYS Z 167 9.71 -12.07 -72.05
CA LYS Z 167 11.13 -11.74 -72.12
C LYS Z 167 11.57 -10.67 -71.13
N GLU Z 168 10.64 -9.96 -70.49
CA GLU Z 168 11.02 -8.93 -69.51
C GLU Z 168 10.94 -9.41 -68.07
N ALA Z 169 10.04 -10.33 -67.75
CA ALA Z 169 9.82 -10.70 -66.36
C ALA Z 169 10.93 -11.62 -65.86
N PRO Z 170 11.33 -11.50 -64.59
CA PRO Z 170 12.27 -12.45 -64.00
C PRO Z 170 11.67 -13.84 -63.93
N PRO Z 171 12.49 -14.90 -63.92
CA PRO Z 171 11.92 -16.26 -63.98
C PRO Z 171 11.18 -16.69 -62.72
N ASP Z 172 11.32 -15.95 -61.62
CA ASP Z 172 10.45 -16.17 -60.46
C ASP Z 172 9.02 -15.77 -60.80
N ILE Z 173 8.84 -14.63 -61.48
CA ILE Z 173 7.51 -14.18 -61.87
C ILE Z 173 7.12 -14.63 -63.27
N SER Z 174 8.06 -15.15 -64.05
CA SER Z 174 7.74 -15.63 -65.39
C SER Z 174 7.02 -16.97 -65.33
N LYS Z 175 7.43 -17.83 -64.39
CA LYS Z 175 6.82 -19.13 -64.10
C LYS Z 175 6.85 -20.03 -65.34
N ALA Z 176 8.07 -20.46 -65.68
CA ALA Z 176 8.32 -21.28 -66.87
C ALA Z 176 7.59 -22.63 -66.86
N GLU Z 177 7.10 -23.09 -65.70
CA GLU Z 177 6.23 -24.25 -65.66
C GLU Z 177 4.85 -23.96 -66.24
N VAL Z 178 4.44 -22.70 -66.31
CA VAL Z 178 3.15 -22.37 -66.90
C VAL Z 178 3.20 -22.32 -68.42
N THR Z 179 4.39 -22.41 -69.02
CA THR Z 179 4.51 -22.41 -70.47
C THR Z 179 4.13 -23.76 -71.05
N ASP Z 182 -0.42 -24.19 -68.61
CA ASP Z 182 -1.81 -23.80 -68.43
C ASP Z 182 -2.00 -22.32 -68.69
N PRO Z 183 -3.12 -21.95 -69.32
CA PRO Z 183 -3.42 -20.52 -69.48
C PRO Z 183 -3.82 -19.84 -68.19
N HIS Z 184 -4.27 -20.60 -67.18
CA HIS Z 184 -4.70 -20.02 -65.91
C HIS Z 184 -3.53 -19.39 -65.16
N GLN Z 185 -2.46 -20.18 -64.94
CA GLN Z 185 -1.28 -19.65 -64.28
C GLN Z 185 -0.58 -18.61 -65.14
N GLN Z 186 -0.75 -18.69 -66.46
CA GLN Z 186 -0.21 -17.67 -67.37
C GLN Z 186 -0.90 -16.33 -67.13
N THR Z 187 -2.24 -16.34 -67.03
CA THR Z 187 -2.96 -15.10 -66.76
C THR Z 187 -2.69 -14.58 -65.36
N LEU Z 188 -2.50 -15.48 -64.39
CA LEU Z 188 -2.14 -15.04 -63.04
C LEU Z 188 -0.74 -14.42 -63.01
N ALA Z 189 0.17 -14.94 -63.84
CA ALA Z 189 1.50 -14.37 -63.95
C ALA Z 189 1.45 -13.00 -64.62
N ARG Z 190 0.57 -12.84 -65.61
CA ARG Z 190 0.35 -11.53 -66.21
C ARG Z 190 -0.20 -10.53 -65.20
N LEU Z 191 -1.15 -10.98 -64.36
CA LEU Z 191 -1.80 -10.09 -63.40
C LEU Z 191 -0.82 -9.63 -62.32
N ASP Z 192 -0.06 -10.55 -61.73
CA ASP Z 192 0.82 -10.09 -60.66
C ASP Z 192 2.07 -9.41 -61.22
N TRP Z 193 2.42 -9.68 -62.49
CA TRP Z 193 3.46 -8.88 -63.11
C TRP Z 193 3.00 -7.45 -63.37
N GLU Z 194 1.72 -7.27 -63.76
CA GLU Z 194 1.18 -5.91 -63.88
C GLU Z 194 1.12 -5.22 -62.52
N LEU Z 195 0.83 -5.97 -61.46
CA LEU Z 195 0.76 -5.39 -60.12
C LEU Z 195 2.15 -4.94 -59.65
N GLU Z 196 3.16 -5.81 -59.82
CA GLU Z 196 4.51 -5.44 -59.43
C GLU Z 196 5.07 -4.34 -60.31
N GLN Z 197 4.64 -4.28 -61.58
CA GLN Z 197 5.07 -3.22 -62.47
C GLN Z 197 4.46 -1.88 -62.07
N ARG Z 198 3.20 -1.88 -61.64
CA ARG Z 198 2.59 -0.63 -61.16
C ARG Z 198 3.22 -0.19 -59.85
N LYS Z 199 3.63 -1.15 -59.00
CA LYS Z 199 4.40 -0.81 -57.80
C LYS Z 199 5.74 -0.16 -58.15
N ARG Z 200 6.45 -0.73 -59.12
CA ARG Z 200 7.75 -0.19 -59.54
C ARG Z 200 7.60 1.20 -60.14
N LEU Z 201 6.58 1.39 -60.99
CA LEU Z 201 6.38 2.69 -61.62
C LEU Z 201 5.94 3.75 -60.61
N ALA Z 202 5.14 3.36 -59.61
CA ALA Z 202 4.73 4.31 -58.58
C ALA Z 202 5.90 4.72 -57.71
N GLU Z 203 6.75 3.74 -57.32
CA GLU Z 203 7.91 4.07 -56.50
C GLU Z 203 8.93 4.88 -57.27
N LYS Z 204 9.14 4.56 -58.55
CA LYS Z 204 10.07 5.33 -59.36
C LYS Z 204 9.54 6.72 -59.66
N TYR Z 205 8.21 6.89 -59.74
CA TYR Z 205 7.66 8.22 -59.92
C TYR Z 205 7.80 9.05 -58.64
N ARG Z 206 7.68 8.41 -57.48
CA ARG Z 206 7.94 9.14 -56.23
C ARG Z 206 9.41 9.51 -56.11
N GLU Z 207 10.31 8.64 -56.58
CA GLU Z 207 11.73 8.96 -56.60
C GLU Z 207 12.03 10.10 -57.58
N CYS Z 208 11.33 10.14 -58.71
CA CYS Z 208 11.51 11.25 -59.65
C CYS Z 208 10.93 12.55 -59.11
N LEU Z 209 9.85 12.48 -58.33
CA LEU Z 209 9.34 13.68 -57.66
C LEU Z 209 10.33 14.20 -56.63
N SER Z 210 10.96 13.29 -55.87
CA SER Z 210 11.98 13.71 -54.91
C SER Z 210 13.21 14.27 -55.61
N ASN Z 211 13.58 13.70 -56.76
CA ASN Z 211 14.72 14.20 -57.52
C ASN Z 211 14.41 15.55 -58.14
N LYS Z 212 13.16 15.77 -58.56
CA LYS Z 212 12.77 17.08 -59.10
C LYS Z 212 12.72 18.13 -58.00
N GLU Z 213 12.31 17.74 -56.79
CA GLU Z 213 12.36 18.65 -55.65
C GLU Z 213 13.80 18.98 -55.28
N LYS Z 214 14.70 17.99 -55.38
CA LYS Z 214 16.11 18.24 -55.11
C LYS Z 214 16.73 19.15 -56.18
N ILE Z 215 16.37 18.89 -57.48
CA ILE Z 215 16.88 19.77 -58.54
C ILE Z 215 16.39 21.20 -58.33
N LEU Z 216 15.15 21.36 -57.85
CA LEU Z 216 14.61 22.69 -57.57
C LEU Z 216 15.31 23.33 -56.37
N LYS Z 217 15.64 22.51 -55.37
CA LYS Z 217 16.38 23.03 -54.22
C LYS Z 217 17.81 23.43 -54.61
N GLU Z 218 18.42 22.64 -55.47
CA GLU Z 218 19.76 22.94 -55.92
C GLU Z 218 19.68 24.24 -56.68
N ILE Z 219 18.72 24.33 -57.60
CA ILE Z 219 18.56 25.53 -58.43
C ILE Z 219 18.27 26.78 -57.62
N GLU Z 220 17.36 26.70 -56.66
CA GLU Z 220 17.02 27.86 -55.83
C GLU Z 220 18.26 28.34 -55.09
N VAL Z 221 18.89 27.43 -54.38
CA VAL Z 221 20.11 27.73 -53.62
C VAL Z 221 21.22 28.16 -54.57
N LYS Z 222 21.32 27.48 -55.71
CA LYS Z 222 22.33 27.81 -56.70
C LYS Z 222 22.09 29.23 -57.23
N LYS Z 223 20.83 29.58 -57.47
CA LYS Z 223 20.48 30.91 -57.94
C LYS Z 223 20.87 31.95 -56.91
N GLU Z 224 20.61 31.64 -55.64
CA GLU Z 224 20.95 32.57 -54.56
C GLU Z 224 22.47 32.77 -54.51
N TYR Z 225 23.22 31.68 -54.69
CA TYR Z 225 24.68 31.74 -54.70
C TYR Z 225 25.16 32.61 -55.85
N LEU Z 226 24.53 32.46 -57.01
CA LEU Z 226 24.88 33.23 -58.19
C LEU Z 226 24.63 34.70 -57.93
N SER Z 227 23.52 35.02 -57.27
CA SER Z 227 23.18 36.40 -56.94
C SER Z 227 24.24 36.97 -56.00
N SER Z 228 24.66 36.17 -55.03
CA SER Z 228 25.70 36.60 -54.09
C SER Z 228 27.01 36.88 -54.82
N LEU Z 229 27.33 36.01 -55.78
CA LEU Z 229 28.54 36.15 -56.57
C LEU Z 229 28.48 37.43 -57.38
N GLN Z 230 27.32 37.75 -57.94
CA GLN Z 230 27.17 38.98 -58.71
C GLN Z 230 27.41 40.19 -57.82
N PRO Z 231 26.89 40.14 -56.59
CA PRO Z 231 27.09 41.25 -55.65
C PRO Z 231 28.56 41.40 -55.32
N ARG Z 232 29.25 40.26 -55.14
CA ARG Z 232 30.68 40.27 -54.85
C ARG Z 232 31.46 40.90 -56.00
N LEU Z 233 31.06 40.55 -57.23
CA LEU Z 233 31.70 41.08 -58.42
C LEU Z 233 31.50 42.59 -58.49
N ASN Z 234 30.30 43.04 -58.15
CA ASN Z 234 29.99 44.46 -58.14
C ASN Z 234 30.86 45.19 -57.12
N SER Z 235 31.03 44.58 -55.95
CA SER Z 235 31.85 45.15 -54.90
C SER Z 235 33.29 45.26 -55.37
N ILE Z 236 33.77 44.23 -56.06
CA ILE Z 236 35.13 44.22 -56.59
C ILE Z 236 35.31 45.33 -57.60
N MET Z 237 34.30 45.53 -58.45
CA MET Z 237 34.33 46.58 -59.46
C MET Z 237 34.40 47.94 -58.79
N GLN Z 238 33.62 48.11 -57.71
CA GLN Z 238 33.61 49.36 -56.97
C GLN Z 238 34.98 49.62 -56.37
N ALA Z 239 35.61 48.57 -55.84
CA ALA Z 239 36.94 48.68 -55.26
C ALA Z 239 37.95 49.09 -56.32
N SER Z 240 37.82 48.52 -57.51
CA SER Z 240 38.72 48.82 -58.63
C SER Z 240 38.79 50.32 -58.88
N VAL Z 243 47.37 54.60 -62.79
CA VAL Z 243 46.26 53.89 -62.16
C VAL Z 243 45.79 52.77 -63.08
N GLN Z 244 44.46 52.62 -63.17
CA GLN Z 244 43.90 51.58 -64.05
C GLN Z 244 44.03 51.99 -65.51
N GLU Z 245 44.00 53.28 -65.80
CA GLU Z 245 44.15 53.75 -67.17
C GLU Z 245 45.61 53.66 -67.62
N TYR Z 246 46.54 53.87 -66.69
CA TYR Z 246 47.96 53.78 -67.03
C TYR Z 246 48.38 52.33 -67.23
N LEU Z 247 47.73 51.39 -66.53
CA LEU Z 247 48.05 49.98 -66.69
C LEU Z 247 47.43 49.42 -67.97
N PHE Z 248 46.31 49.97 -68.39
CA PHE Z 248 45.62 49.49 -69.59
C PHE Z 248 46.35 49.90 -70.86
N GLN Z 257 40.52 29.50 -76.70
CA GLN Z 257 41.36 29.29 -75.52
C GLN Z 257 40.56 29.42 -74.23
N TYR Z 258 39.58 30.34 -74.24
CA TYR Z 258 38.82 30.62 -73.03
C TYR Z 258 37.75 29.56 -72.77
N GLU Z 259 37.09 29.09 -73.84
CA GLU Z 259 36.01 28.13 -73.69
C GLU Z 259 36.52 26.78 -73.24
N THR Z 260 37.76 26.43 -73.61
CA THR Z 260 38.36 25.20 -73.11
C THR Z 260 38.85 25.41 -71.69
N ALA Z 261 39.23 26.64 -71.33
CA ALA Z 261 39.71 26.92 -69.98
C ALA Z 261 38.56 27.14 -69.01
N ARG Z 262 37.32 27.13 -69.50
CA ARG Z 262 36.15 27.18 -68.64
C ARG Z 262 36.05 25.98 -67.69
N HIS Z 263 36.57 24.83 -68.12
CA HIS Z 263 36.41 23.60 -67.36
C HIS Z 263 37.66 23.16 -66.61
N LEU Z 264 38.68 24.01 -66.50
CA LEU Z 264 39.92 23.61 -65.84
C LEU Z 264 39.74 23.60 -64.33
N PRO Z 265 40.53 22.80 -63.62
CA PRO Z 265 40.65 22.94 -62.16
C PRO Z 265 41.27 24.28 -61.81
N PRO Z 266 40.99 24.81 -60.61
CA PRO Z 266 41.48 26.15 -60.23
C PRO Z 266 43.00 26.29 -60.18
N PRO Z 267 43.79 25.29 -59.70
CA PRO Z 267 45.25 25.46 -59.91
C PRO Z 267 45.65 25.38 -61.37
N LEU Z 268 44.97 24.55 -62.14
CA LEU Z 268 45.19 24.50 -63.59
C LEU Z 268 44.74 25.77 -64.27
N TYR Z 269 43.68 26.41 -63.75
CA TYR Z 269 43.23 27.68 -64.33
C TYR Z 269 44.23 28.80 -64.04
N VAL Z 270 44.77 28.84 -62.82
CA VAL Z 270 45.81 29.81 -62.49
C VAL Z 270 47.06 29.58 -63.34
N LEU Z 271 47.41 28.29 -63.55
CA LEU Z 271 48.58 27.97 -64.36
C LEU Z 271 48.37 28.36 -65.81
N PHE Z 272 47.14 28.19 -66.32
CA PHE Z 272 46.85 28.53 -67.70
C PHE Z 272 46.91 30.05 -67.91
N VAL Z 273 46.35 30.81 -66.97
CA VAL Z 273 46.37 32.27 -67.07
C VAL Z 273 47.80 32.79 -66.98
N GLN Z 274 48.60 32.25 -66.05
CA GLN Z 274 49.99 32.69 -65.92
C GLN Z 274 50.82 32.25 -67.11
N ALA Z 275 50.52 31.09 -67.70
CA ALA Z 275 51.27 30.62 -68.85
C ALA Z 275 50.99 31.46 -70.09
N THR Z 276 49.72 31.81 -70.33
CA THR Z 276 49.40 32.67 -71.45
C THR Z 276 49.93 34.09 -71.23
N ALA Z 277 49.93 34.56 -69.97
CA ALA Z 277 50.47 35.89 -69.69
C ALA Z 277 51.98 35.93 -69.90
N TYR Z 278 52.68 34.86 -69.52
CA TYR Z 278 54.13 34.84 -69.75
C TYR Z 278 54.46 34.60 -71.20
N GLY Z 279 53.60 33.89 -71.93
CA GLY Z 279 53.84 33.69 -73.36
C GLY Z 279 53.58 34.94 -74.18
N GLN Z 280 52.62 35.77 -73.76
CA GLN Z 280 52.36 37.01 -74.46
C GLN Z 280 53.21 38.17 -73.96
N ALA Z 281 53.75 38.07 -72.75
CA ALA Z 281 54.42 39.22 -72.14
C ALA Z 281 55.87 39.35 -72.61
N CYS Z 282 56.70 38.34 -72.30
CA CYS Z 282 58.15 38.46 -72.49
C CYS Z 282 58.67 37.55 -73.60
N ASP Z 283 58.42 36.25 -73.52
CA ASP Z 283 58.99 35.28 -74.46
C ASP Z 283 57.85 34.66 -75.27
N LYS Z 284 57.96 34.75 -76.59
CA LYS Z 284 56.97 34.16 -77.47
C LYS Z 284 57.29 32.71 -77.85
N THR Z 285 58.41 32.17 -77.39
CA THR Z 285 58.76 30.79 -77.69
C THR Z 285 58.19 29.85 -76.64
N LEU Z 286 56.86 29.83 -76.51
CA LEU Z 286 56.17 29.04 -75.51
C LEU Z 286 54.78 28.72 -76.07
N SER Z 287 54.35 27.47 -75.96
CA SER Z 287 53.02 27.10 -76.39
C SER Z 287 52.34 26.27 -75.31
N VAL Z 288 51.03 26.44 -75.17
CA VAL Z 288 50.23 25.70 -74.19
C VAL Z 288 49.05 25.07 -74.91
N ALA Z 289 48.59 23.96 -74.35
CA ALA Z 289 47.43 23.24 -74.88
C ALA Z 289 46.76 22.50 -73.75
N ILE Z 290 45.45 22.29 -73.88
CA ILE Z 290 44.66 21.60 -72.88
C ILE Z 290 44.26 20.24 -73.44
N GLU Z 291 44.73 19.17 -72.81
CA GLU Z 291 44.52 17.81 -73.30
C GLU Z 291 43.64 17.06 -72.31
N GLY Z 292 42.55 16.50 -72.80
CA GLY Z 292 41.67 15.72 -71.95
C GLY Z 292 40.33 15.50 -72.62
N SER Z 293 39.37 15.08 -71.81
CA SER Z 293 38.00 14.82 -72.27
C SER Z 293 37.06 15.76 -71.55
N VAL Z 294 36.42 16.68 -72.30
CA VAL Z 294 35.47 17.59 -71.71
C VAL Z 294 34.15 16.91 -71.36
N ASP Z 295 33.86 15.76 -71.97
CA ASP Z 295 32.65 15.02 -71.65
C ASP Z 295 32.72 14.46 -70.23
N GLU Z 296 33.90 14.01 -69.81
CA GLU Z 296 34.10 13.64 -68.42
C GLU Z 296 34.23 14.86 -67.51
N ALA Z 297 34.58 16.01 -68.07
CA ALA Z 297 34.71 17.21 -67.26
C ALA Z 297 33.36 17.84 -66.97
N LYS Z 298 32.37 17.56 -67.81
CA LYS Z 298 31.03 18.09 -67.58
C LYS Z 298 30.38 17.44 -66.36
N ALA Z 299 30.41 16.10 -66.30
CA ALA Z 299 29.91 15.27 -65.19
C ALA Z 299 28.45 15.54 -64.83
N ASP Z 334 43.66 -1.57 -53.76
CA ASP Z 334 42.23 -1.88 -53.75
C ASP Z 334 41.43 -0.81 -54.50
N ASP Z 335 40.11 -0.82 -54.31
CA ASP Z 335 39.27 0.20 -54.94
C ASP Z 335 39.43 1.54 -54.23
N LYS Z 336 39.78 1.51 -52.94
CA LYS Z 336 40.00 2.75 -52.20
C LYS Z 336 41.22 3.49 -52.71
N ARG Z 337 42.26 2.76 -53.12
CA ARG Z 337 43.43 3.39 -53.71
C ARG Z 337 43.11 3.97 -55.09
N LYS Z 338 42.22 3.30 -55.83
CA LYS Z 338 41.79 3.82 -57.13
C LYS Z 338 40.97 5.09 -56.96
N GLU Z 339 40.13 5.15 -55.93
CA GLU Z 339 39.38 6.37 -55.67
C GLU Z 339 40.25 7.44 -55.06
N MET Z 340 41.37 7.04 -54.44
CA MET Z 340 42.25 8.01 -53.78
C MET Z 340 43.18 8.70 -54.78
N LEU Z 341 43.75 7.93 -55.70
CA LEU Z 341 44.58 8.53 -56.74
C LEU Z 341 43.76 9.43 -57.66
N LYS Z 342 42.88 8.81 -58.46
CA LYS Z 342 41.86 9.48 -59.28
C LYS Z 342 42.43 10.63 -60.11
N ARG Z 343 43.22 10.29 -61.11
CA ARG Z 343 43.81 11.29 -61.99
C ARG Z 343 42.73 12.06 -62.74
N HIS Z 344 42.84 13.39 -62.71
CA HIS Z 344 41.86 14.25 -63.36
C HIS Z 344 41.97 14.10 -64.87
N PRO Z 345 40.83 13.99 -65.58
CA PRO Z 345 40.88 13.74 -67.03
C PRO Z 345 41.45 14.90 -67.84
N LEU Z 346 41.08 16.13 -67.50
CA LEU Z 346 41.73 17.28 -68.13
C LEU Z 346 43.11 17.48 -67.54
N SER Z 347 44.04 17.95 -68.37
CA SER Z 347 45.41 18.24 -67.98
C SER Z 347 45.95 19.29 -68.94
N VAL Z 348 47.08 19.91 -68.58
CA VAL Z 348 47.65 20.93 -69.45
C VAL Z 348 49.00 20.41 -69.95
N MET Z 349 49.44 20.94 -71.09
CA MET Z 349 50.72 20.57 -71.68
C MET Z 349 51.33 21.83 -72.27
N LEU Z 350 52.50 22.20 -71.79
CA LEU Z 350 53.21 23.36 -72.31
C LEU Z 350 54.58 22.92 -72.81
N ASP Z 351 54.99 23.50 -73.92
CA ASP Z 351 56.26 23.16 -74.55
C ASP Z 351 57.03 24.41 -74.95
N LEU Z 352 58.34 24.34 -74.75
CA LEU Z 352 59.28 25.40 -75.08
C LEU Z 352 60.17 24.92 -76.21
N LYS Z 353 60.66 25.86 -77.03
CA LYS Z 353 61.76 25.59 -77.93
C LYS Z 353 62.97 26.40 -77.49
N CYS Z 354 64.17 25.83 -77.63
CA CYS Z 354 65.37 26.53 -77.22
C CYS Z 354 66.23 26.84 -78.44
N LYS Z 355 67.37 27.48 -78.19
CA LYS Z 355 68.32 27.79 -79.25
C LYS Z 355 69.36 26.68 -79.39
N ASP Z 356 68.89 25.43 -79.50
CA ASP Z 356 69.76 24.29 -79.73
C ASP Z 356 69.05 23.24 -80.57
N ASP Z 357 68.04 23.67 -81.34
CA ASP Z 357 67.19 22.82 -82.19
C ASP Z 357 66.51 21.72 -81.38
N SER Z 358 65.99 22.09 -80.21
CA SER Z 358 65.34 21.13 -79.33
C SER Z 358 64.15 21.78 -78.63
N VAL Z 359 63.21 20.93 -78.20
CA VAL Z 359 62.00 21.34 -77.52
C VAL Z 359 61.85 20.52 -76.24
N LEU Z 360 61.15 21.13 -75.28
CA LEU Z 360 60.89 20.56 -73.97
C LEU Z 360 59.38 20.53 -73.75
N HIS Z 361 58.86 19.36 -73.39
CA HIS Z 361 57.44 19.15 -73.18
C HIS Z 361 57.18 18.90 -71.70
N LEU Z 362 56.15 19.53 -71.15
CA LEU Z 362 55.73 19.28 -69.78
C LEU Z 362 54.23 19.10 -69.75
N THR Z 363 53.78 17.98 -69.20
CA THR Z 363 52.37 17.70 -68.98
C THR Z 363 52.09 17.79 -67.49
N PHE Z 364 51.24 18.75 -67.11
CA PHE Z 364 50.79 18.91 -65.74
C PHE Z 364 49.46 18.20 -65.55
N TYR Z 365 49.46 17.21 -64.66
CA TYR Z 365 48.30 16.46 -64.23
C TYR Z 365 47.85 16.99 -62.88
N TYR Z 366 46.63 16.64 -62.49
CA TYR Z 366 46.05 17.10 -61.23
C TYR Z 366 45.43 15.93 -60.47
N LEU Z 367 45.47 16.00 -59.14
CA LEU Z 367 44.90 14.99 -58.27
C LEU Z 367 43.95 15.69 -57.31
N MET Z 368 42.63 15.55 -57.54
CA MET Z 368 41.68 16.35 -56.76
C MET Z 368 41.44 15.76 -55.38
N ASN Z 369 41.75 14.48 -55.17
CA ASN Z 369 41.60 13.90 -53.85
C ASN Z 369 42.81 14.17 -52.96
N LEU Z 370 43.94 14.56 -53.55
CA LEU Z 370 45.14 14.83 -52.77
C LEU Z 370 45.58 16.28 -52.84
N ASN Z 371 44.94 17.07 -53.71
CA ASN Z 371 45.21 18.51 -53.91
C ASN Z 371 46.66 18.75 -54.31
N ILE Z 372 47.13 17.96 -55.27
CA ILE Z 372 48.51 18.00 -55.75
C ILE Z 372 48.50 17.93 -57.27
N MET Z 373 49.21 18.84 -57.92
CA MET Z 373 49.45 18.77 -59.35
C MET Z 373 50.87 18.25 -59.59
N THR Z 374 51.01 17.40 -60.61
CA THR Z 374 52.24 16.71 -60.91
C THR Z 374 52.69 17.00 -62.35
N VAL Z 375 53.93 16.61 -62.65
CA VAL Z 375 54.58 16.93 -63.92
C VAL Z 375 55.17 15.66 -64.53
N LYS Z 376 55.01 15.53 -65.85
CA LYS Z 376 55.82 14.63 -66.65
C LYS Z 376 56.56 15.43 -67.71
N ALA Z 377 57.82 15.08 -67.95
CA ALA Z 377 58.69 15.87 -68.82
C ALA Z 377 59.17 15.04 -70.00
N LYS Z 378 59.60 15.74 -71.06
CA LYS Z 378 60.07 15.06 -72.27
C LYS Z 378 60.99 16.00 -73.04
N VAL Z 379 62.24 15.61 -73.22
CA VAL Z 379 63.23 16.38 -73.97
C VAL Z 379 63.38 15.74 -75.34
N THR Z 380 63.03 16.47 -76.40
CA THR Z 380 63.19 15.92 -77.75
C THR Z 380 63.90 16.94 -78.64
N THR Z 381 64.91 16.47 -79.36
CA THR Z 381 65.70 17.32 -80.25
C THR Z 381 65.24 17.16 -81.69
N ALA Z 382 65.89 17.89 -82.59
CA ALA Z 382 65.61 17.77 -84.02
C ALA Z 382 66.34 16.57 -84.61
N MET Z 383 67.53 16.27 -84.14
CA MET Z 383 68.31 15.15 -84.65
C MET Z 383 67.85 13.84 -84.01
N GLU Z 384 68.54 12.76 -84.36
CA GLU Z 384 68.23 11.45 -83.80
C GLU Z 384 68.81 11.25 -82.41
N LEU Z 385 69.76 12.10 -81.99
CA LEU Z 385 70.33 12.14 -80.65
C LEU Z 385 70.99 10.80 -80.28
N ILE Z 386 72.10 10.54 -80.95
CA ILE Z 386 72.90 9.35 -80.69
C ILE Z 386 73.49 9.46 -79.29
N THR Z 387 73.01 8.63 -78.38
CA THR Z 387 73.38 8.74 -76.97
C THR Z 387 74.64 7.94 -76.68
N PRO Z 388 75.47 8.38 -75.76
CA PRO Z 388 76.59 7.55 -75.28
C PRO Z 388 76.14 6.68 -74.12
N ILE Z 389 77.06 5.81 -73.68
CA ILE Z 389 76.74 4.87 -72.61
C ILE Z 389 76.81 5.56 -71.25
N SER Z 390 77.80 6.44 -71.07
CA SER Z 390 77.99 7.08 -69.77
C SER Z 390 76.99 8.19 -69.50
N ALA Z 391 76.17 8.56 -70.49
CA ALA Z 391 75.09 9.52 -70.28
C ALA Z 391 74.06 8.99 -69.30
N GLY Z 392 73.39 7.90 -69.68
CA GLY Z 392 72.45 7.22 -68.80
C GLY Z 392 71.21 8.01 -68.46
N ASP Z 393 71.13 8.50 -67.21
CA ASP Z 393 69.96 9.18 -66.70
C ASP Z 393 69.98 10.68 -66.90
N LEU Z 394 70.68 11.18 -67.92
CA LEU Z 394 70.69 12.62 -68.16
C LEU Z 394 69.35 13.09 -68.71
N LEU Z 395 68.96 12.58 -69.88
CA LEU Z 395 67.74 13.00 -70.55
C LEU Z 395 66.61 11.98 -70.39
N SER Z 396 66.76 11.05 -69.45
CA SER Z 396 65.67 10.11 -69.14
C SER Z 396 64.57 10.87 -68.41
N PRO Z 397 63.30 10.67 -68.76
CA PRO Z 397 62.23 11.55 -68.24
C PRO Z 397 61.94 11.37 -66.75
N ASP Z 398 62.59 10.43 -66.06
CA ASP Z 398 62.36 10.26 -64.64
C ASP Z 398 63.00 11.37 -63.83
N SER Z 399 64.25 11.72 -64.13
CA SER Z 399 64.99 12.62 -63.26
C SER Z 399 65.77 13.70 -64.03
N VAL Z 400 65.13 14.33 -65.02
CA VAL Z 400 65.74 15.52 -65.61
C VAL Z 400 65.63 16.70 -64.66
N LEU Z 401 64.43 16.95 -64.15
CA LEU Z 401 64.13 18.15 -63.38
C LEU Z 401 64.01 17.86 -61.88
N SER Z 402 64.86 17.00 -61.35
CA SER Z 402 64.69 16.51 -59.99
C SER Z 402 65.07 17.57 -58.96
N CYS Z 403 66.13 18.33 -59.24
CA CYS Z 403 66.72 19.23 -58.26
C CYS Z 403 66.98 20.59 -58.87
N LEU Z 404 65.95 21.19 -59.48
CA LEU Z 404 66.04 22.58 -59.94
C LEU Z 404 66.36 23.51 -58.78
N TYR Z 405 65.56 23.46 -57.76
CA TYR Z 405 65.85 24.07 -56.48
C TYR Z 405 66.68 23.10 -55.65
N PRO Z 406 67.51 23.59 -54.70
CA PRO Z 406 68.37 22.69 -53.93
C PRO Z 406 67.62 21.69 -53.05
N GLY Z 407 67.72 20.42 -53.43
CA GLY Z 407 67.05 19.35 -52.71
C GLY Z 407 65.74 18.93 -53.33
N ASP Z 408 64.70 18.86 -52.47
CA ASP Z 408 63.29 18.62 -52.74
C ASP Z 408 62.97 17.17 -53.11
N HIS Z 409 63.99 16.38 -53.45
CA HIS Z 409 63.99 14.92 -53.48
C HIS Z 409 63.05 14.26 -54.50
N GLY Z 410 62.15 15.02 -55.11
CA GLY Z 410 61.17 14.48 -56.04
C GLY Z 410 60.16 13.46 -55.55
N LYS Z 411 60.23 13.04 -54.28
CA LYS Z 411 59.51 11.87 -53.81
C LYS Z 411 58.41 12.20 -52.81
N LYS Z 412 58.74 12.92 -51.75
CA LYS Z 412 57.83 13.13 -50.63
C LYS Z 412 56.73 14.11 -51.01
N THR Z 413 55.53 13.87 -50.47
CA THR Z 413 54.39 14.72 -50.74
C THR Z 413 54.53 16.04 -49.98
N PRO Z 414 54.13 17.15 -50.58
CA PRO Z 414 54.32 18.46 -49.94
C PRO Z 414 53.46 18.71 -48.71
N ASN Z 415 52.17 18.33 -48.76
CA ASN Z 415 51.30 18.66 -47.64
C ASN Z 415 51.14 17.47 -46.70
N PRO Z 416 51.14 17.70 -45.37
CA PRO Z 416 50.97 16.57 -44.44
C PRO Z 416 49.54 16.06 -44.35
N ALA Z 417 48.57 16.84 -44.85
CA ALA Z 417 47.20 16.35 -44.93
C ALA Z 417 47.09 15.17 -45.86
N ASN Z 418 47.96 15.12 -46.88
CA ASN Z 418 48.06 13.95 -47.72
C ASN Z 418 48.60 12.75 -46.93
N GLN Z 419 49.49 13.00 -45.96
CA GLN Z 419 49.99 11.91 -45.14
C GLN Z 419 48.89 11.35 -44.23
N TYR Z 420 48.07 12.23 -43.65
CA TYR Z 420 46.93 11.76 -42.86
C TYR Z 420 45.92 11.02 -43.71
N GLN Z 421 45.70 11.49 -44.95
CA GLN Z 421 44.73 10.86 -45.83
C GLN Z 421 45.24 9.52 -46.35
N PHE Z 422 46.56 9.37 -46.49
CA PHE Z 422 47.15 8.07 -46.81
C PHE Z 422 47.05 7.12 -45.62
N ASP Z 423 47.22 7.65 -44.41
CA ASP Z 423 47.14 6.81 -43.22
C ASP Z 423 45.69 6.39 -42.95
N LYS Z 424 44.72 7.16 -43.46
CA LYS Z 424 43.32 6.85 -43.23
C LYS Z 424 42.89 5.60 -43.99
N VAL Z 425 43.40 5.41 -45.21
CA VAL Z 425 42.97 4.27 -46.02
C VAL Z 425 44.10 3.25 -46.15
N GLY Z 426 45.15 3.44 -45.36
CA GLY Z 426 46.24 2.48 -45.30
C GLY Z 426 47.08 2.38 -46.57
N ILE Z 427 47.72 3.48 -46.94
CA ILE Z 427 48.53 3.51 -48.15
C ILE Z 427 49.65 4.55 -48.02
N LEU Z 430 55.80 4.62 -52.07
CA LEU Z 430 54.78 5.18 -52.94
C LEU Z 430 55.43 5.84 -54.16
N SER Z 431 56.72 5.55 -54.38
CA SER Z 431 57.43 6.13 -55.51
C SER Z 431 57.02 5.47 -56.82
N ASP Z 432 56.41 4.29 -56.75
CA ASP Z 432 55.81 3.68 -57.93
C ASP Z 432 54.67 4.53 -58.47
N TYR Z 433 53.87 5.09 -57.56
CA TYR Z 433 52.80 6.00 -57.98
C TYR Z 433 53.37 7.30 -58.50
N VAL Z 434 54.55 7.69 -58.00
CA VAL Z 434 55.22 8.90 -58.49
C VAL Z 434 55.71 8.69 -59.91
N LEU Z 435 56.29 7.51 -60.19
CA LEU Z 435 56.75 7.22 -61.55
C LEU Z 435 55.57 6.94 -62.48
N GLU Z 436 54.43 6.55 -61.93
CA GLU Z 436 53.25 6.31 -62.75
C GLU Z 436 52.55 7.61 -63.13
N LEU Z 437 52.32 8.50 -62.16
CA LEU Z 437 51.49 9.69 -62.36
C LEU Z 437 52.28 10.96 -62.59
N GLY Z 438 53.44 11.11 -61.96
CA GLY Z 438 54.27 12.28 -62.11
C GLY Z 438 54.91 12.65 -60.81
N HIS Z 439 55.85 13.57 -60.87
CA HIS Z 439 56.60 14.01 -59.71
C HIS Z 439 55.97 15.23 -59.07
N PRO Z 440 55.59 15.15 -57.79
CA PRO Z 440 55.06 16.34 -57.09
C PRO Z 440 56.14 17.24 -56.51
N TYR Z 441 56.70 18.11 -57.37
CA TYR Z 441 57.71 19.04 -56.88
C TYR Z 441 57.05 20.23 -56.18
N LEU Z 442 57.89 21.06 -55.56
CA LEU Z 442 57.38 22.22 -54.83
C LEU Z 442 57.15 23.39 -55.77
N TRP Z 443 58.05 23.59 -56.75
CA TRP Z 443 57.95 24.71 -57.66
C TRP Z 443 56.75 24.57 -58.59
N VAL Z 444 56.35 23.33 -58.90
CA VAL Z 444 55.15 23.07 -59.70
C VAL Z 444 53.93 23.64 -58.99
N GLN Z 445 53.86 23.43 -57.67
CA GLN Z 445 52.70 23.88 -56.93
C GLN Z 445 52.79 25.37 -56.59
N LYS Z 446 54.01 25.92 -56.51
CA LYS Z 446 54.15 27.36 -56.40
C LYS Z 446 53.70 28.06 -57.69
N LEU Z 447 53.92 27.42 -58.84
CA LEU Z 447 53.37 27.97 -60.08
C LEU Z 447 51.88 27.75 -60.17
N GLY Z 448 51.38 26.66 -59.57
CA GLY Z 448 49.95 26.38 -59.64
C GLY Z 448 49.12 27.28 -58.76
N GLY Z 449 49.75 27.96 -57.79
CA GLY Z 449 49.05 28.85 -56.88
C GLY Z 449 48.92 28.29 -55.47
N LEU Z 450 49.09 26.99 -55.29
CA LEU Z 450 48.96 26.39 -53.98
C LEU Z 450 50.19 26.65 -53.13
N HIS Z 451 49.99 27.16 -51.92
CA HIS Z 451 51.09 27.45 -51.00
C HIS Z 451 51.02 26.49 -49.82
N PHE Z 452 52.04 25.67 -49.69
CA PHE Z 452 52.10 24.69 -48.61
C PHE Z 452 53.24 25.00 -47.65
N PRO Z 453 53.07 24.74 -46.35
CA PRO Z 453 54.11 25.12 -45.39
C PRO Z 453 55.35 24.25 -45.49
N LYS Z 454 56.50 24.92 -45.53
CA LYS Z 454 57.77 24.20 -45.54
C LYS Z 454 58.06 23.62 -44.16
N GLU Z 455 59.03 22.71 -44.11
CA GLU Z 455 59.30 21.99 -42.86
C GLU Z 455 60.00 22.88 -41.86
N GLN Z 456 60.83 23.82 -42.32
CA GLN Z 456 61.51 24.76 -41.46
C GLN Z 456 61.09 26.17 -41.80
N PRO Z 457 60.70 26.99 -40.80
CA PRO Z 457 60.34 28.39 -41.06
C PRO Z 457 61.55 29.25 -41.40
N SER Z 470 56.56 36.77 -59.73
CA SER Z 470 57.82 36.71 -60.46
C SER Z 470 58.45 35.33 -60.37
N HIS Z 471 57.69 34.38 -59.83
CA HIS Z 471 58.17 33.00 -59.76
C HIS Z 471 58.21 32.36 -61.14
N MET Z 472 57.29 32.79 -62.02
CA MET Z 472 57.11 32.15 -63.32
C MET Z 472 58.33 32.33 -64.21
N GLU Z 473 58.82 33.57 -64.33
CA GLU Z 473 59.96 33.86 -65.18
C GLU Z 473 61.23 33.18 -64.66
N THR Z 474 61.39 33.12 -63.34
CA THR Z 474 62.56 32.47 -62.76
C THR Z 474 62.53 30.97 -62.98
N THR Z 475 61.36 30.33 -62.83
CA THR Z 475 61.27 28.89 -63.07
C THR Z 475 61.49 28.56 -64.54
N MET Z 476 60.96 29.37 -65.46
CA MET Z 476 61.15 29.07 -66.87
C MET Z 476 62.60 29.33 -67.30
N LYS Z 477 63.25 30.32 -66.70
CA LYS Z 477 64.67 30.52 -66.98
C LYS Z 477 65.52 29.38 -66.41
N LEU Z 478 65.13 28.83 -65.27
CA LEU Z 478 65.87 27.69 -64.73
C LEU Z 478 65.65 26.45 -65.60
N LEU Z 479 64.46 26.32 -66.20
CA LEU Z 479 64.26 25.26 -67.19
C LEU Z 479 65.13 25.45 -68.41
N LYS Z 480 65.26 26.70 -68.87
CA LYS Z 480 66.12 27.02 -70.02
C LYS Z 480 67.58 26.72 -69.73
N THR Z 481 68.03 26.99 -68.50
CA THR Z 481 69.42 26.65 -68.15
C THR Z 481 69.61 25.15 -68.00
N ARG Z 482 68.61 24.44 -67.46
CA ARG Z 482 68.74 23.01 -67.21
C ARG Z 482 68.79 22.22 -68.51
N VAL Z 483 67.97 22.60 -69.50
CA VAL Z 483 67.98 21.89 -70.78
C VAL Z 483 69.30 22.10 -71.51
N GLN Z 484 69.80 23.34 -71.54
CA GLN Z 484 71.08 23.62 -72.19
C GLN Z 484 72.23 22.93 -71.47
N SER Z 485 72.16 22.83 -70.13
CA SER Z 485 73.21 22.17 -69.37
C SER Z 485 73.23 20.67 -69.65
N ARG Z 486 72.04 20.05 -69.72
CA ARG Z 486 72.00 18.61 -69.98
C ARG Z 486 72.41 18.29 -71.41
N LEU Z 487 72.07 19.15 -72.38
CA LEU Z 487 72.50 18.91 -73.76
C LEU Z 487 74.01 19.12 -73.91
N ALA Z 488 74.52 20.11 -73.13
CA ALA Z 488 75.96 20.35 -73.19
C ALA Z 488 76.73 19.21 -72.51
N LEU Z 489 76.21 18.70 -71.39
CA LEU Z 489 76.83 17.54 -70.76
C LEU Z 489 76.73 16.29 -71.64
N HIS Z 490 75.65 16.19 -72.42
CA HIS Z 490 75.50 15.08 -73.36
C HIS Z 490 76.58 15.13 -74.44
N LYS Z 491 76.81 16.33 -74.98
CA LYS Z 491 77.86 16.50 -76.00
C LYS Z 491 79.24 16.22 -75.42
N GLN Z 492 79.47 16.70 -74.19
CA GLN Z 492 80.77 16.48 -73.55
C GLN Z 492 81.01 15.01 -73.24
N PHE Z 493 79.96 14.29 -72.84
CA PHE Z 493 80.15 12.87 -72.52
C PHE Z 493 80.36 12.05 -73.79
N ALA Z 494 79.68 12.44 -74.87
CA ALA Z 494 79.90 11.80 -76.17
C ALA Z 494 81.32 12.02 -76.65
N SER Z 495 81.91 13.17 -76.32
CA SER Z 495 83.32 13.35 -76.65
C SER Z 495 84.26 12.64 -75.68
N LEU Z 496 83.90 12.58 -74.39
CA LEU Z 496 84.82 12.05 -73.38
C LEU Z 496 84.88 10.53 -73.40
N GLU Z 497 83.89 9.86 -74.01
CA GLU Z 497 84.00 8.42 -74.11
C GLU Z 497 85.07 7.99 -75.13
N HIS Z 498 85.47 8.89 -76.02
CA HIS Z 498 86.52 8.60 -76.98
C HIS Z 498 87.91 8.99 -76.49
N GLY Z 499 88.07 9.23 -75.18
CA GLY Z 499 89.37 9.57 -74.64
C GLY Z 499 89.85 10.97 -74.92
N ILE Z 500 89.00 11.83 -75.47
CA ILE Z 500 89.38 13.18 -75.85
C ILE Z 500 88.64 14.15 -74.93
N VAL Z 501 89.37 15.08 -74.33
CA VAL Z 501 88.78 16.12 -73.48
C VAL Z 501 88.42 17.29 -74.39
N PRO Z 502 87.13 17.60 -74.57
CA PRO Z 502 86.75 18.70 -75.46
C PRO Z 502 86.95 20.06 -74.80
N VAL Z 503 87.99 20.77 -75.25
CA VAL Z 503 88.27 22.11 -74.77
C VAL Z 503 87.88 23.10 -75.87
N THR Z 504 87.40 24.27 -75.47
CA THR Z 504 86.98 25.25 -76.44
C THR Z 504 88.13 26.18 -76.81
N SER Z 505 87.86 27.06 -77.78
CA SER Z 505 88.87 28.03 -78.18
C SER Z 505 89.03 29.13 -77.15
N ASP Z 506 88.05 29.29 -76.26
CA ASP Z 506 88.10 30.37 -75.28
C ASP Z 506 88.96 30.00 -74.09
N CYS Z 507 88.94 28.72 -73.69
CA CYS Z 507 89.57 28.29 -72.44
C CYS Z 507 91.05 27.97 -72.57
N GLN Z 508 91.66 28.21 -73.74
CA GLN Z 508 93.03 27.75 -73.98
C GLN Z 508 94.06 28.48 -73.14
N TYR Z 509 93.74 29.65 -72.61
CA TYR Z 509 94.68 30.34 -71.72
C TYR Z 509 94.69 29.74 -70.33
N LEU Z 510 93.73 28.87 -70.00
CA LEU Z 510 93.69 28.29 -68.66
C LEU Z 510 94.74 27.21 -68.47
N PHE Z 511 95.23 26.63 -69.56
CA PHE Z 511 96.07 25.46 -69.48
C PHE Z 511 97.37 25.69 -70.25
N PRO Z 512 98.42 24.93 -69.94
CA PRO Z 512 99.60 24.96 -70.80
C PRO Z 512 99.34 24.26 -72.13
N ALA Z 513 100.29 24.42 -73.05
CA ALA Z 513 100.10 23.89 -74.40
C ALA Z 513 100.31 22.37 -74.42
N LYS Z 514 101.50 21.91 -74.05
CA LYS Z 514 101.83 20.50 -74.06
C LYS Z 514 101.21 19.81 -72.86
N VAL Z 515 100.58 18.67 -73.09
CA VAL Z 515 100.07 17.81 -72.03
C VAL Z 515 100.41 16.37 -72.41
N VAL Z 516 100.76 15.57 -71.41
CA VAL Z 516 101.21 14.20 -71.64
C VAL Z 516 100.18 13.20 -71.13
N SER Z 517 99.58 13.46 -69.99
CA SER Z 517 98.60 12.56 -69.38
C SER Z 517 97.29 12.64 -70.14
N ARG Z 518 96.67 11.48 -70.35
CA ARG Z 518 95.45 11.38 -71.13
C ARG Z 518 94.40 10.59 -70.38
N LEU Z 519 93.16 10.75 -70.82
CA LEU Z 519 92.01 10.08 -70.22
C LEU Z 519 91.77 8.80 -71.01
N VAL Z 520 91.74 7.66 -70.32
CA VAL Z 520 91.59 6.39 -71.02
C VAL Z 520 90.26 5.72 -70.67
N LYS Z 521 89.64 6.07 -69.54
CA LYS Z 521 88.37 5.47 -69.16
C LYS Z 521 87.48 6.53 -68.53
N TRP Z 522 86.21 6.50 -68.92
CA TRP Z 522 85.16 7.38 -68.39
C TRP Z 522 83.89 6.54 -68.26
N VAL Z 523 83.68 5.96 -67.08
CA VAL Z 523 82.66 4.94 -66.88
C VAL Z 523 81.71 5.38 -65.78
N THR Z 524 80.41 5.36 -66.06
CA THR Z 524 79.42 5.63 -65.03
C THR Z 524 79.35 4.47 -64.05
N ILE Z 525 79.12 4.80 -62.77
CA ILE Z 525 78.94 3.81 -61.72
C ILE Z 525 77.69 4.18 -60.93
N ALA Z 526 77.39 3.37 -59.92
CA ALA Z 526 76.20 3.56 -59.11
C ALA Z 526 76.57 4.19 -57.78
N HIS Z 527 75.53 4.46 -56.97
CA HIS Z 527 75.74 5.06 -55.65
C HIS Z 527 76.41 4.08 -54.70
N GLU Z 528 75.96 2.81 -54.72
CA GLU Z 528 76.56 1.81 -53.85
C GLU Z 528 77.98 1.48 -54.30
N ASP Z 529 78.23 1.51 -55.62
CA ASP Z 529 79.59 1.32 -56.12
C ASP Z 529 80.49 2.47 -55.72
N TYR Z 530 79.92 3.67 -55.59
CA TYR Z 530 80.69 4.81 -55.11
C TYR Z 530 81.01 4.66 -53.63
N MET Z 531 80.04 4.21 -52.84
CA MET Z 531 80.27 4.07 -51.41
C MET Z 531 81.12 2.85 -51.07
N GLU Z 532 81.26 1.89 -51.99
CA GLU Z 532 82.18 0.79 -51.77
C GLU Z 532 83.63 1.19 -51.93
N LEU Z 533 83.91 2.34 -52.53
CA LEU Z 533 85.29 2.78 -52.70
C LEU Z 533 85.88 3.20 -51.37
N HIS Z 534 87.15 2.86 -51.16
CA HIS Z 534 87.79 3.11 -49.87
C HIS Z 534 88.19 4.57 -49.70
N PHE Z 535 88.45 5.29 -50.78
CA PHE Z 535 89.02 6.61 -50.71
C PHE Z 535 87.99 7.73 -50.83
N THR Z 536 86.70 7.40 -50.67
CA THR Z 536 85.65 8.40 -50.76
C THR Z 536 84.81 8.44 -49.48
N LYS Z 537 85.45 8.30 -48.32
CA LYS Z 537 84.69 8.31 -47.06
C LYS Z 537 84.31 9.73 -46.66
N ASP Z 538 85.11 10.71 -47.09
CA ASP Z 538 84.91 12.08 -46.61
C ASP Z 538 83.74 12.76 -47.30
N ILE Z 539 83.52 12.44 -48.58
CA ILE Z 539 82.36 12.96 -49.31
C ILE Z 539 81.07 12.41 -48.71
N VAL Z 540 81.07 11.12 -48.38
CA VAL Z 540 79.90 10.47 -47.80
C VAL Z 540 79.64 11.00 -46.40
N ASP Z 541 80.70 11.15 -45.59
CA ASP Z 541 80.53 11.65 -44.23
C ASP Z 541 80.23 13.14 -44.18
N ALA Z 542 80.56 13.88 -45.23
CA ALA Z 542 80.22 15.29 -45.27
C ALA Z 542 78.78 15.55 -45.63
N GLY Z 543 78.12 14.58 -46.26
CA GLY Z 543 76.76 14.74 -46.69
C GLY Z 543 76.59 15.15 -48.14
N LEU Z 544 77.59 14.90 -48.98
CA LEU Z 544 77.55 15.29 -50.38
C LEU Z 544 77.25 14.14 -51.31
N ALA Z 545 77.32 12.90 -50.82
CA ALA Z 545 77.01 11.72 -51.62
C ALA Z 545 75.59 11.26 -51.32
N GLY Z 546 74.63 12.07 -51.75
CA GLY Z 546 73.24 11.74 -51.63
C GLY Z 546 72.80 10.74 -52.68
N ASP Z 547 71.51 10.40 -52.64
CA ASP Z 547 70.97 9.45 -53.59
C ASP Z 547 70.79 10.08 -54.97
N THR Z 548 70.40 11.35 -55.02
CA THR Z 548 70.07 12.00 -56.29
C THR Z 548 71.31 12.67 -56.89
N ASN Z 549 72.29 11.82 -57.22
CA ASN Z 549 73.52 12.29 -57.84
C ASN Z 549 73.90 11.35 -58.98
N LEU Z 550 74.82 11.81 -59.81
CA LEU Z 550 75.40 11.00 -60.87
C LEU Z 550 76.86 10.76 -60.54
N TYR Z 551 77.26 9.49 -60.51
CA TYR Z 551 78.58 9.08 -60.03
C TYR Z 551 79.38 8.50 -61.18
N TYR Z 552 80.58 9.06 -61.40
CA TYR Z 552 81.40 8.71 -62.55
C TYR Z 552 82.78 8.31 -62.08
N MET Z 553 83.49 7.57 -62.95
CA MET Z 553 84.86 7.18 -62.71
C MET Z 553 85.69 7.55 -63.92
N ALA Z 554 86.66 8.42 -63.72
CA ALA Z 554 87.65 8.74 -64.73
C ALA Z 554 88.96 8.07 -64.36
N LEU Z 555 89.71 7.66 -65.37
CA LEU Z 555 90.99 7.01 -65.13
C LEU Z 555 92.02 7.65 -66.04
N ILE Z 556 93.04 8.27 -65.43
CA ILE Z 556 94.02 9.04 -66.17
C ILE Z 556 95.40 8.43 -65.96
N GLU Z 557 96.12 8.23 -67.07
CA GLU Z 557 97.38 7.50 -67.02
C GLU Z 557 98.53 8.28 -67.63
N ARG Z 558 99.72 8.04 -67.08
CA ARG Z 558 100.98 8.17 -67.80
C ARG Z 558 101.72 6.84 -67.67
N GLY Z 559 103.00 6.83 -68.03
CA GLY Z 559 103.80 5.61 -67.99
C GLY Z 559 103.87 4.96 -66.62
N THR Z 560 103.17 3.84 -66.48
CA THR Z 560 102.92 3.09 -65.25
C THR Z 560 102.32 3.94 -64.14
N ALA Z 561 101.56 4.98 -64.49
CA ALA Z 561 100.95 5.88 -63.51
C ALA Z 561 99.46 5.94 -63.74
N LYS Z 562 98.68 5.40 -62.81
CA LYS Z 562 97.23 5.33 -62.92
C LYS Z 562 96.60 6.18 -61.82
N LEU Z 563 95.60 6.97 -62.20
CA LEU Z 563 94.93 7.89 -61.29
C LEU Z 563 93.44 7.70 -61.44
N GLN Z 564 92.79 7.20 -60.39
CA GLN Z 564 91.35 7.01 -60.37
C GLN Z 564 90.71 8.24 -59.75
N ALA Z 565 89.80 8.87 -60.49
CA ALA Z 565 89.11 10.08 -60.05
C ALA Z 565 87.62 9.80 -60.03
N ALA Z 566 87.06 9.70 -58.84
CA ALA Z 566 85.62 9.50 -58.68
C ALA Z 566 84.94 10.86 -58.65
N VAL Z 567 83.88 11.01 -59.43
CA VAL Z 567 83.25 12.29 -59.72
C VAL Z 567 81.81 12.24 -59.25
N VAL Z 568 81.39 13.26 -58.51
CA VAL Z 568 80.00 13.42 -58.10
C VAL Z 568 79.42 14.66 -58.77
N LEU Z 569 78.33 14.47 -59.50
CA LEU Z 569 77.51 15.56 -60.04
C LEU Z 569 76.17 15.59 -59.31
N ASN Z 570 75.80 16.74 -58.78
CA ASN Z 570 74.39 16.88 -58.44
C ASN Z 570 73.67 17.55 -59.61
N PRO Z 571 72.33 17.40 -59.72
CA PRO Z 571 71.66 17.86 -60.95
C PRO Z 571 71.66 19.36 -61.19
N GLY Z 572 72.04 20.16 -60.20
CA GLY Z 572 72.23 21.57 -60.45
C GLY Z 572 73.61 21.88 -61.02
N TYR Z 573 73.97 21.29 -62.15
CA TYR Z 573 75.25 21.54 -62.76
C TYR Z 573 75.31 22.96 -63.33
N SER Z 574 76.54 23.50 -63.38
CA SER Z 574 76.95 24.85 -63.77
C SER Z 574 76.57 25.89 -62.74
N SER Z 575 75.95 25.44 -61.65
CA SER Z 575 75.73 26.25 -60.47
C SER Z 575 76.34 25.64 -59.23
N ILE Z 576 76.46 24.31 -59.18
CA ILE Z 576 77.18 23.60 -58.14
C ILE Z 576 78.17 22.68 -58.83
N PRO Z 577 79.46 22.76 -58.53
CA PRO Z 577 80.45 22.03 -59.33
C PRO Z 577 80.48 20.56 -58.95
N PRO Z 578 80.95 19.70 -59.85
CA PRO Z 578 81.24 18.31 -59.47
C PRO Z 578 82.39 18.26 -58.49
N ILE Z 579 82.34 17.29 -57.58
CA ILE Z 579 83.39 17.14 -56.58
C ILE Z 579 84.15 15.84 -56.87
N PHE Z 580 85.48 15.91 -56.74
CA PHE Z 580 86.36 14.84 -57.17
C PHE Z 580 87.05 14.21 -55.97
N GLN Z 581 87.33 12.91 -56.08
CA GLN Z 581 88.22 12.21 -55.15
C GLN Z 581 89.27 11.49 -55.97
N LEU Z 582 90.51 11.52 -55.49
CA LEU Z 582 91.65 11.05 -56.26
C LEU Z 582 92.37 9.93 -55.54
N CYS Z 583 92.77 8.91 -56.29
CA CYS Z 583 93.60 7.83 -55.76
C CYS Z 583 94.66 7.51 -56.81
N LEU Z 584 95.92 7.72 -56.48
CA LEU Z 584 97.02 7.49 -57.40
C LEU Z 584 97.66 6.14 -57.08
N ASN Z 585 97.47 5.17 -57.96
CA ASN Z 585 98.11 3.86 -57.81
C ASN Z 585 99.35 3.83 -58.70
N TRP Z 586 100.37 4.59 -58.27
CA TRP Z 586 101.63 4.68 -59.00
C TRP Z 586 102.72 3.83 -58.35
N LYS Z 587 103.05 4.12 -57.09
CA LYS Z 587 103.97 3.32 -56.30
C LYS Z 587 103.30 3.08 -54.97
N GLY Z 588 102.98 1.81 -54.68
CA GLY Z 588 102.15 1.51 -53.53
C GLY Z 588 100.74 1.98 -53.77
N GLU Z 589 100.22 2.83 -52.88
CA GLU Z 589 98.91 3.43 -53.09
C GLU Z 589 98.94 4.79 -52.43
N LYS Z 590 99.24 5.82 -53.20
CA LYS Z 590 99.33 7.19 -52.70
C LYS Z 590 97.94 7.79 -52.76
N THR Z 591 97.27 7.89 -51.62
CA THR Z 591 95.90 8.34 -51.55
C THR Z 591 95.79 9.65 -50.76
N ASN Z 592 94.55 10.06 -50.50
CA ASN Z 592 94.29 11.34 -49.85
C ASN Z 592 94.71 11.33 -48.38
N SER Z 593 94.75 10.15 -47.75
CA SER Z 593 95.04 10.11 -46.33
C SER Z 593 96.53 10.03 -46.03
N ASN Z 594 97.35 9.60 -46.99
CA ASN Z 594 98.77 9.40 -46.75
C ASN Z 594 99.65 10.32 -47.61
N ASP Z 595 99.04 11.29 -48.29
CA ASP Z 595 99.81 12.22 -49.10
C ASP Z 595 99.08 13.56 -49.10
N ASP Z 596 99.84 14.64 -49.10
CA ASP Z 596 99.26 15.96 -49.00
C ASP Z 596 99.19 16.65 -50.36
N ASN Z 597 99.97 16.18 -51.33
CA ASN Z 597 99.88 16.76 -52.66
C ASN Z 597 98.64 16.27 -53.40
N ILE Z 598 98.16 15.07 -53.05
CA ILE Z 598 96.86 14.60 -53.54
C ILE Z 598 95.76 15.53 -53.04
N ARG Z 599 95.83 15.89 -51.76
CA ARG Z 599 94.88 16.82 -51.17
C ARG Z 599 95.03 18.21 -51.76
N ALA Z 600 96.24 18.59 -52.17
CA ALA Z 600 96.44 19.86 -52.84
C ALA Z 600 95.82 19.89 -54.23
N MET Z 601 95.93 18.78 -54.97
CA MET Z 601 95.27 18.70 -56.27
C MET Z 601 93.75 18.72 -56.13
N GLU Z 602 93.24 18.06 -55.09
CA GLU Z 602 91.80 18.10 -54.82
C GLU Z 602 91.37 19.51 -54.44
N GLY Z 603 92.23 20.26 -53.77
CA GLY Z 603 91.91 21.66 -53.48
C GLY Z 603 91.98 22.54 -54.71
N GLU Z 604 92.89 22.21 -55.64
CA GLU Z 604 92.99 22.99 -56.87
C GLU Z 604 91.79 22.75 -57.78
N VAL Z 605 91.22 21.54 -57.73
CA VAL Z 605 90.07 21.26 -58.58
C VAL Z 605 88.75 21.66 -57.92
N ASN Z 606 88.52 21.24 -56.68
CA ASN Z 606 87.22 21.40 -56.05
C ASN Z 606 86.98 22.81 -55.53
N VAL Z 607 87.93 23.37 -54.78
CA VAL Z 607 87.68 24.64 -54.10
C VAL Z 607 87.86 25.82 -55.05
N CYS Z 608 88.82 25.75 -55.97
CA CYS Z 608 89.14 26.85 -56.87
C CYS Z 608 88.44 26.71 -58.22
N TYR Z 609 87.19 26.24 -58.22
CA TYR Z 609 86.52 25.91 -59.47
C TYR Z 609 86.08 27.15 -60.24
N LYS Z 610 85.94 28.30 -59.57
CA LYS Z 610 85.47 29.50 -60.25
C LYS Z 610 86.50 30.11 -61.18
N GLU Z 611 87.76 29.69 -61.08
CA GLU Z 611 88.72 30.09 -62.11
C GLU Z 611 88.47 29.36 -63.41
N LEU Z 612 87.79 28.22 -63.37
CA LEU Z 612 87.60 27.38 -64.54
C LEU Z 612 86.30 27.67 -65.27
N CYS Z 613 85.35 28.34 -64.64
CA CYS Z 613 84.11 28.69 -65.32
C CYS Z 613 84.34 29.87 -66.27
N GLY Z 614 83.83 29.76 -67.48
CA GLY Z 614 84.12 30.72 -68.52
C GLY Z 614 83.08 31.81 -68.64
N PRO Z 615 82.36 31.84 -69.77
CA PRO Z 615 81.32 32.86 -69.96
C PRO Z 615 80.06 32.62 -69.14
N TRP Z 616 78.99 33.38 -69.41
CA TRP Z 616 77.74 33.19 -68.69
C TRP Z 616 77.08 31.83 -68.96
N PRO Z 617 77.04 31.31 -70.22
CA PRO Z 617 76.61 29.89 -70.27
C PRO Z 617 77.79 28.95 -70.01
N SER Z 618 78.25 28.93 -68.76
CA SER Z 618 79.43 28.15 -68.38
C SER Z 618 79.05 26.71 -68.16
N HIS Z 619 78.87 25.99 -69.26
CA HIS Z 619 78.58 24.58 -69.22
C HIS Z 619 79.80 23.74 -69.54
N GLN Z 620 80.97 24.38 -69.62
CA GLN Z 620 82.21 23.72 -69.94
C GLN Z 620 83.07 23.48 -68.70
N LEU Z 621 82.46 23.38 -67.53
CA LEU Z 621 83.23 23.37 -66.29
C LEU Z 621 83.87 22.02 -66.04
N LEU Z 622 83.19 20.92 -66.40
CA LEU Z 622 83.70 19.59 -66.12
C LEU Z 622 84.92 19.27 -66.98
N THR Z 623 84.91 19.70 -68.24
CA THR Z 623 86.06 19.48 -69.10
C THR Z 623 87.26 20.31 -68.64
N ASN Z 624 87.00 21.51 -68.14
CA ASN Z 624 88.09 22.35 -67.63
C ASN Z 624 88.69 21.74 -66.37
N GLN Z 625 87.86 21.17 -65.52
CA GLN Z 625 88.38 20.46 -64.34
C GLN Z 625 89.20 19.24 -64.73
N LEU Z 626 88.75 18.48 -65.74
CA LEU Z 626 89.50 17.30 -66.14
C LEU Z 626 90.83 17.67 -66.80
N GLN Z 627 90.85 18.75 -67.58
CA GLN Z 627 92.08 19.18 -68.21
C GLN Z 627 93.07 19.72 -67.18
N ARG Z 628 92.56 20.49 -66.20
CA ARG Z 628 93.43 20.96 -65.12
C ARG Z 628 93.98 19.80 -64.29
N LEU Z 629 93.16 18.76 -64.09
CA LEU Z 629 93.64 17.63 -63.30
C LEU Z 629 94.68 16.81 -64.07
N CYS Z 630 94.57 16.78 -65.40
CA CYS Z 630 95.63 16.20 -66.22
C CYS Z 630 96.93 16.99 -66.08
N VAL Z 631 96.83 18.32 -66.11
CA VAL Z 631 98.00 19.18 -65.93
C VAL Z 631 98.62 18.98 -64.54
N LEU Z 632 97.77 18.81 -63.52
CA LEU Z 632 98.28 18.59 -62.17
C LEU Z 632 98.95 17.24 -62.02
N LEU Z 633 98.46 16.23 -62.74
CA LEU Z 633 99.15 14.93 -62.72
C LEU Z 633 100.52 15.04 -63.38
N ASP Z 634 100.61 15.82 -64.46
CA ASP Z 634 101.90 16.08 -65.11
C ASP Z 634 102.87 16.76 -64.15
N VAL Z 635 102.37 17.72 -63.37
CA VAL Z 635 103.23 18.45 -62.45
C VAL Z 635 103.66 17.55 -61.30
N TYR Z 636 102.73 16.76 -60.76
CA TYR Z 636 103.05 15.86 -59.66
C TYR Z 636 104.04 14.78 -60.07
N LEU Z 637 104.03 14.37 -61.33
CA LEU Z 637 104.97 13.33 -61.73
C LEU Z 637 106.32 13.91 -62.14
N GLU Z 638 106.34 15.09 -62.76
CA GLU Z 638 107.62 15.62 -63.23
C GLU Z 638 108.39 16.28 -62.09
N THR Z 639 107.70 17.02 -61.23
CA THR Z 639 108.39 17.78 -60.18
C THR Z 639 108.71 16.95 -58.95
N GLU Z 640 108.49 15.64 -58.97
CA GLU Z 640 108.86 14.82 -57.83
C GLU Z 640 110.36 14.54 -57.85
N SER Z 641 111.00 14.72 -56.68
CA SER Z 641 112.42 14.50 -56.54
C SER Z 641 112.71 13.00 -56.47
N HIS Z 642 113.90 12.62 -56.92
CA HIS Z 642 114.30 11.21 -56.93
C HIS Z 642 114.73 10.75 -55.54
N LEU Z 659 109.02 27.35 -60.14
CA LEU Z 659 109.74 27.81 -58.95
C LEU Z 659 110.47 26.63 -58.30
N ARG Z 660 111.14 26.91 -57.17
CA ARG Z 660 112.34 26.18 -56.75
C ARG Z 660 112.18 24.66 -56.62
N LEU Z 661 111.50 24.13 -55.59
CA LEU Z 661 110.72 22.92 -55.77
C LEU Z 661 109.52 22.92 -54.85
N PHE Z 662 109.69 23.56 -53.69
CA PHE Z 662 108.93 23.29 -52.47
C PHE Z 662 108.81 24.58 -51.67
N ARG Z 663 107.73 24.69 -50.91
CA ARG Z 663 107.63 25.74 -49.90
C ARG Z 663 106.61 25.33 -48.85
N GLY Z 664 106.71 25.95 -47.69
CA GLY Z 664 105.76 25.72 -46.63
C GLY Z 664 106.14 24.55 -45.76
N PRO Z 665 105.43 24.37 -44.65
CA PRO Z 665 105.71 23.22 -43.76
C PRO Z 665 105.34 21.89 -44.38
N SER Z 666 104.36 21.85 -45.25
CA SER Z 666 103.91 20.62 -45.87
C SER Z 666 104.69 20.26 -47.12
N ARG Z 667 105.67 21.08 -47.50
CA ARG Z 667 106.58 20.87 -48.63
C ARG Z 667 105.80 20.78 -49.94
N MET Z 668 105.09 21.87 -50.23
CA MET Z 668 104.07 21.87 -51.26
C MET Z 668 104.68 22.09 -52.64
N LYS Z 669 104.14 21.36 -53.63
CA LYS Z 669 104.52 21.45 -55.03
C LYS Z 669 103.77 22.59 -55.72
N PRO Z 670 104.35 23.20 -56.76
CA PRO Z 670 103.68 24.34 -57.41
C PRO Z 670 102.58 23.89 -58.36
N PHE Z 671 101.34 24.32 -58.07
CA PHE Z 671 100.18 23.87 -58.82
C PHE Z 671 99.40 24.99 -59.50
N LYS Z 672 99.80 26.25 -59.33
CA LYS Z 672 99.14 27.36 -60.00
C LYS Z 672 99.85 27.67 -61.30
N TYR Z 673 99.07 27.84 -62.37
CA TYR Z 673 99.62 28.14 -63.67
C TYR Z 673 99.55 29.65 -63.92
N ASN Z 674 100.56 30.18 -64.59
CA ASN Z 674 100.64 31.59 -64.96
C ASN Z 674 100.76 31.68 -66.47
N HIS Z 675 99.73 32.25 -67.10
CA HIS Z 675 99.61 32.21 -68.56
C HIS Z 675 100.45 33.24 -69.32
N PRO Z 676 100.46 34.55 -68.98
CA PRO Z 676 101.22 35.48 -69.85
C PRO Z 676 102.73 35.27 -69.79
N GLN Z 677 103.25 34.64 -68.75
CA GLN Z 677 104.63 34.18 -68.77
C GLN Z 677 104.75 32.67 -68.84
N GLY Z 678 103.69 31.94 -68.53
CA GLY Z 678 103.64 30.50 -68.72
C GLY Z 678 104.53 29.70 -67.79
N PHE Z 679 104.27 29.76 -66.49
CA PHE Z 679 105.09 29.02 -65.54
C PHE Z 679 104.27 28.69 -64.30
N PHE Z 680 104.77 27.73 -63.53
CA PHE Z 680 104.05 27.22 -62.36
C PHE Z 680 104.57 27.84 -61.08
N SER Z 681 103.65 28.43 -60.32
CA SER Z 681 103.92 28.95 -58.99
C SER Z 681 103.10 28.16 -57.99
N HIS Z 682 103.27 28.49 -56.71
CA HIS Z 682 102.48 27.87 -55.67
C HIS Z 682 101.21 28.65 -55.43
N ARG Z 683 100.22 27.97 -54.84
CA ARG Z 683 98.93 28.58 -54.56
C ARG Z 683 99.04 29.58 -53.42
N VAL AA 5 74.21 8.81 -40.90
CA VAL AA 5 75.56 9.36 -40.79
C VAL AA 5 75.70 10.75 -41.50
N PRO AA 6 75.16 10.96 -42.75
CA PRO AA 6 75.12 12.34 -43.25
C PRO AA 6 74.04 13.17 -42.57
N LEU AA 7 74.37 13.74 -41.41
CA LEU AA 7 73.41 14.49 -40.61
C LEU AA 7 72.97 15.76 -41.33
N ALA AA 8 73.94 16.65 -41.61
CA ALA AA 8 73.66 17.92 -42.25
C ALA AA 8 74.00 17.83 -43.74
N VAL AA 9 72.97 17.93 -44.57
CA VAL AA 9 73.13 18.02 -46.03
C VAL AA 9 73.01 19.48 -46.40
N PRO AA 10 73.98 20.05 -47.14
CA PRO AA 10 73.99 21.52 -47.34
C PRO AA 10 72.84 22.06 -48.17
N LEU AA 11 72.64 21.56 -49.40
CA LEU AA 11 71.55 21.95 -50.31
C LEU AA 11 71.56 23.45 -50.60
N GLY AA 12 72.61 23.87 -51.31
CA GLY AA 12 72.75 25.26 -51.68
C GLY AA 12 74.18 25.59 -52.06
N GLN AA 13 74.36 26.47 -53.06
CA GLN AA 13 75.68 26.73 -53.64
C GLN AA 13 76.66 27.29 -52.61
N THR AA 14 76.20 28.23 -51.78
CA THR AA 14 77.06 28.80 -50.75
C THR AA 14 77.41 27.77 -49.69
N GLU AA 15 76.44 26.95 -49.29
CA GLU AA 15 76.71 25.99 -48.23
C GLU AA 15 77.51 24.79 -48.75
N VAL AA 16 77.32 24.41 -50.02
CA VAL AA 16 78.19 23.41 -50.63
C VAL AA 16 79.61 23.93 -50.74
N PHE AA 17 79.77 25.21 -51.07
CA PHE AA 17 81.11 25.80 -51.15
C PHE AA 17 81.77 25.88 -49.78
N GLN AA 18 80.99 26.16 -48.74
CA GLN AA 18 81.54 26.18 -47.39
C GLN AA 18 81.90 24.78 -46.92
N ALA AA 19 81.11 23.77 -47.28
CA ALA AA 19 81.46 22.40 -46.95
C ALA AA 19 82.70 21.95 -47.70
N LEU AA 20 82.90 22.45 -48.92
CA LEU AA 20 84.11 22.10 -49.66
C LEU AA 20 85.34 22.78 -49.08
N GLN AA 21 85.18 24.01 -48.58
CA GLN AA 21 86.32 24.66 -47.94
C GLN AA 21 86.66 24.01 -46.61
N ARG AA 22 85.64 23.57 -45.86
CA ARG AA 22 85.92 22.87 -44.61
C ARG AA 22 86.53 21.50 -44.87
N LEU AA 23 86.13 20.86 -45.97
CA LEU AA 23 86.67 19.55 -46.29
C LEU AA 23 88.11 19.62 -46.75
N HIS AA 24 88.52 20.75 -47.33
CA HIS AA 24 89.89 20.94 -47.81
C HIS AA 24 90.66 21.95 -46.98
N MET AA 25 90.52 21.90 -45.66
CA MET AA 25 91.18 22.87 -44.79
C MET AA 25 92.37 22.24 -44.08
N THR AA 26 93.45 23.01 -43.99
CA THR AA 26 94.64 22.63 -43.24
C THR AA 26 94.93 23.71 -42.23
N ILE AA 27 95.14 23.31 -40.98
CA ILE AA 27 95.40 24.24 -39.89
C ILE AA 27 96.88 24.17 -39.54
N PHE AA 28 97.62 25.23 -39.87
CA PHE AA 28 99.08 25.22 -39.73
C PHE AA 28 99.57 25.61 -38.35
N SER AA 29 99.04 26.67 -37.77
CA SER AA 29 99.63 27.28 -36.59
C SER AA 29 98.65 27.29 -35.43
N GLN AA 30 99.20 27.37 -34.23
CA GLN AA 30 98.43 27.53 -33.01
C GLN AA 30 99.15 28.50 -32.09
N SER AA 31 98.36 29.29 -31.37
CA SER AA 31 98.90 30.19 -30.36
C SER AA 31 97.94 30.23 -29.19
N VAL AA 32 98.44 30.61 -28.04
CA VAL AA 32 97.63 30.70 -26.83
C VAL AA 32 97.64 32.15 -26.36
N SER AA 33 96.58 32.56 -25.68
CA SER AA 33 96.47 33.91 -25.16
C SER AA 33 97.46 34.11 -23.99
N PRO AA 34 97.67 35.36 -23.54
CA PRO AA 34 98.43 35.55 -22.29
C PRO AA 34 97.79 34.87 -21.08
N CYS AA 35 96.47 34.90 -20.98
CA CYS AA 35 95.75 34.03 -20.06
C CYS AA 35 95.53 32.68 -20.74
N GLY AA 36 95.04 31.71 -19.99
CA GLY AA 36 94.80 30.42 -20.60
C GLY AA 36 93.52 30.35 -21.41
N LYS AA 37 92.72 31.41 -21.38
CA LYS AA 37 91.31 31.28 -21.69
C LYS AA 37 91.05 31.19 -23.19
N PHE AA 38 91.99 31.65 -24.01
CA PHE AA 38 91.75 31.72 -25.45
C PHE AA 38 92.83 30.99 -26.24
N LEU AA 39 92.41 30.49 -27.40
CA LEU AA 39 93.27 29.81 -28.34
C LEU AA 39 93.13 30.51 -29.68
N ALA AA 40 94.20 30.49 -30.48
CA ALA AA 40 94.18 31.08 -31.81
C ALA AA 40 94.68 30.06 -32.80
N ALA AA 41 93.95 29.88 -33.90
CA ALA AA 41 94.29 28.89 -34.91
C ALA AA 41 94.43 29.56 -36.26
N GLY AA 42 95.54 29.27 -36.94
CA GLY AA 42 95.81 29.80 -38.26
C GLY AA 42 95.30 28.85 -39.32
N ASN AA 43 95.09 29.37 -40.52
CA ASN AA 43 94.31 28.66 -41.52
C ASN AA 43 95.09 28.52 -42.82
N ASN AA 44 94.64 27.54 -43.62
CA ASN AA 44 95.12 27.39 -44.99
C ASN AA 44 94.79 28.61 -45.82
N TYR AA 45 93.63 29.22 -45.60
CA TYR AA 45 93.14 30.29 -46.45
C TYR AA 45 93.52 31.67 -45.94
N GLY AA 46 94.37 31.75 -44.93
CA GLY AA 46 94.79 33.02 -44.38
C GLY AA 46 93.88 33.56 -43.31
N GLN AA 47 93.04 32.70 -42.75
CA GLN AA 47 92.06 33.13 -41.76
C GLN AA 47 92.62 32.85 -40.38
N ILE AA 48 91.97 33.41 -39.36
CA ILE AA 48 92.34 33.15 -37.97
C ILE AA 48 91.06 32.92 -37.19
N ALA AA 49 90.99 31.79 -36.50
CA ALA AA 49 89.89 31.51 -35.58
C ALA AA 49 90.35 31.73 -34.16
N ILE AA 50 89.42 32.16 -33.31
CA ILE AA 50 89.68 32.38 -31.90
C ILE AA 50 88.73 31.50 -31.11
N PHE AA 51 89.30 30.64 -30.27
CA PHE AA 51 88.57 29.61 -29.56
C PHE AA 51 88.50 29.96 -28.08
N SER AA 52 87.29 30.09 -27.56
CA SER AA 52 87.09 30.31 -26.13
C SER AA 52 87.35 28.98 -25.44
N LEU AA 53 88.58 28.78 -24.99
CA LEU AA 53 88.98 27.47 -24.49
C LEU AA 53 88.44 27.21 -23.10
N SER AA 54 88.34 28.25 -22.27
CA SER AA 54 87.76 28.11 -20.95
C SER AA 54 86.25 27.87 -21.04
N SER AA 55 85.61 28.44 -22.04
CA SER AA 55 84.18 28.20 -22.24
C SER AA 55 83.93 26.81 -22.79
N ALA AA 56 84.88 26.27 -23.55
CA ALA AA 56 84.75 24.91 -24.04
C ALA AA 56 85.00 23.90 -22.92
N LEU AA 57 85.94 24.21 -22.03
CA LEU AA 57 86.26 23.30 -20.93
C LEU AA 57 85.36 23.49 -19.72
N SER AA 58 84.36 24.36 -19.79
CA SER AA 58 83.49 24.60 -18.64
C SER AA 58 82.49 23.47 -18.46
N SER AA 59 81.84 23.47 -17.30
CA SER AA 59 80.79 22.50 -17.03
C SER AA 59 79.54 22.82 -17.85
N GLU AA 60 79.18 24.10 -17.94
CA GLU AA 60 78.15 24.53 -18.88
C GLU AA 60 78.79 24.70 -20.25
N ALA AA 61 78.55 23.76 -21.14
CA ALA AA 61 79.14 23.80 -22.47
C ALA AA 61 78.11 23.33 -23.48
N LYS AA 62 77.93 24.13 -24.53
CA LYS AA 62 76.98 23.83 -25.59
C LYS AA 62 77.73 23.32 -26.80
N GLU AA 63 76.97 22.75 -27.75
CA GLU AA 63 77.57 22.28 -28.99
C GLU AA 63 78.05 23.43 -29.86
N GLU AA 64 77.46 24.60 -29.71
CA GLU AA 64 77.92 25.81 -30.40
C GLU AA 64 79.04 26.52 -29.65
N SER AA 65 79.47 25.99 -28.50
CA SER AA 65 80.62 26.55 -27.82
C SER AA 65 81.93 26.04 -28.40
N LYS AA 66 81.89 24.96 -29.19
CA LYS AA 66 83.05 24.45 -29.89
C LYS AA 66 83.15 25.04 -31.29
N LYS AA 67 83.04 26.36 -31.38
CA LYS AA 67 83.04 27.12 -32.61
C LYS AA 67 83.89 28.35 -32.37
N PRO AA 68 84.43 28.98 -33.42
CA PRO AA 68 85.16 30.22 -33.22
C PRO AA 68 84.25 31.35 -32.79
N VAL AA 69 84.61 32.02 -31.69
CA VAL AA 69 83.83 33.17 -31.26
C VAL AA 69 84.09 34.35 -32.19
N VAL AA 70 85.32 34.49 -32.69
CA VAL AA 70 85.69 35.46 -33.71
C VAL AA 70 86.61 34.76 -34.69
N THR AA 71 86.20 34.69 -35.96
CA THR AA 71 87.09 34.29 -37.03
C THR AA 71 87.17 35.45 -38.02
N PHE AA 72 88.36 35.67 -38.57
CA PHE AA 72 88.54 36.82 -39.44
C PHE AA 72 89.64 36.56 -40.45
N GLN AA 73 89.44 37.10 -41.65
CA GLN AA 73 90.47 37.08 -42.68
C GLN AA 73 91.62 38.00 -42.26
N ALA AA 74 92.83 37.46 -42.25
CA ALA AA 74 93.97 38.20 -41.73
C ALA AA 74 95.16 38.29 -42.67
N HIS AA 75 95.32 37.35 -43.60
CA HIS AA 75 96.43 37.39 -44.54
C HIS AA 75 95.94 36.95 -45.90
N ASP AA 76 96.68 37.36 -46.93
CA ASP AA 76 96.32 36.95 -48.29
C ASP AA 76 96.71 35.50 -48.56
N GLY AA 77 97.93 35.11 -48.20
CA GLY AA 77 98.36 33.74 -48.32
C GLY AA 77 98.11 33.01 -47.02
N PRO AA 78 98.61 31.77 -46.92
CA PRO AA 78 98.34 30.98 -45.71
C PRO AA 78 99.10 31.49 -44.50
N VAL AA 79 98.53 31.25 -43.32
CA VAL AA 79 99.13 31.63 -42.04
C VAL AA 79 100.02 30.47 -41.60
N TYR AA 80 101.33 30.59 -41.82
CA TYR AA 80 102.25 29.52 -41.48
C TYR AA 80 102.75 29.57 -40.04
N SER AA 81 102.65 30.71 -39.36
CA SER AA 81 103.18 30.79 -38.02
C SER AA 81 102.47 31.87 -37.21
N MET AA 82 102.22 31.54 -35.96
CA MET AA 82 101.80 32.48 -34.93
C MET AA 82 102.79 32.44 -33.79
N VAL AA 83 102.81 33.53 -33.02
CA VAL AA 83 103.47 33.54 -31.72
C VAL AA 83 102.75 34.60 -30.88
N SER AA 84 102.83 34.48 -29.57
CA SER AA 84 102.14 35.40 -28.68
C SER AA 84 103.09 35.98 -27.65
N THR AA 85 102.82 37.21 -27.25
CA THR AA 85 103.62 37.96 -26.30
C THR AA 85 102.78 38.22 -25.06
N ASP AA 86 103.27 39.13 -24.21
CA ASP AA 86 102.51 39.55 -23.04
C ASP AA 86 101.22 40.27 -23.42
N ARG AA 87 101.20 40.91 -24.59
CA ARG AA 87 100.03 41.67 -25.03
C ARG AA 87 99.60 41.41 -26.47
N HIS AA 88 100.48 40.94 -27.33
CA HIS AA 88 100.21 40.91 -28.76
C HIS AA 88 100.09 39.47 -29.26
N LEU AA 89 99.55 39.36 -30.47
CA LEU AA 89 99.56 38.14 -31.26
C LEU AA 89 100.23 38.47 -32.58
N LEU AA 90 101.42 37.93 -32.78
CA LEU AA 90 102.15 38.13 -34.03
C LEU AA 90 101.83 36.99 -34.97
N SER AA 91 101.49 37.32 -36.20
CA SER AA 91 101.09 36.33 -37.19
C SER AA 91 101.81 36.58 -38.49
N ALA AA 92 102.55 35.57 -38.96
CA ALA AA 92 103.30 35.67 -40.21
C ALA AA 92 102.49 35.03 -41.31
N GLY AA 93 102.16 35.82 -42.33
CA GLY AA 93 101.26 35.34 -43.37
C GLY AA 93 101.91 35.14 -44.72
N ASP AA 94 101.62 36.04 -45.66
CA ASP AA 94 102.10 35.95 -47.03
C ASP AA 94 103.61 36.05 -47.08
N GLY AA 95 104.15 37.20 -46.69
CA GLY AA 95 105.58 37.35 -46.58
C GLY AA 95 105.94 38.32 -45.48
N GLU AA 96 104.92 38.72 -44.70
CA GLU AA 96 105.07 39.79 -43.74
C GLU AA 96 104.36 39.42 -42.45
N VAL AA 97 104.72 40.10 -41.38
CA VAL AA 97 104.20 39.82 -40.05
C VAL AA 97 103.23 40.93 -39.66
N LYS AA 98 102.02 40.56 -39.29
CA LYS AA 98 101.05 41.48 -38.72
C LYS AA 98 100.99 41.26 -37.22
N ALA AA 99 100.48 42.25 -36.52
CA ALA AA 99 100.31 42.20 -35.08
C ALA AA 99 98.88 42.53 -34.72
N TRP AA 100 98.33 41.79 -33.76
CA TRP AA 100 96.93 41.93 -33.37
C TRP AA 100 96.88 42.02 -31.86
N LEU AA 101 95.89 42.74 -31.34
CA LEU AA 101 95.70 42.89 -29.91
C LEU AA 101 94.68 41.88 -29.42
N TRP AA 102 94.99 41.21 -28.31
CA TRP AA 102 94.07 40.24 -27.74
C TRP AA 102 92.82 40.91 -27.19
N ALA AA 103 92.94 42.16 -26.75
CA ALA AA 103 91.77 42.87 -26.24
C ALA AA 103 90.85 43.29 -27.38
N GLU AA 104 91.42 43.60 -28.56
CA GLU AA 104 90.61 44.15 -29.64
C GLU AA 104 90.17 43.09 -30.63
N MET AA 105 90.82 41.92 -30.67
CA MET AA 105 90.41 40.89 -31.61
C MET AA 105 89.11 40.21 -31.19
N LEU AA 106 88.73 40.32 -29.91
CA LEU AA 106 87.42 39.83 -29.49
C LEU AA 106 86.31 40.79 -29.89
N LYS AA 107 86.62 42.07 -30.07
CA LYS AA 107 85.62 43.08 -30.39
C LYS AA 107 85.35 43.09 -31.89
N LYS AA 108 84.60 44.11 -32.33
CA LYS AA 108 84.16 44.20 -33.71
C LYS AA 108 85.15 44.94 -34.61
N GLY AA 109 86.12 45.64 -34.03
CA GLY AA 109 87.06 46.42 -34.81
C GLY AA 109 88.02 45.58 -35.61
N CYS AA 110 88.89 44.84 -34.91
CA CYS AA 110 89.88 43.91 -35.46
C CYS AA 110 90.83 44.62 -36.43
N LYS AA 111 91.48 45.65 -35.92
CA LYS AA 111 92.52 46.35 -36.67
C LYS AA 111 93.88 45.81 -36.28
N GLU AA 112 94.87 46.07 -37.14
CA GLU AA 112 96.23 45.63 -36.93
C GLU AA 112 97.04 46.76 -36.28
N LEU AA 113 98.09 46.38 -35.56
CA LEU AA 113 98.99 47.38 -35.01
C LEU AA 113 100.01 47.83 -36.04
N TRP AA 114 100.78 46.89 -36.58
CA TRP AA 114 101.79 47.24 -37.57
C TRP AA 114 101.77 46.23 -38.72
N ARG AA 115 102.74 46.40 -39.61
CA ARG AA 115 102.94 45.51 -40.75
C ARG AA 115 104.40 45.63 -41.17
N ARG AA 116 105.22 44.65 -40.81
CA ARG AA 116 106.65 44.68 -41.07
C ARG AA 116 107.02 43.62 -42.10
N GLN AA 117 107.85 44.00 -43.06
CA GLN AA 117 108.33 43.10 -44.09
C GLN AA 117 109.85 43.17 -44.17
N PRO AA 118 110.55 42.06 -43.98
CA PRO AA 118 112.02 42.08 -44.01
C PRO AA 118 112.55 42.31 -45.41
N PRO AA 119 113.77 42.83 -45.53
CA PRO AA 119 114.34 43.02 -46.87
C PRO AA 119 114.76 41.69 -47.49
N TYR AA 120 114.59 41.61 -48.81
CA TYR AA 120 114.73 40.38 -49.55
C TYR AA 120 115.79 40.53 -50.63
N ARG AA 121 115.97 39.47 -51.41
CA ARG AA 121 116.84 39.47 -52.58
C ARG AA 121 116.13 39.94 -53.84
N THR AA 122 114.90 40.47 -53.70
CA THR AA 122 114.05 40.98 -54.78
C THR AA 122 113.75 39.94 -55.86
N SER AA 123 113.77 38.65 -55.51
CA SER AA 123 113.32 37.64 -56.45
C SER AA 123 111.81 37.65 -56.54
N LEU AA 124 111.29 37.12 -57.65
CA LEU AA 124 109.85 37.20 -57.92
C LEU AA 124 109.13 35.96 -57.41
N GLU AA 125 109.21 35.75 -56.10
CA GLU AA 125 108.48 34.67 -55.45
C GLU AA 125 107.75 35.09 -54.18
N VAL AA 126 108.17 36.15 -53.51
CA VAL AA 126 107.67 36.62 -52.20
C VAL AA 126 107.72 35.47 -51.20
N PRO AA 127 108.90 35.15 -50.66
CA PRO AA 127 109.07 33.91 -49.91
C PRO AA 127 108.32 33.90 -48.58
N GLU AA 128 108.12 32.70 -48.05
CA GLU AA 128 107.29 32.47 -46.88
C GLU AA 128 108.09 32.72 -45.60
N ILE AA 129 107.38 32.64 -44.47
CA ILE AA 129 107.97 32.74 -43.14
C ILE AA 129 107.47 31.52 -42.38
N ASN AA 130 108.33 30.51 -42.24
CA ASN AA 130 107.89 29.23 -41.70
C ASN AA 130 107.90 29.22 -40.17
N ALA AA 131 108.90 29.85 -39.55
CA ALA AA 131 109.05 29.78 -38.12
C ALA AA 131 109.22 31.17 -37.51
N LEU AA 132 108.48 31.41 -36.44
CA LEU AA 132 108.62 32.61 -35.62
C LEU AA 132 109.20 32.22 -34.28
N LEU AA 133 110.32 32.82 -33.92
CA LEU AA 133 110.90 32.61 -32.60
C LEU AA 133 110.83 33.92 -31.82
N LEU AA 134 110.20 33.86 -30.66
CA LEU AA 134 110.09 35.01 -29.77
C LEU AA 134 111.17 34.88 -28.72
N VAL AA 135 112.08 35.83 -28.70
CA VAL AA 135 113.29 35.76 -27.87
C VAL AA 135 113.05 36.60 -26.62
N PRO AA 136 113.16 36.03 -25.42
CA PRO AA 136 113.18 36.86 -24.20
C PRO AA 136 114.54 37.48 -23.98
N LYS AA 137 114.71 38.21 -22.85
CA LYS AA 137 115.92 38.88 -22.37
C LYS AA 137 116.24 40.13 -23.20
N GLU AA 138 115.52 40.31 -24.30
CA GLU AA 138 115.62 41.45 -25.21
C GLU AA 138 114.41 41.38 -26.13
N ASN AA 139 113.76 42.52 -26.36
CA ASN AA 139 112.57 42.51 -27.20
C ASN AA 139 112.95 42.28 -28.65
N SER AA 140 112.84 41.03 -29.11
CA SER AA 140 113.30 40.68 -30.44
C SER AA 140 112.42 39.58 -31.00
N LEU AA 141 112.56 39.37 -32.31
CA LEU AA 141 111.77 38.37 -33.02
C LEU AA 141 112.60 37.88 -34.20
N ILE AA 142 112.73 36.57 -34.33
CA ILE AA 142 113.55 35.97 -35.39
C ILE AA 142 112.64 35.44 -36.48
N LEU AA 143 112.86 35.90 -37.69
CA LEU AA 143 112.14 35.49 -38.88
C LEU AA 143 112.99 34.50 -39.65
N ALA AA 144 112.35 33.46 -40.17
CA ALA AA 144 113.02 32.42 -40.94
C ALA AA 144 112.06 31.87 -41.97
N GLY AA 145 112.52 31.66 -43.18
CA GLY AA 145 111.67 31.13 -44.23
C GLY AA 145 112.38 30.85 -45.52
N GLY AA 146 111.69 31.15 -46.62
CA GLY AA 146 112.18 30.84 -47.95
C GLY AA 146 113.29 31.73 -48.44
N ASP AA 147 113.68 32.73 -47.66
CA ASP AA 147 114.83 33.56 -47.99
C ASP AA 147 116.15 32.87 -47.60
N CYS AA 148 116.06 31.73 -46.90
CA CYS AA 148 117.21 30.93 -46.44
C CYS AA 148 118.11 31.72 -45.48
N GLN AA 149 117.54 32.71 -44.80
CA GLN AA 149 118.29 33.63 -43.97
C GLN AA 149 117.51 33.93 -42.71
N LEU AA 150 118.22 34.14 -41.61
CA LEU AA 150 117.61 34.45 -40.34
C LEU AA 150 117.64 35.96 -40.13
N HIS AA 151 116.47 36.56 -40.00
CA HIS AA 151 116.36 37.99 -39.75
C HIS AA 151 116.01 38.25 -38.31
N THR AA 152 116.61 39.26 -37.70
CA THR AA 152 116.26 39.65 -36.34
C THR AA 152 115.61 41.01 -36.36
N MET AA 153 114.46 41.13 -35.70
CA MET AA 153 113.69 42.37 -35.67
C MET AA 153 113.46 42.81 -34.24
N ASP AA 154 113.63 44.11 -33.99
CA ASP AA 154 113.26 44.70 -32.72
C ASP AA 154 111.74 44.79 -32.62
N LEU AA 155 111.20 44.52 -31.43
CA LEU AA 155 109.76 44.57 -31.26
C LEU AA 155 109.25 45.99 -31.07
N GLU AA 156 110.08 46.87 -30.52
CA GLU AA 156 109.64 48.25 -30.28
C GLU AA 156 109.59 49.05 -31.58
N THR AA 157 110.69 49.06 -32.32
CA THR AA 157 110.77 49.73 -33.61
C THR AA 157 111.00 48.70 -34.70
N GLY AA 158 110.37 48.90 -35.84
CA GLY AA 158 110.47 47.95 -36.93
C GLY AA 158 111.75 48.06 -37.73
N THR AA 159 112.87 47.80 -37.09
CA THR AA 159 114.17 47.81 -37.74
C THR AA 159 114.76 46.40 -37.66
N PHE AA 160 115.44 46.00 -38.73
CA PHE AA 160 116.00 44.66 -38.81
C PHE AA 160 117.50 44.74 -38.60
N THR AA 161 117.99 44.06 -37.56
CA THR AA 161 119.37 44.25 -37.12
C THR AA 161 120.33 43.23 -37.73
N ARG AA 162 120.11 41.95 -37.47
CA ARG AA 162 121.03 40.91 -37.91
C ARG AA 162 120.42 40.09 -39.03
N VAL AA 163 121.26 39.72 -39.99
CA VAL AA 163 120.93 38.78 -41.05
C VAL AA 163 121.96 37.67 -41.02
N LEU AA 164 121.49 36.42 -40.88
CA LEU AA 164 122.34 35.27 -40.70
C LEU AA 164 122.20 34.35 -41.91
N ARG AA 165 123.33 33.97 -42.50
CA ARG AA 165 123.36 33.24 -43.77
C ARG AA 165 124.18 31.97 -43.61
N GLY AA 166 123.53 30.86 -43.26
CA GLY AA 166 124.24 29.60 -43.17
C GLY AA 166 123.64 28.46 -43.95
N HIS AA 167 122.33 28.50 -44.17
CA HIS AA 167 121.64 27.39 -44.80
C HIS AA 167 121.73 27.46 -46.32
N THR AA 168 121.49 26.31 -46.94
CA THR AA 168 121.44 26.22 -48.40
C THR AA 168 120.01 26.28 -48.90
N ASP AA 169 119.10 25.48 -48.34
CA ASP AA 169 117.69 25.52 -48.64
C ASP AA 169 116.94 26.16 -47.46
N TYR AA 170 115.62 26.20 -47.57
CA TYR AA 170 114.85 27.02 -46.64
C TYR AA 170 114.72 26.32 -45.28
N ILE AA 171 114.24 27.08 -44.32
CA ILE AA 171 114.26 26.71 -42.91
C ILE AA 171 112.86 26.29 -42.50
N HIS AA 172 112.76 25.25 -41.64
CA HIS AA 172 111.46 24.83 -41.14
C HIS AA 172 111.19 25.24 -39.70
N CYS AA 173 112.20 25.30 -38.85
CA CYS AA 173 111.94 25.46 -37.43
C CYS AA 173 113.13 26.11 -36.74
N LEU AA 174 112.84 26.71 -35.60
CA LEU AA 174 113.82 27.43 -34.78
C LEU AA 174 113.73 26.91 -33.36
N ALA AA 175 114.73 27.25 -32.55
CA ALA AA 175 114.74 26.78 -31.18
C ALA AA 175 115.48 27.78 -30.31
N LEU AA 176 115.47 27.52 -29.00
CA LEU AA 176 116.02 28.42 -27.99
C LEU AA 176 116.38 27.61 -26.76
N ARG AA 177 117.59 27.82 -26.22
CA ARG AA 177 117.98 27.06 -25.04
C ARG AA 177 118.72 27.85 -23.97
N GLU AA 178 118.92 29.15 -24.12
CA GLU AA 178 119.39 30.07 -23.07
C GLU AA 178 120.78 29.68 -22.55
N ARG AA 179 121.75 29.73 -23.47
CA ARG AA 179 123.16 29.49 -23.20
C ARG AA 179 123.94 30.40 -24.15
N SER AA 180 125.22 30.06 -24.38
CA SER AA 180 126.04 30.89 -25.27
C SER AA 180 125.63 30.78 -26.75
N PRO AA 181 125.42 29.56 -27.37
CA PRO AA 181 124.91 29.58 -28.75
C PRO AA 181 123.46 30.04 -28.85
N GLU AA 182 122.58 29.39 -28.08
CA GLU AA 182 121.23 29.82 -27.72
C GLU AA 182 120.21 29.76 -28.85
N VAL AA 183 120.63 29.57 -30.10
CA VAL AA 183 119.69 29.52 -31.22
C VAL AA 183 120.04 28.33 -32.11
N LEU AA 184 119.11 27.39 -32.22
CA LEU AA 184 119.18 26.31 -33.19
C LEU AA 184 118.30 26.64 -34.37
N SER AA 185 118.69 26.17 -35.55
CA SER AA 185 117.86 26.33 -36.74
C SER AA 185 118.03 25.12 -37.65
N GLY AA 186 116.91 24.53 -38.04
CA GLY AA 186 116.93 23.36 -38.89
C GLY AA 186 116.19 23.62 -40.19
N GLY AA 187 116.71 23.06 -41.28
CA GLY AA 187 116.14 23.38 -42.57
C GLY AA 187 116.02 22.24 -43.56
N GLU AA 188 115.62 22.59 -44.77
CA GLU AA 188 115.46 21.65 -45.87
C GLU AA 188 116.81 21.12 -46.37
N ASP AA 189 117.91 21.82 -46.11
CA ASP AA 189 119.22 21.33 -46.54
C ASP AA 189 119.69 20.13 -45.72
N GLY AA 190 119.16 19.92 -44.52
CA GLY AA 190 119.51 18.77 -43.73
C GLY AA 190 120.58 18.96 -42.70
N ALA AA 191 120.63 20.14 -42.07
CA ALA AA 191 121.66 20.42 -41.09
C ALA AA 191 121.12 21.37 -40.02
N VAL AA 192 121.31 21.00 -38.77
CA VAL AA 192 120.96 21.83 -37.62
C VAL AA 192 122.14 22.77 -37.37
N ARG AA 193 121.90 24.07 -37.40
CA ARG AA 193 122.95 25.05 -37.25
C ARG AA 193 122.75 25.85 -35.98
N LEU AA 194 123.86 26.25 -35.36
CA LEU AA 194 123.85 26.99 -34.10
C LEU AA 194 124.29 28.42 -34.39
N TRP AA 195 123.56 29.38 -33.81
CA TRP AA 195 123.71 30.79 -34.18
C TRP AA 195 123.90 31.63 -32.93
N ASP AA 196 125.15 31.96 -32.61
CA ASP AA 196 125.44 32.83 -31.47
C ASP AA 196 124.96 34.25 -31.81
N LEU AA 197 124.14 34.81 -30.93
CA LEU AA 197 123.50 36.09 -31.21
C LEU AA 197 124.46 37.25 -31.04
N ARG AA 198 125.50 37.09 -30.21
CA ARG AA 198 126.43 38.18 -29.94
C ARG AA 198 127.35 38.41 -31.14
N THR AA 199 128.07 37.36 -31.56
CA THR AA 199 128.98 37.47 -32.68
C THR AA 199 128.27 37.46 -34.03
N ALA AA 200 126.98 37.06 -34.06
CA ALA AA 200 126.17 36.91 -35.26
C ALA AA 200 126.84 35.98 -36.28
N LYS AA 201 127.34 34.86 -35.79
CA LYS AA 201 128.05 33.90 -36.61
C LYS AA 201 127.51 32.51 -36.33
N GLU AA 202 127.90 31.57 -37.18
CA GLU AA 202 127.55 30.16 -37.01
C GLU AA 202 128.70 29.47 -36.26
N VAL AA 203 128.36 28.77 -35.18
CA VAL AA 203 129.41 28.20 -34.34
C VAL AA 203 129.47 26.67 -34.43
N GLN AA 204 128.39 26.01 -34.85
CA GLN AA 204 128.36 24.56 -34.89
C GLN AA 204 127.31 24.11 -35.90
N THR AA 205 127.61 23.02 -36.59
CA THR AA 205 126.73 22.46 -37.60
C THR AA 205 126.65 20.95 -37.40
N ILE AA 206 125.43 20.43 -37.33
CA ILE AA 206 125.19 19.00 -37.14
C ILE AA 206 124.43 18.52 -38.37
N GLU AA 207 125.09 17.75 -39.21
CA GLU AA 207 124.45 17.16 -40.38
C GLU AA 207 123.89 15.80 -39.99
N VAL AA 208 122.58 15.65 -40.03
CA VAL AA 208 121.94 14.45 -39.52
C VAL AA 208 121.91 13.35 -40.58
N TYR AA 209 121.88 13.70 -41.87
CA TYR AA 209 121.83 12.70 -42.91
C TYR AA 209 123.18 12.04 -43.14
N LYS AA 210 124.26 12.69 -42.73
CA LYS AA 210 125.60 12.13 -42.92
C LYS AA 210 125.83 10.93 -42.02
N HIS AA 211 125.23 10.92 -40.84
CA HIS AA 211 125.35 9.79 -39.94
C HIS AA 211 124.51 8.63 -40.44
N GLU AA 212 125.14 7.45 -40.53
CA GLU AA 212 124.49 6.28 -41.13
C GLU AA 212 123.45 5.66 -40.21
N GLU AA 213 123.46 6.02 -38.92
CA GLU AA 213 122.46 5.48 -38.00
C GLU AA 213 121.10 6.13 -38.21
N CYS AA 214 121.04 7.24 -38.95
CA CYS AA 214 119.86 8.08 -38.99
C CYS AA 214 119.33 8.29 -40.39
N SER AA 215 120.08 7.88 -41.42
CA SER AA 215 120.00 8.42 -42.79
C SER AA 215 118.64 8.32 -43.45
N ARG AA 216 118.17 7.09 -43.74
CA ARG AA 216 116.90 6.77 -44.40
C ARG AA 216 116.75 7.55 -45.71
N PRO AA 217 117.46 7.14 -46.77
CA PRO AA 217 117.47 7.97 -47.99
C PRO AA 217 116.18 7.92 -48.80
N HIS AA 218 115.19 7.14 -48.38
CA HIS AA 218 113.93 7.06 -49.12
C HIS AA 218 113.10 8.33 -48.95
N ASN AA 219 112.96 8.79 -47.71
CA ASN AA 219 112.19 10.01 -47.46
C ASN AA 219 112.94 11.27 -47.82
N GLY AA 220 114.27 11.25 -47.82
CA GLY AA 220 115.06 12.40 -48.15
C GLY AA 220 115.68 13.04 -46.93
N ARG AA 221 116.27 14.21 -47.16
CA ARG AA 221 116.95 14.97 -46.12
C ARG AA 221 116.22 16.30 -45.92
N TRP AA 222 115.43 16.36 -44.86
CA TRP AA 222 114.78 17.60 -44.45
C TRP AA 222 114.47 17.49 -42.97
N ILE AA 223 114.75 18.55 -42.24
CA ILE AA 223 114.57 18.60 -40.79
C ILE AA 223 113.33 19.44 -40.52
N GLY AA 224 112.31 18.80 -39.95
CA GLY AA 224 111.05 19.48 -39.75
C GLY AA 224 110.85 20.03 -38.36
N CYS AA 225 111.51 19.43 -37.37
CA CYS AA 225 111.25 19.74 -35.98
C CYS AA 225 112.52 19.73 -35.15
N LEU AA 226 112.59 20.62 -34.16
CA LEU AA 226 113.66 20.67 -33.19
C LEU AA 226 113.07 20.86 -31.80
N ALA AA 227 113.87 20.53 -30.79
CA ALA AA 227 113.48 20.72 -29.40
C ALA AA 227 114.74 20.79 -28.56
N THR AA 228 114.67 21.53 -27.45
CA THR AA 228 115.82 21.73 -26.58
C THR AA 228 115.48 21.37 -25.15
N ASP AA 229 116.44 20.76 -24.47
CA ASP AA 229 116.42 20.60 -23.02
C ASP AA 229 117.63 21.28 -22.39
N SER AA 230 118.23 22.24 -23.12
CA SER AA 230 119.41 23.04 -22.79
C SER AA 230 120.70 22.23 -22.76
N ASP AA 231 120.62 20.92 -22.95
CA ASP AA 231 121.80 20.07 -23.05
C ASP AA 231 121.61 19.05 -24.16
N TRP AA 232 120.36 18.80 -24.51
CA TRP AA 232 119.97 17.75 -25.45
C TRP AA 232 119.27 18.37 -26.66
N MET AA 233 118.94 17.53 -27.63
CA MET AA 233 118.23 17.98 -28.82
C MET AA 233 117.47 16.81 -29.41
N VAL AA 234 116.26 17.05 -29.89
CA VAL AA 234 115.50 16.05 -30.62
C VAL AA 234 115.32 16.56 -32.04
N CYS AA 235 115.85 15.82 -33.01
CA CYS AA 235 115.83 16.24 -34.40
C CYS AA 235 115.07 15.20 -35.21
N GLY AA 236 114.11 15.64 -36.00
CA GLY AA 236 113.28 14.73 -36.76
C GLY AA 236 112.83 15.35 -38.06
N GLY AA 237 112.17 14.54 -38.87
CA GLY AA 237 111.71 15.02 -40.16
C GLY AA 237 111.85 13.94 -41.21
N GLY AA 238 112.61 14.25 -42.26
CA GLY AA 238 113.02 13.29 -43.25
C GLY AA 238 113.75 12.07 -42.71
N PRO AA 239 114.99 12.25 -42.17
CA PRO AA 239 115.80 11.08 -41.78
C PRO AA 239 115.25 10.17 -40.68
N ALA AA 240 115.10 10.66 -39.45
CA ALA AA 240 114.73 9.83 -38.31
C ALA AA 240 114.50 10.75 -37.12
N LEU AA 241 113.80 10.22 -36.12
CA LEU AA 241 113.58 10.94 -34.87
C LEU AA 241 114.72 10.56 -33.92
N THR AA 242 115.68 11.47 -33.77
CA THR AA 242 116.95 11.18 -33.15
C THR AA 242 117.16 12.07 -31.94
N LEU AA 243 117.82 11.53 -30.92
CA LEU AA 243 118.20 12.28 -29.73
C LEU AA 243 119.69 12.57 -29.78
N TRP AA 244 120.04 13.82 -29.95
CA TRP AA 244 121.42 14.28 -30.02
C TRP AA 244 121.84 14.88 -28.68
N HIS AA 245 123.10 14.65 -28.33
CA HIS AA 245 123.72 15.30 -27.19
C HIS AA 245 124.52 16.50 -27.69
N LEU AA 246 124.12 17.69 -27.27
CA LEU AA 246 124.85 18.89 -27.65
C LEU AA 246 126.15 18.96 -26.87
N ARG AA 247 127.13 19.68 -27.46
CA ARG AA 247 128.55 19.84 -27.10
C ARG AA 247 129.34 18.56 -27.45
N SER AA 248 128.65 17.49 -27.81
CA SER AA 248 129.25 16.28 -28.34
C SER AA 248 128.86 16.00 -29.77
N SER AA 249 127.64 16.38 -30.18
CA SER AA 249 127.07 16.13 -31.51
C SER AA 249 127.10 14.64 -31.84
N THR AA 250 126.61 13.82 -30.91
CA THR AA 250 126.59 12.39 -31.07
C THR AA 250 125.15 11.88 -31.07
N PRO AA 251 124.75 11.02 -32.00
CA PRO AA 251 123.41 10.45 -31.97
C PRO AA 251 123.30 9.40 -30.87
N THR AA 252 122.53 9.72 -29.83
CA THR AA 252 122.46 8.83 -28.68
C THR AA 252 121.44 7.70 -28.89
N THR AA 253 120.18 8.05 -29.09
CA THR AA 253 119.16 7.04 -29.35
C THR AA 253 118.26 7.46 -30.49
N ILE AA 254 117.62 6.45 -31.09
CA ILE AA 254 116.75 6.60 -32.24
C ILE AA 254 115.37 6.12 -31.81
N PHE AA 255 114.33 6.85 -32.22
CA PHE AA 255 112.97 6.46 -31.90
C PHE AA 255 112.37 5.72 -33.08
N PRO AA 256 112.07 4.43 -32.94
CA PRO AA 256 111.69 3.55 -34.08
C PRO AA 256 110.28 3.76 -34.61
N ILE AA 257 110.14 4.71 -35.54
CA ILE AA 257 108.85 4.98 -36.16
C ILE AA 257 109.06 5.21 -37.65
N ARG AA 258 108.08 4.81 -38.44
CA ARG AA 258 108.15 4.86 -39.89
C ARG AA 258 107.73 6.20 -40.47
N ALA AA 259 106.66 6.79 -39.92
CA ALA AA 259 106.11 8.01 -40.50
C ALA AA 259 107.02 9.20 -40.17
N PRO AA 260 107.17 10.14 -41.10
CA PRO AA 260 107.95 11.35 -40.79
C PRO AA 260 107.21 12.25 -39.81
N GLN AA 261 107.97 12.87 -38.92
CA GLN AA 261 107.41 13.62 -37.80
C GLN AA 261 107.57 15.11 -38.05
N LYS AA 262 106.45 15.84 -38.04
CA LYS AA 262 106.42 17.26 -38.38
C LYS AA 262 106.61 18.15 -37.17
N HIS AA 263 106.51 17.63 -35.95
CA HIS AA 263 106.59 18.45 -34.76
C HIS AA 263 107.03 17.58 -33.59
N VAL AA 264 107.80 18.16 -32.68
CA VAL AA 264 108.27 17.45 -31.49
C VAL AA 264 108.42 18.46 -30.36
N THR AA 265 108.28 17.99 -29.12
CA THR AA 265 108.46 18.83 -27.96
C THR AA 265 108.82 17.98 -26.75
N PHE AA 266 109.33 18.65 -25.72
CA PHE AA 266 109.61 18.01 -24.44
C PHE AA 266 108.42 18.19 -23.50
N TYR AA 267 107.96 17.08 -22.93
CA TYR AA 267 107.00 17.12 -21.85
C TYR AA 267 107.81 17.11 -20.54
N GLN AA 268 107.16 16.78 -19.43
CA GLN AA 268 107.85 16.69 -18.13
C GLN AA 268 108.99 15.69 -18.16
N ASP AA 269 108.68 14.44 -18.53
CA ASP AA 269 109.74 13.49 -18.84
C ASP AA 269 109.38 12.60 -20.02
N LEU AA 270 108.58 13.09 -20.96
CA LEU AA 270 108.21 12.35 -22.15
C LEU AA 270 108.68 13.12 -23.38
N ILE AA 271 108.46 12.51 -24.53
CA ILE AA 271 108.66 13.15 -25.83
C ILE AA 271 107.36 13.03 -26.60
N LEU AA 272 106.78 14.16 -26.96
CA LEU AA 272 105.55 14.18 -27.73
C LEU AA 272 105.89 14.40 -29.20
N SER AA 273 105.20 13.67 -30.08
CA SER AA 273 105.48 13.75 -31.50
C SER AA 273 104.20 13.60 -32.29
N ALA AA 274 104.21 14.15 -33.51
CA ALA AA 274 103.07 14.07 -34.41
C ALA AA 274 103.59 14.29 -35.83
N GLY AA 275 103.00 13.60 -36.77
CA GLY AA 275 103.43 13.67 -38.16
C GLY AA 275 102.38 13.23 -39.12
N GLN AA 276 102.80 12.47 -40.14
CA GLN AA 276 101.92 12.04 -41.21
C GLN AA 276 100.95 10.96 -40.79
N GLY AA 277 101.17 10.32 -39.64
CA GLY AA 277 100.22 9.38 -39.10
C GLY AA 277 99.04 10.08 -38.46
N ARG AA 278 98.13 9.28 -37.91
CA ARG AA 278 96.93 9.78 -37.29
C ARG AA 278 97.11 10.10 -35.81
N CYS AA 279 98.00 9.39 -35.11
CA CYS AA 279 98.06 9.43 -33.66
C CYS AA 279 99.18 10.33 -33.17
N VAL AA 280 99.03 10.78 -31.92
CA VAL AA 280 100.05 11.47 -31.15
C VAL AA 280 100.92 10.43 -30.46
N ASN AA 281 102.24 10.58 -30.61
CA ASN AA 281 103.21 9.58 -30.19
C ASN AA 281 103.88 10.03 -28.91
N GLN AA 282 103.79 9.22 -27.86
CA GLN AA 282 104.40 9.51 -26.58
C GLN AA 282 105.56 8.56 -26.37
N TRP AA 283 106.77 9.10 -26.36
CA TRP AA 283 108.01 8.36 -26.22
C TRP AA 283 108.58 8.57 -24.83
N GLN AA 284 109.33 7.59 -24.37
CA GLN AA 284 110.20 7.76 -23.23
C GLN AA 284 111.59 8.18 -23.71
N LEU AA 285 112.34 8.82 -22.81
CA LEU AA 285 113.63 9.38 -23.21
C LEU AA 285 114.67 8.31 -23.47
N SER AA 286 114.45 7.09 -22.97
CA SER AA 286 115.33 5.98 -23.31
C SER AA 286 115.15 5.55 -24.76
N GLY AA 287 113.93 5.65 -25.27
CA GLY AA 287 113.66 5.27 -26.65
C GLY AA 287 112.57 4.24 -26.79
N GLU AA 288 111.75 4.10 -25.75
CA GLU AA 288 110.66 3.13 -25.72
C GLU AA 288 109.36 3.85 -26.01
N LEU AA 289 108.57 3.30 -26.94
CA LEU AA 289 107.27 3.87 -27.29
C LEU AA 289 106.30 3.64 -26.13
N LYS AA 290 105.99 4.72 -25.41
CA LYS AA 290 105.11 4.58 -24.26
C LYS AA 290 103.65 4.51 -24.69
N ALA AA 291 103.24 5.36 -25.64
CA ALA AA 291 101.83 5.40 -26.02
C ALA AA 291 101.65 5.94 -27.43
N GLN AA 292 100.49 5.62 -28.00
CA GLN AA 292 100.01 6.22 -29.23
C GLN AA 292 98.53 6.52 -29.07
N VAL AA 293 98.17 7.79 -29.02
CA VAL AA 293 96.80 8.23 -28.78
C VAL AA 293 96.21 8.70 -30.10
N PRO AA 294 95.17 8.05 -30.61
CA PRO AA 294 94.64 8.44 -31.93
C PRO AA 294 93.90 9.76 -31.89
N GLY AA 295 94.16 10.59 -32.91
CA GLY AA 295 93.47 11.83 -33.12
C GLY AA 295 92.43 11.73 -34.22
N SER AA 296 91.76 12.86 -34.45
CA SER AA 296 90.71 12.90 -35.46
C SER AA 296 91.21 13.29 -36.85
N SER AA 297 92.41 13.80 -36.95
CA SER AA 297 92.95 14.22 -38.23
C SER AA 297 93.75 13.08 -38.86
N PRO AA 298 93.78 12.98 -40.19
CA PRO AA 298 94.65 11.99 -40.82
C PRO AA 298 96.13 12.30 -40.65
N GLY AA 299 96.48 13.57 -40.51
CA GLY AA 299 97.85 13.93 -40.19
C GLY AA 299 97.84 15.19 -39.34
N LEU AA 300 98.87 15.32 -38.51
CA LEU AA 300 98.98 16.44 -37.59
C LEU AA 300 100.20 17.27 -37.93
N LEU AA 301 100.08 18.58 -37.74
CA LEU AA 301 101.16 19.51 -38.02
C LEU AA 301 101.59 20.35 -36.82
N SER AA 302 100.81 20.37 -35.74
CA SER AA 302 101.13 21.27 -34.65
C SER AA 302 100.59 20.71 -33.33
N LEU AA 303 101.44 20.76 -32.31
CA LEU AA 303 101.05 20.47 -30.94
C LEU AA 303 101.24 21.72 -30.10
N SER AA 304 100.48 21.84 -29.03
CA SER AA 304 100.63 22.97 -28.12
C SER AA 304 100.23 22.57 -26.71
N LEU AA 305 101.18 22.65 -25.79
CA LEU AA 305 100.91 22.56 -24.37
C LEU AA 305 100.51 23.93 -23.87
N ASN AA 306 99.35 24.03 -23.24
CA ASN AA 306 98.83 25.30 -22.76
C ASN AA 306 99.18 25.45 -21.29
N GLN AA 307 100.48 25.63 -21.04
CA GLN AA 307 101.02 25.76 -19.69
C GLN AA 307 101.16 27.24 -19.39
N GLN AA 308 100.08 27.85 -18.91
CA GLN AA 308 100.05 29.28 -18.63
C GLN AA 308 99.64 29.49 -17.18
N PRO AA 309 100.26 30.44 -16.47
CA PRO AA 309 99.79 30.78 -15.13
C PRO AA 309 98.47 31.54 -15.17
N ALA AA 310 97.86 31.69 -14.00
CA ALA AA 310 96.57 32.34 -13.72
C ALA AA 310 95.38 31.66 -14.39
N ALA AA 311 95.56 30.49 -14.99
CA ALA AA 311 94.46 29.66 -15.51
C ALA AA 311 94.89 28.21 -15.51
N PRO AA 312 94.81 27.54 -14.35
CA PRO AA 312 95.19 26.11 -14.32
C PRO AA 312 94.18 25.22 -14.99
N GLU AA 313 92.93 25.67 -15.11
CA GLU AA 313 91.89 24.86 -15.73
C GLU AA 313 92.06 24.75 -17.23
N CYS AA 314 92.83 25.66 -17.84
CA CYS AA 314 93.15 25.58 -19.26
C CYS AA 314 94.53 24.98 -19.47
N LYS AA 315 94.72 23.77 -18.96
CA LYS AA 315 95.97 23.03 -19.10
C LYS AA 315 95.66 21.78 -19.91
N VAL AA 316 95.70 21.91 -21.24
CA VAL AA 316 95.38 20.83 -22.16
C VAL AA 316 96.47 20.75 -23.22
N LEU AA 317 96.44 19.68 -24.00
CA LEU AA 317 97.28 19.53 -25.19
C LEU AA 317 96.39 19.68 -26.41
N THR AA 318 96.70 20.63 -27.27
CA THR AA 318 95.91 20.85 -28.48
C THR AA 318 96.71 20.42 -29.69
N ALA AA 319 96.06 19.71 -30.61
CA ALA AA 319 96.70 19.17 -31.79
C ALA AA 319 95.92 19.58 -33.04
N ALA AA 320 96.65 19.87 -34.11
CA ALA AA 320 96.04 20.29 -35.36
C ALA AA 320 96.87 19.84 -36.54
N GLY AA 321 96.23 19.73 -37.70
CA GLY AA 321 96.90 19.27 -38.89
C GLY AA 321 96.00 19.31 -40.11
N ASN AA 322 96.02 18.25 -40.92
CA ASN AA 322 95.28 18.20 -42.17
C ASN AA 322 93.80 17.89 -41.91
N SER AA 323 93.12 18.86 -41.32
CA SER AA 323 91.68 18.82 -41.09
C SER AA 323 91.22 20.24 -40.80
N CYS AA 324 89.91 20.37 -40.61
CA CYS AA 324 89.33 21.64 -40.18
C CYS AA 324 89.00 21.64 -38.70
N ARG AA 325 89.70 20.85 -37.89
CA ARG AA 325 89.34 20.68 -36.49
C ARG AA 325 90.58 20.50 -35.64
N VAL AA 326 90.45 20.83 -34.36
CA VAL AA 326 91.55 20.79 -33.40
C VAL AA 326 91.19 19.82 -32.30
N ASP AA 327 92.05 18.84 -32.05
CA ASP AA 327 91.82 17.87 -31.00
C ASP AA 327 92.32 18.42 -29.67
N VAL AA 328 91.49 18.35 -28.65
CA VAL AA 328 91.85 18.83 -27.32
C VAL AA 328 91.97 17.64 -26.39
N PHE AA 329 93.14 17.50 -25.76
CA PHE AA 329 93.43 16.39 -24.84
C PHE AA 329 93.46 16.98 -23.44
N THR AA 330 92.46 16.62 -22.64
CA THR AA 330 92.42 16.95 -21.21
C THR AA 330 93.19 15.91 -20.42
N ASN AA 331 93.45 14.78 -21.05
CA ASN AA 331 94.27 13.72 -20.49
C ASN AA 331 95.07 13.15 -21.64
N LEU AA 332 96.17 12.44 -21.34
CA LEU AA 332 97.11 12.02 -22.36
C LEU AA 332 96.87 10.60 -22.81
N GLY AA 333 95.63 10.12 -22.72
CA GLY AA 333 95.33 8.76 -23.16
C GLY AA 333 94.16 8.71 -24.11
N TYR AA 334 93.43 9.81 -24.22
CA TYR AA 334 92.22 9.86 -25.02
C TYR AA 334 91.91 11.32 -25.31
N ARG AA 335 91.23 11.57 -26.43
CA ARG AA 335 90.81 12.92 -26.74
C ARG AA 335 89.48 13.21 -26.06
N ALA AA 336 89.36 14.40 -25.50
CA ALA AA 336 88.10 14.77 -24.87
C ALA AA 336 87.09 15.23 -25.91
N PHE AA 337 87.48 16.18 -26.74
CA PHE AA 337 86.59 16.72 -27.76
C PHE AA 337 87.45 17.38 -28.84
N SER AA 338 86.77 17.98 -29.82
CA SER AA 338 87.45 18.62 -30.93
C SER AA 338 86.70 19.88 -31.30
N LEU AA 339 87.46 20.94 -31.58
CA LEU AA 339 86.93 22.24 -31.93
C LEU AA 339 86.90 22.36 -33.44
N SER AA 340 85.70 22.54 -34.00
CA SER AA 340 85.58 22.80 -35.43
C SER AA 340 86.05 24.21 -35.73
N PHE AA 341 86.57 24.41 -36.93
CA PHE AA 341 87.08 25.72 -37.29
C PHE AA 341 85.91 26.62 -37.61
N ALA BA 21 -71.69 -63.18 -64.44
CA ALA BA 21 -72.49 -64.35 -64.10
C ALA BA 21 -73.91 -64.21 -64.65
N GLY BA 22 -74.12 -63.18 -65.47
CA GLY BA 22 -75.44 -62.96 -66.04
C GLY BA 22 -75.79 -63.96 -67.13
N ASP BA 23 -74.77 -64.58 -67.72
CA ASP BA 23 -75.01 -65.61 -68.73
C ASP BA 23 -75.65 -66.85 -68.10
N ASP BA 24 -75.31 -67.15 -66.84
CA ASP BA 24 -75.93 -68.27 -66.14
C ASP BA 24 -77.39 -67.98 -65.85
N ARG BA 25 -77.73 -66.74 -65.48
CA ARG BA 25 -79.13 -66.38 -65.25
C ARG BA 25 -79.90 -66.37 -66.57
N ARG BA 26 -79.25 -65.97 -67.66
CA ARG BA 26 -79.90 -66.03 -68.97
C ARG BA 26 -80.13 -67.48 -69.40
N ILE BA 27 -79.19 -68.36 -69.09
CA ILE BA 27 -79.35 -69.78 -69.40
C ILE BA 27 -80.46 -70.39 -68.55
N ASN BA 28 -80.58 -69.95 -67.29
CA ASN BA 28 -81.66 -70.43 -66.43
C ASN BA 28 -83.02 -69.94 -66.91
N LEU BA 29 -83.09 -68.69 -67.39
CA LEU BA 29 -84.34 -68.18 -67.95
C LEU BA 29 -84.70 -68.89 -69.26
N LEU BA 30 -83.69 -69.23 -70.06
CA LEU BA 30 -83.94 -69.96 -71.30
C LEU BA 30 -84.40 -71.38 -71.00
N VAL BA 31 -83.84 -72.01 -69.97
CA VAL BA 31 -84.25 -73.37 -69.60
C VAL BA 31 -85.66 -73.34 -69.01
N LYS BA 32 -86.00 -72.27 -68.28
CA LYS BA 32 -87.34 -72.14 -67.73
C LYS BA 32 -88.37 -71.92 -68.83
N SER BA 33 -88.03 -71.10 -69.83
CA SER BA 33 -88.95 -70.89 -70.95
C SER BA 33 -89.08 -72.15 -71.81
N PHE BA 34 -87.99 -72.93 -71.93
CA PHE BA 34 -88.06 -74.18 -72.67
C PHE BA 34 -88.90 -75.22 -71.94
N ILE BA 35 -88.83 -75.25 -70.60
CA ILE BA 35 -89.65 -76.16 -69.83
C ILE BA 35 -91.11 -75.71 -69.83
N LYS BA 36 -91.34 -74.40 -69.94
CA LYS BA 36 -92.71 -73.90 -69.98
C LYS BA 36 -93.35 -74.16 -71.34
N TRP BA 37 -92.58 -74.03 -72.41
CA TRP BA 37 -93.12 -74.31 -73.75
C TRP BA 37 -93.21 -75.81 -73.98
N CYS BA 38 -92.39 -76.60 -73.29
CA CYS BA 38 -92.41 -78.04 -73.47
C CYS BA 38 -93.64 -78.69 -72.84
N ASN BA 39 -94.17 -78.10 -71.77
CA ASN BA 39 -95.34 -78.66 -71.10
C ASN BA 39 -96.61 -78.39 -71.91
N GLY BA 46 -98.17 -70.02 -78.09
CA GLY BA 46 -96.85 -70.54 -77.76
C GLY BA 46 -95.76 -70.07 -78.70
N TYR BA 47 -96.17 -69.30 -79.72
CA TYR BA 47 -95.20 -68.80 -80.68
C TYR BA 47 -94.43 -67.60 -80.15
N SER BA 48 -95.02 -66.87 -79.20
CA SER BA 48 -94.32 -65.77 -78.55
C SER BA 48 -93.18 -66.29 -77.69
N GLN BA 49 -93.39 -67.43 -77.02
CA GLN BA 49 -92.30 -68.06 -76.28
C GLN BA 49 -91.22 -68.60 -77.20
N TYR BA 50 -91.60 -69.01 -78.41
CA TYR BA 50 -90.62 -69.41 -79.41
C TYR BA 50 -89.77 -68.23 -79.87
N GLN BA 51 -90.41 -67.06 -80.04
CA GLN BA 51 -89.68 -65.83 -80.35
C GLN BA 51 -88.75 -65.43 -79.21
N ARG BA 52 -89.22 -65.60 -77.97
CA ARG BA 52 -88.40 -65.27 -76.81
C ARG BA 52 -87.19 -66.20 -76.68
N MET BA 53 -87.38 -67.49 -77.01
CA MET BA 53 -86.27 -68.43 -77.00
C MET BA 53 -85.24 -68.08 -78.07
N LEU BA 54 -85.70 -67.72 -79.27
CA LEU BA 54 -84.78 -67.31 -80.33
C LEU BA 54 -84.04 -66.02 -79.96
N SER BA 55 -84.73 -65.09 -79.28
CA SER BA 55 -84.11 -63.83 -78.89
C SER BA 55 -83.05 -64.05 -77.81
N THR BA 56 -83.35 -64.88 -76.80
CA THR BA 56 -82.36 -65.18 -75.76
C THR BA 56 -81.19 -65.97 -76.33
N LEU BA 57 -81.46 -66.84 -77.32
CA LEU BA 57 -80.38 -67.58 -77.98
C LEU BA 57 -79.45 -66.64 -78.72
N SER BA 58 -80.02 -65.65 -79.43
CA SER BA 58 -79.21 -64.67 -80.14
C SER BA 58 -78.42 -63.78 -79.18
N GLN BA 59 -79.01 -63.42 -78.04
CA GLN BA 59 -78.30 -62.61 -77.06
C GLN BA 59 -77.15 -63.38 -76.43
N CYS BA 60 -77.34 -64.68 -76.17
CA CYS BA 60 -76.26 -65.51 -75.64
C CYS BA 60 -75.16 -65.70 -76.67
N GLU BA 61 -75.51 -65.80 -77.95
CA GLU BA 61 -74.52 -65.85 -79.01
C GLU BA 61 -73.71 -64.56 -79.07
N PHE BA 62 -74.37 -63.41 -78.90
CA PHE BA 62 -73.67 -62.13 -78.90
C PHE BA 62 -72.74 -61.99 -77.71
N SER BA 63 -73.14 -62.50 -76.54
CA SER BA 63 -72.27 -62.45 -75.37
C SER BA 63 -71.05 -63.35 -75.55
N MET BA 64 -71.25 -64.54 -76.13
CA MET BA 64 -70.12 -65.43 -76.37
C MET BA 64 -69.19 -64.87 -77.44
N GLY BA 65 -69.73 -64.11 -78.39
CA GLY BA 65 -68.87 -63.42 -79.34
C GLY BA 65 -68.13 -62.26 -78.70
N LYS BA 66 -68.72 -61.66 -77.66
CA LYS BA 66 -68.08 -60.55 -76.97
C LYS BA 66 -66.88 -61.00 -76.15
N THR BA 67 -66.97 -62.17 -75.50
CA THR BA 67 -65.93 -62.62 -74.57
C THR BA 67 -64.59 -62.84 -75.26
N LEU BA 68 -64.60 -63.39 -76.49
CA LEU BA 68 -63.35 -63.63 -77.19
C LEU BA 68 -62.70 -62.33 -77.65
N LEU BA 69 -63.51 -61.33 -77.99
CA LEU BA 69 -62.97 -60.02 -78.32
C LEU BA 69 -62.36 -59.35 -77.10
N VAL BA 70 -62.95 -59.56 -75.93
CA VAL BA 70 -62.36 -59.06 -74.69
C VAL BA 70 -61.02 -59.75 -74.40
N TYR BA 71 -60.94 -61.05 -74.68
CA TYR BA 71 -59.69 -61.78 -74.52
C TYR BA 71 -58.60 -61.27 -75.47
N ASP BA 72 -58.97 -61.00 -76.72
CA ASP BA 72 -58.00 -60.49 -77.69
C ASP BA 72 -57.56 -59.07 -77.34
N MET BA 73 -58.47 -58.27 -76.79
CA MET BA 73 -58.11 -56.94 -76.30
C MET BA 73 -57.13 -57.02 -75.15
N ASN BA 74 -57.31 -58.01 -74.26
CA ASN BA 74 -56.37 -58.20 -73.17
C ASN BA 74 -54.99 -58.60 -73.67
N LEU BA 75 -54.94 -59.46 -74.69
CA LEU BA 75 -53.65 -59.85 -75.27
C LEU BA 75 -52.96 -58.66 -75.96
N ARG BA 76 -53.75 -57.80 -76.60
CA ARG BA 76 -53.18 -56.60 -77.22
C ARG BA 76 -52.65 -55.62 -76.18
N GLU BA 77 -53.34 -55.51 -75.04
CA GLU BA 77 -52.82 -54.64 -73.97
C GLU BA 77 -51.55 -55.21 -73.35
N MET BA 78 -51.44 -56.54 -73.26
CA MET BA 78 -50.19 -57.15 -72.81
C MET BA 78 -49.05 -56.86 -73.76
N GLU BA 79 -49.31 -56.94 -75.07
CA GLU BA 79 -48.27 -56.61 -76.06
C GLU BA 79 -47.89 -55.14 -75.99
N ASN BA 80 -48.86 -54.26 -75.72
CA ASN BA 80 -48.57 -52.84 -75.59
C ASN BA 80 -47.72 -52.54 -74.36
N TYR BA 81 -48.01 -53.21 -73.24
CA TYR BA 81 -47.21 -53.01 -72.03
C TYR BA 81 -45.78 -53.53 -72.21
N GLU BA 82 -45.64 -54.69 -72.86
CA GLU BA 82 -44.31 -55.22 -73.13
C GLU BA 82 -43.57 -54.40 -74.17
N LYS BA 83 -44.29 -53.63 -74.99
CA LYS BA 83 -43.62 -52.69 -75.90
C LYS BA 83 -43.16 -51.44 -75.17
N ILE BA 84 -43.97 -50.94 -74.23
CA ILE BA 84 -43.63 -49.72 -73.49
C ILE BA 84 -42.46 -49.97 -72.53
N TYR BA 85 -42.33 -51.19 -72.01
CA TYR BA 85 -41.32 -51.51 -71.01
C TYR BA 85 -39.89 -51.33 -71.53
N LYS BA 86 -39.64 -51.76 -72.77
CA LYS BA 86 -38.31 -51.60 -73.35
C LYS BA 86 -38.02 -50.13 -73.70
N GLU BA 87 -39.06 -49.36 -74.02
CA GLU BA 87 -38.89 -47.93 -74.24
C GLU BA 87 -38.47 -47.22 -72.95
N ILE BA 88 -39.05 -47.64 -71.82
CA ILE BA 88 -38.66 -47.05 -70.54
C ILE BA 88 -37.25 -47.50 -70.17
N GLU BA 89 -36.86 -48.73 -70.54
CA GLU BA 89 -35.47 -49.17 -70.38
C GLU BA 89 -34.50 -48.28 -71.15
N CYS BA 90 -34.84 -47.95 -72.40
CA CYS BA 90 -33.96 -47.12 -73.22
C CYS BA 90 -33.88 -45.69 -72.68
N SER BA 91 -34.99 -45.18 -72.13
CA SER BA 91 -34.96 -43.85 -71.54
C SER BA 91 -34.12 -43.80 -70.27
N ILE BA 92 -34.16 -44.86 -69.46
CA ILE BA 92 -33.30 -44.94 -68.28
C ILE BA 92 -31.83 -45.02 -68.69
N ALA BA 93 -31.55 -45.77 -69.77
CA ALA BA 93 -30.18 -45.90 -70.28
C ALA BA 93 -29.65 -44.57 -70.81
N GLY BA 94 -30.53 -43.72 -71.35
CA GLY BA 94 -30.10 -42.38 -71.71
C GLY BA 94 -29.93 -41.47 -70.50
N ALA BA 95 -30.78 -41.66 -69.48
CA ALA BA 95 -30.78 -40.77 -68.33
C ALA BA 95 -29.52 -40.92 -67.48
N HIS BA 96 -29.01 -42.15 -67.36
CA HIS BA 96 -27.75 -42.35 -66.64
C HIS BA 96 -26.58 -41.63 -67.31
N GLU BA 97 -26.53 -41.67 -68.64
CA GLU BA 97 -25.49 -40.98 -69.38
C GLU BA 97 -25.61 -39.47 -69.23
N LYS BA 98 -26.86 -38.96 -69.19
CA LYS BA 98 -27.07 -37.54 -68.94
C LYS BA 98 -26.61 -37.13 -67.54
N ILE BA 99 -26.82 -38.02 -66.55
CA ILE BA 99 -26.37 -37.76 -65.18
C ILE BA 99 -24.85 -37.65 -65.14
N ALA BA 100 -24.15 -38.58 -65.79
CA ALA BA 100 -22.68 -38.59 -65.78
C ALA BA 100 -22.12 -37.34 -66.49
N GLU BA 101 -22.71 -36.97 -67.63
CA GLU BA 101 -22.26 -35.79 -68.35
C GLU BA 101 -22.51 -34.51 -67.54
N CYS BA 102 -23.65 -34.42 -66.88
CA CYS BA 102 -23.95 -33.22 -66.10
C CYS BA 102 -23.06 -33.11 -64.87
N LYS BA 103 -22.70 -34.24 -64.25
CA LYS BA 103 -21.76 -34.20 -63.12
C LYS BA 103 -20.38 -33.72 -63.54
N LYS BA 104 -19.86 -34.25 -64.67
CA LYS BA 104 -18.54 -33.83 -65.11
C LYS BA 104 -18.53 -32.37 -65.54
N GLN BA 105 -19.58 -31.93 -66.22
CA GLN BA 105 -19.66 -30.54 -66.66
C GLN BA 105 -19.84 -29.59 -65.48
N ILE BA 106 -20.53 -30.02 -64.42
CA ILE BA 106 -20.71 -29.09 -63.30
C ILE BA 106 -19.45 -29.02 -62.45
N LEU BA 107 -18.65 -30.10 -62.42
CA LEU BA 107 -17.34 -30.01 -61.76
C LEU BA 107 -16.42 -29.04 -62.49
N GLN BA 108 -16.39 -29.14 -63.83
CA GLN BA 108 -15.60 -28.21 -64.63
C GLN BA 108 -16.11 -26.78 -64.48
N ALA BA 109 -17.43 -26.61 -64.35
CA ALA BA 109 -18.02 -25.28 -64.21
C ALA BA 109 -17.63 -24.63 -62.89
N LYS BA 110 -17.64 -25.41 -61.79
CA LYS BA 110 -17.26 -24.82 -60.51
C LYS BA 110 -15.76 -24.53 -60.46
N ARG BA 111 -14.94 -25.32 -61.17
CA ARG BA 111 -13.52 -25.01 -61.26
C ARG BA 111 -13.27 -23.70 -62.03
N ILE BA 112 -13.99 -23.51 -63.14
CA ILE BA 112 -13.86 -22.27 -63.91
C ILE BA 112 -14.38 -21.09 -63.10
N ARG BA 113 -15.39 -21.30 -62.26
CA ARG BA 113 -15.90 -20.24 -61.40
C ARG BA 113 -14.88 -19.83 -60.34
N LYS BA 114 -14.17 -20.82 -59.77
CA LYS BA 114 -13.09 -20.51 -58.84
C LYS BA 114 -11.96 -19.73 -59.52
N ASN BA 115 -11.66 -20.08 -60.78
CA ASN BA 115 -10.64 -19.37 -61.53
C ASN BA 115 -11.04 -17.92 -61.78
N ARG BA 116 -12.32 -17.70 -62.13
CA ARG BA 116 -12.82 -16.35 -62.35
C ARG BA 116 -12.79 -15.53 -61.06
N GLN BA 117 -13.08 -16.17 -59.92
CA GLN BA 117 -13.03 -15.43 -58.66
C GLN BA 117 -11.60 -15.09 -58.25
N GLU BA 118 -10.63 -15.94 -58.58
CA GLU BA 118 -9.23 -15.58 -58.38
C GLU BA 118 -8.83 -14.40 -59.26
N TYR BA 119 -9.30 -14.40 -60.51
CA TYR BA 119 -9.01 -13.30 -61.43
C TYR BA 119 -9.59 -11.98 -60.93
N ASP BA 120 -10.82 -12.04 -60.42
CA ASP BA 120 -11.46 -10.84 -59.88
C ASP BA 120 -10.76 -10.37 -58.61
N ALA BA 121 -10.27 -11.32 -57.81
CA ALA BA 121 -9.58 -10.96 -56.57
C ALA BA 121 -8.26 -10.26 -56.85
N LEU BA 122 -7.53 -10.69 -57.88
CA LEU BA 122 -6.32 -9.96 -58.24
C LEU BA 122 -6.64 -8.62 -58.90
N ALA BA 123 -7.68 -8.59 -59.76
CA ALA BA 123 -7.99 -7.38 -60.50
C ALA BA 123 -8.49 -6.27 -59.60
N LYS BA 124 -9.19 -6.62 -58.51
CA LYS BA 124 -9.65 -5.59 -57.56
C LYS BA 124 -8.48 -4.94 -56.84
N VAL BA 125 -7.44 -5.72 -56.55
CA VAL BA 125 -6.26 -5.18 -55.88
C VAL BA 125 -5.45 -4.32 -56.85
N ILE BA 126 -5.41 -4.72 -58.13
CA ILE BA 126 -4.74 -3.91 -59.15
C ILE BA 126 -5.47 -2.59 -59.35
N GLN BA 127 -6.82 -2.61 -59.25
CA GLN BA 127 -7.58 -1.38 -59.46
C GLN BA 127 -7.52 -0.41 -58.27
N HIS BA 128 -6.84 -0.77 -57.18
CA HIS BA 128 -6.57 0.26 -56.18
C HIS BA 128 -5.35 1.10 -56.52
N HIS BA 129 -4.57 0.68 -57.51
CA HIS BA 129 -3.41 1.40 -58.00
C HIS BA 129 -3.78 2.20 -59.24
N PRO BA 130 -3.05 3.31 -59.53
CA PRO BA 130 -3.34 4.09 -60.75
C PRO BA 130 -2.99 3.35 -62.03
N ASP BA 131 -3.29 3.98 -63.17
CA ASP BA 131 -3.14 3.33 -64.46
C ASP BA 131 -1.67 3.18 -64.86
N ARG BA 132 -1.47 2.48 -65.97
CA ARG BA 132 -0.14 2.15 -66.47
C ARG BA 132 0.36 3.17 -67.50
N HIS BA 133 -0.45 3.44 -68.52
CA HIS BA 133 -0.01 4.29 -69.62
C HIS BA 133 0.06 5.75 -69.21
N GLU BA 134 -0.88 6.20 -68.36
CA GLU BA 134 -0.82 7.55 -67.81
C GLU BA 134 0.42 7.73 -66.94
N THR BA 135 0.80 6.67 -66.22
CA THR BA 135 2.02 6.69 -65.43
C THR BA 135 3.24 6.78 -66.34
N LEU BA 136 3.19 6.12 -67.51
CA LEU BA 136 4.29 6.21 -68.46
C LEU BA 136 4.41 7.62 -69.04
N LYS BA 137 3.26 8.26 -69.31
CA LYS BA 137 3.27 9.62 -69.84
C LYS BA 137 3.82 10.61 -68.81
N GLU BA 138 3.40 10.48 -67.55
CA GLU BA 138 3.90 11.41 -66.53
C GLU BA 138 5.35 11.10 -66.17
N LEU BA 139 5.80 9.85 -66.33
CA LEU BA 139 7.21 9.55 -66.14
C LEU BA 139 8.06 10.14 -67.27
N GLU BA 140 7.54 10.13 -68.49
CA GLU BA 140 8.25 10.76 -69.60
C GLU BA 140 8.33 12.28 -69.42
N ALA BA 141 7.24 12.88 -68.95
CA ALA BA 141 7.24 14.32 -68.68
C ALA BA 141 8.18 14.68 -67.54
N LEU BA 142 8.18 13.88 -66.46
CA LEU BA 142 9.06 14.13 -65.33
C LEU BA 142 10.51 13.87 -65.69
N GLY BA 143 10.77 12.93 -66.60
CA GLY BA 143 12.13 12.69 -67.05
C GLY BA 143 12.66 13.82 -67.92
N LYS BA 144 11.80 14.38 -68.79
CA LYS BA 144 12.21 15.53 -69.58
C LYS BA 144 12.44 16.76 -68.71
N GLU BA 145 11.57 16.97 -67.71
CA GLU BA 145 11.74 18.09 -66.80
C GLU BA 145 12.97 17.91 -65.92
N LEU BA 146 13.26 16.67 -65.53
CA LEU BA 146 14.45 16.40 -64.73
C LEU BA 146 15.73 16.56 -65.54
N GLU BA 147 15.68 16.20 -66.83
CA GLU BA 147 16.84 16.41 -67.69
C GLU BA 147 17.08 17.90 -67.92
N HIS BA 148 16.01 18.67 -68.10
CA HIS BA 148 16.16 20.12 -68.26
C HIS BA 148 16.67 20.77 -66.98
N LEU BA 149 16.16 20.34 -65.82
CA LEU BA 149 16.62 20.89 -64.54
C LEU BA 149 18.06 20.47 -64.24
N SER BA 150 18.45 19.27 -64.68
CA SER BA 150 19.82 18.82 -64.49
C SER BA 150 20.78 19.59 -65.40
N HIS BA 151 20.34 19.92 -66.62
CA HIS BA 151 21.16 20.74 -67.51
C HIS BA 151 21.29 22.17 -66.97
N ILE BA 152 20.21 22.71 -66.41
CA ILE BA 152 20.26 24.05 -65.83
C ILE BA 152 21.13 24.07 -64.58
N LYS BA 153 21.06 23.02 -63.77
CA LYS BA 153 21.89 22.94 -62.57
C LYS BA 153 23.36 22.73 -62.93
N GLU BA 154 23.62 22.01 -64.03
CA GLU BA 154 24.99 21.81 -64.49
C GLU BA 154 25.56 23.11 -65.04
N SER BA 155 24.73 23.90 -65.73
CA SER BA 155 25.16 25.21 -66.22
C SER BA 155 25.42 26.18 -65.06
N VAL BA 156 24.58 26.13 -64.04
CA VAL BA 156 24.76 27.00 -62.86
C VAL BA 156 26.00 26.58 -62.08
N GLU BA 157 26.25 25.27 -62.02
CA GLU BA 157 27.44 24.77 -61.32
C GLU BA 157 28.71 25.11 -62.09
N ASP BA 158 28.64 25.08 -63.43
CA ASP BA 158 29.79 25.47 -64.23
C ASP BA 158 30.07 26.97 -64.11
N LYS BA 159 29.00 27.78 -64.04
CA LYS BA 159 29.18 29.21 -63.85
C LYS BA 159 29.74 29.52 -62.47
N LEU BA 160 29.29 28.79 -61.44
CA LEU BA 160 29.81 28.99 -60.09
C LEU BA 160 31.26 28.52 -59.99
N GLU BA 161 31.61 27.45 -60.69
CA GLU BA 161 33.00 26.98 -60.69
C GLU BA 161 33.89 27.94 -61.47
N LEU BA 162 33.36 28.56 -62.53
CA LEU BA 162 34.13 29.56 -63.26
C LEU BA 162 34.34 30.81 -62.41
N ARG BA 163 33.33 31.21 -61.64
CA ARG BA 163 33.49 32.35 -60.74
C ARG BA 163 34.47 32.03 -59.61
N ARG BA 164 34.45 30.80 -59.12
CA ARG BA 164 35.41 30.39 -58.08
C ARG BA 164 36.83 30.33 -58.62
N LYS BA 165 37.00 29.87 -59.85
CA LYS BA 165 38.32 29.84 -60.48
C LYS BA 165 38.81 31.25 -60.76
N GLN BA 166 37.91 32.17 -61.12
CA GLN BA 166 38.29 33.56 -61.34
C GLN BA 166 38.68 34.24 -60.03
N PHE BA 167 37.97 33.93 -58.94
CA PHE BA 167 38.34 34.47 -57.64
C PHE BA 167 39.66 33.90 -57.15
N HIS BA 168 39.93 32.62 -57.44
CA HIS BA 168 41.20 32.02 -57.08
C HIS BA 168 42.34 32.60 -57.90
N VAL BA 169 42.08 32.91 -59.18
CA VAL BA 169 43.10 33.52 -60.02
C VAL BA 169 43.38 34.96 -59.58
N LEU BA 170 42.34 35.66 -59.12
CA LEU BA 170 42.53 37.01 -58.60
C LEU BA 170 43.30 36.99 -57.28
N LEU BA 171 43.03 36.00 -56.43
CA LEU BA 171 43.77 35.85 -55.19
C LEU BA 171 45.23 35.47 -55.45
N SER BA 172 45.47 34.64 -56.47
CA SER BA 172 46.84 34.28 -56.83
C SER BA 172 47.59 35.47 -57.43
N THR BA 173 46.89 36.32 -58.20
CA THR BA 173 47.52 37.51 -58.73
C THR BA 173 47.82 38.52 -57.63
N ILE BA 174 46.94 38.62 -56.63
CA ILE BA 174 47.20 39.49 -55.49
C ILE BA 174 48.37 38.96 -54.66
N HIS BA 175 48.48 37.64 -54.54
CA HIS BA 175 49.61 37.05 -53.82
C HIS BA 175 50.92 37.25 -54.58
N GLU BA 176 50.86 37.17 -55.91
CA GLU BA 176 52.06 37.43 -56.72
C GLU BA 176 52.48 38.89 -56.67
N LEU BA 177 51.49 39.79 -56.60
CA LEU BA 177 51.80 41.22 -56.47
C LEU BA 177 52.37 41.53 -55.09
N GLN BA 178 51.89 40.84 -54.04
CA GLN BA 178 52.43 41.05 -52.71
C GLN BA 178 53.82 40.43 -52.58
N GLN BA 179 54.09 39.36 -53.33
CA GLN BA 179 55.41 38.74 -53.29
C GLN BA 179 56.41 39.55 -54.10
N THR BA 180 55.96 40.17 -55.19
CA THR BA 180 56.88 40.95 -56.02
C THR BA 180 57.23 42.29 -55.35
N LEU BA 181 56.25 42.93 -54.74
CA LEU BA 181 56.47 44.21 -54.07
C LEU BA 181 57.15 44.02 -52.71
N LYS CA 279 -115.17 61.45 -40.20
CA LYS CA 279 -115.12 60.49 -39.10
C LYS CA 279 -114.61 59.14 -39.60
N LEU CA 280 -113.70 58.54 -38.82
CA LEU CA 280 -113.07 57.29 -39.21
C LEU CA 280 -114.03 56.12 -39.06
N THR CA 281 -113.97 55.20 -40.02
CA THR CA 281 -114.81 54.01 -40.03
C THR CA 281 -113.95 52.76 -40.01
N LEU CA 282 -114.58 51.62 -39.68
CA LEU CA 282 -113.92 50.33 -39.60
C LEU CA 282 -114.39 49.37 -40.68
N HIS CA 283 -115.06 49.88 -41.71
CA HIS CA 283 -115.59 49.03 -42.77
C HIS CA 283 -114.46 48.57 -43.68
N GLY CA 284 -114.36 47.26 -43.88
CA GLY CA 284 -113.30 46.69 -44.69
C GLY CA 284 -112.08 46.24 -43.91
N LEU CA 285 -112.20 46.01 -42.62
CA LEU CA 285 -111.08 45.64 -41.77
C LEU CA 285 -111.37 44.33 -41.05
N GLN CA 286 -110.31 43.56 -40.82
CA GLN CA 286 -110.37 42.31 -40.08
C GLN CA 286 -109.70 42.49 -38.74
N GLN CA 287 -110.43 42.22 -37.66
CA GLN CA 287 -109.94 42.43 -36.30
C GLN CA 287 -110.06 41.12 -35.54
N TYR CA 288 -108.97 40.75 -34.85
CA TYR CA 288 -108.93 39.50 -34.10
C TYR CA 288 -108.19 39.73 -32.80
N TYR CA 289 -108.18 38.70 -31.95
CA TYR CA 289 -107.52 38.76 -30.65
C TYR CA 289 -106.91 37.41 -30.32
N VAL CA 290 -105.84 37.44 -29.53
CA VAL CA 290 -105.18 36.24 -29.04
C VAL CA 290 -105.03 36.39 -27.52
N LYS CA 291 -105.54 35.40 -26.79
CA LYS CA 291 -105.36 35.35 -25.33
C LYS CA 291 -104.07 34.60 -25.04
N LEU CA 292 -103.10 35.30 -24.44
CA LEU CA 292 -101.79 34.74 -24.19
C LEU CA 292 -101.15 35.49 -23.03
N LYS CA 293 -100.00 35.00 -22.59
CA LYS CA 293 -99.27 35.64 -21.50
C LYS CA 293 -98.58 36.91 -21.99
N ASP CA 294 -98.10 37.69 -21.02
CA ASP CA 294 -97.49 38.99 -21.35
C ASP CA 294 -96.12 38.82 -21.98
N ASN CA 295 -95.26 38.01 -21.36
CA ASN CA 295 -93.90 37.84 -21.85
C ASN CA 295 -93.81 36.98 -23.10
N GLU CA 296 -94.85 36.21 -23.42
CA GLU CA 296 -94.86 35.36 -24.60
C GLU CA 296 -95.38 36.09 -25.84
N LYS CA 297 -95.59 37.41 -25.75
CA LYS CA 297 -96.09 38.16 -26.89
C LYS CA 297 -94.97 38.42 -27.90
N ASN CA 298 -93.72 38.39 -27.45
CA ASN CA 298 -92.60 38.62 -28.36
C ASN CA 298 -92.37 37.43 -29.27
N ARG CA 299 -92.40 36.22 -28.70
CA ARG CA 299 -92.23 35.01 -29.51
C ARG CA 299 -93.44 34.78 -30.42
N LYS CA 300 -94.63 35.07 -29.92
CA LYS CA 300 -95.84 34.95 -30.74
C LYS CA 300 -95.85 35.99 -31.85
N LEU CA 301 -95.36 37.20 -31.56
CA LEU CA 301 -95.27 38.24 -32.58
C LEU CA 301 -94.22 37.89 -33.63
N PHE CA 302 -93.13 37.24 -33.20
CA PHE CA 302 -92.12 36.77 -34.16
C PHE CA 302 -92.67 35.64 -35.03
N ASP CA 303 -93.50 34.77 -34.44
CA ASP CA 303 -94.15 33.72 -35.22
C ASP CA 303 -95.13 34.32 -36.23
N LEU CA 304 -95.80 35.41 -35.85
CA LEU CA 304 -96.65 36.12 -36.81
C LEU CA 304 -95.83 36.81 -37.89
N LEU CA 305 -94.65 37.34 -37.55
CA LEU CA 305 -93.77 37.92 -38.55
C LEU CA 305 -93.14 36.87 -39.46
N ASP CA 306 -93.08 35.61 -39.04
CA ASP CA 306 -92.56 34.55 -39.89
C ASP CA 306 -93.59 34.01 -40.86
N VAL CA 307 -94.88 34.28 -40.65
CA VAL CA 307 -95.96 33.71 -41.44
C VAL CA 307 -96.68 34.77 -42.27
N LEU CA 308 -97.07 35.87 -41.62
CA LEU CA 308 -97.85 36.91 -42.30
C LEU CA 308 -96.94 37.77 -43.17
N GLU CA 309 -97.30 37.90 -44.44
CA GLU CA 309 -96.61 38.77 -45.38
C GLU CA 309 -97.07 40.20 -45.18
N PHE CA 310 -96.11 41.11 -45.00
CA PHE CA 310 -96.41 42.49 -44.64
C PHE CA 310 -95.48 43.44 -45.36
N ASN CA 311 -95.97 44.65 -45.60
CA ASN CA 311 -95.13 45.72 -46.12
C ASN CA 311 -94.59 46.60 -45.00
N GLN CA 312 -95.49 47.24 -44.26
CA GLN CA 312 -95.15 48.07 -43.12
C GLN CA 312 -96.12 47.78 -41.99
N VAL CA 313 -95.58 47.68 -40.78
CA VAL CA 313 -96.35 47.29 -39.60
C VAL CA 313 -96.11 48.31 -38.50
N VAL CA 314 -97.20 48.89 -37.97
CA VAL CA 314 -97.14 49.77 -36.82
C VAL CA 314 -97.56 48.98 -35.59
N ILE CA 315 -96.73 49.00 -34.56
CA ILE CA 315 -96.97 48.27 -33.31
C ILE CA 315 -97.14 49.27 -32.19
N PHE CA 316 -98.23 49.16 -31.45
CA PHE CA 316 -98.59 50.12 -30.42
C PHE CA 316 -98.20 49.62 -29.04
N VAL CA 317 -97.33 50.37 -28.37
CA VAL CA 317 -96.95 50.08 -26.99
C VAL CA 317 -97.41 51.23 -26.11
N LYS CA 318 -97.19 51.12 -24.79
CA LYS CA 318 -97.77 52.04 -23.83
C LYS CA 318 -96.79 53.03 -23.21
N SER CA 319 -95.49 52.75 -23.22
CA SER CA 319 -94.53 53.59 -22.54
C SER CA 319 -93.27 53.73 -23.40
N VAL CA 320 -92.30 54.47 -22.86
CA VAL CA 320 -91.08 54.79 -23.59
C VAL CA 320 -90.07 53.65 -23.50
N GLN CA 321 -89.90 53.08 -22.30
CA GLN CA 321 -88.90 52.03 -22.11
C GLN CA 321 -89.29 50.75 -22.83
N ARG CA 322 -90.58 50.43 -22.84
CA ARG CA 322 -91.07 49.29 -23.62
C ARG CA 322 -90.86 49.52 -25.11
N CYS CA 323 -91.03 50.76 -25.57
CA CYS CA 323 -90.82 51.12 -26.96
C CYS CA 323 -89.35 50.94 -27.37
N ILE CA 324 -88.43 51.43 -26.54
CA ILE CA 324 -87.01 51.34 -26.85
C ILE CA 324 -86.53 49.89 -26.75
N ALA CA 325 -87.07 49.13 -25.79
CA ALA CA 325 -86.70 47.72 -25.66
C ALA CA 325 -87.22 46.90 -26.84
N LEU CA 326 -88.44 47.20 -27.31
CA LEU CA 326 -88.97 46.48 -28.46
C LEU CA 326 -88.22 46.84 -29.74
N ALA CA 327 -87.82 48.12 -29.86
CA ALA CA 327 -87.00 48.52 -31.01
C ALA CA 327 -85.64 47.85 -30.99
N GLN CA 328 -85.05 47.71 -29.80
CA GLN CA 328 -83.78 47.00 -29.67
C GLN CA 328 -83.93 45.53 -30.02
N LEU CA 329 -85.03 44.90 -29.58
CA LEU CA 329 -85.28 43.50 -29.89
C LEU CA 329 -85.52 43.28 -31.37
N LEU CA 330 -86.15 44.23 -32.06
CA LEU CA 330 -86.37 44.07 -33.49
C LEU CA 330 -85.09 44.33 -34.28
N VAL CA 331 -84.32 45.36 -33.92
CA VAL CA 331 -83.11 45.68 -34.68
C VAL CA 331 -82.04 44.62 -34.47
N GLU CA 332 -81.90 44.12 -33.24
CA GLU CA 332 -80.94 43.06 -32.97
C GLU CA 332 -81.33 41.72 -33.59
N GLN CA 333 -82.62 41.53 -33.91
CA GLN CA 333 -83.06 40.39 -34.70
C GLN CA 333 -83.22 40.74 -36.17
N ASN CA 334 -82.49 41.76 -36.65
CA ASN CA 334 -82.34 42.15 -38.04
C ASN CA 334 -83.62 42.64 -38.69
N PHE CA 335 -84.65 42.96 -37.90
CA PHE CA 335 -85.84 43.59 -38.47
C PHE CA 335 -85.62 45.09 -38.54
N PRO CA 336 -85.71 45.71 -39.72
CA PRO CA 336 -85.56 47.17 -39.80
C PRO CA 336 -86.75 47.91 -39.19
N ALA CA 337 -86.54 48.49 -38.02
CA ALA CA 337 -87.61 49.11 -37.26
C ALA CA 337 -87.18 50.47 -36.73
N ILE CA 338 -88.14 51.38 -36.67
CA ILE CA 338 -87.93 52.72 -36.14
C ILE CA 338 -88.94 52.95 -35.02
N ALA CA 339 -88.51 53.62 -33.96
CA ALA CA 339 -89.31 53.82 -32.76
C ALA CA 339 -89.66 55.28 -32.60
N ILE CA 340 -90.94 55.56 -32.39
CA ILE CA 340 -91.41 56.91 -32.06
C ILE CA 340 -92.20 56.80 -30.76
N HIS CA 341 -91.69 57.44 -29.71
CA HIS CA 341 -92.36 57.43 -28.42
C HIS CA 341 -92.73 58.84 -28.01
N ARG CA 342 -93.54 58.94 -26.95
CA ARG CA 342 -94.11 60.22 -26.53
C ARG CA 342 -93.10 61.12 -25.84
N GLY CA 343 -91.94 60.61 -25.46
CA GLY CA 343 -90.92 61.44 -24.86
C GLY CA 343 -89.94 61.98 -25.89
N MET CA 344 -90.46 62.54 -26.97
CA MET CA 344 -89.67 63.03 -28.09
C MET CA 344 -90.11 64.43 -28.46
N PRO CA 345 -89.22 65.22 -29.07
CA PRO CA 345 -89.65 66.50 -29.65
C PRO CA 345 -90.58 66.29 -30.83
N GLN CA 346 -91.37 67.33 -31.11
CA GLN CA 346 -92.38 67.23 -32.16
C GLN CA 346 -91.75 67.19 -33.55
N GLU CA 347 -90.68 67.97 -33.77
CA GLU CA 347 -90.02 67.97 -35.07
C GLU CA 347 -89.28 66.67 -35.32
N GLU CA 348 -88.80 66.00 -34.27
CA GLU CA 348 -88.14 64.71 -34.46
C GLU CA 348 -89.18 63.63 -34.79
N ARG CA 349 -90.35 63.70 -34.17
CA ARG CA 349 -91.46 62.83 -34.53
C ARG CA 349 -91.90 63.04 -35.97
N LEU CA 350 -91.97 64.31 -36.41
CA LEU CA 350 -92.34 64.59 -37.79
C LEU CA 350 -91.25 64.15 -38.77
N SER CA 351 -89.98 64.26 -38.39
CA SER CA 351 -88.89 63.83 -39.26
C SER CA 351 -88.85 62.32 -39.40
N ARG CA 352 -89.07 61.59 -38.30
CA ARG CA 352 -89.13 60.14 -38.39
C ARG CA 352 -90.39 59.68 -39.12
N TYR CA 353 -91.49 60.42 -39.01
CA TYR CA 353 -92.69 60.07 -39.75
C TYR CA 353 -92.51 60.34 -41.24
N GLN CA 354 -91.75 61.38 -41.59
CA GLN CA 354 -91.44 61.65 -42.99
C GLN CA 354 -90.48 60.62 -43.56
N GLN CA 355 -89.51 60.15 -42.77
CA GLN CA 355 -88.66 59.04 -43.19
C GLN CA 355 -89.45 57.75 -43.33
N PHE CA 356 -90.47 57.55 -42.49
CA PHE CA 356 -91.34 56.40 -42.62
C PHE CA 356 -92.25 56.51 -43.83
N LYS CA 357 -92.56 57.74 -44.27
CA LYS CA 357 -93.28 57.91 -45.54
C LYS CA 357 -92.44 57.45 -46.73
N ASP CA 358 -91.12 57.62 -46.67
CA ASP CA 358 -90.25 57.39 -47.81
C ASP CA 358 -89.69 55.98 -47.87
N PHE CA 359 -90.29 55.06 -47.10
CA PHE CA 359 -89.96 53.61 -47.09
C PHE CA 359 -88.48 53.40 -46.74
N GLN CA 360 -88.09 53.90 -45.57
CA GLN CA 360 -86.71 53.70 -45.13
C GLN CA 360 -86.60 52.57 -44.12
N ARG CA 361 -87.64 52.39 -43.30
CA ARG CA 361 -87.75 51.22 -42.43
C ARG CA 361 -89.18 50.72 -42.47
N ARG CA 362 -89.34 49.40 -42.35
CA ARG CA 362 -90.66 48.80 -42.48
C ARG CA 362 -91.50 48.97 -41.21
N ILE CA 363 -90.94 48.62 -40.06
CA ILE CA 363 -91.69 48.48 -38.82
C ILE CA 363 -91.59 49.79 -38.03
N LEU CA 364 -92.72 50.25 -37.50
CA LEU CA 364 -92.80 51.45 -36.67
C LEU CA 364 -93.37 51.08 -35.32
N VAL CA 365 -92.55 51.19 -34.27
CA VAL CA 365 -93.01 50.99 -32.89
C VAL CA 365 -93.42 52.36 -32.38
N ALA CA 366 -94.74 52.59 -32.29
CA ALA CA 366 -95.28 53.90 -31.96
C ALA CA 366 -96.12 53.84 -30.71
N THR CA 367 -95.81 54.69 -29.74
CA THR CA 367 -96.68 54.81 -28.56
C THR CA 367 -97.95 55.56 -28.91
N ASN CA 368 -97.84 56.65 -29.66
CA ASN CA 368 -98.97 57.47 -30.02
C ASN CA 368 -98.70 58.17 -31.34
N LEU CA 369 -99.77 58.71 -31.94
CA LEU CA 369 -99.65 59.44 -33.19
C LEU CA 369 -100.27 60.82 -33.07
N PHE CA 370 -100.39 61.54 -34.18
CA PHE CA 370 -101.02 62.84 -34.23
C PHE CA 370 -102.42 62.78 -34.83
N GLY CA 371 -103.07 61.62 -34.74
CA GLY CA 371 -104.41 61.48 -35.27
C GLY CA 371 -104.43 61.34 -36.79
N ARG CA 372 -105.51 61.87 -37.39
CA ARG CA 372 -105.77 61.88 -38.83
C ARG CA 372 -105.79 60.47 -39.44
N GLY CA 373 -106.18 59.48 -38.64
CA GLY CA 373 -106.16 58.09 -39.07
C GLY CA 373 -104.75 57.62 -39.34
N MET CA 374 -104.64 56.71 -40.31
CA MET CA 374 -103.35 56.30 -40.86
C MET CA 374 -103.38 56.63 -42.35
N ASP CA 375 -102.82 57.80 -42.70
CA ASP CA 375 -102.86 58.31 -44.06
C ASP CA 375 -101.80 57.72 -44.98
N ILE CA 376 -101.03 56.74 -44.51
CA ILE CA 376 -100.03 56.07 -45.34
C ILE CA 376 -100.59 54.72 -45.75
N GLU CA 377 -100.79 54.54 -47.06
CA GLU CA 377 -101.44 53.35 -47.59
C GLU CA 377 -100.57 52.10 -47.49
N ARG CA 378 -99.26 52.28 -47.28
CA ARG CA 378 -98.34 51.15 -47.28
C ARG CA 378 -98.48 50.28 -46.04
N VAL CA 379 -98.89 50.87 -44.92
CA VAL CA 379 -99.13 50.12 -43.68
C VAL CA 379 -100.38 49.26 -43.86
N ASN CA 380 -100.25 47.97 -43.58
CA ASN CA 380 -101.33 47.03 -43.74
C ASN CA 380 -101.74 46.34 -42.45
N ILE CA 381 -100.77 45.87 -41.66
CA ILE CA 381 -101.02 45.09 -40.46
C ILE CA 381 -100.62 45.92 -39.25
N ALA CA 382 -101.53 46.07 -38.30
CA ALA CA 382 -101.31 46.88 -37.10
C ALA CA 382 -101.50 46.02 -35.85
N PHE CA 383 -100.48 45.97 -35.01
CA PHE CA 383 -100.52 45.20 -33.77
C PHE CA 383 -100.72 46.14 -32.59
N ASN CA 384 -101.74 45.86 -31.79
CA ASN CA 384 -101.91 46.47 -30.47
C ASN CA 384 -101.21 45.57 -29.48
N TYR CA 385 -99.91 45.83 -29.29
CA TYR CA 385 -99.12 45.12 -28.29
C TYR CA 385 -99.59 45.43 -26.88
N ASP CA 386 -100.02 46.67 -26.64
CA ASP CA 386 -100.59 47.08 -25.37
C ASP CA 386 -101.98 47.63 -25.61
N MET CA 387 -102.81 47.56 -24.59
CA MET CA 387 -104.23 47.87 -24.76
C MET CA 387 -104.44 49.38 -24.81
N PRO CA 388 -105.25 49.88 -25.73
CA PRO CA 388 -105.55 51.31 -25.78
C PRO CA 388 -106.45 51.73 -24.63
N GLU CA 389 -106.68 53.05 -24.56
CA GLU CA 389 -107.43 53.62 -23.45
C GLU CA 389 -108.91 53.27 -23.54
N ASP CA 390 -109.56 53.69 -24.62
CA ASP CA 390 -110.99 53.47 -24.79
C ASP CA 390 -111.23 53.04 -26.24
N SER CA 391 -112.49 53.06 -26.64
CA SER CA 391 -112.83 52.79 -28.03
C SER CA 391 -112.38 53.89 -28.96
N ASP CA 392 -112.21 55.12 -28.46
CA ASP CA 392 -111.76 56.22 -29.30
C ASP CA 392 -110.27 56.10 -29.62
N THR CA 393 -109.46 55.74 -28.63
CA THR CA 393 -108.04 55.51 -28.88
C THR CA 393 -107.84 54.27 -29.76
N TYR CA 394 -108.69 53.25 -29.58
CA TYR CA 394 -108.66 52.09 -30.48
C TYR CA 394 -109.05 52.48 -31.90
N LEU CA 395 -110.00 53.44 -32.03
CA LEU CA 395 -110.38 53.94 -33.35
C LEU CA 395 -109.24 54.72 -33.98
N HIS CA 396 -108.52 55.51 -33.19
CA HIS CA 396 -107.38 56.25 -33.72
C HIS CA 396 -106.21 55.34 -34.06
N ARG CA 397 -106.08 54.21 -33.36
CA ARG CA 397 -105.01 53.27 -33.67
C ARG CA 397 -105.34 52.41 -34.89
N VAL CA 398 -106.58 51.98 -35.04
CA VAL CA 398 -106.94 50.96 -36.03
C VAL CA 398 -107.48 51.56 -37.31
N ALA CA 399 -108.46 52.46 -37.20
CA ALA CA 399 -109.15 52.96 -38.38
C ALA CA 399 -108.26 53.91 -39.17
N ARG CA 400 -108.45 53.91 -40.49
CA ARG CA 400 -107.53 54.55 -41.42
C ARG CA 400 -108.22 55.67 -42.16
N ALA CA 401 -107.42 56.57 -42.73
CA ALA CA 401 -107.89 57.70 -43.51
C ALA CA 401 -107.11 57.81 -44.80
N GLY CA 402 -106.95 56.69 -45.50
CA GLY CA 402 -106.19 56.65 -46.73
C GLY CA 402 -106.99 57.14 -47.92
N ARG CA 403 -106.37 57.05 -49.09
CA ARG CA 403 -106.98 57.49 -50.34
C ARG CA 403 -107.41 56.33 -51.23
N PHE CA 404 -106.61 55.27 -51.32
CA PHE CA 404 -106.94 54.14 -52.17
C PHE CA 404 -106.94 52.83 -51.38
N GLY CA 405 -106.05 52.72 -50.40
CA GLY CA 405 -105.98 51.53 -49.58
C GLY CA 405 -106.97 51.54 -48.44
N THR CA 406 -108.06 50.77 -48.58
CA THR CA 406 -109.11 50.75 -47.57
C THR CA 406 -109.16 49.45 -46.76
N LYS CA 407 -108.45 48.41 -47.20
CA LYS CA 407 -108.39 47.16 -46.45
C LYS CA 407 -107.16 47.12 -45.57
N GLY CA 408 -107.21 46.26 -44.55
CA GLY CA 408 -106.11 46.13 -43.63
C GLY CA 408 -106.43 45.15 -42.53
N LEU CA 409 -105.39 44.76 -41.80
CA LEU CA 409 -105.51 43.81 -40.70
C LEU CA 409 -105.06 44.46 -39.40
N ALA CA 410 -105.79 44.19 -38.32
CA ALA CA 410 -105.44 44.72 -37.01
C ALA CA 410 -105.61 43.60 -35.98
N ILE CA 411 -104.57 43.39 -35.18
CA ILE CA 411 -104.56 42.31 -34.19
C ILE CA 411 -104.21 42.91 -32.84
N THR CA 412 -105.08 42.70 -31.85
CA THR CA 412 -104.90 43.23 -30.50
C THR CA 412 -104.56 42.08 -29.56
N PHE CA 413 -103.48 42.24 -28.79
CA PHE CA 413 -103.05 41.20 -27.86
C PHE CA 413 -103.86 41.26 -26.58
N VAL CA 414 -104.42 40.11 -26.17
CA VAL CA 414 -105.19 39.99 -24.95
C VAL CA 414 -104.36 39.21 -23.93
N SER CA 415 -104.22 39.77 -22.74
CA SER CA 415 -103.43 39.15 -21.69
C SER CA 415 -104.23 38.79 -20.44
N ASP CA 416 -105.22 39.60 -20.07
CA ASP CA 416 -105.96 39.38 -18.84
C ASP CA 416 -107.45 39.56 -19.12
N GLU CA 417 -108.24 39.61 -18.05
CA GLU CA 417 -109.68 39.79 -18.19
C GLU CA 417 -110.03 41.23 -18.58
N ASN CA 418 -109.20 42.19 -18.18
CA ASN CA 418 -109.48 43.59 -18.48
C ASN CA 418 -109.34 43.88 -19.97
N ASP CA 419 -108.41 43.20 -20.65
CA ASP CA 419 -108.32 43.31 -22.11
C ASP CA 419 -109.57 42.78 -22.78
N ALA CA 420 -110.14 41.69 -22.26
CA ALA CA 420 -111.39 41.16 -22.79
C ALA CA 420 -112.57 42.08 -22.49
N LYS CA 421 -112.54 42.76 -21.34
CA LYS CA 421 -113.61 43.70 -21.00
C LYS CA 421 -113.59 44.92 -21.90
N ILE CA 422 -112.39 45.47 -22.16
CA ILE CA 422 -112.31 46.60 -23.08
C ILE CA 422 -112.57 46.16 -24.51
N LEU CA 423 -112.25 44.90 -24.84
CA LEU CA 423 -112.56 44.36 -26.16
C LEU CA 423 -114.07 44.23 -26.38
N ASN CA 424 -114.78 43.73 -25.37
CA ASN CA 424 -116.24 43.69 -25.45
C ASN CA 424 -116.86 45.08 -25.41
N ASP CA 425 -116.18 46.02 -24.75
CA ASP CA 425 -116.62 47.42 -24.79
C ASP CA 425 -116.52 47.98 -26.21
N VAL CA 426 -115.42 47.69 -26.91
CA VAL CA 426 -115.25 48.13 -28.30
C VAL CA 426 -116.27 47.44 -29.20
N GLN CA 427 -116.53 46.15 -28.96
CA GLN CA 427 -117.56 45.43 -29.70
C GLN CA 427 -118.95 46.02 -29.47
N ASP CA 428 -119.22 46.53 -28.27
CA ASP CA 428 -120.51 47.17 -28.01
C ASP CA 428 -120.59 48.55 -28.64
N ARG CA 429 -119.48 49.31 -28.64
CA ARG CA 429 -119.49 50.65 -29.20
C ARG CA 429 -119.62 50.62 -30.72
N PHE CA 430 -118.77 49.85 -31.39
CA PHE CA 430 -118.61 49.94 -32.83
C PHE CA 430 -119.36 48.87 -33.60
N GLU CA 431 -119.94 47.89 -32.89
CA GLU CA 431 -120.84 46.86 -33.46
C GLU CA 431 -120.17 46.03 -34.54
N VAL CA 432 -118.97 45.53 -34.25
CA VAL CA 432 -118.22 44.69 -35.16
C VAL CA 432 -117.94 43.35 -34.49
N ASN CA 433 -117.53 42.39 -35.31
CA ASN CA 433 -117.20 41.05 -34.83
C ASN CA 433 -115.69 40.85 -34.73
N ILE CA 434 -115.23 40.53 -33.52
CA ILE CA 434 -113.81 40.31 -33.24
C ILE CA 434 -113.71 38.92 -32.65
N SER CA 435 -113.26 37.96 -33.47
CA SER CA 435 -113.17 36.56 -33.08
C SER CA 435 -111.71 36.15 -32.89
N GLU CA 436 -111.49 34.86 -32.66
CA GLU CA 436 -110.15 34.36 -32.45
C GLU CA 436 -109.36 34.38 -33.76
N LEU CA 437 -108.09 34.74 -33.66
CA LEU CA 437 -107.21 34.75 -34.83
C LEU CA 437 -106.94 33.33 -35.29
N PRO CA 438 -107.29 32.96 -36.52
CA PRO CA 438 -107.07 31.59 -36.99
C PRO CA 438 -105.61 31.34 -37.34
N ASP CA 439 -105.32 30.08 -37.67
CA ASP CA 439 -103.99 29.68 -38.10
C ASP CA 439 -103.79 29.81 -39.60
N GLU CA 440 -104.86 30.01 -40.37
CA GLU CA 440 -104.76 30.24 -41.81
C GLU CA 440 -105.60 31.46 -42.16
N ILE CA 441 -104.96 32.45 -42.80
CA ILE CA 441 -105.59 33.72 -43.14
C ILE CA 441 -105.52 33.90 -44.64
N ASP CA 442 -106.66 34.23 -45.26
CA ASP CA 442 -106.71 34.44 -46.70
C ASP CA 442 -105.96 35.73 -47.06
N ILE CA 443 -105.30 35.70 -48.22
CA ILE CA 443 -104.43 36.81 -48.59
C ILE CA 443 -105.20 37.92 -49.30
N SER CA 444 -106.25 37.60 -50.05
CA SER CA 444 -106.98 38.58 -50.83
C SER CA 444 -108.11 39.24 -50.06
N SER CA 445 -108.30 38.89 -48.79
CA SER CA 445 -109.40 39.45 -48.01
C SER CA 445 -109.08 40.84 -47.46
N TYR CA 446 -107.80 41.11 -47.19
CA TYR CA 446 -107.41 42.38 -46.58
C TYR CA 446 -106.29 43.07 -47.35
N ILE CA 447 -105.90 42.55 -48.52
CA ILE CA 447 -104.84 43.12 -49.33
C ILE CA 447 -105.41 43.46 -50.70
N GLU CA 448 -105.26 44.71 -51.11
CA GLU CA 448 -105.78 45.17 -52.39
C GLU CA 448 -104.70 45.14 -53.46
N UNK DA 1 -96.42 -73.33 -60.80
CA UNK DA 1 -95.22 -72.54 -60.50
C UNK DA 1 -94.12 -73.43 -59.94
N UNK DA 2 -94.52 -74.54 -59.31
CA UNK DA 2 -93.54 -75.46 -58.74
C UNK DA 2 -92.89 -76.33 -59.82
N UNK DA 3 -93.53 -76.42 -61.00
CA UNK DA 3 -92.95 -77.20 -62.09
C UNK DA 3 -91.70 -76.53 -62.65
N UNK DA 4 -91.69 -75.19 -62.67
CA UNK DA 4 -90.50 -74.47 -63.14
C UNK DA 4 -89.35 -74.62 -62.15
N UNK DA 5 -89.65 -74.60 -60.86
CA UNK DA 5 -88.62 -74.82 -59.84
C UNK DA 5 -88.10 -76.25 -59.88
N UNK DA 6 -88.98 -77.21 -60.14
CA UNK DA 6 -88.55 -78.61 -60.27
C UNK DA 6 -87.69 -78.81 -61.51
N UNK DA 7 -88.04 -78.15 -62.61
CA UNK DA 7 -87.22 -78.26 -63.82
C UNK DA 7 -85.87 -77.58 -63.66
N UNK DA 8 -85.83 -76.45 -62.94
CA UNK DA 8 -84.56 -75.79 -62.67
C UNK DA 8 -83.69 -76.62 -61.73
N UNK DA 9 -84.31 -77.28 -60.75
CA UNK DA 9 -83.56 -78.18 -59.87
C UNK DA 9 -83.03 -79.39 -60.61
N UNK DA 10 -83.82 -79.92 -61.56
CA UNK DA 10 -83.38 -81.04 -62.38
C UNK DA 10 -82.23 -80.64 -63.29
N UNK DA 11 -82.30 -79.43 -63.86
CA UNK DA 11 -81.23 -78.95 -64.72
C UNK DA 11 -79.95 -78.70 -63.92
N UNK DA 12 -80.08 -78.15 -62.70
CA UNK DA 12 -78.92 -77.92 -61.86
C UNK DA 12 -78.31 -79.23 -61.38
N UNK DA 13 -79.14 -80.23 -61.08
CA UNK DA 13 -78.63 -81.54 -60.66
C UNK DA 13 -77.93 -82.24 -61.83
N UNK DA 14 -78.49 -82.12 -63.04
CA UNK DA 14 -77.85 -82.70 -64.22
C UNK DA 14 -76.53 -82.00 -64.53
N UNK DA 15 -76.47 -80.69 -64.31
CA UNK DA 15 -75.22 -79.95 -64.54
C UNK DA 15 -74.16 -80.32 -63.51
N UNK DA 16 -74.56 -80.48 -62.25
CA UNK DA 16 -73.61 -80.89 -61.21
C UNK DA 16 -73.18 -82.34 -61.38
N UNK DA 17 -74.02 -83.18 -61.99
CA UNK DA 17 -73.63 -84.55 -62.25
C UNK DA 17 -72.70 -84.63 -63.46
N UNK DA 18 -72.95 -83.82 -64.49
CA UNK DA 18 -72.09 -83.83 -65.67
C UNK DA 18 -70.76 -83.16 -65.39
N UNK DA 19 -70.71 -82.23 -64.44
CA UNK DA 19 -69.46 -81.55 -64.13
C UNK DA 19 -68.53 -82.45 -63.32
N UNK DA 20 -69.06 -83.47 -62.67
CA UNK DA 20 -68.25 -84.38 -61.86
C UNK DA 20 -67.43 -85.32 -62.73
N UNK DA 21 -89.44 -92.59 -61.24
CA UNK DA 21 -89.25 -91.76 -62.42
C UNK DA 21 -88.04 -90.83 -62.24
N UNK DA 22 -87.70 -90.56 -60.98
CA UNK DA 22 -86.55 -89.70 -60.70
C UNK DA 22 -85.24 -90.45 -60.94
N UNK DA 23 -85.17 -91.71 -60.55
CA UNK DA 23 -83.96 -92.50 -60.73
C UNK DA 23 -83.72 -92.81 -62.21
N UNK DA 24 -84.80 -93.04 -62.97
CA UNK DA 24 -84.65 -93.28 -64.41
C UNK DA 24 -84.20 -92.02 -65.13
N UNK DA 25 -84.72 -90.86 -64.73
CA UNK DA 25 -84.30 -89.60 -65.33
C UNK DA 25 -82.85 -89.27 -64.97
N UNK DA 26 -82.45 -89.57 -63.74
CA UNK DA 26 -81.05 -89.35 -63.34
C UNK DA 26 -80.11 -90.30 -64.08
N UNK DA 27 -80.52 -91.55 -64.28
CA UNK DA 27 -79.70 -92.49 -65.03
C UNK DA 27 -79.62 -92.13 -66.50
N UNK DA 28 -80.71 -91.61 -67.07
CA UNK DA 28 -80.68 -91.15 -68.45
C UNK DA 28 -79.80 -89.92 -68.61
N UNK DA 29 -79.82 -89.03 -67.61
CA UNK DA 29 -78.94 -87.85 -67.65
C UNK DA 29 -77.48 -88.25 -67.51
N UNK DA 30 -77.19 -89.25 -66.67
CA UNK DA 30 -75.81 -89.71 -66.52
C UNK DA 30 -75.33 -90.43 -67.77
N UNK DA 31 -76.22 -91.17 -68.43
CA UNK DA 31 -75.85 -91.84 -69.68
C UNK DA 31 -75.65 -90.83 -70.80
N UNK DA 32 -76.45 -89.75 -70.83
CA UNK DA 32 -76.26 -88.71 -71.83
C UNK DA 32 -74.97 -87.93 -71.57
N UNK DA 33 -74.61 -87.73 -70.29
CA UNK DA 33 -73.36 -87.06 -69.97
C UNK DA 33 -72.15 -87.92 -70.30
N UNK DA 34 -72.29 -89.24 -70.14
CA UNK DA 34 -71.19 -90.14 -70.47
C UNK DA 34 -71.04 -90.32 -71.99
N UNK DA 35 -72.16 -90.28 -72.73
CA UNK DA 35 -72.11 -90.53 -74.15
C UNK DA 35 -71.75 -89.28 -74.93
N UNK DA 36 -72.27 -88.12 -74.52
CA UNK DA 36 -72.00 -86.89 -75.26
C UNK DA 36 -70.58 -86.39 -75.03
N UNK DA 37 -70.16 -86.32 -73.77
CA UNK DA 37 -68.82 -85.86 -73.44
C UNK DA 37 -67.80 -86.97 -73.63
#